data_7RL0
#
_entry.id   7RL0
#
_cell.length_a   1.00
_cell.length_b   1.00
_cell.length_c   1.00
_cell.angle_alpha   90.00
_cell.angle_beta   90.00
_cell.angle_gamma   90.00
#
_symmetry.space_group_name_H-M   'P 1'
#
loop_
_entity.id
_entity.type
_entity.pdbx_description
1 polymer 'CTP synthase'
2 non-polymer 'MAGNESIUM ION'
3 non-polymer "ADENOSINE-5'-TRIPHOSPHATE"
4 non-polymer "URIDINE 5'-TRIPHOSPHATE"
#
_entity_poly.entity_id   1
_entity_poly.type   'polypeptide(L)'
_entity_poly.pdbx_seq_one_letter_code
;MKYVVVSGGVISGIGKGVLASSTGMLLKTLGLKVTSIKIDPYMNIDAGTMSPLEHGECFVLDDGGETDLDLGNYERYLGI
TLSRDHNITTGKIYSHVISRERRGDYLGKTVQIVPHLTNAIQDWIQRVSKIPVDDTGLEPDVCIIELGGTVGDIESAPFV
EALRQFQFEVGRENFALIHVSLVPVIHGEQKTKPTQAAIKDLRSLGLIPDMIACRCSEELNRSTIDKIAMFCHVGPEQVV
NVHDVNSTYHVPLLLLKQHMIDYLHSRLKLGEVPLTLEDKERGSQLLTNWENMTKNLDDSDDVVKIALVGKYTNLKDSYL
SVTKSLEHASMKCRRQLEILWVEASNLEPETQEVDKNKFHDSWNKLSSADGILVPGGFGTRGIEGMILAAKWARESGVPF
LGVCLGLQVAAIEFARNVIGRPNSSSTEFLDETLLAPEDQVVITMRLGLRPTIFQPNSEWSNIRKLYGEVNEVHERHRHR
YEINPKIVNDMESRGFIFVGKDETGQRCEIFELKGHPYYVGTQYHPEYTSKVLEPSRPFWGLVAAASGTLGEVIKDINL
;
_entity_poly.pdbx_strand_id   A,B,C,D,E,F,G,H,W,X,Y,Z
#
loop_
_chem_comp.id
_chem_comp.type
_chem_comp.name
_chem_comp.formula
ATP non-polymer ADENOSINE-5'-TRIPHOSPHATE 'C10 H16 N5 O13 P3'
MG non-polymer 'MAGNESIUM ION' 'Mg 2'
UTP non-polymer 'URIDINE 5'-TRIPHOSPHATE' 'C9 H15 N2 O15 P3'
#
# COMPACT_ATOMS: atom_id res chain seq x y z
N MET A 1 -28.75 -106.19 -42.57
CA MET A 1 -27.60 -107.06 -42.90
C MET A 1 -26.95 -107.55 -41.62
N LYS A 2 -26.71 -108.85 -41.46
CA LYS A 2 -25.79 -109.37 -40.41
C LYS A 2 -24.41 -109.61 -41.02
N TYR A 3 -23.38 -109.50 -40.21
CA TYR A 3 -22.00 -109.72 -40.61
C TYR A 3 -21.36 -110.77 -39.71
N VAL A 4 -20.70 -111.76 -40.27
CA VAL A 4 -19.77 -112.62 -39.53
C VAL A 4 -18.39 -112.36 -40.09
N VAL A 5 -17.42 -111.97 -39.28
CA VAL A 5 -16.03 -111.84 -39.70
C VAL A 5 -15.31 -113.09 -39.27
N VAL A 6 -14.59 -113.75 -40.16
CA VAL A 6 -13.72 -114.88 -39.85
C VAL A 6 -12.30 -114.40 -40.00
N SER A 7 -11.46 -114.62 -39.01
CA SER A 7 -10.27 -113.79 -38.84
C SER A 7 -9.05 -114.52 -38.33
N GLY A 8 -7.91 -113.95 -38.72
CA GLY A 8 -6.63 -114.01 -38.02
C GLY A 8 -6.07 -115.37 -37.65
N GLY A 9 -5.37 -115.40 -36.53
CA GLY A 9 -4.82 -116.62 -35.95
C GLY A 9 -3.33 -116.55 -35.71
N VAL A 10 -2.79 -117.67 -35.26
CA VAL A 10 -1.38 -117.86 -34.93
C VAL A 10 -0.52 -117.98 -36.19
N ILE A 11 -1.08 -118.58 -37.25
CA ILE A 11 -0.45 -118.86 -38.56
C ILE A 11 -1.40 -118.43 -39.69
N SER A 12 -0.85 -118.19 -40.87
CA SER A 12 -1.57 -118.12 -42.15
C SER A 12 -1.98 -119.51 -42.63
N GLY A 13 -2.94 -119.65 -43.54
CA GLY A 13 -3.30 -120.99 -44.08
C GLY A 13 -3.87 -121.95 -43.02
N ILE A 14 -4.54 -121.40 -42.01
CA ILE A 14 -5.05 -122.13 -40.86
C ILE A 14 -6.39 -122.84 -41.09
N GLY A 15 -7.27 -122.30 -41.94
CA GLY A 15 -8.61 -122.85 -42.15
C GLY A 15 -9.77 -121.86 -42.20
N LYS A 16 -9.53 -120.56 -42.29
CA LYS A 16 -10.58 -119.54 -42.31
C LYS A 16 -11.52 -119.70 -43.48
N GLY A 17 -11.03 -119.97 -44.68
CA GLY A 17 -11.84 -120.25 -45.85
C GLY A 17 -12.73 -121.47 -45.69
N VAL A 18 -12.26 -122.52 -45.02
CA VAL A 18 -13.10 -123.68 -44.70
C VAL A 18 -14.17 -123.34 -43.69
N LEU A 19 -13.86 -122.61 -42.62
CA LEU A 19 -14.84 -122.26 -41.61
C LEU A 19 -15.82 -121.19 -42.07
N ALA A 20 -15.37 -120.20 -42.83
CA ALA A 20 -16.21 -119.20 -43.48
C ALA A 20 -17.22 -119.86 -44.41
N SER A 21 -16.79 -120.80 -45.25
CA SER A 21 -17.66 -121.51 -46.18
C SER A 21 -18.62 -122.44 -45.46
N SER A 22 -18.17 -123.16 -44.43
CA SER A 22 -19.04 -123.99 -43.60
C SER A 22 -20.08 -123.16 -42.86
N THR A 23 -19.70 -122.03 -42.26
CA THR A 23 -20.61 -121.11 -41.58
C THR A 23 -21.68 -120.61 -42.54
N GLY A 24 -21.31 -120.19 -43.75
CA GLY A 24 -22.28 -119.73 -44.72
C GLY A 24 -23.24 -120.83 -45.15
N MET A 25 -22.74 -122.04 -45.40
CA MET A 25 -23.53 -123.21 -45.77
C MET A 25 -24.50 -123.58 -44.65
N LEU A 26 -24.02 -123.61 -43.41
CA LEU A 26 -24.83 -123.86 -42.22
C LEU A 26 -25.92 -122.82 -42.04
N LEU A 27 -25.62 -121.53 -42.09
CA LEU A 27 -26.64 -120.46 -41.97
C LEU A 27 -27.69 -120.58 -43.05
N LYS A 28 -27.31 -120.95 -44.26
CA LYS A 28 -28.23 -121.21 -45.37
C LYS A 28 -29.25 -122.31 -45.05
N THR A 29 -28.91 -123.25 -44.15
CA THR A 29 -29.87 -124.26 -43.67
C THR A 29 -30.90 -123.77 -42.66
N LEU A 30 -30.93 -122.46 -42.36
CA LEU A 30 -32.07 -121.77 -41.74
C LEU A 30 -32.93 -121.01 -42.76
N GLY A 31 -32.65 -121.11 -44.06
CA GLY A 31 -33.37 -120.42 -45.14
C GLY A 31 -32.79 -119.03 -45.50
N LEU A 32 -31.82 -118.54 -44.73
CA LEU A 32 -31.20 -117.23 -44.88
C LEU A 32 -30.41 -117.12 -46.20
N LYS A 33 -30.53 -116.01 -46.91
CA LYS A 33 -29.67 -115.67 -48.06
C LYS A 33 -28.30 -115.22 -47.53
N VAL A 34 -27.22 -115.85 -47.94
CA VAL A 34 -25.86 -115.57 -47.44
C VAL A 34 -24.99 -115.07 -48.56
N THR A 35 -24.22 -114.02 -48.33
CA THR A 35 -23.19 -113.53 -49.23
C THR A 35 -21.83 -113.58 -48.55
N SER A 36 -20.78 -113.29 -49.29
CA SER A 36 -19.41 -113.33 -48.82
C SER A 36 -18.58 -112.22 -49.44
N ILE A 37 -17.60 -111.75 -48.70
CA ILE A 37 -16.54 -110.85 -49.16
C ILE A 37 -15.23 -111.47 -48.69
N LYS A 38 -14.23 -111.55 -49.56
CA LYS A 38 -12.87 -111.83 -49.16
C LYS A 38 -12.15 -110.49 -49.05
N ILE A 39 -11.43 -110.28 -47.97
CA ILE A 39 -10.45 -109.22 -47.87
C ILE A 39 -9.11 -109.90 -47.99
N ASP A 40 -8.29 -109.46 -48.92
CA ASP A 40 -6.89 -109.83 -49.02
C ASP A 40 -6.01 -108.61 -48.74
N PRO A 41 -5.16 -108.64 -47.71
CA PRO A 41 -4.23 -107.55 -47.44
C PRO A 41 -3.09 -107.36 -48.44
N TYR A 42 -2.96 -108.22 -49.46
CA TYR A 42 -2.06 -107.99 -50.58
C TYR A 42 -2.46 -106.78 -51.43
N MET A 43 -1.49 -106.24 -52.16
CA MET A 43 -1.63 -105.01 -52.91
C MET A 43 -2.11 -105.14 -54.34
N ASN A 44 -1.98 -106.32 -54.96
CA ASN A 44 -2.46 -106.61 -56.31
C ASN A 44 -3.92 -106.16 -56.52
N ILE A 45 -4.22 -105.51 -57.66
CA ILE A 45 -5.60 -105.15 -57.97
C ILE A 45 -6.44 -106.39 -58.13
N ASP A 46 -5.99 -107.37 -58.91
CA ASP A 46 -6.64 -108.66 -59.03
C ASP A 46 -5.62 -109.75 -59.41
N ALA A 47 -5.99 -111.02 -59.27
CA ALA A 47 -5.07 -112.15 -59.38
C ALA A 47 -4.56 -112.43 -60.80
N GLY A 48 -5.11 -111.77 -61.82
CA GLY A 48 -4.85 -112.11 -63.22
C GLY A 48 -3.41 -111.92 -63.71
N THR A 49 -2.60 -111.11 -63.04
CA THR A 49 -1.16 -111.01 -63.34
C THR A 49 -0.32 -112.08 -62.64
N MET A 50 -0.72 -112.57 -61.46
CA MET A 50 0.13 -113.35 -60.58
C MET A 50 0.01 -114.85 -60.82
N SER A 51 1.17 -115.51 -60.83
CA SER A 51 1.33 -116.89 -61.30
C SER A 51 0.81 -117.90 -60.26
N PRO A 52 0.41 -119.12 -60.66
CA PRO A 52 -0.17 -120.11 -59.74
C PRO A 52 0.77 -120.64 -58.64
N LEU A 53 2.05 -120.29 -58.69
CA LEU A 53 3.08 -120.65 -57.71
C LEU A 53 2.91 -119.98 -56.33
N GLU A 54 2.10 -118.91 -56.22
CA GLU A 54 1.64 -118.34 -54.93
C GLU A 54 0.11 -118.28 -54.87
N HIS A 55 -0.49 -118.62 -53.74
CA HIS A 55 -1.95 -118.61 -53.49
C HIS A 55 -2.78 -119.52 -54.41
N GLY A 56 -2.18 -120.49 -55.08
CA GLY A 56 -2.86 -121.47 -55.94
C GLY A 56 -3.41 -120.88 -57.24
N GLU A 57 -4.41 -121.53 -57.83
CA GLU A 57 -5.03 -121.10 -59.08
C GLU A 57 -5.71 -119.72 -59.02
N CYS A 58 -5.61 -118.95 -60.09
CA CYS A 58 -6.49 -117.81 -60.32
C CYS A 58 -7.91 -118.31 -60.62
N PHE A 59 -8.93 -117.77 -59.93
CA PHE A 59 -10.32 -118.13 -60.15
C PHE A 59 -10.98 -117.13 -61.12
N VAL A 60 -11.81 -117.58 -62.07
CA VAL A 60 -12.43 -116.69 -63.06
C VAL A 60 -13.92 -116.56 -62.80
N LEU A 61 -14.43 -115.32 -62.73
CA LEU A 61 -15.84 -114.99 -62.46
C LEU A 61 -16.64 -114.78 -63.74
N ASP A 62 -17.97 -114.68 -63.67
CA ASP A 62 -18.81 -114.36 -64.84
C ASP A 62 -18.47 -113.00 -65.46
N ASP A 63 -18.15 -112.02 -64.63
CA ASP A 63 -17.65 -110.68 -65.01
C ASP A 63 -16.41 -110.72 -65.91
N GLY A 64 -15.65 -111.81 -65.91
CA GLY A 64 -14.26 -111.83 -66.35
C GLY A 64 -13.27 -111.39 -65.28
N GLY A 65 -13.70 -111.28 -64.03
CA GLY A 65 -12.80 -111.02 -62.90
C GLY A 65 -11.89 -112.21 -62.62
N GLU A 66 -10.58 -112.01 -62.74
CA GLU A 66 -9.52 -112.94 -62.34
C GLU A 66 -9.19 -112.73 -60.86
N THR A 67 -9.74 -113.53 -59.96
CA THR A 67 -9.84 -113.20 -58.52
C THR A 67 -9.24 -114.25 -57.59
N ASP A 68 -9.30 -113.98 -56.29
CA ASP A 68 -8.75 -114.85 -55.27
C ASP A 68 -9.38 -116.25 -55.29
N LEU A 69 -8.55 -117.26 -55.09
CA LEU A 69 -8.95 -118.65 -54.91
C LEU A 69 -10.05 -118.81 -53.84
N ASP A 70 -10.05 -118.05 -52.73
CA ASP A 70 -11.14 -118.13 -51.74
C ASP A 70 -12.53 -117.79 -52.31
N LEU A 71 -12.69 -116.94 -53.33
CA LEU A 71 -14.04 -116.66 -53.87
C LEU A 71 -14.66 -117.90 -54.50
N GLY A 72 -13.85 -118.77 -55.11
CA GLY A 72 -14.32 -120.03 -55.64
C GLY A 72 -14.88 -120.96 -54.58
N ASN A 73 -14.29 -120.98 -53.39
CA ASN A 73 -14.78 -121.78 -52.26
C ASN A 73 -16.16 -121.32 -51.82
N TYR A 74 -16.43 -120.02 -51.81
CA TYR A 74 -17.75 -119.51 -51.47
C TYR A 74 -18.77 -119.83 -52.54
N GLU A 75 -18.42 -119.66 -53.83
CA GLU A 75 -19.32 -119.99 -54.94
C GLU A 75 -19.80 -121.43 -54.87
N ARG A 76 -18.89 -122.40 -54.69
CA ARG A 76 -19.26 -123.83 -54.64
C ARG A 76 -19.97 -124.28 -53.37
N TYR A 77 -19.62 -123.77 -52.20
CA TYR A 77 -20.30 -124.17 -50.96
C TYR A 77 -21.68 -123.52 -50.83
N LEU A 78 -21.86 -122.26 -51.24
CA LEU A 78 -23.09 -121.52 -50.96
C LEU A 78 -24.09 -121.55 -52.13
N GLY A 79 -23.66 -121.84 -53.35
CA GLY A 79 -24.54 -121.76 -54.53
C GLY A 79 -24.79 -120.32 -54.97
N ILE A 80 -23.75 -119.49 -54.95
CA ILE A 80 -23.83 -118.05 -55.20
C ILE A 80 -22.88 -117.61 -56.31
N THR A 81 -23.19 -116.48 -56.93
CA THR A 81 -22.38 -115.85 -57.98
C THR A 81 -21.82 -114.52 -57.48
N LEU A 82 -20.53 -114.28 -57.65
CA LEU A 82 -19.80 -113.13 -57.13
C LEU A 82 -19.19 -112.25 -58.23
N SER A 83 -19.16 -110.94 -58.01
CA SER A 83 -18.55 -109.93 -58.90
C SER A 83 -17.09 -109.68 -58.52
N ARG A 84 -16.31 -108.96 -59.34
CA ARG A 84 -14.96 -108.57 -58.95
C ARG A 84 -14.91 -107.64 -57.73
N ASP A 85 -15.98 -106.91 -57.43
CA ASP A 85 -16.10 -106.11 -56.20
C ASP A 85 -16.19 -106.90 -54.90
N HIS A 86 -16.56 -108.18 -54.91
CA HIS A 86 -16.61 -109.05 -53.73
C HIS A 86 -15.24 -109.45 -53.18
N ASN A 87 -14.16 -109.26 -53.95
CA ASN A 87 -12.81 -109.37 -53.45
C ASN A 87 -12.25 -107.97 -53.18
N ILE A 88 -12.20 -107.56 -51.92
CA ILE A 88 -11.46 -106.37 -51.48
C ILE A 88 -9.96 -106.68 -51.43
N THR A 89 -9.12 -105.79 -51.92
CA THR A 89 -7.68 -105.85 -51.71
C THR A 89 -7.16 -104.49 -51.30
N THR A 90 -5.98 -104.44 -50.69
CA THR A 90 -5.33 -103.17 -50.36
C THR A 90 -5.20 -102.28 -51.57
N GLY A 91 -4.82 -102.84 -52.72
CA GLY A 91 -4.71 -102.11 -53.98
C GLY A 91 -6.01 -101.46 -54.39
N LYS A 92 -7.11 -102.19 -54.44
CA LYS A 92 -8.41 -101.63 -54.82
C LYS A 92 -8.82 -100.48 -53.93
N ILE A 93 -8.65 -100.61 -52.63
CA ILE A 93 -9.15 -99.59 -51.71
C ILE A 93 -8.23 -98.39 -51.61
N TYR A 94 -6.90 -98.55 -51.65
CA TYR A 94 -6.03 -97.40 -51.76
C TYR A 94 -6.20 -96.71 -53.11
N SER A 95 -6.40 -97.45 -54.19
CA SER A 95 -6.66 -96.93 -55.52
C SER A 95 -7.95 -96.12 -55.59
N HIS A 96 -9.00 -96.61 -54.94
CA HIS A 96 -10.29 -95.95 -54.88
C HIS A 96 -10.17 -94.58 -54.23
N VAL A 97 -9.54 -94.45 -53.06
CA VAL A 97 -9.39 -93.15 -52.41
C VAL A 97 -8.42 -92.24 -53.16
N ILE A 98 -7.32 -92.74 -53.73
CA ILE A 98 -6.40 -91.91 -54.52
C ILE A 98 -7.06 -91.36 -55.77
N SER A 99 -7.87 -92.14 -56.49
CA SER A 99 -8.58 -91.67 -57.69
C SER A 99 -9.63 -90.61 -57.37
N ARG A 100 -10.28 -90.75 -56.21
CA ARG A 100 -11.28 -89.85 -55.65
C ARG A 100 -10.70 -88.53 -55.14
N GLU A 101 -9.49 -88.53 -54.61
CA GLU A 101 -8.71 -87.33 -54.27
C GLU A 101 -8.31 -86.47 -55.46
N ARG A 102 -7.70 -87.05 -56.50
CA ARG A 102 -7.23 -86.30 -57.68
C ARG A 102 -8.37 -85.60 -58.43
N ARG A 103 -9.59 -86.15 -58.33
CA ARG A 103 -10.86 -85.57 -58.78
C ARG A 103 -11.45 -84.52 -57.82
N GLY A 104 -11.02 -84.45 -56.57
CA GLY A 104 -11.41 -83.42 -55.61
C GLY A 104 -12.64 -83.74 -54.74
N ASP A 105 -13.09 -84.99 -54.66
CA ASP A 105 -14.30 -85.37 -53.92
C ASP A 105 -14.19 -85.28 -52.38
N TYR A 106 -13.00 -85.06 -51.83
CA TYR A 106 -12.79 -84.74 -50.41
C TYR A 106 -12.80 -83.23 -50.10
N LEU A 107 -13.09 -82.40 -51.12
CA LEU A 107 -13.39 -80.97 -50.99
C LEU A 107 -12.30 -80.19 -50.25
N GLY A 108 -11.06 -80.53 -50.55
CA GLY A 108 -9.90 -79.86 -49.98
C GLY A 108 -9.59 -80.13 -48.51
N LYS A 109 -10.17 -81.14 -47.86
CA LYS A 109 -9.62 -81.67 -46.60
C LYS A 109 -8.37 -82.53 -46.84
N THR A 110 -7.57 -82.72 -45.80
CA THR A 110 -6.50 -83.72 -45.75
C THR A 110 -7.09 -85.11 -45.60
N VAL A 111 -6.74 -86.02 -46.49
CA VAL A 111 -7.26 -87.39 -46.53
C VAL A 111 -6.34 -88.28 -45.70
N GLN A 112 -6.85 -88.82 -44.62
CA GLN A 112 -6.11 -89.59 -43.62
C GLN A 112 -6.51 -91.06 -43.70
N ILE A 113 -5.64 -92.01 -43.37
CA ILE A 113 -6.05 -93.43 -43.31
C ILE A 113 -7.22 -93.64 -42.34
N VAL A 114 -7.20 -93.07 -41.14
CA VAL A 114 -8.39 -92.89 -40.29
C VAL A 114 -8.77 -91.40 -40.30
N PRO A 115 -10.01 -90.99 -40.64
CA PRO A 115 -11.16 -91.84 -40.97
C PRO A 115 -11.25 -92.30 -42.42
N HIS A 116 -10.71 -91.57 -43.39
CA HIS A 116 -11.11 -91.64 -44.80
C HIS A 116 -10.94 -92.99 -45.46
N LEU A 117 -9.75 -93.61 -45.41
CA LEU A 117 -9.57 -94.97 -45.95
C LEU A 117 -10.38 -95.99 -45.16
N THR A 118 -10.42 -95.92 -43.84
CA THR A 118 -11.28 -96.83 -43.07
C THR A 118 -12.77 -96.62 -43.28
N ASN A 119 -13.20 -95.46 -43.78
CA ASN A 119 -14.55 -95.20 -44.21
C ASN A 119 -14.81 -95.71 -45.62
N ALA A 120 -13.83 -95.65 -46.52
CA ALA A 120 -13.94 -96.28 -47.82
C ALA A 120 -14.19 -97.78 -47.69
N ILE A 121 -13.51 -98.46 -46.78
CA ILE A 121 -13.68 -99.88 -46.47
C ILE A 121 -15.10 -100.17 -45.99
N GLN A 122 -15.66 -99.36 -45.08
CA GLN A 122 -17.03 -99.56 -44.57
C GLN A 122 -18.11 -99.15 -45.58
N ASP A 123 -17.87 -98.17 -46.43
CA ASP A 123 -18.73 -97.83 -47.57
C ASP A 123 -18.74 -98.95 -48.60
N TRP A 124 -17.60 -99.57 -48.90
CA TRP A 124 -17.49 -100.73 -49.78
C TRP A 124 -18.22 -101.93 -49.23
N ILE A 125 -17.98 -102.33 -47.98
CA ILE A 125 -18.60 -103.52 -47.41
C ILE A 125 -20.12 -103.39 -47.40
N GLN A 126 -20.67 -102.20 -47.14
CA GLN A 126 -22.12 -101.95 -47.24
C GLN A 126 -22.63 -101.89 -48.68
N ARG A 127 -21.94 -101.24 -49.61
CA ARG A 127 -22.28 -101.27 -51.04
C ARG A 127 -22.38 -102.70 -51.55
N VAL A 128 -21.36 -103.50 -51.27
CA VAL A 128 -21.18 -104.84 -51.84
C VAL A 128 -22.02 -105.89 -51.13
N SER A 129 -22.20 -105.85 -49.81
CA SER A 129 -23.01 -106.87 -49.14
C SER A 129 -24.49 -106.81 -49.50
N LYS A 130 -25.01 -105.69 -50.02
CA LYS A 130 -26.37 -105.61 -50.58
C LYS A 130 -26.53 -106.11 -52.03
N ILE A 131 -25.47 -106.48 -52.75
CA ILE A 131 -25.53 -106.96 -54.15
C ILE A 131 -26.25 -108.33 -54.23
N PRO A 132 -27.16 -108.57 -55.20
CA PRO A 132 -27.80 -109.89 -55.36
C PRO A 132 -26.83 -110.97 -55.86
N VAL A 133 -26.78 -112.09 -55.14
CA VAL A 133 -25.85 -113.20 -55.43
C VAL A 133 -26.54 -114.55 -55.70
N ASP A 134 -27.85 -114.63 -55.46
CA ASP A 134 -28.73 -115.78 -55.72
C ASP A 134 -29.36 -115.74 -57.13
N ASP A 135 -30.17 -116.75 -57.45
CA ASP A 135 -31.04 -116.78 -58.62
C ASP A 135 -32.24 -115.82 -58.54
N THR A 136 -32.51 -115.28 -57.35
CA THR A 136 -33.57 -114.30 -57.07
C THR A 136 -32.99 -112.93 -56.72
N GLY A 137 -33.69 -111.87 -57.10
CA GLY A 137 -33.28 -110.47 -56.91
C GLY A 137 -33.47 -109.91 -55.49
N LEU A 138 -33.42 -110.76 -54.46
CA LEU A 138 -33.40 -110.35 -53.06
C LEU A 138 -32.00 -109.86 -52.66
N GLU A 139 -31.89 -108.80 -51.87
CA GLU A 139 -30.61 -108.48 -51.20
C GLU A 139 -30.32 -109.53 -50.10
N PRO A 140 -29.05 -109.89 -49.83
CA PRO A 140 -28.72 -110.89 -48.82
C PRO A 140 -29.21 -110.58 -47.39
N ASP A 141 -29.19 -111.59 -46.52
CA ASP A 141 -29.50 -111.47 -45.10
C ASP A 141 -28.24 -111.43 -44.23
N VAL A 142 -27.19 -112.16 -44.63
CA VAL A 142 -25.91 -112.26 -43.93
C VAL A 142 -24.77 -112.06 -44.92
N CYS A 143 -23.70 -111.36 -44.55
CA CYS A 143 -22.42 -111.34 -45.22
C CYS A 143 -21.38 -112.03 -44.36
N ILE A 144 -20.60 -112.95 -44.90
CA ILE A 144 -19.40 -113.48 -44.25
C ILE A 144 -18.23 -112.65 -44.78
N ILE A 145 -17.38 -112.13 -43.94
CA ILE A 145 -16.13 -111.49 -44.35
C ILE A 145 -15.02 -112.43 -43.92
N GLU A 146 -14.21 -112.92 -44.84
CA GLU A 146 -12.96 -113.58 -44.49
C GLU A 146 -11.88 -112.50 -44.51
N LEU A 147 -11.30 -112.21 -43.36
CA LEU A 147 -10.18 -111.30 -43.21
C LEU A 147 -8.88 -112.07 -43.44
N GLY A 148 -8.29 -111.95 -44.62
CA GLY A 148 -7.04 -112.61 -44.99
C GLY A 148 -5.81 -112.20 -44.18
N GLY A 149 -4.73 -112.95 -44.31
CA GLY A 149 -3.51 -112.78 -43.51
C GLY A 149 -3.69 -113.13 -42.03
N THR A 150 -2.90 -112.50 -41.16
CA THR A 150 -3.02 -112.65 -39.70
C THR A 150 -3.25 -111.30 -39.06
N VAL A 151 -4.02 -111.25 -37.99
CA VAL A 151 -4.24 -110.04 -37.17
C VAL A 151 -2.93 -109.65 -36.49
N GLY A 152 -2.57 -108.37 -36.49
CA GLY A 152 -1.29 -107.88 -35.95
C GLY A 152 -0.18 -107.68 -36.99
N ASP A 153 -0.44 -107.97 -38.26
CA ASP A 153 0.42 -107.59 -39.38
C ASP A 153 0.12 -106.16 -39.87
N ILE A 154 1.14 -105.39 -40.28
CA ILE A 154 1.01 -104.01 -40.77
C ILE A 154 0.01 -103.92 -41.94
N GLU A 155 0.03 -104.85 -42.88
CA GLU A 155 -0.91 -104.90 -44.00
C GLU A 155 -2.37 -105.09 -43.57
N SER A 156 -2.62 -105.72 -42.42
CA SER A 156 -3.96 -105.92 -41.88
C SER A 156 -4.48 -104.71 -41.12
N ALA A 157 -3.61 -103.78 -40.70
CA ALA A 157 -3.91 -102.70 -39.75
C ALA A 157 -5.09 -101.81 -40.17
N PRO A 158 -5.16 -101.24 -41.39
CA PRO A 158 -6.35 -100.54 -41.86
C PRO A 158 -7.63 -101.39 -41.89
N PHE A 159 -7.59 -102.69 -42.18
CA PHE A 159 -8.78 -103.52 -42.24
C PHE A 159 -9.33 -103.88 -40.86
N VAL A 160 -8.48 -104.24 -39.89
CA VAL A 160 -8.96 -104.41 -38.51
C VAL A 160 -9.45 -103.11 -37.90
N GLU A 161 -8.86 -101.96 -38.22
CA GLU A 161 -9.35 -100.67 -37.75
C GLU A 161 -10.71 -100.30 -38.37
N ALA A 162 -10.90 -100.55 -39.66
CA ALA A 162 -12.21 -100.43 -40.26
C ALA A 162 -13.22 -101.39 -39.63
N LEU A 163 -12.87 -102.62 -39.29
CA LEU A 163 -13.81 -103.57 -38.67
C LEU A 163 -14.12 -103.21 -37.22
N ARG A 164 -13.15 -102.69 -36.46
CA ARG A 164 -13.36 -102.08 -35.15
C ARG A 164 -14.43 -100.99 -35.19
N GLN A 165 -14.36 -100.11 -36.18
CA GLN A 165 -15.37 -99.07 -36.38
C GLN A 165 -16.69 -99.65 -36.92
N PHE A 166 -16.64 -100.63 -37.81
CA PHE A 166 -17.83 -101.22 -38.40
C PHE A 166 -18.69 -101.94 -37.36
N GLN A 167 -18.07 -102.50 -36.32
CA GLN A 167 -18.77 -103.10 -35.19
C GLN A 167 -19.70 -102.11 -34.46
N PHE A 168 -19.49 -100.80 -34.63
CA PHE A 168 -20.29 -99.73 -34.03
C PHE A 168 -21.07 -98.88 -35.03
N GLU A 169 -20.57 -98.67 -36.23
CA GLU A 169 -21.30 -97.98 -37.30
C GLU A 169 -22.51 -98.80 -37.74
N VAL A 170 -22.39 -100.12 -37.72
CA VAL A 170 -23.50 -101.08 -37.69
C VAL A 170 -23.75 -101.47 -36.23
N GLY A 171 -24.96 -101.84 -35.84
CA GLY A 171 -25.23 -102.17 -34.44
C GLY A 171 -24.52 -103.45 -33.98
N ARG A 172 -24.31 -103.63 -32.67
CA ARG A 172 -24.11 -104.98 -32.11
C ARG A 172 -25.33 -105.85 -32.44
N GLU A 173 -25.18 -107.18 -32.38
CA GLU A 173 -26.20 -108.14 -32.85
C GLU A 173 -26.52 -108.06 -34.34
N ASN A 174 -25.86 -107.17 -35.10
CA ASN A 174 -25.67 -107.28 -36.54
C ASN A 174 -24.22 -107.68 -36.90
N PHE A 175 -23.33 -107.89 -35.95
CA PHE A 175 -21.92 -108.19 -36.17
C PHE A 175 -21.45 -109.27 -35.20
N ALA A 176 -20.73 -110.28 -35.67
CA ALA A 176 -20.01 -111.25 -34.86
C ALA A 176 -18.63 -111.55 -35.44
N LEU A 177 -17.65 -111.86 -34.61
CA LEU A 177 -16.29 -112.22 -35.00
C LEU A 177 -15.98 -113.65 -34.58
N ILE A 178 -15.56 -114.48 -35.52
CA ILE A 178 -15.00 -115.80 -35.30
C ILE A 178 -13.49 -115.66 -35.46
N HIS A 179 -12.71 -116.08 -34.47
CA HIS A 179 -11.27 -116.08 -34.59
C HIS A 179 -10.79 -117.51 -34.70
N VAL A 180 -10.05 -117.85 -35.76
CA VAL A 180 -9.48 -119.18 -35.91
C VAL A 180 -8.08 -119.18 -35.29
N SER A 181 -7.72 -120.21 -34.55
CA SER A 181 -6.48 -120.25 -33.78
C SER A 181 -5.85 -121.64 -33.78
N LEU A 182 -4.54 -121.76 -33.53
CA LEU A 182 -3.82 -123.01 -33.50
C LEU A 182 -3.55 -123.42 -32.05
N VAL A 183 -3.88 -124.66 -31.70
CA VAL A 183 -3.40 -125.33 -30.50
C VAL A 183 -2.35 -126.36 -30.91
N PRO A 184 -1.03 -126.09 -30.73
CA PRO A 184 -0.01 -127.10 -30.91
C PRO A 184 -0.18 -128.23 -29.91
N VAL A 185 0.23 -129.44 -30.27
CA VAL A 185 0.37 -130.56 -29.34
C VAL A 185 1.82 -131.04 -29.34
N ILE A 186 2.48 -130.95 -28.19
CA ILE A 186 3.92 -131.14 -27.99
C ILE A 186 4.15 -132.10 -26.82
N HIS A 187 4.81 -133.24 -27.06
CA HIS A 187 5.03 -134.31 -26.09
C HIS A 187 3.75 -134.81 -25.40
N GLY A 188 2.67 -134.89 -26.18
CA GLY A 188 1.35 -135.32 -25.72
C GLY A 188 0.58 -134.27 -24.92
N GLU A 189 0.98 -133.01 -24.93
CA GLU A 189 0.29 -131.92 -24.24
C GLU A 189 -0.16 -130.84 -25.22
N GLN A 190 -1.44 -130.46 -25.15
CA GLN A 190 -2.05 -129.43 -25.98
C GLN A 190 -1.77 -128.05 -25.38
N LYS A 191 -1.08 -127.17 -26.10
CA LYS A 191 -0.52 -125.91 -25.58
C LYS A 191 -1.42 -124.72 -25.85
N THR A 192 -1.80 -123.96 -24.83
CA THR A 192 -2.71 -122.82 -24.95
C THR A 192 -2.06 -121.46 -25.13
N LYS A 193 -0.79 -121.23 -24.78
CA LYS A 193 -0.19 -119.89 -24.87
C LYS A 193 -0.14 -119.23 -26.26
N PRO A 194 -0.13 -119.94 -27.41
CA PRO A 194 -0.23 -119.29 -28.71
C PRO A 194 -1.61 -118.69 -28.94
N THR A 195 -2.68 -119.38 -28.55
CA THR A 195 -4.03 -118.83 -28.66
C THR A 195 -4.26 -117.68 -27.67
N GLN A 196 -3.68 -117.69 -26.48
CA GLN A 196 -3.75 -116.56 -25.54
C GLN A 196 -3.07 -115.29 -26.09
N ALA A 197 -1.88 -115.41 -26.67
CA ALA A 197 -1.21 -114.30 -27.31
C ALA A 197 -1.97 -113.73 -28.51
N ALA A 198 -2.77 -114.55 -29.21
CA ALA A 198 -3.63 -114.08 -30.28
C ALA A 198 -4.88 -113.34 -29.76
N ILE A 199 -5.42 -113.68 -28.59
CA ILE A 199 -6.52 -112.92 -27.99
C ILE A 199 -6.02 -111.55 -27.49
N LYS A 200 -4.80 -111.45 -26.97
CA LYS A 200 -4.16 -110.17 -26.64
C LYS A 200 -4.00 -109.24 -27.85
N ASP A 201 -3.62 -109.74 -29.03
CA ASP A 201 -3.59 -108.92 -30.24
C ASP A 201 -4.97 -108.38 -30.64
N LEU A 202 -6.02 -109.20 -30.59
CA LEU A 202 -7.37 -108.71 -30.81
C LEU A 202 -7.78 -107.61 -29.81
N ARG A 203 -7.54 -107.79 -28.51
CA ARG A 203 -7.83 -106.74 -27.52
C ARG A 203 -7.03 -105.48 -27.77
N SER A 204 -5.74 -105.62 -28.03
CA SER A 204 -4.87 -104.50 -28.40
C SER A 204 -5.44 -103.70 -29.57
N LEU A 205 -5.92 -104.39 -30.60
CA LEU A 205 -6.56 -103.82 -31.79
C LEU A 205 -8.05 -103.48 -31.60
N GLY A 206 -8.63 -103.68 -30.41
CA GLY A 206 -9.98 -103.25 -30.07
C GLY A 206 -11.11 -104.13 -30.57
N LEU A 207 -10.87 -105.42 -30.78
CA LEU A 207 -11.88 -106.41 -31.15
C LEU A 207 -11.98 -107.51 -30.10
N ILE A 208 -13.20 -108.01 -29.86
CA ILE A 208 -13.48 -109.18 -29.04
C ILE A 208 -14.06 -110.28 -29.94
N PRO A 209 -13.60 -111.53 -29.85
CA PRO A 209 -14.17 -112.63 -30.61
C PRO A 209 -15.37 -113.28 -29.90
N ASP A 210 -16.38 -113.65 -30.66
CA ASP A 210 -17.59 -114.30 -30.17
C ASP A 210 -17.46 -115.83 -30.14
N MET A 211 -16.76 -116.39 -31.12
CA MET A 211 -16.27 -117.77 -31.13
C MET A 211 -14.74 -117.75 -31.16
N ILE A 212 -14.11 -118.71 -30.49
CA ILE A 212 -12.76 -119.15 -30.83
C ILE A 212 -12.92 -120.47 -31.57
N ALA A 213 -12.41 -120.58 -32.79
CA ALA A 213 -12.28 -121.86 -33.47
C ALA A 213 -10.86 -122.37 -33.29
N CYS A 214 -10.66 -123.48 -32.59
CA CYS A 214 -9.33 -124.02 -32.34
C CYS A 214 -9.02 -125.16 -33.28
N ARG A 215 -7.95 -125.00 -34.04
CA ARG A 215 -7.42 -125.95 -35.00
C ARG A 215 -6.31 -126.73 -34.33
N CYS A 216 -6.38 -128.04 -34.39
CA CYS A 216 -5.51 -128.93 -33.62
C CYS A 216 -5.34 -130.29 -34.35
N SER A 217 -4.18 -130.94 -34.19
CA SER A 217 -4.01 -132.35 -34.51
C SER A 217 -4.72 -133.45 -33.72
N GLU A 218 -5.54 -133.09 -32.72
CA GLU A 218 -6.31 -133.98 -31.86
C GLU A 218 -7.68 -133.34 -31.59
N GLU A 219 -8.65 -134.10 -31.11
CA GLU A 219 -9.78 -133.49 -30.40
C GLU A 219 -9.24 -132.67 -29.21
N LEU A 220 -9.78 -131.47 -28.94
CA LEU A 220 -9.39 -130.75 -27.73
C LEU A 220 -9.82 -131.52 -26.48
N ASN A 221 -8.93 -131.60 -25.49
CA ASN A 221 -9.29 -132.06 -24.17
C ASN A 221 -10.22 -131.03 -23.50
N ARG A 222 -11.18 -131.46 -22.67
CA ARG A 222 -12.11 -130.50 -22.01
C ARG A 222 -11.42 -129.58 -21.01
N SER A 223 -10.30 -129.99 -20.44
CA SER A 223 -9.43 -129.12 -19.65
C SER A 223 -8.77 -128.02 -20.48
N THR A 224 -8.41 -128.29 -21.74
CA THR A 224 -7.87 -127.29 -22.68
C THR A 224 -8.94 -126.29 -23.07
N ILE A 225 -10.16 -126.75 -23.33
CA ILE A 225 -11.32 -125.90 -23.59
C ILE A 225 -11.61 -125.00 -22.39
N ASP A 226 -11.67 -125.55 -21.18
CA ASP A 226 -11.85 -124.77 -19.96
C ASP A 226 -10.80 -123.67 -19.83
N LYS A 227 -9.53 -123.97 -20.10
CA LYS A 227 -8.44 -123.01 -20.03
C LYS A 227 -8.58 -121.87 -21.04
N ILE A 228 -8.93 -122.17 -22.28
CA ILE A 228 -9.17 -121.15 -23.31
C ILE A 228 -10.34 -120.27 -22.89
N ALA A 229 -11.39 -120.86 -22.34
CA ALA A 229 -12.57 -120.18 -21.80
C ALA A 229 -12.33 -119.40 -20.48
N MET A 230 -11.17 -119.59 -19.81
CA MET A 230 -10.74 -118.77 -18.68
C MET A 230 -10.02 -117.52 -19.16
N PHE A 231 -9.05 -117.66 -20.07
CA PHE A 231 -8.23 -116.55 -20.54
C PHE A 231 -9.01 -115.59 -21.45
N CYS A 232 -9.71 -116.12 -22.45
CA CYS A 232 -10.71 -115.36 -23.20
C CYS A 232 -12.01 -115.26 -22.39
N HIS A 233 -12.69 -114.11 -22.33
CA HIS A 233 -13.93 -114.00 -21.54
C HIS A 233 -15.16 -114.49 -22.31
N VAL A 234 -15.23 -115.82 -22.48
CA VAL A 234 -16.25 -116.56 -23.24
C VAL A 234 -16.60 -117.87 -22.54
N GLY A 235 -17.81 -118.39 -22.70
CA GLY A 235 -18.19 -119.68 -22.10
C GLY A 235 -17.54 -120.89 -22.80
N PRO A 236 -17.61 -122.11 -22.24
CA PRO A 236 -17.12 -123.32 -22.91
C PRO A 236 -17.80 -123.62 -24.25
N GLU A 237 -19.04 -123.20 -24.39
CA GLU A 237 -19.89 -123.40 -25.56
C GLU A 237 -19.49 -122.52 -26.76
N GLN A 238 -18.51 -121.63 -26.57
CA GLN A 238 -17.99 -120.67 -27.54
C GLN A 238 -16.57 -120.98 -28.02
N VAL A 239 -15.94 -122.04 -27.52
CA VAL A 239 -14.76 -122.63 -28.15
C VAL A 239 -15.22 -123.83 -28.95
N VAL A 240 -15.09 -123.77 -30.28
CA VAL A 240 -15.34 -124.90 -31.17
C VAL A 240 -14.03 -125.60 -31.49
N ASN A 241 -14.07 -126.91 -31.35
CA ASN A 241 -12.98 -127.83 -31.58
C ASN A 241 -12.99 -128.24 -33.05
N VAL A 242 -12.08 -127.70 -33.87
CA VAL A 242 -12.03 -127.91 -35.33
C VAL A 242 -10.78 -128.72 -35.69
N HIS A 243 -10.74 -129.98 -35.26
CA HIS A 243 -9.57 -130.84 -35.47
C HIS A 243 -9.34 -131.18 -36.95
N ASP A 244 -8.15 -131.71 -37.23
CA ASP A 244 -7.77 -132.18 -38.56
C ASP A 244 -8.61 -133.38 -39.01
N VAL A 245 -9.41 -133.21 -40.07
CA VAL A 245 -10.25 -134.26 -40.66
C VAL A 245 -9.82 -134.55 -42.10
N ASN A 246 -9.92 -135.79 -42.56
CA ASN A 246 -9.52 -136.20 -43.91
C ASN A 246 -10.32 -135.52 -45.06
N SER A 247 -11.55 -135.08 -44.81
CA SER A 247 -12.50 -134.51 -45.79
C SER A 247 -13.09 -133.20 -45.27
N THR A 248 -13.15 -132.13 -46.09
CA THR A 248 -13.75 -130.86 -45.68
C THR A 248 -15.26 -130.80 -45.84
N TYR A 249 -15.89 -131.73 -46.55
CA TYR A 249 -17.36 -131.88 -46.58
C TYR A 249 -17.93 -132.27 -45.22
N HIS A 250 -17.11 -132.79 -44.32
CA HIS A 250 -17.50 -133.12 -42.96
C HIS A 250 -17.50 -131.92 -42.02
N VAL A 251 -16.71 -130.87 -42.28
CA VAL A 251 -16.58 -129.73 -41.38
C VAL A 251 -17.90 -129.02 -41.08
N PRO A 252 -18.86 -128.82 -42.00
CA PRO A 252 -20.16 -128.31 -41.60
C PRO A 252 -20.89 -129.17 -40.57
N LEU A 253 -20.83 -130.49 -40.68
CA LEU A 253 -21.50 -131.38 -39.73
C LEU A 253 -20.74 -131.46 -38.41
N LEU A 254 -19.43 -131.14 -38.35
CA LEU A 254 -18.73 -130.91 -37.07
C LEU A 254 -19.29 -129.72 -36.32
N LEU A 255 -19.47 -128.58 -36.99
CA LEU A 255 -19.88 -127.35 -36.35
C LEU A 255 -21.37 -127.38 -36.02
N LEU A 256 -22.19 -128.11 -36.79
CA LEU A 256 -23.57 -128.39 -36.43
C LEU A 256 -23.68 -129.25 -35.14
N LYS A 257 -22.86 -130.30 -34.99
CA LYS A 257 -22.71 -131.04 -33.72
C LYS A 257 -22.28 -130.18 -32.53
N GLN A 258 -21.59 -129.08 -32.77
CA GLN A 258 -21.03 -128.18 -31.75
C GLN A 258 -21.89 -126.92 -31.50
N HIS A 259 -23.16 -126.94 -31.86
CA HIS A 259 -24.12 -125.87 -31.52
C HIS A 259 -23.80 -124.50 -32.11
N MET A 260 -22.97 -124.40 -33.15
CA MET A 260 -22.53 -123.09 -33.63
C MET A 260 -23.64 -122.31 -34.35
N ILE A 261 -24.55 -122.96 -35.07
CA ILE A 261 -25.81 -122.33 -35.49
C ILE A 261 -26.59 -121.87 -34.27
N ASP A 262 -26.78 -122.72 -33.27
CA ASP A 262 -27.61 -122.43 -32.11
C ASP A 262 -27.07 -121.23 -31.33
N TYR A 263 -25.74 -121.09 -31.23
CA TYR A 263 -25.10 -119.93 -30.63
C TYR A 263 -25.33 -118.68 -31.47
N LEU A 264 -24.93 -118.70 -32.74
CA LEU A 264 -25.06 -117.57 -33.66
C LEU A 264 -26.50 -117.11 -33.83
N HIS A 265 -27.49 -117.98 -33.72
CA HIS A 265 -28.91 -117.63 -33.77
C HIS A 265 -29.35 -116.75 -32.58
N SER A 266 -28.73 -116.95 -31.40
CA SER A 266 -28.93 -116.14 -30.19
C SER A 266 -27.98 -114.94 -30.07
N ARG A 267 -26.78 -115.00 -30.67
CA ARG A 267 -25.81 -113.90 -30.75
C ARG A 267 -26.11 -112.87 -31.85
N LEU A 268 -26.79 -113.25 -32.93
CA LEU A 268 -27.09 -112.41 -34.08
C LEU A 268 -28.61 -112.20 -34.27
N LYS A 269 -29.45 -112.68 -33.35
CA LYS A 269 -30.93 -112.56 -33.42
C LYS A 269 -31.48 -113.00 -34.78
N LEU A 270 -31.02 -114.15 -35.28
CA LEU A 270 -31.31 -114.58 -36.64
C LEU A 270 -32.76 -115.04 -36.82
N GLY A 271 -33.44 -115.41 -35.73
CA GLY A 271 -34.87 -115.73 -35.73
C GLY A 271 -35.79 -114.53 -35.94
N GLU A 272 -35.24 -113.32 -35.87
CA GLU A 272 -35.95 -112.07 -36.07
C GLU A 272 -35.79 -111.53 -37.48
N VAL A 273 -35.00 -112.17 -38.35
CA VAL A 273 -35.02 -111.91 -39.79
C VAL A 273 -36.31 -112.51 -40.37
N PRO A 274 -37.09 -111.76 -41.17
CA PRO A 274 -38.30 -112.29 -41.79
C PRO A 274 -37.96 -113.39 -42.79
N LEU A 275 -38.58 -114.55 -42.66
CA LEU A 275 -38.53 -115.67 -43.61
C LEU A 275 -39.89 -116.37 -43.67
N THR A 276 -40.21 -116.94 -44.83
CA THR A 276 -41.41 -117.78 -45.03
C THR A 276 -41.17 -119.22 -44.59
N LEU A 277 -42.22 -120.05 -44.51
CA LEU A 277 -42.05 -121.51 -44.42
C LEU A 277 -41.40 -122.09 -45.69
N GLU A 278 -41.58 -121.49 -46.87
CA GLU A 278 -40.87 -121.93 -48.07
C GLU A 278 -39.36 -121.84 -47.90
N ASP A 279 -38.87 -120.71 -47.38
CA ASP A 279 -37.45 -120.52 -47.03
C ASP A 279 -36.97 -121.55 -45.99
N LYS A 280 -37.80 -121.90 -45.01
CA LYS A 280 -37.45 -122.88 -43.98
C LYS A 280 -37.55 -124.35 -44.42
N GLU A 281 -38.25 -124.70 -45.51
CA GLU A 281 -38.13 -126.02 -46.14
C GLU A 281 -36.86 -126.10 -46.97
N ARG A 282 -36.54 -125.06 -47.75
CA ARG A 282 -35.33 -125.02 -48.58
C ARG A 282 -34.06 -125.17 -47.75
N GLY A 283 -34.01 -124.59 -46.55
CA GLY A 283 -32.87 -124.73 -45.65
C GLY A 283 -32.58 -126.16 -45.22
N SER A 284 -33.56 -126.89 -44.69
CA SER A 284 -33.36 -128.29 -44.29
C SER A 284 -33.27 -129.27 -45.47
N GLN A 285 -33.82 -128.92 -46.64
CA GLN A 285 -33.61 -129.63 -47.90
C GLN A 285 -32.16 -129.55 -48.36
N LEU A 286 -31.49 -128.41 -48.24
CA LEU A 286 -30.03 -128.36 -48.38
C LEU A 286 -29.29 -129.14 -47.30
N LEU A 287 -29.74 -129.11 -46.03
CA LEU A 287 -29.06 -129.85 -44.97
C LEU A 287 -29.10 -131.36 -45.22
N THR A 288 -30.27 -131.90 -45.49
CA THR A 288 -30.43 -133.33 -45.78
C THR A 288 -29.68 -133.73 -47.06
N ASN A 289 -29.62 -132.91 -48.10
CA ASN A 289 -28.73 -133.14 -49.24
C ASN A 289 -27.24 -133.16 -48.85
N TRP A 290 -26.79 -132.37 -47.87
CA TRP A 290 -25.42 -132.43 -47.37
C TRP A 290 -25.15 -133.71 -46.57
N GLU A 291 -26.06 -134.10 -45.68
CA GLU A 291 -25.98 -135.36 -44.96
C GLU A 291 -26.02 -136.57 -45.90
N ASN A 292 -26.79 -136.51 -46.99
CA ASN A 292 -26.75 -137.54 -48.02
C ASN A 292 -25.37 -137.63 -48.66
N MET A 293 -24.84 -136.55 -49.25
CA MET A 293 -23.55 -136.66 -49.93
C MET A 293 -22.39 -137.01 -48.99
N THR A 294 -22.45 -136.63 -47.71
CA THR A 294 -21.43 -137.04 -46.72
C THR A 294 -21.57 -138.48 -46.24
N LYS A 295 -22.79 -139.00 -46.12
CA LYS A 295 -23.02 -140.43 -45.92
C LYS A 295 -22.51 -141.24 -47.12
N ASN A 296 -22.89 -140.85 -48.34
CA ASN A 296 -22.42 -141.48 -49.59
C ASN A 296 -20.90 -141.35 -49.83
N LEU A 297 -20.22 -140.42 -49.16
CA LEU A 297 -18.76 -140.31 -49.12
C LEU A 297 -18.14 -141.36 -48.19
N ASP A 298 -18.77 -141.64 -47.05
CA ASP A 298 -18.24 -142.55 -46.04
C ASP A 298 -18.47 -144.05 -46.31
N ASP A 299 -19.60 -144.42 -46.89
CA ASP A 299 -19.92 -145.84 -47.15
C ASP A 299 -19.61 -146.30 -48.58
N SER A 300 -19.25 -145.39 -49.48
CA SER A 300 -18.65 -145.73 -50.77
C SER A 300 -17.28 -146.38 -50.60
N ASP A 301 -16.93 -147.28 -51.51
CA ASP A 301 -15.76 -148.16 -51.41
C ASP A 301 -15.08 -148.37 -52.78
N ASP A 302 -15.84 -148.55 -53.85
CA ASP A 302 -15.26 -148.81 -55.17
C ASP A 302 -14.51 -147.58 -55.70
N VAL A 303 -13.24 -147.73 -56.07
CA VAL A 303 -12.36 -146.63 -56.50
C VAL A 303 -12.51 -146.33 -58.00
N VAL A 304 -12.27 -145.07 -58.39
CA VAL A 304 -11.96 -144.69 -59.77
C VAL A 304 -10.69 -143.83 -59.80
N LYS A 305 -9.79 -144.09 -60.74
CA LYS A 305 -8.51 -143.38 -60.85
C LYS A 305 -8.49 -142.47 -62.06
N ILE A 306 -8.25 -141.18 -61.86
CA ILE A 306 -8.15 -140.20 -62.94
C ILE A 306 -6.73 -139.64 -62.99
N ALA A 307 -6.06 -139.72 -64.12
CA ALA A 307 -4.80 -139.02 -64.33
C ALA A 307 -5.09 -137.55 -64.61
N LEU A 308 -4.57 -136.64 -63.79
CA LEU A 308 -4.50 -135.23 -64.10
C LEU A 308 -3.11 -134.94 -64.63
N VAL A 309 -3.02 -134.61 -65.92
CA VAL A 309 -1.77 -134.46 -66.67
C VAL A 309 -1.45 -132.98 -66.82
N GLY A 310 -0.40 -132.47 -66.20
CA GLY A 310 -0.13 -131.03 -66.17
C GLY A 310 1.30 -130.68 -65.79
N LYS A 311 1.60 -129.43 -65.45
CA LYS A 311 2.87 -129.04 -64.79
C LYS A 311 2.66 -128.68 -63.33
N TYR A 312 3.72 -128.72 -62.54
CA TYR A 312 3.73 -128.31 -61.14
C TYR A 312 2.67 -129.04 -60.30
N THR A 313 2.50 -130.34 -60.54
CA THR A 313 1.45 -131.13 -59.90
C THR A 313 1.73 -131.42 -58.42
N ASN A 314 2.90 -130.99 -57.92
CA ASN A 314 3.31 -131.00 -56.52
C ASN A 314 2.62 -129.89 -55.69
N LEU A 315 2.31 -128.74 -56.30
CA LEU A 315 1.48 -127.67 -55.70
C LEU A 315 0.01 -127.94 -56.04
N LYS A 316 -0.63 -128.88 -55.34
CA LYS A 316 -2.00 -129.37 -55.64
C LYS A 316 -3.09 -128.27 -55.63
N ASP A 317 -2.82 -127.15 -54.94
CA ASP A 317 -3.62 -125.93 -54.93
C ASP A 317 -3.64 -125.18 -56.28
N SER A 318 -2.66 -125.38 -57.16
CA SER A 318 -2.65 -124.89 -58.54
C SER A 318 -3.76 -125.46 -59.42
N TYR A 319 -4.50 -126.45 -58.93
CA TYR A 319 -5.58 -127.15 -59.59
C TYR A 319 -6.79 -127.27 -58.68
N LEU A 320 -6.98 -126.36 -57.73
CA LEU A 320 -7.99 -126.53 -56.69
C LEU A 320 -9.40 -126.71 -57.25
N SER A 321 -9.81 -125.94 -58.25
CA SER A 321 -11.15 -126.03 -58.81
C SER A 321 -11.33 -127.28 -59.65
N VAL A 322 -10.30 -127.70 -60.38
CA VAL A 322 -10.27 -128.96 -61.11
C VAL A 322 -10.47 -130.12 -60.14
N THR A 323 -9.73 -130.11 -59.05
CA THR A 323 -9.78 -131.13 -58.01
C THR A 323 -11.16 -131.22 -57.41
N LYS A 324 -11.75 -130.11 -56.97
CA LYS A 324 -13.11 -130.10 -56.43
C LYS A 324 -14.13 -130.57 -57.46
N SER A 325 -13.96 -130.22 -58.73
CA SER A 325 -14.87 -130.65 -59.79
C SER A 325 -14.79 -132.14 -60.10
N LEU A 326 -13.61 -132.77 -59.99
CA LEU A 326 -13.47 -134.23 -60.03
C LEU A 326 -14.09 -134.90 -58.80
N GLU A 327 -13.94 -134.31 -57.62
CA GLU A 327 -14.61 -134.78 -56.41
C GLU A 327 -16.13 -134.72 -56.53
N HIS A 328 -16.71 -133.63 -57.02
CA HIS A 328 -18.17 -133.55 -57.12
C HIS A 328 -18.70 -134.61 -58.08
N ALA A 329 -17.99 -134.87 -59.18
CA ALA A 329 -18.34 -135.92 -60.13
C ALA A 329 -18.28 -137.32 -59.50
N SER A 330 -17.19 -137.61 -58.80
CA SER A 330 -16.99 -138.81 -58.00
C SER A 330 -18.10 -139.01 -56.98
N MET A 331 -18.47 -137.99 -56.22
CA MET A 331 -19.54 -138.10 -55.22
C MET A 331 -20.91 -138.41 -55.84
N LYS A 332 -21.23 -137.86 -57.01
CA LYS A 332 -22.47 -138.18 -57.75
C LYS A 332 -22.46 -139.56 -58.40
N CYS A 333 -21.30 -140.10 -58.77
CA CYS A 333 -21.13 -141.50 -59.19
C CYS A 333 -21.05 -142.51 -58.04
N ARG A 334 -20.86 -142.06 -56.80
CA ARG A 334 -20.66 -142.87 -55.58
C ARG A 334 -19.46 -143.81 -55.66
N ARG A 335 -18.36 -143.34 -56.25
CA ARG A 335 -17.06 -144.01 -56.30
C ARG A 335 -15.96 -143.15 -55.74
N GLN A 336 -15.04 -143.72 -54.97
CA GLN A 336 -13.94 -143.01 -54.32
C GLN A 336 -12.94 -142.52 -55.37
N LEU A 337 -12.67 -141.23 -55.41
CA LEU A 337 -11.72 -140.66 -56.34
C LEU A 337 -10.30 -140.86 -55.85
N GLU A 338 -9.44 -141.37 -56.70
CA GLU A 338 -8.00 -141.12 -56.58
C GLU A 338 -7.57 -140.29 -57.78
N ILE A 339 -7.04 -139.09 -57.54
CA ILE A 339 -6.30 -138.35 -58.57
C ILE A 339 -4.90 -138.93 -58.61
N LEU A 340 -4.47 -139.34 -59.78
CA LEU A 340 -3.09 -139.64 -60.10
C LEU A 340 -2.50 -138.37 -60.69
N TRP A 341 -1.55 -137.76 -60.00
CA TRP A 341 -0.92 -136.50 -60.43
C TRP A 341 0.26 -136.81 -61.35
N VAL A 342 0.16 -136.44 -62.62
CA VAL A 342 1.11 -136.80 -63.67
C VAL A 342 1.78 -135.55 -64.21
N GLU A 343 3.08 -135.35 -64.01
CA GLU A 343 3.79 -134.25 -64.67
C GLU A 343 4.02 -134.56 -66.15
N ALA A 344 3.44 -133.77 -67.04
CA ALA A 344 3.47 -134.04 -68.47
C ALA A 344 4.88 -134.06 -69.06
N SER A 345 5.80 -133.21 -68.59
CA SER A 345 7.19 -133.22 -69.03
C SER A 345 7.88 -134.57 -68.73
N ASN A 346 7.55 -135.22 -67.61
CA ASN A 346 8.11 -136.53 -67.27
C ASN A 346 7.66 -137.65 -68.21
N LEU A 347 6.52 -137.51 -68.90
CA LEU A 347 6.06 -138.43 -69.95
C LEU A 347 6.96 -138.39 -71.20
N GLU A 348 7.69 -137.31 -71.43
CA GLU A 348 8.56 -137.19 -72.60
C GLU A 348 9.78 -138.13 -72.51
N PRO A 349 10.18 -138.79 -73.61
CA PRO A 349 11.25 -139.79 -73.59
C PRO A 349 12.58 -139.29 -73.04
N GLU A 350 12.92 -138.02 -73.26
CA GLU A 350 14.17 -137.42 -72.78
C GLU A 350 14.31 -137.51 -71.26
N THR A 351 13.21 -137.57 -70.50
CA THR A 351 13.23 -137.81 -69.06
C THR A 351 13.91 -139.12 -68.71
N GLN A 352 13.80 -140.15 -69.54
CA GLN A 352 14.49 -141.42 -69.36
C GLN A 352 16.02 -141.30 -69.51
N GLU A 353 16.53 -140.23 -70.14
CA GLU A 353 17.95 -139.88 -70.11
C GLU A 353 18.33 -139.09 -68.85
N VAL A 354 17.40 -138.26 -68.36
CA VAL A 354 17.60 -137.35 -67.21
C VAL A 354 17.46 -138.06 -65.86
N ASP A 355 16.35 -138.76 -65.63
CA ASP A 355 16.06 -139.56 -64.44
C ASP A 355 15.00 -140.64 -64.74
N LYS A 356 15.42 -141.91 -64.79
CA LYS A 356 14.54 -143.02 -65.16
C LYS A 356 13.42 -143.26 -64.17
N ASN A 357 13.63 -142.97 -62.88
CA ASN A 357 12.61 -143.06 -61.85
C ASN A 357 11.37 -142.20 -62.18
N LYS A 358 11.57 -140.95 -62.60
CA LYS A 358 10.49 -140.01 -62.98
C LYS A 358 9.79 -140.43 -64.27
N PHE A 359 10.52 -140.96 -65.25
CA PHE A 359 9.92 -141.42 -66.50
C PHE A 359 8.95 -142.57 -66.25
N HIS A 360 9.40 -143.62 -65.58
CA HIS A 360 8.56 -144.78 -65.33
C HIS A 360 7.40 -144.48 -64.37
N ASP A 361 7.58 -143.71 -63.29
CA ASP A 361 6.43 -143.40 -62.41
C ASP A 361 5.31 -142.63 -63.14
N SER A 362 5.66 -141.74 -64.06
CA SER A 362 4.66 -141.06 -64.88
C SER A 362 3.86 -142.01 -65.78
N TRP A 363 4.54 -142.93 -66.48
CA TRP A 363 3.86 -143.87 -67.38
C TRP A 363 3.18 -145.03 -66.64
N ASN A 364 3.70 -145.42 -65.49
CA ASN A 364 3.05 -146.26 -64.50
C ASN A 364 1.69 -145.66 -64.08
N LYS A 365 1.64 -144.37 -63.73
CA LYS A 365 0.38 -143.68 -63.44
C LYS A 365 -0.53 -143.56 -64.66
N LEU A 366 -0.04 -143.11 -65.80
CA LEU A 366 -0.89 -142.93 -66.98
C LEU A 366 -1.51 -144.24 -67.50
N SER A 367 -0.81 -145.36 -67.39
CA SER A 367 -1.34 -146.70 -67.70
C SER A 367 -2.38 -147.20 -66.71
N SER A 368 -2.26 -146.76 -65.46
CA SER A 368 -3.12 -147.14 -64.34
C SER A 368 -4.49 -146.43 -64.38
N ALA A 369 -4.57 -145.30 -65.08
CA ALA A 369 -5.70 -144.41 -65.11
C ALA A 369 -6.95 -144.99 -65.80
N ASP A 370 -8.10 -144.93 -65.13
CA ASP A 370 -9.41 -145.23 -65.70
C ASP A 370 -9.97 -144.09 -66.57
N GLY A 371 -9.45 -142.89 -66.40
CA GLY A 371 -9.74 -141.70 -67.21
C GLY A 371 -8.59 -140.71 -67.13
N ILE A 372 -8.53 -139.79 -68.09
CA ILE A 372 -7.48 -138.78 -68.21
C ILE A 372 -8.12 -137.40 -68.28
N LEU A 373 -7.57 -136.45 -67.54
CA LEU A 373 -7.85 -135.04 -67.66
C LEU A 373 -6.58 -134.29 -68.08
N VAL A 374 -6.64 -133.52 -69.15
CA VAL A 374 -5.70 -132.43 -69.41
C VAL A 374 -6.39 -131.15 -68.92
N PRO A 375 -5.89 -130.51 -67.84
CA PRO A 375 -6.69 -129.68 -66.93
C PRO A 375 -6.89 -128.22 -67.33
N GLY A 376 -6.23 -127.73 -68.37
CA GLY A 376 -6.20 -126.29 -68.70
C GLY A 376 -5.15 -125.53 -67.92
N GLY A 377 -3.88 -125.87 -68.19
CA GLY A 377 -2.71 -125.23 -67.60
C GLY A 377 -2.34 -123.88 -68.21
N PHE A 378 -1.11 -123.47 -67.97
CA PHE A 378 -0.56 -122.14 -68.19
C PHE A 378 0.92 -122.24 -68.59
N GLY A 379 1.34 -121.58 -69.68
CA GLY A 379 2.70 -121.63 -70.21
C GLY A 379 3.03 -122.93 -70.96
N THR A 380 3.41 -122.83 -72.23
CA THR A 380 3.44 -123.94 -73.21
C THR A 380 4.49 -125.04 -72.99
N ARG A 381 5.36 -124.93 -71.99
CA ARG A 381 6.57 -125.78 -71.81
C ARG A 381 6.33 -127.30 -71.72
N GLY A 382 5.12 -127.76 -71.37
CA GLY A 382 4.79 -129.19 -71.20
C GLY A 382 4.04 -129.85 -72.37
N ILE A 383 3.76 -129.13 -73.46
CA ILE A 383 2.84 -129.57 -74.51
C ILE A 383 3.27 -130.87 -75.18
N GLU A 384 4.55 -131.07 -75.46
CA GLU A 384 5.03 -132.28 -76.14
C GLU A 384 4.80 -133.55 -75.30
N GLY A 385 4.80 -133.41 -73.97
CA GLY A 385 4.35 -134.46 -73.05
C GLY A 385 2.84 -134.70 -73.10
N MET A 386 2.03 -133.65 -73.04
CA MET A 386 0.57 -133.79 -73.12
C MET A 386 0.09 -134.37 -74.45
N ILE A 387 0.82 -134.13 -75.54
CA ILE A 387 0.54 -134.73 -76.85
C ILE A 387 0.64 -136.25 -76.80
N LEU A 388 1.60 -136.79 -76.05
CA LEU A 388 1.67 -138.23 -75.77
C LEU A 388 0.44 -138.69 -75.00
N ALA A 389 0.05 -137.97 -73.95
CA ALA A 389 -1.11 -138.33 -73.14
C ALA A 389 -2.43 -138.33 -73.93
N ALA A 390 -2.61 -137.36 -74.83
CA ALA A 390 -3.73 -137.32 -75.75
C ALA A 390 -3.66 -138.44 -76.80
N LYS A 391 -2.47 -138.76 -77.33
CA LYS A 391 -2.27 -139.87 -78.27
C LYS A 391 -2.65 -141.19 -77.61
N TRP A 392 -2.07 -141.48 -76.44
CA TRP A 392 -2.36 -142.64 -75.62
C TRP A 392 -3.87 -142.84 -75.44
N ALA A 393 -4.60 -141.82 -75.01
CA ALA A 393 -6.04 -141.92 -74.81
C ALA A 393 -6.83 -142.22 -76.10
N ARG A 394 -6.42 -141.69 -77.24
CA ARG A 394 -7.10 -141.88 -78.53
C ARG A 394 -6.79 -143.26 -79.14
N GLU A 395 -5.54 -143.67 -79.09
CA GLU A 395 -5.08 -144.98 -79.57
C GLU A 395 -5.63 -146.15 -78.74
N SER A 396 -6.02 -145.91 -77.48
CA SER A 396 -6.30 -146.95 -76.49
C SER A 396 -7.74 -147.02 -75.99
N GLY A 397 -8.59 -146.05 -76.31
CA GLY A 397 -9.99 -146.01 -75.90
C GLY A 397 -10.26 -145.54 -74.47
N VAL A 398 -9.25 -145.01 -73.77
CA VAL A 398 -9.35 -144.51 -72.39
C VAL A 398 -10.12 -143.17 -72.36
N PRO A 399 -11.13 -142.98 -71.49
CA PRO A 399 -11.87 -141.72 -71.35
C PRO A 399 -11.00 -140.48 -71.16
N PHE A 400 -11.32 -139.40 -71.86
CA PHE A 400 -10.51 -138.19 -71.93
C PHE A 400 -11.37 -136.94 -71.77
N LEU A 401 -10.88 -135.96 -71.03
CA LEU A 401 -11.37 -134.59 -71.09
C LEU A 401 -10.21 -133.63 -71.31
N GLY A 402 -10.34 -132.74 -72.29
CA GLY A 402 -9.38 -131.68 -72.55
C GLY A 402 -9.96 -130.29 -72.29
N VAL A 403 -9.44 -129.55 -71.32
CA VAL A 403 -9.93 -128.22 -70.95
C VAL A 403 -8.95 -127.13 -71.41
N CYS A 404 -9.42 -126.09 -72.12
CA CYS A 404 -8.65 -124.96 -72.65
C CYS A 404 -7.46 -125.41 -73.52
N LEU A 405 -6.25 -125.40 -72.99
CA LEU A 405 -5.09 -126.10 -73.55
C LEU A 405 -5.37 -127.57 -73.91
N GLY A 406 -6.28 -128.26 -73.24
CA GLY A 406 -6.71 -129.61 -73.54
C GLY A 406 -7.58 -129.76 -74.81
N LEU A 407 -8.26 -128.72 -75.32
CA LEU A 407 -8.68 -128.72 -76.73
C LEU A 407 -7.45 -128.78 -77.60
N GLN A 408 -6.53 -127.87 -77.32
CA GLN A 408 -5.48 -127.49 -78.23
C GLN A 408 -4.46 -128.62 -78.40
N VAL A 409 -3.93 -129.19 -77.32
CA VAL A 409 -3.02 -130.35 -77.45
C VAL A 409 -3.69 -131.56 -78.09
N ALA A 410 -5.00 -131.74 -77.95
CA ALA A 410 -5.71 -132.84 -78.59
C ALA A 410 -5.87 -132.61 -80.09
N ALA A 411 -6.25 -131.40 -80.50
CA ALA A 411 -6.31 -131.04 -81.91
C ALA A 411 -4.91 -131.08 -82.57
N ILE A 412 -3.87 -130.62 -81.88
CA ILE A 412 -2.49 -130.75 -82.32
C ILE A 412 -2.08 -132.22 -82.46
N GLU A 413 -2.47 -133.09 -81.54
CA GLU A 413 -2.28 -134.53 -81.65
C GLU A 413 -3.01 -135.10 -82.87
N PHE A 414 -4.31 -134.82 -83.00
CA PHE A 414 -5.14 -135.32 -84.08
C PHE A 414 -4.63 -134.86 -85.47
N ALA A 415 -4.17 -133.61 -85.57
CA ALA A 415 -3.51 -133.09 -86.76
C ALA A 415 -2.21 -133.86 -87.10
N ARG A 416 -1.28 -134.00 -86.16
CA ARG A 416 0.00 -134.69 -86.36
C ARG A 416 -0.14 -136.20 -86.62
N ASN A 417 -1.16 -136.86 -86.06
CA ASN A 417 -1.25 -138.32 -86.02
C ASN A 417 -2.44 -138.94 -86.77
N VAL A 418 -3.47 -138.19 -87.14
CA VAL A 418 -4.65 -138.72 -87.86
C VAL A 418 -4.90 -138.01 -89.20
N ILE A 419 -4.66 -136.70 -89.30
CA ILE A 419 -4.52 -136.01 -90.60
C ILE A 419 -3.14 -136.29 -91.22
N GLY A 420 -2.09 -136.24 -90.41
CA GLY A 420 -0.72 -136.58 -90.81
C GLY A 420 0.10 -135.39 -91.32
N ARG A 421 0.05 -134.23 -90.65
CA ARG A 421 0.96 -133.08 -90.83
C ARG A 421 1.89 -132.95 -89.62
N PRO A 422 3.03 -133.68 -89.56
CA PRO A 422 3.66 -134.06 -88.29
C PRO A 422 4.29 -132.93 -87.45
N ASN A 423 4.42 -131.73 -87.99
CA ASN A 423 4.99 -130.55 -87.34
C ASN A 423 3.92 -129.55 -86.84
N SER A 424 2.63 -129.78 -87.10
CA SER A 424 1.55 -128.81 -86.81
C SER A 424 1.46 -128.47 -85.31
N SER A 425 1.24 -127.19 -84.96
CA SER A 425 1.65 -126.67 -83.64
C SER A 425 0.83 -125.51 -83.07
N SER A 426 1.02 -125.32 -81.77
CA SER A 426 0.61 -124.17 -80.97
C SER A 426 1.44 -122.94 -81.30
N THR A 427 0.82 -121.95 -81.94
CA THR A 427 1.46 -120.68 -82.27
C THR A 427 2.02 -119.97 -81.04
N GLU A 428 1.44 -120.13 -79.84
CA GLU A 428 2.01 -119.55 -78.61
C GLU A 428 3.41 -120.09 -78.25
N PHE A 429 3.79 -121.27 -78.74
CA PHE A 429 5.08 -121.91 -78.44
C PHE A 429 6.18 -121.55 -79.45
N LEU A 430 5.81 -121.22 -80.69
CA LEU A 430 6.75 -121.09 -81.83
C LEU A 430 6.73 -119.73 -82.53
N ASP A 431 5.65 -118.97 -82.40
CA ASP A 431 5.27 -117.74 -83.11
C ASP A 431 6.06 -117.41 -84.40
N GLU A 432 7.18 -116.69 -84.28
CA GLU A 432 8.00 -116.16 -85.39
C GLU A 432 8.56 -117.23 -86.34
N THR A 433 8.48 -118.50 -85.98
CA THR A 433 8.94 -119.66 -86.77
C THR A 433 8.09 -119.91 -88.03
N LEU A 434 6.84 -119.42 -88.08
CA LEU A 434 5.97 -119.35 -89.28
C LEU A 434 5.77 -120.68 -90.05
N LEU A 435 5.59 -121.81 -89.36
CA LEU A 435 5.10 -123.05 -89.99
C LEU A 435 3.75 -122.82 -90.68
N ALA A 436 3.45 -123.57 -91.74
CA ALA A 436 2.17 -123.44 -92.46
C ALA A 436 0.94 -124.07 -91.75
N PRO A 437 1.02 -125.28 -91.13
CA PRO A 437 -0.12 -125.90 -90.45
C PRO A 437 -0.22 -125.41 -89.00
N GLU A 438 -0.68 -124.16 -88.84
CA GLU A 438 -1.00 -123.56 -87.55
C GLU A 438 -2.33 -124.12 -87.03
N ASP A 439 -2.29 -124.87 -85.92
CA ASP A 439 -3.48 -125.39 -85.25
C ASP A 439 -4.11 -124.35 -84.32
N GLN A 440 -3.32 -123.79 -83.40
CA GLN A 440 -3.70 -122.54 -82.72
C GLN A 440 -3.49 -121.34 -83.66
N VAL A 441 -4.42 -120.38 -83.64
CA VAL A 441 -4.23 -119.00 -84.14
C VAL A 441 -4.90 -118.01 -83.19
N VAL A 442 -4.40 -116.77 -83.09
CA VAL A 442 -5.01 -115.71 -82.26
C VAL A 442 -6.28 -115.20 -82.94
N ILE A 443 -7.40 -115.08 -82.21
CA ILE A 443 -8.59 -114.34 -82.70
C ILE A 443 -9.04 -113.30 -81.66
N THR A 444 -7.41 -108.24 -74.49
CA THR A 444 -7.37 -109.18 -75.61
C THR A 444 -7.53 -110.65 -75.19
N MET A 445 -7.53 -110.99 -73.90
CA MET A 445 -8.10 -112.26 -73.42
C MET A 445 -9.62 -112.30 -73.66
N ARG A 446 -10.12 -113.42 -74.16
CA ARG A 446 -11.56 -113.72 -74.20
C ARG A 446 -12.00 -114.28 -72.85
N LEU A 447 -12.63 -113.44 -72.03
CA LEU A 447 -12.72 -113.59 -70.58
C LEU A 447 -14.16 -113.66 -70.07
N GLY A 448 -14.38 -114.38 -68.96
CA GLY A 448 -15.66 -114.44 -68.26
C GLY A 448 -16.71 -115.27 -68.96
N LEU A 449 -17.95 -115.17 -68.49
CA LEU A 449 -19.06 -115.94 -69.02
C LEU A 449 -19.38 -115.52 -70.47
N ARG A 450 -19.50 -116.49 -71.36
CA ARG A 450 -19.92 -116.32 -72.76
C ARG A 450 -20.94 -117.40 -73.12
N PRO A 451 -21.77 -117.22 -74.16
CA PRO A 451 -22.56 -118.29 -74.75
C PRO A 451 -21.72 -119.09 -75.76
N THR A 452 -21.88 -120.41 -75.73
CA THR A 452 -21.44 -121.42 -76.70
C THR A 452 -22.69 -122.07 -77.27
N ILE A 453 -22.77 -122.28 -78.57
CA ILE A 453 -23.97 -122.81 -79.24
C ILE A 453 -23.59 -124.09 -79.99
N PHE A 454 -24.41 -125.14 -79.88
CA PHE A 454 -24.11 -126.42 -80.54
C PHE A 454 -24.32 -126.33 -82.06
N GLN A 455 -23.33 -126.74 -82.85
CA GLN A 455 -23.45 -126.94 -84.31
C GLN A 455 -24.58 -127.97 -84.60
N PRO A 456 -25.36 -127.91 -85.70
CA PRO A 456 -26.61 -128.70 -85.79
C PRO A 456 -26.46 -130.23 -85.79
N ASN A 457 -25.43 -130.77 -86.44
CA ASN A 457 -25.22 -132.21 -86.61
C ASN A 457 -24.46 -132.86 -85.41
N SER A 458 -25.00 -132.69 -84.20
CA SER A 458 -24.26 -132.92 -82.95
C SER A 458 -25.03 -133.61 -81.81
N GLU A 459 -26.33 -133.90 -81.95
CA GLU A 459 -27.06 -134.62 -80.89
C GLU A 459 -26.56 -136.07 -80.70
N TRP A 460 -25.78 -136.61 -81.63
CA TRP A 460 -25.14 -137.92 -81.47
C TRP A 460 -24.11 -137.94 -80.33
N SER A 461 -23.47 -136.80 -80.05
CA SER A 461 -22.33 -136.67 -79.15
C SER A 461 -22.73 -136.79 -77.68
N ASN A 462 -21.89 -137.49 -76.92
CA ASN A 462 -21.99 -137.60 -75.48
C ASN A 462 -21.98 -136.22 -74.81
N ILE A 463 -21.17 -135.27 -75.28
CA ILE A 463 -21.09 -133.94 -74.67
C ILE A 463 -22.35 -133.10 -74.84
N ARG A 464 -23.03 -133.10 -76.00
CA ARG A 464 -24.36 -132.47 -76.11
C ARG A 464 -25.41 -133.18 -75.24
N LYS A 465 -25.31 -134.51 -75.10
CA LYS A 465 -26.20 -135.33 -74.28
C LYS A 465 -26.07 -135.02 -72.79
N LEU A 466 -24.84 -134.92 -72.28
CA LEU A 466 -24.53 -134.54 -70.90
C LEU A 466 -25.06 -133.15 -70.51
N TYR A 467 -25.06 -132.19 -71.43
CA TYR A 467 -25.62 -130.86 -71.21
C TYR A 467 -27.16 -130.79 -71.29
N GLY A 468 -27.87 -131.92 -71.26
CA GLY A 468 -29.33 -131.98 -71.33
C GLY A 468 -29.91 -131.70 -72.72
N GLU A 469 -29.09 -131.70 -73.76
CA GLU A 469 -29.44 -131.32 -75.13
C GLU A 469 -30.03 -129.90 -75.27
N VAL A 470 -29.76 -129.01 -74.32
CA VAL A 470 -30.10 -127.59 -74.35
C VAL A 470 -29.30 -126.92 -75.46
N ASN A 471 -29.86 -125.96 -76.20
CA ASN A 471 -29.26 -125.44 -77.44
C ASN A 471 -27.97 -124.62 -77.22
N GLU A 472 -27.91 -123.89 -76.12
CA GLU A 472 -26.76 -123.09 -75.68
C GLU A 472 -26.13 -123.67 -74.41
N VAL A 473 -24.83 -123.53 -74.30
CA VAL A 473 -24.00 -123.74 -73.12
C VAL A 473 -23.42 -122.39 -72.70
N HIS A 474 -23.63 -121.93 -71.47
CA HIS A 474 -23.01 -120.69 -70.97
C HIS A 474 -21.95 -121.06 -69.94
N GLU A 475 -20.71 -120.70 -70.20
CA GLU A 475 -19.54 -121.13 -69.40
C GLU A 475 -18.46 -120.05 -69.43
N ARG A 476 -17.46 -120.13 -68.54
CA ARG A 476 -16.44 -119.09 -68.32
C ARG A 476 -15.17 -119.35 -69.13
N HIS A 477 -14.64 -118.31 -69.74
CA HIS A 477 -13.50 -118.31 -70.66
C HIS A 477 -12.31 -117.55 -70.09
N ARG A 478 -11.09 -117.95 -70.43
CA ARG A 478 -9.84 -117.26 -70.08
C ARG A 478 -8.73 -117.62 -71.08
N HIS A 479 -9.03 -117.46 -72.37
CA HIS A 479 -8.14 -117.86 -73.46
C HIS A 479 -7.89 -116.73 -74.46
N ARG A 480 -6.77 -116.82 -75.17
CA ARG A 480 -6.30 -115.83 -76.14
C ARG A 480 -6.30 -116.37 -77.59
N TYR A 481 -6.07 -117.67 -77.75
CA TYR A 481 -6.07 -118.41 -79.01
C TYR A 481 -7.40 -119.10 -79.30
N GLU A 482 -7.52 -119.61 -80.53
CA GLU A 482 -8.58 -120.48 -81.03
C GLU A 482 -7.94 -121.63 -81.82
N ILE A 483 -8.70 -122.68 -82.10
CA ILE A 483 -8.38 -123.54 -83.24
C ILE A 483 -8.64 -122.79 -84.55
N ASN A 484 -7.71 -122.92 -85.49
CA ASN A 484 -7.80 -122.38 -86.85
C ASN A 484 -9.03 -122.90 -87.64
N PRO A 485 -9.94 -122.03 -88.12
CA PRO A 485 -11.14 -122.46 -88.86
C PRO A 485 -10.80 -123.13 -90.20
N LYS A 486 -9.66 -122.80 -90.83
CA LYS A 486 -9.21 -123.42 -92.09
C LYS A 486 -8.90 -124.92 -91.95
N ILE A 487 -8.48 -125.35 -90.76
CA ILE A 487 -8.24 -126.75 -90.42
C ILE A 487 -9.51 -127.45 -89.90
N VAL A 488 -10.61 -126.74 -89.64
CA VAL A 488 -11.84 -127.37 -89.11
C VAL A 488 -12.46 -128.35 -90.07
N ASN A 489 -12.75 -128.01 -91.32
CA ASN A 489 -13.41 -128.95 -92.22
C ASN A 489 -12.49 -130.11 -92.66
N ASP A 490 -11.17 -129.90 -92.65
CA ASP A 490 -10.16 -130.95 -92.71
C ASP A 490 -10.33 -131.95 -91.55
N MET A 491 -10.32 -131.49 -90.30
CA MET A 491 -10.57 -132.31 -89.13
C MET A 491 -11.96 -132.96 -89.14
N GLU A 492 -13.01 -132.22 -89.49
CA GLU A 492 -14.36 -132.79 -89.52
C GLU A 492 -14.49 -133.87 -90.60
N SER A 493 -13.78 -133.75 -91.73
CA SER A 493 -13.74 -134.82 -92.74
C SER A 493 -13.16 -136.13 -92.20
N ARG A 494 -12.37 -136.06 -91.12
CA ARG A 494 -11.73 -137.19 -90.44
C ARG A 494 -12.42 -137.62 -89.13
N GLY A 495 -13.58 -137.05 -88.77
CA GLY A 495 -14.43 -137.46 -87.64
C GLY A 495 -14.26 -136.67 -86.33
N PHE A 496 -13.39 -135.66 -86.30
CA PHE A 496 -13.12 -134.79 -85.13
C PHE A 496 -14.05 -133.57 -85.12
N ILE A 497 -15.34 -133.80 -84.91
CA ILE A 497 -16.39 -132.79 -85.10
C ILE A 497 -16.36 -131.70 -84.02
N PHE A 498 -16.32 -130.43 -84.44
CA PHE A 498 -16.45 -129.29 -83.54
C PHE A 498 -17.92 -129.04 -83.24
N VAL A 499 -18.40 -129.86 -82.31
CA VAL A 499 -19.75 -129.94 -81.76
C VAL A 499 -20.31 -128.62 -81.23
N GLY A 500 -19.50 -127.65 -80.82
CA GLY A 500 -19.97 -126.35 -80.34
C GLY A 500 -19.01 -125.19 -80.59
N LYS A 501 -19.59 -124.00 -80.80
CA LYS A 501 -18.92 -122.79 -81.28
C LYS A 501 -19.53 -121.52 -80.68
N ASP A 502 -18.81 -120.40 -80.77
CA ASP A 502 -19.33 -119.05 -80.56
C ASP A 502 -20.44 -118.73 -81.58
N GLU A 503 -21.40 -117.86 -81.24
CA GLU A 503 -22.51 -117.47 -82.12
C GLU A 503 -22.07 -116.98 -83.52
N THR A 504 -20.87 -116.42 -83.66
CA THR A 504 -20.30 -115.99 -84.95
C THR A 504 -19.75 -117.14 -85.81
N GLY A 505 -19.53 -118.33 -85.24
CA GLY A 505 -19.00 -119.51 -85.93
C GLY A 505 -17.49 -119.51 -86.23
N GLN A 506 -16.78 -118.40 -85.99
CA GLN A 506 -15.34 -118.29 -86.23
C GLN A 506 -14.51 -119.06 -85.18
N ARG A 507 -15.11 -119.31 -84.01
CA ARG A 507 -14.45 -119.73 -82.75
C ARG A 507 -14.92 -121.12 -82.28
N CYS A 508 -13.99 -122.07 -82.16
CA CYS A 508 -14.28 -123.49 -81.88
C CYS A 508 -14.14 -123.81 -80.39
N GLU A 509 -15.18 -124.35 -79.76
CA GLU A 509 -15.31 -124.33 -78.30
C GLU A 509 -15.56 -125.69 -77.66
N ILE A 510 -16.27 -126.59 -78.33
CA ILE A 510 -16.46 -127.97 -77.89
C ILE A 510 -16.21 -128.91 -79.07
N PHE A 511 -15.49 -130.02 -78.85
CA PHE A 511 -15.48 -131.15 -79.77
C PHE A 511 -15.93 -132.45 -79.11
N GLU A 512 -16.32 -133.40 -79.95
CA GLU A 512 -16.25 -134.82 -79.65
C GLU A 512 -15.68 -135.56 -80.88
N LEU A 513 -14.74 -136.48 -80.68
CA LEU A 513 -14.30 -137.40 -81.73
C LEU A 513 -15.29 -138.55 -81.89
N LYS A 514 -15.76 -138.78 -83.12
CA LYS A 514 -16.62 -139.92 -83.50
C LYS A 514 -16.04 -141.27 -83.05
N GLY A 515 -16.91 -142.15 -82.54
CA GLY A 515 -16.62 -143.56 -82.27
C GLY A 515 -15.94 -143.89 -80.94
N HIS A 516 -15.03 -143.05 -80.44
CA HIS A 516 -14.37 -143.24 -79.13
C HIS A 516 -15.38 -143.15 -77.97
N PRO A 517 -15.29 -143.95 -76.89
CA PRO A 517 -16.25 -143.91 -75.78
C PRO A 517 -16.48 -142.52 -75.17
N TYR A 518 -15.43 -141.73 -74.97
CA TYR A 518 -15.48 -140.37 -74.43
C TYR A 518 -14.17 -139.63 -74.72
N TYR A 519 -14.13 -138.80 -75.74
CA TYR A 519 -12.96 -137.99 -76.11
C TYR A 519 -13.48 -136.60 -76.41
N VAL A 520 -13.61 -135.82 -75.34
CA VAL A 520 -14.27 -134.52 -75.34
C VAL A 520 -13.25 -133.43 -75.03
N GLY A 521 -13.40 -132.27 -75.64
CA GLY A 521 -12.59 -131.11 -75.32
C GLY A 521 -13.45 -129.86 -75.29
N THR A 522 -13.17 -128.97 -74.34
CA THR A 522 -13.83 -127.68 -74.14
C THR A 522 -12.80 -126.57 -74.10
N GLN A 523 -13.01 -125.44 -74.76
CA GLN A 523 -12.08 -124.30 -74.64
C GLN A 523 -12.35 -123.44 -73.40
N TYR A 524 -13.57 -123.44 -72.89
CA TYR A 524 -13.90 -122.91 -71.57
C TYR A 524 -13.35 -123.81 -70.45
N HIS A 525 -13.34 -123.27 -69.24
CA HIS A 525 -13.02 -123.96 -68.00
C HIS A 525 -14.32 -124.43 -67.33
N PRO A 526 -14.72 -125.70 -67.39
CA PRO A 526 -15.94 -126.16 -66.75
C PRO A 526 -15.82 -126.26 -65.22
N GLU A 527 -14.62 -126.11 -64.65
CA GLU A 527 -14.36 -126.17 -63.22
C GLU A 527 -15.10 -125.13 -62.41
N TYR A 528 -15.11 -123.90 -62.91
CA TYR A 528 -15.54 -122.71 -62.19
C TYR A 528 -17.05 -122.68 -61.98
N THR A 529 -17.79 -123.43 -62.77
CA THR A 529 -19.24 -123.56 -62.70
C THR A 529 -19.67 -124.82 -61.92
N SER A 530 -18.75 -125.61 -61.35
CA SER A 530 -19.07 -126.81 -60.54
C SER A 530 -19.62 -126.48 -59.13
N LYS A 531 -20.71 -127.14 -58.71
CA LYS A 531 -21.32 -126.97 -57.38
C LYS A 531 -21.34 -128.29 -56.62
N VAL A 532 -21.28 -128.27 -55.28
CA VAL A 532 -21.09 -129.51 -54.49
C VAL A 532 -22.19 -130.54 -54.72
N LEU A 533 -23.41 -130.08 -54.98
CA LEU A 533 -24.60 -130.91 -55.18
C LEU A 533 -25.04 -130.97 -56.66
N GLU A 534 -24.25 -130.43 -57.57
CA GLU A 534 -24.51 -130.41 -59.02
C GLU A 534 -23.17 -130.32 -59.78
N PRO A 535 -22.46 -131.44 -60.00
CA PRO A 535 -21.16 -131.41 -60.66
C PRO A 535 -21.22 -130.85 -62.08
N SER A 536 -20.10 -130.28 -62.50
CA SER A 536 -19.95 -129.76 -63.85
C SER A 536 -20.06 -130.88 -64.87
N ARG A 537 -20.89 -130.72 -65.90
CA ARG A 537 -21.26 -131.83 -66.79
C ARG A 537 -20.08 -132.49 -67.51
N PRO A 538 -19.04 -131.81 -67.99
CA PRO A 538 -17.92 -132.48 -68.65
C PRO A 538 -17.11 -133.38 -67.72
N PHE A 539 -17.00 -133.04 -66.44
CA PHE A 539 -16.27 -133.81 -65.43
C PHE A 539 -17.08 -135.00 -64.95
N TRP A 540 -18.40 -134.82 -64.76
CA TRP A 540 -19.33 -135.92 -64.47
C TRP A 540 -19.33 -136.94 -65.61
N GLY A 541 -19.33 -136.49 -66.87
CA GLY A 541 -19.14 -137.34 -68.04
C GLY A 541 -17.81 -138.08 -68.10
N LEU A 542 -16.69 -137.47 -67.68
CA LEU A 542 -15.40 -138.17 -67.61
C LEU A 542 -15.39 -139.23 -66.52
N VAL A 543 -15.84 -138.91 -65.30
CA VAL A 543 -15.81 -139.85 -64.18
C VAL A 543 -16.80 -140.97 -64.43
N ALA A 544 -17.95 -140.70 -65.05
CA ALA A 544 -18.88 -141.73 -65.49
C ALA A 544 -18.28 -142.60 -66.60
N ALA A 545 -17.66 -142.02 -67.61
CA ALA A 545 -16.96 -142.80 -68.64
C ALA A 545 -15.88 -143.70 -68.03
N ALA A 546 -15.09 -143.21 -67.08
CA ALA A 546 -14.06 -143.96 -66.36
C ALA A 546 -14.61 -145.10 -65.49
N SER A 547 -15.84 -144.98 -65.01
CA SER A 547 -16.46 -145.93 -64.09
C SER A 547 -17.32 -146.99 -64.81
N GLY A 548 -17.56 -146.83 -66.11
CA GLY A 548 -18.80 -147.36 -66.69
C GLY A 548 -20.01 -146.61 -66.12
N THR A 549 -21.22 -146.95 -66.54
CA THR A 549 -22.49 -146.28 -66.14
C THR A 549 -22.65 -144.85 -66.67
N LEU A 550 -21.85 -144.47 -67.67
CA LEU A 550 -22.09 -143.28 -68.50
C LEU A 550 -23.51 -143.25 -69.10
N GLY A 551 -24.04 -144.40 -69.54
CA GLY A 551 -25.40 -144.50 -70.06
C GLY A 551 -26.46 -144.28 -68.99
N GLU A 552 -26.32 -144.90 -67.82
CA GLU A 552 -27.23 -144.69 -66.69
C GLU A 552 -27.20 -143.24 -66.18
N VAL A 553 -26.04 -142.58 -66.19
CA VAL A 553 -25.94 -141.13 -65.92
C VAL A 553 -26.65 -140.30 -66.99
N ILE A 554 -26.38 -140.52 -68.28
CA ILE A 554 -27.07 -139.80 -69.35
C ILE A 554 -28.61 -139.98 -69.24
N LYS A 555 -29.08 -141.19 -68.93
CA LYS A 555 -30.52 -141.44 -68.68
C LYS A 555 -31.08 -140.56 -67.55
N ASP A 556 -30.43 -140.52 -66.40
CA ASP A 556 -30.83 -139.69 -65.26
C ASP A 556 -30.81 -138.19 -65.57
N ILE A 557 -29.84 -137.73 -66.37
CA ILE A 557 -29.74 -136.35 -66.86
C ILE A 557 -30.91 -136.01 -67.79
N ASN A 558 -31.35 -136.94 -68.63
CA ASN A 558 -32.41 -136.72 -69.62
C ASN A 558 -33.82 -136.56 -69.05
N LEU A 559 -34.11 -136.98 -67.81
CA LEU A 559 -35.41 -136.72 -67.16
C LEU A 559 -35.64 -135.21 -66.92
N MET B 1 26.10 -91.27 -48.50
CA MET B 1 24.99 -90.44 -47.98
C MET B 1 24.84 -90.68 -46.48
N LYS B 2 24.77 -89.65 -45.64
CA LYS B 2 24.30 -89.79 -44.24
C LYS B 2 22.84 -89.42 -44.17
N TYR B 3 22.11 -89.99 -43.23
CA TYR B 3 20.70 -89.72 -42.99
C TYR B 3 20.50 -89.31 -41.54
N VAL B 4 19.77 -88.23 -41.30
CA VAL B 4 19.21 -87.91 -39.99
C VAL B 4 17.71 -88.00 -40.12
N VAL B 5 17.02 -88.81 -39.32
CA VAL B 5 15.57 -88.84 -39.28
C VAL B 5 15.14 -88.02 -38.09
N VAL B 6 14.22 -87.08 -38.26
CA VAL B 6 13.61 -86.32 -37.18
C VAL B 6 12.18 -86.79 -37.06
N SER B 7 11.74 -87.15 -35.88
CA SER B 7 10.60 -88.07 -35.75
C SER B 7 9.68 -87.79 -34.58
N GLY B 8 8.44 -88.19 -34.80
CA GLY B 8 7.47 -88.59 -33.78
C GLY B 8 7.19 -87.63 -32.65
N GLY B 9 6.89 -88.21 -31.50
CA GLY B 9 6.68 -87.49 -30.25
C GLY B 9 5.34 -87.79 -29.61
N VAL B 10 5.07 -87.08 -28.52
CA VAL B 10 3.87 -87.20 -27.70
C VAL B 10 2.66 -86.56 -28.38
N ILE B 11 2.88 -85.49 -29.14
CA ILE B 11 1.90 -84.65 -29.86
C ILE B 11 2.38 -84.39 -31.29
N SER B 12 1.45 -84.08 -32.19
CA SER B 12 1.72 -83.46 -33.49
C SER B 12 2.06 -81.98 -33.34
N GLY B 13 2.67 -81.33 -34.32
CA GLY B 13 2.96 -79.89 -34.23
C GLY B 13 3.92 -79.51 -33.11
N ILE B 14 4.83 -80.41 -32.77
CA ILE B 14 5.76 -80.28 -31.65
C ILE B 14 7.00 -79.44 -31.94
N GLY B 15 7.50 -79.41 -33.17
CA GLY B 15 8.75 -78.72 -33.51
C GLY B 15 9.74 -79.46 -34.41
N LYS B 16 9.36 -80.58 -35.03
CA LYS B 16 10.26 -81.36 -35.88
C LYS B 16 10.77 -80.57 -37.06
N GLY B 17 9.93 -79.79 -37.75
CA GLY B 17 10.34 -78.91 -38.83
C GLY B 17 11.34 -77.85 -38.40
N VAL B 18 11.20 -77.29 -37.20
CA VAL B 18 12.20 -76.36 -36.65
C VAL B 18 13.51 -77.06 -36.33
N LEU B 19 13.50 -78.24 -35.72
CA LEU B 19 14.74 -78.96 -35.40
C LEU B 19 15.41 -79.57 -36.61
N ALA B 20 14.65 -80.11 -37.55
CA ALA B 20 15.14 -80.59 -38.84
C ALA B 20 15.85 -79.48 -39.62
N SER B 21 15.25 -78.30 -39.69
CA SER B 21 15.83 -77.15 -40.39
C SER B 21 17.05 -76.59 -39.67
N SER B 22 17.02 -76.51 -38.34
CA SER B 22 18.18 -76.11 -37.54
C SER B 22 19.33 -77.10 -37.69
N THR B 23 19.07 -78.40 -37.63
CA THR B 23 20.07 -79.46 -37.82
C THR B 23 20.71 -79.34 -39.20
N GLY B 24 19.94 -79.16 -40.25
CA GLY B 24 20.50 -79.00 -41.59
C GLY B 24 21.35 -77.75 -41.71
N MET B 25 20.90 -76.62 -41.16
CA MET B 25 21.63 -75.34 -41.16
C MET B 25 22.94 -75.48 -40.39
N LEU B 26 22.89 -76.10 -39.21
CA LEU B 26 24.07 -76.38 -38.39
C LEU B 26 25.06 -77.28 -39.10
N LEU B 27 24.65 -78.41 -39.68
CA LEU B 27 25.55 -79.30 -40.41
C LEU B 27 26.20 -78.59 -41.58
N LYS B 28 25.48 -77.71 -42.26
CA LYS B 28 26.01 -76.86 -43.34
C LYS B 28 27.17 -75.98 -42.87
N THR B 29 27.23 -75.62 -41.59
CA THR B 29 28.36 -74.89 -41.02
C THR B 29 29.63 -75.71 -40.78
N LEU B 30 29.64 -76.99 -41.17
CA LEU B 30 30.85 -77.80 -41.38
C LEU B 30 31.27 -77.90 -42.86
N GLY B 31 30.59 -77.19 -43.77
CA GLY B 31 30.84 -77.22 -45.21
C GLY B 31 30.07 -78.29 -45.99
N LEU B 32 29.37 -79.18 -45.29
CA LEU B 32 28.61 -80.31 -45.84
C LEU B 32 27.43 -79.83 -46.70
N LYS B 33 27.22 -80.45 -47.86
CA LYS B 33 26.00 -80.25 -48.67
C LYS B 33 24.84 -81.03 -48.02
N VAL B 34 23.74 -80.38 -47.68
CA VAL B 34 22.61 -80.99 -46.97
C VAL B 34 21.38 -80.96 -47.84
N THR B 35 20.64 -82.05 -47.91
CA THR B 35 19.32 -82.14 -48.54
C THR B 35 18.29 -82.54 -47.51
N SER B 36 17.03 -82.53 -47.91
CA SER B 36 15.89 -82.85 -47.07
C SER B 36 14.81 -83.58 -47.82
N ILE B 37 14.08 -84.44 -47.13
CA ILE B 37 12.87 -85.08 -47.59
C ILE B 37 11.84 -84.89 -46.49
N LYS B 38 10.63 -84.48 -46.83
CA LYS B 38 9.50 -84.55 -45.92
C LYS B 38 8.73 -85.83 -46.25
N ILE B 39 8.39 -86.60 -45.24
CA ILE B 39 7.41 -87.66 -45.35
C ILE B 39 6.17 -87.14 -44.67
N ASP B 40 5.06 -87.14 -45.38
CA ASP B 40 3.75 -86.90 -44.82
C ASP B 40 2.90 -88.16 -44.89
N PRO B 41 2.44 -88.72 -43.76
CA PRO B 41 1.57 -89.88 -43.77
C PRO B 41 0.14 -89.65 -44.31
N TYR B 42 -0.23 -88.44 -44.67
CA TYR B 42 -1.47 -88.17 -45.39
C TYR B 42 -1.48 -88.76 -46.80
N MET B 43 -2.67 -88.97 -47.34
CA MET B 43 -2.89 -89.68 -48.60
C MET B 43 -2.90 -88.82 -49.84
N ASN B 44 -3.13 -87.51 -49.74
CA ASN B 44 -3.08 -86.56 -50.85
C ASN B 44 -1.83 -86.72 -51.72
N ILE B 45 -1.98 -86.71 -53.04
CA ILE B 45 -0.81 -86.76 -53.93
C ILE B 45 0.04 -85.52 -53.73
N ASP B 46 -0.56 -84.33 -53.75
CA ASP B 46 0.12 -83.09 -53.43
C ASP B 46 -0.86 -82.04 -52.88
N ALA B 47 -0.36 -80.98 -52.27
CA ALA B 47 -1.16 -80.02 -51.51
C ALA B 47 -2.08 -79.14 -52.36
N GLY B 48 -1.96 -79.16 -53.69
CA GLY B 48 -2.63 -78.22 -54.58
C GLY B 48 -4.15 -78.27 -54.60
N THR B 49 -4.77 -79.37 -54.18
CA THR B 49 -6.24 -79.44 -54.01
C THR B 49 -6.70 -78.92 -52.64
N MET B 50 -5.89 -79.03 -51.58
CA MET B 50 -6.35 -78.85 -50.20
C MET B 50 -6.19 -77.41 -49.70
N SER B 51 -7.21 -76.94 -49.02
CA SER B 51 -7.39 -75.54 -48.68
C SER B 51 -6.49 -75.11 -47.53
N PRO B 52 -6.13 -73.82 -47.38
CA PRO B 52 -5.20 -73.34 -46.34
C PRO B 52 -5.67 -73.50 -44.89
N LEU B 53 -6.93 -73.89 -44.68
CA LEU B 53 -7.54 -74.14 -43.38
C LEU B 53 -6.98 -75.38 -42.65
N GLU B 54 -6.28 -76.29 -43.32
CA GLU B 54 -5.48 -77.37 -42.71
C GLU B 54 -4.03 -77.32 -43.20
N HIS B 55 -3.05 -77.52 -42.30
CA HIS B 55 -1.61 -77.52 -42.58
C HIS B 55 -1.04 -76.21 -43.16
N GLY B 56 -1.75 -75.08 -43.05
CA GLY B 56 -1.30 -73.77 -43.49
C GLY B 56 -1.27 -73.60 -45.01
N GLU B 57 -0.46 -72.66 -45.50
CA GLU B 57 -0.32 -72.38 -46.93
C GLU B 57 0.22 -73.55 -47.77
N CYS B 58 -0.31 -73.71 -48.98
CA CYS B 58 0.36 -74.52 -50.00
C CYS B 58 1.64 -73.81 -50.47
N PHE B 59 2.77 -74.51 -50.49
CA PHE B 59 4.05 -73.98 -50.97
C PHE B 59 4.26 -74.32 -52.45
N VAL B 60 4.77 -73.39 -53.27
CA VAL B 60 4.95 -73.64 -54.71
C VAL B 60 6.43 -73.75 -55.05
N LEU B 61 6.83 -74.82 -55.75
CA LEU B 61 8.21 -75.12 -56.16
C LEU B 61 8.52 -74.60 -57.57
N ASP B 62 9.78 -74.61 -58.00
CA ASP B 62 10.17 -74.25 -59.37
C ASP B 62 9.53 -75.16 -60.42
N ASP B 63 9.41 -76.45 -60.12
CA ASP B 63 8.70 -77.47 -60.91
C ASP B 63 7.25 -77.11 -61.22
N GLY B 64 6.63 -76.22 -60.44
CA GLY B 64 5.18 -76.12 -60.33
C GLY B 64 4.56 -77.10 -59.35
N GLY B 65 5.36 -77.77 -58.53
CA GLY B 65 4.86 -78.62 -57.45
C GLY B 65 4.20 -77.81 -56.34
N GLU B 66 2.91 -78.04 -56.11
CA GLU B 66 2.13 -77.51 -54.99
C GLU B 66 2.28 -78.44 -53.78
N THR B 67 3.18 -78.13 -52.85
CA THR B 67 3.70 -79.10 -51.86
C THR B 67 3.53 -78.69 -50.41
N ASP B 68 3.99 -79.55 -49.51
CA ASP B 68 3.88 -79.34 -48.08
C ASP B 68 4.60 -78.06 -47.62
N LEU B 69 3.96 -77.33 -46.70
CA LEU B 69 4.52 -76.18 -46.01
C LEU B 69 5.91 -76.46 -45.43
N ASP B 70 6.21 -77.65 -44.89
CA ASP B 70 7.57 -77.97 -44.41
C ASP B 70 8.67 -77.87 -45.48
N LEU B 71 8.41 -78.10 -46.79
CA LEU B 71 9.49 -77.97 -47.78
C LEU B 71 9.95 -76.53 -47.91
N GLY B 72 9.07 -75.55 -47.72
CA GLY B 72 9.45 -74.15 -47.69
C GLY B 72 10.40 -73.81 -46.56
N ASN B 73 10.24 -74.42 -45.39
CA ASN B 73 11.15 -74.23 -44.26
C ASN B 73 12.55 -74.72 -44.57
N TYR B 74 12.69 -75.83 -45.29
CA TYR B 74 14.00 -76.33 -45.68
C TYR B 74 14.63 -75.43 -46.74
N GLU B 75 13.87 -74.99 -47.74
CA GLU B 75 14.38 -74.09 -48.78
C GLU B 75 14.99 -72.83 -48.18
N ARG B 76 14.27 -72.14 -47.27
CA ARG B 76 14.75 -70.89 -46.66
C ARG B 76 15.88 -71.05 -45.65
N TYR B 77 15.89 -72.09 -44.82
CA TYR B 77 16.97 -72.29 -43.85
C TYR B 77 18.26 -72.79 -44.51
N LEU B 78 18.18 -73.67 -45.51
CA LEU B 78 19.36 -74.35 -46.05
C LEU B 78 19.93 -73.67 -47.30
N GLY B 79 19.15 -72.87 -48.01
CA GLY B 79 19.58 -72.29 -49.30
C GLY B 79 19.55 -73.30 -50.43
N ILE B 80 18.50 -74.13 -50.48
CA ILE B 80 18.37 -75.26 -51.42
C ILE B 80 17.08 -75.18 -52.20
N THR B 81 17.07 -75.83 -53.35
CA THR B 81 15.90 -75.95 -54.24
C THR B 81 15.43 -77.40 -54.31
N LEU B 82 14.13 -77.64 -54.15
CA LEU B 82 13.52 -78.96 -54.03
C LEU B 82 12.51 -79.25 -55.15
N SER B 83 12.43 -80.50 -55.60
CA SER B 83 11.49 -81.00 -56.60
C SER B 83 10.21 -81.53 -55.95
N ARG B 84 9.16 -81.83 -56.70
CA ARG B 84 7.97 -82.48 -56.12
C ARG B 84 8.25 -83.88 -55.59
N ASP B 85 9.29 -84.57 -56.03
CA ASP B 85 9.74 -85.84 -55.47
C ASP B 85 10.32 -85.78 -54.05
N HIS B 86 10.76 -84.62 -53.57
CA HIS B 86 11.28 -84.44 -52.21
C HIS B 86 10.20 -84.47 -51.12
N ASN B 87 8.93 -84.36 -51.49
CA ASN B 87 7.83 -84.64 -50.58
C ASN B 87 7.26 -86.03 -50.85
N ILE B 88 7.58 -87.00 -50.02
CA ILE B 88 6.94 -88.31 -49.99
C ILE B 88 5.57 -88.20 -49.30
N THR B 89 4.55 -88.81 -49.86
CA THR B 89 3.26 -88.99 -49.19
C THR B 89 2.78 -90.42 -49.34
N THR B 90 1.88 -90.86 -48.49
CA THR B 90 1.25 -92.18 -48.62
C THR B 90 0.66 -92.38 -49.99
N GLY B 91 -0.02 -91.37 -50.53
CA GLY B 91 -0.61 -91.40 -51.87
C GLY B 91 0.42 -91.66 -52.94
N LYS B 92 1.52 -90.90 -52.99
CA LYS B 92 2.56 -91.10 -54.00
C LYS B 92 3.13 -92.49 -53.97
N ILE B 93 3.42 -93.02 -52.79
CA ILE B 93 4.10 -94.30 -52.70
C ILE B 93 3.16 -95.48 -52.89
N TYR B 94 1.92 -95.44 -52.42
CA TYR B 94 0.95 -96.47 -52.79
C TYR B 94 0.62 -96.39 -54.27
N SER B 95 0.51 -95.21 -54.85
CA SER B 95 0.28 -95.00 -56.27
C SER B 95 1.40 -95.55 -57.14
N HIS B 96 2.65 -95.35 -56.72
CA HIS B 96 3.82 -95.85 -57.41
C HIS B 96 3.80 -97.36 -57.51
N VAL B 97 3.58 -98.10 -56.40
CA VAL B 97 3.53 -99.55 -56.46
C VAL B 97 2.29 -100.07 -57.20
N ILE B 98 1.12 -99.46 -57.05
CA ILE B 98 -0.08 -99.88 -57.79
C ILE B 98 0.10 -99.69 -59.30
N SER B 99 0.68 -98.59 -59.76
CA SER B 99 0.91 -98.36 -61.21
C SER B 99 1.91 -99.35 -61.79
N ARG B 100 2.91 -99.73 -61.00
CA ARG B 100 3.97 -100.70 -61.31
C ARG B 100 3.47 -102.15 -61.34
N GLU B 101 2.50 -102.51 -60.52
CA GLU B 101 1.79 -103.79 -60.57
C GLU B 101 0.95 -103.99 -61.81
N ARG B 102 0.09 -103.03 -62.18
CA ARG B 102 -0.82 -103.17 -63.35
C ARG B 102 -0.05 -103.31 -64.67
N ARG B 103 1.17 -102.77 -64.72
CA ARG B 103 2.17 -102.95 -65.78
C ARG B 103 2.96 -104.27 -65.71
N GLY B 104 2.95 -104.97 -64.58
CA GLY B 104 3.55 -106.30 -64.43
C GLY B 104 5.01 -106.33 -63.97
N ASP B 105 5.57 -105.25 -63.45
CA ASP B 105 6.99 -105.16 -63.05
C ASP B 105 7.38 -105.99 -61.82
N TYR B 106 6.42 -106.56 -61.09
CA TYR B 106 6.66 -107.55 -60.03
C TYR B 106 6.63 -109.00 -60.51
N LEU B 107 6.51 -109.21 -61.83
CA LEU B 107 6.71 -110.49 -62.52
C LEU B 107 5.86 -111.62 -61.93
N GLY B 108 4.62 -111.31 -61.60
CA GLY B 108 3.66 -112.27 -61.10
C GLY B 108 3.88 -112.77 -59.66
N LYS B 109 4.72 -112.14 -58.83
CA LYS B 109 4.66 -112.35 -57.38
C LYS B 109 3.48 -111.58 -56.75
N THR B 110 3.08 -111.99 -55.55
CA THR B 110 2.18 -111.24 -54.67
C THR B 110 2.91 -110.05 -54.07
N VAL B 111 2.37 -108.86 -54.24
CA VAL B 111 2.97 -107.61 -53.78
C VAL B 111 2.45 -107.31 -52.38
N GLN B 112 3.32 -107.32 -51.40
CA GLN B 112 3.03 -107.20 -49.98
C GLN B 112 3.49 -105.84 -49.46
N ILE B 113 2.87 -105.25 -48.45
CA ILE B 113 3.40 -104.02 -47.85
C ILE B 113 4.84 -104.18 -47.35
N VAL B 114 5.16 -105.27 -46.64
CA VAL B 114 6.54 -105.73 -46.42
C VAL B 114 6.77 -106.99 -47.29
N PRO B 115 7.78 -107.07 -48.16
CA PRO B 115 8.84 -106.08 -48.38
C PRO B 115 8.49 -104.96 -49.37
N HIS B 116 7.59 -105.18 -50.33
CA HIS B 116 7.52 -104.40 -51.58
C HIS B 116 7.26 -102.92 -51.41
N LEU B 117 6.22 -102.51 -50.68
CA LEU B 117 5.97 -101.09 -50.41
C LEU B 117 7.09 -100.51 -49.53
N THR B 118 7.56 -101.20 -48.50
CA THR B 118 8.69 -100.70 -47.72
C THR B 118 10.01 -100.66 -48.48
N ASN B 119 10.14 -101.38 -49.58
CA ASN B 119 11.26 -101.28 -50.51
C ASN B 119 11.08 -100.15 -51.49
N ALA B 120 9.86 -99.84 -51.92
CA ALA B 120 9.60 -98.65 -52.71
C ALA B 120 10.00 -97.38 -51.97
N ILE B 121 9.71 -97.31 -50.66
CA ILE B 121 10.10 -96.20 -49.80
C ILE B 121 11.63 -96.05 -49.73
N GLN B 122 12.37 -97.13 -49.56
CA GLN B 122 13.84 -97.10 -49.50
C GLN B 122 14.50 -96.86 -50.86
N ASP B 123 13.91 -97.34 -51.96
CA ASP B 123 14.31 -97.00 -53.32
C ASP B 123 14.09 -95.52 -53.63
N TRP B 124 12.97 -94.95 -53.20
CA TRP B 124 12.67 -93.52 -53.32
C TRP B 124 13.66 -92.67 -52.52
N ILE B 125 13.86 -92.94 -51.24
CA ILE B 125 14.74 -92.12 -50.40
C ILE B 125 16.16 -92.12 -50.95
N GLN B 126 16.67 -93.22 -51.50
CA GLN B 126 17.97 -93.28 -52.17
C GLN B 126 17.97 -92.57 -53.53
N ARG B 127 16.96 -92.76 -54.38
CA ARG B 127 16.81 -92.02 -55.64
C ARG B 127 16.87 -90.52 -55.39
N VAL B 128 16.07 -90.04 -54.45
CA VAL B 128 15.84 -88.62 -54.20
C VAL B 128 16.94 -87.96 -53.39
N SER B 129 17.54 -88.62 -52.40
CA SER B 129 18.61 -87.99 -51.63
C SER B 129 19.89 -87.75 -52.44
N LYS B 130 20.10 -88.41 -53.58
CA LYS B 130 21.20 -88.09 -54.50
C LYS B 130 20.92 -86.94 -55.50
N ILE B 131 19.71 -86.37 -55.55
CA ILE B 131 19.35 -85.27 -56.49
C ILE B 131 20.12 -83.98 -56.12
N PRO B 132 20.69 -83.21 -57.08
CA PRO B 132 21.34 -81.93 -56.79
C PRO B 132 20.37 -80.84 -56.34
N VAL B 133 20.64 -80.22 -55.21
CA VAL B 133 19.78 -79.18 -54.60
C VAL B 133 20.46 -77.82 -54.38
N ASP B 134 21.77 -77.75 -54.58
CA ASP B 134 22.61 -76.54 -54.53
C ASP B 134 22.75 -75.85 -55.90
N ASP B 135 23.49 -74.74 -55.93
CA ASP B 135 23.92 -74.05 -57.16
C ASP B 135 24.99 -74.84 -57.95
N THR B 136 25.59 -75.86 -57.33
CA THR B 136 26.60 -76.75 -57.92
C THR B 136 26.04 -78.17 -58.11
N GLY B 137 26.49 -78.85 -59.16
CA GLY B 137 26.05 -80.20 -59.56
C GLY B 137 26.64 -81.35 -58.73
N LEU B 138 27.00 -81.10 -57.48
CA LEU B 138 27.40 -82.14 -56.53
C LEU B 138 26.18 -82.89 -55.98
N GLU B 139 26.24 -84.21 -55.81
CA GLU B 139 25.23 -84.92 -55.00
C GLU B 139 25.42 -84.56 -53.51
N PRO B 140 24.34 -84.49 -52.71
CA PRO B 140 24.44 -84.14 -51.30
C PRO B 140 25.35 -85.06 -50.44
N ASP B 141 25.70 -84.60 -49.25
CA ASP B 141 26.43 -85.37 -48.25
C ASP B 141 25.53 -85.94 -47.15
N VAL B 142 24.49 -85.20 -46.78
CA VAL B 142 23.52 -85.56 -45.74
C VAL B 142 22.10 -85.36 -46.27
N CYS B 143 21.16 -86.24 -45.96
CA CYS B 143 19.73 -86.05 -46.09
C CYS B 143 19.09 -85.96 -44.71
N ILE B 144 18.26 -84.95 -44.46
CA ILE B 144 17.38 -84.92 -43.29
C ILE B 144 16.04 -85.49 -43.73
N ILE B 145 15.47 -86.43 -43.02
CA ILE B 145 14.12 -86.89 -43.25
C ILE B 145 13.28 -86.38 -42.09
N GLU B 146 12.28 -85.57 -42.32
CA GLU B 146 11.27 -85.28 -41.31
C GLU B 146 10.15 -86.30 -41.50
N LEU B 147 9.95 -87.17 -40.52
CA LEU B 147 8.87 -88.13 -40.47
C LEU B 147 7.64 -87.46 -39.86
N GLY B 148 6.68 -87.05 -40.69
CA GLY B 148 5.44 -86.40 -40.26
C GLY B 148 4.52 -87.26 -39.39
N GLY B 149 3.53 -86.64 -38.77
CA GLY B 149 2.63 -87.28 -37.82
C GLY B 149 3.31 -87.68 -36.51
N THR B 150 2.81 -88.72 -35.84
CA THR B 150 3.40 -89.28 -34.63
C THR B 150 3.70 -90.76 -34.84
N VAL B 151 4.78 -91.24 -34.24
CA VAL B 151 5.15 -92.68 -34.24
C VAL B 151 4.10 -93.46 -33.45
N GLY B 152 3.66 -94.61 -33.95
CA GLY B 152 2.59 -95.40 -33.32
C GLY B 152 1.19 -95.17 -33.90
N ASP B 153 1.04 -94.29 -34.88
CA ASP B 153 -0.18 -94.15 -35.69
C ASP B 153 -0.18 -95.13 -36.87
N ILE B 154 -1.33 -95.69 -37.25
CA ILE B 154 -1.49 -96.64 -38.36
C ILE B 154 -0.94 -96.08 -39.67
N GLU B 155 -1.19 -94.81 -39.99
CA GLU B 155 -0.66 -94.14 -41.18
C GLU B 155 0.86 -94.05 -41.21
N SER B 156 1.53 -94.03 -40.06
CA SER B 156 2.99 -94.00 -39.96
C SER B 156 3.62 -95.38 -40.10
N ALA B 157 2.86 -96.48 -39.93
CA ALA B 157 3.36 -97.84 -39.78
C ALA B 157 4.26 -98.31 -40.93
N PRO B 158 3.87 -98.21 -42.22
CA PRO B 158 4.78 -98.49 -43.33
C PRO B 158 6.04 -97.62 -43.36
N PHE B 159 6.02 -96.36 -42.95
CA PHE B 159 7.21 -95.49 -42.99
C PHE B 159 8.19 -95.80 -41.87
N VAL B 160 7.75 -96.04 -40.64
CA VAL B 160 8.66 -96.51 -39.59
C VAL B 160 9.21 -97.90 -39.89
N GLU B 161 8.44 -98.79 -40.51
CA GLU B 161 8.95 -100.10 -40.92
C GLU B 161 9.99 -100.00 -42.04
N ALA B 162 9.78 -99.14 -43.03
CA ALA B 162 10.81 -98.84 -44.01
C ALA B 162 12.05 -98.23 -43.36
N LEU B 163 11.94 -97.35 -42.36
CA LEU B 163 13.09 -96.74 -41.71
C LEU B 163 13.84 -97.72 -40.81
N ARG B 164 13.13 -98.63 -40.14
CA ARG B 164 13.71 -99.77 -39.43
C ARG B 164 14.59 -100.61 -40.35
N GLN B 165 14.14 -100.91 -41.55
CA GLN B 165 14.94 -101.62 -42.54
C GLN B 165 16.04 -100.75 -43.14
N PHE B 166 15.79 -99.46 -43.37
CA PHE B 166 16.76 -98.56 -43.95
C PHE B 166 17.98 -98.37 -43.04
N GLN B 167 17.79 -98.42 -41.72
CA GLN B 167 18.87 -98.40 -40.73
C GLN B 167 19.90 -99.53 -40.94
N PHE B 168 19.53 -100.61 -41.64
CA PHE B 168 20.39 -101.76 -41.93
C PHE B 168 20.73 -101.94 -43.40
N GLU B 169 19.83 -101.59 -44.32
CA GLU B 169 20.10 -101.61 -45.75
C GLU B 169 21.18 -100.58 -46.12
N VAL B 170 21.19 -99.45 -45.42
CA VAL B 170 22.32 -98.53 -45.30
C VAL B 170 23.06 -98.87 -44.00
N GLY B 171 24.37 -98.63 -43.91
CA GLY B 171 25.11 -99.00 -42.70
C GLY B 171 24.70 -98.16 -41.47
N ARG B 172 24.95 -98.66 -40.25
CA ARG B 172 25.07 -97.78 -39.08
C ARG B 172 26.18 -96.75 -39.33
N GLU B 173 26.18 -95.64 -38.59
CA GLU B 173 27.07 -94.48 -38.83
C GLU B 173 26.87 -93.80 -40.19
N ASN B 174 25.93 -94.27 -41.01
CA ASN B 174 25.27 -93.50 -42.07
C ASN B 174 23.83 -93.10 -41.70
N PHE B 175 23.32 -93.45 -40.52
CA PHE B 175 21.94 -93.21 -40.10
C PHE B 175 21.91 -92.78 -38.64
N ALA B 176 21.17 -91.73 -38.30
CA ALA B 176 20.85 -91.35 -36.93
C ALA B 176 19.38 -90.93 -36.81
N LEU B 177 18.76 -91.14 -35.67
CA LEU B 177 17.39 -90.76 -35.38
C LEU B 177 17.35 -89.75 -34.23
N ILE B 178 16.73 -88.61 -34.46
CA ILE B 178 16.38 -87.62 -33.45
C ILE B 178 14.91 -87.80 -33.16
N HIS B 179 14.54 -87.97 -31.90
CA HIS B 179 13.13 -88.04 -31.52
C HIS B 179 12.77 -86.79 -30.76
N VAL B 180 11.76 -86.06 -31.21
CA VAL B 180 11.29 -84.85 -30.51
C VAL B 180 10.18 -85.29 -29.55
N SER B 181 10.17 -84.77 -28.33
CA SER B 181 9.26 -85.23 -27.28
C SER B 181 8.78 -84.07 -26.40
N LEU B 182 7.65 -84.22 -25.71
CA LEU B 182 7.08 -83.19 -24.84
C LEU B 182 7.34 -83.56 -23.38
N VAL B 183 7.87 -82.61 -22.61
CA VAL B 183 7.87 -82.66 -21.14
C VAL B 183 6.83 -81.66 -20.65
N PRO B 184 5.64 -82.09 -20.19
CA PRO B 184 4.69 -81.21 -19.51
C PRO B 184 5.28 -80.70 -18.21
N VAL B 185 4.89 -79.52 -17.78
CA VAL B 185 5.15 -79.00 -16.44
C VAL B 185 3.84 -78.70 -15.73
N ILE B 186 3.59 -79.39 -14.62
CA ILE B 186 2.31 -79.46 -13.91
C ILE B 186 2.56 -79.21 -12.42
N HIS B 187 1.97 -78.16 -11.85
CA HIS B 187 2.18 -77.72 -10.46
C HIS B 187 3.64 -77.50 -10.08
N GLY B 188 4.40 -76.95 -11.03
CA GLY B 188 5.84 -76.70 -10.88
C GLY B 188 6.74 -77.92 -10.99
N GLU B 189 6.24 -79.05 -11.48
CA GLU B 189 7.03 -80.27 -11.68
C GLU B 189 7.04 -80.70 -13.14
N GLN B 190 8.22 -80.94 -13.69
CA GLN B 190 8.44 -81.39 -15.06
C GLN B 190 8.25 -82.92 -15.14
N LYS B 191 7.29 -83.39 -15.93
CA LYS B 191 6.82 -84.78 -15.93
C LYS B 191 7.48 -85.60 -17.03
N THR B 192 8.10 -86.73 -16.67
CA THR B 192 8.82 -87.58 -17.64
C THR B 192 8.04 -88.74 -18.23
N LYS B 193 6.94 -89.22 -17.64
CA LYS B 193 6.22 -90.40 -18.16
C LYS B 193 5.66 -90.30 -19.59
N PRO B 194 5.34 -89.13 -20.18
CA PRO B 194 4.95 -89.06 -21.58
C PRO B 194 6.12 -89.36 -22.51
N THR B 195 7.32 -88.85 -22.21
CA THR B 195 8.51 -89.16 -23.01
C THR B 195 8.95 -90.61 -22.84
N GLN B 196 8.78 -91.23 -21.68
CA GLN B 196 9.07 -92.66 -21.48
C GLN B 196 8.14 -93.56 -22.31
N ALA B 197 6.84 -93.28 -22.34
CA ALA B 197 5.89 -94.00 -23.17
C ALA B 197 6.18 -93.84 -24.68
N ALA B 198 6.76 -92.73 -25.12
CA ALA B 198 7.19 -92.53 -26.49
C ALA B 198 8.47 -93.33 -26.84
N ILE B 199 9.39 -93.55 -25.89
CA ILE B 199 10.55 -94.41 -26.14
C ILE B 199 10.13 -95.89 -26.24
N LYS B 200 9.14 -96.33 -25.46
CA LYS B 200 8.53 -97.66 -25.61
C LYS B 200 7.92 -97.90 -26.98
N ASP B 201 7.22 -96.92 -27.57
CA ASP B 201 6.72 -97.06 -28.94
C ASP B 201 7.84 -97.20 -29.97
N LEU B 202 8.91 -96.43 -29.88
CA LEU B 202 10.07 -96.63 -30.75
C LEU B 202 10.68 -98.03 -30.59
N ARG B 203 10.90 -98.53 -29.37
CA ARG B 203 11.41 -99.90 -29.16
C ARG B 203 10.46 -100.95 -29.73
N SER B 204 9.16 -100.82 -29.45
CA SER B 204 8.14 -101.68 -30.01
C SER B 204 8.22 -101.76 -31.53
N LEU B 205 8.40 -100.62 -32.19
CA LEU B 205 8.55 -100.50 -33.63
C LEU B 205 9.99 -100.75 -34.13
N GLY B 206 10.94 -101.08 -33.27
CA GLY B 206 12.28 -101.52 -33.63
C GLY B 206 13.26 -100.41 -33.99
N LEU B 207 13.09 -99.21 -33.45
CA LEU B 207 14.00 -98.07 -33.61
C LEU B 207 14.54 -97.61 -32.26
N ILE B 208 15.79 -97.20 -32.22
CA ILE B 208 16.43 -96.54 -31.07
C ILE B 208 16.79 -95.10 -31.46
N PRO B 209 16.49 -94.08 -30.64
CA PRO B 209 16.87 -92.72 -30.91
C PRO B 209 18.29 -92.39 -30.40
N ASP B 210 19.02 -91.62 -31.18
CA ASP B 210 20.37 -91.17 -30.86
C ASP B 210 20.39 -89.87 -30.05
N MET B 211 19.46 -88.96 -30.35
CA MET B 211 19.12 -87.81 -29.53
C MET B 211 17.67 -87.94 -29.06
N ILE B 212 17.38 -87.48 -27.85
CA ILE B 212 16.03 -87.05 -27.47
C ILE B 212 16.05 -85.53 -27.49
N ALA B 213 15.19 -84.88 -28.25
CA ALA B 213 14.95 -83.46 -28.14
C ALA B 213 13.72 -83.23 -27.29
N CYS B 214 13.86 -82.62 -26.12
CA CYS B 214 12.74 -82.39 -25.22
C CYS B 214 12.23 -80.97 -25.32
N ARG B 215 10.96 -80.83 -25.68
CA ARG B 215 10.24 -79.58 -25.82
C ARG B 215 9.48 -79.34 -24.54
N CYS B 216 9.64 -78.15 -23.97
CA CYS B 216 9.15 -77.82 -22.64
C CYS B 216 8.86 -76.31 -22.52
N SER B 217 7.89 -75.93 -21.68
CA SER B 217 7.75 -74.54 -21.21
C SER B 217 8.77 -73.91 -20.26
N GLU B 218 9.83 -74.63 -19.90
CA GLU B 218 10.92 -74.21 -19.03
C GLU B 218 12.23 -74.78 -19.56
N GLU B 219 13.38 -74.27 -19.12
CA GLU B 219 14.61 -75.04 -19.20
C GLU B 219 14.43 -76.38 -18.46
N LEU B 220 14.92 -77.50 -19.00
CA LEU B 220 14.89 -78.75 -18.24
C LEU B 220 15.76 -78.65 -16.99
N ASN B 221 15.26 -79.13 -15.86
CA ASN B 221 16.08 -79.35 -14.68
C ASN B 221 17.08 -80.48 -14.93
N ARG B 222 18.29 -80.43 -14.38
CA ARG B 222 19.29 -81.49 -14.61
C ARG B 222 18.90 -82.84 -14.02
N SER B 223 18.07 -82.86 -12.99
CA SER B 223 17.43 -84.07 -12.48
C SER B 223 16.44 -84.69 -13.47
N THR B 224 15.72 -83.88 -14.25
CA THR B 224 14.81 -84.33 -15.32
C THR B 224 15.60 -84.93 -16.47
N ILE B 225 16.71 -84.29 -16.86
CA ILE B 225 17.63 -84.81 -17.86
C ILE B 225 18.22 -86.15 -17.42
N ASP B 226 18.73 -86.24 -16.19
CA ASP B 226 19.23 -87.50 -15.64
C ASP B 226 18.19 -88.61 -15.71
N LYS B 227 16.93 -88.32 -15.37
CA LYS B 227 15.84 -89.30 -15.42
C LYS B 227 15.55 -89.78 -16.84
N ILE B 228 15.50 -88.89 -17.82
CA ILE B 228 15.29 -89.27 -19.22
C ILE B 228 16.46 -90.13 -19.69
N ALA B 229 17.68 -89.79 -19.30
CA ALA B 229 18.90 -90.55 -19.59
C ALA B 229 19.03 -91.87 -18.80
N MET B 230 18.19 -92.14 -17.79
CA MET B 230 18.08 -93.44 -17.14
C MET B 230 17.14 -94.37 -17.89
N PHE B 231 15.94 -93.89 -18.23
CA PHE B 231 14.92 -94.70 -18.89
C PHE B 231 15.27 -95.02 -20.36
N CYS B 232 15.65 -94.02 -21.14
CA CYS B 232 16.27 -94.22 -22.44
C CYS B 232 17.76 -94.59 -22.25
N HIS B 233 18.32 -95.55 -22.99
CA HIS B 233 19.73 -95.93 -22.80
C HIS B 233 20.68 -95.02 -23.59
N VAL B 234 20.80 -93.77 -23.12
CA VAL B 234 21.57 -92.67 -23.71
C VAL B 234 22.25 -91.84 -22.61
N GLY B 235 23.39 -91.20 -22.89
CA GLY B 235 24.04 -90.34 -21.91
C GLY B 235 23.31 -89.01 -21.68
N PRO B 236 23.67 -88.20 -20.66
CA PRO B 236 23.09 -86.87 -20.45
C PRO B 236 23.32 -85.90 -21.62
N GLU B 237 24.41 -86.10 -22.35
CA GLU B 237 24.83 -85.27 -23.47
C GLU B 237 23.99 -85.49 -24.74
N GLN B 238 23.06 -86.45 -24.70
CA GLN B 238 22.17 -86.86 -25.77
C GLN B 238 20.70 -86.48 -25.55
N VAL B 239 20.36 -85.86 -24.42
CA VAL B 239 19.09 -85.15 -24.27
C VAL B 239 19.37 -83.67 -24.48
N VAL B 240 18.81 -83.10 -25.55
CA VAL B 240 18.85 -81.65 -25.81
C VAL B 240 17.58 -81.01 -25.30
N ASN B 241 17.77 -79.93 -24.57
CA ASN B 241 16.75 -79.11 -23.95
C ASN B 241 16.31 -78.05 -24.95
N VAL B 242 15.14 -78.20 -25.58
CA VAL B 242 14.64 -77.31 -26.64
C VAL B 242 13.41 -76.55 -26.13
N HIS B 243 13.62 -75.67 -25.16
CA HIS B 243 12.53 -74.91 -24.54
C HIS B 243 11.85 -73.93 -25.49
N ASP B 244 10.69 -73.43 -25.07
CA ASP B 244 9.94 -72.41 -25.81
C ASP B 244 10.70 -71.07 -25.86
N VAL B 245 11.08 -70.64 -27.06
CA VAL B 245 11.76 -69.36 -27.31
C VAL B 245 10.91 -68.46 -28.20
N ASN B 246 10.97 -67.14 -28.02
CA ASN B 246 10.18 -66.17 -28.78
C ASN B 246 10.50 -66.14 -30.30
N SER B 247 11.70 -66.52 -30.72
CA SER B 247 12.22 -66.47 -32.10
C SER B 247 12.84 -67.82 -32.50
N THR B 248 12.53 -68.34 -33.70
CA THR B 248 13.12 -69.59 -34.18
C THR B 248 14.49 -69.43 -34.83
N TYR B 249 14.93 -68.22 -35.17
CA TYR B 249 16.30 -67.95 -35.61
C TYR B 249 17.32 -68.20 -34.50
N HIS B 250 16.89 -68.27 -33.24
CA HIS B 250 17.73 -68.60 -32.11
C HIS B 250 17.94 -70.11 -31.93
N VAL B 251 17.01 -70.96 -32.38
CA VAL B 251 17.09 -72.40 -32.16
C VAL B 251 18.37 -73.05 -32.69
N PRO B 252 18.95 -72.69 -33.85
CA PRO B 252 20.27 -73.21 -34.20
C PRO B 252 21.37 -72.90 -33.18
N LEU B 253 21.39 -71.71 -32.62
CA LEU B 253 22.40 -71.34 -31.64
C LEU B 253 22.12 -71.98 -30.27
N LEU B 254 20.89 -72.39 -29.96
CA LEU B 254 20.62 -73.26 -28.81
C LEU B 254 21.30 -74.63 -28.95
N LEU B 255 21.14 -75.27 -30.11
CA LEU B 255 21.64 -76.61 -30.32
C LEU B 255 23.16 -76.62 -30.52
N LEU B 256 23.73 -75.54 -31.06
CA LEU B 256 25.18 -75.33 -31.08
C LEU B 256 25.76 -75.22 -29.65
N LYS B 257 25.14 -74.45 -28.76
CA LYS B 257 25.48 -74.42 -27.33
C LYS B 257 25.40 -75.79 -26.64
N GLN B 258 24.57 -76.70 -27.13
CA GLN B 258 24.30 -78.02 -26.55
C GLN B 258 25.07 -79.16 -27.24
N HIS B 259 26.17 -78.86 -27.94
CA HIS B 259 27.08 -79.86 -28.50
C HIS B 259 26.47 -80.81 -29.53
N MET B 260 25.34 -80.46 -30.15
CA MET B 260 24.65 -81.40 -31.03
C MET B 260 25.38 -81.65 -32.35
N ILE B 261 26.07 -80.64 -32.92
CA ILE B 261 27.05 -80.88 -33.99
C ILE B 261 28.15 -81.81 -33.48
N ASP B 262 28.73 -81.54 -32.31
CA ASP B 262 29.88 -82.28 -31.79
C ASP B 262 29.51 -83.74 -31.55
N TYR B 263 28.28 -84.03 -31.11
CA TYR B 263 27.77 -85.38 -30.97
C TYR B 263 27.61 -86.05 -32.33
N LEU B 264 26.82 -85.45 -33.22
CA LEU B 264 26.54 -85.98 -34.55
C LEU B 264 27.80 -86.17 -35.38
N HIS B 265 28.84 -85.37 -35.21
CA HIS B 265 30.14 -85.53 -35.88
C HIS B 265 30.87 -86.83 -35.48
N SER B 266 30.68 -87.29 -34.23
CA SER B 266 31.19 -88.56 -33.70
C SER B 266 30.23 -89.76 -33.88
N ARG B 267 28.93 -89.51 -33.93
CA ARG B 267 27.88 -90.52 -34.23
C ARG B 267 27.72 -90.86 -35.71
N LEU B 268 28.02 -89.94 -36.61
CA LEU B 268 27.88 -90.10 -38.06
C LEU B 268 29.21 -90.05 -38.81
N LYS B 269 30.35 -90.00 -38.11
CA LYS B 269 31.71 -89.93 -38.70
C LYS B 269 31.81 -88.85 -39.78
N LEU B 270 31.32 -87.65 -39.47
CA LEU B 270 31.19 -86.59 -40.47
C LEU B 270 32.53 -85.98 -40.87
N GLY B 271 33.56 -86.11 -40.03
CA GLY B 271 34.93 -85.71 -40.33
C GLY B 271 35.62 -86.58 -41.39
N GLU B 272 35.03 -87.72 -41.74
CA GLU B 272 35.52 -88.64 -42.73
C GLU B 272 34.86 -88.45 -44.10
N VAL B 273 33.88 -87.54 -44.22
CA VAL B 273 33.40 -87.06 -45.53
C VAL B 273 34.48 -86.15 -46.14
N PRO B 274 34.90 -86.35 -47.41
CA PRO B 274 35.88 -85.47 -48.04
C PRO B 274 35.32 -84.06 -48.21
N LEU B 275 36.06 -83.06 -47.74
CA LEU B 275 35.79 -81.64 -47.96
C LEU B 275 37.11 -80.88 -48.12
N THR B 276 37.09 -79.79 -48.88
CA THR B 276 38.22 -78.86 -49.04
C THR B 276 38.27 -77.83 -47.90
N LEU B 277 39.35 -77.06 -47.78
CA LEU B 277 39.35 -75.85 -46.95
C LEU B 277 38.37 -74.78 -47.47
N GLU B 278 38.09 -74.72 -48.78
CA GLU B 278 37.08 -73.81 -49.32
C GLU B 278 35.70 -74.12 -48.72
N ASP B 279 35.31 -75.40 -48.69
CA ASP B 279 34.08 -75.85 -48.03
C ASP B 279 34.05 -75.50 -46.54
N LYS B 280 35.19 -75.59 -45.85
CA LYS B 280 35.29 -75.27 -44.42
C LYS B 280 35.36 -73.77 -44.10
N GLU B 281 35.69 -72.89 -45.04
CA GLU B 281 35.49 -71.43 -44.87
C GLU B 281 34.02 -71.07 -45.09
N ARG B 282 33.38 -71.63 -46.13
CA ARG B 282 31.96 -71.37 -46.41
C ARG B 282 31.05 -71.75 -45.25
N GLY B 283 31.35 -72.84 -44.55
CA GLY B 283 30.59 -73.26 -43.39
C GLY B 283 30.58 -72.24 -42.24
N SER B 284 31.73 -71.78 -41.78
CA SER B 284 31.81 -70.77 -40.71
C SER B 284 31.42 -69.36 -41.17
N GLN B 285 31.52 -69.05 -42.46
CA GLN B 285 30.98 -67.84 -43.07
C GLN B 285 29.44 -67.80 -43.02
N LEU B 286 28.75 -68.93 -43.24
CA LEU B 286 27.33 -69.03 -42.91
C LEU B 286 27.06 -68.95 -41.41
N LEU B 287 27.90 -69.54 -40.55
CA LEU B 287 27.67 -69.47 -39.10
C LEU B 287 27.75 -68.03 -38.59
N THR B 288 28.82 -67.32 -38.93
CA THR B 288 28.99 -65.92 -38.53
C THR B 288 27.90 -65.02 -39.12
N ASN B 289 27.44 -65.23 -40.36
CA ASN B 289 26.25 -64.56 -40.87
C ASN B 289 24.97 -64.86 -40.05
N TRP B 290 24.80 -66.07 -39.50
CA TRP B 290 23.68 -66.39 -38.61
C TRP B 290 23.80 -65.68 -37.25
N GLU B 291 24.98 -65.69 -36.64
CA GLU B 291 25.26 -64.95 -35.42
C GLU B 291 25.08 -63.44 -35.61
N ASN B 292 25.44 -62.89 -36.78
CA ASN B 292 25.17 -61.50 -37.10
C ASN B 292 23.66 -61.23 -37.13
N MET B 293 22.87 -61.93 -37.95
CA MET B 293 21.45 -61.63 -38.03
C MET B 293 20.70 -61.87 -36.71
N THR B 294 21.14 -62.81 -35.87
CA THR B 294 20.53 -63.03 -34.54
C THR B 294 20.96 -62.00 -33.51
N LYS B 295 22.19 -61.49 -33.56
CA LYS B 295 22.59 -60.32 -32.77
C LYS B 295 21.80 -59.09 -33.20
N ASN B 296 21.70 -58.79 -34.49
CA ASN B 296 20.91 -57.68 -35.05
C ASN B 296 19.40 -57.81 -34.81
N LEU B 297 18.90 -59.01 -34.50
CA LEU B 297 17.53 -59.26 -34.04
C LEU B 297 17.35 -58.85 -32.58
N ASP B 298 18.32 -59.09 -31.72
CA ASP B 298 18.23 -58.84 -30.28
C ASP B 298 18.50 -57.39 -29.86
N ASP B 299 19.41 -56.68 -30.52
CA ASP B 299 19.75 -55.29 -30.13
C ASP B 299 19.03 -54.21 -30.97
N SER B 300 18.32 -54.61 -32.04
CA SER B 300 17.35 -53.74 -32.72
C SER B 300 16.17 -53.38 -31.82
N ASP B 301 15.62 -52.20 -32.01
CA ASP B 301 14.64 -51.57 -31.13
C ASP B 301 13.57 -50.79 -31.90
N ASP B 302 13.95 -50.04 -32.94
CA ASP B 302 12.99 -49.23 -33.70
C ASP B 302 12.01 -50.12 -34.48
N VAL B 303 10.71 -49.93 -34.28
CA VAL B 303 9.63 -50.74 -34.88
C VAL B 303 9.26 -50.27 -36.29
N VAL B 304 8.80 -51.19 -37.14
CA VAL B 304 8.01 -50.89 -38.34
C VAL B 304 6.74 -51.73 -38.37
N LYS B 305 5.61 -51.14 -38.71
CA LYS B 305 4.30 -51.80 -38.71
C LYS B 305 3.81 -52.02 -40.13
N ILE B 306 3.53 -53.25 -40.52
CA ILE B 306 3.01 -53.61 -41.84
C ILE B 306 1.60 -54.18 -41.68
N ALA B 307 0.61 -53.62 -42.34
CA ALA B 307 -0.69 -54.25 -42.44
C ALA B 307 -0.65 -55.37 -43.47
N LEU B 308 -0.95 -56.60 -43.07
CA LEU B 308 -1.23 -57.69 -43.99
C LEU B 308 -2.75 -57.81 -44.11
N VAL B 309 -3.28 -57.48 -45.29
CA VAL B 309 -4.72 -57.37 -45.55
C VAL B 309 -5.20 -58.60 -46.30
N GLY B 310 -6.02 -59.45 -45.68
CA GLY B 310 -6.40 -60.74 -46.28
C GLY B 310 -7.64 -61.35 -45.66
N LYS B 311 -7.93 -62.63 -45.90
CA LYS B 311 -8.94 -63.39 -45.13
C LYS B 311 -8.29 -64.39 -44.19
N TYR B 312 -9.03 -64.83 -43.19
CA TYR B 312 -8.61 -65.88 -42.25
C TYR B 312 -7.28 -65.55 -41.55
N THR B 313 -7.09 -64.29 -41.18
CA THR B 313 -5.82 -63.81 -40.60
C THR B 313 -5.58 -64.30 -39.18
N ASN B 314 -6.54 -65.02 -38.60
CA ASN B 314 -6.47 -65.72 -37.33
C ASN B 314 -5.64 -67.03 -37.42
N LEU B 315 -5.65 -67.72 -38.57
CA LEU B 315 -4.77 -68.85 -38.87
C LEU B 315 -3.48 -68.33 -39.50
N LYS B 316 -2.56 -67.80 -38.69
CA LYS B 316 -1.33 -67.11 -39.15
C LYS B 316 -0.40 -67.97 -40.02
N ASP B 317 -0.52 -69.30 -39.92
CA ASP B 317 0.13 -70.30 -40.76
C ASP B 317 -0.36 -70.30 -42.22
N SER B 318 -1.55 -69.77 -42.52
CA SER B 318 -2.06 -69.55 -43.88
C SER B 318 -1.25 -68.52 -44.68
N TYR B 319 -0.31 -67.84 -44.03
CA TYR B 319 0.55 -66.80 -44.60
C TYR B 319 2.00 -67.03 -44.20
N LEU B 320 2.41 -68.28 -43.93
CA LEU B 320 3.71 -68.53 -43.33
C LEU B 320 4.87 -67.99 -44.16
N SER B 321 4.87 -68.15 -45.48
CA SER B 321 5.96 -67.67 -46.32
C SER B 321 5.96 -66.17 -46.47
N VAL B 322 4.78 -65.53 -46.52
CA VAL B 322 4.63 -64.09 -46.48
C VAL B 322 5.23 -63.52 -45.19
N THR B 323 4.90 -64.13 -44.07
CA THR B 323 5.36 -63.74 -42.76
C THR B 323 6.87 -63.82 -42.67
N LYS B 324 7.47 -64.95 -43.05
CA LYS B 324 8.93 -65.12 -43.08
C LYS B 324 9.59 -64.11 -44.00
N SER B 325 8.99 -63.83 -45.15
CA SER B 325 9.53 -62.86 -46.11
C SER B 325 9.49 -61.40 -45.61
N LEU B 326 8.46 -61.02 -44.83
CA LEU B 326 8.46 -59.74 -44.10
C LEU B 326 9.49 -59.69 -42.99
N GLU B 327 9.69 -60.79 -42.26
CA GLU B 327 10.75 -60.91 -41.28
C GLU B 327 12.13 -60.77 -41.90
N HIS B 328 12.44 -61.43 -43.01
CA HIS B 328 13.76 -61.33 -43.61
C HIS B 328 14.03 -59.88 -44.05
N ALA B 329 13.03 -59.19 -44.58
CA ALA B 329 13.14 -57.78 -44.96
C ALA B 329 13.42 -56.88 -43.75
N SER B 330 12.64 -57.06 -42.69
CA SER B 330 12.82 -56.42 -41.40
C SER B 330 14.21 -56.65 -40.83
N MET B 331 14.74 -57.87 -40.83
CA MET B 331 16.07 -58.16 -40.32
C MET B 331 17.18 -57.47 -41.12
N LYS B 332 17.04 -57.35 -42.44
CA LYS B 332 17.99 -56.61 -43.29
C LYS B 332 17.91 -55.09 -43.14
N CYS B 333 16.74 -54.55 -42.80
CA CYS B 333 16.57 -53.13 -42.42
C CYS B 333 16.95 -52.82 -40.97
N ARG B 334 17.14 -53.83 -40.12
CA ARG B 334 17.42 -53.73 -38.67
C ARG B 334 16.35 -52.99 -37.88
N ARG B 335 15.08 -53.21 -38.23
CA ARG B 335 13.89 -52.70 -37.51
C ARG B 335 12.98 -53.84 -37.12
N GLN B 336 12.41 -53.78 -35.93
CA GLN B 336 11.51 -54.81 -35.38
C GLN B 336 10.19 -54.82 -36.13
N LEU B 337 9.82 -55.96 -36.70
CA LEU B 337 8.56 -56.08 -37.43
C LEU B 337 7.41 -56.27 -36.47
N GLU B 338 6.36 -55.49 -36.62
CA GLU B 338 5.03 -55.89 -36.18
C GLU B 338 4.15 -56.08 -37.42
N ILE B 339 3.63 -57.28 -37.64
CA ILE B 339 2.54 -57.48 -38.58
C ILE B 339 1.24 -57.09 -37.88
N LEU B 340 0.50 -56.19 -38.49
CA LEU B 340 -0.87 -55.90 -38.15
C LEU B 340 -1.73 -56.78 -39.05
N TRP B 341 -2.45 -57.73 -38.48
CA TRP B 341 -3.29 -58.67 -39.22
C TRP B 341 -4.68 -58.07 -39.44
N VAL B 342 -5.03 -57.77 -40.69
CA VAL B 342 -6.24 -57.02 -41.05
C VAL B 342 -7.16 -57.91 -41.88
N GLU B 343 -8.33 -58.30 -41.38
CA GLU B 343 -9.30 -59.00 -42.22
C GLU B 343 -9.98 -58.04 -43.19
N ALA B 344 -9.80 -58.24 -44.49
CA ALA B 344 -10.27 -57.31 -45.51
C ALA B 344 -11.80 -57.13 -45.51
N SER B 345 -12.57 -58.18 -45.25
CA SER B 345 -14.03 -58.08 -45.14
C SER B 345 -14.46 -57.12 -44.02
N ASN B 346 -13.73 -57.06 -42.90
CA ASN B 346 -14.04 -56.13 -41.80
C ASN B 346 -13.82 -54.66 -42.18
N LEU B 347 -12.98 -54.35 -43.18
CA LEU B 347 -12.83 -53.00 -43.72
C LEU B 347 -14.06 -52.52 -44.47
N GLU B 348 -14.93 -53.40 -44.94
CA GLU B 348 -16.14 -53.03 -45.67
C GLU B 348 -17.17 -52.35 -44.74
N PRO B 349 -17.86 -51.27 -45.19
CA PRO B 349 -18.77 -50.52 -44.33
C PRO B 349 -19.89 -51.33 -43.69
N GLU B 350 -20.39 -52.37 -44.37
CA GLU B 350 -21.45 -53.24 -43.87
C GLU B 350 -21.08 -53.91 -42.53
N THR B 351 -19.79 -54.11 -42.26
CA THR B 351 -19.32 -54.61 -40.97
C THR B 351 -19.74 -53.69 -39.82
N GLN B 352 -19.82 -52.39 -40.04
CA GLN B 352 -20.29 -51.42 -39.05
C GLN B 352 -21.79 -51.59 -38.73
N GLU B 353 -22.56 -52.27 -39.59
CA GLU B 353 -23.93 -52.70 -39.28
C GLU B 353 -23.93 -54.04 -38.51
N VAL B 354 -22.98 -54.92 -38.82
CA VAL B 354 -22.87 -56.28 -38.26
C VAL B 354 -22.23 -56.30 -36.86
N ASP B 355 -21.06 -55.71 -36.70
CA ASP B 355 -20.31 -55.56 -35.44
C ASP B 355 -19.33 -54.38 -35.51
N LYS B 356 -19.63 -53.30 -34.80
CA LYS B 356 -18.83 -52.07 -34.84
C LYS B 356 -17.43 -52.25 -34.29
N ASN B 357 -17.23 -53.14 -33.32
CA ASN B 357 -15.91 -53.46 -32.77
C ASN B 357 -14.94 -53.95 -33.87
N LYS B 358 -15.36 -54.86 -34.75
CA LYS B 358 -14.56 -55.38 -35.87
C LYS B 358 -14.29 -54.34 -36.94
N PHE B 359 -15.25 -53.46 -37.23
CA PHE B 359 -15.05 -52.41 -38.22
C PHE B 359 -13.96 -51.45 -37.78
N HIS B 360 -14.08 -50.89 -36.58
CA HIS B 360 -13.10 -49.92 -36.09
C HIS B 360 -11.73 -50.55 -35.83
N ASP B 361 -11.59 -51.76 -35.28
CA ASP B 361 -10.25 -52.35 -35.09
C ASP B 361 -9.52 -52.56 -36.42
N SER B 362 -10.21 -52.93 -37.48
CA SER B 362 -9.61 -53.05 -38.81
C SER B 362 -9.08 -51.71 -39.33
N TRP B 363 -9.85 -50.62 -39.24
CA TRP B 363 -9.42 -49.31 -39.74
C TRP B 363 -8.44 -48.61 -38.80
N ASN B 364 -8.53 -48.87 -37.51
CA ASN B 364 -7.52 -48.56 -36.50
C ASN B 364 -6.16 -49.15 -36.90
N LYS B 365 -6.10 -50.44 -37.25
CA LYS B 365 -4.87 -51.08 -37.76
C LYS B 365 -4.44 -50.52 -39.10
N LEU B 366 -5.31 -50.39 -40.09
CA LEU B 366 -4.91 -49.92 -41.42
C LEU B 366 -4.39 -48.46 -41.41
N SER B 367 -4.92 -47.60 -40.55
CA SER B 367 -4.40 -46.23 -40.34
C SER B 367 -3.05 -46.19 -39.62
N SER B 368 -2.80 -47.19 -38.77
CA SER B 368 -1.58 -47.33 -37.97
C SER B 368 -0.37 -47.80 -38.79
N ALA B 369 -0.63 -48.44 -39.94
CA ALA B 369 0.36 -49.10 -40.76
C ALA B 369 1.36 -48.16 -41.44
N ASP B 370 2.65 -48.43 -41.32
CA ASP B 370 3.72 -47.77 -42.05
C ASP B 370 3.86 -48.30 -43.49
N GLY B 371 3.34 -49.47 -43.78
CA GLY B 371 3.24 -50.08 -45.09
C GLY B 371 2.10 -51.09 -45.14
N ILE B 372 1.64 -51.44 -46.33
CA ILE B 372 0.53 -52.35 -46.58
C ILE B 372 0.99 -53.46 -47.52
N LEU B 373 0.62 -54.69 -47.19
CA LEU B 373 0.73 -55.84 -48.07
C LEU B 373 -0.66 -56.40 -48.34
N VAL B 374 -1.03 -56.55 -49.61
CA VAL B 374 -2.10 -57.46 -50.04
C VAL B 374 -1.41 -58.75 -50.49
N PRO B 375 -1.57 -59.87 -49.77
CA PRO B 375 -0.60 -60.96 -49.69
C PRO B 375 -0.65 -62.02 -50.79
N GLY B 376 -1.67 -62.01 -51.65
CA GLY B 376 -1.92 -63.09 -52.61
C GLY B 376 -2.73 -64.22 -52.00
N GLY B 377 -3.98 -63.92 -51.64
CA GLY B 377 -4.94 -64.86 -51.08
C GLY B 377 -5.60 -65.78 -52.11
N PHE B 378 -6.72 -66.36 -51.71
CA PHE B 378 -7.42 -67.46 -52.35
C PHE B 378 -8.94 -67.30 -52.15
N GLY B 379 -9.74 -67.39 -53.21
CA GLY B 379 -11.20 -67.21 -53.18
C GLY B 379 -11.64 -65.74 -53.05
N THR B 380 -12.43 -65.25 -54.00
CA THR B 380 -12.67 -63.81 -54.25
C THR B 380 -13.49 -63.05 -53.20
N ARG B 381 -13.99 -63.71 -52.14
CA ARG B 381 -14.99 -63.16 -51.20
C ARG B 381 -14.62 -61.86 -50.47
N GLY B 382 -13.33 -61.52 -50.35
CA GLY B 382 -12.83 -60.33 -49.63
C GLY B 382 -12.45 -59.12 -50.50
N ILE B 383 -12.60 -59.21 -51.83
CA ILE B 383 -12.03 -58.23 -52.77
C ILE B 383 -12.55 -56.81 -52.55
N GLU B 384 -13.83 -56.62 -52.27
CA GLU B 384 -14.40 -55.27 -52.07
C GLU B 384 -13.81 -54.56 -50.85
N GLY B 385 -13.37 -55.32 -49.84
CA GLY B 385 -12.56 -54.81 -48.73
C GLY B 385 -11.13 -54.45 -49.14
N MET B 386 -10.45 -55.30 -49.88
CA MET B 386 -9.09 -55.02 -50.34
C MET B 386 -9.02 -53.84 -51.31
N ILE B 387 -10.08 -53.59 -52.07
CA ILE B 387 -10.21 -52.41 -52.94
C ILE B 387 -10.14 -51.11 -52.11
N LEU B 388 -10.76 -51.09 -50.93
CA LEU B 388 -10.61 -49.98 -49.99
C LEU B 388 -9.16 -49.84 -49.54
N ALA B 389 -8.50 -50.94 -49.16
CA ALA B 389 -7.11 -50.91 -48.71
C ALA B 389 -6.14 -50.42 -49.79
N ALA B 390 -6.35 -50.82 -51.05
CA ALA B 390 -5.60 -50.31 -52.19
C ALA B 390 -5.91 -48.83 -52.47
N LYS B 391 -7.18 -48.41 -52.35
CA LYS B 391 -7.58 -46.99 -52.52
C LYS B 391 -6.89 -46.13 -51.46
N TRP B 392 -7.03 -46.49 -50.19
CA TRP B 392 -6.37 -45.85 -49.06
C TRP B 392 -4.89 -45.63 -49.30
N ALA B 393 -4.14 -46.66 -49.70
CA ALA B 393 -2.71 -46.54 -49.95
C ALA B 393 -2.37 -45.59 -51.11
N ARG B 394 -3.18 -45.53 -52.16
CA ARG B 394 -2.95 -44.69 -53.33
C ARG B 394 -3.31 -43.22 -53.07
N GLU B 395 -4.45 -42.99 -52.41
CA GLU B 395 -4.92 -41.66 -52.03
C GLU B 395 -4.03 -40.99 -50.95
N SER B 396 -3.26 -41.78 -50.19
CA SER B 396 -2.59 -41.33 -48.96
C SER B 396 -1.06 -41.39 -48.99
N GLY B 397 -0.46 -42.00 -50.01
CA GLY B 397 1.01 -42.11 -50.15
C GLY B 397 1.67 -43.19 -49.30
N VAL B 398 0.91 -44.07 -48.67
CA VAL B 398 1.42 -45.17 -47.82
C VAL B 398 2.03 -46.29 -48.69
N PRO B 399 3.25 -46.77 -48.41
CA PRO B 399 3.89 -47.87 -49.14
C PRO B 399 3.02 -49.13 -49.30
N PHE B 400 3.00 -49.70 -50.50
CA PHE B 400 2.11 -50.80 -50.87
C PHE B 400 2.87 -51.87 -51.64
N LEU B 401 2.56 -53.14 -51.35
CA LEU B 401 2.87 -54.25 -52.22
C LEU B 401 1.63 -55.09 -52.48
N GLY B 402 1.36 -55.39 -53.75
CA GLY B 402 0.28 -56.26 -54.16
C GLY B 402 0.78 -57.55 -54.81
N VAL B 403 0.54 -58.71 -54.22
CA VAL B 403 1.01 -60.00 -54.72
C VAL B 403 -0.14 -60.81 -55.30
N CYS B 404 -0.02 -61.33 -56.52
CA CYS B 404 -1.03 -62.13 -57.26
C CYS B 404 -2.39 -61.42 -57.35
N LEU B 405 -3.36 -61.79 -56.53
CA LEU B 405 -4.57 -61.02 -56.28
C LEU B 405 -4.31 -59.53 -55.94
N GLY B 406 -3.16 -59.19 -55.36
CA GLY B 406 -2.74 -57.82 -55.11
C GLY B 406 -2.33 -57.00 -56.33
N LEU B 407 -1.94 -57.60 -57.47
CA LEU B 407 -2.00 -56.88 -58.76
C LEU B 407 -3.46 -56.52 -59.04
N GLN B 408 -4.30 -57.53 -58.95
CA GLN B 408 -5.62 -57.50 -59.53
C GLN B 408 -6.52 -56.53 -58.78
N VAL B 409 -6.64 -56.60 -57.46
CA VAL B 409 -7.43 -55.61 -56.71
C VAL B 409 -6.90 -54.19 -56.86
N ALA B 410 -5.61 -53.99 -57.07
CA ALA B 410 -5.05 -52.66 -57.30
C ALA B 410 -5.41 -52.12 -58.67
N ALA B 411 -5.29 -52.94 -59.73
CA ALA B 411 -5.74 -52.57 -61.07
C ALA B 411 -7.26 -52.34 -61.12
N ILE B 412 -8.06 -53.16 -60.44
CA ILE B 412 -9.49 -52.95 -60.28
C ILE B 412 -9.79 -51.64 -59.56
N GLU B 413 -9.04 -51.31 -58.51
CA GLU B 413 -9.14 -50.01 -57.84
C GLU B 413 -8.79 -48.86 -58.80
N PHE B 414 -7.65 -48.92 -59.47
CA PHE B 414 -7.18 -47.88 -60.38
C PHE B 414 -8.15 -47.67 -61.56
N ALA B 415 -8.73 -48.74 -62.09
CA ALA B 415 -9.79 -48.67 -63.10
C ALA B 415 -11.05 -47.97 -62.58
N ARG B 416 -11.60 -48.37 -61.43
CA ARG B 416 -12.81 -47.79 -60.84
C ARG B 416 -12.64 -46.34 -60.37
N ASN B 417 -11.43 -45.95 -59.93
CA ASN B 417 -11.22 -44.69 -59.22
C ASN B 417 -10.29 -43.68 -59.92
N VAL B 418 -9.49 -44.06 -60.92
CA VAL B 418 -8.58 -43.14 -61.63
C VAL B 418 -8.85 -43.09 -63.14
N ILE B 419 -9.22 -44.21 -63.78
CA ILE B 419 -9.83 -44.19 -65.13
C ILE B 419 -11.30 -43.77 -65.04
N GLY B 420 -12.04 -44.29 -64.06
CA GLY B 420 -13.43 -43.93 -63.79
C GLY B 420 -14.47 -44.79 -64.50
N ARG B 421 -14.30 -46.11 -64.54
CA ARG B 421 -15.32 -47.11 -64.95
C ARG B 421 -15.82 -47.89 -63.71
N PRO B 422 -16.80 -47.38 -62.94
CA PRO B 422 -16.95 -47.72 -61.52
C PRO B 422 -17.36 -49.17 -61.17
N ASN B 423 -17.77 -49.96 -62.16
CA ASN B 423 -18.18 -51.36 -62.01
C ASN B 423 -17.10 -52.38 -62.45
N SER B 424 -15.95 -51.94 -62.97
CA SER B 424 -14.93 -52.83 -63.55
C SER B 424 -14.38 -53.85 -62.53
N SER B 425 -14.16 -55.10 -62.93
CA SER B 425 -14.17 -56.23 -61.98
C SER B 425 -13.32 -57.45 -62.35
N SER B 426 -13.08 -58.25 -61.32
CA SER B 426 -12.53 -59.61 -61.36
C SER B 426 -13.53 -60.59 -61.95
N THR B 427 -13.24 -61.08 -63.15
CA THR B 427 -14.06 -62.10 -63.83
C THR B 427 -14.25 -63.36 -62.99
N GLU B 428 -13.29 -63.75 -62.13
CA GLU B 428 -13.48 -64.90 -61.23
C GLU B 428 -14.62 -64.73 -60.21
N PHE B 429 -15.04 -63.50 -59.92
CA PHE B 429 -16.10 -63.19 -58.94
C PHE B 429 -17.51 -63.12 -59.57
N LEU B 430 -17.60 -62.76 -60.86
CA LEU B 430 -18.86 -62.42 -61.53
C LEU B 430 -19.19 -63.26 -62.78
N ASP B 431 -18.19 -63.89 -63.39
CA ASP B 431 -18.17 -64.59 -64.68
C ASP B 431 -19.37 -64.32 -65.64
N GLU B 432 -20.45 -65.11 -65.52
CA GLU B 432 -21.63 -65.10 -66.41
C GLU B 432 -22.38 -63.76 -66.48
N THR B 433 -22.07 -62.81 -65.59
CA THR B 433 -22.66 -61.46 -65.53
C THR B 433 -22.25 -60.56 -66.70
N LEU B 434 -21.13 -60.85 -67.39
CA LEU B 434 -20.72 -60.26 -68.68
C LEU B 434 -20.67 -58.71 -68.74
N LEU B 435 -20.18 -58.04 -67.68
CA LEU B 435 -19.81 -56.61 -67.76
C LEU B 435 -18.78 -56.36 -68.86
N ALA B 436 -18.78 -55.17 -69.47
CA ALA B 436 -17.83 -54.82 -70.53
C ALA B 436 -16.39 -54.51 -70.05
N PRO B 437 -16.15 -53.78 -68.93
CA PRO B 437 -14.80 -53.46 -68.47
C PRO B 437 -14.27 -54.58 -67.56
N GLU B 438 -13.90 -55.69 -68.18
CA GLU B 438 -13.23 -56.82 -67.53
C GLU B 438 -11.76 -56.46 -67.26
N ASP B 439 -11.36 -56.35 -65.99
CA ASP B 439 -9.97 -56.12 -65.59
C ASP B 439 -9.18 -57.43 -65.55
N GLN B 440 -9.66 -58.42 -64.80
CA GLN B 440 -9.19 -59.80 -64.98
C GLN B 440 -9.80 -60.41 -66.24
N VAL B 441 -9.01 -61.17 -67.01
CA VAL B 441 -9.48 -62.15 -68.01
C VAL B 441 -8.61 -63.41 -67.95
N VAL B 442 -9.17 -64.58 -68.30
CA VAL B 442 -8.40 -65.86 -68.34
C VAL B 442 -7.48 -65.86 -69.55
N ILE B 443 -6.19 -66.22 -69.39
CA ILE B 443 -5.30 -66.53 -70.53
C ILE B 443 -4.63 -67.89 -70.33
N THR B 444 -4.25 -75.91 -66.44
CA THR B 444 -4.57 -74.55 -66.86
C THR B 444 -4.15 -73.46 -65.88
N MET B 445 -3.70 -73.79 -64.68
CA MET B 445 -2.90 -72.87 -63.85
C MET B 445 -1.55 -72.58 -64.51
N ARG B 446 -1.14 -71.32 -64.55
CA ARG B 446 0.23 -70.91 -64.91
C ARG B 446 1.14 -71.04 -63.69
N LEU B 447 1.92 -72.11 -63.63
CA LEU B 447 2.50 -72.68 -62.41
C LEU B 447 4.02 -72.73 -62.43
N GLY B 448 4.65 -72.62 -61.26
CA GLY B 448 6.09 -72.81 -61.07
C GLY B 448 6.92 -71.66 -61.59
N LEU B 449 8.23 -71.85 -61.66
CA LEU B 449 9.18 -70.83 -62.09
C LEU B 449 8.96 -70.46 -63.56
N ARG B 450 8.88 -69.17 -63.86
CA ARG B 450 8.79 -68.61 -65.22
C ARG B 450 9.73 -67.40 -65.32
N PRO B 451 10.15 -66.99 -66.53
CA PRO B 451 10.80 -65.70 -66.74
C PRO B 451 9.74 -64.58 -66.90
N THR B 452 10.01 -63.44 -66.30
CA THR B 452 9.37 -62.12 -66.44
C THR B 452 10.41 -61.17 -67.00
N ILE B 453 10.08 -60.35 -67.98
CA ILE B 453 11.03 -59.47 -68.67
C ILE B 453 10.55 -58.03 -68.52
N PHE B 454 11.44 -57.09 -68.20
CA PHE B 454 11.06 -55.69 -68.01
C PHE B 454 10.76 -55.01 -69.36
N GLN B 455 9.60 -54.35 -69.49
CA GLN B 455 9.24 -53.46 -70.60
C GLN B 455 10.30 -52.33 -70.71
N PRO B 456 10.68 -51.77 -71.89
CA PRO B 456 11.89 -50.93 -71.99
C PRO B 456 11.88 -49.61 -71.20
N ASN B 457 10.75 -48.92 -71.13
CA ASN B 457 10.63 -47.60 -70.49
C ASN B 457 10.35 -47.69 -68.97
N SER B 458 11.24 -48.37 -68.24
CA SER B 458 10.98 -48.85 -66.86
C SER B 458 12.13 -48.73 -65.87
N GLU B 459 13.33 -48.30 -66.26
CA GLU B 459 14.42 -48.11 -65.29
C GLU B 459 14.15 -46.99 -64.27
N TRP B 460 13.16 -46.13 -64.51
CA TRP B 460 12.73 -45.13 -63.54
C TRP B 460 12.12 -45.75 -62.27
N SER B 461 11.52 -46.93 -62.39
CA SER B 461 10.74 -47.59 -61.35
C SER B 461 11.60 -48.15 -60.22
N ASN B 462 11.12 -48.00 -58.99
CA ASN B 462 11.70 -48.58 -57.80
C ASN B 462 11.78 -50.11 -57.93
N ILE B 463 10.79 -50.78 -58.51
CA ILE B 463 10.79 -52.24 -58.63
C ILE B 463 11.85 -52.77 -59.58
N ARG B 464 12.11 -52.16 -60.75
CA ARG B 464 13.27 -52.53 -61.56
C ARG B 464 14.61 -52.24 -60.86
N LYS B 465 14.67 -51.16 -60.08
CA LYS B 465 15.86 -50.77 -59.30
C LYS B 465 16.19 -51.77 -58.20
N LEU B 466 15.19 -52.21 -57.44
CA LEU B 466 15.33 -53.24 -56.40
C LEU B 466 15.82 -54.59 -56.93
N TYR B 467 15.43 -54.98 -58.15
CA TYR B 467 15.92 -56.20 -58.79
C TYR B 467 17.34 -56.09 -59.39
N GLY B 468 18.11 -55.06 -59.05
CA GLY B 468 19.47 -54.84 -59.55
C GLY B 468 19.54 -54.36 -61.01
N GLU B 469 18.43 -53.92 -61.58
CA GLU B 469 18.27 -53.56 -63.00
C GLU B 469 18.67 -54.68 -63.99
N VAL B 470 18.64 -55.94 -63.56
CA VAL B 470 18.83 -57.13 -64.39
C VAL B 470 17.65 -57.25 -65.35
N ASN B 471 17.86 -57.67 -66.60
CA ASN B 471 16.84 -57.59 -67.65
C ASN B 471 15.63 -58.51 -67.46
N GLU B 472 15.86 -59.69 -66.89
CA GLU B 472 14.85 -60.70 -66.55
C GLU B 472 14.73 -60.87 -65.03
N VAL B 473 13.53 -61.16 -64.58
CA VAL B 473 13.15 -61.62 -63.24
C VAL B 473 12.64 -63.04 -63.38
N HIS B 474 13.20 -64.02 -62.67
CA HIS B 474 12.66 -65.40 -62.66
C HIS B 474 12.04 -65.67 -61.30
N GLU B 475 10.75 -65.97 -61.27
CA GLU B 475 9.96 -66.07 -60.04
C GLU B 475 8.83 -67.10 -60.23
N ARG B 476 8.19 -67.54 -59.14
CA ARG B 476 7.22 -68.65 -59.14
C ARG B 476 5.77 -68.14 -59.24
N HIS B 477 4.98 -68.81 -60.08
CA HIS B 477 3.61 -68.46 -60.44
C HIS B 477 2.61 -69.51 -59.96
N ARG B 478 1.39 -69.10 -59.65
CA ARG B 478 0.26 -69.97 -59.28
C ARG B 478 -1.07 -69.28 -59.56
N HIS B 479 -1.23 -68.76 -60.78
CA HIS B 479 -2.40 -67.97 -61.18
C HIS B 479 -3.05 -68.49 -62.46
N ARG B 480 -4.33 -68.17 -62.62
CA ARG B 480 -5.18 -68.60 -63.75
C ARG B 480 -5.60 -67.44 -64.65
N TYR B 481 -5.76 -66.25 -64.08
CA TYR B 481 -6.11 -64.99 -64.75
C TYR B 481 -4.88 -64.12 -65.08
N GLU B 482 -5.13 -63.09 -65.88
CA GLU B 482 -4.23 -61.98 -66.21
C GLU B 482 -4.99 -60.66 -66.08
N ILE B 483 -4.27 -59.54 -66.04
CA ILE B 483 -4.86 -58.27 -66.45
C ILE B 483 -5.12 -58.27 -67.96
N ASN B 484 -6.30 -57.78 -68.36
CA ASN B 484 -6.71 -57.59 -69.75
C ASN B 484 -5.77 -56.64 -70.54
N PRO B 485 -5.13 -57.09 -71.66
CA PRO B 485 -4.21 -56.26 -72.43
C PRO B 485 -4.91 -55.05 -73.10
N LYS B 486 -6.22 -55.13 -73.39
CA LYS B 486 -7.01 -54.03 -73.97
C LYS B 486 -7.11 -52.82 -73.03
N ILE B 487 -7.09 -53.05 -71.72
CA ILE B 487 -7.07 -52.02 -70.68
C ILE B 487 -5.65 -51.54 -70.34
N VAL B 488 -4.59 -52.19 -70.83
CA VAL B 488 -3.21 -51.79 -70.49
C VAL B 488 -2.86 -50.41 -71.00
N ASN B 489 -3.03 -50.09 -72.29
CA ASN B 489 -2.62 -48.77 -72.78
C ASN B 489 -3.52 -47.63 -72.26
N ASP B 490 -4.78 -47.94 -71.91
CA ASP B 490 -5.66 -47.09 -71.13
C ASP B 490 -5.03 -46.75 -69.76
N MET B 491 -4.68 -47.76 -68.96
CA MET B 491 -3.98 -47.58 -67.70
C MET B 491 -2.63 -46.91 -67.85
N GLU B 492 -1.81 -47.28 -68.83
CA GLU B 492 -0.51 -46.65 -69.03
C GLU B 492 -0.64 -45.17 -69.43
N SER B 493 -1.68 -44.80 -70.17
CA SER B 493 -1.97 -43.38 -70.46
C SER B 493 -2.22 -42.54 -69.20
N ARG B 494 -2.61 -43.20 -68.10
CA ARG B 494 -2.89 -42.60 -66.78
C ARG B 494 -1.78 -42.80 -65.74
N GLY B 495 -0.63 -43.37 -66.11
CA GLY B 495 0.58 -43.48 -65.26
C GLY B 495 0.79 -44.82 -64.54
N PHE B 496 -0.11 -45.80 -64.71
CA PHE B 496 -0.06 -47.13 -64.10
C PHE B 496 0.71 -48.12 -64.98
N ILE B 497 2.02 -47.91 -65.12
CA ILE B 497 2.86 -48.61 -66.10
C ILE B 497 3.08 -50.09 -65.74
N PHE B 498 2.80 -50.99 -66.68
CA PHE B 498 3.11 -52.41 -66.55
C PHE B 498 4.58 -52.64 -66.90
N VAL B 499 5.41 -52.33 -65.92
CA VAL B 499 6.86 -52.41 -65.87
C VAL B 499 7.46 -53.76 -66.26
N GLY B 500 6.73 -54.88 -66.14
CA GLY B 500 7.23 -56.20 -66.53
C GLY B 500 6.14 -57.18 -66.97
N LYS B 501 6.52 -58.05 -67.91
CA LYS B 501 5.62 -58.95 -68.67
C LYS B 501 6.29 -60.29 -69.00
N ASP B 502 5.48 -61.28 -69.38
CA ASP B 502 5.92 -62.51 -70.04
C ASP B 502 6.60 -62.20 -71.38
N GLU B 503 7.53 -63.04 -71.84
CA GLU B 503 8.26 -62.86 -73.11
C GLU B 503 7.36 -62.64 -74.34
N THR B 504 6.13 -63.16 -74.33
CA THR B 504 5.13 -62.96 -75.39
C THR B 504 4.42 -61.60 -75.35
N GLY B 505 4.52 -60.86 -74.25
CA GLY B 505 3.89 -59.54 -74.06
C GLY B 505 2.37 -59.54 -73.81
N GLN B 506 1.69 -60.68 -73.93
CA GLN B 506 0.24 -60.78 -73.69
C GLN B 506 -0.13 -60.69 -72.20
N ARG B 507 0.84 -60.99 -71.33
CA ARG B 507 0.67 -61.29 -69.88
C ARG B 507 1.38 -60.27 -68.99
N CYS B 508 0.64 -59.57 -68.13
CA CYS B 508 1.11 -58.46 -67.30
C CYS B 508 1.50 -58.91 -65.89
N GLU B 509 2.73 -58.64 -65.46
CA GLU B 509 3.33 -59.36 -64.32
C GLU B 509 3.90 -58.47 -63.24
N ILE B 510 4.42 -57.29 -63.58
CA ILE B 510 4.87 -56.27 -62.62
C ILE B 510 4.32 -54.91 -63.03
N PHE B 511 3.82 -54.13 -62.08
CA PHE B 511 3.60 -52.69 -62.28
C PHE B 511 4.35 -51.84 -61.26
N GLU B 512 4.52 -50.58 -61.61
CA GLU B 512 4.68 -49.48 -60.65
C GLU B 512 3.81 -48.30 -61.10
N LEU B 513 3.08 -47.67 -60.18
CA LEU B 513 2.39 -46.41 -60.46
C LEU B 513 3.37 -45.24 -60.35
N LYS B 514 3.43 -44.41 -61.39
CA LYS B 514 4.21 -43.15 -61.43
C LYS B 514 3.94 -42.24 -60.22
N GLY B 515 4.99 -41.65 -59.67
CA GLY B 515 4.93 -40.58 -58.67
C GLY B 515 4.76 -41.00 -57.21
N HIS B 516 3.98 -42.05 -56.91
CA HIS B 516 3.81 -42.58 -55.55
C HIS B 516 5.15 -43.13 -54.97
N PRO B 517 5.48 -42.96 -53.68
CA PRO B 517 6.74 -43.45 -53.12
C PRO B 517 7.05 -44.94 -53.37
N TYR B 518 6.05 -45.81 -53.25
CA TYR B 518 6.16 -47.25 -53.49
C TYR B 518 4.76 -47.87 -53.64
N TYR B 519 4.32 -48.10 -54.87
CA TYR B 519 3.03 -48.73 -55.16
C TYR B 519 3.29 -49.75 -56.25
N VAL B 520 3.70 -50.93 -55.80
CA VAL B 520 4.21 -52.02 -56.65
C VAL B 520 3.25 -53.20 -56.60
N GLY B 521 3.10 -53.90 -57.70
CA GLY B 521 2.33 -55.13 -57.75
C GLY B 521 3.05 -56.17 -58.59
N THR B 522 3.02 -57.43 -58.16
CA THR B 522 3.61 -58.60 -58.84
C THR B 522 2.54 -59.66 -59.01
N GLN B 523 2.43 -60.31 -60.17
CA GLN B 523 1.49 -61.44 -60.31
C GLN B 523 2.08 -62.77 -59.81
N TYR B 524 3.40 -62.91 -59.80
CA TYR B 524 4.09 -63.98 -59.08
C TYR B 524 4.01 -63.78 -57.57
N HIS B 525 4.36 -64.84 -56.84
CA HIS B 525 4.52 -64.86 -55.40
C HIS B 525 6.00 -64.67 -55.05
N PRO B 526 6.48 -63.49 -54.62
CA PRO B 526 7.87 -63.30 -54.27
C PRO B 526 8.26 -63.96 -52.94
N GLU B 527 7.31 -64.48 -52.16
CA GLU B 527 7.55 -65.13 -50.88
C GLU B 527 8.41 -66.37 -50.98
N TYR B 528 8.15 -67.20 -51.99
CA TYR B 528 8.69 -68.54 -52.11
C TYR B 528 10.17 -68.55 -52.46
N THR B 529 10.68 -67.44 -52.97
CA THR B 529 12.07 -67.22 -53.33
C THR B 529 12.84 -66.47 -52.22
N SER B 530 12.24 -66.14 -51.08
CA SER B 530 12.90 -65.46 -49.94
C SER B 530 13.84 -66.38 -49.14
N LYS B 531 15.06 -65.92 -48.84
CA LYS B 531 16.08 -66.65 -48.04
C LYS B 531 16.45 -65.87 -46.78
N VAL B 532 16.83 -66.53 -45.69
CA VAL B 532 17.03 -65.86 -44.39
C VAL B 532 18.07 -64.75 -44.44
N LEU B 533 19.10 -64.92 -45.27
CA LEU B 533 20.22 -64.00 -45.42
C LEU B 533 20.15 -63.18 -46.72
N GLU B 534 19.07 -63.29 -47.48
CA GLU B 534 18.84 -62.59 -48.75
C GLU B 534 17.32 -62.40 -48.97
N PRO B 535 16.67 -61.39 -48.38
CA PRO B 535 15.23 -61.21 -48.49
C PRO B 535 14.77 -61.00 -49.94
N SER B 536 13.53 -61.39 -50.20
CA SER B 536 12.90 -61.22 -51.49
C SER B 536 12.77 -59.74 -51.81
N ARG B 537 13.20 -59.30 -52.99
CA ARG B 537 13.36 -57.87 -53.30
C ARG B 537 12.06 -57.05 -53.18
N PRO B 538 10.86 -57.51 -53.56
CA PRO B 538 9.66 -56.70 -53.41
C PRO B 538 9.28 -56.43 -51.96
N PHE B 539 9.56 -57.36 -51.05
CA PHE B 539 9.28 -57.24 -49.61
C PHE B 539 10.30 -56.38 -48.91
N TRP B 540 11.58 -56.50 -49.28
CA TRP B 540 12.65 -55.61 -48.81
C TRP B 540 12.37 -54.17 -49.24
N GLY B 541 11.92 -53.94 -50.47
CA GLY B 541 11.43 -52.65 -50.95
C GLY B 541 10.22 -52.11 -50.22
N LEU B 542 9.25 -52.93 -49.80
CA LEU B 542 8.12 -52.47 -48.99
C LEU B 542 8.56 -52.07 -47.58
N VAL B 543 9.35 -52.91 -46.90
CA VAL B 543 9.78 -52.63 -45.52
C VAL B 543 10.73 -51.45 -45.50
N ALA B 544 11.58 -51.29 -46.51
CA ALA B 544 12.39 -50.10 -46.69
C ALA B 544 11.55 -48.85 -46.96
N ALA B 545 10.58 -48.91 -47.86
CA ALA B 545 9.66 -47.80 -48.09
C ALA B 545 8.92 -47.41 -46.81
N ALA B 546 8.45 -48.38 -46.01
CA ALA B 546 7.78 -48.15 -44.73
C ALA B 546 8.68 -47.53 -43.65
N SER B 547 9.97 -47.76 -43.72
CA SER B 547 10.94 -47.31 -42.71
C SER B 547 11.61 -45.98 -43.07
N GLY B 548 11.40 -45.47 -44.28
CA GLY B 548 12.42 -44.62 -44.91
C GLY B 548 13.68 -45.44 -45.19
N THR B 549 14.72 -44.83 -45.76
CA THR B 549 15.97 -45.50 -46.18
C THR B 549 15.83 -46.47 -47.36
N LEU B 550 14.72 -46.40 -48.09
CA LEU B 550 14.57 -47.00 -49.42
C LEU B 550 15.71 -46.62 -50.38
N GLY B 551 16.16 -45.35 -50.36
CA GLY B 551 17.27 -44.88 -51.18
C GLY B 551 18.61 -45.51 -50.77
N GLU B 552 18.91 -45.55 -49.48
CA GLU B 552 20.11 -46.20 -48.95
C GLU B 552 20.13 -47.70 -49.24
N VAL B 553 18.98 -48.38 -49.18
CA VAL B 553 18.85 -49.78 -49.62
C VAL B 553 19.10 -49.93 -51.13
N ILE B 554 18.44 -49.14 -51.98
CA ILE B 554 18.68 -49.18 -53.44
C ILE B 554 20.16 -48.93 -53.75
N LYS B 555 20.83 -48.01 -53.06
CA LYS B 555 22.28 -47.77 -53.21
C LYS B 555 23.10 -49.04 -52.90
N ASP B 556 22.86 -49.69 -51.78
CA ASP B 556 23.54 -50.92 -51.38
C ASP B 556 23.28 -52.09 -52.36
N ILE B 557 22.06 -52.18 -52.91
CA ILE B 557 21.70 -53.16 -53.94
C ILE B 557 22.47 -52.91 -55.25
N ASN B 558 22.68 -51.65 -55.63
CA ASN B 558 23.33 -51.27 -56.88
C ASN B 558 24.85 -51.55 -56.96
N LEU B 559 25.56 -51.77 -55.85
CA LEU B 559 26.97 -52.20 -55.87
C LEU B 559 27.13 -53.60 -56.47
N MET C 1 -22.52 -104.29 -3.66
CA MET C 1 -21.45 -103.28 -3.68
C MET C 1 -21.30 -102.73 -5.09
N LYS C 2 -21.29 -101.42 -5.30
CA LYS C 2 -20.82 -100.81 -6.58
C LYS C 2 -19.36 -100.41 -6.44
N TYR C 3 -18.64 -100.39 -7.54
CA TYR C 3 -17.24 -99.99 -7.60
C TYR C 3 -17.06 -98.91 -8.64
N VAL C 4 -16.37 -97.82 -8.29
CA VAL C 4 -15.84 -96.87 -9.27
C VAL C 4 -14.33 -96.96 -9.18
N VAL C 5 -13.63 -97.24 -10.27
CA VAL C 5 -12.18 -97.18 -10.32
C VAL C 5 -11.78 -95.86 -10.93
N VAL C 6 -10.91 -95.11 -10.31
CA VAL C 6 -10.33 -93.88 -10.84
C VAL C 6 -8.89 -94.18 -11.16
N SER C 7 -8.44 -93.88 -12.37
CA SER C 7 -7.28 -94.57 -12.93
C SER C 7 -6.38 -93.70 -13.79
N GLY C 8 -5.11 -94.12 -13.80
CA GLY C 8 -4.15 -93.92 -14.87
C GLY C 8 -3.91 -92.51 -15.37
N GLY C 9 -3.61 -92.42 -16.64
CA GLY C 9 -3.43 -91.16 -17.35
C GLY C 9 -2.09 -91.05 -18.06
N VAL C 10 -1.86 -89.88 -18.62
CA VAL C 10 -0.66 -89.52 -19.40
C VAL C 10 0.53 -89.28 -18.48
N ILE C 11 0.28 -88.74 -17.27
CA ILE C 11 1.24 -88.34 -16.23
C ILE C 11 0.77 -88.86 -14.87
N SER C 12 1.69 -89.02 -13.93
CA SER C 12 1.43 -89.15 -12.48
C SER C 12 1.03 -87.80 -11.87
N GLY C 13 0.40 -87.76 -10.70
CA GLY C 13 0.06 -86.48 -10.05
C GLY C 13 -0.92 -85.61 -10.85
N ILE C 14 -1.80 -86.25 -11.60
CA ILE C 14 -2.74 -85.61 -12.51
C ILE C 14 -4.01 -85.07 -11.85
N GLY C 15 -4.51 -85.69 -10.78
CA GLY C 15 -5.77 -85.30 -10.14
C GLY C 15 -6.72 -86.43 -9.75
N LYS C 16 -6.31 -87.69 -9.77
CA LYS C 16 -7.17 -88.83 -9.44
C LYS C 16 -7.69 -88.76 -8.01
N GLY C 17 -6.88 -88.41 -7.04
CA GLY C 17 -7.30 -88.22 -5.65
C GLY C 17 -8.34 -87.11 -5.50
N VAL C 18 -8.24 -86.02 -6.25
CA VAL C 18 -9.26 -84.98 -6.27
C VAL C 18 -10.56 -85.47 -6.90
N LEU C 19 -10.52 -86.18 -8.03
CA LEU C 19 -11.72 -86.66 -8.68
C LEU C 19 -12.36 -87.84 -7.95
N ALA C 20 -11.58 -88.75 -7.39
CA ALA C 20 -12.03 -89.83 -6.53
C ALA C 20 -12.78 -89.29 -5.30
N SER C 21 -12.21 -88.28 -4.64
CA SER C 21 -12.82 -87.66 -3.47
C SER C 21 -14.07 -86.87 -3.82
N SER C 22 -14.06 -86.12 -4.93
CA SER C 22 -15.24 -85.42 -5.42
C SER C 22 -16.35 -86.38 -5.80
N THR C 23 -16.04 -87.47 -6.51
CA THR C 23 -17.01 -88.52 -6.88
C THR C 23 -17.65 -89.13 -5.65
N GLY C 24 -16.86 -89.47 -4.63
CA GLY C 24 -17.41 -90.03 -3.40
C GLY C 24 -18.31 -89.04 -2.67
N MET C 25 -17.91 -87.77 -2.56
CA MET C 25 -18.67 -86.70 -1.94
C MET C 25 -19.98 -86.47 -2.69
N LEU C 26 -19.93 -86.41 -4.01
CA LEU C 26 -21.11 -86.29 -4.87
C LEU C 26 -22.06 -87.44 -4.71
N LEU C 27 -21.61 -88.70 -4.78
CA LEU C 27 -22.47 -89.87 -4.61
C LEU C 27 -23.14 -89.87 -3.24
N LYS C 28 -22.43 -89.42 -2.21
CA LYS C 28 -22.98 -89.25 -0.86
C LYS C 28 -24.17 -88.29 -0.82
N THR C 29 -24.25 -87.34 -1.75
CA THR C 29 -25.42 -86.46 -1.88
C THR C 29 -26.66 -87.10 -2.51
N LEU C 30 -26.63 -88.41 -2.83
CA LEU C 30 -27.80 -89.25 -3.06
C LEU C 30 -28.20 -90.09 -1.83
N GLY C 31 -27.54 -89.92 -0.70
CA GLY C 31 -27.77 -90.68 0.54
C GLY C 31 -26.96 -91.97 0.67
N LEU C 32 -26.23 -92.36 -0.37
CA LEU C 32 -25.43 -93.58 -0.45
C LEU C 32 -24.27 -93.56 0.54
N LYS C 33 -24.01 -94.67 1.24
CA LYS C 33 -22.79 -94.87 2.04
C LYS C 33 -21.63 -95.18 1.09
N VAL C 34 -20.54 -94.40 1.14
CA VAL C 34 -19.40 -94.53 0.23
C VAL C 34 -18.15 -94.90 1.01
N THR C 35 -17.38 -95.85 0.52
CA THR C 35 -16.06 -96.20 1.03
C THR C 35 -15.02 -95.99 -0.05
N SER C 36 -13.76 -96.14 0.31
CA SER C 36 -12.62 -95.95 -0.57
C SER C 36 -11.51 -96.92 -0.27
N ILE C 37 -10.76 -97.30 -1.30
CA ILE C 37 -9.52 -98.04 -1.22
C ILE C 37 -8.51 -97.28 -2.06
N LYS C 38 -7.31 -97.06 -1.55
CA LYS C 38 -6.18 -96.62 -2.37
C LYS C 38 -5.38 -97.86 -2.72
N ILE C 39 -5.03 -98.01 -3.98
CA ILE C 39 -4.01 -98.95 -4.41
C ILE C 39 -2.78 -98.11 -4.72
N ASP C 40 -1.66 -98.43 -4.10
CA ASP C 40 -0.37 -97.89 -4.45
C ASP C 40 0.53 -98.98 -5.02
N PRO C 41 0.98 -98.88 -6.27
CA PRO C 41 1.91 -99.86 -6.84
C PRO C 41 3.32 -99.88 -6.25
N TYR C 42 3.65 -99.00 -5.32
CA TYR C 42 4.89 -99.10 -4.55
C TYR C 42 4.94 -100.32 -3.64
N MET C 43 6.14 -100.73 -3.27
CA MET C 43 6.41 -101.96 -2.54
C MET C 43 6.40 -101.85 -1.03
N ASN C 44 6.58 -100.66 -0.46
CA ASN C 44 6.52 -100.40 0.98
C ASN C 44 5.27 -101.01 1.64
N ILE C 45 5.43 -101.68 2.79
CA ILE C 45 4.27 -102.21 3.52
C ILE C 45 3.39 -101.06 3.96
N ASP C 46 3.94 -100.02 4.59
CA ASP C 46 3.21 -98.81 4.93
C ASP C 46 4.16 -97.60 5.00
N ALA C 47 3.61 -96.39 4.99
CA ALA C 47 4.37 -95.16 4.83
C ALA C 47 5.27 -94.80 6.02
N GLY C 48 5.16 -95.48 7.15
CA GLY C 48 5.80 -95.10 8.40
C GLY C 48 7.33 -95.09 8.40
N THR C 49 7.99 -95.82 7.49
CA THR C 49 9.45 -95.73 7.32
C THR C 49 9.88 -94.58 6.40
N MET C 50 9.06 -94.18 5.43
CA MET C 50 9.50 -93.30 4.33
C MET C 50 9.28 -91.82 4.63
N SER C 51 10.29 -91.03 4.28
CA SER C 51 10.42 -89.65 4.69
C SER C 51 9.48 -88.72 3.91
N PRO C 52 9.08 -87.55 4.44
CA PRO C 52 8.13 -86.65 3.77
C PRO C 52 8.59 -86.04 2.44
N LEU C 53 9.85 -86.23 2.07
CA LEU C 53 10.47 -85.76 0.82
C LEU C 53 9.94 -86.48 -0.44
N GLU C 54 9.28 -87.63 -0.32
CA GLU C 54 8.50 -88.28 -1.40
C GLU C 54 7.05 -88.54 -0.97
N HIS C 55 6.09 -88.29 -1.85
CA HIS C 55 4.64 -88.48 -1.62
C HIS C 55 4.03 -87.66 -0.47
N GLY C 56 4.70 -86.61 0.01
CA GLY C 56 4.20 -85.71 1.05
C GLY C 56 4.18 -86.33 2.45
N GLU C 57 3.36 -85.79 3.34
CA GLU C 57 3.22 -86.28 4.73
C GLU C 57 2.74 -87.73 4.85
N CYS C 58 3.27 -88.46 5.82
CA CYS C 58 2.64 -89.69 6.28
C CYS C 58 1.34 -89.36 7.04
N PHE C 59 0.24 -90.03 6.69
CA PHE C 59 -1.05 -89.85 7.36
C PHE C 59 -1.23 -90.90 8.47
N VAL C 60 -1.77 -90.54 9.64
CA VAL C 60 -1.92 -91.47 10.77
C VAL C 60 -3.40 -91.79 10.99
N LEU C 61 -3.74 -93.08 11.06
CA LEU C 61 -5.12 -93.59 11.24
C LEU C 61 -5.43 -93.87 12.71
N ASP C 62 -6.69 -94.14 13.07
CA ASP C 62 -7.06 -94.53 14.44
C ASP C 62 -6.38 -95.82 14.89
N ASP C 63 -6.23 -96.78 13.98
CA ASP C 63 -5.48 -98.03 14.16
C ASP C 63 -4.03 -97.84 14.61
N GLY C 64 -3.46 -96.65 14.39
CA GLY C 64 -2.01 -96.45 14.37
C GLY C 64 -1.36 -96.78 13.03
N GLY C 65 -2.14 -96.98 11.98
CA GLY C 65 -1.63 -97.15 10.62
C GLY C 65 -1.02 -95.87 10.07
N GLU C 66 0.28 -95.91 9.77
CA GLU C 66 1.03 -94.86 9.07
C GLU C 66 0.90 -95.06 7.56
N THR C 67 -0.01 -94.35 6.90
CA THR C 67 -0.52 -94.71 5.57
C THR C 67 -0.38 -93.62 4.51
N ASP C 68 -0.81 -93.92 3.29
CA ASP C 68 -0.74 -93.00 2.17
C ASP C 68 -1.49 -91.70 2.42
N LEU C 69 -0.88 -90.59 1.99
CA LEU C 69 -1.49 -89.27 1.97
C LEU C 69 -2.89 -89.27 1.31
N ASP C 70 -3.15 -90.04 0.25
CA ASP C 70 -4.50 -90.11 -0.34
C ASP C 70 -5.59 -90.61 0.63
N LEU C 71 -5.31 -91.45 1.63
CA LEU C 71 -6.38 -91.88 2.56
C LEU C 71 -6.90 -90.72 3.40
N GLY C 72 -6.04 -89.74 3.72
CA GLY C 72 -6.48 -88.53 4.41
C GLY C 72 -7.45 -87.70 3.60
N ASN C 73 -7.28 -87.64 2.28
CA ASN C 73 -8.20 -86.93 1.39
C ASN C 73 -9.59 -87.55 1.41
N TYR C 74 -9.68 -88.88 1.45
CA TYR C 74 -10.97 -89.56 1.53
C TYR C 74 -11.62 -89.34 2.89
N GLU C 75 -10.87 -89.44 3.98
CA GLU C 75 -11.39 -89.21 5.33
C GLU C 75 -12.05 -87.83 5.45
N ARG C 76 -11.36 -86.76 5.01
CA ARG C 76 -11.90 -85.38 5.12
C ARG C 76 -13.03 -85.06 4.15
N TYR C 77 -13.01 -85.53 2.91
CA TYR C 77 -14.10 -85.25 1.97
C TYR C 77 -15.36 -86.06 2.27
N LEU C 78 -15.24 -87.32 2.69
CA LEU C 78 -16.39 -88.21 2.81
C LEU C 78 -16.97 -88.28 4.23
N GLY C 79 -16.21 -87.92 5.25
CA GLY C 79 -16.64 -88.08 6.65
C GLY C 79 -16.58 -89.53 7.12
N ILE C 80 -15.50 -90.24 6.75
CA ILE C 80 -15.32 -91.67 6.98
C ILE C 80 -14.02 -91.96 7.73
N THR C 81 -13.97 -93.11 8.38
CA THR C 81 -12.79 -93.61 9.10
C THR C 81 -12.27 -94.89 8.44
N LEU C 82 -10.96 -94.96 8.18
CA LEU C 82 -10.31 -96.03 7.42
C LEU C 82 -9.28 -96.81 8.25
N SER C 83 -9.15 -98.10 8.01
CA SER C 83 -8.19 -99.01 8.64
C SER C 83 -6.90 -99.09 7.81
N ARG C 84 -5.82 -99.69 8.31
CA ARG C 84 -4.62 -99.92 7.50
C ARG C 84 -4.86 -100.87 6.33
N ASP C 85 -5.87 -101.71 6.36
CA ASP C 85 -6.28 -102.56 5.23
C ASP C 85 -6.88 -101.81 4.03
N HIS C 86 -7.37 -100.58 4.20
CA HIS C 86 -7.90 -99.75 3.10
C HIS C 86 -6.84 -99.19 2.16
N ASN C 87 -5.56 -99.24 2.53
CA ASN C 87 -4.45 -98.98 1.63
C ASN C 87 -3.85 -100.30 1.17
N ILE C 88 -4.15 -100.73 -0.04
CA ILE C 88 -3.46 -101.82 -0.72
C ILE C 88 -2.11 -101.33 -1.25
N THR C 89 -1.05 -102.12 -1.07
CA THR C 89 0.23 -101.88 -1.73
C THR C 89 0.76 -103.18 -2.31
N THR C 90 1.68 -103.09 -3.26
CA THR C 90 2.34 -104.28 -3.81
C THR C 90 2.96 -105.11 -2.72
N GLY C 91 3.62 -104.49 -1.74
CA GLY C 91 4.21 -105.19 -0.61
C GLY C 91 3.20 -105.98 0.19
N LYS C 92 2.08 -105.39 0.60
CA LYS C 92 1.05 -106.10 1.37
C LYS C 92 0.53 -107.31 0.64
N ILE C 93 0.25 -107.18 -0.65
CA ILE C 93 -0.38 -108.26 -1.39
C ILE C 93 0.60 -109.35 -1.80
N TYR C 94 1.82 -109.03 -2.18
CA TYR C 94 2.82 -110.06 -2.38
C TYR C 94 3.17 -110.74 -1.06
N SER C 95 3.25 -110.01 0.05
CA SER C 95 3.50 -110.53 1.39
C SER C 95 2.40 -111.49 1.84
N HIS C 96 1.15 -111.15 1.57
CA HIS C 96 0.00 -111.96 1.90
C HIS C 96 0.06 -113.31 1.23
N VAL C 97 0.29 -113.38 -0.09
CA VAL C 97 0.40 -114.68 -0.78
C VAL C 97 1.66 -115.45 -0.39
N ILE C 98 2.81 -114.80 -0.20
CA ILE C 98 4.03 -115.50 0.24
C ILE C 98 3.87 -116.11 1.63
N SER C 99 3.25 -115.41 2.58
CA SER C 99 3.02 -115.94 3.94
C SER C 99 2.06 -117.13 3.95
N ARG C 100 1.07 -117.09 3.06
CA ARG C 100 0.05 -118.12 2.84
C ARG C 100 0.60 -119.37 2.14
N GLU C 101 1.57 -119.23 1.24
CA GLU C 101 2.32 -120.34 0.65
C GLU C 101 3.18 -121.11 1.63
N ARG C 102 4.03 -120.44 2.43
CA ARG C 102 4.94 -121.11 3.39
C ARG C 102 4.19 -121.92 4.45
N ARG C 103 2.95 -121.53 4.75
CA ARG C 103 1.98 -122.25 5.57
C ARG C 103 1.23 -123.38 4.84
N GLY C 104 1.25 -123.42 3.52
CA GLY C 104 0.70 -124.52 2.70
C GLY C 104 -0.77 -124.36 2.28
N ASP C 105 -1.36 -123.18 2.37
CA ASP C 105 -2.80 -122.96 2.06
C ASP C 105 -3.17 -123.06 0.57
N TYR C 106 -2.20 -123.16 -0.33
CA TYR C 106 -2.41 -123.47 -1.76
C TYR C 106 -2.34 -124.97 -2.07
N LEU C 107 -2.19 -125.82 -1.03
CA LEU C 107 -2.34 -127.28 -1.08
C LEU C 107 -1.46 -127.93 -2.15
N GLY C 108 -0.24 -127.44 -2.26
CA GLY C 108 0.76 -127.98 -3.18
C GLY C 108 0.54 -127.70 -4.67
N LYS C 109 -0.34 -126.78 -5.08
CA LYS C 109 -0.28 -126.20 -6.44
C LYS C 109 0.86 -125.20 -6.60
N THR C 110 1.26 -124.93 -7.83
CA THR C 110 2.12 -123.81 -8.20
C THR C 110 1.35 -122.50 -8.12
N VAL C 111 1.86 -121.55 -7.37
CA VAL C 111 1.21 -120.25 -7.14
C VAL C 111 1.71 -119.27 -8.20
N GLN C 112 0.82 -118.82 -9.06
CA GLN C 112 1.10 -117.99 -10.22
C GLN C 112 0.57 -116.57 -9.99
N ILE C 113 1.17 -115.53 -10.57
CA ILE C 113 0.60 -114.18 -10.47
C ILE C 113 -0.84 -114.12 -11.00
N VAL C 114 -1.14 -114.70 -12.15
CA VAL C 114 -2.50 -115.05 -12.58
C VAL C 114 -2.68 -116.57 -12.47
N PRO C 115 -3.68 -117.12 -11.77
CA PRO C 115 -4.77 -116.42 -11.08
C PRO C 115 -4.44 -115.94 -9.67
N HIS C 116 -3.53 -116.58 -8.94
CA HIS C 116 -3.47 -116.53 -7.48
C HIS C 116 -3.26 -115.16 -6.87
N LEU C 117 -2.25 -114.40 -7.28
CA LEU C 117 -2.06 -113.03 -6.81
C LEU C 117 -3.19 -112.12 -7.27
N THR C 118 -3.66 -112.22 -8.51
CA THR C 118 -4.80 -111.44 -8.95
C THR C 118 -6.12 -111.83 -8.27
N ASN C 119 -6.22 -113.01 -7.69
CA ASN C 119 -7.33 -113.43 -6.85
C ASN C 119 -7.17 -112.94 -5.43
N ALA C 120 -5.96 -112.84 -4.89
CA ALA C 120 -5.73 -112.21 -3.61
C ALA C 120 -6.19 -110.75 -3.62
N ILE C 121 -5.92 -110.02 -4.69
CA ILE C 121 -6.36 -108.64 -4.90
C ILE C 121 -7.88 -108.54 -4.89
N GLN C 122 -8.59 -109.41 -5.59
CA GLN C 122 -10.06 -109.41 -5.63
C GLN C 122 -10.71 -109.91 -4.34
N ASP C 123 -10.10 -110.84 -3.63
CA ASP C 123 -10.50 -111.26 -2.28
C ASP C 123 -10.32 -110.13 -1.28
N TRP C 124 -9.23 -109.37 -1.35
CA TRP C 124 -8.98 -108.20 -0.52
C TRP C 124 -9.99 -107.09 -0.79
N ILE C 125 -10.21 -106.69 -2.04
CA ILE C 125 -11.12 -105.60 -2.36
C ILE C 125 -12.54 -105.91 -1.89
N GLN C 126 -13.00 -107.17 -1.97
CA GLN C 126 -14.29 -107.60 -1.43
C GLN C 126 -14.30 -107.67 0.10
N ARG C 127 -13.27 -108.23 0.74
CA ARG C 127 -13.14 -108.21 2.21
C ARG C 127 -13.24 -106.79 2.75
N VAL C 128 -12.48 -105.88 2.18
CA VAL C 128 -12.30 -104.52 2.69
C VAL C 128 -13.43 -103.60 2.31
N SER C 129 -14.01 -103.67 1.11
CA SER C 129 -15.12 -102.78 0.76
C SER C 129 -16.39 -103.02 1.56
N LYS C 130 -16.57 -104.18 2.21
CA LYS C 130 -17.67 -104.41 3.16
C LYS C 130 -17.41 -103.91 4.60
N ILE C 131 -16.22 -103.40 4.95
CA ILE C 131 -15.91 -102.91 6.31
C ILE C 131 -16.71 -101.63 6.64
N PRO C 132 -17.29 -101.47 7.85
CA PRO C 132 -18.00 -100.25 8.24
C PRO C 132 -17.06 -99.05 8.42
N VAL C 133 -17.38 -97.94 7.76
CA VAL C 133 -16.55 -96.72 7.74
C VAL C 133 -17.27 -95.46 8.25
N ASP C 134 -18.59 -95.54 8.44
CA ASP C 134 -19.47 -94.50 9.00
C ASP C 134 -19.62 -94.59 10.53
N ASP C 135 -20.39 -93.69 11.11
CA ASP C 135 -20.84 -93.74 12.51
C ASP C 135 -21.87 -94.85 12.79
N THR C 136 -22.45 -95.43 11.74
CA THR C 136 -23.41 -96.54 11.79
C THR C 136 -22.81 -97.83 11.24
N GLY C 137 -23.21 -98.97 11.81
CA GLY C 137 -22.73 -100.31 11.47
C GLY C 137 -23.29 -100.90 10.17
N LEU C 138 -23.68 -100.08 9.20
CA LEU C 138 -24.05 -100.51 7.86
C LEU C 138 -22.81 -100.83 7.02
N GLU C 139 -22.83 -101.89 6.21
CA GLU C 139 -21.80 -102.06 5.17
C GLU C 139 -22.01 -101.00 4.06
N PRO C 140 -20.95 -100.51 3.40
CA PRO C 140 -21.07 -99.50 2.36
C PRO C 140 -21.96 -99.88 1.15
N ASP C 141 -22.34 -98.89 0.35
CA ASP C 141 -23.06 -99.08 -0.91
C ASP C 141 -22.14 -99.00 -2.13
N VAL C 142 -21.13 -98.13 -2.07
CA VAL C 142 -20.16 -97.89 -3.15
C VAL C 142 -18.75 -97.92 -2.57
N CYS C 143 -17.79 -98.50 -3.29
CA CYS C 143 -16.36 -98.36 -3.06
C CYS C 143 -15.74 -97.55 -4.20
N ILE C 144 -14.94 -96.53 -3.91
CA ILE C 144 -14.09 -95.88 -4.89
C ILE C 144 -12.72 -96.56 -4.77
N ILE C 145 -12.12 -96.98 -5.87
CA ILE C 145 -10.75 -97.45 -5.89
C ILE C 145 -9.95 -96.40 -6.63
N GLU C 146 -8.96 -95.78 -6.00
CA GLU C 146 -7.97 -94.99 -6.73
C GLU C 146 -6.83 -95.93 -7.08
N LEU C 147 -6.61 -96.17 -8.36
CA LEU C 147 -5.49 -96.94 -8.87
C LEU C 147 -4.30 -96.01 -9.06
N GLY C 148 -3.34 -96.04 -8.13
CA GLY C 148 -2.13 -95.23 -8.16
C GLY C 148 -1.19 -95.50 -9.33
N GLY C 149 -0.23 -94.61 -9.54
CA GLY C 149 0.69 -94.66 -10.69
C GLY C 149 0.01 -94.36 -12.03
N THR C 150 0.54 -94.91 -13.11
CA THR C 150 -0.04 -94.79 -14.45
C THR C 150 -0.30 -96.19 -15.02
N VAL C 151 -1.36 -96.35 -15.79
CA VAL C 151 -1.69 -97.59 -16.51
C VAL C 151 -0.62 -97.83 -17.58
N GLY C 152 -0.13 -99.06 -17.73
CA GLY C 152 0.96 -99.40 -18.66
C GLY C 152 2.35 -99.44 -18.04
N ASP C 153 2.49 -99.16 -16.74
CA ASP C 153 3.70 -99.41 -15.97
C ASP C 153 3.75 -100.85 -15.43
N ILE C 154 4.93 -101.48 -15.39
CA ILE C 154 5.13 -102.86 -14.90
C ILE C 154 4.57 -103.06 -13.48
N GLU C 155 4.79 -102.11 -12.57
CA GLU C 155 4.25 -102.16 -11.21
C GLU C 155 2.71 -102.15 -11.15
N SER C 156 2.04 -101.57 -12.14
CA SER C 156 0.58 -101.55 -12.23
C SER C 156 0.00 -102.83 -12.81
N ALA C 157 0.80 -103.66 -13.50
CA ALA C 157 0.34 -104.78 -14.32
C ALA C 157 -0.54 -105.81 -13.57
N PRO C 158 -0.14 -106.35 -12.41
CA PRO C 158 -1.02 -107.17 -11.59
C PRO C 158 -2.32 -106.49 -11.14
N PHE C 159 -2.33 -105.19 -10.84
CA PHE C 159 -3.55 -104.51 -10.39
C PHE C 159 -4.54 -104.25 -11.52
N VAL C 160 -4.10 -103.81 -12.71
CA VAL C 160 -5.01 -103.72 -13.86
C VAL C 160 -5.51 -105.09 -14.30
N GLU C 161 -4.71 -106.14 -14.21
CA GLU C 161 -5.16 -107.50 -14.52
C GLU C 161 -6.19 -108.02 -13.51
N ALA C 162 -6.00 -107.76 -12.22
CA ALA C 162 -7.02 -108.04 -11.24
C ALA C 162 -8.29 -107.23 -11.49
N LEU C 163 -8.22 -105.96 -11.91
CA LEU C 163 -9.41 -105.14 -12.17
C LEU C 163 -10.12 -105.57 -13.46
N ARG C 164 -9.40 -105.98 -14.49
CA ARG C 164 -9.94 -106.63 -15.68
C ARG C 164 -10.79 -107.84 -15.32
N GLN C 165 -10.32 -108.69 -14.42
CA GLN C 165 -11.07 -109.84 -13.93
C GLN C 165 -12.19 -109.42 -12.99
N PHE C 166 -11.99 -108.42 -12.13
CA PHE C 166 -12.99 -107.97 -11.19
C PHE C 166 -14.22 -107.38 -11.90
N GLN C 167 -14.04 -106.76 -13.05
CA GLN C 167 -15.13 -106.29 -13.89
C GLN C 167 -16.12 -107.39 -14.30
N PHE C 168 -15.71 -108.67 -14.24
CA PHE C 168 -16.52 -109.84 -14.57
C PHE C 168 -16.84 -110.75 -13.39
N GLU C 169 -15.95 -110.88 -12.41
CA GLU C 169 -16.21 -111.63 -11.19
C GLU C 169 -17.31 -110.96 -10.37
N VAL C 170 -17.37 -109.63 -10.41
CA VAL C 170 -18.53 -108.81 -10.06
C VAL C 170 -19.28 -108.48 -11.35
N GLY C 171 -20.59 -108.27 -11.32
CA GLY C 171 -21.33 -108.00 -12.57
C GLY C 171 -20.95 -106.66 -13.19
N ARG C 172 -21.21 -106.48 -14.49
CA ARG C 172 -21.37 -105.13 -15.07
C ARG C 172 -22.51 -104.40 -14.35
N GLU C 173 -22.55 -103.08 -14.42
CA GLU C 173 -23.48 -102.23 -13.64
C GLU C 173 -23.29 -102.32 -12.12
N ASN C 174 -22.33 -103.10 -11.63
CA ASN C 174 -21.69 -102.95 -10.33
C ASN C 174 -20.27 -102.37 -10.43
N PHE C 175 -19.76 -102.07 -11.62
CA PHE C 175 -18.40 -101.59 -11.86
C PHE C 175 -18.40 -100.49 -12.91
N ALA C 176 -17.68 -99.38 -12.66
CA ALA C 176 -17.39 -98.36 -13.65
C ALA C 176 -15.94 -97.87 -13.53
N LEU C 177 -15.33 -97.47 -14.62
CA LEU C 177 -13.97 -96.94 -14.67
C LEU C 177 -13.98 -95.49 -15.15
N ILE C 178 -13.39 -94.60 -14.37
CA ILE C 178 -13.09 -93.22 -14.74
C ILE C 178 -11.62 -93.17 -15.07
N HIS C 179 -11.25 -92.68 -16.24
CA HIS C 179 -9.85 -92.50 -16.59
C HIS C 179 -9.53 -91.03 -16.61
N VAL C 180 -8.55 -90.58 -15.84
CA VAL C 180 -8.13 -89.18 -15.85
C VAL C 180 -7.01 -89.03 -16.87
N SER C 181 -7.03 -87.97 -17.68
CA SER C 181 -6.12 -87.80 -18.81
C SER C 181 -5.69 -86.34 -18.98
N LEU C 182 -4.57 -86.08 -19.63
CA LEU C 182 -4.04 -84.74 -19.87
C LEU C 182 -4.30 -84.33 -21.31
N VAL C 183 -4.87 -83.15 -21.51
CA VAL C 183 -4.89 -82.44 -22.80
C VAL C 183 -3.89 -81.29 -22.71
N PRO C 184 -2.68 -81.39 -23.31
CA PRO C 184 -1.78 -80.26 -23.45
C PRO C 184 -2.41 -79.18 -24.33
N VAL C 185 -2.04 -77.92 -24.09
CA VAL C 185 -2.35 -76.82 -24.99
C VAL C 185 -1.05 -76.16 -25.44
N ILE C 186 -0.79 -76.19 -26.75
CA ILE C 186 0.48 -75.84 -27.39
C ILE C 186 0.20 -74.88 -28.55
N HIS C 187 0.77 -73.67 -28.51
CA HIS C 187 0.52 -72.60 -29.48
C HIS C 187 -0.95 -72.27 -29.72
N GLY C 188 -1.72 -72.30 -28.63
CA GLY C 188 -3.16 -72.05 -28.64
C GLY C 188 -4.02 -73.20 -29.17
N GLU C 189 -3.48 -74.40 -29.31
CA GLU C 189 -4.22 -75.58 -29.77
C GLU C 189 -4.21 -76.68 -28.72
N GLN C 190 -5.38 -77.22 -28.39
CA GLN C 190 -5.56 -78.31 -27.43
C GLN C 190 -5.32 -79.65 -28.11
N LYS C 191 -4.33 -80.42 -27.67
CA LYS C 191 -3.82 -81.61 -28.37
C LYS C 191 -4.44 -82.91 -27.83
N THR C 192 -5.02 -83.71 -28.71
CA THR C 192 -5.71 -84.96 -28.32
C THR C 192 -4.87 -86.23 -28.39
N LYS C 193 -3.77 -86.30 -29.13
CA LYS C 193 -3.00 -87.57 -29.26
C LYS C 193 -2.44 -88.18 -27.97
N PRO C 194 -2.15 -87.45 -26.87
CA PRO C 194 -1.75 -88.09 -25.62
C PRO C 194 -2.89 -88.85 -24.98
N THR C 195 -4.11 -88.30 -24.99
CA THR C 195 -5.27 -89.01 -24.46
C THR C 195 -5.68 -90.19 -25.34
N GLN C 196 -5.50 -90.14 -26.67
CA GLN C 196 -5.73 -91.28 -27.56
C GLN C 196 -4.77 -92.46 -27.28
N ALA C 197 -3.48 -92.19 -27.11
CA ALA C 197 -2.50 -93.19 -26.74
C ALA C 197 -2.77 -93.83 -25.37
N ALA C 198 -3.39 -93.10 -24.43
CA ALA C 198 -3.81 -93.64 -23.15
C ALA C 198 -5.05 -94.54 -23.27
N ILE C 199 -5.99 -94.29 -24.20
CA ILE C 199 -7.12 -95.20 -24.43
C ILE C 199 -6.64 -96.50 -25.08
N LYS C 200 -5.64 -96.45 -25.97
CA LYS C 200 -4.99 -97.66 -26.51
C LYS C 200 -4.35 -98.54 -25.44
N ASP C 201 -3.68 -97.97 -24.44
CA ASP C 201 -3.16 -98.77 -23.32
C ASP C 201 -4.26 -99.45 -22.50
N LEU C 202 -5.36 -98.77 -22.20
CA LEU C 202 -6.50 -99.42 -21.56
C LEU C 202 -7.07 -100.56 -22.41
N ARG C 203 -7.29 -100.39 -23.72
CA ARG C 203 -7.75 -101.49 -24.59
C ARG C 203 -6.75 -102.64 -24.63
N SER C 204 -5.47 -102.34 -24.79
CA SER C 204 -4.40 -103.34 -24.73
C SER C 204 -4.46 -104.18 -23.46
N LEU C 205 -4.68 -103.53 -22.32
CA LEU C 205 -4.82 -104.15 -21.00
C LEU C 205 -6.25 -104.67 -20.72
N GLY C 206 -7.19 -104.56 -21.64
CA GLY C 206 -8.52 -105.17 -21.56
C GLY C 206 -9.53 -104.42 -20.69
N LEU C 207 -9.41 -103.11 -20.55
CA LEU C 207 -10.35 -102.24 -19.85
C LEU C 207 -10.92 -101.18 -20.79
N ILE C 208 -12.19 -100.84 -20.62
CA ILE C 208 -12.85 -99.72 -21.29
C ILE C 208 -13.27 -98.69 -20.22
N PRO C 209 -13.01 -97.40 -20.43
CA PRO C 209 -13.43 -96.36 -19.50
C PRO C 209 -14.86 -95.88 -19.79
N ASP C 210 -15.62 -95.61 -18.74
CA ASP C 210 -16.99 -95.12 -18.79
C ASP C 210 -17.06 -93.59 -18.83
N MET C 211 -16.16 -92.93 -18.11
CA MET C 211 -15.86 -91.51 -18.24
C MET C 211 -14.42 -91.34 -18.70
N ILE C 212 -14.15 -90.32 -19.52
CA ILE C 212 -12.82 -89.71 -19.61
C ILE C 212 -12.89 -88.40 -18.84
N ALA C 213 -12.05 -88.21 -17.84
CA ALA C 213 -11.86 -86.91 -17.21
C ALA C 213 -10.65 -86.24 -17.82
N CYS C 214 -10.81 -85.12 -18.52
CA CYS C 214 -9.71 -84.44 -19.19
C CYS C 214 -9.26 -83.24 -18.37
N ARG C 215 -8.00 -83.25 -17.98
CA ARG C 215 -7.30 -82.22 -17.23
C ARG C 215 -6.57 -81.34 -18.21
N CYS C 216 -6.78 -80.04 -18.11
CA CYS C 216 -6.31 -79.06 -19.08
C CYS C 216 -6.07 -77.69 -18.43
N SER C 217 -5.13 -76.90 -18.94
CA SER C 217 -5.04 -75.47 -18.65
C SER C 217 -6.09 -74.48 -19.16
N GLU C 218 -7.13 -74.96 -19.85
CA GLU C 218 -8.24 -74.19 -20.39
C GLU C 218 -9.53 -75.00 -20.23
N GLU C 219 -10.69 -74.37 -20.37
CA GLU C 219 -11.91 -75.12 -20.69
C GLU C 219 -11.69 -75.90 -22.00
N LEU C 220 -12.13 -77.16 -22.11
CA LEU C 220 -12.06 -77.85 -23.39
C LEU C 220 -12.95 -77.17 -24.43
N ASN C 221 -12.44 -76.99 -25.64
CA ASN C 221 -13.26 -76.61 -26.78
C ASN C 221 -14.23 -77.76 -27.14
N ARG C 222 -15.45 -77.47 -27.60
CA ARG C 222 -16.41 -78.54 -27.95
C ARG C 222 -15.97 -79.39 -29.13
N SER C 223 -15.15 -78.87 -30.03
CA SER C 223 -14.48 -79.63 -31.07
C SER C 223 -13.46 -80.63 -30.52
N THR C 224 -12.76 -80.30 -29.43
CA THR C 224 -11.83 -81.20 -28.73
C THR C 224 -12.59 -82.32 -28.05
N ILE C 225 -13.70 -82.00 -27.40
CA ILE C 225 -14.60 -82.99 -26.80
C ILE C 225 -15.15 -83.94 -27.86
N ASP C 226 -15.67 -83.42 -28.97
CA ASP C 226 -16.13 -84.24 -30.09
C ASP C 226 -15.05 -85.20 -30.57
N LYS C 227 -13.81 -84.74 -30.71
CA LYS C 227 -12.69 -85.57 -31.15
C LYS C 227 -12.36 -86.69 -30.17
N ILE C 228 -12.33 -86.41 -28.87
CA ILE C 228 -12.10 -87.44 -27.85
C ILE C 228 -13.23 -88.47 -27.89
N ALA C 229 -14.47 -88.01 -28.06
CA ALA C 229 -15.65 -88.85 -28.21
C ALA C 229 -15.74 -89.60 -29.55
N MET C 230 -14.91 -89.29 -30.54
CA MET C 230 -14.77 -90.09 -31.78
C MET C 230 -13.77 -91.23 -31.58
N PHE C 231 -12.60 -90.95 -31.04
CA PHE C 231 -11.54 -91.96 -30.87
C PHE C 231 -11.87 -92.98 -29.77
N CYS C 232 -12.27 -92.51 -28.59
CA CYS C 232 -12.87 -93.36 -27.58
C CYS C 232 -14.34 -93.65 -27.93
N HIS C 233 -14.86 -94.87 -27.80
CA HIS C 233 -16.27 -95.14 -28.15
C HIS C 233 -17.24 -94.79 -27.02
N VAL C 234 -17.41 -93.48 -26.80
CA VAL C 234 -18.21 -92.85 -25.74
C VAL C 234 -18.93 -91.61 -26.28
N GLY C 235 -20.07 -91.24 -25.72
CA GLY C 235 -20.78 -90.02 -26.14
C GLY C 235 -20.10 -88.73 -25.66
N PRO C 236 -20.49 -87.53 -26.14
CA PRO C 236 -19.96 -86.26 -25.64
C PRO C 236 -20.21 -86.02 -24.15
N GLU C 237 -21.28 -86.59 -23.63
CA GLU C 237 -21.72 -86.46 -22.25
C GLU C 237 -20.86 -87.26 -21.26
N GLN C 238 -19.90 -88.03 -21.77
CA GLN C 238 -18.98 -88.90 -21.04
C GLN C 238 -17.53 -88.41 -21.03
N VAL C 239 -17.23 -87.29 -21.67
CA VAL C 239 -15.99 -86.56 -21.45
C VAL C 239 -16.31 -85.41 -20.51
N VAL C 240 -15.76 -85.42 -19.30
CA VAL C 240 -15.84 -84.31 -18.35
C VAL C 240 -14.60 -83.45 -18.45
N ASN C 241 -14.83 -82.15 -18.54
CA ASN C 241 -13.85 -81.11 -18.67
C ASN C 241 -13.45 -80.68 -17.26
N VAL C 242 -12.26 -81.08 -16.78
CA VAL C 242 -11.77 -80.83 -15.42
C VAL C 242 -10.58 -79.87 -15.45
N HIS C 243 -10.83 -78.63 -15.85
CA HIS C 243 -9.78 -77.63 -16.00
C HIS C 243 -9.12 -77.24 -14.68
N ASP C 244 -7.97 -76.56 -14.77
CA ASP C 244 -7.25 -76.03 -13.62
C ASP C 244 -8.05 -74.92 -12.90
N VAL C 245 -8.44 -75.17 -11.65
CA VAL C 245 -9.16 -74.21 -10.80
C VAL C 245 -8.33 -73.86 -9.57
N ASN C 246 -8.44 -72.62 -9.07
CA ASN C 246 -7.68 -72.14 -7.91
C ASN C 246 -7.98 -72.89 -6.59
N SER C 247 -9.16 -73.47 -6.43
CA SER C 247 -9.67 -74.15 -5.22
C SER C 247 -10.23 -75.53 -5.55
N THR C 248 -9.90 -76.57 -4.78
CA THR C 248 -10.44 -77.93 -5.00
C THR C 248 -11.81 -78.15 -4.37
N TYR C 249 -12.28 -77.30 -3.46
CA TYR C 249 -13.66 -77.33 -2.97
C TYR C 249 -14.68 -77.03 -4.06
N HIS C 250 -14.26 -76.43 -5.16
CA HIS C 250 -15.10 -76.19 -6.33
C HIS C 250 -15.26 -77.40 -7.24
N VAL C 251 -14.31 -78.32 -7.26
CA VAL C 251 -14.33 -79.46 -8.19
C VAL C 251 -15.59 -80.34 -8.07
N PRO C 252 -16.17 -80.63 -6.90
CA PRO C 252 -17.46 -81.31 -6.86
C PRO C 252 -18.58 -80.56 -7.59
N LEU C 253 -18.65 -79.24 -7.47
CA LEU C 253 -19.67 -78.46 -8.14
C LEU C 253 -19.40 -78.32 -9.64
N LEU C 254 -18.16 -78.49 -10.11
CA LEU C 254 -17.87 -78.64 -11.55
C LEU C 254 -18.49 -79.92 -12.12
N LEU C 255 -18.30 -81.05 -11.44
CA LEU C 255 -18.76 -82.33 -11.94
C LEU C 255 -20.27 -82.49 -11.78
N LEU C 256 -20.88 -81.85 -10.77
CA LEU C 256 -22.33 -81.73 -10.67
C LEU C 256 -22.94 -80.93 -11.84
N LYS C 257 -22.34 -79.79 -12.23
CA LYS C 257 -22.70 -79.06 -13.45
C LYS C 257 -22.58 -79.89 -14.73
N GLN C 258 -21.71 -80.90 -14.75
CA GLN C 258 -21.40 -81.74 -15.92
C GLN C 258 -22.12 -83.09 -15.91
N HIS C 259 -23.22 -83.23 -15.16
CA HIS C 259 -24.10 -84.40 -15.20
C HIS C 259 -23.44 -85.72 -14.77
N MET C 260 -22.33 -85.70 -14.05
CA MET C 260 -21.59 -86.93 -13.77
C MET C 260 -22.30 -87.83 -12.75
N ILE C 261 -23.02 -87.27 -11.76
CA ILE C 261 -23.98 -88.05 -10.97
C ILE C 261 -25.06 -88.64 -11.89
N ASP C 262 -25.66 -87.83 -12.75
CA ASP C 262 -26.78 -88.25 -13.60
C ASP C 262 -26.37 -89.38 -14.54
N TYR C 263 -25.13 -89.36 -15.06
CA TYR C 263 -24.58 -90.44 -15.85
C TYR C 263 -24.37 -91.69 -15.01
N LEU C 264 -23.60 -91.61 -13.92
CA LEU C 264 -23.29 -92.72 -13.04
C LEU C 264 -24.54 -93.35 -12.44
N HIS C 265 -25.60 -92.60 -12.19
CA HIS C 265 -26.88 -93.13 -11.70
C HIS C 265 -27.57 -94.08 -12.71
N SER C 266 -27.40 -93.83 -14.01
CA SER C 266 -27.86 -94.67 -15.12
C SER C 266 -26.86 -95.76 -15.56
N ARG C 267 -25.55 -95.53 -15.38
CA ARG C 267 -24.47 -96.51 -15.62
C ARG C 267 -24.29 -97.56 -14.52
N LEU C 268 -24.61 -97.22 -13.27
CA LEU C 268 -24.45 -98.09 -12.10
C LEU C 268 -25.77 -98.47 -11.44
N LYS C 269 -26.92 -98.12 -12.03
CA LYS C 269 -28.28 -98.41 -11.50
C LYS C 269 -28.41 -98.01 -10.02
N LEU C 270 -27.96 -96.80 -9.68
CA LEU C 270 -27.85 -96.39 -8.28
C LEU C 270 -29.21 -96.11 -7.64
N GLY C 271 -30.24 -95.83 -8.44
CA GLY C 271 -31.63 -95.69 -7.99
C GLY C 271 -32.27 -97.00 -7.51
N GLU C 272 -31.64 -98.13 -7.79
CA GLU C 272 -32.09 -99.45 -7.39
C GLU C 272 -31.41 -99.95 -6.12
N VAL C 273 -30.48 -99.19 -5.54
CA VAL C 273 -29.99 -99.43 -4.17
C VAL C 273 -31.10 -98.98 -3.19
N PRO C 274 -31.49 -99.81 -2.19
CA PRO C 274 -32.49 -99.41 -1.22
C PRO C 274 -31.99 -98.26 -0.36
N LEU C 275 -32.76 -97.18 -0.26
CA LEU C 275 -32.53 -96.05 0.65
C LEU C 275 -33.88 -95.52 1.16
N THR C 276 -33.88 -94.97 2.37
CA THR C 276 -35.04 -94.28 2.96
C THR C 276 -35.14 -92.82 2.49
N LEU C 277 -36.26 -92.13 2.77
CA LEU C 277 -36.31 -90.67 2.66
C LEU C 277 -35.36 -89.97 3.67
N GLU C 278 -35.07 -90.58 4.83
CA GLU C 278 -34.08 -90.03 5.76
C GLU C 278 -32.70 -89.94 5.10
N ASP C 279 -32.27 -91.01 4.43
CA ASP C 279 -31.03 -91.03 3.65
C ASP C 279 -31.03 -89.98 2.53
N LYS C 280 -32.17 -89.75 1.88
CA LYS C 280 -32.29 -88.75 0.81
C LYS C 280 -32.42 -87.30 1.28
N GLU C 281 -32.77 -87.01 2.54
CA GLU C 281 -32.62 -85.68 3.13
C GLU C 281 -31.16 -85.42 3.51
N ARG C 282 -30.49 -86.41 4.13
CA ARG C 282 -29.08 -86.28 4.52
C ARG C 282 -28.17 -85.99 3.33
N GLY C 283 -28.44 -86.58 2.17
CA GLY C 283 -27.67 -86.33 0.97
C GLY C 283 -27.71 -84.88 0.49
N SER C 284 -28.89 -84.29 0.31
CA SER C 284 -29.00 -82.88 -0.10
C SER C 284 -28.66 -81.88 1.00
N GLN C 285 -28.76 -82.27 2.27
CA GLN C 285 -28.26 -81.51 3.42
C GLN C 285 -26.72 -81.40 3.41
N LEU C 286 -25.99 -82.46 3.04
CA LEU C 286 -24.57 -82.34 2.71
C LEU C 286 -24.32 -81.49 1.46
N LEU C 287 -25.13 -81.60 0.41
CA LEU C 287 -24.93 -80.80 -0.81
C LEU C 287 -25.07 -79.30 -0.52
N THR C 288 -26.16 -78.89 0.12
CA THR C 288 -26.38 -77.49 0.48
C THR C 288 -25.33 -76.97 1.45
N ASN C 289 -24.84 -77.77 2.41
CA ASN C 289 -23.65 -77.41 3.21
C ASN C 289 -22.38 -77.21 2.36
N TRP C 290 -22.18 -77.96 1.27
CA TRP C 290 -21.06 -77.75 0.35
C TRP C 290 -21.21 -76.46 -0.45
N GLU C 291 -22.40 -76.20 -0.99
CA GLU C 291 -22.71 -74.95 -1.69
C GLU C 291 -22.59 -73.75 -0.76
N ASN C 292 -22.96 -73.88 0.53
CA ASN C 292 -22.72 -72.83 1.51
C ASN C 292 -21.23 -72.56 1.68
N MET C 293 -20.42 -73.55 2.05
CA MET C 293 -18.99 -73.27 2.27
C MET C 293 -18.26 -72.80 1.02
N THR C 294 -18.66 -73.20 -0.18
CA THR C 294 -18.08 -72.70 -1.43
C THR C 294 -18.53 -71.29 -1.81
N LYS C 295 -19.78 -70.93 -1.52
CA LYS C 295 -20.24 -69.54 -1.61
C LYS C 295 -19.48 -68.65 -0.62
N ASN C 296 -19.38 -69.06 0.64
CA ASN C 296 -18.63 -68.35 1.69
C ASN C 296 -17.11 -68.30 1.43
N LEU C 297 -16.57 -69.15 0.57
CA LEU C 297 -15.20 -69.08 0.06
C LEU C 297 -15.04 -67.99 -0.99
N ASP C 298 -16.02 -67.79 -1.88
CA ASP C 298 -15.96 -66.85 -2.99
C ASP C 298 -16.28 -65.40 -2.62
N ASP C 299 -17.20 -65.14 -1.70
CA ASP C 299 -17.59 -63.77 -1.34
C ASP C 299 -16.91 -63.24 -0.06
N SER C 300 -16.17 -64.09 0.66
CA SER C 300 -15.23 -63.66 1.70
C SER C 300 -14.06 -62.85 1.11
N ASP C 301 -13.56 -61.89 1.87
CA ASP C 301 -12.61 -60.88 1.43
C ASP C 301 -11.56 -60.56 2.50
N ASP C 302 -11.95 -60.45 3.78
CA ASP C 302 -11.01 -60.10 4.85
C ASP C 302 -9.99 -61.22 5.08
N VAL C 303 -8.70 -60.91 5.02
CA VAL C 303 -7.60 -61.88 5.14
C VAL C 303 -7.22 -62.17 6.60
N VAL C 304 -6.72 -63.37 6.87
CA VAL C 304 -5.93 -63.70 8.06
C VAL C 304 -4.63 -64.40 7.68
N LYS C 305 -3.51 -64.01 8.27
CA LYS C 305 -2.19 -64.55 7.96
C LYS C 305 -1.67 -65.42 9.07
N ILE C 306 -1.35 -66.68 8.79
CA ILE C 306 -0.80 -67.63 9.76
C ILE C 306 0.62 -68.00 9.34
N ALA C 307 1.60 -67.82 10.20
CA ALA C 307 2.93 -68.36 9.98
C ALA C 307 2.92 -69.84 10.31
N LEU C 308 3.27 -70.70 9.35
CA LEU C 308 3.60 -72.09 9.59
C LEU C 308 5.12 -72.19 9.66
N VAL C 309 5.65 -72.49 10.83
CA VAL C 309 7.08 -72.47 11.13
C VAL C 309 7.63 -73.90 11.15
N GLY C 310 8.46 -74.29 10.21
CA GLY C 310 8.88 -75.69 10.08
C GLY C 310 10.15 -75.87 9.25
N LYS C 311 10.48 -77.08 8.81
CA LYS C 311 11.50 -77.32 7.77
C LYS C 311 10.88 -77.73 6.44
N TYR C 312 11.63 -77.58 5.36
CA TYR C 312 11.24 -78.02 4.02
C TYR C 312 9.89 -77.44 3.57
N THR C 313 9.65 -76.16 3.88
CA THR C 313 8.36 -75.51 3.62
C THR C 313 8.11 -75.23 2.14
N ASN C 314 9.10 -75.52 1.28
CA ASN C 314 9.03 -75.48 -0.17
C ASN C 314 8.26 -76.69 -0.76
N LEU C 315 8.30 -77.85 -0.11
CA LEU C 315 7.47 -79.03 -0.43
C LEU C 315 6.17 -78.93 0.38
N LYS C 316 5.21 -78.09 -0.07
CA LYS C 316 3.96 -77.77 0.66
C LYS C 316 3.08 -78.99 0.97
N ASP C 317 3.25 -80.08 0.21
CA ASP C 317 2.64 -81.39 0.44
C ASP C 317 3.13 -82.11 1.70
N SER C 318 4.32 -81.77 2.23
CA SER C 318 4.84 -82.24 3.53
C SER C 318 4.00 -81.78 4.72
N TYR C 319 3.03 -80.90 4.51
CA TYR C 319 2.14 -80.33 5.51
C TYR C 319 0.69 -80.37 5.02
N LEU C 320 0.32 -81.32 4.17
CA LEU C 320 -0.97 -81.30 3.52
C LEU C 320 -2.14 -81.27 4.50
N SER C 321 -2.12 -82.08 5.55
CA SER C 321 -3.22 -82.13 6.52
C SER C 321 -3.27 -80.90 7.41
N VAL C 322 -2.11 -80.35 7.77
CA VAL C 322 -2.01 -79.08 8.47
C VAL C 322 -2.65 -77.96 7.64
N THR C 323 -2.31 -77.90 6.37
CA THR C 323 -2.79 -76.93 5.43
C THR C 323 -4.30 -77.01 5.30
N LYS C 324 -4.86 -78.19 5.05
CA LYS C 324 -6.31 -78.39 4.97
C LYS C 324 -7.00 -78.01 6.28
N SER C 325 -6.39 -78.33 7.43
CA SER C 325 -6.96 -77.99 8.73
C SER C 325 -6.97 -76.48 9.03
N LEU C 326 -5.97 -75.72 8.57
CA LEU C 326 -6.01 -74.26 8.58
C LEU C 326 -7.06 -73.69 7.63
N GLU C 327 -7.23 -74.28 6.45
CA GLU C 327 -8.29 -73.93 5.53
C GLU C 327 -9.67 -74.16 6.13
N HIS C 328 -9.94 -75.30 6.75
CA HIS C 328 -11.27 -75.56 7.31
C HIS C 328 -11.58 -74.55 8.42
N ALA C 329 -10.59 -74.18 9.23
CA ALA C 329 -10.75 -73.16 10.27
C ALA C 329 -11.07 -71.78 9.68
N SER C 330 -10.30 -71.38 8.68
CA SER C 330 -10.52 -70.17 7.87
C SER C 330 -11.90 -70.13 7.26
N MET C 331 -12.39 -71.21 6.65
CA MET C 331 -13.72 -71.25 6.04
C MET C 331 -14.84 -71.09 7.08
N LYS C 332 -14.70 -71.66 8.28
CA LYS C 332 -15.66 -71.48 9.37
C LYS C 332 -15.62 -70.09 10.02
N CYS C 333 -14.48 -69.41 10.00
CA CYS C 333 -14.36 -67.99 10.38
C CYS C 333 -14.76 -66.99 9.29
N ARG C 334 -14.93 -67.45 8.04
CA ARG C 334 -15.23 -66.64 6.84
C ARG C 334 -14.19 -65.57 6.54
N ARG C 335 -12.92 -65.89 6.74
CA ARG C 335 -11.76 -65.05 6.38
C ARG C 335 -10.80 -65.80 5.49
N GLN C 336 -10.25 -65.13 4.48
CA GLN C 336 -9.33 -65.71 3.51
C GLN C 336 -8.00 -66.05 4.16
N LEU C 337 -7.58 -67.31 4.09
CA LEU C 337 -6.31 -67.74 4.66
C LEU C 337 -5.16 -67.39 3.74
N GLU C 338 -4.14 -66.74 4.27
CA GLU C 338 -2.80 -66.81 3.71
C GLU C 338 -1.90 -67.57 4.69
N ILE C 339 -1.34 -68.71 4.28
CA ILE C 339 -0.23 -69.32 5.00
C ILE C 339 1.04 -68.58 4.59
N LEU C 340 1.75 -68.09 5.58
CA LEU C 340 3.12 -67.61 5.44
C LEU C 340 4.02 -68.79 5.78
N TRP C 341 4.76 -69.31 4.83
CA TRP C 341 5.64 -70.47 5.00
C TRP C 341 7.00 -70.01 5.50
N VAL C 342 7.36 -70.36 6.73
CA VAL C 342 8.55 -69.86 7.43
C VAL C 342 9.50 -71.01 7.71
N GLU C 343 10.69 -71.05 7.09
CA GLU C 343 11.69 -72.05 7.47
C GLU C 343 12.34 -71.69 8.80
N ALA C 344 12.18 -72.51 9.81
CA ALA C 344 12.63 -72.22 11.17
C ALA C 344 14.15 -72.01 11.26
N SER C 345 14.97 -72.76 10.52
CA SER C 345 16.41 -72.57 10.49
C SER C 345 16.80 -71.15 10.01
N ASN C 346 16.06 -70.56 9.07
CA ASN C 346 16.31 -69.21 8.59
C ASN C 346 16.05 -68.12 9.66
N LEU C 347 15.22 -68.39 10.66
CA LEU C 347 15.02 -67.50 11.82
C LEU C 347 16.25 -67.42 12.71
N GLU C 348 17.16 -68.40 12.68
CA GLU C 348 18.36 -68.39 13.51
C GLU C 348 19.36 -67.31 13.06
N PRO C 349 20.01 -66.58 13.99
CA PRO C 349 20.88 -65.46 13.65
C PRO C 349 22.03 -65.81 12.69
N GLU C 350 22.56 -67.03 12.76
CA GLU C 350 23.65 -67.48 11.89
C GLU C 350 23.29 -67.40 10.41
N THR C 351 22.01 -67.48 10.06
CA THR C 351 21.54 -67.28 8.68
C THR C 351 21.91 -65.90 8.16
N GLN C 352 21.95 -64.88 9.00
CA GLN C 352 22.38 -63.53 8.64
C GLN C 352 23.88 -63.46 8.29
N GLU C 353 24.69 -64.44 8.70
CA GLU C 353 26.06 -64.62 8.22
C GLU C 353 26.10 -65.38 6.88
N VAL C 354 25.18 -66.34 6.70
CA VAL C 354 25.12 -67.24 5.53
C VAL C 354 24.46 -66.57 4.30
N ASP C 355 23.27 -66.01 4.46
CA ASP C 355 22.51 -65.28 3.43
C ASP C 355 21.48 -64.33 4.08
N LYS C 356 21.74 -63.03 4.01
CA LYS C 356 20.90 -62.02 4.67
C LYS C 356 19.50 -61.94 4.09
N ASN C 357 19.32 -62.24 2.81
CA ASN C 357 18.01 -62.28 2.16
C ASN C 357 17.06 -63.28 2.85
N LYS C 358 17.53 -64.50 3.15
CA LYS C 358 16.76 -65.55 3.84
C LYS C 358 16.45 -65.19 5.30
N PHE C 359 17.39 -64.55 6.00
CA PHE C 359 17.18 -64.15 7.38
C PHE C 359 16.03 -63.13 7.48
N HIS C 360 16.12 -62.04 6.72
CA HIS C 360 15.11 -61.00 6.78
C HIS C 360 13.75 -61.45 6.23
N ASP C 361 13.66 -62.22 5.15
CA ASP C 361 12.34 -62.69 4.67
C ASP C 361 11.62 -63.56 5.70
N SER C 362 12.35 -64.40 6.45
CA SER C 362 11.76 -65.18 7.53
C SER C 362 11.18 -64.30 8.64
N TRP C 363 11.92 -63.30 9.12
CA TRP C 363 11.46 -62.43 10.21
C TRP C 363 10.44 -61.38 9.75
N ASN C 364 10.52 -60.96 8.50
CA ASN C 364 9.49 -60.21 7.78
C ASN C 364 8.15 -60.98 7.82
N LYS C 365 8.14 -62.27 7.47
CA LYS C 365 6.95 -63.13 7.58
C LYS C 365 6.51 -63.32 9.02
N LEU C 366 7.39 -63.69 9.94
CA LEU C 366 6.98 -63.96 11.31
C LEU C 366 6.41 -62.72 12.04
N SER C 367 6.89 -61.52 11.73
CA SER C 367 6.33 -60.25 12.23
C SER C 367 4.98 -59.91 11.62
N SER C 368 4.75 -60.34 10.39
CA SER C 368 3.53 -60.10 9.62
C SER C 368 2.34 -60.97 10.08
N ALA C 369 2.64 -62.08 10.75
CA ALA C 369 1.68 -63.11 11.12
C ALA C 369 0.66 -62.66 12.18
N ASP C 370 -0.62 -62.89 11.91
CA ASP C 370 -1.72 -62.73 12.88
C ASP C 370 -1.82 -63.90 13.86
N GLY C 371 -1.25 -65.05 13.51
CA GLY C 371 -1.12 -66.23 14.34
C GLY C 371 0.06 -67.08 13.89
N ILE C 372 0.54 -67.97 14.74
CA ILE C 372 1.68 -68.85 14.50
C ILE C 372 1.26 -70.29 14.75
N LEU C 373 1.67 -71.18 13.85
CA LEU C 373 1.62 -72.61 14.04
C LEU C 373 3.04 -73.19 14.01
N VAL C 374 3.42 -73.94 15.03
CA VAL C 374 4.52 -74.92 14.95
C VAL C 374 3.87 -76.27 14.67
N PRO C 375 4.07 -76.87 13.48
CA PRO C 375 3.12 -77.80 12.86
C PRO C 375 3.24 -79.27 13.28
N GLY C 376 4.27 -79.66 14.04
CA GLY C 376 4.56 -81.07 14.31
C GLY C 376 5.41 -81.71 13.22
N GLY C 377 6.64 -81.23 13.09
CA GLY C 377 7.62 -81.72 12.14
C GLY C 377 8.33 -83.01 12.56
N PHE C 378 9.46 -83.26 11.93
CA PHE C 378 10.21 -84.53 11.94
C PHE C 378 11.72 -84.23 11.85
N GLY C 379 12.53 -84.82 12.74
CA GLY C 379 13.98 -84.59 12.80
C GLY C 379 14.37 -83.24 13.44
N THR C 380 15.14 -83.28 14.52
CA THR C 380 15.34 -82.15 15.46
C THR C 380 16.13 -80.94 14.94
N ARG C 381 16.64 -80.95 13.71
CA ARG C 381 17.62 -79.96 13.18
C ARG C 381 17.18 -78.48 13.19
N GLY C 382 15.89 -78.19 13.25
CA GLY C 382 15.34 -76.81 13.23
C GLY C 382 14.93 -76.22 14.58
N ILE C 383 15.10 -76.95 15.69
CA ILE C 383 14.51 -76.61 17.00
C ILE C 383 14.97 -75.25 17.52
N GLU C 384 16.24 -74.90 17.38
CA GLU C 384 16.76 -73.62 17.90
C GLU C 384 16.13 -72.42 17.19
N GLY C 385 15.71 -72.57 15.94
CA GLY C 385 14.88 -71.60 15.22
C GLY C 385 13.44 -71.54 15.75
N MET C 386 12.79 -72.68 15.95
CA MET C 386 11.43 -72.72 16.48
C MET C 386 11.33 -72.18 17.92
N ILE C 387 12.40 -72.31 18.71
CA ILE C 387 12.47 -71.73 20.05
C ILE C 387 12.37 -70.20 19.99
N LEU C 388 12.96 -69.55 18.99
CA LEU C 388 12.77 -68.13 18.74
C LEU C 388 11.31 -67.85 18.41
N ALA C 389 10.69 -68.62 17.52
CA ALA C 389 9.30 -68.42 17.13
C ALA C 389 8.32 -68.57 18.30
N ALA C 390 8.56 -69.54 19.19
CA ALA C 390 7.80 -69.69 20.43
C ALA C 390 8.06 -68.55 21.41
N LYS C 391 9.31 -68.08 21.54
CA LYS C 391 9.67 -66.93 22.39
C LYS C 391 8.93 -65.68 21.92
N TRP C 392 9.07 -65.35 20.64
CA TRP C 392 8.39 -64.25 19.98
C TRP C 392 6.90 -64.24 20.29
N ALA C 393 6.19 -65.36 20.10
CA ALA C 393 4.77 -65.43 20.37
C ALA C 393 4.40 -65.19 21.84
N ARG C 394 5.21 -65.64 22.79
CA ARG C 394 4.97 -65.51 24.22
C ARG C 394 5.28 -64.11 24.74
N GLU C 395 6.39 -63.54 24.30
CA GLU C 395 6.82 -62.17 24.64
C GLU C 395 5.90 -61.10 24.05
N SER C 396 5.15 -61.41 22.98
CA SER C 396 4.45 -60.43 22.14
C SER C 396 2.92 -60.55 22.13
N GLY C 397 2.35 -61.61 22.69
CA GLY C 397 0.90 -61.82 22.74
C GLY C 397 0.25 -62.36 21.46
N VAL C 398 1.04 -62.77 20.47
CA VAL C 398 0.56 -63.31 19.19
C VAL C 398 0.00 -64.73 19.38
N PRO C 399 -1.20 -65.06 18.88
CA PRO C 399 -1.79 -66.40 18.95
C PRO C 399 -0.88 -67.53 18.46
N PHE C 400 -0.83 -68.63 19.21
CA PHE C 400 0.10 -69.73 18.98
C PHE C 400 -0.61 -71.08 19.09
N LEU C 401 -0.27 -72.01 18.21
CA LEU C 401 -0.53 -73.42 18.40
C LEU C 401 0.74 -74.22 18.22
N GLY C 402 1.03 -75.11 19.16
CA GLY C 402 2.15 -76.04 19.08
C GLY C 402 1.70 -77.49 18.99
N VAL C 403 1.97 -78.18 17.90
CA VAL C 403 1.55 -79.57 17.68
C VAL C 403 2.74 -80.53 17.78
N CYS C 404 2.65 -81.60 18.58
CA CYS C 404 3.69 -82.62 18.82
C CYS C 404 5.02 -82.00 19.26
N LEU C 405 6.00 -81.88 18.37
CA LEU C 405 7.18 -81.04 18.55
C LEU C 405 6.87 -79.60 19.01
N GLY C 406 5.69 -79.05 18.68
CA GLY C 406 5.23 -77.74 19.13
C GLY C 406 4.80 -77.68 20.61
N LEU C 407 4.45 -78.79 21.28
CA LEU C 407 4.49 -78.81 22.77
C LEU C 407 5.94 -78.58 23.20
N GLN C 408 6.82 -79.38 22.61
CA GLN C 408 8.14 -79.60 23.14
C GLN C 408 9.01 -78.37 23.00
N VAL C 409 9.11 -77.75 21.82
CA VAL C 409 9.86 -76.48 21.66
C VAL C 409 9.28 -75.35 22.52
N ALA C 410 7.98 -75.34 22.79
CA ALA C 410 7.38 -74.33 23.65
C ALA C 410 7.74 -74.55 25.12
N ALA C 411 7.67 -75.78 25.62
CA ALA C 411 8.11 -76.12 26.96
C ALA C 411 9.63 -75.89 27.13
N ILE C 412 10.43 -76.23 26.14
CA ILE C 412 11.86 -75.93 26.11
C ILE C 412 12.11 -74.42 26.15
N GLU C 413 11.34 -73.63 25.41
CA GLU C 413 11.38 -72.17 25.49
C GLU C 413 11.01 -71.67 26.89
N PHE C 414 9.88 -72.10 27.43
CA PHE C 414 9.39 -71.69 28.74
C PHE C 414 10.35 -72.06 29.86
N ALA C 415 10.97 -73.23 29.80
CA ALA C 415 12.04 -73.64 30.71
C ALA C 415 13.27 -72.72 30.63
N ARG C 416 13.83 -72.49 29.44
CA ARG C 416 15.02 -71.64 29.24
C ARG C 416 14.78 -70.15 29.55
N ASN C 417 13.56 -69.64 29.37
CA ASN C 417 13.29 -68.20 29.38
C ASN C 417 12.34 -67.72 30.48
N VAL C 418 11.57 -68.57 31.15
CA VAL C 418 10.63 -68.17 32.23
C VAL C 418 10.92 -68.88 33.55
N ILE C 419 11.33 -70.15 33.54
CA ILE C 419 11.95 -70.79 34.73
C ILE C 419 13.41 -70.33 34.88
N GLY C 420 14.15 -70.27 33.77
CA GLY C 420 15.52 -69.77 33.73
C GLY C 420 16.60 -70.83 33.92
N ARG C 421 16.48 -72.00 33.27
CA ARG C 421 17.53 -73.03 33.13
C ARG C 421 18.05 -73.06 31.68
N PRO C 422 19.01 -72.21 31.28
CA PRO C 422 19.14 -71.78 29.88
C PRO C 422 19.60 -72.83 28.86
N ASN C 423 20.05 -74.00 29.31
CA ASN C 423 20.51 -75.12 28.49
C ASN C 423 19.47 -76.26 28.33
N SER C 424 18.31 -76.19 28.99
CA SER C 424 17.32 -77.27 29.05
C SER C 424 16.80 -77.66 27.65
N SER C 425 16.64 -78.96 27.36
CA SER C 425 16.67 -79.45 25.97
C SER C 425 15.86 -80.71 25.67
N SER C 426 15.64 -80.90 24.37
CA SER C 426 15.14 -82.11 23.72
C SER C 426 16.18 -83.22 23.74
N THR C 427 15.92 -84.25 24.52
CA THR C 427 16.77 -85.44 24.61
C THR C 427 17.00 -86.10 23.25
N GLU C 428 16.05 -86.04 22.30
CA GLU C 428 16.26 -86.57 20.95
C GLU C 428 17.40 -85.88 20.16
N PHE C 429 17.77 -84.65 20.54
CA PHE C 429 18.81 -83.86 19.86
C PHE C 429 20.22 -84.06 20.45
N LEU C 430 20.30 -84.40 21.74
CA LEU C 430 21.56 -84.39 22.50
C LEU C 430 21.93 -85.74 23.16
N ASP C 431 20.96 -86.63 23.36
CA ASP C 431 20.98 -87.89 24.13
C ASP C 431 22.18 -88.09 25.09
N GLU C 432 23.28 -88.67 24.60
CA GLU C 432 24.47 -89.08 25.38
C GLU C 432 25.18 -87.93 26.14
N THR C 433 24.82 -86.67 25.83
CA THR C 433 25.37 -85.45 26.46
C THR C 433 24.94 -85.29 27.93
N LEU C 434 23.84 -85.93 28.37
CA LEU C 434 23.42 -86.08 29.79
C LEU C 434 23.32 -84.76 30.60
N LEU C 435 22.80 -83.67 30.03
CA LEU C 435 22.38 -82.50 30.80
C LEU C 435 21.36 -82.87 31.89
N ALA C 436 21.32 -82.15 33.01
CA ALA C 436 20.37 -82.42 34.10
C ALA C 436 18.92 -81.95 33.83
N PRO C 437 18.63 -80.76 33.23
CA PRO C 437 17.26 -80.30 32.97
C PRO C 437 16.77 -80.82 31.62
N GLU C 438 16.44 -82.12 31.59
CA GLU C 438 15.81 -82.79 30.46
C GLU C 438 14.33 -82.40 30.39
N ASP C 439 13.91 -81.68 29.35
CA ASP C 439 12.51 -81.31 29.11
C ASP C 439 11.76 -82.45 28.41
N GLN C 440 12.27 -82.92 27.27
CA GLN C 440 11.85 -84.21 26.72
C GLN C 440 12.48 -85.37 27.51
N VAL C 441 11.73 -86.43 27.79
CA VAL C 441 12.24 -87.76 28.16
C VAL C 441 11.43 -88.85 27.46
N VAL C 442 12.01 -90.01 27.17
CA VAL C 442 11.30 -91.16 26.57
C VAL C 442 10.39 -91.81 27.60
N ILE C 443 9.12 -92.08 27.27
CA ILE C 443 8.25 -92.95 28.09
C ILE C 443 7.62 -94.06 27.23
N THR C 444 7.47 -99.03 19.82
CA THR C 444 7.75 -98.06 20.88
C THR C 444 7.29 -96.63 20.57
N MET C 445 6.83 -96.33 19.35
CA MET C 445 5.99 -95.15 19.11
C MET C 445 4.64 -95.27 19.81
N ARG C 446 4.19 -94.21 20.48
CA ARG C 446 2.81 -94.10 20.98
C ARG C 446 1.90 -93.62 19.86
N LEU C 447 1.14 -94.55 19.26
CA LEU C 447 0.58 -94.44 17.91
C LEU C 447 -0.95 -94.55 17.90
N GLY C 448 -1.59 -93.88 16.93
CA GLY C 448 -3.02 -94.00 16.66
C GLY C 448 -3.89 -93.30 17.69
N LEU C 449 -5.18 -93.55 17.64
CA LEU C 449 -6.16 -92.91 18.52
C LEU C 449 -5.96 -93.34 19.98
N ARG C 450 -5.90 -92.37 20.88
CA ARG C 450 -5.82 -92.57 22.33
C ARG C 450 -6.80 -91.60 23.02
N PRO C 451 -7.22 -91.87 24.27
CA PRO C 451 -7.90 -90.89 25.10
C PRO C 451 -6.88 -89.97 25.81
N THR C 452 -7.21 -88.69 25.86
CA THR C 452 -6.61 -87.60 26.66
C THR C 452 -7.68 -87.09 27.61
N ILE C 453 -7.36 -86.87 28.88
CA ILE C 453 -8.34 -86.49 29.90
C ILE C 453 -7.90 -85.16 30.51
N PHE C 454 -8.84 -84.22 30.70
CA PHE C 454 -8.50 -82.90 31.25
C PHE C 454 -8.21 -82.98 32.76
N GLN C 455 -7.07 -82.44 33.20
CA GLN C 455 -6.74 -82.22 34.62
C GLN C 455 -7.83 -81.33 35.28
N PRO C 456 -8.21 -81.45 36.57
CA PRO C 456 -9.45 -80.82 37.07
C PRO C 456 -9.49 -79.29 37.05
N ASN C 457 -8.38 -78.62 37.35
CA ASN C 457 -8.31 -77.15 37.47
C ASN C 457 -8.06 -76.45 36.12
N SER C 458 -8.94 -76.70 35.13
CA SER C 458 -8.66 -76.41 33.71
C SER C 458 -9.83 -75.85 32.90
N GLU C 459 -11.04 -75.72 33.44
CA GLU C 459 -12.16 -75.11 32.69
C GLU C 459 -11.92 -73.61 32.38
N TRP C 460 -10.97 -72.96 33.02
CA TRP C 460 -10.57 -71.59 32.69
C TRP C 460 -9.96 -71.46 31.29
N SER C 461 -9.32 -72.52 30.80
CA SER C 461 -8.53 -72.54 29.57
C SER C 461 -9.38 -72.48 28.32
N ASN C 462 -8.92 -71.72 27.34
CA ASN C 462 -9.48 -71.64 26.00
C ASN C 462 -9.52 -73.03 25.34
N ILE C 463 -8.50 -73.86 25.51
CA ILE C 463 -8.45 -75.18 24.88
C ILE C 463 -9.49 -76.16 25.43
N ARG C 464 -9.74 -76.22 26.74
CA ARG C 464 -10.89 -77.00 27.26
C ARG C 464 -12.24 -76.45 26.78
N LYS C 465 -12.35 -75.12 26.65
CA LYS C 465 -13.55 -74.43 26.17
C LYS C 465 -13.86 -74.76 24.71
N LEU C 466 -12.85 -74.72 23.83
CA LEU C 466 -12.97 -75.08 22.42
C LEU C 466 -13.41 -76.53 22.19
N TYR C 467 -12.99 -77.46 23.05
CA TYR C 467 -13.43 -78.85 22.99
C TYR C 467 -14.85 -79.12 23.55
N GLY C 468 -15.65 -78.08 23.77
CA GLY C 468 -17.03 -78.20 24.30
C GLY C 468 -17.10 -78.52 25.80
N GLU C 469 -15.99 -78.40 26.52
CA GLU C 469 -15.83 -78.79 27.93
C GLU C 469 -16.18 -80.27 28.22
N VAL C 470 -16.11 -81.14 27.20
CA VAL C 470 -16.25 -82.59 27.33
C VAL C 470 -15.06 -83.14 28.11
N ASN C 471 -15.25 -84.13 28.97
CA ASN C 471 -14.22 -84.56 29.93
C ASN C 471 -12.97 -85.21 29.30
N GLU C 472 -13.18 -85.95 28.22
CA GLU C 472 -12.13 -86.61 27.42
C GLU C 472 -12.02 -85.99 26.03
N VAL C 473 -10.82 -85.98 25.51
CA VAL C 473 -10.44 -85.68 24.13
C VAL C 473 -9.87 -86.97 23.52
N HIS C 474 -10.41 -87.48 22.42
CA HIS C 474 -9.82 -88.64 21.72
C HIS C 474 -9.21 -88.17 20.41
N GLU C 475 -7.91 -88.36 20.25
CA GLU C 475 -7.12 -87.81 19.14
C GLU C 475 -5.97 -88.75 18.79
N ARG C 476 -5.32 -88.56 17.63
CA ARG C 476 -4.31 -89.47 17.08
C ARG C 476 -2.89 -89.05 17.44
N HIS C 477 -2.07 -90.01 17.82
CA HIS C 477 -0.70 -89.84 18.34
C HIS C 477 0.33 -90.47 17.40
N ARG C 478 1.54 -89.91 17.34
CA ARG C 478 2.68 -90.45 16.60
C ARG C 478 4.00 -89.95 17.19
N HIS C 479 4.16 -90.11 18.51
CA HIS C 479 5.28 -89.59 19.27
C HIS C 479 5.97 -90.66 20.11
N ARG C 480 7.24 -90.42 20.43
CA ARG C 480 8.12 -91.32 21.19
C ARG C 480 8.52 -90.76 22.56
N TYR C 481 8.62 -89.44 22.67
CA TYR C 481 8.94 -88.68 23.88
C TYR C 481 7.69 -88.14 24.59
N GLU C 482 7.91 -87.64 25.81
CA GLU C 482 6.98 -86.89 26.64
C GLU C 482 7.68 -85.65 27.20
N ILE C 483 6.93 -84.69 27.73
CA ILE C 483 7.49 -83.78 28.72
C ILE C 483 7.76 -84.53 30.03
N ASN C 484 8.91 -84.28 30.64
CA ASN C 484 9.34 -84.79 31.94
C ASN C 484 8.37 -84.41 33.08
N PRO C 485 7.77 -85.38 33.82
CA PRO C 485 6.83 -85.08 34.90
C PRO C 485 7.49 -84.35 36.09
N LYS C 486 8.81 -84.53 36.32
CA LYS C 486 9.56 -83.83 37.37
C LYS C 486 9.62 -82.31 37.18
N ILE C 487 9.58 -81.86 35.93
CA ILE C 487 9.53 -80.44 35.56
C ILE C 487 8.08 -79.91 35.48
N VAL C 488 7.05 -80.75 35.57
CA VAL C 488 5.66 -80.30 35.47
C VAL C 488 5.25 -79.36 36.60
N ASN C 489 5.43 -79.73 37.87
CA ASN C 489 4.98 -78.85 38.96
C ASN C 489 5.85 -77.57 39.09
N ASP C 490 7.10 -77.63 38.66
CA ASP C 490 7.95 -76.46 38.42
C ASP C 490 7.30 -75.51 37.39
N MET C 491 6.96 -75.98 36.19
CA MET C 491 6.24 -75.22 35.18
C MET C 491 4.87 -74.76 35.65
N GLU C 492 4.08 -75.60 36.30
CA GLU C 492 2.76 -75.22 36.78
C GLU C 492 2.85 -74.13 37.87
N SER C 493 3.89 -74.15 38.71
CA SER C 493 4.13 -73.06 39.67
C SER C 493 4.33 -71.69 39.00
N ARG C 494 4.74 -71.69 37.73
CA ARG C 494 4.98 -70.49 36.89
C ARG C 494 3.87 -70.19 35.88
N GLY C 495 2.73 -70.90 35.91
CA GLY C 495 1.53 -70.62 35.10
C GLY C 495 1.36 -71.41 33.80
N PHE C 496 2.29 -72.31 33.47
CA PHE C 496 2.28 -73.16 32.26
C PHE C 496 1.54 -74.48 32.52
N ILE C 497 0.24 -74.42 32.73
CA ILE C 497 -0.57 -75.54 33.23
C ILE C 497 -0.74 -76.64 32.18
N PHE C 498 -0.43 -77.89 32.53
CA PHE C 498 -0.68 -79.05 31.71
C PHE C 498 -2.14 -79.48 31.88
N VAL C 499 -3.00 -78.75 31.18
CA VAL C 499 -4.44 -78.84 31.09
C VAL C 499 -4.98 -80.23 30.74
N GLY C 500 -4.22 -81.11 30.07
CA GLY C 500 -4.67 -82.46 29.74
C GLY C 500 -3.55 -83.49 29.64
N LYS C 501 -3.88 -84.73 30.00
CA LYS C 501 -2.95 -85.86 30.22
C LYS C 501 -3.56 -87.20 29.82
N ASP C 502 -2.71 -88.21 29.66
CA ASP C 502 -3.12 -89.62 29.60
C ASP C 502 -3.79 -90.05 30.91
N GLU C 503 -4.68 -91.05 30.88
CA GLU C 503 -5.41 -91.55 32.06
C GLU C 503 -4.49 -91.96 33.24
N THR C 504 -3.25 -92.36 32.97
CA THR C 504 -2.25 -92.69 34.00
C THR C 504 -1.59 -91.47 34.65
N GLY C 505 -1.71 -90.28 34.07
CA GLY C 505 -1.14 -89.02 34.58
C GLY C 505 0.38 -88.84 34.39
N GLN C 506 1.10 -89.86 33.92
CA GLN C 506 2.55 -89.77 33.67
C GLN C 506 2.91 -88.93 32.43
N ARG C 507 1.93 -88.78 31.52
CA ARG C 507 2.10 -88.31 30.12
C ARG C 507 1.34 -87.00 29.86
N CYS C 508 2.05 -85.95 29.47
CA CYS C 508 1.52 -84.58 29.32
C CYS C 508 1.14 -84.28 27.87
N GLU C 509 -0.10 -83.87 27.63
CA GLU C 509 -0.69 -83.94 26.27
C GLU C 509 -1.30 -82.64 25.78
N ILE C 510 -1.86 -81.82 26.66
CA ILE C 510 -2.35 -80.47 26.34
C ILE C 510 -1.85 -79.49 27.39
N PHE C 511 -1.38 -78.31 26.98
CA PHE C 511 -1.21 -77.16 27.86
C PHE C 511 -1.99 -75.94 27.40
N GLU C 512 -2.21 -75.03 28.35
CA GLU C 512 -2.41 -73.61 28.07
C GLU C 512 -1.58 -72.79 29.06
N LEU C 513 -0.89 -71.76 28.59
CA LEU C 513 -0.24 -70.78 29.47
C LEU C 513 -1.25 -69.76 29.95
N LYS C 514 -1.33 -69.56 31.27
CA LYS C 514 -2.15 -68.52 31.94
C LYS C 514 -1.93 -67.12 31.36
N GLY C 515 -3.00 -66.37 31.17
CA GLY C 515 -2.99 -64.94 30.85
C GLY C 515 -2.81 -64.56 29.38
N HIS C 516 -2.02 -65.29 28.59
CA HIS C 516 -1.84 -65.05 27.15
C HIS C 516 -3.15 -65.28 26.36
N PRO C 517 -3.51 -64.49 25.33
CA PRO C 517 -4.76 -64.67 24.59
C PRO C 517 -5.01 -66.10 24.05
N TYR C 518 -3.98 -66.76 23.51
CA TYR C 518 -4.04 -68.13 23.00
C TYR C 518 -2.63 -68.69 22.83
N TYR C 519 -2.15 -69.50 23.77
CA TYR C 519 -0.85 -70.14 23.73
C TYR C 519 -1.06 -71.58 24.14
N VAL C 520 -1.44 -72.38 23.16
CA VAL C 520 -1.90 -73.77 23.34
C VAL C 520 -0.91 -74.72 22.70
N GLY C 521 -0.72 -75.88 23.31
CA GLY C 521 0.09 -76.94 22.73
C GLY C 521 -0.58 -78.29 22.93
N THR C 522 -0.52 -79.16 21.93
CA THR C 522 -1.04 -80.52 21.93
C THR C 522 0.06 -81.49 21.55
N GLN C 523 0.20 -82.64 22.22
CA GLN C 523 1.18 -83.65 21.77
C GLN C 523 0.64 -84.56 20.67
N TYR C 524 -0.68 -84.72 20.58
CA TYR C 524 -1.35 -85.31 19.42
C TYR C 524 -1.29 -84.37 18.21
N HIS C 525 -1.60 -84.94 17.04
CA HIS C 525 -1.79 -84.22 15.78
C HIS C 525 -3.28 -83.95 15.57
N PRO C 526 -3.79 -82.72 15.78
CA PRO C 526 -5.20 -82.43 15.57
C PRO C 526 -5.58 -82.35 14.09
N GLU C 527 -4.63 -82.36 13.16
CA GLU C 527 -4.85 -82.29 11.72
C GLU C 527 -5.67 -83.44 11.17
N TYR C 528 -5.37 -84.65 11.63
CA TYR C 528 -5.86 -85.89 11.06
C TYR C 528 -7.34 -86.12 11.33
N THR C 529 -7.87 -85.45 12.33
CA THR C 529 -9.27 -85.49 12.74
C THR C 529 -10.08 -84.31 12.17
N SER C 530 -9.50 -83.42 11.34
CA SER C 530 -10.20 -82.29 10.70
C SER C 530 -11.12 -82.71 9.54
N LYS C 531 -12.36 -82.19 9.50
CA LYS C 531 -13.35 -82.47 8.43
C LYS C 531 -13.76 -81.17 7.74
N VAL C 532 -14.14 -81.21 6.46
CA VAL C 532 -14.37 -79.98 5.67
C VAL C 532 -15.44 -79.07 6.26
N LEU C 533 -16.45 -79.68 6.88
CA LEU C 533 -17.60 -79.00 7.47
C LEU C 533 -17.56 -78.96 9.01
N GLU C 534 -16.46 -79.39 9.62
CA GLU C 534 -16.24 -79.41 11.08
C GLU C 534 -14.73 -79.32 11.37
N PRO C 535 -14.12 -78.12 11.37
CA PRO C 535 -12.69 -77.98 11.57
C PRO C 535 -12.22 -78.50 12.92
N SER C 536 -10.95 -78.92 12.96
CA SER C 536 -10.33 -79.40 14.18
C SER C 536 -10.25 -78.29 15.20
N ARG C 537 -10.68 -78.52 16.44
CA ARG C 537 -10.88 -77.45 17.43
C ARG C 537 -9.61 -76.63 17.75
N PRO C 538 -8.39 -77.18 17.85
CA PRO C 538 -7.22 -76.37 18.14
C PRO C 538 -6.87 -75.39 17.02
N PHE C 539 -7.13 -75.74 15.76
CA PHE C 539 -6.86 -74.91 14.59
C PHE C 539 -7.92 -73.84 14.42
N TRP C 540 -9.19 -74.18 14.65
CA TRP C 540 -10.29 -73.21 14.69
C TRP C 540 -10.06 -72.17 15.79
N GLY C 541 -9.61 -72.59 16.97
CA GLY C 541 -9.16 -71.70 18.04
C GLY C 541 -7.97 -70.81 17.69
N LEU C 542 -6.98 -71.27 16.93
CA LEU C 542 -5.87 -70.43 16.46
C LEU C 542 -6.35 -69.40 15.44
N VAL C 543 -7.11 -69.80 14.43
CA VAL C 543 -7.56 -68.89 13.38
C VAL C 543 -8.55 -67.88 13.94
N ALA C 544 -9.40 -68.28 14.89
CA ALA C 544 -10.25 -67.37 15.64
C ALA C 544 -9.45 -66.40 16.51
N ALA C 545 -8.45 -66.88 17.27
CA ALA C 545 -7.58 -66.00 18.02
C ALA C 545 -6.86 -65.00 17.12
N ALA C 546 -6.37 -65.40 15.95
CA ALA C 546 -5.72 -64.54 14.96
C ALA C 546 -6.66 -63.50 14.33
N SER C 547 -7.94 -63.77 14.27
CA SER C 547 -8.93 -62.92 13.62
C SER C 547 -9.65 -61.97 14.59
N GLY C 548 -9.44 -62.13 15.90
CA GLY C 548 -10.48 -61.75 16.86
C GLY C 548 -11.71 -62.65 16.69
N THR C 549 -12.77 -62.44 17.48
CA THR C 549 -13.99 -63.28 17.48
C THR C 549 -13.80 -64.70 18.01
N LEU C 550 -12.69 -64.96 18.70
CA LEU C 550 -12.50 -66.15 19.54
C LEU C 550 -13.64 -66.34 20.56
N GLY C 551 -14.13 -65.26 21.17
CA GLY C 551 -15.25 -65.31 22.10
C GLY C 551 -16.57 -65.69 21.42
N GLU C 552 -16.89 -65.08 20.29
CA GLU C 552 -18.07 -65.41 19.50
C GLU C 552 -18.03 -66.87 18.98
N VAL C 553 -16.86 -67.38 18.61
CA VAL C 553 -16.68 -68.81 18.29
C VAL C 553 -16.91 -69.70 19.51
N ILE C 554 -16.27 -69.43 20.64
CA ILE C 554 -16.49 -70.20 21.88
C ILE C 554 -17.98 -70.20 22.26
N LYS C 555 -18.68 -69.08 22.13
CA LYS C 555 -20.14 -69.00 22.37
C LYS C 555 -20.92 -69.96 21.45
N ASP C 556 -20.67 -69.95 20.16
CA ASP C 556 -21.32 -70.84 19.19
C ASP C 556 -21.01 -72.33 19.45
N ILE C 557 -19.78 -72.65 19.89
CA ILE C 557 -19.37 -74.00 20.29
C ILE C 557 -20.13 -74.46 21.54
N ASN C 558 -20.38 -73.57 22.49
CA ASN C 558 -21.03 -73.90 23.76
C ASN C 558 -22.54 -74.24 23.67
N LEU C 559 -23.25 -73.88 22.60
CA LEU C 559 -24.65 -74.32 22.39
C LEU C 559 -24.76 -75.84 22.21
N MET D 1 32.75 -112.31 -15.82
CA MET D 1 31.63 -113.27 -15.97
C MET D 1 30.99 -113.08 -17.33
N LYS D 2 30.79 -114.13 -18.13
CA LYS D 2 29.88 -114.08 -19.30
C LYS D 2 28.52 -114.63 -18.92
N TYR D 3 27.47 -114.17 -19.57
CA TYR D 3 26.11 -114.60 -19.36
C TYR D 3 25.50 -115.07 -20.67
N VAL D 4 24.87 -116.24 -20.69
CA VAL D 4 23.97 -116.64 -21.77
C VAL D 4 22.58 -116.74 -21.17
N VAL D 5 21.59 -116.03 -21.68
CA VAL D 5 20.20 -116.18 -21.27
C VAL D 5 19.52 -117.06 -22.27
N VAL D 6 18.83 -118.10 -21.84
CA VAL D 6 18.00 -118.96 -22.68
C VAL D 6 16.56 -118.66 -22.32
N SER D 7 15.73 -118.37 -23.31
CA SER D 7 14.51 -117.60 -23.05
C SER D 7 13.31 -118.02 -23.87
N GLY D 8 12.15 -117.77 -23.27
CA GLY D 8 10.87 -117.50 -23.91
C GLY D 8 10.37 -118.52 -24.91
N GLY D 9 9.66 -118.01 -25.91
CA GLY D 9 9.14 -118.77 -27.03
C GLY D 9 7.63 -118.65 -27.22
N VAL D 10 7.14 -119.41 -28.17
CA VAL D 10 5.73 -119.45 -28.58
C VAL D 10 4.88 -120.21 -27.55
N ILE D 11 5.46 -121.25 -26.92
CA ILE D 11 4.87 -122.17 -25.95
C ILE D 11 5.80 -122.34 -24.74
N SER D 12 5.25 -122.74 -23.60
CA SER D 12 5.98 -123.30 -22.46
C SER D 12 6.44 -124.74 -22.74
N GLY D 13 7.41 -125.28 -22.02
CA GLY D 13 7.82 -126.68 -22.22
C GLY D 13 8.41 -126.96 -23.61
N ILE D 14 9.06 -125.97 -24.20
CA ILE D 14 9.59 -126.01 -25.56
C ILE D 14 10.95 -126.69 -25.69
N GLY D 15 11.82 -126.63 -24.68
CA GLY D 15 13.18 -127.16 -24.77
C GLY D 15 14.30 -126.29 -24.22
N LYS D 16 14.02 -125.21 -23.48
CA LYS D 16 15.04 -124.31 -22.95
C LYS D 16 15.99 -125.01 -22.00
N GLY D 17 15.52 -125.87 -21.10
CA GLY D 17 16.35 -126.66 -20.22
C GLY D 17 17.27 -127.61 -20.97
N VAL D 18 16.84 -128.21 -22.08
CA VAL D 18 17.71 -129.01 -22.93
C VAL D 18 18.76 -128.17 -23.63
N LEU D 19 18.41 -127.02 -24.18
CA LEU D 19 19.39 -126.16 -24.88
C LEU D 19 20.33 -125.45 -23.92
N ALA D 20 19.86 -124.98 -22.77
CA ALA D 20 20.66 -124.42 -21.71
C ALA D 20 21.70 -125.43 -21.21
N SER D 21 21.31 -126.67 -20.98
CA SER D 21 22.21 -127.73 -20.52
C SER D 21 23.20 -128.14 -21.59
N SER D 22 22.76 -128.26 -22.85
CA SER D 22 23.65 -128.53 -23.99
C SER D 22 24.65 -127.40 -24.19
N THR D 23 24.23 -126.14 -24.14
CA THR D 23 25.11 -124.97 -24.25
C THR D 23 26.16 -124.98 -23.16
N GLY D 24 25.79 -125.24 -21.91
CA GLY D 24 26.76 -125.31 -20.82
C GLY D 24 27.75 -126.44 -21.01
N MET D 25 27.29 -127.63 -21.40
CA MET D 25 28.14 -128.80 -21.66
C MET D 25 29.11 -128.52 -22.81
N LEU D 26 28.61 -127.94 -23.89
CA LEU D 26 29.42 -127.54 -25.04
C LEU D 26 30.47 -126.51 -24.67
N LEU D 27 30.13 -125.43 -23.97
CA LEU D 27 31.11 -124.42 -23.54
C LEU D 27 32.18 -125.01 -22.64
N LYS D 28 31.82 -125.97 -21.79
CA LYS D 28 32.75 -126.72 -20.96
C LYS D 28 33.80 -127.47 -21.78
N THR D 29 33.51 -127.85 -23.03
CA THR D 29 34.48 -128.44 -23.94
C THR D 29 35.49 -127.47 -24.55
N LEU D 30 35.47 -126.19 -24.16
CA LEU D 30 36.58 -125.25 -24.33
C LEU D 30 37.42 -125.07 -23.06
N GLY D 31 37.16 -125.83 -22.00
CA GLY D 31 37.85 -125.75 -20.70
C GLY D 31 37.25 -124.75 -19.71
N LEU D 32 36.25 -123.97 -20.13
CA LEU D 32 35.58 -122.94 -19.34
C LEU D 32 34.81 -123.54 -18.16
N LYS D 33 34.89 -122.93 -16.97
CA LYS D 33 34.03 -123.24 -15.82
C LYS D 33 32.65 -122.63 -16.07
N VAL D 34 31.58 -123.43 -16.05
CA VAL D 34 30.22 -122.96 -16.36
C VAL D 34 29.33 -123.12 -15.13
N THR D 35 28.53 -122.13 -14.82
CA THR D 35 27.48 -122.19 -13.81
C THR D 35 26.13 -121.93 -14.44
N SER D 36 25.07 -122.09 -13.66
CA SER D 36 23.70 -121.93 -14.10
C SER D 36 22.84 -121.32 -13.02
N ILE D 37 21.84 -120.57 -13.43
CA ILE D 37 20.75 -120.07 -12.60
C ILE D 37 19.46 -120.41 -13.32
N LYS D 38 18.48 -120.94 -12.61
CA LYS D 38 17.12 -121.03 -13.12
C LYS D 38 16.35 -119.84 -12.55
N ILE D 39 15.62 -119.14 -13.38
CA ILE D 39 14.60 -118.20 -12.95
C ILE D 39 13.28 -118.88 -13.20
N ASP D 40 12.46 -119.01 -12.18
CA ASP D 40 11.07 -119.41 -12.30
C ASP D 40 10.14 -118.26 -11.94
N PRO D 41 9.29 -117.79 -12.85
CA PRO D 41 8.33 -116.74 -12.54
C PRO D 41 7.19 -117.13 -11.59
N TYR D 42 7.10 -118.38 -11.14
CA TYR D 42 6.20 -118.78 -10.07
C TYR D 42 6.56 -118.16 -8.72
N MET D 43 5.58 -118.08 -7.83
CA MET D 43 5.68 -117.38 -6.56
C MET D 43 6.18 -118.21 -5.39
N ASN D 44 6.09 -119.54 -5.45
CA ASN D 44 6.60 -120.46 -4.42
C ASN D 44 8.04 -120.13 -4.00
N ILE D 45 8.32 -120.13 -2.69
CA ILE D 45 9.69 -119.93 -2.22
C ILE D 45 10.57 -121.05 -2.71
N ASP D 46 10.16 -122.30 -2.52
CA ASP D 46 10.85 -123.47 -3.07
C ASP D 46 9.88 -124.63 -3.28
N ALA D 47 10.29 -125.64 -4.05
CA ALA D 47 9.40 -126.70 -4.53
C ALA D 47 8.91 -127.67 -3.45
N GLY D 48 9.46 -127.61 -2.23
CA GLY D 48 9.22 -128.60 -1.20
C GLY D 48 7.78 -128.73 -0.69
N THR D 49 6.93 -127.72 -0.87
CA THR D 49 5.49 -127.84 -0.57
C THR D 49 4.68 -128.44 -1.72
N MET D 50 5.10 -128.25 -2.99
CA MET D 50 4.25 -128.51 -4.15
C MET D 50 4.42 -129.93 -4.70
N SER D 51 3.30 -130.53 -5.04
CA SER D 51 3.19 -131.96 -5.33
C SER D 51 3.73 -132.30 -6.72
N PRO D 52 4.18 -133.54 -6.99
CA PRO D 52 4.78 -133.93 -8.27
C PRO D 52 3.85 -133.85 -9.50
N LEU D 53 2.56 -133.62 -9.29
CA LEU D 53 1.53 -133.46 -10.34
C LEU D 53 1.68 -132.18 -11.18
N GLU D 54 2.45 -131.18 -10.74
CA GLU D 54 2.88 -130.03 -11.57
C GLU D 54 4.40 -129.89 -11.56
N HIS D 55 5.00 -129.60 -12.71
CA HIS D 55 6.46 -129.42 -12.90
C HIS D 55 7.33 -130.63 -12.57
N GLY D 56 6.76 -131.84 -12.47
CA GLY D 56 7.49 -133.08 -12.22
C GLY D 56 8.03 -133.22 -10.79
N GLU D 57 9.05 -134.04 -10.60
CA GLU D 57 9.67 -134.28 -9.28
C GLU D 57 10.29 -133.03 -8.64
N CYS D 58 10.17 -132.90 -7.32
CA CYS D 58 11.03 -132.02 -6.56
C CYS D 58 12.46 -132.55 -6.53
N PHE D 59 13.45 -131.71 -6.85
CA PHE D 59 14.86 -132.08 -6.82
C PHE D 59 15.49 -131.69 -5.48
N VAL D 60 16.35 -132.52 -4.87
CA VAL D 60 16.95 -132.23 -3.56
C VAL D 60 18.43 -131.94 -3.70
N LEU D 61 18.89 -130.82 -3.14
CA LEU D 61 20.29 -130.35 -3.19
C LEU D 61 21.09 -130.78 -1.96
N ASP D 62 22.42 -130.62 -1.96
CA ASP D 62 23.25 -130.91 -0.78
C ASP D 62 22.88 -130.06 0.44
N ASP D 63 22.51 -128.80 0.21
CA ASP D 63 21.98 -127.86 1.20
C ASP D 63 20.74 -128.37 1.95
N GLY D 64 20.02 -129.35 1.39
CA GLY D 64 18.64 -129.63 1.75
C GLY D 64 17.62 -128.75 1.03
N GLY D 65 18.03 -128.00 0.01
CA GLY D 65 17.12 -127.25 -0.83
C GLY D 65 16.25 -128.15 -1.69
N GLU D 66 14.94 -128.09 -1.51
CA GLU D 66 13.91 -128.73 -2.33
C GLU D 66 13.56 -127.81 -3.50
N THR D 67 14.14 -128.02 -4.68
CA THR D 67 14.21 -127.02 -5.76
C THR D 67 13.62 -127.47 -7.09
N ASP D 68 13.67 -126.58 -8.08
CA ASP D 68 13.14 -126.84 -9.41
C ASP D 68 13.83 -128.04 -10.08
N LEU D 69 13.03 -128.85 -10.77
CA LEU D 69 13.47 -129.94 -11.63
C LEU D 69 14.57 -129.50 -12.62
N ASP D 70 14.53 -128.29 -13.19
CA ASP D 70 15.62 -127.82 -14.08
C ASP D 70 17.00 -127.77 -13.40
N LEU D 71 17.14 -127.55 -12.08
CA LEU D 71 18.48 -127.53 -11.48
C LEU D 71 19.14 -128.90 -11.53
N GLY D 72 18.37 -129.98 -11.46
CA GLY D 72 18.88 -131.33 -11.63
C GLY D 72 19.46 -131.57 -13.01
N ASN D 73 18.87 -131.00 -14.06
CA ASN D 73 19.38 -131.11 -15.41
C ASN D 73 20.75 -130.45 -15.56
N TYR D 74 20.97 -129.32 -14.91
CA TYR D 74 22.27 -128.65 -14.94
C TYR D 74 23.30 -129.44 -14.15
N GLU D 75 22.96 -129.95 -12.97
CA GLU D 75 23.87 -130.76 -12.16
C GLU D 75 24.41 -131.96 -12.94
N ARG D 76 23.53 -132.74 -13.60
CA ARG D 76 23.94 -133.94 -14.36
C ARG D 76 24.66 -133.66 -15.67
N TYR D 77 24.29 -132.65 -16.44
CA TYR D 77 24.97 -132.34 -17.69
C TYR D 77 26.33 -131.68 -17.46
N LEU D 78 26.47 -130.79 -16.48
CA LEU D 78 27.67 -129.97 -16.32
C LEU D 78 28.69 -130.55 -15.33
N GLY D 79 28.27 -131.43 -14.43
CA GLY D 79 29.15 -131.92 -13.36
C GLY D 79 29.36 -130.90 -12.25
N ILE D 80 28.30 -130.20 -11.85
CA ILE D 80 28.33 -129.08 -10.91
C ILE D 80 27.37 -129.29 -9.75
N THR D 81 27.65 -128.62 -8.64
CA THR D 81 26.82 -128.63 -7.43
C THR D 81 26.22 -127.24 -7.19
N LEU D 82 24.91 -127.17 -6.93
CA LEU D 82 24.14 -125.92 -6.82
C LEU D 82 23.52 -125.74 -5.43
N SER D 83 23.43 -124.51 -4.96
CA SER D 83 22.80 -124.10 -3.69
C SER D 83 21.34 -123.74 -3.90
N ARG D 84 20.54 -123.55 -2.85
CA ARG D 84 19.17 -123.07 -3.00
C ARG D 84 19.08 -121.66 -3.58
N ASP D 85 20.12 -120.84 -3.47
CA ASP D 85 20.21 -119.52 -4.12
C ASP D 85 20.31 -119.55 -5.65
N HIS D 86 20.73 -120.66 -6.28
CA HIS D 86 20.79 -120.80 -7.73
C HIS D 86 19.43 -120.92 -8.41
N ASN D 87 18.36 -121.17 -7.67
CA ASN D 87 17.01 -121.06 -8.17
C ASN D 87 16.39 -119.73 -7.71
N ILE D 88 16.32 -118.75 -8.58
CA ILE D 88 15.54 -117.53 -8.38
C ILE D 88 14.06 -117.81 -8.60
N THR D 89 13.20 -117.32 -7.73
CA THR D 89 11.75 -117.31 -7.96
C THR D 89 11.18 -115.95 -7.64
N THR D 90 10.00 -115.64 -8.15
CA THR D 90 9.30 -114.40 -7.81
C THR D 90 9.15 -114.25 -6.31
N GLY D 91 8.79 -115.32 -5.60
CA GLY D 91 8.67 -115.32 -4.15
C GLY D 91 9.95 -114.93 -3.45
N LYS D 92 11.09 -115.55 -3.78
CA LYS D 92 12.36 -115.21 -3.14
C LYS D 92 12.72 -113.76 -3.32
N ILE D 93 12.56 -113.22 -4.52
CA ILE D 93 13.00 -111.87 -4.80
C ILE D 93 12.04 -110.81 -4.30
N TYR D 94 10.73 -111.01 -4.35
CA TYR D 94 9.82 -110.10 -3.68
C TYR D 94 9.98 -110.17 -2.17
N SER D 95 10.20 -111.35 -1.61
CA SER D 95 10.46 -111.56 -0.18
C SER D 95 11.73 -110.86 0.29
N HIS D 96 12.78 -110.91 -0.50
CA HIS D 96 14.05 -110.27 -0.21
C HIS D 96 13.88 -108.77 -0.08
N VAL D 97 13.24 -108.09 -1.05
CA VAL D 97 13.04 -106.64 -0.94
C VAL D 97 12.03 -106.27 0.15
N ILE D 98 10.96 -107.02 0.37
CA ILE D 98 10.02 -106.73 1.46
C ILE D 98 10.67 -106.87 2.84
N SER D 99 11.52 -107.87 3.07
CA SER D 99 12.22 -108.05 4.36
C SER D 99 13.23 -106.94 4.62
N ARG D 100 13.87 -106.46 3.55
CA ARG D 100 14.84 -105.37 3.53
C ARG D 100 14.21 -103.99 3.75
N GLU D 101 12.99 -103.76 3.28
CA GLU D 101 12.18 -102.57 3.57
C GLU D 101 11.77 -102.45 5.03
N ARG D 102 11.18 -103.49 5.64
CA ARG D 102 10.69 -103.45 7.03
C ARG D 102 11.81 -103.19 8.04
N ARG D 103 13.04 -103.57 7.70
CA ARG D 103 14.30 -103.26 8.38
C ARG D 103 14.85 -101.85 8.10
N GLY D 104 14.41 -101.17 7.05
CA GLY D 104 14.76 -99.79 6.73
C GLY D 104 15.99 -99.59 5.83
N ASP D 105 16.48 -100.61 5.14
CA ASP D 105 17.70 -100.53 4.32
C ASP D 105 17.57 -99.68 3.04
N TYR D 106 16.37 -99.25 2.66
CA TYR D 106 16.14 -98.26 1.59
C TYR D 106 16.09 -96.81 2.09
N LEU D 107 16.37 -96.59 3.38
CA LEU D 107 16.62 -95.29 3.99
C LEU D 107 15.50 -94.28 3.73
N GLY D 108 14.27 -94.75 3.81
CA GLY D 108 13.08 -93.92 3.65
C GLY D 108 12.78 -93.43 2.24
N LYS D 109 13.38 -93.96 1.16
CA LYS D 109 12.84 -93.80 -0.19
C LYS D 109 11.63 -94.70 -0.42
N THR D 110 10.83 -94.38 -1.43
CA THR D 110 9.78 -95.24 -2.00
C THR D 110 10.43 -96.35 -2.81
N VAL D 111 10.10 -97.60 -2.50
CA VAL D 111 10.68 -98.77 -3.16
C VAL D 111 9.78 -99.16 -4.33
N GLN D 112 10.29 -99.07 -5.53
CA GLN D 112 9.58 -99.25 -6.79
C GLN D 112 10.02 -100.55 -7.45
N ILE D 113 9.18 -101.23 -8.23
CA ILE D 113 9.64 -102.41 -8.99
C ILE D 113 10.82 -102.07 -9.92
N VAL D 114 10.75 -100.99 -10.67
CA VAL D 114 11.94 -100.35 -11.30
C VAL D 114 12.27 -99.07 -10.54
N PRO D 115 13.49 -98.85 -10.02
CA PRO D 115 14.67 -99.70 -10.16
C PRO D 115 14.79 -100.83 -9.14
N HIS D 116 14.23 -100.69 -7.94
CA HIS D 116 14.65 -101.45 -6.75
C HIS D 116 14.53 -102.96 -6.85
N LEU D 117 13.37 -103.51 -7.22
CA LEU D 117 13.23 -104.95 -7.44
C LEU D 117 14.07 -105.42 -8.63
N THR D 118 14.10 -104.69 -9.74
CA THR D 118 14.97 -105.07 -10.86
C THR D 118 16.46 -104.93 -10.54
N ASN D 119 16.85 -104.17 -9.52
CA ASN D 119 18.21 -104.12 -9.01
C ASN D 119 18.48 -105.26 -8.05
N ALA D 120 17.51 -105.70 -7.25
CA ALA D 120 17.66 -106.89 -6.44
C ALA D 120 17.96 -108.11 -7.31
N ILE D 121 17.28 -108.25 -8.44
CA ILE D 121 17.51 -109.32 -9.41
C ILE D 121 18.94 -109.28 -9.96
N GLN D 122 19.46 -108.12 -10.34
CA GLN D 122 20.82 -107.98 -10.86
C GLN D 122 21.91 -108.11 -9.78
N ASP D 123 21.64 -107.69 -8.56
CA ASP D 123 22.49 -107.94 -7.39
C ASP D 123 22.55 -109.43 -7.06
N TRP D 124 21.43 -110.15 -7.12
CA TRP D 124 21.36 -111.60 -6.94
C TRP D 124 22.14 -112.33 -8.02
N ILE D 125 21.90 -112.06 -9.30
CA ILE D 125 22.55 -112.78 -10.39
C ILE D 125 24.07 -112.61 -10.33
N GLN D 126 24.58 -111.45 -9.93
CA GLN D 126 26.02 -111.22 -9.72
C GLN D 126 26.53 -111.89 -8.44
N ARG D 127 25.82 -111.82 -7.31
CA ARG D 127 26.17 -112.54 -6.08
C ARG D 127 26.33 -114.03 -6.36
N VAL D 128 25.34 -114.62 -7.01
CA VAL D 128 25.21 -116.06 -7.20
C VAL D 128 26.08 -116.59 -8.33
N SER D 129 26.24 -115.89 -9.45
CA SER D 129 27.08 -116.40 -10.54
C SER D 129 28.56 -116.48 -10.18
N LYS D 130 29.05 -115.77 -9.15
CA LYS D 130 30.41 -115.92 -8.63
C LYS D 130 30.59 -117.09 -7.62
N ILE D 131 29.55 -117.80 -7.18
CA ILE D 131 29.66 -118.92 -6.22
C ILE D 131 30.41 -120.11 -6.83
N PRO D 132 31.34 -120.79 -6.12
CA PRO D 132 32.02 -121.98 -6.62
C PRO D 132 31.09 -123.20 -6.75
N VAL D 133 31.07 -123.80 -7.94
CA VAL D 133 30.18 -124.95 -8.25
C VAL D 133 30.91 -126.22 -8.70
N ASP D 134 32.23 -126.12 -8.94
CA ASP D 134 33.15 -127.22 -9.28
C ASP D 134 33.79 -127.87 -8.03
N ASP D 135 34.63 -128.89 -8.25
CA ASP D 135 35.51 -129.48 -7.25
C ASP D 135 36.67 -128.56 -6.81
N THR D 136 36.92 -127.49 -7.57
CA THR D 136 37.95 -126.46 -7.31
C THR D 136 37.32 -125.13 -6.93
N GLY D 137 37.98 -124.38 -6.05
CA GLY D 137 37.53 -123.08 -5.53
C GLY D 137 37.69 -121.88 -6.47
N LEU D 138 37.66 -122.10 -7.78
CA LEU D 138 37.62 -121.04 -8.78
C LEU D 138 36.20 -120.47 -8.90
N GLU D 139 36.05 -119.14 -9.06
CA GLU D 139 34.76 -118.59 -9.49
C GLU D 139 34.49 -118.96 -10.97
N PRO D 140 33.23 -119.16 -11.40
CA PRO D 140 32.93 -119.53 -12.78
C PRO D 140 33.39 -118.53 -13.85
N ASP D 141 33.40 -118.96 -15.11
CA ASP D 141 33.69 -118.13 -16.27
C ASP D 141 32.42 -117.69 -17.01
N VAL D 142 31.41 -118.56 -17.04
CA VAL D 142 30.12 -118.34 -17.72
C VAL D 142 28.99 -118.71 -16.77
N CYS D 143 27.89 -117.95 -16.76
CA CYS D 143 26.62 -118.31 -16.18
C CYS D 143 25.59 -118.51 -17.29
N ILE D 144 24.85 -119.61 -17.28
CA ILE D 144 23.66 -119.77 -18.12
C ILE D 144 22.47 -119.36 -17.26
N ILE D 145 21.59 -118.51 -17.74
CA ILE D 145 20.34 -118.20 -17.07
C ILE D 145 19.25 -118.83 -17.93
N GLU D 146 18.47 -119.76 -17.39
CA GLU D 146 17.23 -120.19 -18.04
C GLU D 146 16.12 -119.30 -17.49
N LEU D 147 15.51 -118.49 -18.34
CA LEU D 147 14.37 -117.66 -18.02
C LEU D 147 13.09 -118.49 -18.22
N GLY D 148 12.51 -119.00 -17.15
CA GLY D 148 11.29 -119.79 -17.17
C GLY D 148 10.04 -119.07 -17.68
N GLY D 149 8.99 -119.82 -17.97
CA GLY D 149 7.75 -119.31 -18.57
C GLY D 149 7.93 -118.86 -20.02
N THR D 150 7.12 -117.91 -20.47
CA THR D 150 7.23 -117.30 -21.81
C THR D 150 7.41 -115.79 -21.67
N VAL D 151 8.17 -115.19 -22.57
CA VAL D 151 8.34 -113.73 -22.67
C VAL D 151 7.02 -113.09 -23.07
N GLY D 152 6.62 -112.00 -22.43
CA GLY D 152 5.32 -111.35 -22.68
C GLY D 152 4.21 -111.74 -21.68
N ASP D 153 4.48 -112.61 -20.73
CA ASP D 153 3.62 -112.88 -19.57
C ASP D 153 3.88 -111.88 -18.44
N ILE D 154 2.83 -111.45 -17.70
CA ILE D 154 2.92 -110.51 -16.57
C ILE D 154 3.93 -110.98 -15.52
N GLU D 155 3.94 -112.25 -15.16
CA GLU D 155 4.89 -112.83 -14.22
C GLU D 155 6.36 -112.73 -14.66
N SER D 156 6.62 -112.70 -15.97
CA SER D 156 7.96 -112.55 -16.53
C SER D 156 8.43 -111.11 -16.57
N ALA D 157 7.53 -110.11 -16.47
CA ALA D 157 7.78 -108.70 -16.74
C ALA D 157 8.95 -108.10 -15.93
N PRO D 158 8.99 -108.23 -14.59
CA PRO D 158 10.17 -107.82 -13.82
C PRO D 158 11.48 -108.52 -14.20
N PHE D 159 11.48 -109.79 -14.61
CA PHE D 159 12.70 -110.51 -14.96
C PHE D 159 13.25 -110.10 -16.33
N VAL D 160 12.41 -109.95 -17.36
CA VAL D 160 12.88 -109.40 -18.63
C VAL D 160 13.32 -107.94 -18.49
N GLU D 161 12.69 -107.14 -17.64
CA GLU D 161 13.15 -105.76 -17.40
C GLU D 161 14.48 -105.72 -16.66
N ALA D 162 14.70 -106.58 -15.67
CA ALA D 162 16.02 -106.73 -15.08
C ALA D 162 17.05 -107.19 -16.10
N LEU D 163 16.73 -108.10 -17.02
CA LEU D 163 17.70 -108.58 -18.01
C LEU D 163 17.99 -107.53 -19.09
N ARG D 164 17.00 -106.74 -19.49
CA ARG D 164 17.18 -105.55 -20.33
C ARG D 164 18.21 -104.59 -19.72
N GLN D 165 18.12 -104.33 -18.42
CA GLN D 165 19.10 -103.50 -17.72
C GLN D 165 20.43 -104.22 -17.52
N PHE D 166 20.42 -105.53 -17.25
CA PHE D 166 21.64 -106.28 -17.03
C PHE D 166 22.51 -106.35 -18.28
N GLN D 167 21.91 -106.35 -19.47
CA GLN D 167 22.62 -106.26 -20.74
C GLN D 167 23.51 -105.01 -20.86
N PHE D 168 23.26 -103.97 -20.06
CA PHE D 168 24.02 -102.72 -20.03
C PHE D 168 24.78 -102.46 -18.73
N GLU D 169 24.27 -102.91 -17.58
CA GLU D 169 24.98 -102.82 -16.31
C GLU D 169 26.24 -103.71 -16.33
N VAL D 170 26.16 -104.84 -17.02
CA VAL D 170 27.29 -105.62 -17.51
C VAL D 170 27.54 -105.22 -18.96
N GLY D 171 28.77 -105.31 -19.48
CA GLY D 171 29.03 -104.88 -20.85
C GLY D 171 28.36 -105.77 -21.90
N ARG D 172 28.16 -105.27 -23.12
CA ARG D 172 27.99 -106.17 -24.29
C ARG D 172 29.24 -107.05 -24.43
N GLU D 173 29.14 -108.16 -25.14
CA GLU D 173 30.19 -109.19 -25.23
C GLU D 173 30.53 -109.88 -23.89
N ASN D 174 29.84 -109.51 -22.80
CA ASN D 174 29.66 -110.33 -21.60
C ASN D 174 28.23 -110.90 -21.50
N PHE D 175 27.34 -110.64 -22.45
CA PHE D 175 25.94 -111.05 -22.42
C PHE D 175 25.50 -111.51 -23.81
N ALA D 176 24.82 -112.65 -23.92
CA ALA D 176 24.13 -113.09 -25.12
C ALA D 176 22.76 -113.70 -24.77
N LEU D 177 21.78 -113.57 -25.65
CA LEU D 177 20.45 -114.12 -25.51
C LEU D 177 20.18 -115.15 -26.60
N ILE D 178 19.79 -116.35 -26.21
CA ILE D 178 19.28 -117.40 -27.07
C ILE D 178 17.77 -117.42 -26.88
N HIS D 179 17.00 -117.31 -27.95
CA HIS D 179 15.55 -117.42 -27.87
C HIS D 179 15.12 -118.73 -28.49
N VAL D 180 14.40 -119.57 -27.75
CA VAL D 180 13.87 -120.82 -28.29
C VAL D 180 12.48 -120.55 -28.85
N SER D 181 12.14 -121.08 -30.02
CA SER D 181 10.90 -120.76 -30.71
C SER D 181 10.31 -121.98 -31.41
N LEU D 182 9.02 -121.99 -31.71
CA LEU D 182 8.33 -123.10 -32.38
C LEU D 182 8.06 -122.73 -33.83
N VAL D 183 8.43 -123.62 -34.76
CA VAL D 183 7.96 -123.60 -36.14
C VAL D 183 6.94 -124.73 -36.30
N PRO D 184 5.63 -124.46 -36.34
CA PRO D 184 4.64 -125.45 -36.71
C PRO D 184 4.83 -125.92 -38.14
N VAL D 185 4.47 -127.15 -38.44
CA VAL D 185 4.36 -127.66 -39.81
C VAL D 185 2.93 -128.13 -40.07
N ILE D 186 2.26 -127.49 -41.03
CA ILE D 186 0.83 -127.60 -41.30
C ILE D 186 0.62 -127.84 -42.79
N HIS D 187 0.01 -128.97 -43.17
CA HIS D 187 -0.19 -129.41 -44.56
C HIS D 187 1.10 -129.45 -45.38
N GLY D 188 2.18 -129.89 -44.74
CA GLY D 188 3.51 -129.97 -45.35
C GLY D 188 4.25 -128.66 -45.50
N GLU D 189 3.80 -127.57 -44.85
CA GLU D 189 4.46 -126.27 -44.91
C GLU D 189 4.88 -125.81 -43.50
N GLN D 190 6.14 -125.41 -43.36
CA GLN D 190 6.72 -124.91 -42.12
C GLN D 190 6.39 -123.42 -41.95
N LYS D 191 5.67 -123.05 -40.89
CA LYS D 191 5.07 -121.72 -40.72
C LYS D 191 5.94 -120.81 -39.86
N THR D 192 6.27 -119.62 -40.37
CA THR D 192 7.16 -118.67 -39.67
C THR D 192 6.46 -117.60 -38.84
N LYS D 193 5.18 -117.27 -39.04
CA LYS D 193 4.53 -116.17 -38.29
C LYS D 193 4.47 -116.32 -36.76
N PRO D 194 4.49 -117.50 -36.13
CA PRO D 194 4.58 -117.60 -34.67
C PRO D 194 5.94 -117.14 -34.17
N THR D 195 7.03 -117.51 -34.84
CA THR D 195 8.36 -117.04 -34.45
C THR D 195 8.56 -115.55 -34.71
N GLN D 196 7.95 -114.98 -35.75
CA GLN D 196 7.98 -113.52 -36.01
C GLN D 196 7.27 -112.72 -34.90
N ALA D 197 6.09 -113.16 -34.47
CA ALA D 197 5.37 -112.54 -33.36
C ALA D 197 6.14 -112.63 -32.03
N ALA D 198 6.96 -113.66 -31.83
CA ALA D 198 7.83 -113.78 -30.66
C ALA D 198 9.04 -112.83 -30.72
N ILE D 199 9.59 -112.51 -31.91
CA ILE D 199 10.65 -111.52 -32.03
C ILE D 199 10.10 -110.11 -31.77
N LYS D 200 8.87 -109.79 -32.19
CA LYS D 200 8.19 -108.54 -31.83
C LYS D 200 8.02 -108.36 -30.33
N ASP D 201 7.66 -109.39 -29.57
CA ASP D 201 7.61 -109.29 -28.10
C ASP D 201 8.97 -108.99 -27.47
N LEU D 202 10.05 -109.63 -27.92
CA LEU D 202 11.38 -109.27 -27.46
C LEU D 202 11.74 -107.83 -27.77
N ARG D 203 11.50 -107.32 -28.98
CA ARG D 203 11.75 -105.91 -29.32
C ARG D 203 10.91 -104.98 -28.47
N SER D 204 9.62 -105.26 -28.32
CA SER D 204 8.73 -104.51 -27.45
C SER D 204 9.27 -104.39 -26.04
N LEU D 205 9.79 -105.49 -25.48
CA LEU D 205 10.41 -105.56 -24.16
C LEU D 205 11.89 -105.13 -24.14
N GLY D 206 12.46 -104.70 -25.26
CA GLY D 206 13.79 -104.11 -25.33
C GLY D 206 14.97 -105.08 -25.33
N LEU D 207 14.77 -106.31 -25.79
CA LEU D 207 15.82 -107.32 -25.96
C LEU D 207 15.95 -107.73 -27.43
N ILE D 208 17.17 -108.00 -27.86
CA ILE D 208 17.48 -108.59 -29.17
C ILE D 208 18.12 -109.97 -28.94
N PRO D 209 17.70 -111.03 -29.65
CA PRO D 209 18.31 -112.34 -29.54
C PRO D 209 19.51 -112.50 -30.47
N ASP D 210 20.55 -113.17 -29.99
CA ASP D 210 21.78 -113.46 -30.73
C ASP D 210 21.70 -114.76 -31.51
N MET D 211 21.02 -115.76 -30.96
CA MET D 211 20.58 -116.97 -31.65
C MET D 211 19.05 -117.02 -31.64
N ILE D 212 18.45 -117.54 -32.70
CA ILE D 212 17.11 -118.13 -32.64
C ILE D 212 17.31 -119.64 -32.67
N ALA D 213 16.84 -120.37 -31.67
CA ALA D 213 16.75 -121.81 -31.73
C ALA D 213 15.33 -122.21 -32.15
N CYS D 214 15.17 -122.82 -33.32
CA CYS D 214 13.86 -123.20 -33.82
C CYS D 214 13.59 -124.67 -33.59
N ARG D 215 12.53 -124.95 -32.85
CA ARG D 215 12.04 -126.28 -32.52
C ARG D 215 10.95 -126.64 -33.50
N CYS D 216 11.07 -127.80 -34.11
CA CYS D 216 10.22 -128.22 -35.22
C CYS D 216 10.09 -129.76 -35.28
N SER D 217 8.96 -130.27 -35.76
CA SER D 217 8.85 -131.67 -36.19
C SER D 217 9.58 -132.20 -37.43
N GLU D 218 10.38 -131.35 -38.10
CA GLU D 218 11.18 -131.66 -39.28
C GLU D 218 12.52 -130.93 -39.18
N GLU D 219 13.51 -131.31 -39.98
CA GLU D 219 14.61 -130.39 -40.27
C GLU D 219 14.04 -129.10 -40.88
N LEU D 220 14.54 -127.92 -40.51
CA LEU D 220 14.12 -126.70 -41.19
C LEU D 220 14.55 -126.71 -42.66
N ASN D 221 13.66 -126.33 -43.56
CA ASN D 221 14.03 -126.03 -44.94
C ASN D 221 14.92 -124.77 -44.99
N ARG D 222 15.90 -124.70 -45.90
CA ARG D 222 16.78 -123.52 -45.98
C ARG D 222 16.06 -122.24 -46.39
N SER D 223 14.95 -122.34 -47.10
CA SER D 223 14.04 -121.22 -47.35
C SER D 223 13.34 -120.71 -46.08
N THR D 224 13.01 -121.58 -45.14
CA THR D 224 12.45 -121.22 -43.83
C THR D 224 13.48 -120.50 -42.98
N ILE D 225 14.72 -121.01 -42.98
CA ILE D 225 15.85 -120.36 -42.30
C ILE D 225 16.10 -118.96 -42.89
N ASP D 226 16.18 -118.84 -44.22
CA ASP D 226 16.32 -117.53 -44.87
C ASP D 226 15.23 -116.56 -44.45
N LYS D 227 13.97 -117.01 -44.38
CA LYS D 227 12.85 -116.17 -43.96
C LYS D 227 12.96 -115.69 -42.52
N ILE D 228 13.33 -116.56 -41.59
CA ILE D 228 13.54 -116.18 -40.19
C ILE D 228 14.68 -115.17 -40.09
N ALA D 229 15.75 -115.37 -40.86
CA ALA D 229 16.89 -114.47 -40.96
C ALA D 229 16.61 -113.16 -41.72
N MET D 230 15.47 -113.02 -42.40
CA MET D 230 15.00 -111.75 -42.97
C MET D 230 14.23 -110.93 -41.93
N PHE D 231 13.27 -111.55 -41.23
CA PHE D 231 12.43 -110.84 -40.27
C PHE D 231 13.18 -110.45 -38.99
N CYS D 232 13.91 -111.39 -38.39
CA CYS D 232 14.88 -111.08 -37.35
C CYS D 232 16.17 -110.55 -37.99
N HIS D 233 16.81 -109.50 -37.45
CA HIS D 233 18.04 -108.97 -38.07
C HIS D 233 19.29 -109.74 -37.64
N VAL D 234 19.42 -110.97 -38.15
CA VAL D 234 20.45 -111.97 -37.86
C VAL D 234 20.85 -112.72 -39.13
N GLY D 235 22.07 -113.22 -39.23
CA GLY D 235 22.49 -114.02 -40.39
C GLY D 235 21.90 -115.42 -40.41
N PRO D 236 22.00 -116.21 -41.50
CA PRO D 236 21.55 -117.60 -41.54
C PRO D 236 22.25 -118.51 -40.53
N GLU D 237 23.48 -118.17 -40.18
CA GLU D 237 24.34 -118.92 -39.27
C GLU D 237 23.92 -118.77 -37.79
N GLN D 238 22.91 -117.94 -37.51
CA GLN D 238 22.37 -117.61 -36.20
C GLN D 238 20.97 -118.18 -35.95
N VAL D 239 20.36 -118.85 -36.93
CA VAL D 239 19.21 -119.71 -36.69
C VAL D 239 19.72 -121.14 -36.59
N VAL D 240 19.59 -121.76 -35.42
CA VAL D 240 19.89 -123.19 -35.22
C VAL D 240 18.61 -123.99 -35.30
N ASN D 241 18.69 -125.05 -36.08
CA ASN D 241 17.63 -125.99 -36.36
C ASN D 241 17.67 -127.08 -35.30
N VAL D 242 16.75 -127.07 -34.32
CA VAL D 242 16.71 -127.98 -33.17
C VAL D 242 15.50 -128.90 -33.28
N HIS D 243 15.49 -129.77 -34.29
CA HIS D 243 14.36 -130.65 -34.55
C HIS D 243 14.14 -131.70 -33.45
N ASP D 244 12.98 -132.34 -33.48
CA ASP D 244 12.62 -133.43 -32.57
C ASP D 244 13.51 -134.67 -32.78
N VAL D 245 14.31 -135.03 -31.77
CA VAL D 245 15.18 -136.21 -31.78
C VAL D 245 14.77 -137.19 -30.68
N ASN D 246 14.92 -138.49 -30.91
CA ASN D 246 14.55 -139.54 -29.96
C ASN D 246 15.33 -139.50 -28.60
N SER D 247 16.54 -138.96 -28.59
CA SER D 247 17.48 -138.92 -27.45
C SER D 247 18.03 -137.51 -27.23
N THR D 248 18.05 -137.00 -25.99
CA THR D 248 18.61 -135.67 -25.69
C THR D 248 20.12 -135.65 -25.52
N TYR D 249 20.79 -136.80 -25.35
CA TYR D 249 22.25 -136.89 -25.38
C TYR D 249 22.83 -136.54 -26.75
N HIS D 250 22.02 -136.56 -27.80
CA HIS D 250 22.41 -136.14 -29.14
C HIS D 250 22.37 -134.63 -29.35
N VAL D 251 21.54 -133.89 -28.61
CA VAL D 251 21.36 -132.45 -28.81
C VAL D 251 22.66 -131.64 -28.71
N PRO D 252 23.62 -131.89 -27.80
CA PRO D 252 24.91 -131.22 -27.87
C PRO D 252 25.66 -131.41 -29.19
N LEU D 253 25.64 -132.61 -29.75
CA LEU D 253 26.32 -132.88 -31.00
C LEU D 253 25.56 -132.31 -32.21
N LEU D 254 24.24 -132.04 -32.10
CA LEU D 254 23.52 -131.23 -33.10
C LEU D 254 24.04 -129.79 -33.14
N LEU D 255 24.18 -129.15 -31.99
CA LEU D 255 24.56 -127.76 -31.92
C LEU D 255 26.04 -127.56 -32.21
N LEU D 256 26.88 -128.55 -31.90
CA LEU D 256 28.28 -128.58 -32.34
C LEU D 256 28.39 -128.66 -33.89
N LYS D 257 27.61 -129.51 -34.55
CA LYS D 257 27.47 -129.53 -36.02
C LYS D 257 27.02 -128.20 -36.62
N GLN D 258 26.28 -127.39 -35.86
CA GLN D 258 25.70 -126.11 -36.31
C GLN D 258 26.50 -124.88 -35.88
N HIS D 259 27.79 -125.03 -35.57
CA HIS D 259 28.69 -123.91 -35.32
C HIS D 259 28.34 -123.02 -34.12
N MET D 260 27.51 -123.50 -33.18
CA MET D 260 27.03 -122.62 -32.10
C MET D 260 28.12 -122.27 -31.08
N ILE D 261 29.06 -123.17 -30.78
CA ILE D 261 30.29 -122.80 -30.07
C ILE D 261 31.05 -121.75 -30.89
N ASP D 262 31.26 -121.98 -32.18
CA ASP D 262 32.09 -121.12 -33.02
C ASP D 262 31.49 -119.70 -33.11
N TYR D 263 30.16 -119.58 -33.13
CA TYR D 263 29.47 -118.30 -33.08
C TYR D 263 29.67 -117.63 -31.72
N LEU D 264 29.28 -118.30 -30.64
CA LEU D 264 29.37 -117.78 -29.27
C LEU D 264 30.80 -117.42 -28.88
N HIS D 265 31.82 -118.09 -29.40
CA HIS D 265 33.22 -117.76 -29.17
C HIS D 265 33.63 -116.39 -29.75
N SER D 266 33.02 -115.99 -30.87
CA SER D 266 33.17 -114.68 -31.51
C SER D 266 32.17 -113.61 -31.02
N ARG D 267 31.00 -114.01 -30.55
CA ARG D 267 29.99 -113.13 -29.93
C ARG D 267 30.27 -112.77 -28.46
N LEU D 268 30.95 -113.63 -27.72
CA LEU D 268 31.24 -113.46 -26.30
C LEU D 268 32.75 -113.34 -26.01
N LYS D 269 33.60 -113.26 -27.03
CA LYS D 269 35.06 -113.15 -26.91
C LYS D 269 35.65 -114.20 -25.94
N LEU D 270 35.24 -115.45 -26.09
CA LEU D 270 35.54 -116.51 -25.13
C LEU D 270 37.02 -116.94 -25.19
N GLY D 271 37.70 -116.70 -26.32
CA GLY D 271 39.14 -116.92 -26.46
C GLY D 271 40.01 -115.95 -25.66
N GLU D 272 39.42 -114.89 -25.12
CA GLU D 272 40.10 -113.89 -24.31
C GLU D 272 39.92 -114.14 -22.82
N VAL D 273 39.16 -115.16 -22.41
CA VAL D 273 39.18 -115.66 -21.02
C VAL D 273 40.49 -116.42 -20.80
N PRO D 274 41.26 -116.15 -19.73
CA PRO D 274 42.49 -116.88 -19.46
C PRO D 274 42.19 -118.35 -19.15
N LEU D 275 42.86 -119.27 -19.85
CA LEU D 275 42.84 -120.71 -19.58
C LEU D 275 44.23 -121.30 -19.86
N THR D 276 44.58 -122.37 -19.15
CA THR D 276 45.81 -123.15 -19.38
C THR D 276 45.61 -124.19 -20.50
N LEU D 277 46.69 -124.82 -20.97
CA LEU D 277 46.57 -126.05 -21.78
C LEU D 277 45.95 -127.21 -20.99
N GLU D 278 46.11 -127.27 -19.66
CA GLU D 278 45.44 -128.30 -18.85
C GLU D 278 43.92 -128.17 -18.97
N ASP D 279 43.39 -126.95 -18.86
CA ASP D 279 41.96 -126.66 -19.07
C ASP D 279 41.50 -127.04 -20.49
N LYS D 280 42.35 -126.82 -21.51
CA LYS D 280 42.02 -127.17 -22.90
C LYS D 280 42.17 -128.64 -23.26
N GLU D 281 42.88 -129.47 -22.49
CA GLU D 281 42.82 -130.93 -22.60
C GLU D 281 41.55 -131.47 -21.94
N ARG D 282 41.21 -130.97 -20.75
CA ARG D 282 40.00 -131.39 -20.03
C ARG D 282 38.73 -131.14 -20.84
N GLY D 283 38.65 -130.05 -21.57
CA GLY D 283 37.51 -129.74 -22.43
C GLY D 283 37.27 -130.78 -23.52
N SER D 284 38.27 -131.11 -24.35
CA SER D 284 38.11 -132.11 -25.40
C SER D 284 38.06 -133.56 -24.87
N GLN D 285 38.61 -133.82 -23.68
CA GLN D 285 38.44 -135.09 -22.96
C GLN D 285 36.98 -135.30 -22.52
N LEU D 286 36.27 -134.27 -22.07
CA LEU D 286 34.81 -134.34 -21.93
C LEU D 286 34.09 -134.50 -23.26
N LEU D 287 34.53 -133.82 -24.34
CA LEU D 287 33.87 -133.95 -25.65
C LEU D 287 33.96 -135.37 -26.18
N THR D 288 35.16 -135.95 -26.22
CA THR D 288 35.37 -137.32 -26.67
C THR D 288 34.64 -138.33 -25.79
N ASN D 289 34.57 -138.15 -24.47
CA ASN D 289 33.68 -138.95 -23.60
C ASN D 289 32.19 -138.82 -23.97
N TRP D 290 31.70 -137.66 -24.43
CA TRP D 290 30.34 -137.50 -24.90
C TRP D 290 30.11 -138.22 -26.24
N GLU D 291 31.02 -138.07 -27.19
CA GLU D 291 30.98 -138.80 -28.45
C GLU D 291 31.06 -140.31 -28.25
N ASN D 292 31.83 -140.79 -27.27
CA ASN D 292 31.85 -142.20 -26.90
C ASN D 292 30.47 -142.64 -26.40
N MET D 293 29.91 -142.02 -25.36
CA MET D 293 28.63 -142.50 -24.84
C MET D 293 27.48 -142.38 -25.84
N THR D 294 27.51 -141.41 -26.76
CA THR D 294 26.49 -141.29 -27.82
C THR D 294 26.69 -142.28 -28.96
N LYS D 295 27.92 -142.64 -29.32
CA LYS D 295 28.20 -143.76 -30.21
C LYS D 295 27.73 -145.08 -29.59
N ASN D 296 28.09 -145.35 -28.33
CA ASN D 296 27.66 -146.54 -27.58
C ASN D 296 26.14 -146.59 -27.31
N LEU D 297 25.42 -145.47 -27.43
CA LEU D 297 23.97 -145.40 -27.42
C LEU D 297 23.37 -145.86 -28.76
N ASP D 298 23.99 -145.52 -29.88
CA ASP D 298 23.48 -145.82 -31.23
C ASP D 298 23.78 -147.23 -31.73
N ASP D 299 24.92 -147.81 -31.41
CA ASP D 299 25.29 -149.15 -31.90
C ASP D 299 25.01 -150.28 -30.90
N SER D 300 24.62 -149.95 -29.67
CA SER D 300 24.05 -150.92 -28.73
C SER D 300 22.69 -151.44 -29.22
N ASP D 301 22.38 -152.69 -28.89
CA ASP D 301 21.25 -153.44 -29.42
C ASP D 301 20.58 -154.32 -28.36
N ASP D 302 21.35 -155.00 -27.51
CA ASP D 302 20.79 -155.91 -26.51
C ASP D 302 20.01 -155.14 -25.43
N VAL D 303 18.74 -155.49 -25.21
CA VAL D 303 17.83 -154.80 -24.29
C VAL D 303 17.98 -155.27 -22.84
N VAL D 304 17.70 -154.40 -21.87
CA VAL D 304 17.38 -154.77 -20.49
C VAL D 304 16.10 -154.08 -20.04
N LYS D 305 15.21 -154.81 -19.37
CA LYS D 305 13.90 -154.30 -18.95
C LYS D 305 13.86 -154.12 -17.44
N ILE D 306 13.57 -152.92 -16.96
CA ILE D 306 13.45 -152.61 -15.53
C ILE D 306 12.01 -152.21 -15.24
N ALA D 307 11.35 -152.86 -14.30
CA ALA D 307 10.09 -152.41 -13.78
C ALA D 307 10.32 -151.27 -12.79
N LEU D 308 9.76 -150.09 -13.05
CA LEU D 308 9.65 -149.02 -12.06
C LEU D 308 8.26 -149.09 -11.47
N VAL D 309 8.16 -149.45 -10.20
CA VAL D 309 6.91 -149.74 -9.49
C VAL D 309 6.54 -148.55 -8.62
N GLY D 310 5.47 -147.82 -8.91
CA GLY D 310 5.16 -146.57 -8.21
C GLY D 310 3.71 -146.13 -8.39
N LYS D 311 3.37 -144.89 -8.04
CA LYS D 311 2.08 -144.27 -8.44
C LYS D 311 2.26 -143.22 -9.52
N TYR D 312 1.20 -142.89 -10.23
CA TYR D 312 1.17 -141.82 -11.22
C TYR D 312 2.24 -142.00 -12.31
N THR D 313 2.45 -143.23 -12.76
CA THR D 313 3.53 -143.57 -13.71
C THR D 313 3.24 -143.08 -15.13
N ASN D 314 2.07 -142.50 -15.35
CA ASN D 314 1.65 -141.81 -16.58
C ASN D 314 2.29 -140.41 -16.72
N LEU D 315 2.57 -139.72 -15.62
CA LEU D 315 3.35 -138.47 -15.59
C LEU D 315 4.83 -138.83 -15.41
N LYS D 316 5.50 -139.25 -16.48
CA LYS D 316 6.89 -139.79 -16.45
C LYS D 316 7.94 -138.80 -15.91
N ASP D 317 7.63 -137.50 -15.94
CA ASP D 317 8.39 -136.41 -15.33
C ASP D 317 8.40 -136.44 -13.79
N SER D 318 7.43 -137.09 -13.14
CA SER D 318 7.40 -137.35 -11.69
C SER D 318 8.54 -138.27 -11.21
N TYR D 319 9.32 -138.84 -12.13
CA TYR D 319 10.42 -139.75 -11.88
C TYR D 319 11.63 -139.35 -12.72
N LEU D 320 11.78 -138.08 -13.08
CA LEU D 320 12.78 -137.68 -14.06
C LEU D 320 14.20 -138.06 -13.65
N SER D 321 14.60 -137.88 -12.40
CA SER D 321 15.95 -138.20 -11.94
C SER D 321 16.18 -139.70 -11.83
N VAL D 322 15.17 -140.46 -11.43
CA VAL D 322 15.18 -141.91 -11.44
C VAL D 322 15.42 -142.43 -12.86
N THR D 323 14.67 -141.89 -13.82
CA THR D 323 14.74 -142.25 -15.21
C THR D 323 16.12 -141.98 -15.77
N LYS D 324 16.67 -140.79 -15.58
CA LYS D 324 18.02 -140.45 -16.02
C LYS D 324 19.07 -141.35 -15.36
N SER D 325 18.90 -141.68 -14.09
CA SER D 325 19.82 -142.55 -13.38
C SER D 325 19.80 -144.01 -13.87
N LEU D 326 18.64 -144.54 -14.29
CA LEU D 326 18.55 -145.82 -14.99
C LEU D 326 19.19 -145.76 -16.38
N GLU D 327 19.01 -144.66 -17.11
CA GLU D 327 19.68 -144.43 -18.37
C GLU D 327 21.20 -144.40 -18.23
N HIS D 328 21.75 -143.69 -17.26
CA HIS D 328 23.20 -143.61 -17.12
C HIS D 328 23.77 -145.00 -16.81
N ALA D 329 23.08 -145.80 -16.01
CA ALA D 329 23.47 -147.17 -15.71
C ALA D 329 23.46 -148.06 -16.95
N SER D 330 22.37 -148.00 -17.71
CA SER D 330 22.20 -148.63 -19.02
C SER D 330 23.30 -148.26 -19.99
N MET D 331 23.66 -146.99 -20.12
CA MET D 331 24.71 -146.54 -21.03
C MET D 331 26.09 -147.08 -20.64
N LYS D 332 26.40 -147.18 -19.34
CA LYS D 332 27.65 -147.78 -18.86
C LYS D 332 27.71 -149.31 -18.98
N CYS D 333 26.56 -150.00 -18.96
CA CYS D 333 26.45 -151.43 -19.29
C CYS D 333 26.39 -151.73 -20.80
N ARG D 334 26.17 -150.71 -21.64
CA ARG D 334 26.00 -150.80 -23.10
C ARG D 334 24.83 -151.70 -23.53
N ARG D 335 23.71 -151.61 -22.79
CA ARG D 335 22.44 -152.28 -23.11
C ARG D 335 21.30 -151.27 -23.16
N GLN D 336 20.40 -151.42 -24.12
CA GLN D 336 19.27 -150.52 -24.33
C GLN D 336 18.26 -150.65 -23.20
N LEU D 337 17.95 -149.55 -22.52
CA LEU D 337 16.99 -149.58 -21.42
C LEU D 337 15.57 -149.54 -21.97
N GLU D 338 14.73 -150.44 -21.51
CA GLU D 338 13.29 -150.22 -21.50
C GLU D 338 12.83 -150.11 -20.03
N ILE D 339 12.26 -148.97 -19.65
CA ILE D 339 11.51 -148.88 -18.40
C ILE D 339 10.13 -149.44 -18.67
N LEU D 340 9.73 -150.41 -17.86
CA LEU D 340 8.36 -150.87 -17.76
C LEU D 340 7.73 -150.08 -16.62
N TRP D 341 6.76 -149.24 -16.91
CA TRP D 341 6.09 -148.39 -15.92
C TRP D 341 4.93 -149.15 -15.29
N VAL D 342 5.02 -149.48 -14.00
CA VAL D 342 4.09 -150.35 -13.29
C VAL D 342 3.39 -149.56 -12.20
N GLU D 343 2.08 -149.34 -12.29
CA GLU D 343 1.34 -148.73 -11.17
C GLU D 343 1.13 -149.75 -10.05
N ALA D 344 1.68 -149.51 -8.88
CA ALA D 344 1.67 -150.45 -7.78
C ALA D 344 0.27 -150.82 -7.30
N SER D 345 -0.68 -149.88 -7.27
CA SER D 345 -2.07 -150.15 -6.92
C SER D 345 -2.72 -151.19 -7.87
N ASN D 346 -2.38 -151.18 -9.15
CA ASN D 346 -2.89 -152.15 -10.12
C ASN D 346 -2.40 -153.59 -9.86
N LEU D 347 -1.25 -153.77 -9.19
CA LEU D 347 -0.76 -155.08 -8.74
C LEU D 347 -1.64 -155.69 -7.65
N GLU D 348 -2.41 -154.90 -6.91
CA GLU D 348 -3.28 -155.42 -5.85
C GLU D 348 -4.46 -156.22 -6.41
N PRO D 349 -4.84 -157.37 -5.79
CA PRO D 349 -5.87 -158.26 -6.33
C PRO D 349 -7.22 -157.59 -6.56
N GLU D 350 -7.60 -156.61 -5.74
CA GLU D 350 -8.86 -155.89 -5.86
C GLU D 350 -9.02 -155.20 -7.24
N THR D 351 -7.93 -154.85 -7.90
CA THR D 351 -7.95 -154.32 -9.27
C THR D 351 -8.59 -155.31 -10.24
N GLN D 352 -8.44 -156.61 -10.04
CA GLN D 352 -9.09 -157.64 -10.84
C GLN D 352 -10.62 -157.67 -10.66
N GLU D 353 -11.15 -157.07 -9.59
CA GLU D 353 -12.59 -156.81 -9.44
C GLU D 353 -12.99 -155.50 -10.15
N VAL D 354 -12.10 -154.49 -10.14
CA VAL D 354 -12.35 -153.15 -10.67
C VAL D 354 -12.20 -153.08 -12.20
N ASP D 355 -11.07 -153.53 -12.74
CA ASP D 355 -10.75 -153.61 -14.17
C ASP D 355 -9.66 -154.66 -14.44
N LYS D 356 -10.04 -155.79 -15.04
CA LYS D 356 -9.12 -156.91 -15.27
C LYS D 356 -8.00 -156.58 -16.24
N ASN D 357 -8.23 -155.68 -17.20
CA ASN D 357 -7.20 -155.22 -18.13
C ASN D 357 -5.99 -154.59 -17.40
N LYS D 358 -6.22 -153.73 -16.41
CA LYS D 358 -5.18 -153.08 -15.60
C LYS D 358 -4.46 -154.07 -14.68
N PHE D 359 -5.16 -155.05 -14.12
CA PHE D 359 -4.54 -156.05 -13.26
C PHE D 359 -3.52 -156.88 -14.05
N HIS D 360 -3.96 -157.48 -15.16
CA HIS D 360 -3.07 -158.32 -15.95
C HIS D 360 -1.94 -157.55 -16.62
N ASP D 361 -2.13 -156.34 -17.16
CA ASP D 361 -1.01 -155.59 -17.75
C ASP D 361 0.08 -155.26 -16.73
N SER D 362 -0.29 -154.96 -15.48
CA SER D 362 0.70 -154.75 -14.42
C SER D 362 1.53 -156.00 -14.12
N TRP D 363 0.89 -157.18 -13.99
CA TRP D 363 1.61 -158.42 -13.67
C TRP D 363 2.33 -159.01 -14.88
N ASN D 364 1.81 -158.79 -16.08
CA ASN D 364 2.47 -158.99 -17.36
C ASN D 364 3.81 -158.23 -17.40
N LYS D 365 3.81 -156.93 -17.06
CA LYS D 365 5.05 -156.14 -16.95
C LYS D 365 5.96 -156.63 -15.82
N LEU D 366 5.46 -156.84 -14.62
CA LEU D 366 6.32 -157.23 -13.49
C LEU D 366 6.99 -158.61 -13.70
N SER D 367 6.32 -159.55 -14.36
CA SER D 367 6.90 -160.85 -14.76
C SER D 367 7.94 -160.74 -15.86
N SER D 368 7.79 -159.74 -16.73
CA SER D 368 8.67 -159.47 -17.86
C SER D 368 10.01 -158.84 -17.46
N ALA D 369 10.05 -158.22 -16.29
CA ALA D 369 11.16 -157.42 -15.81
C ALA D 369 12.44 -158.23 -15.49
N ASP D 370 13.58 -157.80 -16.02
CA ASP D 370 14.91 -158.31 -15.68
C ASP D 370 15.43 -157.75 -14.35
N GLY D 371 14.87 -156.63 -13.89
CA GLY D 371 15.12 -156.01 -12.59
C GLY D 371 13.95 -155.15 -12.16
N ILE D 372 13.86 -154.84 -10.88
CA ILE D 372 12.78 -154.06 -10.28
C ILE D 372 13.38 -152.88 -9.52
N LEU D 373 12.78 -151.71 -9.68
CA LEU D 373 13.01 -150.55 -8.86
C LEU D 373 11.72 -150.16 -8.15
N VAL D 374 11.77 -150.02 -6.82
CA VAL D 374 10.78 -149.24 -6.06
C VAL D 374 11.43 -147.86 -5.84
N PRO D 375 10.91 -146.78 -6.45
CA PRO D 375 11.67 -145.59 -6.80
C PRO D 375 11.83 -144.53 -5.72
N GLY D 376 11.15 -144.64 -4.59
CA GLY D 376 11.09 -143.58 -3.58
C GLY D 376 9.99 -142.56 -3.88
N GLY D 377 8.75 -143.02 -3.83
CA GLY D 377 7.55 -142.20 -4.03
C GLY D 377 7.13 -141.35 -2.83
N PHE D 378 5.89 -140.94 -2.85
CA PHE D 378 5.30 -139.90 -1.99
C PHE D 378 3.83 -140.25 -1.71
N GLY D 379 3.40 -140.23 -0.44
CA GLY D 379 2.04 -140.58 -0.02
C GLY D 379 1.76 -142.10 -0.03
N THR D 380 1.39 -142.67 1.11
CA THR D 380 1.41 -144.12 1.40
C THR D 380 0.39 -145.00 0.65
N ARG D 381 -0.49 -144.42 -0.18
CA ARG D 381 -1.67 -145.12 -0.76
C ARG D 381 -1.38 -146.37 -1.61
N GLY D 382 -0.17 -146.56 -2.13
CA GLY D 382 0.21 -147.68 -2.99
C GLY D 382 0.99 -148.82 -2.32
N ILE D 383 1.25 -148.74 -1.01
CA ILE D 383 2.20 -149.61 -0.30
C ILE D 383 1.83 -151.09 -0.38
N GLU D 384 0.55 -151.44 -0.25
CA GLU D 384 0.12 -152.85 -0.28
C GLU D 384 0.38 -153.50 -1.64
N GLY D 385 0.38 -152.72 -2.72
CA GLY D 385 0.84 -153.15 -4.05
C GLY D 385 2.36 -153.34 -4.11
N MET D 386 3.13 -152.38 -3.62
CA MET D 386 4.60 -152.49 -3.61
C MET D 386 5.11 -153.64 -2.74
N ILE D 387 4.38 -154.01 -1.68
CA ILE D 387 4.69 -155.17 -0.85
C ILE D 387 4.64 -156.46 -1.67
N LEU D 388 3.70 -156.59 -2.60
CA LEU D 388 3.67 -157.69 -3.56
C LEU D 388 4.90 -157.65 -4.44
N ALA D 389 5.26 -156.49 -4.99
CA ALA D 389 6.43 -156.36 -5.87
C ALA D 389 7.75 -156.71 -5.16
N ALA D 390 7.90 -156.32 -3.89
CA ALA D 390 9.03 -156.71 -3.07
C ALA D 390 9.02 -158.21 -2.72
N LYS D 391 7.84 -158.79 -2.44
CA LYS D 391 7.68 -160.23 -2.19
C LYS D 391 8.10 -161.03 -3.42
N TRP D 392 7.52 -160.71 -4.57
CA TRP D 392 7.85 -161.30 -5.86
C TRP D 392 9.36 -161.32 -6.11
N ALA D 393 10.05 -160.20 -5.95
CA ALA D 393 11.48 -160.14 -6.16
C ALA D 393 12.30 -161.03 -5.20
N ARG D 394 11.87 -161.16 -3.95
CA ARG D 394 12.57 -161.95 -2.93
C ARG D 394 12.32 -163.44 -3.09
N GLU D 395 11.07 -163.83 -3.36
CA GLU D 395 10.67 -165.21 -3.60
C GLU D 395 11.25 -165.79 -4.90
N SER D 396 11.62 -164.93 -5.86
CA SER D 396 11.93 -165.32 -7.25
C SER D 396 13.37 -165.09 -7.70
N GLY D 397 14.19 -164.38 -6.92
CA GLY D 397 15.59 -164.09 -7.25
C GLY D 397 15.83 -162.95 -8.23
N VAL D 398 14.80 -162.18 -8.58
CA VAL D 398 14.88 -161.05 -9.52
C VAL D 398 15.60 -159.86 -8.86
N PRO D 399 16.59 -159.22 -9.51
CA PRO D 399 17.29 -158.05 -9.00
C PRO D 399 16.38 -156.90 -8.55
N PHE D 400 16.67 -156.31 -7.39
CA PHE D 400 15.81 -155.32 -6.74
C PHE D 400 16.63 -154.14 -6.23
N LEU D 401 16.10 -152.93 -6.38
CA LEU D 401 16.54 -151.76 -5.63
C LEU D 401 15.36 -151.09 -4.97
N GLY D 402 15.47 -150.80 -3.68
CA GLY D 402 14.46 -150.05 -2.93
C GLY D 402 15.00 -148.71 -2.45
N VAL D 403 14.44 -147.59 -2.92
CA VAL D 403 14.88 -146.24 -2.56
C VAL D 403 13.89 -145.56 -1.63
N CYS D 404 14.32 -145.01 -0.50
CA CYS D 404 13.52 -144.32 0.53
C CYS D 404 12.35 -145.19 1.03
N LEU D 405 11.13 -144.95 0.57
CA LEU D 405 10.00 -145.88 0.71
C LEU D 405 10.33 -147.32 0.27
N GLY D 406 11.26 -147.54 -0.64
CA GLY D 406 11.74 -148.85 -1.05
C GLY D 406 12.62 -149.59 -0.04
N LEU D 407 13.27 -148.93 0.94
CA LEU D 407 13.71 -149.63 2.16
C LEU D 407 12.47 -150.15 2.88
N GLN D 408 11.53 -149.25 3.08
CA GLN D 408 10.47 -149.43 4.05
C GLN D 408 9.50 -150.51 3.62
N VAL D 409 8.97 -150.49 2.39
CA VAL D 409 8.10 -151.58 1.91
C VAL D 409 8.82 -152.93 1.86
N ALA D 410 10.14 -152.97 1.65
CA ALA D 410 10.89 -154.21 1.66
C ALA D 410 11.05 -154.76 3.08
N ALA D 411 11.40 -153.91 4.05
CA ALA D 411 11.45 -154.31 5.45
C ALA D 411 10.06 -154.72 5.98
N ILE D 412 9.00 -154.01 5.60
CA ILE D 412 7.62 -154.38 5.90
C ILE D 412 7.27 -155.74 5.29
N GLU D 413 7.67 -156.01 4.05
CA GLU D 413 7.53 -157.32 3.42
C GLU D 413 8.30 -158.40 4.20
N PHE D 414 9.58 -158.19 4.46
CA PHE D 414 10.43 -159.14 5.16
C PHE D 414 9.93 -159.45 6.58
N ALA D 415 9.42 -158.45 7.29
CA ALA D 415 8.76 -158.62 8.59
C ALA D 415 7.49 -159.48 8.48
N ARG D 416 6.56 -159.17 7.58
CA ARG D 416 5.29 -159.91 7.39
C ARG D 416 5.49 -161.34 6.86
N ASN D 417 6.53 -161.59 6.06
CA ASN D 417 6.67 -162.83 5.28
C ASN D 417 7.88 -163.69 5.63
N VAL D 418 8.89 -163.21 6.34
CA VAL D 418 10.09 -164.00 6.71
C VAL D 418 10.32 -164.05 8.22
N ILE D 419 10.04 -162.97 8.97
CA ILE D 419 9.90 -163.04 10.44
C ILE D 419 8.53 -163.63 10.82
N GLY D 420 7.47 -163.22 10.12
CA GLY D 420 6.12 -163.75 10.31
C GLY D 420 5.26 -163.01 11.32
N ARG D 421 5.26 -161.67 11.33
CA ARG D 421 4.32 -160.79 12.05
C ARG D 421 3.37 -160.11 11.06
N PRO D 422 2.26 -160.75 10.63
CA PRO D 422 1.63 -160.46 9.33
C PRO D 422 0.96 -159.08 9.16
N ASN D 423 0.79 -158.32 10.25
CA ASN D 423 0.19 -156.98 10.26
C ASN D 423 1.22 -155.84 10.35
N SER D 424 2.52 -156.12 10.48
CA SER D 424 3.55 -155.10 10.72
C SER D 424 3.62 -154.05 9.60
N SER D 425 3.81 -152.77 9.94
CA SER D 425 3.37 -151.67 9.06
C SER D 425 4.14 -150.35 9.16
N SER D 426 3.93 -149.54 8.12
CA SER D 426 4.30 -148.13 8.02
C SER D 426 3.43 -147.26 8.91
N THR D 427 4.01 -146.72 9.97
CA THR D 427 3.34 -145.80 10.88
C THR D 427 2.75 -144.58 10.18
N GLU D 428 3.32 -144.10 9.07
CA GLU D 428 2.72 -143.00 8.29
C GLU D 428 1.34 -143.32 7.69
N PHE D 429 1.00 -144.61 7.52
CA PHE D 429 -0.26 -145.05 6.93
C PHE D 429 -1.37 -145.29 7.96
N LEU D 430 -1.00 -145.62 9.21
CA LEU D 430 -1.94 -146.10 10.24
C LEU D 430 -1.96 -145.29 11.54
N ASP D 431 -0.90 -144.52 11.82
CA ASP D 431 -0.56 -143.80 13.06
C ASP D 431 -1.35 -144.19 14.32
N GLU D 432 -2.50 -143.55 14.57
CA GLU D 432 -3.32 -143.67 15.79
C GLU D 432 -3.84 -145.09 16.08
N THR D 433 -3.71 -146.01 15.12
CA THR D 433 -4.14 -147.42 15.21
C THR D 433 -3.27 -148.25 16.19
N LEU D 434 -2.03 -147.81 16.49
CA LEU D 434 -1.16 -148.33 17.57
C LEU D 434 -0.92 -149.86 17.57
N LEU D 435 -0.71 -150.48 16.40
CA LEU D 435 -0.16 -151.85 16.33
C LEU D 435 1.19 -151.96 17.05
N ALA D 436 1.53 -153.12 17.60
CA ALA D 436 2.80 -153.34 18.30
C ALA D 436 4.04 -153.48 17.38
N PRO D 437 3.99 -154.21 16.23
CA PRO D 437 5.16 -154.37 15.35
C PRO D 437 5.23 -153.21 14.34
N GLU D 438 5.65 -152.05 14.84
CA GLU D 438 5.93 -150.86 14.03
C GLU D 438 7.27 -151.04 13.31
N ASP D 439 7.25 -151.13 11.97
CA ASP D 439 8.46 -151.21 11.14
C ASP D 439 9.04 -149.81 10.88
N GLN D 440 8.23 -148.89 10.35
CA GLN D 440 8.56 -147.47 10.39
C GLN D 440 8.32 -146.91 11.81
N VAL D 441 9.22 -146.04 12.29
CA VAL D 441 8.98 -145.11 13.42
C VAL D 441 9.61 -143.75 13.10
N VAL D 442 9.07 -142.65 13.63
CA VAL D 442 9.64 -141.29 13.45
C VAL D 442 10.90 -141.15 14.30
N ILE D 443 12.00 -140.64 13.75
CA ILE D 443 13.17 -140.22 14.56
C ILE D 443 13.57 -138.77 14.18
N THR D 444 11.73 -130.85 10.53
CA THR D 444 11.72 -132.23 11.01
C THR D 444 11.94 -133.28 9.92
N MET D 445 11.94 -132.92 8.64
CA MET D 445 12.55 -133.76 7.58
C MET D 445 14.06 -133.87 7.78
N ARG D 446 14.61 -135.07 7.66
CA ARG D 446 16.06 -135.31 7.55
C ARG D 446 16.51 -135.09 6.11
N LEU D 447 17.10 -133.94 5.84
CA LEU D 447 17.19 -133.33 4.50
C LEU D 447 18.63 -133.09 4.03
N GLY D 448 18.86 -133.15 2.73
CA GLY D 448 20.13 -132.79 2.11
C GLY D 448 21.22 -133.83 2.30
N LEU D 449 22.44 -133.47 1.95
CA LEU D 449 23.59 -134.37 2.04
C LEU D 449 23.91 -134.71 3.50
N ARG D 450 24.07 -136.01 3.79
CA ARG D 450 24.49 -136.54 5.09
C ARG D 450 25.55 -137.63 4.86
N PRO D 451 26.38 -137.97 5.87
CA PRO D 451 27.21 -139.16 5.83
C PRO D 451 26.40 -140.39 6.31
N THR D 452 26.61 -141.51 5.63
CA THR D 452 26.21 -142.89 5.94
C THR D 452 27.48 -143.70 6.12
N ILE D 453 27.58 -144.53 7.15
CA ILE D 453 28.80 -145.28 7.47
C ILE D 453 28.48 -146.77 7.46
N PHE D 454 29.33 -147.60 6.85
CA PHE D 454 29.08 -149.04 6.78
C PHE D 454 29.30 -149.73 8.14
N GLN D 455 28.33 -150.52 8.60
CA GLN D 455 28.46 -151.42 9.76
C GLN D 455 29.61 -152.42 9.50
N PRO D 456 30.42 -152.90 10.49
CA PRO D 456 31.68 -153.58 10.19
C PRO D 456 31.58 -154.91 9.41
N ASN D 457 30.58 -155.74 9.69
CA ASN D 457 30.42 -157.08 9.11
C ASN D 457 29.68 -157.05 7.75
N SER D 458 30.19 -156.28 6.78
CA SER D 458 29.46 -155.87 5.58
C SER D 458 30.24 -155.87 4.26
N GLU D 459 31.55 -156.14 4.24
CA GLU D 459 32.30 -156.21 2.98
C GLU D 459 31.85 -157.38 2.09
N TRP D 460 31.09 -158.34 2.60
CA TRP D 460 30.49 -159.42 1.79
C TRP D 460 29.44 -158.89 0.80
N SER D 461 28.78 -157.79 1.12
CA SER D 461 27.63 -157.26 0.40
C SER D 461 28.02 -156.62 -0.93
N ASN D 462 27.20 -156.86 -1.94
CA ASN D 462 27.29 -156.22 -3.25
C ASN D 462 27.23 -154.69 -3.13
N ILE D 463 26.40 -154.14 -2.25
CA ILE D 463 26.25 -152.69 -2.11
C ILE D 463 27.50 -152.01 -1.53
N ARG D 464 28.18 -152.57 -0.52
CA ARG D 464 29.50 -152.04 -0.10
C ARG D 464 30.56 -152.18 -1.20
N LYS D 465 30.50 -153.26 -1.98
CA LYS D 465 31.42 -153.51 -3.10
C LYS D 465 31.26 -152.51 -4.24
N LEU D 466 30.03 -152.20 -4.63
CA LEU D 466 29.70 -151.18 -5.64
C LEU D 466 30.17 -149.78 -5.27
N TYR D 467 30.14 -149.42 -3.99
CA TYR D 467 30.66 -148.14 -3.51
C TYR D 467 32.19 -148.06 -3.38
N GLY D 468 32.94 -149.00 -3.97
CA GLY D 468 34.41 -149.04 -3.93
C GLY D 468 34.99 -149.47 -2.59
N GLU D 469 34.18 -150.03 -1.70
CA GLU D 469 34.53 -150.38 -0.32
C GLU D 469 35.07 -149.21 0.53
N VAL D 470 34.76 -147.96 0.15
CA VAL D 470 35.06 -146.75 0.90
C VAL D 470 34.23 -146.75 2.19
N ASN D 471 34.78 -146.28 3.31
CA ASN D 471 34.17 -146.47 4.64
C ASN D 471 32.84 -145.70 4.85
N GLU D 472 32.75 -144.51 4.26
CA GLU D 472 31.57 -143.64 4.28
C GLU D 472 30.95 -143.52 2.88
N VAL D 473 29.64 -143.38 2.85
CA VAL D 473 28.82 -143.01 1.70
C VAL D 473 28.19 -141.65 2.02
N HIS D 474 28.38 -140.62 1.19
CA HIS D 474 27.71 -139.32 1.38
C HIS D 474 26.66 -139.15 0.29
N GLU D 475 25.40 -139.02 0.68
CA GLU D 475 24.26 -139.02 -0.23
C GLU D 475 23.13 -138.15 0.31
N ARG D 476 22.13 -137.80 -0.51
CA ARG D 476 21.08 -136.83 -0.17
C ARG D 476 19.82 -137.49 0.37
N HIS D 477 19.26 -136.91 1.42
CA HIS D 477 18.13 -137.42 2.20
C HIS D 477 16.90 -136.51 2.08
N ARG D 478 15.70 -137.08 2.16
CA ARG D 478 14.43 -136.34 2.19
C ARG D 478 13.34 -137.19 2.87
N HIS D 479 13.64 -137.68 4.06
CA HIS D 479 12.77 -138.62 4.80
C HIS D 479 12.49 -138.16 6.23
N ARG D 480 11.39 -138.63 6.78
CA ARG D 480 10.88 -138.28 8.12
C ARG D 480 10.91 -139.47 9.09
N TYR D 481 10.73 -140.68 8.58
CA TYR D 481 10.76 -141.95 9.30
C TYR D 481 12.12 -142.65 9.21
N GLU D 482 12.27 -143.69 10.02
CA GLU D 482 13.35 -144.68 10.03
C GLU D 482 12.76 -146.08 10.12
N ILE D 483 13.56 -147.11 9.84
CA ILE D 483 13.28 -148.44 10.39
C ILE D 483 13.52 -148.43 11.90
N ASN D 484 12.60 -149.05 12.65
CA ASN D 484 12.68 -149.27 14.09
C ASN D 484 13.93 -150.07 14.52
N PRO D 485 14.82 -149.54 15.38
CA PRO D 485 16.04 -150.23 15.81
C PRO D 485 15.73 -151.50 16.64
N LYS D 486 14.59 -151.58 17.34
CA LYS D 486 14.16 -152.75 18.12
C LYS D 486 13.92 -153.98 17.23
N ILE D 487 13.50 -153.77 15.98
CA ILE D 487 13.30 -154.82 14.98
C ILE D 487 14.59 -155.13 14.19
N VAL D 488 15.67 -154.35 14.34
CA VAL D 488 16.91 -154.57 13.57
C VAL D 488 17.57 -155.90 13.91
N ASN D 489 17.85 -156.22 15.18
CA ASN D 489 18.55 -157.46 15.49
C ASN D 489 17.67 -158.72 15.27
N ASP D 490 16.35 -158.57 15.34
CA ASP D 490 15.37 -159.54 14.86
C ASP D 490 15.57 -159.82 13.36
N MET D 491 15.53 -158.79 12.51
CA MET D 491 15.80 -158.90 11.08
C MET D 491 17.21 -159.42 10.78
N GLU D 492 18.24 -158.93 11.46
CA GLU D 492 19.61 -159.39 11.23
C GLU D 492 19.79 -160.86 11.62
N SER D 493 19.08 -161.35 12.65
CA SER D 493 19.07 -162.78 12.99
C SER D 493 18.54 -163.66 11.85
N ARG D 494 17.75 -163.09 10.94
CA ARG D 494 17.14 -163.73 9.77
C ARG D 494 17.83 -163.43 8.44
N GLY D 495 18.97 -162.72 8.44
CA GLY D 495 19.81 -162.47 7.25
C GLY D 495 19.62 -161.13 6.52
N PHE D 496 18.71 -160.27 6.98
CA PHE D 496 18.41 -158.96 6.41
C PHE D 496 19.29 -157.86 7.03
N ILE D 497 20.59 -157.91 6.75
CA ILE D 497 21.60 -157.10 7.43
C ILE D 497 21.52 -155.62 7.04
N PHE D 498 21.44 -154.73 8.04
CA PHE D 498 21.53 -153.29 7.84
C PHE D 498 23.00 -152.88 7.72
N VAL D 499 23.50 -153.10 6.51
CA VAL D 499 24.84 -152.85 6.02
C VAL D 499 25.36 -151.42 6.21
N GLY D 500 24.51 -150.41 6.35
CA GLY D 500 24.93 -149.02 6.59
C GLY D 500 23.94 -148.17 7.38
N LYS D 501 24.48 -147.25 8.17
CA LYS D 501 23.77 -146.45 9.18
C LYS D 501 24.33 -145.03 9.32
N ASP D 502 23.57 -144.14 9.94
CA ASP D 502 24.06 -142.85 10.44
C ASP D 502 25.15 -143.05 11.50
N GLU D 503 26.07 -142.09 11.66
CA GLU D 503 27.18 -142.17 12.62
C GLU D 503 26.75 -142.46 14.08
N THR D 504 25.53 -142.09 14.47
CA THR D 504 24.94 -142.39 15.79
C THR D 504 24.44 -143.83 15.95
N GLY D 505 24.27 -144.58 14.85
CA GLY D 505 23.78 -145.96 14.85
C GLY D 505 22.27 -146.15 15.10
N GLN D 506 21.52 -145.11 15.45
CA GLN D 506 20.08 -145.18 15.68
C GLN D 506 19.26 -145.35 14.39
N ARG D 507 19.86 -144.95 13.26
CA ARG D 507 19.21 -144.70 11.95
C ARG D 507 19.72 -145.65 10.85
N CYS D 508 18.84 -146.44 10.26
CA CYS D 508 19.16 -147.51 9.30
C CYS D 508 19.01 -147.04 7.86
N GLU D 509 20.08 -147.16 7.06
CA GLU D 509 20.18 -146.41 5.80
C GLU D 509 20.48 -147.25 4.57
N ILE D 510 21.23 -148.33 4.70
CA ILE D 510 21.47 -149.31 3.63
C ILE D 510 21.25 -150.72 4.17
N PHE D 511 20.57 -151.59 3.42
CA PHE D 511 20.60 -153.03 3.64
C PHE D 511 21.09 -153.80 2.42
N GLU D 512 21.51 -155.03 2.67
CA GLU D 512 21.49 -156.11 1.70
C GLU D 512 20.95 -157.39 2.37
N LEU D 513 20.06 -158.11 1.72
CA LEU D 513 19.64 -159.45 2.17
C LEU D 513 20.67 -160.49 1.74
N LYS D 514 21.16 -161.30 2.69
CA LYS D 514 22.06 -162.45 2.46
C LYS D 514 21.53 -163.41 1.39
N GLY D 515 22.42 -163.87 0.52
CA GLY D 515 22.17 -164.97 -0.43
C GLY D 515 21.50 -164.60 -1.76
N HIS D 516 20.55 -163.66 -1.77
CA HIS D 516 19.89 -163.18 -3.01
C HIS D 516 20.89 -162.49 -3.95
N PRO D 517 20.82 -162.64 -5.29
CA PRO D 517 21.77 -162.01 -6.22
C PRO D 517 21.95 -160.50 -6.05
N TYR D 518 20.87 -159.75 -5.83
CA TYR D 518 20.87 -158.30 -5.61
C TYR D 518 19.54 -157.85 -5.01
N TYR D 519 19.48 -157.65 -3.71
CA TYR D 519 18.28 -157.18 -3.00
C TYR D 519 18.76 -156.11 -2.04
N VAL D 520 18.86 -154.89 -2.56
CA VAL D 520 19.47 -153.74 -1.90
C VAL D 520 18.41 -152.69 -1.63
N GLY D 521 18.53 -151.99 -0.52
CA GLY D 521 17.68 -150.85 -0.21
C GLY D 521 18.49 -149.72 0.39
N THR D 522 18.18 -148.48 0.01
CA THR D 522 18.80 -147.24 0.50
C THR D 522 17.73 -146.32 1.02
N GLN D 523 17.91 -145.65 2.15
CA GLN D 523 16.93 -144.64 2.61
C GLN D 523 17.16 -143.27 1.98
N TYR D 524 18.39 -142.97 1.55
CA TYR D 524 18.68 -141.84 0.68
C TYR D 524 18.15 -142.07 -0.74
N HIS D 525 18.13 -141.00 -1.52
CA HIS D 525 17.82 -140.99 -2.94
C HIS D 525 19.12 -141.00 -3.73
N PRO D 526 19.57 -142.12 -4.32
CA PRO D 526 20.80 -142.14 -5.11
C PRO D 526 20.67 -141.47 -6.47
N GLU D 527 19.46 -141.10 -6.89
CA GLU D 527 19.19 -140.44 -8.18
C GLU D 527 19.90 -139.10 -8.33
N TYR D 528 19.87 -138.29 -7.28
CA TYR D 528 20.25 -136.89 -7.30
C TYR D 528 21.74 -136.70 -7.45
N THR D 529 22.52 -137.73 -7.14
CA THR D 529 23.98 -137.76 -7.26
C THR D 529 24.45 -138.44 -8.56
N SER D 530 23.55 -138.87 -9.46
CA SER D 530 23.90 -139.48 -10.76
C SER D 530 24.42 -138.48 -11.81
N LYS D 531 25.53 -138.81 -12.49
CA LYS D 531 26.14 -137.96 -13.55
C LYS D 531 26.18 -138.72 -14.87
N VAL D 532 26.12 -138.03 -16.02
CA VAL D 532 25.97 -138.70 -17.32
C VAL D 532 27.10 -139.68 -17.63
N LEU D 533 28.31 -139.37 -17.17
CA LEU D 533 29.52 -140.14 -17.40
C LEU D 533 29.98 -140.94 -16.15
N GLU D 534 29.18 -140.94 -15.09
CA GLU D 534 29.45 -141.65 -13.83
C GLU D 534 28.11 -142.01 -13.13
N PRO D 535 27.44 -143.11 -13.52
CA PRO D 535 26.14 -143.45 -12.95
C PRO D 535 26.19 -143.69 -11.44
N SER D 536 25.05 -143.44 -10.80
CA SER D 536 24.90 -143.67 -9.37
C SER D 536 25.06 -145.15 -9.06
N ARG D 537 25.90 -145.51 -8.08
CA ARG D 537 26.30 -146.89 -7.86
C ARG D 537 25.15 -147.87 -7.58
N PRO D 538 24.09 -147.55 -6.84
CA PRO D 538 23.01 -148.50 -6.61
C PRO D 538 22.21 -148.84 -7.88
N PHE D 539 22.09 -147.89 -8.80
CA PHE D 539 21.38 -148.09 -10.08
C PHE D 539 22.22 -148.84 -11.09
N TRP D 540 23.53 -148.56 -11.15
CA TRP D 540 24.49 -149.32 -11.94
C TRP D 540 24.54 -150.78 -11.48
N GLY D 541 24.54 -151.02 -10.16
CA GLY D 541 24.39 -152.35 -9.58
C GLY D 541 23.08 -153.05 -9.91
N LEU D 542 21.94 -152.37 -9.97
CA LEU D 542 20.67 -152.97 -10.40
C LEU D 542 20.68 -153.33 -11.88
N VAL D 543 21.11 -152.43 -12.76
CA VAL D 543 21.11 -152.69 -14.20
C VAL D 543 22.14 -153.74 -14.56
N ALA D 544 23.28 -153.78 -13.87
CA ALA D 544 24.25 -154.87 -13.99
C ALA D 544 23.68 -156.19 -13.48
N ALA D 545 23.05 -156.23 -12.32
CA ALA D 545 22.39 -157.44 -11.83
C ALA D 545 21.33 -157.95 -12.82
N ALA D 546 20.52 -157.06 -13.41
CA ALA D 546 19.51 -157.39 -14.41
C ALA D 546 20.09 -157.92 -15.74
N SER D 547 21.32 -157.54 -16.07
CA SER D 547 21.96 -157.88 -17.34
C SER D 547 22.86 -159.12 -17.24
N GLY D 548 23.11 -159.62 -16.03
CA GLY D 548 24.36 -160.33 -15.79
C GLY D 548 25.55 -159.36 -15.89
N THR D 549 26.78 -159.83 -15.69
CA THR D 549 28.00 -159.00 -15.69
C THR D 549 28.13 -158.03 -14.50
N LEU D 550 27.33 -158.23 -13.45
CA LEU D 550 27.54 -157.62 -12.14
C LEU D 550 28.96 -157.84 -11.59
N GLY D 551 29.52 -159.04 -11.78
CA GLY D 551 30.89 -159.36 -11.36
C GLY D 551 31.93 -158.58 -12.17
N GLU D 552 31.81 -158.53 -13.49
CA GLU D 552 32.70 -157.76 -14.35
C GLU D 552 32.61 -156.25 -14.06
N VAL D 553 31.44 -155.71 -13.73
CA VAL D 553 31.29 -154.34 -13.24
C VAL D 553 31.98 -154.13 -11.90
N ILE D 554 31.73 -154.98 -10.88
CA ILE D 554 32.41 -154.88 -9.60
C ILE D 554 33.93 -154.93 -9.76
N LYS D 555 34.46 -155.79 -10.64
CA LYS D 555 35.89 -155.84 -10.97
C LYS D 555 36.41 -154.50 -11.50
N ASP D 556 35.75 -153.90 -12.48
CA ASP D 556 36.12 -152.60 -13.05
C ASP D 556 36.05 -151.46 -12.01
N ILE D 557 35.07 -151.50 -11.11
CA ILE D 557 34.93 -150.55 -10.00
C ILE D 557 36.10 -150.68 -9.00
N ASN D 558 36.56 -151.90 -8.74
CA ASN D 558 37.62 -152.17 -7.75
C ASN D 558 39.04 -151.71 -8.15
N LEU D 559 39.33 -151.43 -9.43
CA LEU D 559 40.61 -150.83 -9.85
C LEU D 559 40.79 -149.41 -9.31
N MET E 1 -33.30 -5.27 -5.68
CA MET E 1 -32.23 -6.07 -6.34
C MET E 1 -31.20 -6.49 -5.29
N LYS E 2 -30.82 -7.76 -5.20
CA LYS E 2 -29.61 -8.19 -4.46
C LYS E 2 -28.46 -8.33 -5.43
N TYR E 3 -27.24 -8.13 -4.95
CA TYR E 3 -26.01 -8.26 -5.72
C TYR E 3 -25.08 -9.23 -5.03
N VAL E 4 -24.52 -10.19 -5.77
CA VAL E 4 -23.35 -10.96 -5.32
C VAL E 4 -22.21 -10.60 -6.25
N VAL E 5 -21.09 -10.13 -5.75
CA VAL E 5 -19.88 -9.90 -6.55
C VAL E 5 -18.98 -11.09 -6.34
N VAL E 6 -18.49 -11.70 -7.40
CA VAL E 6 -17.48 -12.77 -7.35
C VAL E 6 -16.21 -12.17 -7.90
N SER E 7 -15.11 -12.31 -7.18
CA SER E 7 -13.99 -11.39 -7.35
C SER E 7 -12.61 -12.01 -7.22
N GLY E 8 -11.68 -11.37 -7.91
CA GLY E 8 -10.26 -11.32 -7.60
C GLY E 8 -9.52 -12.63 -7.41
N GLY E 9 -8.53 -12.58 -6.54
CA GLY E 9 -7.74 -13.73 -6.13
C GLY E 9 -6.25 -13.55 -6.33
N VAL E 10 -5.52 -14.62 -6.05
CA VAL E 10 -4.06 -14.70 -6.13
C VAL E 10 -3.58 -14.77 -7.59
N ILE E 11 -4.37 -15.43 -8.45
CA ILE E 11 -4.13 -15.69 -9.88
C ILE E 11 -5.38 -15.37 -10.70
N SER E 12 -5.21 -15.09 -11.98
CA SER E 12 -6.27 -15.11 -13.00
C SER E 12 -6.68 -16.55 -13.35
N GLY E 13 -7.84 -16.77 -13.95
CA GLY E 13 -8.24 -18.14 -14.36
C GLY E 13 -8.41 -19.12 -13.19
N ILE E 14 -8.80 -18.61 -12.04
CA ILE E 14 -8.92 -19.36 -10.78
C ILE E 14 -10.21 -20.16 -10.64
N GLY E 15 -11.33 -19.72 -11.19
CA GLY E 15 -12.63 -20.37 -11.02
C GLY E 15 -13.82 -19.46 -10.73
N LYS E 16 -13.72 -18.15 -10.88
CA LYS E 16 -14.81 -17.21 -10.60
C LYS E 16 -16.03 -17.47 -11.47
N GLY E 17 -15.87 -17.73 -12.75
CA GLY E 17 -16.97 -18.08 -13.65
C GLY E 17 -17.67 -19.37 -13.24
N VAL E 18 -16.96 -20.37 -12.75
CA VAL E 18 -17.57 -21.58 -12.19
C VAL E 18 -18.34 -21.31 -10.92
N LEU E 19 -17.80 -20.53 -9.98
CA LEU E 19 -18.48 -20.23 -8.73
C LEU E 19 -19.63 -19.25 -8.90
N ALA E 20 -19.49 -18.25 -9.75
CA ALA E 20 -20.56 -17.33 -10.13
C ALA E 20 -21.74 -18.08 -10.74
N SER E 21 -21.48 -18.99 -11.67
CA SER E 21 -22.52 -19.80 -12.31
C SER E 21 -23.16 -20.78 -11.35
N SER E 22 -22.38 -21.43 -10.50
CA SER E 22 -22.91 -22.32 -9.46
C SER E 22 -23.76 -21.55 -8.45
N THR E 23 -23.32 -20.38 -7.99
CA THR E 23 -24.08 -19.52 -7.07
C THR E 23 -25.41 -19.12 -7.69
N GLY E 24 -25.43 -18.70 -8.95
CA GLY E 24 -26.66 -18.33 -9.61
C GLY E 24 -27.62 -19.51 -9.75
N MET E 25 -27.12 -20.69 -10.14
CA MET E 25 -27.88 -21.92 -10.27
C MET E 25 -28.47 -22.34 -8.91
N LEU E 26 -27.66 -22.30 -7.87
CA LEU E 26 -28.07 -22.60 -6.50
C LEU E 26 -29.15 -21.64 -6.01
N LEU E 27 -28.98 -20.33 -6.15
CA LEU E 27 -29.99 -19.34 -5.73
C LEU E 27 -31.30 -19.55 -6.48
N LYS E 28 -31.25 -19.93 -7.75
CA LYS E 28 -32.43 -20.29 -8.55
C LYS E 28 -33.22 -21.45 -7.95
N THR E 29 -32.58 -22.34 -7.19
CA THR E 29 -33.27 -23.41 -6.46
C THR E 29 -34.01 -22.97 -5.20
N LEU E 30 -34.05 -21.67 -4.89
CA LEU E 30 -35.02 -21.04 -3.99
C LEU E 30 -36.19 -20.38 -4.71
N GLY E 31 -36.29 -20.49 -6.03
CA GLY E 31 -37.32 -19.87 -6.87
C GLY E 31 -36.99 -18.45 -7.37
N LEU E 32 -35.89 -17.87 -6.91
CA LEU E 32 -35.43 -16.53 -7.23
C LEU E 32 -35.06 -16.38 -8.71
N LYS E 33 -35.46 -15.29 -9.37
CA LYS E 33 -34.99 -14.92 -10.71
C LYS E 33 -33.57 -14.35 -10.59
N VAL E 34 -32.59 -14.92 -11.29
CA VAL E 34 -31.19 -14.51 -11.18
C VAL E 34 -30.70 -13.97 -12.51
N THR E 35 -29.99 -12.86 -12.51
CA THR E 35 -29.29 -12.31 -13.66
C THR E 35 -27.80 -12.25 -13.38
N SER E 36 -27.02 -11.89 -14.40
CA SER E 36 -25.58 -11.82 -14.33
C SER E 36 -25.04 -10.66 -15.16
N ILE E 37 -23.93 -10.10 -14.73
CA ILE E 37 -23.13 -9.15 -15.47
C ILE E 37 -21.69 -9.65 -15.39
N LYS E 38 -20.98 -9.67 -16.50
CA LYS E 38 -19.53 -9.84 -16.52
C LYS E 38 -18.92 -8.45 -16.62
N ILE E 39 -17.95 -8.16 -15.78
CA ILE E 39 -17.07 -7.03 -15.96
C ILE E 39 -15.76 -7.59 -16.45
N ASP E 40 -15.27 -7.12 -17.58
CA ASP E 40 -13.94 -7.38 -18.05
C ASP E 40 -13.11 -6.10 -18.05
N PRO E 41 -12.00 -6.04 -17.30
CA PRO E 41 -11.13 -4.88 -17.29
C PRO E 41 -10.34 -4.63 -18.59
N TYR E 42 -10.44 -5.48 -19.60
CA TYR E 42 -9.91 -5.21 -20.92
C TYR E 42 -10.62 -4.07 -21.62
N MET E 43 -9.95 -3.46 -22.60
CA MET E 43 -10.39 -2.26 -23.27
C MET E 43 -11.24 -2.46 -24.51
N ASN E 44 -11.19 -3.64 -25.15
CA ASN E 44 -12.02 -3.99 -26.30
C ASN E 44 -13.50 -3.65 -26.10
N ILE E 45 -14.16 -3.06 -27.09
CA ILE E 45 -15.60 -2.80 -27.01
C ILE E 45 -16.34 -4.12 -26.92
N ASP E 46 -16.05 -5.06 -27.80
CA ASP E 46 -16.61 -6.41 -27.74
C ASP E 46 -15.67 -7.42 -28.40
N ALA E 47 -15.88 -8.72 -28.16
CA ALA E 47 -14.93 -9.77 -28.52
C ALA E 47 -14.83 -10.03 -30.02
N GLY E 48 -15.70 -9.44 -30.85
CA GLY E 48 -15.82 -9.79 -32.27
C GLY E 48 -14.60 -9.50 -33.14
N THR E 49 -13.69 -8.62 -32.73
CA THR E 49 -12.41 -8.42 -33.43
C THR E 49 -11.33 -9.40 -32.99
N MET E 50 -11.35 -9.90 -31.75
CA MET E 50 -10.21 -10.60 -31.16
C MET E 50 -10.27 -12.10 -31.35
N SER E 51 -9.12 -12.67 -31.69
CA SER E 51 -8.99 -14.04 -32.17
C SER E 51 -9.12 -15.07 -31.04
N PRO E 52 -9.52 -16.33 -31.32
CA PRO E 52 -9.73 -17.35 -30.28
C PRO E 52 -8.48 -17.77 -29.48
N LEU E 53 -7.30 -17.34 -29.90
CA LEU E 53 -6.01 -17.60 -29.25
C LEU E 53 -5.84 -16.90 -27.87
N GLU E 54 -6.67 -15.90 -27.54
CA GLU E 54 -6.78 -15.35 -26.17
C GLU E 54 -8.23 -15.39 -25.68
N HIS E 55 -8.47 -15.76 -24.42
CA HIS E 55 -9.78 -15.86 -23.77
C HIS E 55 -10.77 -16.85 -24.41
N GLY E 56 -10.31 -17.78 -25.24
CA GLY E 56 -11.13 -18.83 -25.86
C GLY E 56 -12.07 -18.30 -26.96
N GLU E 57 -13.14 -19.04 -27.24
CA GLU E 57 -14.13 -18.68 -28.28
C GLU E 57 -14.86 -17.35 -28.02
N CYS E 58 -15.12 -16.60 -29.08
CA CYS E 58 -16.12 -15.54 -29.03
C CYS E 58 -17.53 -16.15 -28.92
N PHE E 59 -18.34 -15.69 -27.97
CA PHE E 59 -19.72 -16.14 -27.79
C PHE E 59 -20.70 -15.22 -28.53
N VAL E 60 -21.73 -15.74 -29.21
CA VAL E 60 -22.67 -14.93 -29.98
C VAL E 60 -24.03 -14.90 -29.31
N LEU E 61 -24.59 -13.71 -29.09
CA LEU E 61 -25.89 -13.48 -28.43
C LEU E 61 -27.03 -13.35 -29.44
N ASP E 62 -28.29 -13.35 -29.00
CA ASP E 62 -29.45 -13.12 -29.87
C ASP E 62 -29.41 -11.76 -30.56
N ASP E 63 -28.94 -10.72 -29.86
CA ASP E 63 -28.67 -9.38 -30.36
C ASP E 63 -27.74 -9.32 -31.57
N GLY E 64 -26.93 -10.37 -31.78
CA GLY E 64 -25.72 -10.29 -32.60
C GLY E 64 -24.51 -9.75 -31.85
N GLY E 65 -24.57 -9.65 -30.54
CA GLY E 65 -23.42 -9.30 -29.72
C GLY E 65 -22.37 -10.41 -29.69
N GLU E 66 -21.17 -10.11 -30.18
CA GLU E 66 -19.98 -10.95 -30.10
C GLU E 66 -19.25 -10.69 -28.77
N THR E 67 -19.47 -11.50 -27.75
CA THR E 67 -19.18 -11.16 -26.35
C THR E 67 -18.25 -12.15 -25.63
N ASP E 68 -17.96 -11.85 -24.36
CA ASP E 68 -17.09 -12.66 -23.54
C ASP E 68 -17.59 -14.09 -23.39
N LEU E 69 -16.67 -15.05 -23.44
CA LEU E 69 -16.88 -16.45 -23.15
C LEU E 69 -17.61 -16.68 -21.82
N ASP E 70 -17.36 -15.90 -20.75
CA ASP E 70 -18.12 -16.04 -19.49
C ASP E 70 -19.64 -15.82 -19.63
N LEU E 71 -20.15 -15.01 -20.58
CA LEU E 71 -21.61 -14.84 -20.70
C LEU E 71 -22.28 -16.13 -21.15
N GLY E 72 -21.61 -16.94 -21.96
CA GLY E 72 -22.11 -18.26 -22.34
C GLY E 72 -22.27 -19.20 -21.16
N ASN E 73 -21.37 -19.15 -20.19
CA ASN E 73 -21.46 -19.96 -18.97
C ASN E 73 -22.70 -19.60 -18.15
N TYR E 74 -23.06 -18.33 -18.07
CA TYR E 74 -24.25 -17.91 -17.35
C TYR E 74 -25.51 -18.32 -18.11
N GLU E 75 -25.55 -18.16 -19.43
CA GLU E 75 -26.70 -18.57 -20.25
C GLU E 75 -27.02 -20.04 -20.04
N ARG E 76 -26.03 -20.94 -20.14
CA ARG E 76 -26.25 -22.39 -19.99
C ARG E 76 -26.54 -22.87 -18.56
N TYR E 77 -25.92 -22.31 -17.54
CA TYR E 77 -26.19 -22.74 -16.16
C TYR E 77 -27.52 -22.19 -15.65
N LEU E 78 -27.90 -20.96 -15.99
CA LEU E 78 -29.06 -20.31 -15.38
C LEU E 78 -30.34 -20.44 -16.20
N GLY E 79 -30.25 -20.72 -17.50
CA GLY E 79 -31.43 -20.73 -18.38
C GLY E 79 -31.92 -19.33 -18.73
N ILE E 80 -30.98 -18.41 -19.00
CA ILE E 80 -31.24 -16.98 -19.22
C ILE E 80 -30.68 -16.50 -20.54
N THR E 81 -31.24 -15.41 -21.05
CA THR E 81 -30.80 -14.74 -22.28
C THR E 81 -30.24 -13.36 -21.97
N LEU E 82 -29.07 -13.03 -22.50
CA LEU E 82 -28.31 -11.82 -22.19
C LEU E 82 -28.12 -10.91 -23.41
N SER E 83 -28.11 -9.60 -23.22
CA SER E 83 -27.87 -8.58 -24.24
C SER E 83 -26.38 -8.20 -24.29
N ARG E 84 -25.94 -7.44 -25.29
CA ARG E 84 -24.56 -6.94 -25.30
C ARG E 84 -24.24 -5.98 -24.15
N ASP E 85 -25.23 -5.34 -23.55
CA ASP E 85 -25.07 -4.52 -22.34
C ASP E 85 -24.72 -5.29 -21.06
N HIS E 86 -24.98 -6.60 -20.98
CA HIS E 86 -24.62 -7.44 -19.82
C HIS E 86 -23.13 -7.72 -19.70
N ASN E 87 -22.33 -7.46 -20.73
CA ASN E 87 -20.88 -7.46 -20.64
C ASN E 87 -20.38 -6.02 -20.53
N ILE E 88 -20.01 -5.58 -19.34
CA ILE E 88 -19.27 -4.33 -19.13
C ILE E 88 -17.81 -4.54 -19.49
N THR E 89 -17.21 -3.58 -20.20
CA THR E 89 -15.77 -3.53 -20.41
C THR E 89 -15.25 -2.12 -20.17
N THR E 90 -13.97 -1.98 -19.92
CA THR E 90 -13.34 -0.66 -19.78
C THR E 90 -13.63 0.21 -20.98
N GLY E 91 -13.55 -0.33 -22.19
CA GLY E 91 -13.86 0.37 -23.42
C GLY E 91 -15.27 0.91 -23.45
N LYS E 92 -16.29 0.09 -23.17
CA LYS E 92 -17.68 0.56 -23.17
C LYS E 92 -17.90 1.70 -22.21
N ILE E 93 -17.37 1.60 -21.00
CA ILE E 93 -17.66 2.59 -19.98
C ILE E 93 -16.84 3.86 -20.14
N TYR E 94 -15.58 3.80 -20.56
CA TYR E 94 -14.86 5.02 -20.91
C TYR E 94 -15.47 5.67 -22.15
N SER E 95 -15.90 4.88 -23.13
CA SER E 95 -16.57 5.37 -24.34
C SER E 95 -17.88 6.07 -24.03
N HIS E 96 -18.66 5.52 -23.12
CA HIS E 96 -19.93 6.08 -22.69
C HIS E 96 -19.74 7.46 -22.10
N VAL E 97 -18.82 7.65 -21.15
CA VAL E 97 -18.59 8.98 -20.57
C VAL E 97 -17.95 9.95 -21.57
N ILE E 98 -17.02 9.52 -22.42
CA ILE E 98 -16.41 10.41 -23.43
C ILE E 98 -17.46 10.87 -24.46
N SER E 99 -18.37 10.03 -24.91
CA SER E 99 -19.42 10.41 -25.86
C SER E 99 -20.42 11.40 -25.26
N ARG E 100 -20.70 11.24 -23.96
CA ARG E 100 -21.58 12.07 -23.13
C ARG E 100 -20.98 13.44 -22.80
N GLU E 101 -19.66 13.54 -22.64
CA GLU E 101 -18.92 14.80 -22.53
C GLU E 101 -18.96 15.65 -23.78
N ARG E 102 -18.61 15.10 -24.96
CA ARG E 102 -18.55 15.87 -26.21
C ARG E 102 -19.91 16.46 -26.62
N ARG E 103 -21.00 15.83 -26.18
CA ARG E 103 -22.38 16.31 -26.25
C ARG E 103 -22.77 17.32 -25.16
N GLY E 104 -22.01 17.44 -24.08
CA GLY E 104 -22.20 18.47 -23.04
C GLY E 104 -23.09 18.07 -21.86
N ASP E 105 -23.40 16.79 -21.66
CA ASP E 105 -24.32 16.33 -20.60
C ASP E 105 -23.79 16.46 -19.17
N TYR E 106 -22.51 16.79 -18.98
CA TYR E 106 -21.94 17.15 -17.67
C TYR E 106 -21.97 18.66 -17.38
N LEU E 107 -22.60 19.45 -18.26
CA LEU E 107 -22.98 20.84 -18.06
C LEU E 107 -21.78 21.72 -17.65
N GLY E 108 -20.65 21.48 -18.28
CA GLY E 108 -19.44 22.25 -18.07
C GLY E 108 -18.70 22.03 -16.74
N LYS E 109 -18.99 20.99 -15.95
CA LYS E 109 -18.07 20.53 -14.91
C LYS E 109 -16.87 19.76 -15.50
N THR E 110 -15.80 19.65 -14.73
CA THR E 110 -14.68 18.74 -14.98
C THR E 110 -15.11 17.31 -14.67
N VAL E 111 -14.94 16.41 -15.62
CA VAL E 111 -15.35 15.01 -15.51
C VAL E 111 -14.17 14.21 -14.99
N GLN E 112 -14.30 13.65 -13.80
CA GLN E 112 -13.25 12.96 -13.06
C GLN E 112 -13.54 11.46 -13.03
N ILE E 113 -12.54 10.58 -12.95
CA ILE E 113 -12.80 9.15 -12.79
C ILE E 113 -13.63 8.86 -11.53
N VAL E 114 -13.31 9.45 -10.38
CA VAL E 114 -14.23 9.56 -9.23
C VAL E 114 -14.72 11.01 -9.13
N PRO E 115 -16.03 11.31 -9.10
CA PRO E 115 -17.15 10.39 -9.08
C PRO E 115 -17.61 9.89 -10.46
N HIS E 116 -17.42 10.64 -11.53
CA HIS E 116 -18.21 10.52 -12.78
C HIS E 116 -18.13 9.16 -13.47
N LEU E 117 -16.93 8.63 -13.75
CA LEU E 117 -16.80 7.30 -14.33
C LEU E 117 -17.26 6.23 -13.34
N THR E 118 -16.94 6.32 -12.06
CA THR E 118 -17.47 5.35 -11.08
C THR E 118 -18.97 5.45 -10.88
N ASN E 119 -19.61 6.56 -11.22
CA ASN E 119 -21.05 6.71 -11.25
C ASN E 119 -21.65 6.16 -12.53
N ALA E 120 -20.97 6.26 -13.66
CA ALA E 120 -21.40 5.61 -14.89
C ALA E 120 -21.49 4.09 -14.70
N ILE E 121 -20.52 3.49 -14.01
CA ILE E 121 -20.49 2.07 -13.68
C ILE E 121 -21.70 1.68 -12.81
N GLN E 122 -22.03 2.46 -11.79
CA GLN E 122 -23.17 2.18 -10.91
C GLN E 122 -24.53 2.48 -11.57
N ASP E 123 -24.62 3.46 -12.45
CA ASP E 123 -25.78 3.71 -13.30
C ASP E 123 -26.01 2.57 -14.28
N TRP E 124 -24.95 2.04 -14.90
CA TRP E 124 -25.00 0.87 -15.78
C TRP E 124 -25.45 -0.38 -15.04
N ILE E 125 -24.83 -0.73 -13.91
CA ILE E 125 -25.17 -1.96 -13.19
C ILE E 125 -26.63 -1.94 -12.75
N GLN E 126 -27.19 -0.80 -12.34
CA GLN E 126 -28.61 -0.65 -12.02
C GLN E 126 -29.51 -0.67 -13.27
N ARG E 127 -29.16 0.02 -14.36
CA ARG E 127 -29.89 -0.06 -15.63
C ARG E 127 -30.02 -1.50 -16.09
N VAL E 128 -28.91 -2.22 -16.11
CA VAL E 128 -28.79 -3.55 -16.70
C VAL E 128 -29.31 -4.65 -15.80
N SER E 129 -29.11 -4.60 -14.49
CA SER E 129 -29.61 -5.66 -13.61
C SER E 129 -31.14 -5.71 -13.53
N LYS E 130 -31.87 -4.66 -13.89
CA LYS E 130 -33.34 -4.69 -14.03
C LYS E 130 -33.86 -5.22 -15.38
N ILE E 131 -33.01 -5.52 -16.37
CA ILE E 131 -33.44 -6.03 -17.70
C ILE E 131 -34.04 -7.45 -17.58
N PRO E 132 -35.16 -7.80 -18.24
CA PRO E 132 -35.72 -9.16 -18.23
C PRO E 132 -34.84 -10.17 -18.98
N VAL E 133 -34.51 -11.26 -18.31
CA VAL E 133 -33.61 -12.31 -18.85
C VAL E 133 -34.25 -13.72 -18.91
N ASP E 134 -35.42 -13.89 -18.31
CA ASP E 134 -36.25 -15.11 -18.32
C ASP E 134 -37.25 -15.14 -19.50
N ASP E 135 -38.03 -16.21 -19.57
CA ASP E 135 -39.19 -16.34 -20.46
C ASP E 135 -40.39 -15.47 -20.03
N THR E 136 -40.35 -14.93 -18.81
CA THR E 136 -41.37 -14.03 -18.24
C THR E 136 -40.82 -12.61 -18.07
N GLY E 137 -41.68 -11.61 -18.24
CA GLY E 137 -41.35 -10.19 -18.16
C GLY E 137 -41.17 -9.62 -16.74
N LEU E 138 -40.76 -10.44 -15.77
CA LEU E 138 -40.38 -10.00 -14.44
C LEU E 138 -38.97 -9.39 -14.44
N GLU E 139 -38.72 -8.31 -13.71
CA GLU E 139 -37.34 -7.89 -13.44
C GLU E 139 -36.68 -8.90 -12.47
N PRO E 140 -35.36 -9.14 -12.57
CA PRO E 140 -34.67 -10.10 -11.69
C PRO E 140 -34.76 -9.81 -10.18
N ASP E 141 -34.42 -10.79 -9.36
CA ASP E 141 -34.32 -10.65 -7.91
C ASP E 141 -32.87 -10.50 -7.44
N VAL E 142 -31.93 -11.16 -8.12
CA VAL E 142 -30.49 -11.15 -7.81
C VAL E 142 -29.70 -10.88 -9.08
N CYS E 143 -28.63 -10.10 -9.01
CA CYS E 143 -27.59 -9.99 -10.02
C CYS E 143 -26.30 -10.59 -9.50
N ILE E 144 -25.63 -11.45 -10.25
CA ILE E 144 -24.26 -11.87 -9.97
C ILE E 144 -23.36 -10.97 -10.80
N ILE E 145 -22.35 -10.37 -10.22
CA ILE E 145 -21.32 -9.64 -10.97
C ILE E 145 -20.07 -10.48 -10.88
N GLU E 146 -19.52 -10.95 -11.99
CA GLU E 146 -18.17 -11.50 -12.01
C GLU E 146 -17.23 -10.34 -12.33
N LEU E 147 -16.37 -9.98 -11.39
CA LEU E 147 -15.32 -8.99 -11.56
C LEU E 147 -14.10 -9.66 -12.15
N GLY E 148 -13.87 -9.51 -13.45
CA GLY E 148 -12.72 -10.09 -14.17
C GLY E 148 -11.35 -9.57 -13.73
N GLY E 149 -10.30 -10.25 -14.16
CA GLY E 149 -8.92 -9.96 -13.74
C GLY E 149 -8.65 -10.30 -12.28
N THR E 150 -7.70 -9.60 -11.66
CA THR E 150 -7.39 -9.72 -10.24
C THR E 150 -7.52 -8.38 -9.54
N VAL E 151 -7.98 -8.36 -8.30
CA VAL E 151 -8.04 -7.16 -7.45
C VAL E 151 -6.63 -6.65 -7.17
N GLY E 152 -6.39 -5.35 -7.26
CA GLY E 152 -5.05 -4.76 -7.11
C GLY E 152 -4.29 -4.49 -8.42
N ASP E 153 -4.87 -4.83 -9.56
CA ASP E 153 -4.40 -4.41 -10.89
C ASP E 153 -4.93 -3.02 -11.27
N ILE E 154 -4.14 -2.19 -11.95
CA ILE E 154 -4.52 -0.83 -12.39
C ILE E 154 -5.80 -0.83 -13.21
N GLU E 155 -5.98 -1.77 -14.13
CA GLU E 155 -7.19 -1.91 -14.93
C GLU E 155 -8.45 -2.20 -14.11
N SER E 156 -8.32 -2.84 -12.94
CA SER E 156 -9.43 -3.13 -12.03
C SER E 156 -9.80 -1.94 -11.15
N ALA E 157 -8.92 -0.94 -11.01
CA ALA E 157 -9.02 0.13 -10.01
C ALA E 157 -10.35 0.93 -10.07
N PRO E 158 -10.80 1.45 -11.22
CA PRO E 158 -12.13 2.06 -11.33
C PRO E 158 -13.30 1.12 -11.00
N PHE E 159 -13.24 -0.18 -11.30
CA PHE E 159 -14.33 -1.11 -11.01
C PHE E 159 -14.42 -1.48 -9.53
N VAL E 160 -13.33 -1.75 -8.85
CA VAL E 160 -13.37 -1.94 -7.38
C VAL E 160 -13.78 -0.65 -6.66
N GLU E 161 -13.39 0.52 -7.13
CA GLU E 161 -13.82 1.78 -6.54
C GLU E 161 -15.32 2.03 -6.76
N ALA E 162 -15.85 1.74 -7.93
CA ALA E 162 -17.29 1.76 -8.13
C ALA E 162 -18.01 0.74 -7.24
N LEU E 163 -17.47 -0.46 -7.02
CA LEU E 163 -18.11 -1.46 -6.17
C LEU E 163 -18.03 -1.10 -4.68
N ARG E 164 -16.94 -0.49 -4.23
CA ARG E 164 -16.81 0.12 -2.91
C ARG E 164 -17.93 1.13 -2.65
N GLN E 165 -18.22 2.00 -3.61
CA GLN E 165 -19.32 2.94 -3.51
C GLN E 165 -20.69 2.26 -3.67
N PHE E 166 -20.81 1.27 -4.54
CA PHE E 166 -22.07 0.58 -4.76
C PHE E 166 -22.54 -0.18 -3.52
N GLN E 167 -21.61 -0.68 -2.71
CA GLN E 167 -21.92 -1.30 -1.41
C GLN E 167 -22.68 -0.37 -0.46
N PHE E 168 -22.63 0.95 -0.67
CA PHE E 168 -23.31 1.97 0.13
C PHE E 168 -24.41 2.73 -0.60
N GLU E 169 -24.27 2.96 -1.91
CA GLU E 169 -25.33 3.57 -2.72
C GLU E 169 -26.56 2.65 -2.80
N VAL E 170 -26.33 1.34 -2.81
CA VAL E 170 -27.30 0.30 -2.47
C VAL E 170 -27.10 -0.08 -1.01
N GLY E 171 -28.12 -0.53 -0.29
CA GLY E 171 -27.96 -0.85 1.13
C GLY E 171 -27.04 -2.07 1.36
N ARG E 172 -26.47 -2.21 2.56
CA ARG E 172 -26.00 -3.52 3.04
C ARG E 172 -27.19 -4.49 3.07
N GLU E 173 -26.94 -5.80 3.07
CA GLU E 173 -27.97 -6.85 2.92
C GLU E 173 -28.70 -6.82 1.58
N ASN E 174 -28.35 -5.90 0.67
CA ASN E 174 -28.56 -6.02 -0.78
C ASN E 174 -27.26 -6.31 -1.54
N PHE E 175 -26.11 -6.44 -0.87
CA PHE E 175 -24.80 -6.64 -1.49
C PHE E 175 -24.00 -7.66 -0.69
N ALA E 176 -23.37 -8.62 -1.35
CA ALA E 176 -22.37 -9.51 -0.77
C ALA E 176 -21.19 -9.72 -1.72
N LEU E 177 -19.99 -9.94 -1.21
CA LEU E 177 -18.78 -10.20 -1.96
C LEU E 177 -18.25 -11.60 -1.65
N ILE E 178 -18.05 -12.41 -2.68
CA ILE E 178 -17.34 -13.67 -2.62
C ILE E 178 -15.97 -13.43 -3.20
N HIS E 179 -14.91 -13.76 -2.48
CA HIS E 179 -13.56 -13.66 -3.00
C HIS E 179 -13.02 -15.05 -3.25
N VAL E 180 -12.59 -15.35 -4.47
CA VAL E 180 -11.98 -16.64 -4.78
C VAL E 180 -10.48 -16.52 -4.58
N SER E 181 -9.83 -17.51 -3.98
CA SER E 181 -8.43 -17.44 -3.58
C SER E 181 -7.72 -18.77 -3.77
N LEU E 182 -6.39 -18.79 -3.90
CA LEU E 182 -5.58 -19.99 -4.08
C LEU E 182 -4.88 -20.35 -2.77
N VAL E 183 -5.01 -21.61 -2.34
CA VAL E 183 -4.16 -22.21 -1.32
C VAL E 183 -3.18 -23.16 -2.02
N PRO E 184 -1.91 -22.79 -2.22
CA PRO E 184 -0.89 -23.72 -2.69
C PRO E 184 -0.68 -24.84 -1.67
N VAL E 185 -0.30 -26.03 -2.14
CA VAL E 185 0.18 -27.11 -1.29
C VAL E 185 1.61 -27.48 -1.70
N ILE E 186 2.55 -27.32 -0.79
CA ILE E 186 4.00 -27.39 -1.00
C ILE E 186 4.62 -28.31 0.05
N HIS E 187 5.27 -29.39 -0.37
CA HIS E 187 5.85 -30.43 0.51
C HIS E 187 4.86 -31.01 1.52
N GLY E 188 3.62 -31.19 1.08
CA GLY E 188 2.52 -31.71 1.89
C GLY E 188 1.93 -30.71 2.88
N GLU E 189 2.20 -29.41 2.75
CA GLU E 189 1.65 -28.38 3.62
C GLU E 189 0.86 -27.35 2.81
N GLN E 190 -0.37 -27.08 3.23
CA GLN E 190 -1.27 -26.10 2.62
C GLN E 190 -0.94 -24.69 3.12
N LYS E 191 -0.55 -23.77 2.23
CA LYS E 191 0.04 -22.47 2.58
C LYS E 191 -1.00 -21.35 2.56
N THR E 192 -1.12 -20.61 3.66
CA THR E 192 -2.13 -19.54 3.80
C THR E 192 -1.67 -18.13 3.45
N LYS E 193 -0.37 -17.81 3.43
CA LYS E 193 0.07 -16.42 3.17
C LYS E 193 -0.32 -15.80 1.83
N PRO E 194 -0.58 -16.53 0.72
CA PRO E 194 -1.09 -15.90 -0.49
C PRO E 194 -2.52 -15.42 -0.32
N THR E 195 -3.38 -16.17 0.35
CA THR E 195 -4.75 -15.73 0.63
C THR E 195 -4.79 -14.59 1.65
N GLN E 196 -3.88 -14.53 2.61
CA GLN E 196 -3.77 -13.39 3.55
C GLN E 196 -3.38 -12.09 2.84
N ALA E 197 -2.40 -12.13 1.94
CA ALA E 197 -2.02 -10.97 1.13
C ALA E 197 -3.14 -10.50 0.20
N ALA E 198 -4.03 -11.38 -0.25
CA ALA E 198 -5.20 -11.01 -1.02
C ALA E 198 -6.30 -10.35 -0.17
N ILE E 199 -6.46 -10.71 1.10
CA ILE E 199 -7.41 -10.01 2.00
C ILE E 199 -6.90 -8.60 2.33
N LYS E 200 -5.58 -8.40 2.49
CA LYS E 200 -4.98 -7.07 2.62
C LYS E 200 -5.25 -6.17 1.42
N ASP E 201 -5.18 -6.66 0.19
CA ASP E 201 -5.55 -5.85 -0.99
C ASP E 201 -7.03 -5.44 -0.97
N LEU E 202 -7.95 -6.33 -0.63
CA LEU E 202 -9.35 -5.94 -0.46
C LEU E 202 -9.53 -4.87 0.61
N ARG E 203 -8.93 -4.99 1.79
CA ARG E 203 -9.01 -3.96 2.84
C ARG E 203 -8.41 -2.64 2.37
N SER E 204 -7.24 -2.68 1.75
CA SER E 204 -6.61 -1.50 1.15
C SER E 204 -7.54 -0.78 0.18
N LEU E 205 -8.24 -1.52 -0.66
CA LEU E 205 -9.22 -1.02 -1.61
C LEU E 205 -10.62 -0.79 -1.01
N GLY E 206 -10.82 -1.02 0.28
CA GLY E 206 -12.04 -0.68 1.00
C GLY E 206 -13.21 -1.66 0.84
N LEU E 207 -12.94 -2.92 0.57
CA LEU E 207 -13.94 -4.00 0.49
C LEU E 207 -13.65 -5.08 1.53
N ILE E 208 -14.70 -5.66 2.10
CA ILE E 208 -14.64 -6.85 2.97
C ILE E 208 -15.38 -8.00 2.27
N PRO E 209 -14.81 -9.21 2.22
CA PRO E 209 -15.48 -10.36 1.65
C PRO E 209 -16.37 -11.08 2.67
N ASP E 210 -17.53 -11.55 2.23
CA ASP E 210 -18.50 -12.29 3.03
C ASP E 210 -18.25 -13.79 3.02
N MET E 211 -17.80 -14.32 1.88
CA MET E 211 -17.23 -15.65 1.73
C MET E 211 -15.79 -15.52 1.28
N ILE E 212 -14.91 -16.41 1.73
CA ILE E 212 -13.68 -16.76 1.02
C ILE E 212 -13.94 -18.11 0.35
N ALA E 213 -13.80 -18.20 -0.96
CA ALA E 213 -13.76 -19.48 -1.65
C ALA E 213 -12.30 -19.87 -1.89
N CYS E 214 -11.84 -20.95 -1.27
CA CYS E 214 -10.45 -21.38 -1.41
C CYS E 214 -10.32 -22.51 -2.40
N ARG E 215 -9.53 -22.29 -3.44
CA ARG E 215 -9.23 -23.23 -4.50
C ARG E 215 -7.91 -23.90 -4.18
N CYS E 216 -7.90 -25.21 -4.21
CA CYS E 216 -6.78 -26.02 -3.74
C CYS E 216 -6.71 -27.37 -4.48
N SER E 217 -5.51 -27.92 -4.66
CA SER E 217 -5.33 -29.34 -5.02
C SER E 217 -5.70 -30.48 -4.06
N GLU E 218 -6.22 -30.15 -2.87
CA GLU E 218 -6.66 -31.08 -1.83
C GLU E 218 -7.92 -30.53 -1.18
N GLU E 219 -8.67 -31.36 -0.44
CA GLU E 219 -9.59 -30.82 0.56
C GLU E 219 -8.80 -29.94 1.54
N LEU E 220 -9.33 -28.79 1.96
CA LEU E 220 -8.68 -28.01 3.01
C LEU E 220 -8.68 -28.78 4.33
N ASN E 221 -7.54 -28.78 5.02
CA ASN E 221 -7.47 -29.24 6.40
C ASN E 221 -8.25 -28.26 7.31
N ARG E 222 -8.91 -28.74 8.37
CA ARG E 222 -9.68 -27.86 9.26
C ARG E 222 -8.82 -26.86 10.04
N SER E 223 -7.55 -27.17 10.27
CA SER E 223 -6.56 -26.22 10.78
C SER E 223 -6.24 -25.09 9.79
N THR E 224 -6.25 -25.36 8.49
CA THR E 224 -6.08 -24.34 7.44
C THR E 224 -7.28 -23.42 7.36
N ILE E 225 -8.49 -23.99 7.46
CA ILE E 225 -9.73 -23.23 7.54
C ILE E 225 -9.74 -22.33 8.77
N ASP E 226 -9.43 -22.86 9.95
CA ASP E 226 -9.31 -22.08 11.18
C ASP E 226 -8.35 -20.90 11.00
N LYS E 227 -7.18 -21.11 10.39
CA LYS E 227 -6.20 -20.07 10.16
C LYS E 227 -6.71 -18.96 9.23
N ILE E 228 -7.38 -19.31 8.13
CA ILE E 228 -7.97 -18.33 7.22
C ILE E 228 -9.04 -17.53 7.95
N ALA E 229 -9.85 -18.20 8.77
CA ALA E 229 -10.87 -17.59 9.62
C ALA E 229 -10.32 -16.77 10.82
N MET E 230 -9.03 -16.86 11.14
CA MET E 230 -8.36 -15.98 12.10
C MET E 230 -7.89 -14.69 11.44
N PHE E 231 -7.21 -14.78 10.30
CA PHE E 231 -6.66 -13.61 9.62
C PHE E 231 -7.73 -12.73 8.96
N CYS E 232 -8.64 -13.34 8.21
CA CYS E 232 -9.86 -12.67 7.76
C CYS E 232 -10.89 -12.66 8.91
N HIS E 233 -11.61 -11.57 9.16
CA HIS E 233 -12.58 -11.53 10.28
C HIS E 233 -13.94 -12.14 9.88
N VAL E 234 -13.95 -13.45 9.73
CA VAL E 234 -15.08 -14.30 9.29
C VAL E 234 -15.11 -15.61 10.07
N GLY E 235 -16.28 -16.22 10.25
CA GLY E 235 -16.38 -17.52 10.93
C GLY E 235 -15.85 -18.69 10.08
N PRO E 236 -15.67 -19.91 10.62
CA PRO E 236 -15.29 -21.09 9.84
C PRO E 236 -16.29 -21.47 8.74
N GLU E 237 -17.56 -21.14 8.96
CA GLU E 237 -18.68 -21.44 8.08
C GLU E 237 -18.71 -20.56 6.82
N GLN E 238 -17.79 -19.59 6.73
CA GLN E 238 -17.64 -18.61 5.65
C GLN E 238 -16.39 -18.83 4.79
N VAL E 239 -15.57 -19.82 5.09
CA VAL E 239 -14.57 -20.32 4.15
C VAL E 239 -15.14 -21.57 3.51
N VAL E 240 -15.39 -21.53 2.21
CA VAL E 240 -15.79 -22.70 1.41
C VAL E 240 -14.59 -23.30 0.73
N ASN E 241 -14.47 -24.61 0.87
CA ASN E 241 -13.41 -25.45 0.35
C ASN E 241 -13.82 -25.88 -1.06
N VAL E 242 -13.23 -25.30 -2.10
CA VAL E 242 -13.57 -25.53 -3.52
C VAL E 242 -12.41 -26.25 -4.21
N HIS E 243 -12.15 -27.49 -3.82
CA HIS E 243 -11.03 -28.27 -4.36
C HIS E 243 -11.19 -28.61 -5.84
N ASP E 244 -10.10 -29.06 -6.46
CA ASP E 244 -10.08 -29.53 -7.83
C ASP E 244 -10.91 -30.80 -8.03
N VAL E 245 -11.99 -30.71 -8.81
CA VAL E 245 -12.87 -31.84 -9.16
C VAL E 245 -12.85 -32.11 -10.66
N ASN E 246 -12.99 -33.37 -11.07
CA ASN E 246 -12.95 -33.77 -12.48
C ASN E 246 -14.08 -33.17 -13.35
N SER E 247 -15.24 -32.83 -12.77
CA SER E 247 -16.46 -32.35 -13.43
C SER E 247 -16.99 -31.07 -12.77
N THR E 248 -17.35 -30.04 -13.53
CA THR E 248 -17.91 -28.79 -12.96
C THR E 248 -19.40 -28.87 -12.68
N TYR E 249 -20.14 -29.85 -13.20
CA TYR E 249 -21.53 -30.11 -12.82
C TYR E 249 -21.66 -30.52 -11.35
N HIS E 250 -20.58 -30.97 -10.72
CA HIS E 250 -20.55 -31.29 -9.31
C HIS E 250 -20.38 -30.08 -8.40
N VAL E 251 -19.78 -28.98 -8.87
CA VAL E 251 -19.48 -27.81 -8.04
C VAL E 251 -20.72 -27.20 -7.38
N PRO E 252 -21.91 -27.09 -7.99
CA PRO E 252 -23.09 -26.67 -7.23
C PRO E 252 -23.43 -27.56 -6.03
N LEU E 253 -23.30 -28.87 -6.17
CA LEU E 253 -23.59 -29.78 -5.07
C LEU E 253 -22.48 -29.78 -4.02
N LEU E 254 -21.25 -29.36 -4.34
CA LEU E 254 -20.23 -29.06 -3.31
C LEU E 254 -20.65 -27.90 -2.41
N LEU E 255 -21.10 -26.79 -3.02
CA LEU E 255 -21.42 -25.59 -2.28
C LEU E 255 -22.74 -25.72 -1.53
N LEU E 256 -23.68 -26.52 -2.05
CA LEU E 256 -24.88 -26.92 -1.31
C LEU E 256 -24.54 -27.74 -0.05
N LYS E 257 -23.64 -28.73 -0.13
CA LYS E 257 -23.08 -29.43 1.03
C LYS E 257 -22.41 -28.51 2.05
N GLN E 258 -21.90 -27.36 1.63
CA GLN E 258 -21.14 -26.41 2.47
C GLN E 258 -21.99 -25.22 2.94
N HIS E 259 -23.31 -25.33 2.97
CA HIS E 259 -24.21 -24.34 3.56
C HIS E 259 -24.18 -22.96 2.91
N MET E 260 -23.69 -22.81 1.68
CA MET E 260 -23.51 -21.49 1.09
C MET E 260 -24.82 -20.80 0.73
N ILE E 261 -25.85 -21.54 0.28
CA ILE E 261 -27.23 -21.01 0.23
C ILE E 261 -27.66 -20.58 1.63
N ASP E 262 -27.49 -21.43 2.65
CA ASP E 262 -27.99 -21.17 3.99
C ASP E 262 -27.34 -19.92 4.59
N TYR E 263 -26.06 -19.69 4.31
CA TYR E 263 -25.36 -18.47 4.70
C TYR E 263 -25.91 -17.26 3.97
N LEU E 264 -25.89 -17.27 2.63
CA LEU E 264 -26.36 -16.17 1.80
C LEU E 264 -27.83 -15.82 2.05
N HIS E 265 -28.67 -16.77 2.41
CA HIS E 265 -30.07 -16.52 2.78
C HIS E 265 -30.23 -15.67 4.05
N SER E 266 -29.30 -15.79 5.00
CA SER E 266 -29.20 -14.97 6.22
C SER E 266 -28.35 -13.69 6.07
N ARG E 267 -27.37 -13.69 5.15
CA ARG E 267 -26.55 -12.51 4.80
C ARG E 267 -27.24 -11.53 3.84
N LEU E 268 -28.15 -11.99 2.99
CA LEU E 268 -28.83 -11.19 1.98
C LEU E 268 -30.35 -11.10 2.23
N LYS E 269 -30.86 -11.62 3.34
CA LYS E 269 -32.30 -11.62 3.70
C LYS E 269 -33.18 -12.13 2.55
N LEU E 270 -32.79 -13.25 1.94
CA LEU E 270 -33.42 -13.72 0.72
C LEU E 270 -34.82 -14.30 0.95
N GLY E 271 -35.13 -14.71 2.19
CA GLY E 271 -36.48 -15.13 2.59
C GLY E 271 -37.50 -14.00 2.65
N GLU E 272 -37.05 -12.76 2.57
CA GLU E 272 -37.89 -11.57 2.58
C GLU E 272 -38.18 -11.03 1.18
N VAL E 273 -37.61 -11.64 0.13
CA VAL E 273 -38.06 -11.41 -1.26
C VAL E 273 -39.41 -12.11 -1.46
N PRO E 274 -40.45 -11.44 -1.99
CA PRO E 274 -41.73 -12.08 -2.24
C PRO E 274 -41.60 -13.17 -3.31
N LEU E 275 -42.08 -14.38 -3.00
CA LEU E 275 -42.20 -15.50 -3.94
C LEU E 275 -43.47 -16.30 -3.61
N THR E 276 -44.06 -16.91 -4.63
CA THR E 276 -45.19 -17.84 -4.48
C THR E 276 -44.72 -19.26 -4.13
N LEU E 277 -45.64 -20.16 -3.76
CA LEU E 277 -45.35 -21.61 -3.72
C LEU E 277 -45.03 -22.17 -5.13
N GLU E 278 -45.58 -21.59 -6.21
CA GLU E 278 -45.21 -22.01 -7.57
C GLU E 278 -43.72 -21.80 -7.82
N ASP E 279 -43.19 -20.62 -7.46
CA ASP E 279 -41.76 -20.33 -7.53
C ASP E 279 -40.93 -21.28 -6.68
N LYS E 280 -41.42 -21.69 -5.50
CA LYS E 280 -40.72 -22.62 -4.61
C LYS E 280 -40.82 -24.10 -5.00
N GLU E 281 -41.76 -24.51 -5.84
CA GLU E 281 -41.73 -25.84 -6.50
C GLU E 281 -40.74 -25.84 -7.65
N ARG E 282 -40.74 -24.79 -8.48
CA ARG E 282 -39.82 -24.68 -9.62
C ARG E 282 -38.36 -24.72 -9.18
N GLY E 283 -38.01 -24.11 -8.05
CA GLY E 283 -36.67 -24.13 -7.52
C GLY E 283 -36.15 -25.55 -7.18
N SER E 284 -36.88 -26.33 -6.40
CA SER E 284 -36.46 -27.70 -6.07
C SER E 284 -36.64 -28.69 -7.24
N GLN E 285 -37.51 -28.41 -8.19
CA GLN E 285 -37.63 -29.13 -9.46
C GLN E 285 -36.37 -28.96 -10.33
N LEU E 286 -35.77 -27.76 -10.40
CA LEU E 286 -34.42 -27.60 -10.94
C LEU E 286 -33.36 -28.29 -10.11
N LEU E 287 -33.43 -28.28 -8.78
CA LEU E 287 -32.42 -28.94 -7.95
C LEU E 287 -32.41 -30.46 -8.18
N THR E 288 -33.57 -31.10 -8.11
CA THR E 288 -33.69 -32.53 -8.36
C THR E 288 -33.31 -32.90 -9.78
N ASN E 289 -33.61 -32.10 -10.80
CA ASN E 289 -33.06 -32.29 -12.15
C ASN E 289 -31.52 -32.19 -12.19
N TRP E 290 -30.88 -31.35 -11.37
CA TRP E 290 -29.42 -31.29 -11.28
C TRP E 290 -28.84 -32.53 -10.60
N GLU E 291 -29.43 -32.97 -9.49
CA GLU E 291 -29.04 -34.20 -8.82
C GLU E 291 -29.25 -35.43 -9.72
N ASN E 292 -30.30 -35.44 -10.55
CA ASN E 292 -30.48 -36.49 -11.54
C ASN E 292 -29.33 -36.49 -12.56
N MET E 293 -29.07 -35.39 -13.26
CA MET E 293 -28.02 -35.41 -14.28
C MET E 293 -26.62 -35.66 -13.70
N THR E 294 -26.34 -35.26 -12.46
CA THR E 294 -25.06 -35.56 -11.81
C THR E 294 -24.94 -37.00 -11.30
N LYS E 295 -26.04 -37.62 -10.86
CA LYS E 295 -26.09 -39.05 -10.60
C LYS E 295 -25.88 -39.85 -11.89
N ASN E 296 -26.61 -39.51 -12.95
CA ASN E 296 -26.47 -40.13 -14.28
C ASN E 296 -25.10 -39.88 -14.95
N LEU E 297 -24.33 -38.89 -14.50
CA LEU E 297 -22.93 -38.67 -14.87
C LEU E 297 -22.00 -39.65 -14.16
N ASP E 298 -22.25 -39.96 -12.88
CA ASP E 298 -21.38 -40.82 -12.07
C ASP E 298 -21.57 -42.32 -12.27
N ASP E 299 -22.79 -42.80 -12.51
CA ASP E 299 -23.05 -44.23 -12.66
C ASP E 299 -23.12 -44.71 -14.12
N SER E 300 -23.10 -43.78 -15.09
CA SER E 300 -22.87 -44.10 -16.49
C SER E 300 -21.45 -44.64 -16.72
N ASP E 301 -21.31 -45.53 -17.69
CA ASP E 301 -20.10 -46.32 -17.93
C ASP E 301 -19.82 -46.51 -19.43
N ASP E 302 -20.83 -46.77 -20.26
CA ASP E 302 -20.63 -47.00 -21.68
C ASP E 302 -20.17 -45.72 -22.40
N VAL E 303 -19.04 -45.78 -23.11
CA VAL E 303 -18.41 -44.64 -23.78
C VAL E 303 -18.99 -44.38 -25.17
N VAL E 304 -18.97 -43.12 -25.61
CA VAL E 304 -19.09 -42.74 -27.02
C VAL E 304 -17.96 -41.78 -27.41
N LYS E 305 -17.34 -41.99 -28.56
CA LYS E 305 -16.20 -41.19 -29.03
C LYS E 305 -16.59 -40.31 -30.19
N ILE E 306 -16.41 -39.01 -30.07
CA ILE E 306 -16.70 -38.03 -31.14
C ILE E 306 -15.40 -37.38 -31.58
N ALA E 307 -15.07 -37.43 -32.86
CA ALA E 307 -13.99 -36.63 -33.40
C ALA E 307 -14.45 -35.20 -33.59
N LEU E 308 -13.79 -34.25 -32.95
CA LEU E 308 -13.94 -32.82 -33.26
C LEU E 308 -12.77 -32.45 -34.18
N VAL E 309 -13.08 -32.14 -35.42
CA VAL E 309 -12.10 -31.90 -36.50
C VAL E 309 -11.96 -30.41 -36.74
N GLY E 310 -10.82 -29.81 -36.42
CA GLY E 310 -10.66 -28.35 -36.48
C GLY E 310 -9.21 -27.89 -36.51
N LYS E 311 -8.93 -26.60 -36.27
CA LYS E 311 -7.55 -26.12 -36.00
C LYS E 311 -7.38 -25.74 -34.54
N TYR E 312 -6.13 -25.69 -34.08
CA TYR E 312 -5.77 -25.24 -32.74
C TYR E 312 -6.47 -26.04 -31.64
N THR E 313 -6.60 -27.35 -31.82
CA THR E 313 -7.37 -28.22 -30.91
C THR E 313 -6.66 -28.44 -29.57
N ASN E 314 -5.44 -27.92 -29.42
CA ASN E 314 -4.65 -27.87 -28.19
C ASN E 314 -5.16 -26.80 -27.20
N LEU E 315 -5.72 -25.69 -27.69
CA LEU E 315 -6.42 -24.68 -26.89
C LEU E 315 -7.91 -25.06 -26.81
N LYS E 316 -8.25 -26.03 -25.94
CA LYS E 316 -9.61 -26.62 -25.85
C LYS E 316 -10.72 -25.62 -25.52
N ASP E 317 -10.36 -24.47 -24.94
CA ASP E 317 -11.22 -23.31 -24.69
C ASP E 317 -11.68 -22.59 -25.98
N SER E 318 -10.97 -22.74 -27.10
CA SER E 318 -11.39 -22.26 -28.44
C SER E 318 -12.66 -22.95 -28.96
N TYR E 319 -13.14 -23.98 -28.28
CA TYR E 319 -14.31 -24.77 -28.63
C TYR E 319 -15.21 -24.96 -27.40
N LEU E 320 -15.19 -24.04 -26.44
CA LEU E 320 -15.85 -24.27 -25.15
C LEU E 320 -17.34 -24.57 -25.29
N SER E 321 -18.07 -23.85 -26.13
CA SER E 321 -19.52 -24.05 -26.28
C SER E 321 -19.83 -25.33 -27.05
N VAL E 322 -19.01 -25.68 -28.04
CA VAL E 322 -19.08 -26.96 -28.74
C VAL E 322 -18.91 -28.12 -27.76
N THR E 323 -17.91 -28.02 -26.92
CA THR E 323 -17.57 -29.02 -25.92
C THR E 323 -18.72 -29.21 -24.96
N LYS E 324 -19.25 -28.13 -24.37
CA LYS E 324 -20.40 -28.21 -23.46
C LYS E 324 -21.62 -28.78 -24.16
N SER E 325 -21.86 -28.44 -25.42
CA SER E 325 -22.98 -28.95 -26.19
C SER E 325 -22.88 -30.46 -26.51
N LEU E 326 -21.67 -30.98 -26.74
CA LEU E 326 -21.44 -32.44 -26.82
C LEU E 326 -21.63 -33.12 -25.47
N GLU E 327 -21.19 -32.50 -24.37
CA GLU E 327 -21.46 -32.99 -23.03
C GLU E 327 -22.94 -33.05 -22.71
N HIS E 328 -23.73 -32.02 -23.01
CA HIS E 328 -25.15 -32.05 -22.70
C HIS E 328 -25.84 -33.17 -23.48
N ALA E 329 -25.46 -33.40 -24.73
CA ALA E 329 -25.98 -34.49 -25.54
C ALA E 329 -25.64 -35.86 -24.95
N SER E 330 -24.38 -36.06 -24.60
CA SER E 330 -23.86 -37.23 -23.88
C SER E 330 -24.62 -37.49 -22.59
N MET E 331 -24.85 -36.49 -21.76
CA MET E 331 -25.57 -36.65 -20.50
C MET E 331 -27.03 -37.08 -20.71
N LYS E 332 -27.72 -36.58 -21.74
CA LYS E 332 -29.08 -37.00 -22.09
C LYS E 332 -29.15 -38.40 -22.72
N CYS E 333 -28.10 -38.86 -23.40
CA CYS E 333 -27.95 -40.24 -23.86
C CYS E 333 -27.47 -41.22 -22.79
N ARG E 334 -26.97 -40.74 -21.65
CA ARG E 334 -26.38 -41.50 -20.54
C ARG E 334 -25.17 -42.34 -20.95
N ARG E 335 -24.32 -41.80 -21.82
CA ARG E 335 -23.04 -42.39 -22.24
C ARG E 335 -21.89 -41.42 -22.01
N GLN E 336 -20.77 -41.91 -21.54
CA GLN E 336 -19.58 -41.11 -21.24
C GLN E 336 -18.96 -40.57 -22.51
N LEU E 337 -18.81 -39.25 -22.62
CA LEU E 337 -18.22 -38.63 -23.80
C LEU E 337 -16.70 -38.70 -23.72
N GLU E 338 -16.07 -39.17 -24.78
CA GLU E 338 -14.68 -38.82 -25.07
C GLU E 338 -14.67 -37.97 -26.35
N ILE E 339 -14.20 -36.73 -26.27
CA ILE E 339 -13.84 -35.98 -27.46
C ILE E 339 -12.46 -36.43 -27.89
N LEU E 340 -12.36 -36.84 -29.15
CA LEU E 340 -11.10 -37.05 -29.84
C LEU E 340 -10.81 -35.74 -30.57
N TRP E 341 -9.76 -35.04 -30.17
CA TRP E 341 -9.37 -33.75 -30.75
C TRP E 341 -8.48 -33.99 -31.98
N VAL E 342 -8.96 -33.65 -33.17
CA VAL E 342 -8.32 -33.96 -34.45
C VAL E 342 -7.94 -32.67 -35.15
N GLU E 343 -6.64 -32.38 -35.33
CA GLU E 343 -6.25 -31.23 -36.15
C GLU E 343 -6.41 -31.55 -37.63
N ALA E 344 -7.28 -30.84 -38.32
CA ALA E 344 -7.64 -31.13 -39.71
C ALA E 344 -6.45 -31.05 -40.68
N SER E 345 -5.51 -30.12 -40.49
CA SER E 345 -4.30 -30.04 -41.30
C SER E 345 -3.45 -31.33 -41.21
N ASN E 346 -3.40 -31.98 -40.05
CA ASN E 346 -2.66 -33.23 -39.87
C ASN E 346 -3.26 -34.41 -40.66
N LEU E 347 -4.57 -34.37 -41.00
CA LEU E 347 -5.23 -35.34 -41.87
C LEU E 347 -4.73 -35.26 -43.31
N GLU E 348 -4.17 -34.12 -43.75
CA GLU E 348 -3.68 -33.96 -45.12
C GLU E 348 -2.42 -34.81 -45.38
N PRO E 349 -2.29 -35.45 -46.56
CA PRO E 349 -1.19 -36.37 -46.83
C PRO E 349 0.20 -35.76 -46.69
N GLU E 350 0.36 -34.47 -46.98
CA GLU E 350 1.64 -33.77 -46.88
C GLU E 350 2.22 -33.83 -45.46
N THR E 351 1.38 -33.96 -44.43
CA THR E 351 1.83 -34.15 -43.05
C THR E 351 2.68 -35.40 -42.91
N GLN E 352 2.42 -36.46 -43.68
CA GLN E 352 3.23 -37.68 -43.70
C GLN E 352 4.65 -37.44 -44.28
N GLU E 353 4.86 -36.35 -45.02
CA GLU E 353 6.20 -35.89 -45.40
C GLU E 353 6.86 -35.05 -44.29
N VAL E 354 6.04 -34.28 -43.56
CA VAL E 354 6.49 -33.33 -42.51
C VAL E 354 6.79 -34.02 -41.18
N ASP E 355 5.85 -34.80 -40.65
CA ASP E 355 5.97 -35.60 -39.42
C ASP E 355 4.96 -36.75 -39.41
N LYS E 356 5.45 -37.98 -39.58
CA LYS E 356 4.60 -39.18 -39.70
C LYS E 356 3.82 -39.47 -38.42
N ASN E 357 4.36 -39.14 -37.25
CA ASN E 357 3.68 -39.30 -35.97
C ASN E 357 2.33 -38.54 -35.93
N LYS E 358 2.31 -37.28 -36.38
CA LYS E 358 1.09 -36.44 -36.44
C LYS E 358 0.09 -36.93 -37.48
N PHE E 359 0.56 -37.43 -38.63
CA PHE E 359 -0.33 -37.96 -39.67
C PHE E 359 -1.11 -39.17 -39.15
N HIS E 360 -0.39 -40.17 -38.64
CA HIS E 360 -1.04 -41.39 -38.17
C HIS E 360 -1.89 -41.17 -36.92
N ASP E 361 -1.50 -40.35 -35.93
CA ASP E 361 -2.36 -40.11 -34.76
C ASP E 361 -3.69 -39.46 -35.14
N SER E 362 -3.69 -38.55 -36.12
CA SER E 362 -4.93 -37.96 -36.62
C SER E 362 -5.86 -39.00 -37.25
N TRP E 363 -5.36 -39.88 -38.12
CA TRP E 363 -6.18 -40.88 -38.80
C TRP E 363 -6.54 -42.06 -37.90
N ASN E 364 -5.68 -42.38 -36.94
CA ASN E 364 -5.95 -43.27 -35.82
C ASN E 364 -7.18 -42.76 -35.03
N LYS E 365 -7.23 -41.47 -34.67
CA LYS E 365 -8.41 -40.87 -34.03
C LYS E 365 -9.63 -40.85 -34.94
N LEU E 366 -9.52 -40.38 -36.17
CA LEU E 366 -10.68 -40.29 -37.06
C LEU E 366 -11.32 -41.65 -37.40
N SER E 367 -10.53 -42.72 -37.48
CA SER E 367 -11.03 -44.10 -37.64
C SER E 367 -11.69 -44.65 -36.39
N SER E 368 -11.25 -44.19 -35.23
CA SER E 368 -11.75 -44.60 -33.91
C SER E 368 -13.11 -43.99 -33.56
N ALA E 369 -13.48 -42.90 -34.22
CA ALA E 369 -14.64 -42.09 -33.91
C ALA E 369 -15.98 -42.78 -34.22
N ASP E 370 -16.89 -42.78 -33.26
CA ASP E 370 -18.29 -43.21 -33.42
C ASP E 370 -19.15 -42.14 -34.10
N GLY E 371 -18.72 -40.88 -34.09
CA GLY E 371 -19.31 -39.75 -34.77
C GLY E 371 -18.27 -38.67 -35.03
N ILE E 372 -18.55 -37.76 -35.96
CA ILE E 372 -17.66 -36.67 -36.37
C ILE E 372 -18.40 -35.35 -36.25
N LEU E 373 -17.74 -34.35 -35.70
CA LEU E 373 -18.15 -32.97 -35.73
C LEU E 373 -17.10 -32.14 -36.49
N VAL E 374 -17.53 -31.39 -37.50
CA VAL E 374 -16.78 -30.24 -38.01
C VAL E 374 -17.41 -29.00 -37.34
N PRO E 375 -16.68 -28.30 -36.44
CA PRO E 375 -17.25 -27.52 -35.35
C PRO E 375 -17.68 -26.09 -35.66
N GLY E 376 -17.36 -25.57 -36.85
CA GLY E 376 -17.56 -24.15 -37.17
C GLY E 376 -16.38 -23.28 -36.73
N GLY E 377 -15.23 -23.52 -37.34
CA GLY E 377 -13.99 -22.80 -37.11
C GLY E 377 -13.91 -21.42 -37.79
N PHE E 378 -12.69 -20.93 -37.91
CA PHE E 378 -12.34 -19.56 -38.27
C PHE E 378 -11.03 -19.56 -39.08
N GLY E 379 -10.99 -18.89 -40.23
CA GLY E 379 -9.83 -18.85 -41.14
C GLY E 379 -9.63 -20.13 -41.95
N THR E 380 -9.63 -20.03 -43.28
CA THR E 380 -9.79 -21.15 -44.22
C THR E 380 -8.64 -22.16 -44.32
N ARG E 381 -7.53 -21.98 -43.59
CA ARG E 381 -6.27 -22.73 -43.78
C ARG E 381 -6.35 -24.26 -43.61
N GLY E 382 -7.36 -24.81 -42.95
CA GLY E 382 -7.52 -26.25 -42.69
C GLY E 382 -8.51 -26.99 -43.59
N ILE E 383 -9.15 -26.31 -44.55
CA ILE E 383 -10.30 -26.84 -45.30
C ILE E 383 -9.97 -28.11 -46.08
N GLU E 384 -8.81 -28.22 -46.71
CA GLU E 384 -8.46 -29.40 -47.50
C GLU E 384 -8.32 -30.67 -46.64
N GLY E 385 -7.98 -30.51 -45.36
CA GLY E 385 -8.05 -31.57 -44.35
C GLY E 385 -9.48 -31.93 -43.97
N MET E 386 -10.33 -30.94 -43.69
CA MET E 386 -11.73 -31.19 -43.35
C MET E 386 -12.53 -31.82 -44.50
N ILE E 387 -12.16 -31.56 -45.74
CA ILE E 387 -12.75 -32.20 -46.93
C ILE E 387 -12.52 -33.71 -46.89
N LEU E 388 -11.34 -34.17 -46.45
CA LEU E 388 -11.09 -35.58 -46.22
C LEU E 388 -12.01 -36.12 -45.12
N ALA E 389 -12.14 -35.42 -44.00
CA ALA E 389 -13.00 -35.85 -42.89
C ALA E 389 -14.48 -35.95 -43.28
N ALA E 390 -14.97 -35.02 -44.09
CA ALA E 390 -16.31 -35.08 -44.66
C ALA E 390 -16.46 -36.21 -45.68
N LYS E 391 -15.44 -36.46 -46.52
CA LYS E 391 -15.43 -37.57 -47.50
C LYS E 391 -15.51 -38.90 -46.76
N TRP E 392 -14.60 -39.12 -45.81
CA TRP E 392 -14.56 -40.29 -44.95
C TRP E 392 -15.92 -40.60 -44.33
N ALA E 393 -16.59 -39.62 -43.72
CA ALA E 393 -17.90 -39.83 -43.11
C ALA E 393 -18.99 -40.22 -44.13
N ARG E 394 -18.97 -39.68 -45.34
CA ARG E 394 -19.96 -39.94 -46.38
C ARG E 394 -19.74 -41.30 -47.06
N GLU E 395 -18.49 -41.62 -47.37
CA GLU E 395 -18.08 -42.90 -47.97
C GLU E 395 -18.29 -44.10 -47.01
N SER E 396 -18.33 -43.86 -45.69
CA SER E 396 -18.22 -44.90 -44.66
C SER E 396 -19.45 -45.07 -43.78
N GLY E 397 -20.44 -44.17 -43.84
CA GLY E 397 -21.67 -44.23 -43.05
C GLY E 397 -21.55 -43.74 -41.59
N VAL E 398 -20.43 -43.13 -41.22
CA VAL E 398 -20.19 -42.61 -39.86
C VAL E 398 -21.01 -41.34 -39.62
N PRO E 399 -21.75 -41.21 -38.50
CA PRO E 399 -22.51 -40.01 -38.15
C PRO E 399 -21.72 -38.70 -38.21
N PHE E 400 -22.31 -37.66 -38.79
CA PHE E 400 -21.65 -36.39 -39.08
C PHE E 400 -22.53 -35.21 -38.69
N LEU E 401 -21.92 -34.17 -38.10
CA LEU E 401 -22.52 -32.85 -38.03
C LEU E 401 -21.54 -31.81 -38.56
N GLY E 402 -22.02 -30.95 -39.45
CA GLY E 402 -21.25 -29.82 -39.97
C GLY E 402 -21.84 -28.49 -39.56
N VAL E 403 -21.13 -27.68 -38.79
CA VAL E 403 -21.59 -26.39 -38.28
C VAL E 403 -20.89 -25.23 -39.00
N CYS E 404 -21.61 -24.25 -39.54
CA CYS E 404 -21.11 -23.08 -40.27
C CYS E 404 -20.19 -23.45 -41.44
N LEU E 405 -18.87 -23.34 -41.27
CA LEU E 405 -17.88 -23.95 -42.14
C LEU E 405 -18.12 -25.46 -42.41
N GLY E 406 -18.76 -26.19 -41.50
CA GLY E 406 -19.15 -27.59 -41.69
C GLY E 406 -20.32 -27.82 -42.65
N LEU E 407 -21.20 -26.85 -42.94
CA LEU E 407 -22.00 -26.91 -44.18
C LEU E 407 -21.06 -26.89 -45.37
N GLN E 408 -20.17 -25.90 -45.34
CA GLN E 408 -19.46 -25.48 -46.53
C GLN E 408 -18.45 -26.52 -46.97
N VAL E 409 -17.58 -27.04 -46.10
CA VAL E 409 -16.66 -28.12 -46.47
C VAL E 409 -17.39 -29.39 -46.91
N ALA E 410 -18.59 -29.67 -46.39
CA ALA E 410 -19.36 -30.83 -46.80
C ALA E 410 -19.96 -30.63 -48.20
N ALA E 411 -20.53 -29.47 -48.48
CA ALA E 411 -21.01 -29.15 -49.83
C ALA E 411 -19.86 -29.09 -50.85
N ILE E 412 -18.71 -28.54 -50.48
CA ILE E 412 -17.50 -28.57 -51.30
C ILE E 412 -17.03 -30.01 -51.55
N GLU E 413 -17.07 -30.88 -50.55
CA GLU E 413 -16.81 -32.31 -50.72
C GLU E 413 -17.82 -32.96 -51.69
N PHE E 414 -19.11 -32.79 -51.44
CA PHE E 414 -20.17 -33.37 -52.26
C PHE E 414 -20.11 -32.89 -53.71
N ALA E 415 -19.80 -31.62 -53.94
CA ALA E 415 -19.55 -31.08 -55.28
C ALA E 415 -18.35 -31.75 -55.97
N ARG E 416 -17.18 -31.80 -55.33
CA ARG E 416 -15.95 -32.39 -55.89
C ARG E 416 -16.04 -33.91 -56.10
N ASN E 417 -16.80 -34.63 -55.28
CA ASN E 417 -16.77 -36.10 -55.21
C ASN E 417 -18.07 -36.83 -55.60
N VAL E 418 -19.22 -36.16 -55.66
CA VAL E 418 -20.51 -36.79 -56.02
C VAL E 418 -21.17 -36.13 -57.23
N ILE E 419 -21.08 -34.81 -57.39
CA ILE E 419 -21.38 -34.15 -58.68
C ILE E 419 -20.21 -34.33 -59.66
N GLY E 420 -18.97 -34.18 -59.18
CA GLY E 420 -17.76 -34.42 -59.96
C GLY E 420 -17.20 -33.18 -60.68
N ARG E 421 -17.15 -32.02 -60.01
CA ARG E 421 -16.43 -30.81 -60.44
C ARG E 421 -15.19 -30.59 -59.55
N PRO E 422 -14.04 -31.23 -59.82
CA PRO E 422 -13.04 -31.53 -58.77
C PRO E 422 -12.30 -30.35 -58.14
N ASN E 423 -12.42 -29.14 -58.70
CA ASN E 423 -11.79 -27.91 -58.23
C ASN E 423 -12.75 -26.98 -57.44
N SER E 424 -14.03 -27.31 -57.33
CA SER E 424 -15.06 -26.42 -56.74
C SER E 424 -14.74 -26.05 -55.27
N SER E 425 -14.96 -24.80 -54.87
CA SER E 425 -14.24 -24.22 -53.73
C SER E 425 -14.95 -23.12 -52.95
N SER E 426 -14.42 -22.89 -51.74
CA SER E 426 -14.67 -21.76 -50.86
C SER E 426 -14.07 -20.47 -51.41
N THR E 427 -14.91 -19.56 -51.85
CA THR E 427 -14.50 -18.24 -52.34
C THR E 427 -13.67 -17.46 -51.32
N GLU E 428 -13.87 -17.65 -50.01
CA GLU E 428 -13.03 -17.00 -48.98
C GLU E 428 -11.55 -17.41 -49.04
N PHE E 429 -11.23 -18.58 -49.62
CA PHE E 429 -9.87 -19.11 -49.70
C PHE E 429 -9.12 -18.69 -50.99
N LEU E 430 -9.85 -18.41 -52.07
CA LEU E 430 -9.28 -18.24 -53.42
C LEU E 430 -9.60 -16.90 -54.09
N ASP E 431 -10.67 -16.22 -53.65
CA ASP E 431 -11.33 -15.03 -54.22
C ASP E 431 -10.96 -14.66 -55.68
N GLU E 432 -9.91 -13.86 -55.88
CA GLU E 432 -9.48 -13.29 -57.17
C GLU E 432 -9.13 -14.34 -58.25
N THR E 433 -9.01 -15.61 -57.88
CA THR E 433 -8.70 -16.75 -58.77
C THR E 433 -9.85 -17.08 -59.74
N LEU E 434 -11.10 -16.69 -59.44
CA LEU E 434 -12.27 -16.71 -60.34
C LEU E 434 -12.57 -18.07 -61.03
N LEU E 435 -12.46 -19.19 -60.32
CA LEU E 435 -13.01 -20.48 -60.78
C LEU E 435 -14.52 -20.37 -61.07
N ALA E 436 -15.06 -21.15 -62.00
CA ALA E 436 -16.48 -21.14 -62.32
C ALA E 436 -17.40 -21.85 -61.30
N PRO E 437 -17.06 -23.02 -60.72
CA PRO E 437 -17.92 -23.71 -59.75
C PRO E 437 -17.63 -23.21 -58.34
N GLU E 438 -18.12 -22.01 -58.05
CA GLU E 438 -18.11 -21.40 -56.72
C GLU E 438 -19.19 -22.05 -55.84
N ASP E 439 -18.78 -22.77 -54.80
CA ASP E 439 -19.70 -23.37 -53.82
C ASP E 439 -20.12 -22.35 -52.75
N GLN E 440 -19.14 -21.72 -52.08
CA GLN E 440 -19.42 -20.49 -51.32
C GLN E 440 -19.57 -19.30 -52.27
N VAL E 441 -20.53 -18.42 -51.99
CA VAL E 441 -20.59 -17.03 -52.53
C VAL E 441 -21.05 -16.07 -51.42
N VAL E 442 -20.63 -14.80 -51.47
CA VAL E 442 -21.07 -13.78 -50.49
C VAL E 442 -22.51 -13.38 -50.78
N ILE E 443 -23.39 -13.32 -49.77
CA ILE E 443 -24.72 -12.68 -49.90
C ILE E 443 -24.93 -11.66 -48.77
N THR E 444 -21.75 -6.35 -42.34
CA THR E 444 -21.96 -7.31 -43.43
C THR E 444 -21.88 -8.78 -42.99
N MET E 445 -21.49 -9.08 -41.74
CA MET E 445 -21.80 -10.38 -41.13
C MET E 445 -23.31 -10.56 -40.93
N ARG E 446 -23.85 -11.72 -41.27
CA ARG E 446 -25.21 -12.12 -40.90
C ARG E 446 -25.21 -12.69 -39.48
N LEU E 447 -25.64 -11.87 -38.52
CA LEU E 447 -25.32 -12.01 -37.10
C LEU E 447 -26.54 -12.18 -36.19
N GLY E 448 -26.38 -12.90 -35.08
CA GLY E 448 -27.39 -13.03 -34.04
C GLY E 448 -28.53 -13.94 -34.42
N LEU E 449 -29.60 -13.94 -33.62
CA LEU E 449 -30.75 -14.80 -33.82
C LEU E 449 -31.50 -14.43 -35.10
N ARG E 450 -31.79 -15.43 -35.93
CA ARG E 450 -32.59 -15.31 -37.15
C ARG E 450 -33.59 -16.49 -37.21
N PRO E 451 -34.69 -16.38 -37.98
CA PRO E 451 -35.53 -17.52 -38.32
C PRO E 451 -34.94 -18.28 -39.54
N THR E 452 -34.99 -19.60 -39.47
CA THR E 452 -34.76 -20.60 -40.52
C THR E 452 -36.06 -21.36 -40.72
N ILE E 453 -36.49 -21.59 -41.94
CA ILE E 453 -37.79 -22.22 -42.24
C ILE E 453 -37.54 -23.48 -43.07
N PHE E 454 -38.21 -24.59 -42.75
CA PHE E 454 -38.00 -25.85 -43.45
C PHE E 454 -38.65 -25.82 -44.85
N GLN E 455 -37.89 -26.16 -45.90
CA GLN E 455 -38.40 -26.41 -47.26
C GLN E 455 -39.47 -27.52 -47.23
N PRO E 456 -40.54 -27.56 -48.06
CA PRO E 456 -41.70 -28.43 -47.78
C PRO E 456 -41.43 -29.95 -47.84
N ASN E 457 -40.59 -30.41 -48.76
CA ASN E 457 -40.33 -31.85 -48.98
C ASN E 457 -39.22 -32.41 -48.06
N SER E 458 -39.40 -32.25 -46.73
CA SER E 458 -38.32 -32.41 -45.73
C SER E 458 -38.68 -33.12 -44.44
N GLU E 459 -39.94 -33.51 -44.20
CA GLU E 459 -40.28 -34.26 -42.97
C GLU E 459 -39.64 -35.67 -42.94
N TRP E 460 -39.12 -36.17 -44.05
CA TRP E 460 -38.35 -37.42 -44.08
C TRP E 460 -37.04 -37.35 -43.29
N SER E 461 -36.45 -36.15 -43.20
CA SER E 461 -35.12 -35.92 -42.65
C SER E 461 -35.07 -36.04 -41.13
N ASN E 462 -34.00 -36.65 -40.64
CA ASN E 462 -33.68 -36.74 -39.23
C ASN E 462 -33.58 -35.35 -38.59
N ILE E 463 -33.02 -34.35 -39.27
CA ILE E 463 -32.87 -33.01 -38.71
C ILE E 463 -34.20 -32.28 -38.51
N ARG E 464 -35.17 -32.34 -39.43
CA ARG E 464 -36.52 -31.82 -39.15
C ARG E 464 -37.22 -32.60 -38.03
N LYS E 465 -36.98 -33.91 -37.93
CA LYS E 465 -37.54 -34.77 -36.88
C LYS E 465 -37.02 -34.42 -35.49
N LEU E 466 -35.71 -34.22 -35.36
CA LEU E 466 -35.06 -33.79 -34.10
C LEU E 466 -35.55 -32.43 -33.58
N TYR E 467 -35.89 -31.50 -34.47
CA TYR E 467 -36.47 -30.22 -34.10
C TYR E 467 -37.97 -30.26 -33.74
N GLY E 468 -38.54 -31.44 -33.51
CA GLY E 468 -39.96 -31.61 -33.15
C GLY E 468 -40.94 -31.40 -34.32
N GLU E 469 -40.44 -31.37 -35.55
CA GLU E 469 -41.19 -31.05 -36.77
C GLU E 469 -41.92 -29.67 -36.73
N VAL E 470 -41.45 -28.75 -35.90
CA VAL E 470 -41.90 -27.36 -35.83
C VAL E 470 -41.50 -26.64 -37.12
N ASN E 471 -42.32 -25.75 -37.66
CA ASN E 471 -42.13 -25.21 -39.02
C ASN E 471 -40.90 -24.29 -39.18
N GLU E 472 -40.59 -23.53 -38.13
CA GLU E 472 -39.43 -22.64 -38.04
C GLU E 472 -38.43 -23.14 -36.99
N VAL E 473 -37.16 -22.90 -37.26
CA VAL E 473 -36.01 -23.03 -36.36
C VAL E 473 -35.46 -21.64 -36.13
N HIS E 474 -35.35 -21.16 -34.88
CA HIS E 474 -34.70 -19.87 -34.58
C HIS E 474 -33.38 -20.14 -33.89
N GLU E 475 -32.28 -19.69 -34.49
CA GLU E 475 -30.91 -20.02 -34.05
C GLU E 475 -29.97 -18.86 -34.39
N ARG E 476 -28.75 -18.85 -33.82
CA ARG E 476 -27.80 -17.73 -33.90
C ARG E 476 -26.80 -17.91 -35.03
N HIS E 477 -26.53 -16.84 -35.76
CA HIS E 477 -25.71 -16.78 -36.97
C HIS E 477 -24.47 -15.91 -36.76
N ARG E 478 -23.37 -16.23 -37.43
CA ARG E 478 -22.12 -15.44 -37.45
C ARG E 478 -21.32 -15.72 -38.71
N HIS E 479 -21.98 -15.62 -39.87
CA HIS E 479 -21.41 -15.97 -41.17
C HIS E 479 -21.54 -14.85 -42.20
N ARG E 480 -20.66 -14.87 -43.19
CA ARG E 480 -20.56 -13.87 -44.27
C ARG E 480 -20.94 -14.43 -45.64
N TYR E 481 -20.65 -15.71 -45.86
CA TYR E 481 -20.95 -16.47 -47.08
C TYR E 481 -22.26 -17.28 -46.98
N GLU E 482 -22.69 -17.80 -48.12
CA GLU E 482 -23.75 -18.78 -48.32
C GLU E 482 -23.28 -19.88 -49.25
N ILE E 483 -24.01 -21.00 -49.31
CA ILE E 483 -23.95 -21.85 -50.49
C ILE E 483 -24.63 -21.15 -51.67
N ASN E 484 -24.01 -21.22 -52.84
CA ASN E 484 -24.50 -20.72 -54.12
C ASN E 484 -25.86 -21.35 -54.52
N PRO E 485 -26.95 -20.56 -54.73
CA PRO E 485 -28.26 -21.10 -55.10
C PRO E 485 -28.27 -21.76 -56.49
N LYS E 486 -27.38 -21.37 -57.41
CA LYS E 486 -27.26 -21.96 -58.75
C LYS E 486 -26.81 -23.43 -58.70
N ILE E 487 -26.03 -23.80 -57.68
CA ILE E 487 -25.61 -25.19 -57.43
C ILE E 487 -26.61 -25.97 -56.57
N VAL E 488 -27.65 -25.34 -56.01
CA VAL E 488 -28.62 -26.05 -55.15
C VAL E 488 -29.42 -27.09 -55.90
N ASN E 489 -30.07 -26.79 -57.02
CA ASN E 489 -30.88 -27.80 -57.70
C ASN E 489 -30.03 -28.90 -58.38
N ASP E 490 -28.78 -28.58 -58.74
CA ASP E 490 -27.75 -29.57 -59.10
C ASP E 490 -27.51 -30.55 -57.93
N MET E 491 -27.17 -30.07 -56.73
CA MET E 491 -27.02 -30.89 -55.54
C MET E 491 -28.31 -31.63 -55.15
N GLU E 492 -29.46 -30.99 -55.20
CA GLU E 492 -30.72 -31.64 -54.85
C GLU E 492 -31.07 -32.76 -55.85
N SER E 493 -30.72 -32.61 -57.13
CA SER E 493 -30.88 -33.68 -58.12
C SER E 493 -30.08 -34.94 -57.76
N ARG E 494 -29.02 -34.80 -56.96
CA ARG E 494 -28.12 -35.87 -56.48
C ARG E 494 -28.38 -36.31 -55.03
N GLY E 495 -29.44 -35.82 -54.37
CA GLY E 495 -29.88 -36.28 -53.04
C GLY E 495 -29.42 -35.44 -51.83
N PHE E 496 -28.66 -34.37 -52.03
CA PHE E 496 -28.15 -33.47 -50.99
C PHE E 496 -29.13 -32.32 -50.72
N ILE E 497 -30.28 -32.64 -50.15
CA ILE E 497 -31.42 -31.72 -50.04
C ILE E 497 -31.16 -30.61 -49.01
N PHE E 498 -31.34 -29.34 -49.41
CA PHE E 498 -31.30 -28.21 -48.52
C PHE E 498 -32.64 -28.06 -47.80
N VAL E 499 -32.78 -28.89 -46.78
CA VAL E 499 -33.91 -29.06 -45.87
C VAL E 499 -34.40 -27.78 -45.19
N GLY E 500 -33.58 -26.74 -45.04
CA GLY E 500 -34.00 -25.47 -44.44
C GLY E 500 -33.24 -24.25 -44.94
N LYS E 501 -33.95 -23.11 -44.98
CA LYS E 501 -33.54 -21.86 -45.63
C LYS E 501 -34.05 -20.63 -44.87
N ASP E 502 -33.48 -19.47 -45.17
CA ASP E 502 -34.03 -18.16 -44.81
C ASP E 502 -35.40 -17.94 -45.47
N GLU E 503 -36.28 -17.13 -44.88
CA GLU E 503 -37.62 -16.85 -45.41
C GLU E 503 -37.65 -16.36 -46.87
N THR E 504 -36.58 -15.70 -47.35
CA THR E 504 -36.42 -15.26 -48.74
C THR E 504 -36.05 -16.38 -49.72
N GLY E 505 -35.59 -17.54 -49.24
CA GLY E 505 -35.18 -18.69 -50.05
C GLY E 505 -33.82 -18.58 -50.78
N GLN E 506 -33.18 -17.41 -50.75
CA GLN E 506 -31.86 -17.21 -51.38
C GLN E 506 -30.71 -17.90 -50.61
N ARG E 507 -30.93 -18.16 -49.32
CA ARG E 507 -29.92 -18.51 -48.30
C ARG E 507 -30.13 -19.92 -47.71
N CYS E 508 -29.14 -20.79 -47.87
CA CYS E 508 -29.21 -22.22 -47.52
C CYS E 508 -28.63 -22.50 -46.13
N GLU E 509 -29.41 -23.10 -45.23
CA GLU E 509 -29.12 -23.06 -43.80
C GLU E 509 -29.08 -24.42 -43.12
N ILE E 510 -29.88 -25.39 -43.56
CA ILE E 510 -29.83 -26.78 -43.09
C ILE E 510 -29.84 -27.71 -44.30
N PHE E 511 -29.01 -28.76 -44.29
CA PHE E 511 -29.17 -29.91 -45.17
C PHE E 511 -29.31 -31.22 -44.42
N GLU E 512 -29.85 -32.22 -45.12
CA GLU E 512 -29.58 -33.63 -44.85
C GLU E 512 -29.33 -34.34 -46.19
N LEU E 513 -28.30 -35.19 -46.26
CA LEU E 513 -28.10 -36.09 -47.40
C LEU E 513 -29.00 -37.31 -47.28
N LYS E 514 -29.79 -37.60 -48.32
CA LYS E 514 -30.62 -38.81 -48.45
C LYS E 514 -29.84 -40.11 -48.18
N GLY E 515 -30.45 -41.04 -47.45
CA GLY E 515 -29.99 -42.42 -47.29
C GLY E 515 -28.94 -42.67 -46.19
N HIS E 516 -27.99 -41.75 -45.98
CA HIS E 516 -26.98 -41.86 -44.91
C HIS E 516 -27.62 -41.82 -43.50
N PRO E 517 -27.17 -42.60 -42.50
CA PRO E 517 -27.78 -42.60 -41.17
C PRO E 517 -27.94 -41.22 -40.50
N TYR E 518 -26.93 -40.35 -40.61
CA TYR E 518 -26.94 -38.99 -40.08
C TYR E 518 -25.82 -38.16 -40.71
N TYR E 519 -26.14 -37.34 -41.71
CA TYR E 519 -25.18 -36.47 -42.39
C TYR E 519 -25.87 -35.13 -42.52
N VAL E 520 -25.77 -34.34 -41.46
CA VAL E 520 -26.49 -33.09 -41.28
C VAL E 520 -25.51 -31.92 -41.26
N GLY E 521 -25.93 -30.78 -41.81
CA GLY E 521 -25.16 -29.56 -41.73
C GLY E 521 -26.06 -28.38 -41.44
N THR E 522 -25.59 -27.45 -40.61
CA THR E 522 -26.28 -26.21 -40.23
C THR E 522 -25.36 -25.03 -40.48
N GLN E 523 -25.85 -23.92 -41.06
CA GLN E 523 -25.00 -22.72 -41.19
C GLN E 523 -24.97 -21.86 -39.93
N TYR E 524 -26.01 -21.93 -39.10
CA TYR E 524 -25.98 -21.42 -37.73
C TYR E 524 -25.07 -22.24 -36.82
N HIS E 525 -24.77 -21.67 -35.66
CA HIS E 525 -24.06 -22.32 -34.56
C HIS E 525 -25.07 -22.86 -33.56
N PRO E 526 -25.38 -24.17 -33.51
CA PRO E 526 -26.33 -24.71 -32.54
C PRO E 526 -25.76 -24.77 -31.12
N GLU E 527 -24.47 -24.52 -30.90
CA GLU E 527 -23.81 -24.54 -29.61
C GLU E 527 -24.37 -23.53 -28.63
N TYR E 528 -24.62 -22.31 -29.10
CA TYR E 528 -24.93 -21.15 -28.28
C TYR E 528 -26.30 -21.22 -27.65
N THR E 529 -27.18 -22.04 -28.20
CA THR E 529 -28.53 -22.29 -27.72
C THR E 529 -28.63 -23.56 -26.85
N SER E 530 -27.53 -24.27 -26.57
CA SER E 530 -27.51 -25.47 -25.71
C SER E 530 -27.65 -25.16 -24.20
N LYS E 531 -28.53 -25.88 -23.49
CA LYS E 531 -28.76 -25.74 -22.04
C LYS E 531 -28.46 -27.04 -21.31
N VAL E 532 -28.03 -26.99 -20.03
CA VAL E 532 -27.52 -28.19 -19.34
C VAL E 532 -28.56 -29.31 -19.26
N LEU E 533 -29.84 -28.95 -19.15
CA LEU E 533 -30.96 -29.87 -19.00
C LEU E 533 -31.79 -30.00 -20.30
N GLU E 534 -31.34 -29.40 -21.39
CA GLU E 534 -32.00 -29.44 -22.71
C GLU E 534 -30.95 -29.27 -23.83
N PRO E 535 -30.24 -30.33 -24.24
CA PRO E 535 -29.18 -30.21 -25.23
C PRO E 535 -29.68 -29.69 -26.58
N SER E 536 -28.77 -29.05 -27.31
CA SER E 536 -29.05 -28.54 -28.64
C SER E 536 -29.37 -29.69 -29.59
N ARG E 537 -30.47 -29.62 -30.34
CA ARG E 537 -30.98 -30.76 -31.09
C ARG E 537 -30.00 -31.35 -32.12
N PRO E 538 -29.19 -30.60 -32.87
CA PRO E 538 -28.26 -31.19 -33.83
C PRO E 538 -27.16 -32.01 -33.17
N PHE E 539 -26.71 -31.63 -31.97
CA PHE E 539 -25.67 -32.33 -31.20
C PHE E 539 -26.22 -33.56 -30.51
N TRP E 540 -27.43 -33.49 -29.96
CA TRP E 540 -28.15 -34.64 -29.42
C TRP E 540 -28.40 -35.69 -30.51
N GLY E 541 -28.80 -35.27 -31.72
CA GLY E 541 -28.87 -36.12 -32.90
C GLY E 541 -27.56 -36.75 -33.34
N LEU E 542 -26.42 -36.07 -33.26
CA LEU E 542 -25.11 -36.66 -33.56
C LEU E 542 -24.71 -37.69 -32.50
N VAL E 543 -24.82 -37.38 -31.22
CA VAL E 543 -24.40 -38.29 -30.15
C VAL E 543 -25.33 -39.49 -30.10
N ALA E 544 -26.62 -39.32 -30.37
CA ALA E 544 -27.56 -40.42 -30.54
C ALA E 544 -27.23 -41.27 -31.77
N ALA E 545 -26.96 -40.67 -32.93
CA ALA E 545 -26.53 -41.41 -34.10
C ALA E 545 -25.25 -42.22 -33.83
N ALA E 546 -24.27 -41.65 -33.13
CA ALA E 546 -23.01 -42.30 -32.75
C ALA E 546 -23.21 -43.47 -31.75
N SER E 547 -24.25 -43.43 -30.95
CA SER E 547 -24.52 -44.41 -29.89
C SER E 547 -25.46 -45.54 -30.33
N GLY E 548 -26.08 -45.42 -31.52
CA GLY E 548 -27.38 -46.06 -31.73
C GLY E 548 -28.44 -45.39 -30.84
N THR E 549 -29.68 -45.84 -30.89
CA THR E 549 -30.82 -45.24 -30.15
C THR E 549 -31.25 -43.84 -30.61
N LEU E 550 -30.80 -43.43 -31.79
CA LEU E 550 -31.36 -42.28 -32.52
C LEU E 550 -32.89 -42.37 -32.69
N GLY E 551 -33.43 -43.56 -32.97
CA GLY E 551 -34.86 -43.78 -33.09
C GLY E 551 -35.60 -43.61 -31.76
N GLU E 552 -35.09 -44.19 -30.68
CA GLU E 552 -35.65 -44.03 -29.33
C GLU E 552 -35.59 -42.57 -28.85
N VAL E 553 -34.53 -41.82 -29.19
CA VAL E 553 -34.47 -40.37 -28.95
C VAL E 553 -35.53 -39.62 -29.77
N ILE E 554 -35.61 -39.84 -31.09
CA ILE E 554 -36.65 -39.20 -31.92
C ILE E 554 -38.05 -39.50 -31.39
N LYS E 555 -38.32 -40.73 -30.95
CA LYS E 555 -39.61 -41.09 -30.30
C LYS E 555 -39.89 -40.23 -29.06
N ASP E 556 -38.95 -40.11 -28.14
CA ASP E 556 -39.08 -39.29 -26.93
C ASP E 556 -39.25 -37.80 -27.23
N ILE E 557 -38.60 -37.29 -28.27
CA ILE E 557 -38.74 -35.91 -28.76
C ILE E 557 -40.16 -35.68 -29.32
N ASN E 558 -40.74 -36.65 -30.01
CA ASN E 558 -42.04 -36.54 -30.66
C ASN E 558 -43.26 -36.48 -29.71
N LEU E 559 -43.15 -36.89 -28.44
CA LEU E 559 -44.23 -36.71 -27.44
C LEU E 559 -44.50 -35.22 -27.15
N MET F 1 16.30 13.63 -26.87
CA MET F 1 15.32 14.37 -26.05
C MET F 1 15.62 14.15 -24.57
N LYS F 2 15.72 15.19 -23.75
CA LYS F 2 15.67 15.05 -22.27
C LYS F 2 14.25 15.31 -21.79
N TYR F 3 13.87 14.71 -20.68
CA TYR F 3 12.57 14.87 -20.06
C TYR F 3 12.75 15.29 -18.60
N VAL F 4 12.04 16.32 -18.16
CA VAL F 4 11.85 16.62 -16.74
C VAL F 4 10.38 16.42 -16.43
N VAL F 5 10.02 15.57 -15.49
CA VAL F 5 8.65 15.43 -15.03
C VAL F 5 8.50 16.24 -13.77
N VAL F 6 7.51 17.10 -13.67
CA VAL F 6 7.17 17.85 -12.46
C VAL F 6 5.87 17.26 -11.94
N SER F 7 5.81 16.89 -10.68
CA SER F 7 4.84 15.90 -10.24
C SER F 7 4.26 16.14 -8.86
N GLY F 8 3.04 15.63 -8.72
CA GLY F 8 2.43 15.18 -7.48
C GLY F 8 2.40 16.13 -6.30
N GLY F 9 2.50 15.56 -5.12
CA GLY F 9 2.58 16.29 -3.85
C GLY F 9 1.51 15.89 -2.85
N VAL F 10 1.51 16.61 -1.75
CA VAL F 10 0.60 16.42 -0.61
C VAL F 10 -0.80 16.94 -0.92
N ILE F 11 -0.88 18.03 -1.71
CA ILE F 11 -2.10 18.76 -2.12
C ILE F 11 -2.06 19.03 -3.63
N SER F 12 -3.23 19.24 -4.23
CA SER F 12 -3.40 19.86 -5.55
C SER F 12 -3.14 21.37 -5.50
N GLY F 13 -2.88 22.04 -6.62
CA GLY F 13 -2.70 23.51 -6.60
C GLY F 13 -1.49 23.97 -5.78
N ILE F 14 -0.44 23.15 -5.73
CA ILE F 14 0.75 23.37 -4.91
C ILE F 14 1.79 24.30 -5.54
N GLY F 15 1.92 24.34 -6.87
CA GLY F 15 2.96 25.13 -7.54
C GLY F 15 3.71 24.44 -8.69
N LYS F 16 3.26 23.29 -9.18
CA LYS F 16 3.94 22.56 -10.25
C LYS F 16 4.03 23.36 -11.53
N GLY F 17 2.98 24.05 -11.94
CA GLY F 17 3.00 24.94 -13.10
C GLY F 17 3.99 26.09 -12.97
N VAL F 18 4.16 26.65 -11.78
CA VAL F 18 5.19 27.67 -11.53
C VAL F 18 6.60 27.08 -11.60
N LEU F 19 6.84 25.91 -11.01
CA LEU F 19 8.18 25.30 -11.05
C LEU F 19 8.52 24.71 -12.41
N ALA F 20 7.57 24.10 -13.10
CA ALA F 20 7.71 23.64 -14.47
C ALA F 20 8.08 24.78 -15.41
N SER F 21 7.39 25.92 -15.32
CA SER F 21 7.66 27.08 -16.14
C SER F 21 8.99 27.74 -15.80
N SER F 22 9.33 27.85 -14.51
CA SER F 22 10.63 28.35 -14.09
C SER F 22 11.77 27.45 -14.54
N THR F 23 11.63 26.13 -14.41
CA THR F 23 12.63 25.16 -14.89
C THR F 23 12.84 25.29 -16.39
N GLY F 24 11.78 25.40 -17.19
CA GLY F 24 11.93 25.58 -18.62
C GLY F 24 12.61 26.89 -18.97
N MET F 25 12.25 27.99 -18.33
CA MET F 25 12.85 29.31 -18.52
C MET F 25 14.33 29.29 -18.15
N LEU F 26 14.67 28.68 -17.02
CA LEU F 26 16.04 28.52 -16.55
C LEU F 26 16.86 27.68 -17.52
N LEU F 27 16.39 26.52 -17.96
CA LEU F 27 17.12 25.68 -18.92
C LEU F 27 17.36 26.42 -20.24
N LYS F 28 16.40 27.23 -20.68
CA LYS F 28 16.54 28.09 -21.85
C LYS F 28 17.71 29.07 -21.73
N THR F 29 18.10 29.45 -20.52
CA THR F 29 19.29 30.28 -20.29
C THR F 29 20.63 29.55 -20.42
N LEU F 30 20.63 28.28 -20.81
CA LEU F 30 21.80 27.56 -21.35
C LEU F 30 21.79 27.47 -22.88
N GLY F 31 20.82 28.09 -23.56
CA GLY F 31 20.66 28.05 -25.02
C GLY F 31 19.79 26.91 -25.55
N LEU F 32 19.38 25.98 -24.68
CA LEU F 32 18.59 24.80 -25.00
C LEU F 32 17.19 25.16 -25.49
N LYS F 33 16.69 24.51 -26.55
CA LYS F 33 15.29 24.59 -26.98
C LYS F 33 14.43 23.75 -26.02
N VAL F 34 13.42 24.32 -25.39
CA VAL F 34 12.59 23.64 -24.39
C VAL F 34 11.16 23.56 -24.87
N THR F 35 10.53 22.42 -24.73
CA THR F 35 9.09 22.21 -24.97
C THR F 35 8.42 21.75 -23.68
N SER F 36 7.11 21.66 -23.71
CA SER F 36 6.28 21.29 -22.58
C SER F 36 5.08 20.45 -23.00
N ILE F 37 4.66 19.55 -22.14
CA ILE F 37 3.41 18.81 -22.23
C ILE F 37 2.73 18.94 -20.89
N LYS F 38 1.44 19.26 -20.87
CA LYS F 38 0.62 19.12 -19.68
C LYS F 38 -0.09 17.78 -19.79
N ILE F 39 -0.08 17.00 -18.71
CA ILE F 39 -0.96 15.87 -18.55
C ILE F 39 -2.01 16.30 -17.54
N ASP F 40 -3.27 16.21 -17.91
CA ASP F 40 -4.38 16.36 -16.99
C ASP F 40 -5.11 15.04 -16.83
N PRO F 41 -5.19 14.47 -15.62
CA PRO F 41 -5.93 13.24 -15.38
C PRO F 41 -7.46 13.36 -15.49
N TYR F 42 -8.02 14.54 -15.73
CA TYR F 42 -9.43 14.69 -16.08
C TYR F 42 -9.79 14.06 -17.42
N MET F 43 -11.07 13.76 -17.61
CA MET F 43 -11.58 13.01 -18.74
C MET F 43 -12.01 13.85 -19.94
N ASN F 44 -12.29 15.14 -19.77
CA ASN F 44 -12.64 16.06 -20.84
C ASN F 44 -11.67 15.98 -22.03
N ILE F 45 -12.18 15.95 -23.26
CA ILE F 45 -11.32 15.97 -24.45
C ILE F 45 -10.56 17.28 -24.48
N ASP F 46 -11.22 18.42 -24.33
CA ASP F 46 -10.58 19.71 -24.22
C ASP F 46 -11.45 20.69 -23.41
N ALA F 47 -10.87 21.81 -22.97
CA ALA F 47 -11.50 22.71 -22.01
C ALA F 47 -12.69 23.49 -22.56
N GLY F 48 -12.94 23.46 -23.87
CA GLY F 48 -13.91 24.34 -24.53
C GLY F 48 -15.37 24.16 -24.11
N THR F 49 -15.77 23.03 -23.54
CA THR F 49 -17.11 22.86 -22.96
C THR F 49 -17.20 23.37 -21.52
N MET F 50 -16.11 23.33 -20.73
CA MET F 50 -16.17 23.52 -19.28
C MET F 50 -16.00 24.97 -18.85
N SER F 51 -16.82 25.37 -17.90
CA SER F 51 -17.01 26.77 -17.52
C SER F 51 -15.85 27.29 -16.66
N PRO F 52 -15.57 28.61 -16.63
CA PRO F 52 -14.43 29.17 -15.90
C PRO F 52 -14.46 29.00 -14.37
N LEU F 53 -15.57 28.52 -13.82
CA LEU F 53 -15.77 28.25 -12.39
C LEU F 53 -14.93 27.07 -11.84
N GLU F 54 -14.37 26.21 -12.70
CA GLU F 54 -13.34 25.20 -12.33
C GLU F 54 -12.10 25.36 -13.22
N HIS F 55 -10.91 25.25 -12.63
CA HIS F 55 -9.60 25.35 -13.31
C HIS F 55 -9.32 26.69 -14.02
N GLY F 56 -10.06 27.75 -13.71
CA GLY F 56 -9.85 29.09 -14.26
C GLY F 56 -10.26 29.24 -15.73
N GLU F 57 -9.71 30.22 -16.43
CA GLU F 57 -10.01 30.49 -17.83
C GLU F 57 -9.63 29.34 -18.80
N CYS F 58 -10.46 29.12 -19.81
CA CYS F 58 -10.05 28.35 -20.97
C CYS F 58 -9.02 29.15 -21.79
N PHE F 59 -7.88 28.53 -22.13
CA PHE F 59 -6.83 29.15 -22.95
C PHE F 59 -7.02 28.79 -24.43
N VAL F 60 -6.85 29.73 -25.36
CA VAL F 60 -7.05 29.48 -26.79
C VAL F 60 -5.73 29.47 -27.54
N LEU F 61 -5.47 28.43 -28.33
CA LEU F 61 -4.23 28.22 -29.11
C LEU F 61 -4.37 28.73 -30.55
N ASP F 62 -3.29 28.81 -31.32
CA ASP F 62 -3.33 29.17 -32.74
C ASP F 62 -4.17 28.19 -33.57
N ASP F 63 -4.10 26.90 -33.26
CA ASP F 63 -4.92 25.82 -33.81
C ASP F 63 -6.43 26.06 -33.68
N GLY F 64 -6.87 26.91 -32.77
CA GLY F 64 -8.23 26.91 -32.25
C GLY F 64 -8.47 25.90 -31.14
N GLY F 65 -7.43 25.31 -30.59
CA GLY F 65 -7.54 24.45 -29.41
C GLY F 65 -7.91 25.23 -28.16
N GLU F 66 -9.06 24.91 -27.56
CA GLU F 66 -9.53 25.40 -26.27
C GLU F 66 -8.97 24.51 -25.16
N THR F 67 -7.87 24.89 -24.51
CA THR F 67 -7.02 23.99 -23.73
C THR F 67 -6.81 24.41 -22.27
N ASP F 68 -6.04 23.61 -21.54
CA ASP F 68 -5.76 23.85 -20.13
C ASP F 68 -5.05 25.19 -19.90
N LEU F 69 -5.45 25.87 -18.84
CA LEU F 69 -4.81 27.08 -18.33
C LEU F 69 -3.29 26.92 -18.17
N ASP F 70 -2.76 25.76 -17.74
CA ASP F 70 -1.31 25.56 -17.66
C ASP F 70 -0.57 25.73 -19.01
N LEU F 71 -1.17 25.45 -20.18
CA LEU F 71 -0.43 25.64 -21.45
C LEU F 71 -0.13 27.10 -21.69
N GLY F 72 -0.99 28.01 -21.25
CA GLY F 72 -0.74 29.45 -21.33
C GLY F 72 0.47 29.88 -20.52
N ASN F 73 0.69 29.28 -19.35
CA ASN F 73 1.85 29.57 -18.52
C ASN F 73 3.15 29.18 -19.23
N TYR F 74 3.17 28.07 -19.95
CA TYR F 74 4.36 27.66 -20.70
C TYR F 74 4.59 28.58 -21.89
N GLU F 75 3.54 28.94 -22.63
CA GLU F 75 3.66 29.85 -23.78
C GLU F 75 4.31 31.17 -23.37
N ARG F 76 3.84 31.82 -22.29
CA ARG F 76 4.37 33.12 -21.84
C ARG F 76 5.75 33.07 -21.19
N TYR F 77 6.07 32.04 -20.40
CA TYR F 77 7.40 31.95 -19.79
C TYR F 77 8.47 31.54 -20.77
N LEU F 78 8.19 30.63 -21.70
CA LEU F 78 9.22 30.04 -22.57
C LEU F 78 9.36 30.73 -23.93
N GLY F 79 8.35 31.46 -24.38
CA GLY F 79 8.35 32.04 -25.74
C GLY F 79 8.08 31.01 -26.82
N ILE F 80 7.13 30.11 -26.58
CA ILE F 80 6.82 28.95 -27.43
C ILE F 80 5.36 28.91 -27.83
N THR F 81 5.08 28.23 -28.93
CA THR F 81 3.72 28.01 -29.45
C THR F 81 3.36 26.52 -29.39
N LEU F 82 2.19 26.20 -28.86
CA LEU F 82 1.74 24.83 -28.57
C LEU F 82 0.49 24.45 -29.37
N SER F 83 0.38 23.19 -29.77
CA SER F 83 -0.77 22.59 -30.47
C SER F 83 -1.76 21.98 -29.48
N ARG F 84 -2.96 21.59 -29.91
CA ARG F 84 -3.88 20.86 -29.02
C ARG F 84 -3.35 19.50 -28.58
N ASP F 85 -2.43 18.89 -29.31
CA ASP F 85 -1.75 17.66 -28.91
C ASP F 85 -0.80 17.79 -27.71
N HIS F 86 -0.32 18.99 -27.37
CA HIS F 86 0.54 19.24 -26.20
C HIS F 86 -0.19 19.15 -24.86
N ASN F 87 -1.51 19.15 -24.85
CA ASN F 87 -2.29 18.82 -23.67
C ASN F 87 -2.79 17.38 -23.77
N ILE F 88 -2.17 16.45 -23.07
CA ILE F 88 -2.68 15.10 -22.86
C ILE F 88 -3.79 15.12 -21.82
N THR F 89 -4.89 14.41 -22.07
CA THR F 89 -5.92 14.15 -21.06
C THR F 89 -6.30 12.69 -21.07
N THR F 90 -6.90 12.21 -20.00
CA THR F 90 -7.42 10.83 -19.94
C THR F 90 -8.37 10.56 -21.10
N GLY F 91 -9.25 11.50 -21.41
CA GLY F 91 -10.17 11.40 -22.54
C GLY F 91 -9.47 11.21 -23.86
N LYS F 92 -8.50 12.04 -24.21
CA LYS F 92 -7.78 11.91 -25.48
C LYS F 92 -7.12 10.56 -25.61
N ILE F 93 -6.47 10.08 -24.57
CA ILE F 93 -5.68 8.85 -24.66
C ILE F 93 -6.55 7.61 -24.59
N TYR F 94 -7.60 7.56 -23.79
CA TYR F 94 -8.55 6.45 -23.87
C TYR F 94 -9.29 6.47 -25.19
N SER F 95 -9.65 7.64 -25.71
CA SER F 95 -10.30 7.80 -27.02
C SER F 95 -9.42 7.31 -28.16
N HIS F 96 -8.14 7.61 -28.12
CA HIS F 96 -7.16 7.20 -29.10
C HIS F 96 -7.10 5.68 -29.20
N VAL F 97 -6.93 4.96 -28.08
CA VAL F 97 -6.89 3.50 -28.13
C VAL F 97 -8.23 2.88 -28.49
N ILE F 98 -9.36 3.40 -28.01
CA ILE F 98 -10.68 2.87 -28.38
C ILE F 98 -10.96 3.04 -29.88
N SER F 99 -10.62 4.17 -30.50
CA SER F 99 -10.82 4.39 -31.93
C SER F 99 -9.95 3.47 -32.79
N ARG F 100 -8.74 3.18 -32.31
CA ARG F 100 -7.74 2.29 -32.91
C ARG F 100 -8.11 0.81 -32.81
N GLU F 101 -8.78 0.40 -31.73
CA GLU F 101 -9.37 -0.94 -31.58
C GLU F 101 -10.51 -1.22 -32.54
N ARG F 102 -11.53 -0.35 -32.65
CA ARG F 102 -12.71 -0.56 -33.51
C ARG F 102 -12.33 -0.68 -35.00
N ARG F 103 -11.21 -0.06 -35.39
CA ARG F 103 -10.55 -0.17 -36.69
C ARG F 103 -9.68 -1.43 -36.84
N GLY F 104 -9.31 -2.11 -35.76
CA GLY F 104 -8.59 -3.39 -35.79
C GLY F 104 -7.06 -3.30 -35.76
N ASP F 105 -6.47 -2.16 -35.41
CA ASP F 105 -5.00 -1.97 -35.45
C ASP F 105 -4.21 -2.73 -34.38
N TYR F 106 -4.88 -3.37 -33.40
CA TYR F 106 -4.27 -4.30 -32.45
C TYR F 106 -4.31 -5.77 -32.92
N LEU F 107 -4.79 -6.02 -34.14
CA LEU F 107 -4.70 -7.28 -34.87
C LEU F 107 -5.26 -8.47 -34.07
N GLY F 108 -6.37 -8.23 -33.40
CA GLY F 108 -7.07 -9.26 -32.64
C GLY F 108 -6.42 -9.71 -31.33
N LYS F 109 -5.43 -9.01 -30.77
CA LYS F 109 -5.06 -9.18 -29.35
C LYS F 109 -6.07 -8.52 -28.42
N THR F 110 -6.08 -8.92 -27.16
CA THR F 110 -6.75 -8.22 -26.06
C THR F 110 -5.98 -6.97 -25.69
N VAL F 111 -6.64 -5.83 -25.69
CA VAL F 111 -6.04 -4.52 -25.41
C VAL F 111 -6.16 -4.24 -23.93
N GLN F 112 -5.04 -4.16 -23.24
CA GLN F 112 -4.94 -4.03 -21.79
C GLN F 112 -4.45 -2.63 -21.42
N ILE F 113 -4.80 -2.08 -20.27
CA ILE F 113 -4.23 -0.79 -19.84
C ILE F 113 -2.69 -0.84 -19.76
N VAL F 114 -2.10 -1.88 -19.18
CA VAL F 114 -0.69 -2.24 -19.37
C VAL F 114 -0.61 -3.49 -20.26
N PRO F 115 0.12 -3.51 -21.39
CA PRO F 115 0.98 -2.44 -21.90
C PRO F 115 0.28 -1.38 -22.75
N HIS F 116 -0.83 -1.68 -23.42
CA HIS F 116 -1.31 -0.94 -24.59
C HIS F 116 -1.63 0.53 -24.34
N LEU F 117 -2.45 0.88 -23.35
CA LEU F 117 -2.71 2.27 -23.02
C LEU F 117 -1.45 2.96 -22.49
N THR F 118 -0.66 2.31 -21.64
CA THR F 118 0.61 2.93 -21.21
C THR F 118 1.65 3.05 -22.32
N ASN F 119 1.52 2.31 -23.41
CA ASN F 119 2.33 2.48 -24.61
C ASN F 119 1.78 3.58 -25.50
N ALA F 120 0.48 3.79 -25.56
CA ALA F 120 -0.10 4.93 -26.24
C ALA F 120 0.40 6.24 -25.65
N ILE F 121 0.49 6.33 -24.32
CA ILE F 121 1.02 7.48 -23.59
C ILE F 121 2.49 7.74 -23.96
N GLN F 122 3.33 6.71 -24.01
CA GLN F 122 4.76 6.87 -24.36
C GLN F 122 4.98 7.13 -25.87
N ASP F 123 4.14 6.59 -26.74
CA ASP F 123 4.11 6.92 -28.17
C ASP F 123 3.70 8.37 -28.39
N TRP F 124 2.70 8.87 -27.66
CA TRP F 124 2.27 10.27 -27.69
C TRP F 124 3.36 11.21 -27.20
N ILE F 125 3.95 10.97 -26.03
CA ILE F 125 4.96 11.87 -25.47
C ILE F 125 6.17 11.98 -26.41
N GLN F 126 6.58 10.91 -27.08
CA GLN F 126 7.65 10.94 -28.09
C GLN F 126 7.21 11.61 -29.40
N ARG F 127 6.01 11.33 -29.92
CA ARG F 127 5.46 12.03 -31.08
C ARG F 127 5.46 13.53 -30.86
N VAL F 128 4.93 13.97 -29.72
CA VAL F 128 4.67 15.37 -29.42
C VAL F 128 5.90 16.12 -28.96
N SER F 129 6.80 15.54 -28.18
CA SER F 129 7.99 16.26 -27.74
C SER F 129 8.96 16.58 -28.87
N LYS F 130 8.90 15.92 -30.03
CA LYS F 130 9.67 16.29 -31.22
C LYS F 130 9.02 17.40 -32.09
N ILE F 131 7.81 17.88 -31.81
CA ILE F 131 7.13 18.94 -32.60
C ILE F 131 7.86 20.29 -32.46
N PRO F 132 8.06 21.07 -33.53
CA PRO F 132 8.68 22.41 -33.45
C PRO F 132 7.78 23.44 -32.75
N VAL F 133 8.31 24.10 -31.73
CA VAL F 133 7.58 25.07 -30.89
C VAL F 133 8.18 26.49 -30.88
N ASP F 134 9.39 26.65 -31.44
CA ASP F 134 10.11 27.92 -31.62
C ASP F 134 9.79 28.60 -32.98
N ASP F 135 10.41 29.76 -33.21
CA ASP F 135 10.42 30.45 -34.51
C ASP F 135 11.27 29.72 -35.58
N THR F 136 12.11 28.78 -35.16
CA THR F 136 12.97 27.95 -36.01
C THR F 136 12.50 26.49 -36.03
N GLY F 137 12.67 25.82 -37.17
CA GLY F 137 12.25 24.44 -37.42
C GLY F 137 13.15 23.35 -36.80
N LEU F 138 13.83 23.64 -35.70
CA LEU F 138 14.56 22.66 -34.92
C LEU F 138 13.60 21.84 -34.04
N GLU F 139 13.81 20.53 -33.90
CA GLU F 139 13.14 19.76 -32.84
C GLU F 139 13.71 20.17 -31.46
N PRO F 140 12.89 20.16 -30.38
CA PRO F 140 13.36 20.55 -29.06
C PRO F 140 14.54 19.73 -28.49
N ASP F 141 15.18 20.23 -27.45
CA ASP F 141 16.23 19.53 -26.70
C ASP F 141 15.71 18.93 -25.40
N VAL F 142 14.77 19.59 -24.74
CA VAL F 142 14.16 19.17 -23.47
C VAL F 142 12.64 19.26 -23.58
N CYS F 143 11.90 18.31 -23.01
CA CYS F 143 10.48 18.40 -22.74
C CYS F 143 10.25 18.47 -21.24
N ILE F 144 9.45 19.41 -20.75
CA ILE F 144 8.94 19.40 -19.38
C ILE F 144 7.57 18.72 -19.43
N ILE F 145 7.31 17.76 -18.58
CA ILE F 145 5.98 17.19 -18.43
C ILE F 145 5.47 17.65 -17.08
N GLU F 146 4.37 18.38 -17.01
CA GLU F 146 3.67 18.61 -15.76
C GLU F 146 2.64 17.50 -15.62
N LEU F 147 2.79 16.65 -14.63
CA LEU F 147 1.84 15.61 -14.28
C LEU F 147 0.79 16.20 -13.35
N GLY F 148 -0.39 16.52 -13.86
CA GLY F 148 -1.51 17.07 -13.11
C GLY F 148 -2.08 16.17 -12.01
N GLY F 149 -2.90 16.73 -11.14
CA GLY F 149 -3.44 16.03 -9.96
C GLY F 149 -2.39 15.72 -8.90
N THR F 150 -2.60 14.66 -8.13
CA THR F 150 -1.65 14.18 -7.13
C THR F 150 -1.30 12.72 -7.42
N VAL F 151 -0.06 12.31 -7.16
CA VAL F 151 0.40 10.93 -7.26
C VAL F 151 -0.31 10.07 -6.21
N GLY F 152 -0.78 8.89 -6.56
CA GLY F 152 -1.57 8.03 -5.66
C GLY F 152 -3.09 8.14 -5.82
N ASP F 153 -3.58 9.00 -6.71
CA ASP F 153 -4.98 9.02 -7.14
C ASP F 153 -5.24 8.03 -8.28
N ILE F 154 -6.41 7.37 -8.31
CA ILE F 154 -6.81 6.38 -9.34
C ILE F 154 -6.69 6.96 -10.76
N GLU F 155 -7.11 8.20 -10.98
CA GLU F 155 -7.00 8.88 -12.28
C GLU F 155 -5.56 9.08 -12.74
N SER F 156 -4.59 9.18 -11.82
CA SER F 156 -3.17 9.32 -12.13
C SER F 156 -2.50 7.99 -12.45
N ALA F 157 -3.10 6.85 -12.08
CA ALA F 157 -2.48 5.53 -12.08
C ALA F 157 -1.90 5.09 -13.43
N PRO F 158 -2.64 5.15 -14.56
CA PRO F 158 -2.06 4.91 -15.88
C PRO F 158 -0.93 5.87 -16.28
N PHE F 159 -0.94 7.14 -15.88
CA PHE F 159 0.11 8.09 -16.24
C PHE F 159 1.40 7.88 -15.45
N VAL F 160 1.34 7.64 -14.14
CA VAL F 160 2.55 7.26 -13.39
C VAL F 160 3.10 5.91 -13.85
N GLU F 161 2.26 4.95 -14.22
CA GLU F 161 2.73 3.67 -14.76
C GLU F 161 3.40 3.83 -16.13
N ALA F 162 2.85 4.65 -17.02
CA ALA F 162 3.53 5.01 -18.24
C ALA F 162 4.86 5.72 -17.97
N LEU F 163 4.95 6.61 -16.99
CA LEU F 163 6.20 7.32 -16.69
C LEU F 163 7.25 6.41 -16.03
N ARG F 164 6.83 5.47 -15.18
CA ARG F 164 7.67 4.39 -14.67
C ARG F 164 8.33 3.61 -15.81
N GLN F 165 7.57 3.25 -16.84
CA GLN F 165 8.11 2.58 -18.02
C GLN F 165 8.94 3.52 -18.90
N PHE F 166 8.52 4.78 -19.04
CA PHE F 166 9.23 5.74 -19.87
C PHE F 166 10.63 6.04 -19.34
N GLN F 167 10.83 5.99 -18.02
CA GLN F 167 12.13 6.12 -17.39
C GLN F 167 13.14 5.08 -17.88
N PHE F 168 12.68 3.95 -18.45
CA PHE F 168 13.51 2.86 -18.97
C PHE F 168 13.43 2.67 -20.48
N GLU F 169 12.29 2.94 -21.11
CA GLU F 169 12.15 2.91 -22.56
C GLU F 169 12.99 4.02 -23.21
N VAL F 170 13.11 5.16 -22.53
CA VAL F 170 14.15 6.16 -22.74
C VAL F 170 15.26 5.91 -21.71
N GLY F 171 16.52 6.25 -21.99
CA GLY F 171 17.59 5.96 -21.03
C GLY F 171 17.49 6.78 -19.75
N ARG F 172 18.11 6.34 -18.66
CA ARG F 172 18.48 7.24 -17.56
C ARG F 172 19.39 8.35 -18.09
N GLU F 173 19.51 9.47 -17.39
CA GLU F 173 20.21 10.69 -17.87
C GLU F 173 19.58 11.32 -19.12
N ASN F 174 18.48 10.78 -19.64
CA ASN F 174 17.50 11.47 -20.47
C ASN F 174 16.20 11.76 -19.71
N PHE F 175 16.07 11.40 -18.44
CA PHE F 175 14.85 11.54 -17.64
C PHE F 175 15.20 12.00 -16.23
N ALA F 176 14.50 12.99 -15.69
CA ALA F 176 14.55 13.38 -14.29
C ALA F 176 13.15 13.69 -13.75
N LEU F 177 12.89 13.45 -12.48
CA LEU F 177 11.64 13.73 -11.81
C LEU F 177 11.85 14.76 -10.70
N ILE F 178 11.09 15.84 -10.73
CA ILE F 178 10.98 16.83 -9.67
C ILE F 178 9.65 16.55 -8.97
N HIS F 179 9.67 16.37 -7.66
CA HIS F 179 8.44 16.20 -6.90
C HIS F 179 8.20 17.44 -6.06
N VAL F 180 7.06 18.09 -6.22
CA VAL F 180 6.71 19.25 -5.40
C VAL F 180 5.95 18.76 -4.17
N SER F 181 6.25 19.29 -2.99
CA SER F 181 5.71 18.80 -1.73
C SER F 181 5.41 19.93 -0.75
N LEU F 182 4.54 19.72 0.23
CA LEU F 182 4.16 20.71 1.23
C LEU F 182 4.85 20.40 2.56
N VAL F 183 5.50 21.39 3.15
CA VAL F 183 5.93 21.37 4.55
C VAL F 183 4.99 22.30 5.33
N PRO F 184 4.01 21.79 6.09
CA PRO F 184 3.23 22.61 7.01
C PRO F 184 4.12 23.19 8.11
N VAL F 185 3.77 24.35 8.63
CA VAL F 185 4.37 24.91 9.84
C VAL F 185 3.28 25.12 10.89
N ILE F 186 3.42 24.44 12.02
CA ILE F 186 2.40 24.29 13.08
C ILE F 186 3.05 24.59 14.44
N HIS F 187 2.55 25.60 15.15
CA HIS F 187 3.10 26.08 16.43
C HIS F 187 4.60 26.42 16.37
N GLY F 188 5.02 27.00 15.25
CA GLY F 188 6.40 27.37 14.99
C GLY F 188 7.33 26.22 14.63
N GLU F 189 6.81 25.04 14.30
CA GLU F 189 7.61 23.88 13.87
C GLU F 189 7.23 23.43 12.47
N GLN F 190 8.23 23.26 11.61
CA GLN F 190 8.08 22.80 10.23
C GLN F 190 8.00 21.27 10.20
N LYS F 191 6.90 20.71 9.72
CA LYS F 191 6.56 19.28 9.85
C LYS F 191 6.94 18.48 8.60
N THR F 192 7.72 17.42 8.76
CA THR F 192 8.21 16.60 7.63
C THR F 192 7.38 15.37 7.29
N LYS F 193 6.53 14.83 8.17
CA LYS F 193 5.79 13.59 7.86
C LYS F 193 4.85 13.62 6.65
N PRO F 194 4.29 14.75 6.18
CA PRO F 194 3.51 14.76 4.95
C PRO F 194 4.39 14.53 3.73
N THR F 195 5.57 15.14 3.67
CA THR F 195 6.51 14.90 2.57
C THR F 195 7.09 13.50 2.60
N GLN F 196 7.31 12.88 3.76
CA GLN F 196 7.75 11.49 3.87
C GLN F 196 6.70 10.50 3.33
N ALA F 197 5.42 10.68 3.67
CA ALA F 197 4.34 9.88 3.14
C ALA F 197 4.17 10.02 1.61
N ALA F 198 4.53 11.17 1.04
CA ALA F 198 4.53 11.37 -0.41
C ALA F 198 5.71 10.67 -1.10
N ILE F 199 6.88 10.54 -0.46
CA ILE F 199 8.00 9.76 -1.03
C ILE F 199 7.67 8.26 -1.00
N LYS F 200 6.98 7.75 0.02
CA LYS F 200 6.47 6.38 0.05
C LYS F 200 5.51 6.08 -1.09
N ASP F 201 4.60 6.97 -1.46
CA ASP F 201 3.74 6.77 -2.63
C ASP F 201 4.53 6.69 -3.94
N LEU F 202 5.53 7.55 -4.15
CA LEU F 202 6.40 7.42 -5.32
C LEU F 202 7.14 6.08 -5.34
N ARG F 203 7.74 5.62 -4.23
CA ARG F 203 8.38 4.30 -4.19
C ARG F 203 7.40 3.17 -4.45
N SER F 204 6.23 3.21 -3.82
CA SER F 204 5.15 2.26 -4.07
C SER F 204 4.82 2.15 -5.56
N LEU F 205 4.71 3.29 -6.24
CA LEU F 205 4.43 3.39 -7.66
C LEU F 205 5.69 3.24 -8.55
N GLY F 206 6.87 3.00 -7.99
CA GLY F 206 8.09 2.66 -8.72
C GLY F 206 8.84 3.83 -9.34
N LEU F 207 8.72 5.02 -8.77
CA LEU F 207 9.46 6.22 -9.18
C LEU F 207 10.33 6.74 -8.03
N ILE F 208 11.50 7.27 -8.35
CA ILE F 208 12.38 7.99 -7.42
C ILE F 208 12.51 9.44 -7.90
N PRO F 209 12.37 10.44 -7.02
CA PRO F 209 12.56 11.83 -7.39
C PRO F 209 14.02 12.27 -7.30
N ASP F 210 14.45 13.09 -8.24
CA ASP F 210 15.80 13.65 -8.33
C ASP F 210 15.94 14.96 -7.56
N MET F 211 14.90 15.79 -7.57
CA MET F 211 14.70 16.93 -6.69
C MET F 211 13.48 16.69 -5.83
N ILE F 212 13.49 17.16 -4.58
CA ILE F 212 12.28 17.49 -3.84
C ILE F 212 12.18 19.01 -3.84
N ALA F 213 11.09 19.56 -4.35
CA ALA F 213 10.77 20.97 -4.17
C ALA F 213 9.82 21.13 -3.00
N CYS F 214 10.23 21.77 -1.92
CA CYS F 214 9.39 21.92 -0.73
C CYS F 214 8.77 23.31 -0.69
N ARG F 215 7.46 23.34 -0.67
CA ARG F 215 6.62 24.53 -0.60
C ARG F 215 6.24 24.74 0.86
N CYS F 216 6.47 25.95 1.36
CA CYS F 216 6.34 26.26 2.78
C CYS F 216 5.98 27.75 2.97
N SER F 217 5.25 28.08 4.05
CA SER F 217 5.15 29.45 4.54
C SER F 217 6.34 30.19 5.17
N GLU F 218 7.51 29.55 5.21
CA GLU F 218 8.78 30.07 5.74
C GLU F 218 9.92 29.59 4.85
N GLU F 219 11.10 30.20 4.96
CA GLU F 219 12.32 29.52 4.52
C GLU F 219 12.46 28.19 5.28
N LEU F 220 12.86 27.10 4.63
CA LEU F 220 13.14 25.86 5.36
C LEU F 220 14.32 26.06 6.31
N ASN F 221 14.19 25.56 7.54
CA ASN F 221 15.33 25.43 8.44
C ASN F 221 16.31 24.37 7.91
N ARG F 222 17.63 24.53 8.10
CA ARG F 222 18.60 23.53 7.59
C ARG F 222 18.49 22.17 8.27
N SER F 223 17.99 22.11 9.48
CA SER F 223 17.61 20.86 10.15
C SER F 223 16.43 20.15 9.48
N THR F 224 15.47 20.89 8.94
CA THR F 224 14.34 20.35 8.17
C THR F 224 14.81 19.79 6.84
N ILE F 225 15.71 20.50 6.17
CA ILE F 225 16.35 20.04 4.93
C ILE F 225 17.14 18.75 5.18
N ASP F 226 17.98 18.72 6.22
CA ASP F 226 18.72 17.52 6.60
C ASP F 226 17.78 16.33 6.82
N LYS F 227 16.66 16.53 7.51
CA LYS F 227 15.68 15.47 7.77
C LYS F 227 15.03 14.94 6.49
N ILE F 228 14.64 15.81 5.57
CA ILE F 228 14.08 15.38 4.28
C ILE F 228 15.13 14.60 3.49
N ALA F 229 16.38 15.04 3.53
CA ALA F 229 17.52 14.38 2.91
C ALA F 229 17.97 13.08 3.61
N MET F 230 17.47 12.77 4.81
CA MET F 230 17.67 11.48 5.48
C MET F 230 16.61 10.47 5.03
N PHE F 231 15.34 10.85 5.04
CA PHE F 231 14.24 9.95 4.68
C PHE F 231 14.18 9.62 3.18
N CYS F 232 14.25 10.64 2.33
CA CYS F 232 14.49 10.45 0.90
C CYS F 232 15.98 10.20 0.66
N HIS F 233 16.40 9.27 -0.20
CA HIS F 233 17.83 9.01 -0.43
C HIS F 233 18.44 9.98 -1.46
N VAL F 234 18.60 11.23 -1.02
CA VAL F 234 19.08 12.38 -1.81
C VAL F 234 19.97 13.28 -0.95
N GLY F 235 20.93 14.00 -1.53
CA GLY F 235 21.77 14.93 -0.77
C GLY F 235 21.04 16.20 -0.35
N PRO F 236 21.59 17.06 0.53
CA PRO F 236 20.99 18.34 0.89
C PRO F 236 20.80 19.30 -0.28
N GLU F 237 21.66 19.17 -1.28
CA GLU F 237 21.69 20.01 -2.48
C GLU F 237 20.54 19.70 -3.46
N GLN F 238 19.73 18.68 -3.16
CA GLN F 238 18.61 18.18 -3.94
C GLN F 238 17.25 18.45 -3.32
N VAL F 239 17.19 19.06 -2.13
CA VAL F 239 15.96 19.68 -1.63
C VAL F 239 16.05 21.17 -1.92
N VAL F 240 15.16 21.68 -2.77
CA VAL F 240 15.02 23.12 -3.03
C VAL F 240 13.89 23.67 -2.18
N ASN F 241 14.21 24.77 -1.53
CA ASN F 241 13.34 25.52 -0.64
C ASN F 241 12.56 26.53 -1.48
N VAL F 242 11.27 26.29 -1.74
CA VAL F 242 10.41 27.10 -2.63
C VAL F 242 9.33 27.79 -1.78
N HIS F 243 9.73 28.71 -0.92
CA HIS F 243 8.81 29.38 0.00
C HIS F 243 7.81 30.29 -0.72
N ASP F 244 6.78 30.71 0.00
CA ASP F 244 5.78 31.65 -0.49
C ASP F 244 6.38 33.04 -0.74
N VAL F 245 6.37 33.48 -2.00
CA VAL F 245 6.86 34.81 -2.44
C VAL F 245 5.72 35.62 -3.05
N ASN F 246 5.73 36.94 -2.88
CA ASN F 246 4.69 37.84 -3.39
C ASN F 246 4.55 37.86 -4.93
N SER F 247 5.62 37.56 -5.68
CA SER F 247 5.72 37.62 -7.15
C SER F 247 6.30 36.32 -7.71
N THR F 248 5.70 35.75 -8.77
CA THR F 248 6.23 34.54 -9.40
C THR F 248 7.35 34.79 -10.42
N TYR F 249 7.57 36.03 -10.86
CA TYR F 249 8.74 36.39 -11.67
C TYR F 249 10.05 36.23 -10.90
N HIS F 250 10.00 36.16 -9.57
CA HIS F 250 11.15 35.91 -8.72
C HIS F 250 11.52 34.44 -8.61
N VAL F 251 10.57 33.52 -8.79
CA VAL F 251 10.82 32.07 -8.60
C VAL F 251 11.95 31.52 -9.47
N PRO F 252 12.14 31.89 -10.75
CA PRO F 252 13.34 31.46 -11.46
C PRO F 252 14.66 31.87 -10.80
N LEU F 253 14.74 33.09 -10.26
CA LEU F 253 15.96 33.56 -9.60
C LEU F 253 16.13 32.93 -8.22
N LEU F 254 15.07 32.41 -7.57
CA LEU F 254 15.21 31.55 -6.38
C LEU F 254 15.93 30.24 -6.72
N LEU F 255 15.50 29.57 -7.78
CA LEU F 255 16.02 28.26 -8.13
C LEU F 255 17.41 28.36 -8.75
N LEU F 256 17.72 29.47 -9.43
CA LEU F 256 19.09 29.79 -9.85
C LEU F 256 20.04 29.98 -8.66
N LYS F 257 19.64 30.71 -7.61
CA LYS F 257 20.36 30.80 -6.34
C LYS F 257 20.59 29.44 -5.66
N GLN F 258 19.72 28.47 -5.91
CA GLN F 258 19.74 27.13 -5.28
C GLN F 258 20.37 26.04 -6.16
N HIS F 259 21.19 26.41 -7.14
CA HIS F 259 21.99 25.47 -7.92
C HIS F 259 21.19 24.46 -8.75
N MET F 260 19.90 24.71 -9.02
CA MET F 260 19.06 23.69 -9.68
C MET F 260 19.42 23.48 -11.16
N ILE F 261 19.84 24.52 -11.89
CA ILE F 261 20.49 24.34 -13.19
C ILE F 261 21.76 23.51 -13.02
N ASP F 262 22.63 23.85 -12.07
CA ASP F 262 23.92 23.21 -11.88
C ASP F 262 23.76 21.72 -11.56
N TYR F 263 22.73 21.36 -10.78
CA TYR F 263 22.39 19.97 -10.51
C TYR F 263 21.89 19.27 -11.77
N LEU F 264 20.84 19.79 -12.41
CA LEU F 264 20.24 19.21 -13.61
C LEU F 264 21.23 19.10 -14.76
N HIS F 265 22.21 19.98 -14.89
CA HIS F 265 23.26 19.90 -15.89
C HIS F 265 24.18 18.66 -15.71
N SER F 266 24.40 18.22 -14.47
CA SER F 266 25.14 17.00 -14.11
C SER F 266 24.27 15.74 -14.01
N ARG F 267 22.97 15.89 -13.69
CA ARG F 267 21.97 14.79 -13.67
C ARG F 267 21.43 14.41 -15.06
N LEU F 268 21.39 15.33 -16.01
CA LEU F 268 20.85 15.13 -17.36
C LEU F 268 21.91 15.27 -18.45
N LYS F 269 23.19 15.42 -18.10
CA LYS F 269 24.32 15.57 -19.05
C LYS F 269 24.04 16.64 -20.12
N LEU F 270 23.56 17.81 -19.68
CA LEU F 270 23.06 18.84 -20.59
C LEU F 270 24.19 19.54 -21.35
N GLY F 271 25.42 19.50 -20.83
CA GLY F 271 26.61 20.00 -21.52
C GLY F 271 27.04 19.17 -22.73
N GLU F 272 26.46 17.98 -22.90
CA GLU F 272 26.73 17.06 -24.00
C GLU F 272 25.69 17.19 -25.11
N VAL F 273 24.66 18.02 -24.95
CA VAL F 273 23.79 18.43 -26.07
C VAL F 273 24.58 19.40 -26.96
N PRO F 274 24.63 19.22 -28.30
CA PRO F 274 25.32 20.14 -29.18
C PRO F 274 24.63 21.51 -29.18
N LEU F 275 25.39 22.58 -28.94
CA LEU F 275 24.96 23.98 -29.06
C LEU F 275 26.11 24.82 -29.60
N THR F 276 25.80 25.89 -30.32
CA THR F 276 26.75 26.90 -30.79
C THR F 276 27.04 27.95 -29.71
N LEU F 277 28.06 28.81 -29.89
CA LEU F 277 28.19 30.04 -29.09
C LEU F 277 27.02 31.01 -29.32
N GLU F 278 26.38 31.02 -30.50
CA GLU F 278 25.19 31.84 -30.72
C GLU F 278 24.07 31.45 -29.75
N ASP F 279 23.80 30.14 -29.61
CA ASP F 279 22.85 29.61 -28.64
C ASP F 279 23.22 29.99 -27.20
N LYS F 280 24.51 30.00 -26.87
CA LYS F 280 24.98 30.35 -25.51
C LYS F 280 25.02 31.86 -25.23
N GLU F 281 25.01 32.75 -26.22
CA GLU F 281 24.73 34.18 -26.00
C GLU F 281 23.25 34.43 -25.80
N ARG F 282 22.39 33.80 -26.60
CA ARG F 282 20.93 33.94 -26.48
C ARG F 282 20.42 33.52 -25.11
N GLY F 283 20.99 32.48 -24.52
CA GLY F 283 20.62 32.02 -23.19
C GLY F 283 20.85 33.05 -22.09
N SER F 284 22.06 33.61 -21.97
CA SER F 284 22.35 34.64 -20.96
C SER F 284 21.74 36.02 -21.30
N GLN F 285 21.45 36.30 -22.55
CA GLN F 285 20.65 37.46 -22.99
C GLN F 285 19.20 37.38 -22.51
N LEU F 286 18.56 36.21 -22.52
CA LEU F 286 17.31 36.00 -21.80
C LEU F 286 17.47 36.10 -20.28
N LEU F 287 18.55 35.58 -19.70
CA LEU F 287 18.74 35.67 -18.25
C LEU F 287 18.86 37.12 -17.77
N THR F 288 19.72 37.89 -18.39
CA THR F 288 19.90 39.31 -18.06
C THR F 288 18.62 40.12 -18.32
N ASN F 289 17.84 39.85 -19.37
CA ASN F 289 16.50 40.41 -19.53
C ASN F 289 15.54 40.03 -18.38
N TRP F 290 15.62 38.84 -17.80
CA TRP F 290 14.83 38.45 -16.64
C TRP F 290 15.27 39.19 -15.37
N GLU F 291 16.57 39.28 -15.12
CA GLU F 291 17.12 40.06 -14.02
C GLU F 291 16.79 41.55 -14.16
N ASN F 292 16.76 42.10 -15.38
CA ASN F 292 16.29 43.46 -15.60
C ASN F 292 14.83 43.61 -15.20
N MET F 293 13.90 42.84 -15.77
CA MET F 293 12.48 43.03 -15.44
C MET F 293 12.16 42.76 -13.96
N THR F 294 12.88 41.88 -13.28
CA THR F 294 12.71 41.63 -11.84
C THR F 294 13.32 42.72 -10.96
N LYS F 295 14.44 43.31 -11.36
CA LYS F 295 14.96 44.53 -10.72
C LYS F 295 13.99 45.69 -10.89
N ASN F 296 13.51 45.95 -12.11
CA ASN F 296 12.51 46.98 -12.42
C ASN F 296 11.14 46.74 -11.77
N LEU F 297 10.83 45.52 -11.33
CA LEU F 297 9.68 45.18 -10.51
C LEU F 297 9.87 45.61 -9.04
N ASP F 298 11.08 45.45 -8.49
CA ASP F 298 11.38 45.73 -7.09
C ASP F 298 11.64 47.21 -6.75
N ASP F 299 12.27 47.96 -7.64
CA ASP F 299 12.59 49.38 -7.37
C ASP F 299 11.58 50.37 -7.97
N SER F 300 10.63 49.91 -8.78
CA SER F 300 9.45 50.68 -9.18
C SER F 300 8.55 50.97 -7.96
N ASP F 301 7.88 52.12 -7.98
CA ASP F 301 7.14 52.68 -6.86
C ASP F 301 5.84 53.36 -7.31
N ASP F 302 5.84 54.11 -8.40
CA ASP F 302 4.66 54.83 -8.86
C ASP F 302 3.57 53.86 -9.33
N VAL F 303 2.35 53.96 -8.78
CA VAL F 303 1.22 53.05 -9.05
C VAL F 303 0.43 53.46 -10.29
N VAL F 304 -0.17 52.49 -10.97
CA VAL F 304 -1.29 52.71 -11.91
C VAL F 304 -2.45 51.77 -11.58
N LYS F 305 -3.67 52.28 -11.58
CA LYS F 305 -4.86 51.51 -11.21
C LYS F 305 -5.72 51.23 -12.43
N ILE F 306 -6.00 49.97 -12.74
CA ILE F 306 -6.86 49.56 -13.85
C ILE F 306 -8.10 48.88 -13.30
N ALA F 307 -9.28 49.34 -13.66
CA ALA F 307 -10.51 48.63 -13.38
C ALA F 307 -10.67 47.49 -14.39
N LEU F 308 -10.75 46.25 -13.93
CA LEU F 308 -11.20 45.12 -14.72
C LEU F 308 -12.66 44.89 -14.41
N VAL F 309 -13.53 45.15 -15.39
CA VAL F 309 -14.99 45.15 -15.24
C VAL F 309 -15.57 43.86 -15.81
N GLY F 310 -16.11 42.97 -15.00
CA GLY F 310 -16.54 41.65 -15.46
C GLY F 310 -17.51 40.96 -14.52
N LYS F 311 -17.75 39.66 -14.67
CA LYS F 311 -18.44 38.83 -13.64
C LYS F 311 -17.47 37.90 -12.93
N TYR F 312 -17.86 37.42 -11.76
CA TYR F 312 -17.12 36.43 -10.98
C TYR F 312 -15.68 36.87 -10.69
N THR F 313 -15.48 38.16 -10.37
CA THR F 313 -14.14 38.74 -10.19
C THR F 313 -13.47 38.30 -8.89
N ASN F 314 -14.17 37.52 -8.07
CA ASN F 314 -13.68 36.84 -6.87
C ASN F 314 -12.83 35.60 -7.19
N LEU F 315 -13.10 34.90 -8.29
CA LEU F 315 -12.26 33.82 -8.83
C LEU F 315 -11.24 34.43 -9.81
N LYS F 316 -10.17 35.05 -9.28
CA LYS F 316 -9.18 35.83 -10.07
C LYS F 316 -8.47 35.01 -11.18
N ASP F 317 -8.45 33.69 -11.04
CA ASP F 317 -7.98 32.71 -12.04
C ASP F 317 -8.87 32.66 -13.31
N SER F 318 -10.13 33.07 -13.25
CA SER F 318 -11.03 33.24 -14.40
C SER F 318 -10.56 34.31 -15.40
N TYR F 319 -9.53 35.08 -15.05
CA TYR F 319 -8.94 36.15 -15.83
C TYR F 319 -7.43 36.04 -15.84
N LEU F 320 -6.87 34.84 -15.72
CA LEU F 320 -5.42 34.69 -15.51
C LEU F 320 -4.60 35.31 -16.63
N SER F 321 -4.96 35.13 -17.90
CA SER F 321 -4.19 35.67 -19.02
C SER F 321 -4.35 37.17 -19.15
N VAL F 322 -5.54 37.70 -18.87
CA VAL F 322 -5.80 39.13 -18.78
C VAL F 322 -4.90 39.77 -17.73
N THR F 323 -4.85 39.17 -16.56
CA THR F 323 -4.06 39.61 -15.42
C THR F 323 -2.59 39.65 -15.77
N LYS F 324 -2.03 38.56 -16.31
CA LYS F 324 -0.63 38.51 -16.73
C LYS F 324 -0.35 39.54 -17.82
N SER F 325 -1.26 39.76 -18.75
CA SER F 325 -1.09 40.74 -19.81
C SER F 325 -1.11 42.20 -19.32
N LEU F 326 -1.89 42.52 -18.28
CA LEU F 326 -1.80 43.81 -17.58
C LEU F 326 -0.50 43.95 -16.81
N GLU F 327 -0.02 42.89 -16.17
CA GLU F 327 1.29 42.87 -15.53
C GLU F 327 2.42 43.11 -16.51
N HIS F 328 2.45 42.44 -17.66
CA HIS F 328 3.54 42.65 -18.62
C HIS F 328 3.56 44.08 -19.12
N ALA F 329 2.40 44.70 -19.34
CA ALA F 329 2.28 46.09 -19.73
C ALA F 329 2.82 47.04 -18.65
N SER F 330 2.39 46.82 -17.40
CA SER F 330 2.88 47.50 -16.22
C SER F 330 4.39 47.39 -16.06
N MET F 331 4.98 46.22 -16.21
CA MET F 331 6.43 46.03 -16.10
C MET F 331 7.20 46.80 -17.18
N LYS F 332 6.70 46.88 -18.41
CA LYS F 332 7.31 47.66 -19.50
C LYS F 332 7.14 49.18 -19.33
N CYS F 333 6.08 49.64 -18.66
CA CYS F 333 5.91 51.04 -18.25
C CYS F 333 6.66 51.41 -16.96
N ARG F 334 7.16 50.44 -16.20
CA ARG F 334 7.83 50.59 -14.89
C ARG F 334 6.97 51.26 -13.83
N ARG F 335 5.67 50.94 -13.80
CA ARG F 335 4.71 51.36 -12.78
C ARG F 335 4.02 50.18 -12.15
N GLN F 336 3.82 50.21 -10.85
CA GLN F 336 3.20 49.13 -10.07
C GLN F 336 1.73 49.01 -10.41
N LEU F 337 1.29 47.84 -10.86
CA LEU F 337 -0.10 47.60 -11.21
C LEU F 337 -0.91 47.33 -9.96
N GLU F 338 -2.02 48.04 -9.80
CA GLU F 338 -3.13 47.55 -9.00
C GLU F 338 -4.32 47.27 -9.93
N ILE F 339 -4.79 46.03 -10.01
CA ILE F 339 -6.08 45.73 -10.60
C ILE F 339 -7.13 46.03 -9.56
N LEU F 340 -8.10 46.86 -9.94
CA LEU F 340 -9.34 47.05 -9.22
C LEU F 340 -10.35 46.08 -9.84
N TRP F 341 -10.80 45.10 -9.09
CA TRP F 341 -11.73 44.08 -9.57
C TRP F 341 -13.17 44.57 -9.39
N VAL F 342 -13.88 44.83 -10.48
CA VAL F 342 -15.20 45.47 -10.49
C VAL F 342 -16.24 44.49 -11.02
N GLU F 343 -17.19 44.03 -10.21
CA GLU F 343 -18.31 43.24 -10.74
C GLU F 343 -19.30 44.13 -11.47
N ALA F 344 -19.48 43.92 -12.77
CA ALA F 344 -20.29 44.78 -13.62
C ALA F 344 -21.76 44.84 -13.19
N SER F 345 -22.35 43.75 -12.71
CA SER F 345 -23.72 43.74 -12.20
C SER F 345 -23.89 44.69 -11.00
N ASN F 346 -22.89 44.83 -10.13
CA ASN F 346 -22.93 45.74 -9.00
C ASN F 346 -22.95 47.22 -9.41
N LEU F 347 -22.45 47.57 -10.61
CA LEU F 347 -22.56 48.92 -11.18
C LEU F 347 -24.00 49.30 -11.53
N GLU F 348 -24.90 48.33 -11.75
CA GLU F 348 -26.30 48.61 -12.10
C GLU F 348 -27.06 49.22 -10.92
N PRO F 349 -27.93 50.22 -11.14
CA PRO F 349 -28.62 50.94 -10.07
C PRO F 349 -29.44 50.05 -9.14
N GLU F 350 -30.03 48.97 -9.65
CA GLU F 350 -30.84 48.03 -8.87
C GLU F 350 -30.06 47.42 -7.70
N THR F 351 -28.73 47.32 -7.80
CA THR F 351 -27.87 46.89 -6.69
C THR F 351 -28.02 47.78 -5.48
N GLN F 352 -28.26 49.08 -5.66
CA GLN F 352 -28.51 50.03 -4.57
C GLN F 352 -29.84 49.76 -3.84
N GLU F 353 -30.77 49.01 -4.45
CA GLU F 353 -31.95 48.47 -3.75
C GLU F 353 -31.63 47.15 -3.02
N VAL F 354 -30.74 46.34 -3.60
CA VAL F 354 -30.37 45.00 -3.09
C VAL F 354 -29.36 45.06 -1.94
N ASP F 355 -28.24 45.75 -2.12
CA ASP F 355 -27.19 45.97 -1.12
C ASP F 355 -26.36 47.21 -1.46
N LYS F 356 -26.53 48.29 -0.69
CA LYS F 356 -25.87 49.57 -0.96
C LYS F 356 -24.36 49.52 -0.82
N ASN F 357 -23.83 48.65 0.05
CA ASN F 357 -22.40 48.45 0.20
C ASN F 357 -21.73 48.02 -1.13
N LYS F 358 -22.32 47.07 -1.85
CA LYS F 358 -21.82 46.57 -3.15
C LYS F 358 -21.95 47.61 -4.26
N PHE F 359 -23.02 48.41 -4.26
CA PHE F 359 -23.20 49.46 -5.27
C PHE F 359 -22.08 50.50 -5.15
N HIS F 360 -21.91 51.07 -3.96
CA HIS F 360 -20.92 52.12 -3.77
C HIS F 360 -19.48 51.61 -3.91
N ASP F 361 -19.10 50.44 -3.42
CA ASP F 361 -17.72 49.93 -3.62
C ASP F 361 -17.37 49.76 -5.11
N SER F 362 -18.32 49.32 -5.93
CA SER F 362 -18.10 49.22 -7.38
C SER F 362 -17.83 50.58 -8.02
N TRP F 363 -18.63 51.62 -7.71
CA TRP F 363 -18.48 52.95 -8.30
C TRP F 363 -17.33 53.73 -7.68
N ASN F 364 -17.03 53.49 -6.42
CA ASN F 364 -15.80 53.90 -5.74
C ASN F 364 -14.57 53.40 -6.51
N LYS F 365 -14.51 52.11 -6.87
CA LYS F 365 -13.44 51.56 -7.70
C LYS F 365 -13.44 52.12 -9.12
N LEU F 366 -14.56 52.16 -9.81
CA LEU F 366 -14.59 52.64 -11.20
C LEU F 366 -14.20 54.13 -11.33
N SER F 367 -14.53 54.98 -10.36
CA SER F 367 -14.08 56.38 -10.30
C SER F 367 -12.60 56.53 -9.99
N SER F 368 -12.03 55.58 -9.25
CA SER F 368 -10.64 55.55 -8.82
C SER F 368 -9.67 55.14 -9.96
N ALA F 369 -10.19 54.47 -10.98
CA ALA F 369 -9.43 53.87 -12.05
C ALA F 369 -8.74 54.88 -12.99
N ASP F 370 -7.45 54.70 -13.24
CA ASP F 370 -6.68 55.42 -14.25
C ASP F 370 -6.91 54.88 -15.66
N GLY F 371 -7.41 53.66 -15.79
CA GLY F 371 -7.82 53.02 -17.03
C GLY F 371 -8.85 51.94 -16.75
N ILE F 372 -9.60 51.53 -17.77
CA ILE F 372 -10.65 50.52 -17.69
C ILE F 372 -10.39 49.44 -18.72
N LEU F 373 -10.55 48.19 -18.32
CA LEU F 373 -10.62 47.04 -19.19
C LEU F 373 -11.98 46.37 -19.06
N VAL F 374 -12.67 46.17 -20.17
CA VAL F 374 -13.75 45.17 -20.28
C VAL F 374 -13.11 43.92 -20.91
N PRO F 375 -12.97 42.81 -20.17
CA PRO F 375 -11.93 41.80 -20.38
C PRO F 375 -12.22 40.71 -21.42
N GLY F 376 -13.44 40.63 -21.95
CA GLY F 376 -13.86 39.52 -22.80
C GLY F 376 -14.37 38.33 -21.99
N GLY F 377 -15.49 38.55 -21.30
CA GLY F 377 -16.18 37.55 -20.50
C GLY F 377 -17.03 36.56 -21.29
N PHE F 378 -17.94 35.92 -20.59
CA PHE F 378 -18.71 34.74 -21.01
C PHE F 378 -20.11 34.79 -20.38
N GLY F 379 -21.17 34.62 -21.18
CA GLY F 379 -22.58 34.69 -20.74
C GLY F 379 -23.07 36.12 -20.48
N THR F 380 -24.13 36.54 -21.18
CA THR F 380 -24.55 37.94 -21.34
C THR F 380 -25.09 38.66 -20.10
N ARG F 381 -25.21 37.99 -18.95
CA ARG F 381 -25.96 38.49 -17.76
C ARG F 381 -25.49 39.82 -17.16
N GLY F 382 -24.25 40.26 -17.41
CA GLY F 382 -23.67 41.50 -16.85
C GLY F 382 -23.64 42.71 -17.79
N ILE F 383 -24.16 42.59 -19.02
CA ILE F 383 -23.96 43.59 -20.10
C ILE F 383 -24.50 44.97 -19.73
N GLU F 384 -25.66 45.07 -19.09
CA GLU F 384 -26.26 46.37 -18.75
C GLU F 384 -25.40 47.15 -17.73
N GLY F 385 -24.63 46.46 -16.89
CA GLY F 385 -23.59 47.04 -16.05
C GLY F 385 -22.37 47.50 -16.85
N MET F 386 -21.86 46.68 -17.75
CA MET F 386 -20.70 47.06 -18.59
C MET F 386 -21.02 48.23 -19.53
N ILE F 387 -22.26 48.38 -19.95
CA ILE F 387 -22.71 49.53 -20.75
C ILE F 387 -22.51 50.84 -19.98
N LEU F 388 -22.77 50.85 -18.67
CA LEU F 388 -22.45 51.98 -17.81
C LEU F 388 -20.96 52.23 -17.78
N ALA F 389 -20.14 51.20 -17.61
CA ALA F 389 -18.68 51.34 -17.56
C ALA F 389 -18.09 51.87 -18.88
N ALA F 390 -18.62 51.44 -20.02
CA ALA F 390 -18.26 51.98 -21.33
C ALA F 390 -18.75 53.43 -21.51
N LYS F 391 -19.96 53.77 -21.04
CA LYS F 391 -20.51 55.13 -21.08
C LYS F 391 -19.62 56.07 -20.27
N TRP F 392 -19.36 55.72 -19.00
CA TRP F 392 -18.47 56.44 -18.10
C TRP F 392 -17.13 56.75 -18.75
N ALA F 393 -16.45 55.78 -19.34
CA ALA F 393 -15.16 55.99 -19.99
C ALA F 393 -15.24 56.96 -21.20
N ARG F 394 -16.31 56.93 -21.97
CA ARG F 394 -16.48 57.76 -23.16
C ARG F 394 -16.87 59.20 -22.81
N GLU F 395 -17.79 59.36 -21.86
CA GLU F 395 -18.24 60.66 -21.34
C GLU F 395 -17.14 61.41 -20.57
N SER F 396 -16.13 60.70 -20.05
CA SER F 396 -15.17 61.23 -19.07
C SER F 396 -13.72 61.29 -19.53
N GLY F 397 -13.38 60.70 -20.68
CA GLY F 397 -12.01 60.70 -21.23
C GLY F 397 -11.05 59.69 -20.61
N VAL F 398 -11.53 58.76 -19.78
CA VAL F 398 -10.71 57.72 -19.12
C VAL F 398 -10.29 56.65 -20.14
N PRO F 399 -9.01 56.26 -20.21
CA PRO F 399 -8.53 55.19 -21.09
C PRO F 399 -9.30 53.87 -21.00
N PHE F 400 -9.61 53.28 -22.15
CA PHE F 400 -10.48 52.11 -22.25
C PHE F 400 -9.89 51.07 -23.20
N LEU F 401 -10.00 49.80 -22.85
CA LEU F 401 -9.86 48.69 -23.77
C LEU F 401 -11.06 47.76 -23.67
N GLY F 402 -11.65 47.42 -24.81
CA GLY F 402 -12.73 46.45 -24.90
C GLY F 402 -12.33 45.20 -25.67
N VAL F 403 -12.30 44.04 -25.03
CA VAL F 403 -11.90 42.78 -25.66
C VAL F 403 -13.10 41.86 -25.89
N CYS F 404 -13.29 41.33 -27.09
CA CYS F 404 -14.40 40.45 -27.52
C CYS F 404 -15.78 41.05 -27.23
N LEU F 405 -16.44 40.62 -26.16
CA LEU F 405 -17.60 41.31 -25.57
C LEU F 405 -17.36 42.81 -25.32
N GLY F 406 -16.13 43.26 -25.09
CA GLY F 406 -15.76 44.65 -24.95
C GLY F 406 -15.78 45.48 -26.26
N LEU F 407 -15.69 44.89 -27.46
CA LEU F 407 -16.16 45.58 -28.68
C LEU F 407 -17.66 45.81 -28.52
N GLN F 408 -18.36 44.75 -28.20
CA GLN F 408 -19.79 44.67 -28.38
C GLN F 408 -20.53 45.58 -27.42
N VAL F 409 -20.25 45.54 -26.11
CA VAL F 409 -20.87 46.47 -25.16
C VAL F 409 -20.52 47.93 -25.45
N ALA F 410 -19.35 48.22 -26.03
CA ALA F 410 -18.99 49.58 -26.39
C ALA F 410 -19.77 50.07 -27.62
N ALA F 411 -19.90 49.24 -28.65
CA ALA F 411 -20.72 49.55 -29.81
C ALA F 411 -22.21 49.66 -29.43
N ILE F 412 -22.71 48.79 -28.56
CA ILE F 412 -24.06 48.88 -28.00
C ILE F 412 -24.25 50.19 -27.22
N GLU F 413 -23.26 50.61 -26.42
CA GLU F 413 -23.27 51.90 -25.75
C GLU F 413 -23.30 53.06 -26.77
N PHE F 414 -22.39 53.06 -27.72
CA PHE F 414 -22.28 54.11 -28.74
C PHE F 414 -23.55 54.23 -29.59
N ALA F 415 -24.17 53.11 -29.94
CA ALA F 415 -25.47 53.08 -30.60
C ALA F 415 -26.59 53.70 -29.75
N ARG F 416 -26.76 53.27 -28.50
CA ARG F 416 -27.80 53.78 -27.58
C ARG F 416 -27.61 55.25 -27.18
N ASN F 417 -26.37 55.74 -27.10
CA ASN F 417 -26.05 57.03 -26.47
C ASN F 417 -25.45 58.08 -27.40
N VAL F 418 -24.94 57.75 -28.59
CA VAL F 418 -24.34 58.71 -29.53
C VAL F 418 -25.03 58.71 -30.89
N ILE F 419 -25.47 57.57 -31.42
CA ILE F 419 -26.44 57.51 -32.54
C ILE F 419 -27.85 57.82 -32.04
N GLY F 420 -28.23 57.26 -30.88
CA GLY F 420 -29.52 57.52 -30.23
C GLY F 420 -30.66 56.57 -30.62
N ARG F 421 -30.39 55.26 -30.70
CA ARG F 421 -31.40 54.18 -30.81
C ARG F 421 -31.47 53.40 -29.49
N PRO F 422 -32.23 53.84 -28.47
CA PRO F 422 -31.94 53.52 -27.06
C PRO F 422 -32.13 52.05 -26.62
N ASN F 423 -32.73 51.21 -27.45
CA ASN F 423 -32.98 49.79 -27.20
C ASN F 423 -31.99 48.84 -27.92
N SER F 424 -31.07 49.36 -28.74
CA SER F 424 -30.19 48.53 -29.59
C SER F 424 -29.30 47.59 -28.77
N SER F 425 -29.12 46.35 -29.23
CA SER F 425 -28.76 45.24 -28.31
C SER F 425 -27.95 44.08 -28.91
N SER F 426 -27.37 43.31 -27.99
CA SER F 426 -26.75 42.01 -28.19
C SER F 426 -27.79 40.93 -28.47
N THR F 427 -27.82 40.44 -29.70
CA THR F 427 -28.71 39.36 -30.13
C THR F 427 -28.56 38.11 -29.27
N GLU F 428 -27.38 37.81 -28.72
CA GLU F 428 -27.20 36.67 -27.80
C GLU F 428 -28.03 36.76 -26.50
N PHE F 429 -28.44 37.96 -26.10
CA PHE F 429 -29.19 38.21 -24.87
C PHE F 429 -30.73 38.16 -25.07
N LEU F 430 -31.21 38.48 -26.28
CA LEU F 430 -32.62 38.72 -26.57
C LEU F 430 -33.23 37.84 -27.67
N ASP F 431 -32.39 37.27 -28.54
CA ASP F 431 -32.70 36.54 -29.79
C ASP F 431 -34.13 36.70 -30.36
N GLU F 432 -35.06 35.84 -29.94
CA GLU F 432 -36.44 35.74 -30.46
C GLU F 432 -37.28 37.02 -30.33
N THR F 433 -36.81 38.00 -29.55
CA THR F 433 -37.47 39.30 -29.31
C THR F 433 -37.48 40.21 -30.57
N LEU F 434 -36.58 39.99 -31.54
CA LEU F 434 -36.59 40.59 -32.89
C LEU F 434 -36.68 42.15 -32.95
N LEU F 435 -35.97 42.86 -32.08
CA LEU F 435 -35.76 44.31 -32.25
C LEU F 435 -35.10 44.62 -33.61
N ALA F 436 -35.37 45.79 -34.19
CA ALA F 436 -34.78 46.19 -35.48
C ALA F 436 -33.29 46.63 -35.41
N PRO F 437 -32.81 47.40 -34.41
CA PRO F 437 -31.40 47.83 -34.34
C PRO F 437 -30.55 46.76 -33.62
N GLU F 438 -30.29 45.67 -34.33
CA GLU F 438 -29.38 44.61 -33.90
C GLU F 438 -27.93 45.08 -34.05
N ASP F 439 -27.20 45.25 -32.95
CA ASP F 439 -25.77 45.60 -32.96
C ASP F 439 -24.90 44.36 -33.14
N GLN F 440 -25.08 43.33 -32.30
CA GLN F 440 -24.57 41.99 -32.60
C GLN F 440 -25.45 41.31 -33.65
N VAL F 441 -24.86 40.61 -34.61
CA VAL F 441 -25.51 39.57 -35.44
C VAL F 441 -24.57 38.38 -35.63
N VAL F 442 -25.09 37.16 -35.80
CA VAL F 442 -24.28 35.95 -36.06
C VAL F 442 -23.74 35.99 -37.49
N ILE F 443 -22.44 35.73 -37.70
CA ILE F 443 -21.88 35.48 -39.05
C ILE F 443 -21.08 34.16 -39.06
N THR F 444 -18.99 26.28 -35.44
CA THR F 444 -19.53 27.61 -35.76
C THR F 444 -18.94 28.74 -34.93
N MET F 445 -18.13 28.47 -33.90
CA MET F 445 -17.20 29.47 -33.33
C MET F 445 -16.12 29.84 -34.35
N ARG F 446 -15.84 31.14 -34.50
CA ARG F 446 -14.67 31.63 -35.22
C ARG F 446 -13.44 31.59 -34.31
N LEU F 447 -12.59 30.59 -34.49
CA LEU F 447 -11.65 30.09 -33.48
C LEU F 447 -10.20 30.15 -33.93
N GLY F 448 -9.28 30.34 -32.98
CA GLY F 448 -7.84 30.26 -33.22
C GLY F 448 -7.27 31.47 -33.95
N LEU F 449 -6.03 31.37 -34.38
CA LEU F 449 -5.32 32.46 -35.05
C LEU F 449 -5.97 32.76 -36.41
N ARG F 450 -6.24 34.04 -36.66
CA ARG F 450 -6.75 34.56 -37.94
C ARG F 450 -5.98 35.84 -38.29
N PRO F 451 -5.94 36.27 -39.58
CA PRO F 451 -5.49 37.59 -39.96
C PRO F 451 -6.64 38.62 -39.82
N THR F 452 -6.29 39.80 -39.31
CA THR F 452 -7.05 41.06 -39.27
C THR F 452 -6.29 42.08 -40.10
N ILE F 453 -6.94 42.84 -40.94
CA ILE F 453 -6.29 43.78 -41.87
C ILE F 453 -6.83 45.19 -41.59
N PHE F 454 -5.95 46.19 -41.53
CA PHE F 454 -6.38 47.58 -41.24
C PHE F 454 -7.10 48.20 -42.44
N GLN F 455 -8.30 48.76 -42.23
CA GLN F 455 -9.03 49.60 -43.20
C GLN F 455 -8.14 50.81 -43.61
N PRO F 456 -8.15 51.37 -44.83
CA PRO F 456 -7.09 52.29 -45.28
C PRO F 456 -6.97 53.62 -44.51
N ASN F 457 -8.09 54.23 -44.12
CA ASN F 457 -8.14 55.55 -43.48
C ASN F 457 -7.96 55.47 -41.94
N SER F 458 -6.84 54.88 -41.48
CA SER F 458 -6.67 54.41 -40.10
C SER F 458 -5.30 54.63 -39.47
N GLU F 459 -4.29 55.14 -40.18
CA GLU F 459 -2.99 55.42 -39.57
C GLU F 459 -3.05 56.55 -38.52
N TRP F 460 -4.13 57.33 -38.45
CA TRP F 460 -4.36 58.31 -37.39
C TRP F 460 -4.52 57.67 -36.00
N SER F 461 -5.04 56.44 -35.95
CA SER F 461 -5.45 55.75 -34.74
C SER F 461 -4.26 55.28 -33.90
N ASN F 462 -4.38 55.43 -32.59
CA ASN F 462 -3.45 54.91 -31.61
C ASN F 462 -3.28 53.38 -31.76
N ILE F 463 -4.34 52.63 -32.03
CA ILE F 463 -4.26 51.17 -32.16
C ILE F 463 -3.47 50.70 -33.37
N ARG F 464 -3.60 51.32 -34.55
CA ARG F 464 -2.69 51.01 -35.67
C ARG F 464 -1.24 51.42 -35.38
N LYS F 465 -1.05 52.52 -34.64
CA LYS F 465 0.28 53.00 -34.23
C LYS F 465 0.99 52.05 -33.27
N LEU F 466 0.28 51.56 -32.26
CA LEU F 466 0.78 50.56 -31.31
C LEU F 466 1.21 49.24 -31.96
N TYR F 467 0.53 48.80 -33.01
CA TYR F 467 0.92 47.62 -33.77
C TYR F 467 2.08 47.82 -34.75
N GLY F 468 2.84 48.91 -34.63
CA GLY F 468 3.98 49.22 -35.51
C GLY F 468 3.61 49.67 -36.92
N GLU F 469 2.34 50.01 -37.16
CA GLU F 469 1.77 50.34 -38.46
C GLU F 469 1.94 49.23 -39.53
N VAL F 470 2.14 47.98 -39.11
CA VAL F 470 2.18 46.79 -39.96
C VAL F 470 0.79 46.56 -40.56
N ASN F 471 0.68 46.13 -41.81
CA ASN F 471 -0.60 46.12 -42.54
C ASN F 471 -1.64 45.11 -42.00
N GLU F 472 -1.15 43.96 -41.53
CA GLU F 472 -1.95 42.89 -40.92
C GLU F 472 -1.62 42.74 -39.43
N VAL F 473 -2.63 42.37 -38.66
CA VAL F 473 -2.57 41.92 -37.27
C VAL F 473 -2.99 40.45 -37.26
N HIS F 474 -2.18 39.53 -36.74
CA HIS F 474 -2.57 38.11 -36.58
C HIS F 474 -2.77 37.83 -35.10
N GLU F 475 -3.97 37.43 -34.71
CA GLU F 475 -4.38 37.29 -33.30
C GLU F 475 -5.42 36.18 -33.17
N ARG F 476 -5.70 35.71 -31.94
CA ARG F 476 -6.53 34.53 -31.67
C ARG F 476 -7.98 34.92 -31.37
N HIS F 477 -8.92 34.18 -31.93
CA HIS F 477 -10.37 34.43 -31.90
C HIS F 477 -11.10 33.31 -31.16
N ARG F 478 -12.22 33.64 -30.51
CA ARG F 478 -13.12 32.69 -29.84
C ARG F 478 -14.53 33.26 -29.73
N HIS F 479 -15.06 33.75 -30.85
CA HIS F 479 -16.35 34.45 -30.90
C HIS F 479 -17.30 33.85 -31.95
N ARG F 480 -18.59 34.07 -31.74
CA ARG F 480 -19.69 33.55 -32.58
C ARG F 480 -20.44 34.66 -33.33
N TYR F 481 -20.52 35.85 -32.73
CA TYR F 481 -21.15 37.06 -33.27
C TYR F 481 -20.14 38.01 -33.93
N GLU F 482 -20.68 39.00 -34.62
CA GLU F 482 -20.00 40.17 -35.19
C GLU F 482 -20.78 41.43 -34.85
N ILE F 483 -20.18 42.61 -35.02
CA ILE F 483 -20.96 43.82 -35.23
C ILE F 483 -21.64 43.77 -36.61
N ASN F 484 -22.90 44.16 -36.67
CA ASN F 484 -23.71 44.30 -37.88
C ASN F 484 -23.10 45.29 -38.90
N PRO F 485 -22.78 44.87 -40.14
CA PRO F 485 -22.18 45.76 -41.15
C PRO F 485 -23.14 46.89 -41.59
N LYS F 486 -24.47 46.71 -41.50
CA LYS F 486 -25.47 47.74 -41.82
C LYS F 486 -25.40 48.95 -40.89
N ILE F 487 -24.98 48.75 -39.65
CA ILE F 487 -24.76 49.81 -38.65
C ILE F 487 -23.34 50.39 -38.73
N VAL F 488 -22.42 49.82 -39.50
CA VAL F 488 -21.02 50.32 -39.57
C VAL F 488 -20.94 51.72 -40.15
N ASN F 489 -21.49 52.00 -41.33
CA ASN F 489 -21.34 53.34 -41.91
C ASN F 489 -22.16 54.41 -41.16
N ASP F 490 -23.23 54.02 -40.48
CA ASP F 490 -23.93 54.82 -39.47
C ASP F 490 -22.96 55.22 -38.34
N MET F 491 -22.31 54.26 -37.67
CA MET F 491 -21.30 54.51 -36.65
C MET F 491 -20.11 55.29 -37.19
N GLU F 492 -19.57 54.96 -38.36
CA GLU F 492 -18.43 55.67 -38.92
C GLU F 492 -18.79 57.13 -39.25
N SER F 493 -20.03 57.42 -39.67
CA SER F 493 -20.49 58.79 -39.87
C SER F 493 -20.44 59.63 -38.59
N ARG F 494 -20.45 58.98 -37.42
CA ARG F 494 -20.40 59.58 -36.08
C ARG F 494 -19.02 59.49 -35.40
N GLY F 495 -17.98 59.00 -36.07
CA GLY F 495 -16.59 59.00 -35.60
C GLY F 495 -16.07 57.69 -34.97
N PHE F 496 -16.90 56.65 -34.88
CA PHE F 496 -16.57 55.33 -34.31
C PHE F 496 -16.01 54.39 -35.39
N ILE F 497 -14.81 54.69 -35.89
CA ILE F 497 -14.25 54.04 -37.07
C ILE F 497 -13.81 52.60 -36.79
N PHE F 498 -14.27 51.65 -37.60
CA PHE F 498 -13.82 50.26 -37.58
C PHE F 498 -12.51 50.14 -38.33
N VAL F 499 -11.45 50.53 -37.62
CA VAL F 499 -10.05 50.56 -38.00
C VAL F 499 -9.48 49.25 -38.53
N GLY F 500 -10.05 48.09 -38.21
CA GLY F 500 -9.59 46.80 -38.74
C GLY F 500 -10.67 45.73 -38.85
N LYS F 501 -10.51 44.86 -39.86
CA LYS F 501 -11.51 43.89 -40.34
C LYS F 501 -10.87 42.60 -40.84
N ASP F 502 -11.67 41.54 -40.97
CA ASP F 502 -11.32 40.34 -41.74
C ASP F 502 -11.09 40.67 -43.22
N GLU F 503 -10.26 39.89 -43.92
CA GLU F 503 -9.94 40.11 -45.35
C GLU F 503 -11.17 40.23 -46.27
N THR F 504 -12.30 39.62 -45.92
CA THR F 504 -13.57 39.71 -46.65
C THR F 504 -14.34 41.02 -46.41
N GLY F 505 -13.99 41.79 -45.38
CA GLY F 505 -14.64 43.06 -45.00
C GLY F 505 -16.02 42.96 -44.35
N GLN F 506 -16.63 41.77 -44.27
CA GLN F 506 -17.93 41.56 -43.63
C GLN F 506 -17.88 41.66 -42.10
N ARG F 507 -16.68 41.45 -41.53
CA ARG F 507 -16.41 41.17 -40.10
C ARG F 507 -15.55 42.25 -39.44
N CYS F 508 -16.08 42.91 -38.41
CA CYS F 508 -15.47 44.07 -37.75
C CYS F 508 -14.67 43.68 -36.51
N GLU F 509 -13.40 44.04 -36.45
CA GLU F 509 -12.45 43.40 -35.52
C GLU F 509 -11.66 44.35 -34.63
N ILE F 510 -11.35 45.56 -35.11
CA ILE F 510 -10.73 46.62 -34.31
C ILE F 510 -11.48 47.92 -34.55
N PHE F 511 -11.76 48.69 -33.50
CA PHE F 511 -12.12 50.10 -33.62
C PHE F 511 -11.18 51.03 -32.85
N GLU F 512 -11.22 52.30 -33.24
CA GLU F 512 -10.89 53.42 -32.36
C GLU F 512 -11.93 54.52 -32.54
N LEU F 513 -12.42 55.11 -31.45
CA LEU F 513 -13.26 56.31 -31.52
C LEU F 513 -12.38 57.56 -31.69
N LYS F 514 -12.69 58.38 -32.70
CA LYS F 514 -12.06 59.68 -32.96
C LYS F 514 -12.04 60.58 -31.72
N GLY F 515 -10.92 61.27 -31.49
CA GLY F 515 -10.79 62.35 -30.51
C GLY F 515 -10.50 61.95 -29.06
N HIS F 516 -11.07 60.86 -28.56
CA HIS F 516 -10.81 60.34 -27.20
C HIS F 516 -9.34 59.91 -27.03
N PRO F 517 -8.67 60.12 -25.88
CA PRO F 517 -7.26 59.74 -25.71
C PRO F 517 -6.92 58.28 -26.03
N TYR F 518 -7.78 57.33 -25.64
CA TYR F 518 -7.62 55.90 -25.90
C TYR F 518 -8.96 55.18 -25.65
N TYR F 519 -9.71 54.88 -26.70
CA TYR F 519 -10.98 54.16 -26.62
C TYR F 519 -10.95 53.13 -27.74
N VAL F 520 -10.34 51.99 -27.44
CA VAL F 520 -10.02 50.94 -28.38
C VAL F 520 -10.81 49.69 -28.07
N GLY F 521 -11.22 48.96 -29.09
CA GLY F 521 -11.86 47.67 -28.92
C GLY F 521 -11.34 46.67 -29.94
N THR F 522 -11.15 45.42 -29.52
CA THR F 522 -10.69 44.29 -30.34
C THR F 522 -11.68 43.14 -30.20
N GLN F 523 -12.06 42.47 -31.28
CA GLN F 523 -12.90 41.27 -31.15
C GLN F 523 -12.10 40.00 -30.84
N TYR F 524 -10.83 39.96 -31.21
CA TYR F 524 -9.88 38.96 -30.72
C TYR F 524 -9.54 39.17 -29.25
N HIS F 525 -8.92 38.16 -28.65
CA HIS F 525 -8.34 38.18 -27.31
C HIS F 525 -6.85 38.48 -27.40
N PRO F 526 -6.37 39.71 -27.11
CA PRO F 526 -4.94 40.01 -27.17
C PRO F 526 -4.15 39.41 -26.01
N GLU F 527 -4.81 38.84 -25.00
CA GLU F 527 -4.17 38.23 -23.83
C GLU F 527 -3.26 37.06 -24.18
N TYR F 528 -3.74 36.20 -25.07
CA TYR F 528 -3.15 34.90 -25.35
C TYR F 528 -1.83 35.00 -26.09
N THR F 529 -1.59 36.12 -26.73
CA THR F 529 -0.36 36.43 -27.46
C THR F 529 0.63 37.27 -26.63
N SER F 530 0.34 37.57 -25.35
CA SER F 530 1.25 38.32 -24.45
C SER F 530 2.45 37.50 -23.94
N LYS F 531 3.66 38.06 -23.99
CA LYS F 531 4.91 37.42 -23.52
C LYS F 531 5.57 38.25 -22.42
N VAL F 532 6.30 37.64 -21.49
CA VAL F 532 6.80 38.35 -20.29
C VAL F 532 7.69 39.54 -20.63
N LEU F 533 8.45 39.43 -21.71
CA LEU F 533 9.41 40.43 -22.18
C LEU F 533 8.91 41.21 -23.41
N GLU F 534 7.67 41.01 -23.83
CA GLU F 534 7.03 41.67 -24.98
C GLU F 534 5.51 41.73 -24.76
N PRO F 535 4.98 42.70 -24.01
CA PRO F 535 3.55 42.77 -23.71
C PRO F 535 2.68 42.91 -24.96
N SER F 536 1.45 42.42 -24.86
CA SER F 536 0.48 42.53 -25.93
C SER F 536 0.15 43.99 -26.20
N ARG F 537 0.20 44.43 -27.45
CA ARG F 537 0.14 45.85 -27.78
C ARG F 537 -1.13 46.58 -27.31
N PRO F 538 -2.34 46.03 -27.33
CA PRO F 538 -3.51 46.74 -26.84
C PRO F 538 -3.49 47.01 -25.34
N PHE F 539 -2.89 46.11 -24.55
CA PHE F 539 -2.76 46.25 -23.09
C PHE F 539 -1.66 47.21 -22.70
N TRP F 540 -0.53 47.17 -23.41
CA TRP F 540 0.55 48.15 -23.26
C TRP F 540 0.06 49.56 -23.60
N GLY F 541 -0.73 49.72 -24.67
CA GLY F 541 -1.45 50.96 -24.98
C GLY F 541 -2.44 51.43 -23.92
N LEU F 542 -3.18 50.55 -23.26
CA LEU F 542 -4.07 50.93 -22.15
C LEU F 542 -3.28 51.39 -20.93
N VAL F 543 -2.27 50.63 -20.51
CA VAL F 543 -1.50 50.96 -19.29
C VAL F 543 -0.67 52.22 -19.54
N ALA F 544 -0.15 52.42 -20.75
CA ALA F 544 0.48 53.67 -21.14
C ALA F 544 -0.50 54.85 -21.18
N ALA F 545 -1.69 54.69 -21.76
CA ALA F 545 -2.72 55.72 -21.71
C ALA F 545 -3.08 56.08 -20.27
N ALA F 546 -3.24 55.10 -19.38
CA ALA F 546 -3.53 55.30 -17.96
C ALA F 546 -2.42 56.01 -17.17
N SER F 547 -1.17 55.88 -17.62
CA SER F 547 -0.01 56.41 -16.92
C SER F 547 0.43 57.79 -17.44
N GLY F 548 -0.15 58.26 -18.56
CA GLY F 548 0.58 59.17 -19.43
C GLY F 548 1.77 58.44 -20.07
N THR F 549 2.55 59.12 -20.91
CA THR F 549 3.69 58.53 -21.67
C THR F 549 3.30 57.53 -22.76
N LEU F 550 2.01 57.51 -23.15
CA LEU F 550 1.55 56.87 -24.38
C LEU F 550 2.33 57.32 -25.62
N GLY F 551 2.67 58.61 -25.73
CA GLY F 551 3.47 59.14 -26.83
C GLY F 551 4.91 58.63 -26.81
N GLU F 552 5.58 58.64 -25.66
CA GLU F 552 6.92 58.10 -25.50
C GLU F 552 6.97 56.59 -25.78
N VAL F 553 5.93 55.83 -25.40
CA VAL F 553 5.80 54.42 -25.80
C VAL F 553 5.62 54.25 -27.32
N ILE F 554 4.68 54.98 -27.94
CA ILE F 554 4.51 54.93 -29.40
C ILE F 554 5.83 55.27 -30.12
N LYS F 555 6.58 56.27 -29.66
CA LYS F 555 7.90 56.60 -30.20
C LYS F 555 8.88 55.42 -30.14
N ASP F 556 9.01 54.76 -28.99
CA ASP F 556 9.87 53.60 -28.82
C ASP F 556 9.44 52.39 -29.69
N ILE F 557 8.14 52.20 -29.87
CA ILE F 557 7.58 51.18 -30.75
C ILE F 557 7.91 51.46 -32.22
N ASN F 558 7.91 52.72 -32.64
CA ASN F 558 8.15 53.13 -34.03
C ASN F 558 9.60 52.96 -34.53
N LEU F 559 10.61 52.82 -33.67
CA LEU F 559 11.99 52.49 -34.09
C LEU F 559 12.08 51.10 -34.72
N MET G 1 -16.51 -2.14 29.88
CA MET G 1 -15.56 -1.06 29.55
C MET G 1 -15.87 -0.53 28.16
N LYS G 2 -16.02 0.79 27.96
CA LYS G 2 -15.98 1.39 26.62
C LYS G 2 -14.58 1.92 26.34
N TYR G 3 -14.19 1.96 25.07
CA TYR G 3 -12.90 2.46 24.62
C TYR G 3 -13.11 3.54 23.57
N VAL G 4 -12.44 4.68 23.71
CA VAL G 4 -12.28 5.65 22.63
C VAL G 4 -10.81 5.68 22.28
N VAL G 5 -10.43 5.44 21.04
CA VAL G 5 -9.05 5.59 20.58
C VAL G 5 -8.95 6.92 19.88
N VAL G 6 -7.99 7.76 20.25
CA VAL G 6 -7.69 9.01 19.56
C VAL G 6 -6.38 8.81 18.83
N SER G 7 -6.32 9.12 17.56
CA SER G 7 -5.32 8.51 16.69
C SER G 7 -4.76 9.43 15.61
N GLY G 8 -3.53 9.11 15.25
CA GLY G 8 -2.91 9.36 13.95
C GLY G 8 -2.94 10.78 13.41
N GLY G 9 -3.02 10.87 12.09
CA GLY G 9 -3.15 12.11 11.37
C GLY G 9 -2.07 12.32 10.32
N VAL G 10 -2.11 13.49 9.71
CA VAL G 10 -1.21 13.93 8.63
C VAL G 10 0.18 14.27 9.18
N ILE G 11 0.23 14.82 10.40
CA ILE G 11 1.41 15.30 11.13
C ILE G 11 1.39 14.78 12.57
N SER G 12 2.55 14.71 13.21
CA SER G 12 2.71 14.59 14.67
C SER G 12 2.40 15.91 15.37
N GLY G 13 2.13 15.93 16.66
CA GLY G 13 1.89 17.20 17.39
C GLY G 13 0.66 17.97 16.91
N ILE G 14 -0.35 17.25 16.44
CA ILE G 14 -1.56 17.80 15.83
C ILE G 14 -2.63 18.26 16.83
N GLY G 15 -2.76 17.63 17.99
CA GLY G 15 -3.81 17.93 18.96
C GLY G 15 -4.51 16.74 19.60
N LYS G 16 -4.02 15.50 19.46
CA LYS G 16 -4.66 14.32 20.02
C LYS G 16 -4.77 14.38 21.54
N GLY G 17 -3.74 14.81 22.24
CA GLY G 17 -3.78 15.00 23.69
C GLY G 17 -4.81 16.02 24.14
N VAL G 18 -5.01 17.10 23.38
CA VAL G 18 -6.08 18.06 23.67
C VAL G 18 -7.46 17.47 23.42
N LEU G 19 -7.68 16.74 22.33
CA LEU G 19 -8.98 16.15 22.05
C LEU G 19 -9.30 14.95 22.92
N ALA G 20 -8.31 14.11 23.24
CA ALA G 20 -8.43 13.01 24.19
C ALA G 20 -8.82 13.53 25.57
N SER G 21 -8.18 14.58 26.05
CA SER G 21 -8.48 15.17 27.35
C SER G 21 -9.83 15.86 27.38
N SER G 22 -10.18 16.58 26.31
CA SER G 22 -11.52 17.18 26.17
C SER G 22 -12.61 16.13 26.11
N THR G 23 -12.44 15.06 25.35
CA THR G 23 -13.39 13.94 25.27
C THR G 23 -13.59 13.31 26.63
N GLY G 24 -12.53 13.03 27.38
CA GLY G 24 -12.67 12.47 28.71
C GLY G 24 -13.39 13.40 29.67
N MET G 25 -13.07 14.69 29.66
CA MET G 25 -13.72 15.73 30.48
C MET G 25 -15.21 15.83 30.14
N LEU G 26 -15.53 15.87 28.85
CA LEU G 26 -16.90 15.90 28.36
C LEU G 26 -17.68 14.66 28.78
N LEU G 27 -17.17 13.46 28.57
CA LEU G 27 -17.85 12.22 28.98
C LEU G 27 -18.10 12.19 30.49
N LYS G 28 -17.17 12.71 31.28
CA LYS G 28 -17.33 12.88 32.73
C LYS G 28 -18.53 13.73 33.11
N THR G 29 -18.95 14.66 32.24
CA THR G 29 -20.17 15.45 32.45
C THR G 29 -21.48 14.70 32.18
N LEU G 30 -21.44 13.40 31.87
CA LEU G 30 -22.56 12.46 31.99
C LEU G 30 -22.54 11.62 33.27
N GLY G 31 -21.59 11.87 34.18
CA GLY G 31 -21.40 11.12 35.42
C GLY G 31 -20.49 9.89 35.32
N LEU G 32 -20.06 9.53 34.11
CA LEU G 32 -19.22 8.38 33.80
C LEU G 32 -17.83 8.50 34.42
N LYS G 33 -17.30 7.43 35.02
CA LYS G 33 -15.89 7.34 35.45
C LYS G 33 -15.01 7.10 34.21
N VAL G 34 -14.03 7.97 33.95
CA VAL G 34 -13.19 7.90 32.75
C VAL G 34 -11.74 7.65 33.14
N THR G 35 -11.07 6.75 32.45
CA THR G 35 -9.64 6.51 32.57
C THR G 35 -8.96 6.77 31.23
N SER G 36 -7.65 6.73 31.23
CA SER G 36 -6.83 6.99 30.06
C SER G 36 -5.59 6.10 30.03
N ILE G 37 -5.14 5.77 28.83
CA ILE G 37 -3.88 5.12 28.55
C ILE G 37 -3.21 5.94 27.46
N LYS G 38 -1.93 6.26 27.61
CA LYS G 38 -1.12 6.76 26.51
C LYS G 38 -0.35 5.59 25.94
N ILE G 39 -0.36 5.44 24.63
CA ILE G 39 0.57 4.57 23.93
C ILE G 39 1.59 5.49 23.29
N ASP G 40 2.85 5.27 23.57
CA ASP G 40 3.95 5.90 22.86
C ASP G 40 4.73 4.86 22.06
N PRO G 41 4.81 4.98 20.73
CA PRO G 41 5.60 4.06 19.93
C PRO G 41 7.13 4.15 20.08
N TYR G 42 7.64 5.08 20.88
CA TYR G 42 9.05 5.10 21.27
C TYR G 42 9.45 3.89 22.12
N MET G 43 10.74 3.59 22.15
CA MET G 43 11.28 2.39 22.77
C MET G 43 11.70 2.53 24.22
N ASN G 44 11.93 3.75 24.73
CA ASN G 44 12.26 4.03 26.12
C ASN G 44 11.30 3.33 27.10
N ILE G 45 11.83 2.71 28.15
CA ILE G 45 10.97 2.11 29.18
C ILE G 45 10.16 3.20 29.86
N ASP G 46 10.79 4.28 30.30
CA ASP G 46 10.10 5.44 30.85
C ASP G 46 10.93 6.71 30.64
N ALA G 47 10.30 7.89 30.80
CA ALA G 47 10.88 9.17 30.42
C ALA G 47 12.05 9.62 31.31
N GLY G 48 12.32 8.94 32.43
CA GLY G 48 13.27 9.41 33.44
C GLY G 48 14.72 9.53 33.01
N THR G 49 15.15 8.84 31.95
CA THR G 49 16.49 9.02 31.38
C THR G 49 16.56 10.19 30.38
N MET G 50 15.47 10.51 29.68
CA MET G 50 15.50 11.39 28.50
C MET G 50 15.27 12.86 28.85
N SER G 51 16.07 13.72 28.23
CA SER G 51 16.21 15.12 28.60
C SER G 51 15.01 15.95 28.11
N PRO G 52 14.69 17.10 28.73
CA PRO G 52 13.51 17.91 28.37
C PRO G 52 13.53 18.53 26.96
N LEU G 53 14.66 18.44 26.24
CA LEU G 53 14.85 18.91 24.88
C LEU G 53 14.05 18.13 23.81
N GLU G 54 13.53 16.94 24.12
CA GLU G 54 12.54 16.22 23.30
C GLU G 54 11.30 15.86 24.12
N HIS G 55 10.10 16.01 23.55
CA HIS G 55 8.81 15.72 24.19
C HIS G 55 8.48 16.51 25.46
N GLY G 56 9.18 17.62 25.73
CA GLY G 56 8.93 18.50 26.87
C GLY G 56 9.34 17.91 28.22
N GLU G 57 8.76 18.39 29.31
CA GLU G 57 9.07 17.93 30.67
C GLU G 57 8.75 16.44 30.93
N CYS G 58 9.59 15.78 31.70
CA CYS G 58 9.22 14.51 32.33
C CYS G 58 8.16 14.76 33.41
N PHE G 59 7.07 14.00 33.40
CA PHE G 59 6.00 14.10 34.40
C PHE G 59 6.22 13.06 35.51
N VAL G 60 6.03 13.40 36.79
CA VAL G 60 6.26 12.49 37.91
C VAL G 60 4.94 12.06 38.54
N LEU G 61 4.73 10.76 38.70
CA LEU G 61 3.51 10.14 39.26
C LEU G 61 3.65 9.86 40.77
N ASP G 62 2.56 9.51 41.47
CA ASP G 62 2.62 9.12 42.88
C ASP G 62 3.50 7.89 43.12
N ASP G 63 3.47 6.92 42.21
CA ASP G 63 4.33 5.74 42.15
C ASP G 63 5.83 6.07 42.18
N GLY G 64 6.23 7.28 41.81
CA GLY G 64 7.58 7.59 41.38
C GLY G 64 7.85 7.27 39.91
N GLY G 65 6.82 7.00 39.12
CA GLY G 65 6.94 6.84 37.68
C GLY G 65 7.28 8.16 36.98
N GLU G 66 8.42 8.21 36.32
CA GLU G 66 8.87 9.30 35.44
C GLU G 66 8.33 9.06 34.03
N THR G 67 7.21 9.69 33.65
CA THR G 67 6.38 9.26 32.52
C THR G 67 6.14 10.34 31.46
N ASP G 68 5.40 9.98 30.43
CA ASP G 68 5.09 10.88 29.33
C ASP G 68 4.34 12.13 29.78
N LEU G 69 4.70 13.26 29.20
CA LEU G 69 4.00 14.54 29.36
C LEU G 69 2.49 14.42 29.12
N ASP G 70 2.00 13.61 28.17
CA ASP G 70 0.55 13.42 27.99
C ASP G 70 -0.18 12.87 29.23
N LEU G 71 0.44 12.07 30.11
CA LEU G 71 -0.28 11.57 31.30
C LEU G 71 -0.64 12.71 32.25
N GLY G 72 0.20 13.75 32.33
CA GLY G 72 -0.12 14.94 33.11
C GLY G 72 -1.35 15.68 32.61
N ASN G 73 -1.56 15.73 31.30
CA ASN G 73 -2.75 16.35 30.71
C ASN G 73 -4.01 15.63 31.11
N TYR G 74 -3.99 14.29 31.19
CA TYR G 74 -5.15 13.52 31.62
C TYR G 74 -5.40 13.71 33.11
N GLU G 75 -4.36 13.70 33.94
CA GLU G 75 -4.50 13.92 35.39
C GLU G 75 -5.20 15.24 35.69
N ARG G 76 -4.77 16.35 35.07
CA ARG G 76 -5.35 17.69 35.32
C ARG G 76 -6.73 17.90 34.72
N TYR G 77 -7.03 17.41 33.54
CA TYR G 77 -8.35 17.58 32.93
C TYR G 77 -9.41 16.69 33.58
N LEU G 78 -9.08 15.45 33.94
CA LEU G 78 -10.07 14.47 34.39
C LEU G 78 -10.22 14.38 35.90
N GLY G 79 -9.23 14.83 36.68
CA GLY G 79 -9.24 14.66 38.13
C GLY G 79 -8.93 13.24 38.56
N ILE G 80 -7.95 12.61 37.91
CA ILE G 80 -7.60 11.20 38.08
C ILE G 80 -6.13 11.02 38.42
N THR G 81 -5.80 9.89 39.03
CA THR G 81 -4.44 9.49 39.39
C THR G 81 -4.02 8.25 38.60
N LEU G 82 -2.84 8.27 37.98
CA LEU G 82 -2.35 7.24 37.07
C LEU G 82 -1.07 6.57 37.57
N SER G 83 -0.91 5.27 37.30
CA SER G 83 0.26 4.46 37.63
C SER G 83 1.25 4.45 36.46
N ARG G 84 2.48 3.94 36.64
CA ARG G 84 3.41 3.79 35.53
C ARG G 84 2.94 2.81 34.46
N ASP G 85 2.05 1.88 34.78
CA ASP G 85 1.40 0.99 33.80
C ASP G 85 0.43 1.68 32.83
N HIS G 86 -0.09 2.86 33.13
CA HIS G 86 -0.97 3.63 32.23
C HIS G 86 -0.25 4.24 31.03
N ASN G 87 1.07 4.30 31.03
CA ASN G 87 1.84 4.62 29.85
C ASN G 87 2.40 3.35 29.23
N ILE G 88 1.80 2.87 28.14
CA ILE G 88 2.36 1.82 27.30
C ILE G 88 3.46 2.40 26.41
N THR G 89 4.59 1.71 26.29
CA THR G 89 5.61 2.02 25.29
C THR G 89 6.04 0.76 24.58
N THR G 90 6.65 0.89 23.41
CA THR G 90 7.22 -0.24 22.69
C THR G 90 8.19 -1.01 23.56
N GLY G 91 9.04 -0.33 24.32
CA GLY G 91 9.98 -0.95 25.24
C GLY G 91 9.30 -1.80 26.29
N LYS G 92 8.30 -1.28 27.00
CA LYS G 92 7.59 -2.06 28.03
C LYS G 92 6.98 -3.32 27.46
N ILE G 93 6.34 -3.24 26.32
CA ILE G 93 5.61 -4.38 25.78
C ILE G 93 6.52 -5.39 25.10
N TYR G 94 7.56 -4.99 24.39
CA TYR G 94 8.54 -5.96 23.92
C TYR G 94 9.30 -6.57 25.08
N SER G 95 9.63 -5.82 26.12
CA SER G 95 10.28 -6.29 27.34
C SER G 95 9.44 -7.32 28.08
N HIS G 96 8.14 -7.08 28.18
CA HIS G 96 7.19 -7.97 28.82
C HIS G 96 7.18 -9.33 28.15
N VAL G 97 7.03 -9.41 26.82
CA VAL G 97 7.04 -10.71 26.14
C VAL G 97 8.42 -11.37 26.14
N ILE G 98 9.52 -10.64 26.00
CA ILE G 98 10.86 -11.23 26.06
C ILE G 98 11.15 -11.81 27.45
N SER G 99 10.77 -11.16 28.54
CA SER G 99 10.98 -11.67 29.91
C SER G 99 10.16 -12.93 30.18
N ARG G 100 8.95 -12.98 29.61
CA ARG G 100 7.99 -14.09 29.68
C ARG G 100 8.42 -15.31 28.85
N GLU G 101 9.09 -15.11 27.73
CA GLU G 101 9.72 -16.17 26.94
C GLU G 101 10.88 -16.86 27.64
N ARG G 102 11.86 -16.11 28.17
CA ARG G 102 13.06 -16.69 28.82
C ARG G 102 12.70 -17.54 30.06
N ARG G 103 11.58 -17.23 30.70
CA ARG G 103 10.93 -18.01 31.76
C ARG G 103 10.10 -19.21 31.26
N GLY G 104 9.75 -19.27 29.98
CA GLY G 104 9.07 -20.41 29.36
C GLY G 104 7.54 -20.38 29.36
N ASP G 105 6.91 -19.25 29.62
CA ASP G 105 5.43 -19.15 29.74
C ASP G 105 4.66 -19.31 28.42
N TYR G 106 5.35 -19.35 27.27
CA TYR G 106 4.75 -19.71 25.97
C TYR G 106 4.86 -21.20 25.64
N LEU G 107 5.36 -22.01 26.58
CA LEU G 107 5.32 -23.47 26.59
C LEU G 107 5.91 -24.09 25.31
N GLY G 108 7.01 -23.51 24.86
CA GLY G 108 7.74 -23.98 23.70
C GLY G 108 7.09 -23.76 22.32
N LYS G 109 6.07 -22.91 22.18
CA LYS G 109 5.69 -22.36 20.87
C LYS G 109 6.67 -21.27 20.39
N THR G 110 6.67 -21.00 19.10
CA THR G 110 7.30 -19.82 18.49
C THR G 110 6.48 -18.59 18.79
N VAL G 111 7.11 -17.57 19.36
CA VAL G 111 6.46 -16.33 19.78
C VAL G 111 6.55 -15.33 18.63
N GLN G 112 5.43 -14.97 18.06
CA GLN G 112 5.30 -14.14 16.86
C GLN G 112 4.75 -12.76 17.24
N ILE G 113 5.07 -11.69 16.52
CA ILE G 113 4.45 -10.38 16.78
C ILE G 113 2.92 -10.45 16.68
N VAL G 114 2.36 -11.07 15.65
CA VAL G 114 0.96 -11.53 15.62
C VAL G 114 0.93 -13.06 15.78
N PRO G 115 0.22 -13.67 16.73
CA PRO G 115 -0.67 -13.03 17.70
C PRO G 115 -0.01 -12.51 18.97
N HIS G 116 1.13 -13.06 19.41
CA HIS G 116 1.59 -12.98 20.79
C HIS G 116 1.85 -11.59 21.32
N LEU G 117 2.65 -10.76 20.64
CA LEU G 117 2.86 -9.36 21.05
C LEU G 117 1.56 -8.56 20.93
N THR G 118 0.79 -8.72 19.86
CA THR G 118 -0.51 -8.02 19.78
C THR G 118 -1.54 -8.50 20.79
N ASN G 119 -1.37 -9.69 21.37
CA ASN G 119 -2.16 -10.17 22.49
C ASN G 119 -1.66 -9.64 23.81
N ALA G 120 -0.35 -9.44 23.99
CA ALA G 120 0.18 -8.77 25.16
C ALA G 120 -0.37 -7.35 25.28
N ILE G 121 -0.47 -6.63 24.17
CA ILE G 121 -1.05 -5.28 24.10
C ILE G 121 -2.53 -5.30 24.55
N GLN G 122 -3.33 -6.24 24.08
CA GLN G 122 -4.75 -6.34 24.45
C GLN G 122 -4.97 -6.87 25.87
N ASP G 123 -4.11 -7.74 26.38
CA ASP G 123 -4.07 -8.15 27.77
C ASP G 123 -3.71 -6.99 28.69
N TRP G 124 -2.75 -6.16 28.32
CA TRP G 124 -2.36 -4.95 29.04
C TRP G 124 -3.49 -3.93 29.08
N ILE G 125 -4.08 -3.58 27.94
CA ILE G 125 -5.14 -2.56 27.90
C ILE G 125 -6.34 -2.97 28.74
N GLN G 126 -6.70 -4.26 28.78
CA GLN G 126 -7.75 -4.77 29.67
C GLN G 126 -7.31 -4.83 31.14
N ARG G 127 -6.11 -5.28 31.48
CA ARG G 127 -5.57 -5.23 32.84
C ARG G 127 -5.63 -3.82 33.39
N VAL G 128 -5.13 -2.86 32.63
CA VAL G 128 -4.93 -1.47 33.06
C VAL G 128 -6.19 -0.64 33.03
N SER G 129 -7.06 -0.80 32.04
CA SER G 129 -8.30 0.01 32.03
C SER G 129 -9.27 -0.31 33.15
N LYS G 130 -9.17 -1.46 33.82
CA LYS G 130 -9.93 -1.76 35.04
C LYS G 130 -9.31 -1.21 36.35
N ILE G 131 -8.12 -0.61 36.36
CA ILE G 131 -7.47 -0.07 37.57
C ILE G 131 -8.25 1.15 38.13
N PRO G 132 -8.47 1.30 39.45
CA PRO G 132 -9.13 2.47 40.02
C PRO G 132 -8.28 3.74 39.92
N VAL G 133 -8.86 4.80 39.38
CA VAL G 133 -8.16 6.08 39.14
C VAL G 133 -8.82 7.29 39.83
N ASP G 134 -10.02 7.12 40.40
CA ASP G 134 -10.79 8.10 41.17
C ASP G 134 -10.48 8.02 42.69
N ASP G 135 -11.13 8.89 43.47
CA ASP G 135 -11.16 8.83 44.93
C ASP G 135 -11.98 7.65 45.49
N THR G 136 -12.78 7.00 44.65
CA THR G 136 -13.60 5.82 44.96
C THR G 136 -13.07 4.57 44.27
N GLY G 137 -13.22 3.42 44.92
CA GLY G 137 -12.75 2.12 44.45
C GLY G 137 -13.60 1.45 43.36
N LEU G 138 -14.31 2.22 42.55
CA LEU G 138 -15.00 1.73 41.37
C LEU G 138 -14.04 1.49 40.21
N GLU G 139 -14.20 0.42 39.43
CA GLU G 139 -13.50 0.31 38.14
C GLU G 139 -14.10 1.32 37.14
N PRO G 140 -13.30 1.89 36.21
CA PRO G 140 -13.80 2.87 35.24
C PRO G 140 -14.95 2.39 34.34
N ASP G 141 -15.62 3.33 33.68
CA ASP G 141 -16.65 3.06 32.68
C ASP G 141 -16.13 3.19 31.24
N VAL G 142 -15.21 4.14 31.02
CA VAL G 142 -14.61 4.42 29.72
C VAL G 142 -13.09 4.51 29.86
N CYS G 143 -12.33 4.00 28.91
CA CYS G 143 -10.91 4.25 28.72
C CYS G 143 -10.70 5.07 27.45
N ILE G 144 -9.94 6.16 27.51
CA ILE G 144 -9.45 6.86 26.33
C ILE G 144 -8.06 6.29 26.05
N ILE G 145 -7.76 5.89 24.84
CA ILE G 145 -6.41 5.52 24.42
C ILE G 145 -5.94 6.61 23.49
N GLU G 146 -4.87 7.32 23.80
CA GLU G 146 -4.19 8.17 22.83
C GLU G 146 -3.12 7.32 22.18
N LEU G 147 -3.25 7.06 20.89
CA LEU G 147 -2.27 6.37 20.08
C LEU G 147 -1.25 7.39 19.56
N GLY G 148 -0.08 7.44 20.18
CA GLY G 148 1.01 8.35 19.81
C GLY G 148 1.60 8.13 18.42
N GLY G 149 2.39 9.08 17.95
CA GLY G 149 2.95 9.08 16.59
C GLY G 149 1.90 9.29 15.50
N THR G 150 2.14 8.77 14.31
CA THR G 150 1.19 8.81 13.19
C THR G 150 0.89 7.40 12.71
N VAL G 151 -0.33 7.13 12.27
CA VAL G 151 -0.74 5.86 11.66
C VAL G 151 -0.01 5.67 10.34
N GLY G 152 0.51 4.48 10.06
CA GLY G 152 1.32 4.22 8.86
C GLY G 152 2.84 4.29 9.05
N ASP G 153 3.31 4.61 10.27
CA ASP G 153 4.71 4.46 10.67
C ASP G 153 5.02 3.04 11.15
N ILE G 154 6.20 2.50 10.87
CA ILE G 154 6.65 1.15 11.27
C ILE G 154 6.53 0.94 12.79
N GLU G 155 6.91 1.92 13.60
CA GLU G 155 6.79 1.86 15.06
C GLU G 155 5.34 1.75 15.55
N SER G 156 4.36 2.26 14.79
CA SER G 156 2.94 2.17 15.13
C SER G 156 2.33 0.84 14.72
N ALA G 157 2.96 0.06 13.84
CA ALA G 157 2.38 -1.11 13.18
C ALA G 157 1.84 -2.18 14.13
N PRO G 158 2.59 -2.67 15.15
CA PRO G 158 2.04 -3.55 16.18
C PRO G 158 0.87 -2.96 16.98
N PHE G 159 0.83 -1.66 17.27
CA PHE G 159 -0.25 -1.06 18.05
C PHE G 159 -1.53 -0.89 17.25
N VAL G 160 -1.49 -0.45 15.99
CA VAL G 160 -2.69 -0.45 15.14
C VAL G 160 -3.18 -1.86 14.86
N GLU G 161 -2.31 -2.85 14.71
CA GLU G 161 -2.73 -4.24 14.53
C GLU G 161 -3.38 -4.82 15.80
N ALA G 162 -2.85 -4.52 16.98
CA ALA G 162 -3.54 -4.85 18.22
C ALA G 162 -4.89 -4.14 18.33
N LEU G 163 -5.03 -2.89 17.91
CA LEU G 163 -6.30 -2.17 18.00
C LEU G 163 -7.32 -2.67 16.98
N ARG G 164 -6.88 -3.05 15.78
CA ARG G 164 -7.69 -3.76 14.77
C ARG G 164 -8.30 -5.03 15.37
N GLN G 165 -7.52 -5.83 16.09
CA GLN G 165 -8.02 -7.01 16.77
C GLN G 165 -8.86 -6.66 18.00
N PHE G 166 -8.51 -5.63 18.75
CA PHE G 166 -9.24 -5.24 19.94
C PHE G 166 -10.64 -4.77 19.62
N GLN G 167 -10.86 -4.15 18.46
CA GLN G 167 -12.18 -3.77 17.96
C GLN G 167 -13.15 -4.97 17.86
N PHE G 168 -12.64 -6.20 17.79
CA PHE G 168 -13.42 -7.44 17.70
C PHE G 168 -13.31 -8.35 18.92
N GLU G 169 -12.18 -8.38 19.60
CA GLU G 169 -12.02 -9.14 20.85
C GLU G 169 -12.90 -8.53 21.96
N VAL G 170 -13.06 -7.22 21.94
CA VAL G 170 -14.14 -6.48 22.60
C VAL G 170 -15.25 -6.22 21.57
N GLY G 171 -16.51 -6.12 21.97
CA GLY G 171 -17.59 -5.93 20.99
C GLY G 171 -17.52 -4.57 20.29
N ARG G 172 -18.14 -4.44 19.11
CA ARG G 172 -18.55 -3.12 18.61
C ARG G 172 -19.50 -2.47 19.62
N GLU G 173 -19.67 -1.14 19.57
CA GLU G 173 -20.40 -0.36 20.58
C GLU G 173 -19.79 -0.40 21.99
N ASN G 174 -18.67 -1.10 22.17
CA ASN G 174 -17.69 -0.87 23.25
C ASN G 174 -16.41 -0.20 22.75
N PHE G 175 -16.29 0.13 21.46
CA PHE G 175 -15.09 0.70 20.86
C PHE G 175 -15.47 1.78 19.85
N ALA G 176 -14.81 2.94 19.89
CA ALA G 176 -14.89 3.96 18.86
C ALA G 176 -13.50 4.55 18.57
N LEU G 177 -13.25 4.99 17.35
CA LEU G 177 -12.02 5.61 16.91
C LEU G 177 -12.28 7.05 16.47
N ILE G 178 -11.56 8.00 17.04
CA ILE G 178 -11.49 9.38 16.61
C ILE G 178 -10.17 9.54 15.87
N HIS G 179 -10.19 10.03 14.65
CA HIS G 179 -8.97 10.31 13.92
C HIS G 179 -8.78 11.81 13.81
N VAL G 180 -7.66 12.34 14.28
CA VAL G 180 -7.37 13.77 14.14
C VAL G 180 -6.60 13.98 12.84
N SER G 181 -6.93 15.02 12.08
CA SER G 181 -6.39 15.24 10.74
C SER G 181 -6.15 16.72 10.46
N LEU G 182 -5.28 17.06 9.52
CA LEU G 182 -4.94 18.43 9.14
C LEU G 182 -5.64 18.79 7.83
N VAL G 183 -6.33 19.92 7.81
CA VAL G 183 -6.76 20.59 6.58
C VAL G 183 -5.87 21.82 6.38
N PRO G 184 -4.88 21.80 5.46
CA PRO G 184 -4.15 22.99 5.08
C PRO G 184 -5.07 24.00 4.42
N VAL G 185 -4.77 25.28 4.54
CA VAL G 185 -5.40 26.35 3.77
C VAL G 185 -4.32 27.10 2.97
N ILE G 186 -4.45 27.05 1.64
CA ILE G 186 -3.44 27.50 0.67
C ILE G 186 -4.11 28.40 -0.37
N HIS G 187 -3.65 29.65 -0.48
CA HIS G 187 -4.25 30.69 -1.35
C HIS G 187 -5.75 30.89 -1.14
N GLY G 188 -6.18 30.83 0.12
CA GLY G 188 -7.58 30.97 0.51
C GLY G 188 -8.46 29.75 0.24
N GLU G 189 -7.89 28.58 -0.04
CA GLU G 189 -8.63 27.35 -0.27
C GLU G 189 -8.23 26.26 0.72
N GLN G 190 -9.21 25.65 1.38
CA GLN G 190 -9.03 24.57 2.35
C GLN G 190 -8.90 23.24 1.61
N LYS G 191 -7.76 22.55 1.76
CA LYS G 191 -7.38 21.39 0.94
C LYS G 191 -7.72 20.07 1.62
N THR G 192 -8.46 19.20 0.95
CA THR G 192 -8.91 17.91 1.51
C THR G 192 -8.03 16.70 1.21
N LYS G 193 -7.18 16.70 0.19
CA LYS G 193 -6.39 15.50 -0.16
C LYS G 193 -5.43 14.96 0.90
N PRO G 194 -4.90 15.72 1.89
CA PRO G 194 -4.12 15.15 2.97
C PRO G 194 -4.97 14.31 3.91
N THR G 195 -6.18 14.76 4.24
CA THR G 195 -7.09 13.98 5.07
C THR G 195 -7.63 12.75 4.34
N GLN G 196 -7.84 12.79 3.02
CA GLN G 196 -8.23 11.62 2.23
C GLN G 196 -7.13 10.54 2.22
N ALA G 197 -5.87 10.90 2.03
CA ALA G 197 -4.75 9.97 2.10
C ALA G 197 -4.57 9.36 3.50
N ALA G 198 -4.96 10.05 4.56
CA ALA G 198 -4.96 9.51 5.91
C ALA G 198 -6.11 8.51 6.15
N ILE G 199 -7.27 8.67 5.52
CA ILE G 199 -8.35 7.67 5.62
C ILE G 199 -7.98 6.40 4.85
N LYS G 200 -7.28 6.50 3.72
CA LYS G 200 -6.72 5.34 3.01
C LYS G 200 -5.74 4.54 3.86
N ASP G 201 -4.85 5.17 4.63
CA ASP G 201 -3.98 4.44 5.56
C ASP G 201 -4.75 3.69 6.65
N LEU G 202 -5.77 4.29 7.25
CA LEU G 202 -6.63 3.57 8.18
C LEU G 202 -7.31 2.36 7.53
N ARG G 203 -7.90 2.49 6.34
CA ARG G 203 -8.51 1.35 5.64
C ARG G 203 -7.49 0.28 5.31
N SER G 204 -6.33 0.67 4.80
CA SER G 204 -5.21 -0.25 4.54
C SER G 204 -4.85 -1.06 5.78
N LEU G 205 -4.78 -0.41 6.93
CA LEU G 205 -4.49 -1.02 8.22
C LEU G 205 -5.74 -1.64 8.92
N GLY G 206 -6.91 -1.61 8.29
CA GLY G 206 -8.10 -2.31 8.75
C GLY G 206 -8.89 -1.63 9.86
N LEU G 207 -8.83 -0.31 9.97
CA LEU G 207 -9.61 0.50 10.91
C LEU G 207 -10.49 1.49 10.17
N ILE G 208 -11.69 1.73 10.70
CA ILE G 208 -12.61 2.79 10.24
C ILE G 208 -12.77 3.81 11.38
N PRO G 209 -12.69 5.11 11.11
CA PRO G 209 -12.91 6.13 12.12
C PRO G 209 -14.39 6.51 12.25
N ASP G 210 -14.84 6.73 13.48
CA ASP G 210 -16.21 7.12 13.81
C ASP G 210 -16.41 8.63 13.81
N MET G 211 -15.40 9.37 14.23
CA MET G 211 -15.25 10.81 14.04
C MET G 211 -14.03 11.09 13.19
N ILE G 212 -14.07 12.11 12.34
CA ILE G 212 -12.88 12.81 11.86
C ILE G 212 -12.83 14.13 12.62
N ALA G 213 -11.76 14.40 13.35
CA ALA G 213 -11.51 15.72 13.90
C ALA G 213 -10.56 16.47 12.97
N CYS G 214 -11.01 17.55 12.34
CA CYS G 214 -10.20 18.31 11.40
C CYS G 214 -9.63 19.56 12.06
N ARG G 215 -8.31 19.64 12.08
CA ARG G 215 -7.52 20.73 12.61
C ARG G 215 -7.16 21.66 11.46
N CYS G 216 -7.44 22.93 11.62
CA CYS G 216 -7.34 23.92 10.55
C CYS G 216 -7.04 25.33 11.12
N SER G 217 -6.34 26.18 10.37
CA SER G 217 -6.28 27.61 10.62
C SER G 217 -7.51 28.52 10.43
N GLU G 218 -8.66 27.94 10.06
CA GLU G 218 -9.93 28.61 9.85
C GLU G 218 -11.06 27.72 10.37
N GLU G 219 -12.26 28.25 10.58
CA GLU G 219 -13.45 27.40 10.61
C GLU G 219 -13.55 26.61 9.28
N LEU G 220 -13.90 25.33 9.30
CA LEU G 220 -14.15 24.61 8.05
C LEU G 220 -15.35 25.21 7.31
N ASN G 221 -15.21 25.40 6.00
CA ASN G 221 -16.35 25.69 5.14
C ASN G 221 -17.28 24.47 5.07
N ARG G 222 -18.61 24.66 4.98
CA ARG G 222 -19.54 23.51 4.92
C ARG G 222 -19.40 22.67 3.65
N SER G 223 -18.90 23.23 2.56
CA SER G 223 -18.49 22.50 1.37
C SER G 223 -17.27 21.60 1.60
N THR G 224 -16.33 22.01 2.45
CA THR G 224 -15.18 21.19 2.86
C THR G 224 -15.61 20.03 3.73
N ILE G 225 -16.53 20.27 4.67
CA ILE G 225 -17.14 19.23 5.49
C ILE G 225 -17.89 18.22 4.63
N ASP G 226 -18.74 18.68 3.71
CA ASP G 226 -19.43 17.80 2.77
C ASP G 226 -18.45 16.91 2.00
N LYS G 227 -17.35 17.47 1.50
CA LYS G 227 -16.34 16.71 0.77
C LYS G 227 -15.66 15.64 1.61
N ILE G 228 -15.29 15.95 2.86
CA ILE G 228 -14.69 14.97 3.76
C ILE G 228 -15.70 13.86 4.04
N ALA G 229 -16.97 14.21 4.22
CA ALA G 229 -18.09 13.27 4.43
C ALA G 229 -18.49 12.50 3.16
N MET G 230 -18.00 12.84 1.97
CA MET G 230 -18.15 12.05 0.74
C MET G 230 -17.06 10.99 0.65
N PHE G 231 -15.79 11.36 0.84
CA PHE G 231 -14.66 10.45 0.70
C PHE G 231 -14.57 9.42 1.85
N CYS G 232 -14.67 9.88 3.09
CA CYS G 232 -14.89 9.00 4.23
C CYS G 232 -16.37 8.60 4.30
N HIS G 233 -16.74 7.35 4.58
CA HIS G 233 -18.16 6.95 4.64
C HIS G 233 -18.79 7.26 6.00
N VAL G 234 -19.00 8.56 6.26
CA VAL G 234 -19.52 9.15 7.51
C VAL G 234 -20.46 10.32 7.20
N GLY G 235 -21.42 10.62 8.06
CA GLY G 235 -22.31 11.77 7.86
C GLY G 235 -21.62 13.11 8.13
N PRO G 236 -22.23 14.27 7.78
CA PRO G 236 -21.68 15.59 8.11
C PRO G 236 -21.51 15.84 9.61
N GLU G 237 -22.34 15.20 10.41
CA GLU G 237 -22.39 15.32 11.86
C GLU G 237 -21.23 14.61 12.57
N GLN G 238 -20.38 13.91 11.81
CA GLN G 238 -19.23 13.12 12.25
C GLN G 238 -17.88 13.73 11.85
N VAL G 239 -17.86 14.85 11.14
CA VAL G 239 -16.66 15.67 11.00
C VAL G 239 -16.80 16.82 11.99
N VAL G 240 -15.93 16.86 13.00
CA VAL G 240 -15.83 17.99 13.95
C VAL G 240 -14.74 18.94 13.49
N ASN G 241 -15.09 20.21 13.48
CA ASN G 241 -14.27 21.32 13.08
C ASN G 241 -13.52 21.82 14.32
N VAL G 242 -12.22 21.51 14.45
CA VAL G 242 -11.38 21.81 15.62
C VAL G 242 -10.33 22.87 15.24
N HIS G 243 -10.78 24.08 14.94
CA HIS G 243 -9.89 25.15 14.49
C HIS G 243 -8.91 25.62 15.59
N ASP G 244 -7.91 26.38 15.17
CA ASP G 244 -6.94 27.00 16.07
C ASP G 244 -7.58 28.05 16.98
N VAL G 245 -7.58 27.80 18.29
CA VAL G 245 -8.11 28.72 19.32
C VAL G 245 -6.99 29.16 20.27
N ASN G 246 -7.05 30.39 20.77
CA ASN G 246 -6.04 30.95 21.67
C ASN G 246 -5.88 30.20 23.03
N SER G 247 -6.93 29.53 23.51
CA SER G 247 -7.02 28.85 24.81
C SER G 247 -7.55 27.43 24.65
N THR G 248 -6.92 26.42 25.29
CA THR G 248 -7.40 25.03 25.23
C THR G 248 -8.51 24.71 26.22
N TYR G 249 -8.77 25.55 27.22
CA TYR G 249 -9.95 25.42 28.10
C TYR G 249 -11.26 25.61 27.34
N HIS G 250 -11.21 26.23 26.16
CA HIS G 250 -12.37 26.39 25.29
C HIS G 250 -12.68 25.15 24.45
N VAL G 251 -11.70 24.29 24.15
CA VAL G 251 -11.90 23.13 23.27
C VAL G 251 -13.00 22.18 23.74
N PRO G 252 -13.19 21.85 25.03
CA PRO G 252 -14.37 21.09 25.43
C PRO G 252 -15.71 21.73 25.04
N LEU G 253 -15.85 23.04 25.18
CA LEU G 253 -17.07 23.73 24.83
C LEU G 253 -17.24 23.86 23.32
N LEU G 254 -16.18 23.79 22.51
CA LEU G 254 -16.30 23.62 21.05
C LEU G 254 -16.95 22.29 20.68
N LEU G 255 -16.49 21.19 21.28
CA LEU G 255 -16.97 19.87 20.92
C LEU G 255 -18.35 19.60 21.50
N LEU G 256 -18.69 20.21 22.63
CA LEU G 256 -20.07 20.22 23.15
C LEU G 256 -21.04 20.95 22.20
N LYS G 257 -20.67 22.12 21.67
CA LYS G 257 -21.41 22.80 20.59
C LYS G 257 -21.60 21.95 19.33
N GLN G 258 -20.69 21.02 19.06
CA GLN G 258 -20.67 20.18 17.85
C GLN G 258 -21.25 18.77 18.07
N HIS G 259 -22.07 18.57 19.09
CA HIS G 259 -22.83 17.33 19.30
C HIS G 259 -21.98 16.08 19.52
N MET G 260 -20.71 16.20 19.89
CA MET G 260 -19.83 15.03 19.96
C MET G 260 -20.16 14.10 21.14
N ILE G 261 -20.60 14.62 22.29
CA ILE G 261 -21.24 13.79 23.32
C ILE G 261 -22.47 13.11 22.75
N ASP G 262 -23.36 13.85 22.08
CA ASP G 262 -24.64 13.33 21.59
C ASP G 262 -24.42 12.21 20.57
N TYR G 263 -23.40 12.32 19.73
CA TYR G 263 -23.00 11.26 18.80
C TYR G 263 -22.47 10.05 19.55
N LEU G 264 -21.43 10.22 20.37
CA LEU G 264 -20.79 9.14 21.12
C LEU G 264 -21.77 8.43 22.06
N HIS G 265 -22.77 9.11 22.60
CA HIS G 265 -23.82 8.49 23.42
C HIS G 265 -24.69 7.48 22.65
N SER G 266 -24.90 7.71 21.35
CA SER G 266 -25.60 6.80 20.43
C SER G 266 -24.68 5.79 19.71
N ARG G 267 -23.40 6.12 19.52
CA ARG G 267 -22.36 5.22 18.98
C ARG G 267 -21.79 4.22 19.98
N LEU G 268 -21.78 4.55 21.27
CA LEU G 268 -21.22 3.73 22.34
C LEU G 268 -22.27 3.26 23.34
N LYS G 269 -23.56 3.51 23.11
CA LYS G 269 -24.68 3.13 24.00
C LYS G 269 -24.42 3.54 25.46
N LEU G 270 -23.99 4.79 25.67
CA LEU G 270 -23.52 5.24 26.97
C LEU G 270 -24.67 5.43 27.98
N GLY G 271 -25.90 5.61 27.50
CA GLY G 271 -27.11 5.66 28.32
C GLY G 271 -27.49 4.31 28.96
N GLU G 272 -26.87 3.23 28.51
CA GLU G 272 -27.09 1.88 29.02
C GLU G 272 -26.04 1.46 30.05
N VAL G 273 -25.04 2.31 30.34
CA VAL G 273 -24.17 2.13 31.52
C VAL G 273 -24.98 2.51 32.77
N PRO G 274 -25.02 1.68 33.83
CA PRO G 274 -25.74 2.02 35.06
C PRO G 274 -25.09 3.23 35.74
N LEU G 275 -25.89 4.23 36.06
CA LEU G 275 -25.51 5.40 36.87
C LEU G 275 -26.69 5.83 37.74
N THR G 276 -26.40 6.41 38.90
CA THR G 276 -27.39 7.02 39.80
C THR G 276 -27.73 8.46 39.38
N LEU G 277 -28.78 9.07 39.96
CA LEU G 277 -28.97 10.53 39.88
C LEU G 277 -27.83 11.30 40.57
N GLU G 278 -27.17 10.75 41.60
CA GLU G 278 -26.01 11.39 42.22
C GLU G 278 -24.88 11.56 41.19
N ASP G 279 -24.57 10.52 40.43
CA ASP G 279 -23.61 10.57 39.32
C ASP G 279 -24.01 11.60 38.26
N LYS G 280 -25.30 11.73 37.95
CA LYS G 280 -25.80 12.70 36.96
C LYS G 280 -25.90 14.14 37.46
N GLU G 281 -25.90 14.42 38.76
CA GLU G 281 -25.69 15.78 39.29
C GLU G 281 -24.22 16.15 39.24
N ARG G 282 -23.33 15.23 39.64
CA ARG G 282 -21.87 15.48 39.62
C ARG G 282 -21.36 15.81 38.23
N GLY G 283 -21.90 15.18 37.19
CA GLY G 283 -21.53 15.46 35.81
C GLY G 283 -21.81 16.90 35.38
N SER G 284 -23.04 17.40 35.54
CA SER G 284 -23.37 18.78 35.17
C SER G 284 -22.81 19.83 36.15
N GLN G 285 -22.52 19.46 37.39
CA GLN G 285 -21.76 20.28 38.34
C GLN G 285 -20.31 20.50 37.90
N LEU G 286 -19.64 19.49 37.34
CA LEU G 286 -18.38 19.72 36.62
C LEU G 286 -18.56 20.56 35.35
N LEU G 287 -19.63 20.36 34.57
CA LEU G 287 -19.84 21.16 33.35
C LEU G 287 -20.01 22.64 33.67
N THR G 288 -20.90 22.98 34.59
CA THR G 288 -21.13 24.36 35.01
C THR G 288 -19.88 24.98 35.64
N ASN G 289 -19.08 24.25 36.42
CA ASN G 289 -17.75 24.71 36.85
C ASN G 289 -16.79 24.99 35.67
N TRP G 290 -16.85 24.23 34.58
CA TRP G 290 -16.05 24.50 33.38
C TRP G 290 -16.53 25.77 32.65
N GLU G 291 -17.84 25.91 32.46
CA GLU G 291 -18.43 27.13 31.89
C GLU G 291 -18.15 28.36 32.75
N ASN G 292 -18.13 28.23 34.08
CA ASN G 292 -17.70 29.31 34.96
C ASN G 292 -16.24 29.70 34.70
N MET G 293 -15.29 28.78 34.83
CA MET G 293 -13.88 29.17 34.65
C MET G 293 -13.57 29.67 33.23
N THR G 294 -14.27 29.21 32.19
CA THR G 294 -14.10 29.73 30.83
C THR G 294 -14.75 31.08 30.60
N LYS G 295 -15.90 31.36 31.23
CA LYS G 295 -16.47 32.71 31.27
C LYS G 295 -15.53 33.67 32.01
N ASN G 296 -15.05 33.31 33.19
CA ASN G 296 -14.09 34.09 33.99
C ASN G 296 -12.71 34.25 33.32
N LEU G 297 -12.37 33.42 32.33
CA LEU G 297 -11.21 33.59 31.46
C LEU G 297 -11.45 34.67 30.40
N ASP G 298 -12.65 34.76 29.84
CA ASP G 298 -12.97 35.70 28.75
C ASP G 298 -13.28 37.13 29.20
N ASP G 299 -13.94 37.32 30.34
CA ASP G 299 -14.31 38.67 30.80
C ASP G 299 -13.33 39.27 31.83
N SER G 300 -12.36 38.50 32.31
CA SER G 300 -11.20 39.02 33.05
C SER G 300 -10.32 39.91 32.15
N ASP G 301 -9.69 40.91 32.75
CA ASP G 301 -8.99 41.99 32.06
C ASP G 301 -7.70 42.40 32.79
N ASP G 302 -7.73 42.51 34.11
CA ASP G 302 -6.56 42.95 34.88
C ASP G 302 -5.43 41.91 34.81
N VAL G 303 -4.23 42.32 34.40
CA VAL G 303 -3.07 41.45 34.18
C VAL G 303 -2.27 41.21 35.48
N VAL G 304 -1.63 40.05 35.60
CA VAL G 304 -0.51 39.82 36.52
C VAL G 304 0.68 39.20 35.78
N LYS G 305 1.89 39.69 36.03
CA LYS G 305 3.10 39.25 35.35
C LYS G 305 3.98 38.43 36.28
N ILE G 306 4.30 37.20 35.91
CA ILE G 306 5.19 36.32 36.68
C ILE G 306 6.45 36.05 35.88
N ALA G 307 7.62 36.32 36.43
CA ALA G 307 8.87 35.88 35.84
C ALA G 307 9.08 34.40 36.15
N LEU G 308 9.20 33.56 35.13
CA LEU G 308 9.69 32.20 35.26
C LEU G 308 11.17 32.21 34.89
N VAL G 309 12.04 31.98 35.88
CA VAL G 309 13.49 32.11 35.75
C VAL G 309 14.11 30.73 35.62
N GLY G 310 14.69 30.38 34.47
CA GLY G 310 15.16 29.02 34.22
C GLY G 310 16.15 28.92 33.07
N LYS G 311 16.44 27.73 32.55
CA LYS G 311 17.14 27.55 31.26
C LYS G 311 16.20 27.07 30.17
N TYR G 312 16.60 27.25 28.92
CA TYR G 312 15.88 26.75 27.75
C TYR G 312 14.42 27.22 27.70
N THR G 313 14.18 28.49 28.07
CA THR G 313 12.82 29.03 28.19
C THR G 313 12.15 29.27 26.83
N ASN G 314 12.87 29.04 25.74
CA ASN G 314 12.39 29.02 24.35
C ASN G 314 11.59 27.77 24.01
N LEU G 315 11.89 26.62 24.62
CA LEU G 315 11.10 25.38 24.54
C LEU G 315 10.07 25.39 25.68
N LYS G 316 8.98 26.14 25.53
CA LYS G 316 7.96 26.39 26.59
C LYS G 316 7.29 25.10 27.13
N ASP G 317 7.32 24.03 26.35
CA ASP G 317 6.91 22.66 26.74
C ASP G 317 7.81 22.01 27.81
N SER G 318 9.05 22.46 27.98
CA SER G 318 9.94 22.05 29.07
C SER G 318 9.46 22.48 30.47
N TYR G 319 8.39 23.27 30.53
CA TYR G 319 7.78 23.79 31.74
C TYR G 319 6.27 23.63 31.70
N LEU G 320 5.75 22.64 30.98
CA LEU G 320 4.32 22.56 30.71
C LEU G 320 3.48 22.51 31.98
N SER G 321 3.86 21.73 32.98
CA SER G 321 3.09 21.61 34.23
C SER G 321 3.20 22.85 35.09
N VAL G 322 4.36 23.50 35.12
CA VAL G 322 4.56 24.79 35.76
C VAL G 322 3.63 25.84 35.16
N THR G 323 3.59 25.90 33.83
CA THR G 323 2.78 26.82 33.07
C THR G 323 1.31 26.62 33.37
N LYS G 324 0.80 25.39 33.29
CA LYS G 324 -0.59 25.08 33.62
C LYS G 324 -0.91 25.43 35.08
N SER G 325 0.01 25.19 36.00
CA SER G 325 -0.19 25.50 37.41
C SER G 325 -0.22 27.01 37.70
N LEU G 326 0.54 27.84 36.98
CA LEU G 326 0.39 29.30 37.01
C LEU G 326 -0.93 29.75 36.40
N GLU G 327 -1.38 29.13 35.31
CA GLU G 327 -2.69 29.38 34.74
C GLU G 327 -3.81 29.07 35.69
N HIS G 328 -3.81 27.91 36.37
CA HIS G 328 -4.89 27.57 37.28
C HIS G 328 -4.96 28.57 38.44
N ALA G 329 -3.82 29.03 38.93
CA ALA G 329 -3.76 30.05 39.97
C ALA G 329 -4.34 31.40 39.50
N SER G 330 -3.91 31.84 38.32
CA SER G 330 -4.44 33.00 37.61
C SER G 330 -5.95 32.93 37.43
N MET G 331 -6.50 31.81 36.97
CA MET G 331 -7.93 31.65 36.77
C MET G 331 -8.73 31.74 38.07
N LYS G 332 -8.21 31.22 39.18
CA LYS G 332 -8.84 31.34 40.51
C LYS G 332 -8.73 32.74 41.12
N CYS G 333 -7.69 33.52 40.78
CA CYS G 333 -7.58 34.95 41.12
C CYS G 333 -8.36 35.89 40.19
N ARG G 334 -8.83 35.40 39.04
CA ARG G 334 -9.52 36.15 37.97
C ARG G 334 -8.69 37.29 37.39
N ARG G 335 -7.39 37.08 37.22
CA ARG G 335 -6.45 37.99 36.56
C ARG G 335 -5.72 37.30 35.41
N GLN G 336 -5.54 37.99 34.31
CA GLN G 336 -4.89 37.46 33.10
C GLN G 336 -3.41 37.24 33.35
N LEU G 337 -2.93 36.01 33.16
CA LEU G 337 -1.52 35.69 33.35
C LEU G 337 -0.71 36.12 32.14
N GLU G 338 0.37 36.84 32.37
CA GLU G 338 1.50 36.86 31.45
C GLU G 338 2.69 36.19 32.14
N ILE G 339 3.21 35.10 31.57
CA ILE G 339 4.51 34.58 31.95
C ILE G 339 5.55 35.41 31.20
N LEU G 340 6.48 35.97 31.95
CA LEU G 340 7.71 36.54 31.43
C LEU G 340 8.75 35.43 31.51
N TRP G 341 9.23 34.97 30.37
CA TRP G 341 10.21 33.88 30.28
C TRP G 341 11.63 34.46 30.38
N VAL G 342 12.34 34.15 31.46
CA VAL G 342 13.63 34.76 31.79
C VAL G 342 14.72 33.69 31.79
N GLU G 343 15.68 33.72 30.86
CA GLU G 343 16.82 32.82 30.93
C GLU G 343 17.79 33.25 32.02
N ALA G 344 17.99 32.43 33.05
CA ALA G 344 18.79 32.79 34.22
C ALA G 344 20.25 33.11 33.89
N SER G 345 20.87 32.42 32.94
CA SER G 345 22.23 32.72 32.49
C SER G 345 22.36 34.15 31.94
N ASN G 346 21.33 34.65 31.24
CA ASN G 346 21.34 36.02 30.71
C ASN G 346 21.30 37.10 31.81
N LEU G 347 20.81 36.79 33.02
CA LEU G 347 20.88 37.67 34.18
C LEU G 347 22.30 37.88 34.68
N GLU G 348 23.23 36.97 34.41
CA GLU G 348 24.63 37.08 34.86
C GLU G 348 25.36 38.23 34.14
N PRO G 349 26.19 39.02 34.84
CA PRO G 349 26.84 40.21 34.27
C PRO G 349 27.69 39.92 33.03
N GLU G 350 28.32 38.75 32.95
CA GLU G 350 29.15 38.36 31.81
C GLU G 350 28.38 38.39 30.48
N THR G 351 27.06 38.20 30.51
CA THR G 351 26.21 38.34 29.32
C THR G 351 26.31 39.73 28.72
N GLN G 352 26.50 40.77 29.52
CA GLN G 352 26.71 42.14 29.05
C GLN G 352 28.04 42.32 28.29
N GLU G 353 29.00 41.40 28.45
CA GLU G 353 30.20 41.32 27.61
C GLU G 353 29.91 40.53 26.30
N VAL G 354 29.05 39.51 26.40
CA VAL G 354 28.73 38.59 25.29
C VAL G 354 27.71 39.18 24.30
N ASP G 355 26.57 39.65 24.79
CA ASP G 355 25.50 40.30 24.02
C ASP G 355 24.62 41.18 24.94
N LYS G 356 24.75 42.50 24.81
CA LYS G 356 24.05 43.45 25.67
C LYS G 356 22.54 43.42 25.51
N ASN G 357 22.03 43.08 24.32
CA ASN G 357 20.60 42.92 24.08
C ASN G 357 19.96 41.86 25.01
N LYS G 358 20.59 40.70 25.17
CA LYS G 358 20.12 39.61 26.05
C LYS G 358 20.23 39.97 27.53
N PHE G 359 21.28 40.69 27.93
CA PHE G 359 21.43 41.11 29.32
C PHE G 359 20.28 42.03 29.74
N HIS G 360 20.07 43.12 28.99
CA HIS G 360 19.03 44.07 29.33
C HIS G 360 17.62 43.51 29.20
N ASP G 361 17.28 42.72 28.18
CA ASP G 361 15.93 42.14 28.10
C ASP G 361 15.60 41.23 29.28
N SER G 362 16.56 40.47 29.79
CA SER G 362 16.36 39.66 30.99
C SER G 362 16.06 40.52 32.23
N TRP G 363 16.82 41.59 32.47
CA TRP G 363 16.62 42.44 33.65
C TRP G 363 15.43 43.40 33.51
N ASN G 364 15.13 43.80 32.28
CA ASN G 364 13.88 44.45 31.89
C ASN G 364 12.67 43.59 32.30
N LYS G 365 12.67 42.29 31.96
CA LYS G 365 11.62 41.35 32.40
C LYS G 365 11.62 41.15 33.90
N LEU G 366 12.75 40.87 34.54
CA LEU G 366 12.77 40.59 35.98
C LEU G 366 12.34 41.81 36.84
N SER G 367 12.62 43.03 36.41
CA SER G 367 12.12 44.26 37.05
C SER G 367 10.63 44.49 36.85
N SER G 368 10.10 44.01 35.73
CA SER G 368 8.69 44.15 35.34
C SER G 368 7.76 43.20 36.11
N ALA G 369 8.32 42.13 36.67
CA ALA G 369 7.58 41.04 37.29
C ALA G 369 6.87 41.42 38.60
N ASP G 370 5.59 41.10 38.71
CA ASP G 370 4.81 41.20 39.94
C ASP G 370 5.07 40.04 40.91
N GLY G 371 5.61 38.93 40.41
CA GLY G 371 6.07 37.77 41.17
C GLY G 371 7.13 37.00 40.40
N ILE G 372 7.89 36.17 41.09
CA ILE G 372 8.99 35.38 40.52
C ILE G 372 8.78 33.92 40.87
N LEU G 373 8.98 33.04 39.90
CA LEU G 373 9.10 31.62 40.08
C LEU G 373 10.48 31.15 39.65
N VAL G 374 11.20 30.44 40.53
CA VAL G 374 12.30 29.57 40.13
C VAL G 374 11.71 28.15 40.06
N PRO G 375 11.62 27.55 38.85
CA PRO G 375 10.61 26.53 38.53
C PRO G 375 10.95 25.09 38.88
N GLY G 376 12.18 24.79 39.31
CA GLY G 376 12.64 23.42 39.51
C GLY G 376 13.19 22.81 38.21
N GLY G 377 14.29 23.39 37.73
CA GLY G 377 15.01 22.95 36.54
C GLY G 377 15.91 21.72 36.75
N PHE G 378 16.83 21.55 35.82
CA PHE G 378 17.65 20.35 35.61
C PHE G 378 19.04 20.76 35.11
N GLY G 379 20.12 20.26 35.72
CA GLY G 379 21.51 20.59 35.38
C GLY G 379 21.95 21.97 35.88
N THR G 380 22.99 22.03 36.70
CA THR G 380 23.36 23.18 37.54
C THR G 380 23.88 24.43 36.83
N ARG G 381 24.02 24.44 35.50
CA ARG G 381 24.72 25.49 34.72
C ARG G 381 24.19 26.92 34.85
N GLY G 382 22.95 27.13 35.29
CA GLY G 382 22.31 28.45 35.41
C GLY G 382 22.26 29.04 36.83
N ILE G 383 22.78 28.35 37.85
CA ILE G 383 22.57 28.67 39.26
C ILE G 383 23.05 30.06 39.65
N GLU G 384 24.20 30.52 39.15
CA GLU G 384 24.74 31.83 39.50
C GLU G 384 23.84 32.98 39.01
N GLY G 385 23.10 32.77 37.92
CA GLY G 385 22.02 33.65 37.47
C GLY G 385 20.80 33.61 38.39
N MET G 386 20.32 32.43 38.76
CA MET G 386 19.17 32.30 39.66
C MET G 386 19.44 32.87 41.06
N ILE G 387 20.69 32.83 41.52
CA ILE G 387 21.10 33.44 42.78
C ILE G 387 20.86 34.96 42.76
N LEU G 388 21.10 35.62 41.63
CA LEU G 388 20.73 37.02 41.45
C LEU G 388 19.23 37.19 41.55
N ALA G 389 18.44 36.35 40.87
CA ALA G 389 16.98 36.44 40.89
C ALA G 389 16.39 36.24 42.29
N ALA G 390 16.93 35.32 43.07
CA ALA G 390 16.58 35.12 44.48
C ALA G 390 17.01 36.29 45.35
N LYS G 391 18.21 36.87 45.12
CA LYS G 391 18.70 38.06 45.84
C LYS G 391 17.77 39.24 45.59
N TRP G 392 17.52 39.56 44.33
CA TRP G 392 16.59 40.60 43.89
C TRP G 392 15.25 40.49 44.60
N ALA G 393 14.61 39.33 44.62
CA ALA G 393 13.33 39.15 45.29
C ALA G 393 13.37 39.39 46.80
N ARG G 394 14.46 39.01 47.48
CA ARG G 394 14.61 39.14 48.93
C ARG G 394 14.95 40.59 49.33
N GLU G 395 15.85 41.23 48.60
CA GLU G 395 16.24 42.63 48.80
C GLU G 395 15.11 43.63 48.50
N SER G 396 14.12 43.23 47.69
CA SER G 396 13.13 44.14 47.08
C SER G 396 11.69 43.91 47.51
N GLY G 397 11.37 42.81 48.20
CA GLY G 397 10.02 42.49 48.67
C GLY G 397 9.09 41.88 47.62
N VAL G 398 9.59 41.52 46.45
CA VAL G 398 8.81 40.91 45.35
C VAL G 398 8.44 39.46 45.69
N PRO G 399 7.17 39.03 45.54
CA PRO G 399 6.73 37.65 45.78
C PRO G 399 7.55 36.58 45.06
N PHE G 400 7.90 35.51 45.76
CA PHE G 400 8.81 34.48 45.27
C PHE G 400 8.27 33.08 45.58
N LEU G 401 8.42 32.17 44.63
CA LEU G 401 8.33 30.73 44.88
C LEU G 401 9.56 30.02 44.34
N GLY G 402 10.18 29.18 45.16
CA GLY G 402 11.30 28.34 44.76
C GLY G 402 10.94 26.86 44.80
N VAL G 403 10.95 26.17 43.68
CA VAL G 403 10.60 24.75 43.58
C VAL G 403 11.84 23.88 43.34
N CYS G 404 12.07 22.83 44.13
CA CYS G 404 13.20 21.90 44.06
C CYS G 404 14.57 22.61 44.11
N LEU G 405 15.24 22.79 42.98
CA LEU G 405 16.35 23.73 42.83
C LEU G 405 16.05 25.15 43.36
N GLY G 406 14.81 25.60 43.37
CA GLY G 406 14.38 26.88 43.95
C GLY G 406 14.38 26.94 45.48
N LEU G 407 14.32 25.82 46.23
CA LEU G 407 14.80 25.83 47.63
C LEU G 407 16.27 26.17 47.64
N GLN G 408 17.02 25.43 46.82
CA GLN G 408 18.44 25.33 46.95
C GLN G 408 19.14 26.62 46.58
N VAL G 409 18.86 27.22 45.42
CA VAL G 409 19.42 28.53 45.07
C VAL G 409 19.03 29.64 46.04
N ALA G 410 17.87 29.56 46.68
CA ALA G 410 17.45 30.54 47.67
C ALA G 410 18.23 30.37 48.98
N ALA G 411 18.40 29.15 49.47
CA ALA G 411 19.22 28.88 50.64
C ALA G 411 20.71 29.21 50.38
N ILE G 412 21.22 28.92 49.19
CA ILE G 412 22.55 29.33 48.76
C ILE G 412 22.69 30.85 48.74
N GLU G 413 21.68 31.57 48.24
CA GLU G 413 21.63 33.03 48.31
C GLU G 413 21.63 33.52 49.76
N PHE G 414 20.73 33.03 50.60
CA PHE G 414 20.59 33.43 51.99
C PHE G 414 21.87 33.15 52.80
N ALA G 415 22.53 32.02 52.55
CA ALA G 415 23.84 31.71 53.12
C ALA G 415 24.92 32.72 52.70
N ARG G 416 25.10 32.98 51.40
CA ARG G 416 26.12 33.91 50.87
C ARG G 416 25.87 35.38 51.25
N ASN G 417 24.61 35.79 51.41
CA ASN G 417 24.24 37.21 51.51
C ASN G 417 23.60 37.64 52.84
N VAL G 418 23.13 36.74 53.69
CA VAL G 418 22.49 37.09 54.99
C VAL G 418 23.19 36.43 56.18
N ILE G 419 23.69 35.19 56.06
CA ILE G 419 24.67 34.63 57.01
C ILE G 419 26.07 35.19 56.73
N GLY G 420 26.46 35.30 55.47
CA GLY G 420 27.73 35.90 55.04
C GLY G 420 28.90 34.93 54.92
N ARG G 421 28.69 33.74 54.33
CA ARG G 421 29.74 32.79 53.89
C ARG G 421 29.81 32.76 52.35
N PRO G 422 30.55 33.68 51.70
CA PRO G 422 30.26 34.10 50.32
C PRO G 422 30.49 33.06 49.21
N ASN G 423 31.13 31.93 49.52
CA ASN G 423 31.43 30.84 48.59
C ASN G 423 30.48 29.63 48.73
N SER G 424 29.56 29.62 49.70
CA SER G 424 28.72 28.46 50.02
C SER G 424 27.85 28.01 48.83
N SER G 425 27.71 26.70 48.60
CA SER G 425 27.39 26.18 47.25
C SER G 425 26.62 24.85 47.19
N SER G 426 26.06 24.62 46.01
CA SER G 426 25.49 23.37 45.53
C SER G 426 26.58 22.34 45.24
N THR G 427 26.64 21.30 46.07
CA THR G 427 27.58 20.19 45.91
C THR G 427 27.46 19.52 44.53
N GLU G 428 26.29 19.50 43.90
CA GLU G 428 26.14 18.96 42.53
C GLU G 428 26.95 19.71 41.46
N PHE G 429 27.31 20.98 41.72
CA PHE G 429 28.04 21.82 40.77
C PHE G 429 29.58 21.74 40.94
N LEU G 430 30.06 21.43 42.16
CA LEU G 430 31.47 21.54 42.53
C LEU G 430 32.12 20.25 43.05
N ASP G 431 31.32 19.30 43.52
CA ASP G 431 31.65 18.06 44.25
C ASP G 431 33.09 17.96 44.83
N GLU G 432 34.05 17.46 44.05
CA GLU G 432 35.43 17.16 44.45
C GLU G 432 36.23 18.37 44.99
N THR G 433 35.71 19.60 44.80
CA THR G 433 36.32 20.86 45.25
C THR G 433 36.31 21.03 46.79
N LEU G 434 35.43 20.32 47.51
CA LEU G 434 35.44 20.16 48.99
C LEU G 434 35.47 21.48 49.80
N LEU G 435 34.72 22.51 49.40
CA LEU G 435 34.45 23.68 50.27
C LEU G 435 33.81 23.24 51.60
N ALA G 436 34.04 23.98 52.69
CA ALA G 436 33.45 23.66 54.00
C ALA G 436 31.95 24.01 54.15
N PRO G 437 31.43 25.17 53.65
CA PRO G 437 30.01 25.52 53.80
C PRO G 437 29.19 24.93 52.64
N GLU G 438 28.97 23.62 52.70
CA GLU G 438 28.09 22.88 51.80
C GLU G 438 26.63 23.16 52.15
N ASP G 439 25.88 23.83 51.27
CA ASP G 439 24.45 24.07 51.43
C ASP G 439 23.62 22.87 50.97
N GLN G 440 23.82 22.41 49.74
CA GLN G 440 23.37 21.08 49.32
C GLN G 440 24.29 20.00 49.90
N VAL G 441 23.73 18.89 50.37
CA VAL G 441 24.43 17.60 50.59
C VAL G 441 23.53 16.43 50.15
N VAL G 442 24.11 15.32 49.70
CA VAL G 442 23.33 14.11 49.32
C VAL G 442 22.81 13.42 50.57
N ILE G 443 21.53 13.03 50.61
CA ILE G 443 20.99 12.13 51.64
C ILE G 443 20.24 10.96 50.99
N THR G 444 18.39 5.85 43.92
CA THR G 444 18.88 6.85 44.86
C THR G 444 18.24 8.24 44.70
N MET G 445 17.44 8.48 43.65
CA MET G 445 16.47 9.59 43.65
C MET G 445 15.39 9.38 44.72
N ARG G 446 15.06 10.41 45.50
CA ARG G 446 13.88 10.43 46.36
C ARG G 446 12.64 10.81 45.54
N LEU G 447 11.84 9.82 45.18
CA LEU G 447 10.90 9.86 44.05
C LEU G 447 9.45 9.63 44.46
N GLY G 448 8.51 10.23 43.72
CA GLY G 448 7.08 10.00 43.88
C GLY G 448 6.48 10.65 45.11
N LEU G 449 5.24 10.31 45.42
CA LEU G 449 4.51 10.88 46.54
C LEU G 449 5.16 10.50 47.88
N ARG G 450 5.39 11.49 48.73
CA ARG G 450 5.88 11.33 50.11
C ARG G 450 5.07 12.23 51.05
N PRO G 451 5.04 11.95 52.36
CA PRO G 451 4.54 12.90 53.36
C PRO G 451 5.64 13.91 53.75
N THR G 452 5.26 15.16 53.90
CA THR G 452 5.96 16.30 54.49
C THR G 452 5.17 16.75 55.71
N ILE G 453 5.81 17.01 56.83
CA ILE G 453 5.15 17.35 58.09
C ILE G 453 5.62 18.72 58.56
N PHE G 454 4.72 19.59 59.01
CA PHE G 454 5.08 20.94 59.44
C PHE G 454 5.80 20.91 60.80
N GLN G 455 6.97 21.55 60.91
CA GLN G 455 7.67 21.82 62.17
C GLN G 455 6.75 22.64 63.11
N PRO G 456 6.75 22.50 64.46
CA PRO G 456 5.67 23.05 65.29
C PRO G 456 5.49 24.58 65.29
N ASN G 457 6.59 25.34 65.27
CA ASN G 457 6.57 26.80 65.37
C ASN G 457 6.38 27.51 63.99
N SER G 458 5.28 27.16 63.30
CA SER G 458 5.11 27.45 61.85
C SER G 458 3.73 27.90 61.40
N GLU G 459 2.72 27.95 62.28
CA GLU G 459 1.39 28.46 61.87
C GLU G 459 1.41 29.95 61.52
N TRP G 460 2.46 30.70 61.86
CA TRP G 460 2.63 32.09 61.43
C TRP G 460 2.80 32.24 59.91
N SER G 461 3.36 31.21 59.26
CA SER G 461 3.78 31.23 57.86
C SER G 461 2.60 31.20 56.89
N ASN G 462 2.71 31.98 55.83
CA ASN G 462 1.78 31.98 54.71
C ASN G 462 1.67 30.59 54.09
N ILE G 463 2.76 29.84 53.95
CA ILE G 463 2.74 28.51 53.34
C ILE G 463 1.97 27.47 54.15
N ARG G 464 2.10 27.41 55.48
CA ARG G 464 1.22 26.55 56.30
C ARG G 464 -0.26 27.01 56.23
N LYS G 465 -0.50 28.31 56.13
CA LYS G 465 -1.84 28.90 56.01
C LYS G 465 -2.53 28.52 54.70
N LEU G 466 -1.82 28.62 53.58
CA LEU G 466 -2.29 28.21 52.24
C LEU G 466 -2.66 26.73 52.15
N TYR G 467 -1.96 25.85 52.86
CA TYR G 467 -2.29 24.43 52.92
C TYR G 467 -3.45 24.08 53.86
N GLY G 468 -4.25 25.05 54.30
CA GLY G 468 -5.39 24.84 55.20
C GLY G 468 -5.02 24.55 56.65
N GLU G 469 -3.76 24.77 57.04
CA GLU G 469 -3.18 24.42 58.34
C GLU G 469 -3.32 22.92 58.72
N VAL G 470 -3.48 22.05 57.72
CA VAL G 470 -3.46 20.59 57.87
C VAL G 470 -2.05 20.15 58.28
N ASN G 471 -1.91 19.15 59.16
CA ASN G 471 -0.62 18.82 59.79
C ASN G 471 0.44 18.26 58.83
N GLU G 472 0.00 17.48 57.84
CA GLU G 472 0.82 16.88 56.79
C GLU G 472 0.48 17.48 55.42
N VAL G 473 1.50 17.58 54.58
CA VAL G 473 1.44 17.87 53.15
C VAL G 473 1.91 16.63 52.41
N HIS G 474 1.13 16.05 51.50
CA HIS G 474 1.57 14.93 50.65
C HIS G 474 1.75 15.42 49.23
N GLU G 475 2.97 15.33 48.71
CA GLU G 475 3.36 15.91 47.42
C GLU G 475 4.45 15.06 46.76
N ARG G 476 4.72 15.27 45.47
CA ARG G 476 5.61 14.42 44.65
C ARG G 476 7.03 14.96 44.59
N HIS G 477 8.01 14.07 44.72
CA HIS G 477 9.43 14.35 44.83
C HIS G 477 10.21 13.79 43.64
N ARG G 478 11.30 14.43 43.24
CA ARG G 478 12.23 13.97 42.20
C ARG G 478 13.62 14.57 42.40
N HIS G 479 14.14 14.46 43.62
CA HIS G 479 15.41 15.08 44.03
C HIS G 479 16.39 14.09 44.64
N ARG G 480 17.67 14.42 44.59
CA ARG G 480 18.81 13.60 45.06
C ARG G 480 19.52 14.22 46.27
N TYR G 481 19.55 15.55 46.34
CA TYR G 481 20.14 16.35 47.42
C TYR G 481 19.10 16.81 48.45
N GLU G 482 19.61 17.34 49.55
CA GLU G 482 18.90 18.05 50.62
C GLU G 482 19.64 19.34 50.96
N ILE G 483 18.99 20.24 51.68
CA ILE G 483 19.73 21.22 52.49
C ILE G 483 20.42 20.52 53.67
N ASN G 484 21.67 20.87 53.91
CA ASN G 484 22.48 20.42 55.04
C ASN G 484 21.85 20.75 56.41
N PRO G 485 21.56 19.75 57.29
CA PRO G 485 20.95 20.00 58.59
C PRO G 485 21.86 20.80 59.54
N LYS G 486 23.19 20.73 59.39
CA LYS G 486 24.17 21.50 60.20
C LYS G 486 24.04 23.02 59.99
N ILE G 487 23.61 23.44 58.81
CA ILE G 487 23.34 24.85 58.47
C ILE G 487 21.90 25.27 58.81
N VAL G 488 21.01 24.35 59.19
CA VAL G 488 19.60 24.69 59.48
C VAL G 488 19.46 25.61 60.69
N ASN G 489 20.02 25.29 61.85
CA ASN G 489 19.84 26.15 63.02
C ASN G 489 20.60 27.49 62.91
N ASP G 490 21.68 27.52 62.14
CA ASP G 490 22.34 28.75 61.67
C ASP G 490 21.34 29.63 60.88
N MET G 491 20.72 29.11 59.82
CA MET G 491 19.69 29.79 59.05
C MET G 491 18.47 30.16 59.89
N GLU G 492 17.97 29.26 60.73
CA GLU G 492 16.82 29.57 61.57
C GLU G 492 17.11 30.67 62.59
N SER G 493 18.35 30.75 63.10
CA SER G 493 18.77 31.88 63.96
C SER G 493 18.66 33.24 63.27
N ARG G 494 18.69 33.25 61.93
CA ARG G 494 18.60 34.44 61.06
C ARG G 494 17.22 34.64 60.41
N GLY G 495 16.21 33.85 60.75
CA GLY G 495 14.80 34.03 60.33
C GLY G 495 14.33 33.19 59.12
N PHE G 496 15.20 32.36 58.54
CA PHE G 496 14.91 31.49 57.38
C PHE G 496 14.40 30.12 57.84
N ILE G 497 13.19 30.09 58.41
CA ILE G 497 12.66 28.92 59.11
C ILE G 497 12.27 27.79 58.15
N PHE G 498 12.78 26.57 58.39
CA PHE G 498 12.38 25.37 57.67
C PHE G 498 11.08 24.84 58.25
N VAL G 499 10.01 25.49 57.81
CA VAL G 499 8.60 25.29 58.15
C VAL G 499 8.09 23.86 57.95
N GLY G 500 8.70 23.03 57.10
CA GLY G 500 8.28 21.64 56.90
C GLY G 500 9.41 20.69 56.49
N LYS G 501 9.31 19.43 56.93
CA LYS G 501 10.34 18.39 56.87
C LYS G 501 9.75 17.00 56.66
N ASP G 502 10.58 16.05 56.26
CA ASP G 502 10.29 14.61 56.32
C ASP G 502 10.06 14.15 57.75
N GLU G 503 9.27 13.09 57.97
CA GLU G 503 8.95 12.56 59.31
C GLU G 503 10.19 12.25 60.18
N THR G 504 11.34 11.94 59.58
CA THR G 504 12.61 11.70 60.29
C THR G 504 13.33 12.99 60.73
N GLY G 505 12.95 14.16 60.21
CA GLY G 505 13.54 15.46 60.53
C GLY G 505 14.93 15.76 59.92
N GLN G 506 15.57 14.79 59.26
CA GLN G 506 16.88 14.97 58.62
C GLN G 506 16.80 15.81 57.33
N ARG G 507 15.60 15.87 56.72
CA ARG G 507 15.33 16.33 55.34
C ARG G 507 14.42 17.56 55.31
N CYS G 508 14.90 18.67 54.74
CA CYS G 508 14.25 19.98 54.74
C CYS G 508 13.46 20.23 53.46
N GLU G 509 12.16 20.53 53.58
CA GLU G 509 11.24 20.39 52.45
C GLU G 509 10.41 21.63 52.16
N ILE G 510 10.06 22.43 53.16
CA ILE G 510 9.38 23.72 52.99
C ILE G 510 10.09 24.77 53.85
N PHE G 511 10.33 25.97 53.33
CA PHE G 511 10.65 27.15 54.14
C PHE G 511 9.67 28.29 53.92
N GLU G 512 9.66 29.20 54.89
CA GLU G 512 9.28 30.60 54.68
C GLU G 512 10.29 31.50 55.40
N LEU G 513 10.74 32.56 54.76
CA LEU G 513 11.53 33.61 55.42
C LEU G 513 10.62 34.56 56.18
N LYS G 514 10.90 34.79 57.46
CA LYS G 514 10.22 35.76 58.33
C LYS G 514 10.16 37.17 57.71
N GLY G 515 9.02 37.83 57.84
CA GLY G 515 8.84 39.25 57.53
C GLY G 515 8.55 39.62 56.07
N HIS G 516 9.16 38.94 55.10
CA HIS G 516 8.89 39.16 53.66
C HIS G 516 7.44 38.81 53.28
N PRO G 517 6.75 39.55 52.39
CA PRO G 517 5.36 39.26 52.03
C PRO G 517 5.08 37.81 51.58
N TYR G 518 5.96 37.22 50.77
CA TYR G 518 5.87 35.85 50.29
C TYR G 518 7.21 35.38 49.73
N TYR G 519 7.99 34.63 50.50
CA TYR G 519 9.28 34.10 50.08
C TYR G 519 9.30 32.65 50.54
N VAL G 520 8.72 31.80 49.70
CA VAL G 520 8.46 30.40 50.00
C VAL G 520 9.29 29.50 49.11
N GLY G 521 9.73 28.37 49.63
CA GLY G 521 10.42 27.36 48.84
C GLY G 521 9.95 25.97 49.23
N THR G 522 9.79 25.10 48.24
CA THR G 522 9.39 23.69 48.40
C THR G 522 10.41 22.80 47.71
N GLN G 523 10.83 21.68 48.31
CA GLN G 523 11.72 20.74 47.61
C GLN G 523 10.96 19.76 46.70
N TYR G 524 9.69 19.50 46.98
CA TYR G 524 8.78 18.85 46.05
C TYR G 524 8.41 19.75 44.88
N HIS G 525 7.82 19.14 43.85
CA HIS G 525 7.24 19.81 42.70
C HIS G 525 5.73 19.98 42.92
N PRO G 526 5.20 21.16 43.27
CA PRO G 526 3.77 21.34 43.47
C PRO G 526 2.99 21.38 42.15
N GLU G 527 3.65 21.41 41.00
CA GLU G 527 3.01 21.44 39.67
C GLU G 527 2.17 20.21 39.38
N TYR G 528 2.68 19.03 39.73
CA TYR G 528 2.14 17.76 39.32
C TYR G 528 0.83 17.42 39.99
N THR G 529 0.55 18.07 41.12
CA THR G 529 -0.67 17.93 41.89
C THR G 529 -1.71 19.04 41.58
N SER G 530 -1.45 19.95 40.62
CA SER G 530 -2.39 21.01 40.21
C SER G 530 -3.56 20.50 39.36
N LYS G 531 -4.81 20.92 39.67
CA LYS G 531 -6.03 20.55 38.93
C LYS G 531 -6.72 21.79 38.38
N VAL G 532 -7.44 21.70 37.27
CA VAL G 532 -7.97 22.90 36.56
C VAL G 532 -8.91 23.73 37.45
N LEU G 533 -9.66 23.06 38.32
CA LEU G 533 -10.64 23.67 39.22
C LEU G 533 -10.17 23.74 40.68
N GLU G 534 -8.91 23.41 40.96
CA GLU G 534 -8.29 23.43 42.28
C GLU G 534 -6.76 23.65 42.15
N PRO G 535 -6.27 24.88 41.98
CA PRO G 535 -4.86 25.14 41.76
C PRO G 535 -3.98 24.68 42.92
N SER G 536 -2.73 24.35 42.60
CA SER G 536 -1.75 23.94 43.59
C SER G 536 -1.48 25.09 44.55
N ARG G 537 -1.53 24.84 45.87
CA ARG G 537 -1.52 25.91 46.86
C ARG G 537 -0.29 26.83 46.82
N PRO G 538 0.96 26.38 46.57
CA PRO G 538 2.10 27.29 46.52
C PRO G 538 2.05 28.27 45.34
N PHE G 539 1.46 27.87 44.21
CA PHE G 539 1.32 28.70 43.01
C PHE G 539 0.18 29.68 43.15
N TRP G 540 -0.94 29.26 43.74
CA TRP G 540 -2.07 30.13 44.08
C TRP G 540 -1.61 31.21 45.08
N GLY G 541 -0.82 30.85 46.09
CA GLY G 541 -0.14 31.80 46.99
C GLY G 541 0.81 32.76 46.31
N LEU G 542 1.58 32.36 45.30
CA LEU G 542 2.45 33.27 44.54
C LEU G 542 1.63 34.25 43.70
N VAL G 543 0.64 33.77 42.94
CA VAL G 543 -0.16 34.63 42.06
C VAL G 543 -1.03 35.56 42.88
N ALA G 544 -1.54 35.12 44.04
CA ALA G 544 -2.21 35.98 44.99
C ALA G 544 -1.27 37.02 45.60
N ALA G 545 -0.08 36.63 46.05
CA ALA G 545 0.91 37.59 46.52
C ALA G 545 1.26 38.63 45.46
N ALA G 546 1.43 38.24 44.21
CA ALA G 546 1.72 39.12 43.07
C ALA G 546 0.55 40.09 42.74
N SER G 547 -0.68 39.71 43.05
CA SER G 547 -1.87 40.48 42.71
C SER G 547 -2.35 41.39 43.84
N GLY G 548 -1.78 41.27 45.03
CA GLY G 548 -2.53 41.59 46.25
C GLY G 548 -3.68 40.60 46.43
N THR G 549 -4.48 40.74 47.48
CA THR G 549 -5.59 39.80 47.84
C THR G 549 -5.14 38.42 48.29
N LEU G 550 -3.87 38.25 48.63
CA LEU G 550 -3.35 37.10 49.38
C LEU G 550 -4.14 36.84 50.67
N GLY G 551 -4.52 37.89 51.41
CA GLY G 551 -5.33 37.78 52.62
C GLY G 551 -6.75 37.29 52.34
N GLU G 552 -7.43 37.85 51.35
CA GLU G 552 -8.75 37.41 50.92
C GLU G 552 -8.75 35.96 50.41
N VAL G 553 -7.69 35.53 49.71
CA VAL G 553 -7.50 34.12 49.35
C VAL G 553 -7.30 33.22 50.58
N ILE G 554 -6.39 33.58 51.51
CA ILE G 554 -6.20 32.81 52.74
C ILE G 554 -7.51 32.70 53.52
N LYS G 555 -8.31 33.77 53.61
CA LYS G 555 -9.64 33.74 54.24
C LYS G 555 -10.57 32.70 53.59
N ASP G 556 -10.69 32.71 52.27
CA ASP G 556 -11.52 31.75 51.53
C ASP G 556 -11.03 30.29 51.68
N ILE G 557 -9.72 30.08 51.75
CA ILE G 557 -9.10 28.77 52.02
C ILE G 557 -9.44 28.27 53.43
N ASN G 558 -9.48 29.16 54.42
CA ASN G 558 -9.71 28.81 55.83
C ASN G 558 -11.15 28.36 56.17
N LEU G 559 -12.17 28.64 55.34
CA LEU G 559 -13.53 28.09 55.53
C LEU G 559 -13.57 26.57 55.38
N MET H 1 33.52 -6.19 2.56
CA MET H 1 32.49 -7.25 2.72
C MET H 1 31.48 -7.13 1.60
N LYS H 2 31.14 -8.20 0.87
CA LYS H 2 29.95 -8.25 0.01
C LYS H 2 28.79 -8.88 0.77
N TYR H 3 27.58 -8.52 0.44
CA TYR H 3 26.36 -9.06 1.04
C TYR H 3 25.45 -9.59 -0.06
N VAL H 4 24.93 -10.81 0.10
CA VAL H 4 23.79 -11.30 -0.69
C VAL H 4 22.65 -11.49 0.29
N VAL H 5 21.50 -10.86 0.08
CA VAL H 5 20.31 -11.11 0.87
C VAL H 5 19.43 -12.06 0.09
N VAL H 6 18.98 -13.14 0.70
CA VAL H 6 18.01 -14.08 0.12
C VAL H 6 16.72 -13.88 0.87
N SER H 7 15.61 -13.68 0.17
CA SER H 7 14.47 -13.00 0.77
C SER H 7 13.12 -13.53 0.31
N GLY H 8 12.16 -13.35 1.23
CA GLY H 8 10.73 -13.20 0.98
C GLY H 8 10.04 -14.26 0.15
N GLY H 9 9.04 -13.82 -0.60
CA GLY H 9 8.30 -14.65 -1.54
C GLY H 9 6.80 -14.64 -1.29
N VAL H 10 6.11 -15.46 -2.06
CA VAL H 10 4.65 -15.62 -2.05
C VAL H 10 4.19 -16.42 -0.83
N ILE H 11 5.01 -17.38 -0.40
CA ILE H 11 4.79 -18.33 0.71
C ILE H 11 6.03 -18.41 1.59
N SER H 12 5.86 -18.83 2.85
CA SER H 12 6.93 -19.31 3.73
C SER H 12 7.39 -20.71 3.33
N GLY H 13 8.58 -21.17 3.75
CA GLY H 13 9.02 -22.54 3.43
C GLY H 13 9.21 -22.81 1.94
N ILE H 14 9.58 -21.77 1.19
CA ILE H 14 9.71 -21.80 -0.26
C ILE H 14 11.03 -22.38 -0.78
N GLY H 15 12.14 -22.23 -0.06
CA GLY H 15 13.46 -22.67 -0.54
C GLY H 15 14.62 -21.70 -0.32
N LYS H 16 14.46 -20.63 0.47
CA LYS H 16 15.52 -19.64 0.69
C LYS H 16 16.75 -20.25 1.34
N GLY H 17 16.62 -21.12 2.32
CA GLY H 17 17.73 -21.84 2.93
C GLY H 17 18.48 -22.72 1.95
N VAL H 18 17.80 -23.38 1.02
CA VAL H 18 18.45 -24.13 -0.06
C VAL H 18 19.20 -23.22 -1.02
N LEU H 19 18.62 -22.10 -1.45
CA LEU H 19 19.28 -21.20 -2.39
C LEU H 19 20.39 -20.39 -1.74
N ALA H 20 20.22 -19.94 -0.50
CA ALA H 20 21.26 -19.31 0.29
C ALA H 20 22.48 -20.22 0.47
N SER H 21 22.26 -21.48 0.81
CA SER H 21 23.34 -22.45 0.99
C SER H 21 24.00 -22.81 -0.33
N SER H 22 23.24 -22.99 -1.40
CA SER H 22 23.79 -23.21 -2.74
C SER H 22 24.60 -22.02 -3.22
N THR H 23 24.12 -20.79 -3.05
CA THR H 23 24.84 -19.57 -3.41
C THR H 23 26.16 -19.47 -2.65
N GLY H 24 26.17 -19.74 -1.35
CA GLY H 24 27.40 -19.71 -0.59
C GLY H 24 28.40 -20.77 -1.05
N MET H 25 27.93 -21.99 -1.30
CA MET H 25 28.76 -23.11 -1.79
C MET H 25 29.34 -22.77 -3.16
N LEU H 26 28.52 -22.25 -4.07
CA LEU H 26 28.94 -21.81 -5.39
C LEU H 26 29.97 -20.70 -5.33
N LEU H 27 29.75 -19.63 -4.56
CA LEU H 27 30.73 -18.54 -4.42
C LEU H 27 32.05 -19.05 -3.86
N LYS H 28 32.02 -20.00 -2.94
CA LYS H 28 33.22 -20.67 -2.42
C LYS H 28 34.04 -21.35 -3.51
N THR H 29 33.43 -21.77 -4.61
CA THR H 29 34.15 -22.32 -5.77
C THR H 29 34.87 -21.28 -6.65
N LEU H 30 34.87 -20.00 -6.26
CA LEU H 30 35.80 -18.98 -6.73
C LEU H 30 36.96 -18.71 -5.75
N GLY H 31 37.06 -19.46 -4.65
CA GLY H 31 38.09 -19.30 -3.62
C GLY H 31 37.71 -18.34 -2.48
N LEU H 32 36.58 -17.64 -2.61
CA LEU H 32 36.08 -16.65 -1.65
C LEU H 32 35.72 -17.28 -0.31
N LYS H 33 36.08 -16.64 0.81
CA LYS H 33 35.61 -17.00 2.15
C LYS H 33 34.17 -16.50 2.31
N VAL H 34 33.22 -17.37 2.63
CA VAL H 34 31.79 -17.01 2.72
C VAL H 34 31.31 -17.23 4.15
N THR H 35 30.55 -16.28 4.68
CA THR H 35 29.84 -16.40 5.95
C THR H 35 28.34 -16.26 5.72
N SER H 36 27.57 -16.49 6.77
CA SER H 36 26.12 -16.43 6.74
C SER H 36 25.55 -15.88 8.02
N ILE H 37 24.41 -15.20 7.91
CA ILE H 37 23.58 -14.77 9.02
C ILE H 37 22.17 -15.22 8.69
N LYS H 38 21.46 -15.82 9.64
CA LYS H 38 20.03 -16.02 9.55
C LYS H 38 19.36 -14.89 10.31
N ILE H 39 18.37 -14.25 9.72
CA ILE H 39 17.45 -13.38 10.43
C ILE H 39 16.16 -14.18 10.56
N ASP H 40 15.69 -14.33 11.77
CA ASP H 40 14.36 -14.86 12.04
C ASP H 40 13.48 -13.77 12.66
N PRO H 41 12.38 -13.38 12.03
CA PRO H 41 11.45 -12.40 12.60
C PRO H 41 10.67 -12.85 13.83
N TYR H 42 10.80 -14.09 14.28
CA TYR H 42 10.27 -14.54 15.56
C TYR H 42 10.95 -13.86 16.76
N MET H 43 10.26 -13.85 17.89
CA MET H 43 10.67 -13.12 19.08
C MET H 43 11.53 -13.89 20.07
N ASN H 44 11.54 -15.22 20.02
CA ASN H 44 12.38 -16.07 20.87
C ASN H 44 13.85 -15.63 20.87
N ILE H 45 14.50 -15.57 22.03
CA ILE H 45 15.93 -15.25 22.10
C ILE H 45 16.71 -16.33 21.38
N ASP H 46 16.47 -17.60 21.68
CA ASP H 46 17.07 -18.71 20.96
C ASP H 46 16.17 -19.96 21.02
N ALA H 47 16.42 -20.95 20.17
CA ALA H 47 15.53 -22.08 19.95
C ALA H 47 15.44 -23.05 21.12
N GLY H 48 16.30 -22.94 22.14
CA GLY H 48 16.44 -23.93 23.20
C GLY H 48 15.22 -24.16 24.09
N THR H 49 14.28 -23.22 24.16
CA THR H 49 12.99 -23.43 24.85
C THR H 49 11.94 -24.12 23.97
N MET H 50 11.97 -23.92 22.65
CA MET H 50 10.85 -24.28 21.77
C MET H 50 10.97 -25.68 21.19
N SER H 51 9.84 -26.38 21.19
CA SER H 51 9.77 -27.81 20.93
C SER H 51 9.92 -28.14 19.44
N PRO H 52 10.37 -29.35 19.06
CA PRO H 52 10.61 -29.71 17.65
C PRO H 52 9.38 -29.73 16.74
N LEU H 53 8.18 -29.59 17.31
CA LEU H 53 6.89 -29.54 16.60
C LEU H 53 6.69 -28.26 15.74
N GLU H 54 7.47 -27.21 15.95
CA GLU H 54 7.56 -26.04 15.05
C GLU H 54 9.01 -25.79 14.62
N HIS H 55 9.24 -25.46 13.34
CA HIS H 55 10.56 -25.19 12.75
C HIS H 55 11.59 -26.33 12.82
N GLY H 56 11.17 -27.57 13.07
CA GLY H 56 12.03 -28.74 13.10
C GLY H 56 12.95 -28.81 14.32
N GLU H 57 14.05 -29.55 14.21
CA GLU H 57 15.02 -29.71 15.30
C GLU H 57 15.71 -28.41 15.74
N CYS H 58 15.96 -28.27 17.04
CA CYS H 58 16.92 -27.30 17.54
C CYS H 58 18.34 -27.73 17.15
N PHE H 59 19.14 -26.82 16.57
CA PHE H 59 20.53 -27.08 16.19
C PHE H 59 21.47 -26.61 17.31
N VAL H 60 22.52 -27.37 17.65
CA VAL H 60 23.44 -27.01 18.74
C VAL H 60 24.79 -26.60 18.18
N LEU H 61 25.31 -25.45 18.58
CA LEU H 61 26.59 -24.87 18.15
C LEU H 61 27.74 -25.22 19.10
N ASP H 62 29.00 -24.96 18.72
CA ASP H 62 30.15 -25.15 19.61
C ASP H 62 30.07 -24.31 20.89
N ASP H 63 29.57 -23.09 20.78
CA ASP H 63 29.25 -22.17 21.89
C ASP H 63 28.33 -22.77 22.95
N GLY H 64 27.56 -23.80 22.61
CA GLY H 64 26.36 -24.19 23.35
C GLY H 64 25.12 -23.39 22.95
N GLY H 65 25.17 -22.64 21.86
CA GLY H 65 24.00 -21.97 21.31
C GLY H 65 22.99 -22.96 20.73
N GLU H 66 21.78 -22.98 21.29
CA GLU H 66 20.62 -23.72 20.78
C GLU H 66 19.87 -22.85 19.76
N THR H 67 20.11 -23.04 18.47
CA THR H 67 19.80 -22.07 17.41
C THR H 67 18.91 -22.59 16.30
N ASP H 68 18.60 -21.71 15.34
CA ASP H 68 17.73 -22.04 14.22
C ASP H 68 18.29 -23.20 13.38
N LEU H 69 17.39 -24.07 12.94
CA LEU H 69 17.67 -25.15 11.99
C LEU H 69 18.39 -24.64 10.72
N ASP H 70 18.10 -23.45 10.19
CA ASP H 70 18.86 -22.92 9.04
C ASP H 70 20.37 -22.75 9.28
N LEU H 71 20.86 -22.50 10.51
CA LEU H 71 22.31 -22.36 10.72
C LEU H 71 23.03 -23.67 10.47
N GLY H 72 22.40 -24.81 10.76
CA GLY H 72 22.95 -26.12 10.44
C GLY H 72 23.14 -26.34 8.96
N ASN H 73 22.23 -25.85 8.12
CA ASN H 73 22.33 -25.95 6.67
C ASN H 73 23.55 -25.19 6.15
N TYR H 74 23.86 -24.03 6.71
CA TYR H 74 25.04 -23.27 6.32
C TYR H 74 26.31 -23.95 6.78
N GLU H 75 26.35 -24.47 8.01
CA GLU H 75 27.53 -25.19 8.52
C GLU H 75 27.90 -26.36 7.62
N ARG H 76 26.95 -27.21 7.24
CA ARG H 76 27.21 -28.40 6.40
C ARG H 76 27.51 -28.09 4.93
N TYR H 77 26.86 -27.13 4.31
CA TYR H 77 27.14 -26.79 2.91
C TYR H 77 28.45 -26.03 2.74
N LEU H 78 28.78 -25.11 3.65
CA LEU H 78 29.91 -24.19 3.46
C LEU H 78 31.21 -24.67 4.13
N GLY H 79 31.14 -25.57 5.10
CA GLY H 79 32.31 -25.97 5.88
C GLY H 79 32.75 -24.91 6.88
N ILE H 80 31.80 -24.29 7.57
CA ILE H 80 32.00 -23.14 8.47
C ILE H 80 31.43 -23.41 9.85
N THR H 81 31.95 -22.70 10.83
CA THR H 81 31.51 -22.75 12.23
C THR H 81 30.90 -21.41 12.64
N LEU H 82 29.72 -21.43 13.25
CA LEU H 82 28.91 -20.25 13.58
C LEU H 82 28.69 -20.07 15.09
N SER H 83 28.64 -18.84 15.58
CA SER H 83 28.37 -18.47 16.97
C SER H 83 26.88 -18.22 17.18
N ARG H 84 26.40 -18.07 18.41
CA ARG H 84 25.01 -17.70 18.65
C ARG H 84 24.65 -16.30 18.13
N ASP H 85 25.61 -15.41 17.94
CA ASP H 85 25.41 -14.11 17.29
C ASP H 85 25.08 -14.15 15.80
N HIS H 86 25.39 -15.23 15.09
CA HIS H 86 25.05 -15.41 13.66
C HIS H 86 23.56 -15.64 13.40
N ASN H 87 22.77 -15.95 14.41
CA ASN H 87 21.33 -15.96 14.32
C ASN H 87 20.76 -14.67 14.93
N ILE H 88 20.37 -13.72 14.12
CA ILE H 88 19.59 -12.55 14.55
C ILE H 88 18.14 -12.96 14.75
N THR H 89 17.52 -12.51 15.83
CA THR H 89 16.07 -12.62 16.02
C THR H 89 15.51 -11.30 16.50
N THR H 90 14.21 -11.09 16.34
CA THR H 90 13.53 -9.89 16.87
C THR H 90 13.79 -9.72 18.35
N GLY H 91 13.75 -10.81 19.12
CA GLY H 91 14.04 -10.79 20.56
C GLY H 91 15.43 -10.29 20.86
N LYS H 92 16.47 -10.82 20.22
CA LYS H 92 17.85 -10.38 20.48
C LYS H 92 18.03 -8.90 20.21
N ILE H 93 17.49 -8.41 19.10
CA ILE H 93 17.73 -7.03 18.70
C ILE H 93 16.87 -6.04 19.46
N TYR H 94 15.62 -6.33 19.78
CA TYR H 94 14.87 -5.48 20.69
C TYR H 94 15.45 -5.52 22.09
N SER H 95 15.92 -6.67 22.56
CA SER H 95 16.58 -6.83 23.86
C SER H 95 17.86 -6.02 23.95
N HIS H 96 18.66 -6.01 22.89
CA HIS H 96 19.90 -5.27 22.81
C HIS H 96 19.65 -3.78 22.98
N VAL H 97 18.72 -3.17 22.25
CA VAL H 97 18.44 -1.75 22.41
C VAL H 97 17.77 -1.42 23.75
N ILE H 98 16.86 -2.25 24.26
CA ILE H 98 16.24 -2.01 25.57
C ILE H 98 17.27 -2.07 26.71
N SER H 99 18.22 -3.01 26.69
CA SER H 99 19.27 -3.10 27.72
C SER H 99 20.22 -1.91 27.69
N ARG H 100 20.49 -1.41 26.48
CA ARG H 100 21.33 -0.24 26.19
C ARG H 100 20.69 1.10 26.58
N GLU H 101 19.36 1.21 26.48
CA GLU H 101 18.58 2.34 26.99
C GLU H 101 18.59 2.46 28.51
N ARG H 102 18.28 1.39 29.25
CA ARG H 102 18.20 1.43 30.73
C ARG H 102 19.54 1.79 31.38
N ARG H 103 20.65 1.49 30.69
CA ARG H 103 22.02 1.91 31.01
C ARG H 103 22.36 3.35 30.58
N GLY H 104 21.58 3.97 29.70
CA GLY H 104 21.72 5.37 29.30
C GLY H 104 22.62 5.65 28.08
N ASP H 105 22.97 4.65 27.29
CA ASP H 105 23.90 4.81 26.15
C ASP H 105 23.35 5.62 24.95
N TYR H 106 22.07 5.96 24.95
CA TYR H 106 21.47 6.89 23.99
C TYR H 106 21.45 8.36 24.47
N LEU H 107 22.05 8.62 25.64
CA LEU H 107 22.38 9.95 26.16
C LEU H 107 21.15 10.87 26.23
N GLY H 108 20.03 10.30 26.64
CA GLY H 108 18.79 11.03 26.83
C GLY H 108 18.06 11.48 25.56
N LYS H 109 18.37 10.97 24.37
CA LYS H 109 17.46 11.06 23.21
C LYS H 109 16.30 10.06 23.33
N THR H 110 15.22 10.32 22.60
CA THR H 110 14.15 9.36 22.35
C THR H 110 14.61 8.28 21.38
N VAL H 111 14.49 7.02 21.76
CA VAL H 111 14.95 5.88 20.98
C VAL H 111 13.78 5.40 20.10
N GLN H 112 13.94 5.52 18.81
CA GLN H 112 12.91 5.26 17.80
C GLN H 112 13.24 3.98 17.03
N ILE H 113 12.27 3.21 16.52
CA ILE H 113 12.59 2.06 15.67
C ILE H 113 13.42 2.47 14.44
N VAL H 114 13.07 3.54 13.74
CA VAL H 114 13.98 4.24 12.80
C VAL H 114 14.40 5.56 13.45
N PRO H 115 15.70 5.88 13.58
CA PRO H 115 16.87 5.12 13.12
C PRO H 115 17.35 4.03 14.07
N HIS H 116 17.14 4.13 15.37
CA HIS H 116 17.94 3.44 16.39
C HIS H 116 17.91 1.93 16.33
N LEU H 117 16.74 1.28 16.29
CA LEU H 117 16.65 -0.17 16.13
C LEU H 117 17.16 -0.59 14.75
N THR H 118 16.82 0.12 13.68
CA THR H 118 17.37 -0.22 12.36
C THR H 118 18.87 0.02 12.23
N ASN H 119 19.47 0.84 13.10
CA ASN H 119 20.91 1.00 13.21
C ASN H 119 21.53 -0.09 14.05
N ALA H 120 20.86 -0.58 15.09
CA ALA H 120 21.32 -1.74 15.83
C ALA H 120 21.47 -2.97 14.91
N ILE H 121 20.51 -3.17 14.01
CA ILE H 121 20.54 -4.24 13.01
C ILE H 121 21.75 -4.10 12.08
N GLN H 122 22.04 -2.92 11.58
CA GLN H 122 23.19 -2.68 10.68
C GLN H 122 24.54 -2.71 11.42
N ASP H 123 24.60 -2.29 12.67
CA ASP H 123 25.76 -2.45 13.54
C ASP H 123 26.03 -3.93 13.84
N TRP H 124 25.00 -4.73 14.09
CA TRP H 124 25.10 -6.17 14.29
C TRP H 124 25.58 -6.88 13.02
N ILE H 125 24.98 -6.64 11.87
CA ILE H 125 25.35 -7.33 10.64
C ILE H 125 26.81 -7.05 10.27
N GLN H 126 27.31 -5.84 10.50
CA GLN H 126 28.73 -5.50 10.31
C GLN H 126 29.64 -6.10 11.39
N ARG H 127 29.28 -6.06 12.68
CA ARG H 127 30.02 -6.73 13.75
C ARG H 127 30.20 -8.21 13.43
N VAL H 128 29.11 -8.88 13.08
CA VAL H 128 29.06 -10.33 12.93
C VAL H 128 29.60 -10.82 11.60
N SER H 129 29.39 -10.13 10.49
CA SER H 129 29.93 -10.60 9.21
C SER H 129 31.45 -10.55 9.13
N LYS H 130 32.15 -9.79 9.98
CA LYS H 130 33.61 -9.83 10.10
C LYS H 130 34.17 -10.95 11.01
N ILE H 131 33.35 -11.74 11.71
CA ILE H 131 33.80 -12.83 12.62
C ILE H 131 34.44 -13.97 11.81
N PRO H 132 35.58 -14.56 12.23
CA PRO H 132 36.19 -15.72 11.55
C PRO H 132 35.35 -16.99 11.68
N VAL H 133 35.05 -17.63 10.56
CA VAL H 133 34.20 -18.84 10.50
C VAL H 133 34.88 -20.05 9.86
N ASP H 134 36.06 -19.87 9.26
CA ASP H 134 36.93 -20.90 8.67
C ASP H 134 37.94 -21.48 9.69
N ASP H 135 38.77 -22.42 9.23
CA ASP H 135 39.94 -22.93 9.95
C ASP H 135 41.09 -21.91 10.03
N THR H 136 41.03 -20.84 9.24
CA THR H 136 42.01 -19.75 9.20
C THR H 136 41.41 -18.44 9.75
N GLY H 137 42.23 -17.63 10.40
CA GLY H 137 41.86 -16.37 11.04
C GLY H 137 41.64 -15.18 10.09
N LEU H 138 41.26 -15.42 8.84
CA LEU H 138 40.85 -14.39 7.90
C LEU H 138 39.42 -13.93 8.18
N GLU H 139 39.13 -12.62 8.08
CA GLU H 139 37.73 -12.17 8.03
C GLU H 139 37.09 -12.59 6.69
N PRO H 140 35.79 -12.89 6.64
CA PRO H 140 35.12 -13.32 5.41
C PRO H 140 35.19 -12.31 4.24
N ASP H 141 34.88 -12.76 3.03
CA ASP H 141 34.76 -11.94 1.83
C ASP H 141 33.30 -11.61 1.48
N VAL H 142 32.39 -12.56 1.74
CA VAL H 142 30.95 -12.44 1.45
C VAL H 142 30.16 -12.88 2.69
N CYS H 143 29.07 -12.20 3.01
CA CYS H 143 28.04 -12.64 3.92
C CYS H 143 26.76 -12.94 3.15
N ILE H 144 26.14 -14.10 3.37
CA ILE H 144 24.77 -14.36 2.90
C ILE H 144 23.85 -14.03 4.06
N ILE H 145 22.81 -13.26 3.85
CA ILE H 145 21.77 -13.04 4.85
C ILE H 145 20.53 -13.76 4.34
N GLU H 146 20.01 -14.73 5.07
CA GLU H 146 18.68 -15.27 4.80
C GLU H 146 17.70 -14.45 5.64
N LEU H 147 16.83 -13.71 4.99
CA LEU H 147 15.75 -12.97 5.63
C LEU H 147 14.54 -13.89 5.79
N GLY H 148 14.33 -14.41 6.99
CA GLY H 148 13.21 -15.31 7.31
C GLY H 148 11.82 -14.69 7.17
N GLY H 149 10.80 -15.53 7.20
CA GLY H 149 9.40 -15.13 6.97
C GLY H 149 9.12 -14.70 5.52
N THR H 150 8.15 -13.81 5.33
CA THR H 150 7.82 -13.22 4.02
C THR H 150 7.92 -11.71 4.09
N VAL H 151 8.35 -11.05 3.02
CA VAL H 151 8.37 -9.60 2.88
C VAL H 151 6.94 -9.07 2.88
N GLY H 152 6.65 -7.99 3.60
CA GLY H 152 5.29 -7.45 3.74
C GLY H 152 4.54 -7.90 5.00
N ASP H 153 5.14 -8.74 5.84
CA ASP H 153 4.66 -9.04 7.20
C ASP H 153 5.15 -8.00 8.21
N ILE H 154 4.33 -7.65 9.21
CA ILE H 154 4.66 -6.67 10.27
C ILE H 154 5.96 -7.05 11.01
N GLU H 155 6.17 -8.31 11.34
CA GLU H 155 7.40 -8.80 11.97
C GLU H 155 8.66 -8.60 11.12
N SER H 156 8.53 -8.57 9.80
CA SER H 156 9.65 -8.33 8.87
C SER H 156 9.97 -6.84 8.72
N ALA H 157 9.06 -5.93 9.07
CA ALA H 157 9.12 -4.51 8.74
C ALA H 157 10.41 -3.79 9.19
N PRO H 158 10.85 -3.90 10.46
CA PRO H 158 12.16 -3.39 10.87
C PRO H 158 13.36 -4.00 10.14
N PHE H 159 13.34 -5.27 9.74
CA PHE H 159 14.47 -5.90 9.05
C PHE H 159 14.57 -5.48 7.58
N VAL H 160 13.47 -5.41 6.84
CA VAL H 160 13.51 -4.85 5.49
C VAL H 160 13.86 -3.37 5.49
N GLU H 161 13.43 -2.59 6.48
CA GLU H 161 13.83 -1.19 6.60
C GLU H 161 15.31 -1.03 6.92
N ALA H 162 15.86 -1.84 7.81
CA ALA H 162 17.30 -1.89 8.01
C ALA H 162 18.05 -2.29 6.74
N LEU H 163 17.56 -3.24 5.94
CA LEU H 163 18.22 -3.66 4.71
C LEU H 163 18.12 -2.61 3.60
N ARG H 164 17.00 -1.90 3.50
CA ARG H 164 16.84 -0.72 2.65
C ARG H 164 17.91 0.32 2.95
N GLN H 165 18.19 0.61 4.22
CA GLN H 165 19.26 1.52 4.61
C GLN H 165 20.64 0.89 4.41
N PHE H 166 20.80 -0.39 4.68
CA PHE H 166 22.09 -1.06 4.54
C PHE H 166 22.58 -1.08 3.10
N GLN H 167 21.67 -1.15 2.13
CA GLN H 167 21.98 -1.03 0.71
C GLN H 167 22.71 0.28 0.35
N PHE H 168 22.61 1.31 1.19
CA PHE H 168 23.25 2.62 1.01
C PHE H 168 24.32 2.96 2.03
N GLU H 169 24.19 2.50 3.27
CA GLU H 169 25.23 2.66 4.30
C GLU H 169 26.48 1.88 3.92
N VAL H 170 26.30 0.73 3.28
CA VAL H 170 27.31 0.03 2.49
C VAL H 170 27.11 0.41 1.02
N GLY H 171 28.15 0.42 0.19
CA GLY H 171 27.97 0.84 -1.21
C GLY H 171 27.11 -0.13 -2.03
N ARG H 172 26.53 0.32 -3.14
CA ARG H 172 26.11 -0.60 -4.21
C ARG H 172 27.34 -1.38 -4.71
N GLU H 173 27.13 -2.52 -5.37
CA GLU H 173 28.19 -3.47 -5.74
C GLU H 173 28.94 -4.09 -4.56
N ASN H 174 28.56 -3.77 -3.32
CA ASN H 174 28.79 -4.57 -2.11
C ASN H 174 27.50 -5.24 -1.62
N PHE H 175 26.35 -5.07 -2.27
CA PHE H 175 25.05 -5.59 -1.86
C PHE H 175 24.28 -6.10 -3.05
N ALA H 176 23.69 -7.30 -2.97
CA ALA H 176 22.72 -7.82 -3.93
C ALA H 176 21.56 -8.52 -3.22
N LEU H 177 20.37 -8.48 -3.78
CA LEU H 177 19.17 -9.13 -3.27
C LEU H 177 18.69 -10.20 -4.24
N ILE H 178 18.52 -11.42 -3.76
CA ILE H 178 17.86 -12.51 -4.45
C ILE H 178 16.49 -12.64 -3.83
N HIS H 179 15.44 -12.62 -4.63
CA HIS H 179 14.09 -12.83 -4.15
C HIS H 179 13.60 -14.17 -4.63
N VAL H 180 13.19 -15.06 -3.72
CA VAL H 180 12.63 -16.35 -4.10
C VAL H 180 11.11 -16.20 -4.23
N SER H 181 10.50 -16.78 -5.25
CA SER H 181 9.10 -16.58 -5.57
C SER H 181 8.44 -17.85 -6.08
N LEU H 182 7.11 -17.97 -5.99
CA LEU H 182 6.35 -19.13 -6.44
C LEU H 182 5.65 -18.82 -7.77
N VAL H 183 5.82 -19.69 -8.75
CA VAL H 183 4.98 -19.74 -9.95
C VAL H 183 4.05 -20.95 -9.83
N PRO H 184 2.76 -20.76 -9.49
CA PRO H 184 1.77 -21.84 -9.55
C PRO H 184 1.60 -22.32 -10.99
N VAL H 185 1.26 -23.58 -11.18
CA VAL H 185 0.81 -24.13 -12.46
C VAL H 185 -0.59 -24.71 -12.30
N ILE H 186 -1.55 -24.14 -13.04
CA ILE H 186 -2.99 -24.36 -12.89
C ILE H 186 -3.59 -24.66 -14.27
N HIS H 187 -4.19 -25.82 -14.45
CA HIS H 187 -4.74 -26.31 -15.74
C HIS H 187 -3.74 -26.27 -16.89
N GLY H 188 -2.48 -26.61 -16.58
CA GLY H 188 -1.38 -26.61 -17.54
C GLY H 188 -0.82 -25.23 -17.89
N GLU H 189 -1.15 -24.19 -17.14
CA GLU H 189 -0.64 -22.83 -17.37
C GLU H 189 0.12 -22.32 -16.14
N GLN H 190 1.34 -21.82 -16.36
CA GLN H 190 2.21 -21.25 -15.33
C GLN H 190 1.82 -19.80 -15.07
N LYS H 191 1.40 -19.45 -13.86
CA LYS H 191 0.77 -18.17 -13.51
C LYS H 191 1.77 -17.18 -12.93
N THR H 192 1.86 -15.98 -13.52
CA THR H 192 2.82 -14.95 -13.10
C THR H 192 2.30 -13.92 -12.10
N LYS H 193 1.00 -13.69 -11.93
CA LYS H 193 0.51 -12.64 -11.03
C LYS H 193 0.89 -12.75 -9.54
N PRO H 194 1.19 -13.92 -8.95
CA PRO H 194 1.69 -13.97 -7.58
C PRO H 194 3.10 -13.41 -7.46
N THR H 195 3.97 -13.70 -8.42
CA THR H 195 5.32 -13.13 -8.42
C THR H 195 5.31 -11.63 -8.73
N GLN H 196 4.40 -11.13 -9.56
CA GLN H 196 4.25 -9.68 -9.81
C GLN H 196 3.81 -8.92 -8.54
N ALA H 197 2.84 -9.44 -7.79
CA ALA H 197 2.42 -8.85 -6.53
C ALA H 197 3.53 -8.86 -5.46
N ALA H 198 4.46 -9.82 -5.50
CA ALA H 198 5.63 -9.84 -4.64
C ALA H 198 6.69 -8.81 -5.03
N ILE H 199 6.85 -8.47 -6.33
CA ILE H 199 7.76 -7.39 -6.74
C ILE H 199 7.21 -6.03 -6.33
N LYS H 200 5.88 -5.83 -6.39
CA LYS H 200 5.23 -4.62 -5.85
C LYS H 200 5.48 -4.42 -4.36
N ASP H 201 5.43 -5.46 -3.52
CA ASP H 201 5.79 -5.33 -2.10
C ASP H 201 7.25 -4.93 -1.89
N LEU H 202 8.21 -5.49 -2.62
CA LEU H 202 9.58 -5.02 -2.56
C LEU H 202 9.72 -3.55 -2.96
N ARG H 203 9.11 -3.09 -4.05
CA ARG H 203 9.14 -1.67 -4.45
C ARG H 203 8.50 -0.79 -3.39
N SER H 204 7.33 -1.16 -2.88
CA SER H 204 6.66 -0.48 -1.78
C SER H 204 7.58 -0.28 -0.58
N LEU H 205 8.31 -1.33 -0.20
CA LEU H 205 9.28 -1.33 0.88
C LEU H 205 10.67 -0.78 0.49
N GLY H 206 10.87 -0.34 -0.75
CA GLY H 206 12.08 0.36 -1.19
C GLY H 206 13.28 -0.52 -1.52
N LEU H 207 13.06 -1.77 -1.92
CA LEU H 207 14.09 -2.70 -2.37
C LEU H 207 13.84 -3.13 -3.81
N ILE H 208 14.90 -3.31 -4.59
CA ILE H 208 14.87 -3.91 -5.93
C ILE H 208 15.66 -5.23 -5.89
N PRO H 209 15.13 -6.33 -6.45
CA PRO H 209 15.85 -7.59 -6.52
C PRO H 209 16.75 -7.68 -7.75
N ASP H 210 17.94 -8.26 -7.59
CA ASP H 210 18.93 -8.47 -8.64
C ASP H 210 18.72 -9.79 -9.38
N MET H 211 18.31 -10.83 -8.66
CA MET H 211 17.79 -12.08 -9.20
C MET H 211 16.34 -12.25 -8.76
N ILE H 212 15.50 -12.82 -9.61
CA ILE H 212 14.29 -13.51 -9.17
C ILE H 212 14.59 -15.01 -9.25
N ALA H 213 14.47 -15.75 -8.18
CA ALA H 213 14.48 -17.20 -8.21
C ALA H 213 13.05 -17.71 -8.20
N CYS H 214 12.61 -18.35 -9.28
CA CYS H 214 11.24 -18.84 -9.39
C CYS H 214 11.16 -20.32 -9.10
N ARG H 215 10.38 -20.67 -8.10
CA ARG H 215 10.11 -22.02 -7.63
C ARG H 215 8.82 -22.49 -8.27
N CYS H 216 8.84 -23.65 -8.89
CA CYS H 216 7.76 -24.15 -9.72
C CYS H 216 7.74 -25.69 -9.74
N SER H 217 6.56 -26.31 -9.89
CA SER H 217 6.44 -27.71 -10.27
C SER H 217 6.84 -28.21 -11.66
N GLU H 218 7.34 -27.32 -12.53
CA GLU H 218 7.80 -27.59 -13.89
C GLU H 218 9.04 -26.75 -14.17
N GLU H 219 9.80 -27.07 -15.21
CA GLU H 219 10.70 -26.08 -15.81
C GLU H 219 9.89 -24.85 -16.24
N LEU H 220 10.36 -23.63 -16.01
CA LEU H 220 9.67 -22.46 -16.54
C LEU H 220 9.68 -22.47 -18.07
N ASN H 221 8.54 -22.17 -18.69
CA ASN H 221 8.48 -21.87 -20.12
C ASN H 221 9.22 -20.56 -20.41
N ARG H 222 9.89 -20.43 -21.56
CA ARG H 222 10.63 -19.18 -21.88
C ARG H 222 9.72 -17.97 -22.07
N SER H 223 8.46 -18.16 -22.43
CA SER H 223 7.43 -17.12 -22.42
C SER H 223 7.08 -16.64 -21.01
N THR H 224 7.11 -17.52 -20.01
CA THR H 224 6.90 -17.18 -18.59
C THR H 224 8.08 -16.37 -18.06
N ILE H 225 9.30 -16.77 -18.42
CA ILE H 225 10.52 -16.03 -18.09
C ILE H 225 10.48 -14.63 -18.72
N ASP H 226 10.18 -14.52 -20.01
CA ASP H 226 10.03 -13.23 -20.67
C ASP H 226 9.02 -12.33 -19.95
N LYS H 227 7.88 -12.87 -19.55
CA LYS H 227 6.86 -12.11 -18.82
C LYS H 227 7.34 -11.60 -17.46
N ILE H 228 8.03 -12.43 -16.68
CA ILE H 228 8.58 -12.00 -15.39
C ILE H 228 9.62 -10.91 -15.62
N ALA H 229 10.44 -11.04 -16.66
CA ALA H 229 11.43 -10.06 -17.08
C ALA H 229 10.85 -8.78 -17.72
N MET H 230 9.55 -8.74 -18.05
CA MET H 230 8.85 -7.53 -18.47
C MET H 230 8.34 -6.75 -17.25
N PHE H 231 7.67 -7.42 -16.31
CA PHE H 231 7.08 -6.76 -15.14
C PHE H 231 8.13 -6.29 -14.14
N CYS H 232 9.06 -7.16 -13.77
CA CYS H 232 10.26 -6.76 -13.04
C CYS H 232 11.28 -6.13 -14.02
N HIS H 233 11.96 -5.03 -13.68
CA HIS H 233 12.92 -4.42 -14.62
C HIS H 233 14.30 -5.09 -14.56
N VAL H 234 14.37 -6.32 -15.10
CA VAL H 234 15.53 -7.22 -15.11
C VAL H 234 15.60 -7.97 -16.44
N GLY H 235 16.79 -8.38 -16.89
CA GLY H 235 16.92 -9.17 -18.12
C GLY H 235 16.45 -10.61 -17.97
N PRO H 236 16.31 -11.41 -19.05
CA PRO H 236 15.98 -12.83 -18.96
C PRO H 236 17.00 -13.67 -18.19
N GLU H 237 18.25 -13.24 -18.20
CA GLU H 237 19.39 -13.88 -17.57
C GLU H 237 19.40 -13.74 -16.04
N GLN H 238 18.45 -12.98 -15.49
CA GLN H 238 18.27 -12.68 -14.07
C GLN H 238 17.04 -13.34 -13.45
N VAL H 239 16.25 -14.08 -14.21
CA VAL H 239 15.27 -15.02 -13.65
C VAL H 239 15.90 -16.40 -13.71
N VAL H 240 16.16 -17.01 -12.55
CA VAL H 240 16.61 -18.39 -12.44
C VAL H 240 15.42 -19.30 -12.17
N ASN H 241 15.36 -20.37 -12.93
CA ASN H 241 14.34 -21.39 -12.90
C ASN H 241 14.77 -22.46 -11.90
N VAL H 242 14.16 -22.48 -10.71
CA VAL H 242 14.53 -23.37 -9.59
C VAL H 242 13.40 -24.39 -9.36
N HIS H 243 13.18 -25.28 -10.31
CA HIS H 243 12.09 -26.26 -10.25
C HIS H 243 12.28 -27.29 -9.13
N ASP H 244 11.21 -28.02 -8.83
CA ASP H 244 11.22 -29.11 -7.87
C ASP H 244 12.10 -30.28 -8.33
N VAL H 245 13.17 -30.56 -7.59
CA VAL H 245 14.10 -31.67 -7.84
C VAL H 245 14.10 -32.65 -6.67
N ASN H 246 14.28 -33.94 -6.94
CA ASN H 246 14.27 -35.00 -5.92
C ASN H 246 15.40 -34.87 -4.85
N SER H 247 16.52 -34.25 -5.17
CA SER H 247 17.73 -34.11 -4.34
C SER H 247 18.21 -32.66 -4.28
N THR H 248 18.54 -32.13 -3.11
CA THR H 248 19.05 -30.76 -2.98
C THR H 248 20.55 -30.62 -3.23
N TYR H 249 21.32 -31.71 -3.27
CA TYR H 249 22.72 -31.69 -3.71
C TYR H 249 22.86 -31.31 -5.19
N HIS H 250 21.78 -31.42 -5.96
CA HIS H 250 21.75 -31.00 -7.35
C HIS H 250 21.53 -29.50 -7.54
N VAL H 251 20.89 -28.82 -6.59
CA VAL H 251 20.56 -27.40 -6.74
C VAL H 251 21.76 -26.49 -7.00
N PRO H 252 22.95 -26.65 -6.40
CA PRO H 252 24.11 -25.88 -6.83
C PRO H 252 24.47 -26.04 -8.31
N LEU H 253 24.39 -27.26 -8.85
CA LEU H 253 24.70 -27.49 -10.24
C LEU H 253 23.59 -27.01 -11.17
N LEU H 254 22.35 -26.83 -10.71
CA LEU H 254 21.31 -26.10 -11.45
C LEU H 254 21.68 -24.63 -11.65
N LEU H 255 22.09 -23.96 -10.57
CA LEU H 255 22.36 -22.53 -10.61
C LEU H 255 23.69 -22.24 -11.31
N LEU H 256 24.66 -23.15 -11.25
CA LEU H 256 25.86 -23.08 -12.07
C LEU H 256 25.54 -23.19 -13.59
N LYS H 257 24.67 -24.11 -14.00
CA LYS H 257 24.14 -24.16 -15.37
C LYS H 257 23.42 -22.89 -15.82
N GLN H 258 22.86 -22.11 -14.88
CA GLN H 258 22.08 -20.90 -15.14
C GLN H 258 22.87 -19.60 -14.95
N HIS H 259 24.20 -19.65 -15.02
CA HIS H 259 25.06 -18.45 -15.03
C HIS H 259 24.99 -17.58 -13.78
N MET H 260 24.50 -18.09 -12.65
CA MET H 260 24.27 -17.24 -11.47
C MET H 260 25.57 -16.78 -10.80
N ILE H 261 26.62 -17.60 -10.78
CA ILE H 261 27.97 -17.11 -10.46
C ILE H 261 28.39 -16.03 -11.45
N ASP H 262 28.25 -16.27 -12.75
CA ASP H 262 28.72 -15.37 -13.78
C ASP H 262 28.02 -14.01 -13.69
N TYR H 263 26.74 -13.99 -13.35
CA TYR H 263 26.00 -12.76 -13.09
C TYR H 263 26.50 -12.05 -11.84
N LEU H 264 26.50 -12.73 -10.70
CA LEU H 264 26.93 -12.17 -9.41
C LEU H 264 28.38 -11.69 -9.44
N HIS H 265 29.26 -12.31 -10.22
CA HIS H 265 30.64 -11.87 -10.40
C HIS H 265 30.76 -10.48 -11.08
N SER H 266 29.82 -10.15 -11.97
CA SER H 266 29.69 -8.83 -12.63
C SER H 266 28.80 -7.83 -11.87
N ARG H 267 27.83 -8.32 -11.09
CA ARG H 267 26.97 -7.50 -10.20
C ARG H 267 27.62 -7.10 -8.87
N LEU H 268 28.55 -7.89 -8.35
CA LEU H 268 29.22 -7.67 -7.07
C LEU H 268 30.73 -7.42 -7.23
N LYS H 269 31.25 -7.31 -8.45
CA LYS H 269 32.68 -7.08 -8.74
C LYS H 269 33.59 -8.06 -7.99
N LEU H 270 33.25 -9.35 -8.02
CA LEU H 270 33.90 -10.34 -7.18
C LEU H 270 35.32 -10.68 -7.66
N GLY H 271 35.64 -10.40 -8.93
CA GLY H 271 36.99 -10.52 -9.48
C GLY H 271 37.98 -9.48 -8.96
N GLU H 272 37.49 -8.45 -8.27
CA GLU H 272 38.28 -7.38 -7.68
C GLU H 272 38.55 -7.62 -6.20
N VAL H 273 38.02 -8.68 -5.59
CA VAL H 273 38.47 -9.16 -4.27
C VAL H 273 39.85 -9.81 -4.44
N PRO H 274 40.87 -9.47 -3.62
CA PRO H 274 42.18 -10.09 -3.71
C PRO H 274 42.09 -11.57 -3.34
N LEU H 275 42.61 -12.45 -4.19
CA LEU H 275 42.78 -13.88 -3.94
C LEU H 275 44.07 -14.37 -4.60
N THR H 276 44.69 -15.39 -4.03
CA THR H 276 45.86 -16.08 -4.59
C THR H 276 45.44 -17.16 -5.61
N LEU H 277 46.39 -17.71 -6.38
CA LEU H 277 46.14 -18.96 -7.12
C LEU H 277 45.86 -20.16 -6.18
N GLU H 278 46.40 -20.18 -4.96
CA GLU H 278 46.06 -21.23 -3.99
C GLU H 278 44.56 -21.22 -3.68
N ASP H 279 43.98 -20.04 -3.41
CA ASP H 279 42.55 -19.87 -3.22
C ASP H 279 41.74 -20.30 -4.45
N LYS H 280 42.24 -20.05 -5.67
CA LYS H 280 41.56 -20.44 -6.90
C LYS H 280 41.72 -21.92 -7.29
N GLU H 281 42.68 -22.66 -6.76
CA GLU H 281 42.70 -24.14 -6.85
C GLU H 281 41.72 -24.75 -5.87
N ARG H 282 41.69 -24.26 -4.61
CA ARG H 282 40.77 -24.75 -3.58
C ARG H 282 39.30 -24.62 -4.00
N GLY H 283 38.94 -23.55 -4.68
CA GLY H 283 37.59 -23.35 -5.18
C GLY H 283 37.12 -24.42 -6.17
N SER H 284 37.87 -24.69 -7.24
CA SER H 284 37.50 -25.73 -8.22
C SER H 284 37.72 -27.16 -7.69
N GLN H 285 38.60 -27.36 -6.70
CA GLN H 285 38.73 -28.61 -5.96
C GLN H 285 37.48 -28.93 -5.13
N LEU H 286 36.85 -27.94 -4.49
CA LEU H 286 35.50 -28.12 -3.95
C LEU H 286 34.45 -28.36 -5.02
N LEU H 287 34.51 -27.68 -6.18
CA LEU H 287 33.52 -27.88 -7.24
C LEU H 287 33.57 -29.30 -7.79
N THR H 288 34.75 -29.78 -8.16
CA THR H 288 34.92 -31.15 -8.66
C THR H 288 34.56 -32.20 -7.61
N ASN H 289 34.85 -31.99 -6.31
CA ASN H 289 34.31 -32.84 -5.24
C ASN H 289 32.76 -32.83 -5.18
N TRP H 290 32.10 -31.72 -5.47
CA TRP H 290 30.63 -31.67 -5.54
C TRP H 290 30.08 -32.43 -6.76
N GLU H 291 30.68 -32.23 -7.93
CA GLU H 291 30.34 -32.99 -9.14
C GLU H 291 30.60 -34.48 -8.96
N ASN H 292 31.66 -34.88 -8.24
CA ASN H 292 31.88 -36.28 -7.89
C ASN H 292 30.73 -36.82 -7.03
N MET H 293 30.45 -36.23 -5.86
CA MET H 293 29.41 -36.78 -5.00
C MET H 293 28.01 -36.76 -5.64
N THR H 294 27.70 -35.82 -6.53
CA THR H 294 26.43 -35.80 -7.26
C THR H 294 26.37 -36.80 -8.41
N LYS H 295 27.48 -37.07 -9.10
CA LYS H 295 27.57 -38.18 -10.03
C LYS H 295 27.41 -39.52 -9.30
N ASN H 296 28.13 -39.74 -8.21
CA ASN H 296 28.02 -40.94 -7.36
C ASN H 296 26.65 -41.10 -6.68
N LEU H 297 25.85 -40.04 -6.58
CA LEU H 297 24.45 -40.09 -6.17
C LEU H 297 23.53 -40.62 -7.28
N ASP H 298 23.79 -40.25 -8.53
CA ASP H 298 22.94 -40.60 -9.68
C ASP H 298 23.18 -42.01 -10.25
N ASP H 299 24.42 -42.50 -10.27
CA ASP H 299 24.74 -43.80 -10.85
C ASP H 299 24.85 -44.94 -9.81
N SER H 300 24.80 -44.62 -8.51
CA SER H 300 24.58 -45.60 -7.45
C SER H 300 23.19 -46.24 -7.54
N ASP H 301 23.08 -47.49 -7.14
CA ASP H 301 21.91 -48.35 -7.33
C ASP H 301 21.65 -49.25 -6.13
N ASP H 302 22.67 -49.85 -5.54
CA ASP H 302 22.50 -50.77 -4.42
C ASP H 302 21.98 -50.04 -3.17
N VAL H 303 20.87 -50.49 -2.59
CA VAL H 303 20.19 -49.85 -1.45
C VAL H 303 20.79 -50.29 -0.11
N VAL H 304 20.74 -49.42 0.90
CA VAL H 304 20.85 -49.78 2.32
C VAL H 304 19.69 -49.18 3.12
N LYS H 305 19.08 -49.97 4.00
CA LYS H 305 17.92 -49.55 4.79
C LYS H 305 18.28 -49.35 6.24
N ILE H 306 18.06 -48.16 6.79
CA ILE H 306 18.32 -47.83 8.20
C ILE H 306 17.00 -47.53 8.89
N ALA H 307 16.68 -48.21 9.97
CA ALA H 307 15.58 -47.84 10.83
C ALA H 307 15.99 -46.67 11.71
N LEU H 308 15.29 -45.55 11.63
CA LEU H 308 15.39 -44.47 12.60
C LEU H 308 14.21 -44.63 13.56
N VAL H 309 14.52 -44.97 14.82
CA VAL H 309 13.55 -45.34 15.84
C VAL H 309 13.34 -44.16 16.79
N GLY H 310 12.19 -43.53 16.80
CA GLY H 310 11.98 -42.30 17.58
C GLY H 310 10.52 -41.97 17.82
N LYS H 311 10.19 -40.74 18.25
CA LYS H 311 8.80 -40.23 18.24
C LYS H 311 8.59 -39.19 17.15
N TYR H 312 7.34 -38.96 16.77
CA TYR H 312 6.94 -37.92 15.82
C TYR H 312 7.68 -38.03 14.48
N THR H 313 7.85 -39.26 13.99
CA THR H 313 8.64 -39.53 12.77
C THR H 313 7.92 -39.10 11.50
N ASN H 314 6.69 -38.60 11.60
CA ASN H 314 5.90 -37.98 10.56
C ASN H 314 6.36 -36.54 10.24
N LEU H 315 6.88 -35.79 11.22
CA LEU H 315 7.54 -34.50 11.04
C LEU H 315 9.03 -34.75 10.79
N LYS H 316 9.40 -35.14 9.56
CA LYS H 316 10.78 -35.56 9.19
C LYS H 316 11.86 -34.48 9.43
N ASP H 317 11.45 -33.22 9.49
CA ASP H 317 12.27 -32.06 9.86
C ASP H 317 12.71 -32.06 11.34
N SER H 318 12.02 -32.77 12.24
CA SER H 318 12.43 -33.00 13.63
C SER H 318 13.72 -33.81 13.77
N TYR H 319 14.24 -34.35 12.66
CA TYR H 319 15.44 -35.16 12.57
C TYR H 319 16.33 -34.69 11.44
N LEU H 320 16.28 -33.42 11.05
CA LEU H 320 16.92 -32.96 9.84
C LEU H 320 18.42 -33.23 9.82
N SER H 321 19.15 -32.99 10.91
CA SER H 321 20.59 -33.20 10.97
C SER H 321 20.96 -34.67 10.99
N VAL H 322 20.16 -35.50 11.67
CA VAL H 322 20.29 -36.96 11.65
C VAL H 322 20.15 -37.48 10.23
N THR H 323 19.13 -37.02 9.52
CA THR H 323 18.83 -37.39 8.15
C THR H 323 19.97 -37.03 7.24
N LYS H 324 20.45 -35.79 7.27
CA LYS H 324 21.60 -35.37 6.46
C LYS H 324 22.85 -36.17 6.79
N SER H 325 23.08 -36.49 8.06
CA SER H 325 24.23 -37.28 8.48
C SER H 325 24.19 -38.74 8.02
N LEU H 326 23.00 -39.36 7.93
CA LEU H 326 22.82 -40.66 7.28
C LEU H 326 23.02 -40.58 5.77
N GLU H 327 22.55 -39.52 5.13
CA GLU H 327 22.83 -39.26 3.73
C GLU H 327 24.31 -39.10 3.43
N HIS H 328 25.07 -38.33 4.21
CA HIS H 328 26.49 -38.15 3.93
C HIS H 328 27.23 -39.49 4.07
N ALA H 329 26.86 -40.33 5.03
CA ALA H 329 27.43 -41.66 5.20
C ALA H 329 27.13 -42.56 4.01
N SER H 330 25.86 -42.60 3.59
CA SER H 330 25.39 -43.27 2.38
C SER H 330 26.14 -42.84 1.14
N MET H 331 26.33 -41.54 0.92
CA MET H 331 27.06 -41.03 -0.25
C MET H 331 28.53 -41.45 -0.27
N LYS H 332 29.19 -41.52 0.88
CA LYS H 332 30.58 -42.01 1.01
C LYS H 332 30.71 -43.53 0.85
N CYS H 333 29.68 -44.29 1.20
CA CYS H 333 29.59 -45.74 0.91
C CYS H 333 29.12 -46.07 -0.51
N ARG H 334 28.61 -45.10 -1.27
CA ARG H 334 28.03 -45.24 -2.62
C ARG H 334 26.86 -46.21 -2.69
N ARG H 335 26.00 -46.21 -1.67
CA ARG H 335 24.74 -46.97 -1.61
C ARG H 335 23.56 -46.06 -1.34
N GLN H 336 22.44 -46.28 -2.01
CA GLN H 336 21.23 -45.48 -1.89
C GLN H 336 20.60 -45.66 -0.52
N LEU H 337 20.40 -44.59 0.22
CA LEU H 337 19.80 -44.65 1.55
C LEU H 337 18.28 -44.73 1.43
N GLU H 338 17.67 -45.68 2.10
CA GLU H 338 16.29 -45.57 2.52
C GLU H 338 16.25 -45.47 4.05
N ILE H 339 15.74 -44.37 4.60
CA ILE H 339 15.36 -44.32 6.00
C ILE H 339 14.00 -44.98 6.13
N LEU H 340 13.92 -45.96 7.02
CA LEU H 340 12.69 -46.53 7.50
C LEU H 340 12.35 -45.76 8.78
N TRP H 341 11.26 -45.00 8.77
CA TRP H 341 10.84 -44.19 9.92
C TRP H 341 9.97 -45.02 10.85
N VAL H 342 10.45 -45.31 12.05
CA VAL H 342 9.83 -46.24 13.00
C VAL H 342 9.40 -45.48 14.25
N GLU H 343 8.10 -45.36 14.54
CA GLU H 343 7.66 -44.79 15.81
C GLU H 343 7.86 -45.80 16.94
N ALA H 344 8.71 -45.49 17.91
CA ALA H 344 9.09 -46.41 18.97
C ALA H 344 7.89 -46.88 19.83
N SER H 345 6.93 -46.00 20.12
CA SER H 345 5.72 -46.39 20.85
C SER H 345 4.92 -47.48 20.12
N ASN H 346 4.88 -47.47 18.79
CA ASN H 346 4.19 -48.50 18.01
C ASN H 346 4.84 -49.89 18.11
N LEU H 347 6.15 -49.97 18.44
CA LEU H 347 6.84 -51.23 18.72
C LEU H 347 6.36 -51.89 20.02
N GLU H 348 5.76 -51.14 20.96
CA GLU H 348 5.28 -51.71 22.22
C GLU H 348 4.05 -52.60 22.00
N PRO H 349 3.95 -53.77 22.70
CA PRO H 349 2.88 -54.74 22.48
C PRO H 349 1.48 -54.18 22.64
N GLU H 350 1.27 -53.21 23.53
CA GLU H 350 -0.04 -52.59 23.77
C GLU H 350 -0.62 -51.95 22.50
N THR H 351 0.21 -51.53 21.57
CA THR H 351 -0.23 -51.04 20.26
C THR H 351 -1.05 -52.08 19.50
N GLN H 352 -0.75 -53.36 19.66
CA GLN H 352 -1.51 -54.46 19.07
C GLN H 352 -2.93 -54.59 19.67
N GLU H 353 -3.18 -54.02 20.85
CA GLU H 353 -4.53 -53.86 21.39
C GLU H 353 -5.22 -52.60 20.84
N VAL H 354 -4.44 -51.54 20.60
CA VAL H 354 -4.93 -50.22 20.16
C VAL H 354 -5.22 -50.17 18.65
N ASP H 355 -4.26 -50.56 17.81
CA ASP H 355 -4.36 -50.64 16.35
C ASP H 355 -3.31 -51.60 15.77
N LYS H 356 -3.75 -52.77 15.30
CA LYS H 356 -2.86 -53.82 14.82
C LYS H 356 -2.08 -53.41 13.58
N ASN H 357 -2.64 -52.57 12.72
CA ASN H 357 -1.96 -52.04 11.54
C ASN H 357 -0.65 -51.31 11.90
N LYS H 358 -0.66 -50.45 12.91
CA LYS H 358 0.52 -49.71 13.40
C LYS H 358 1.55 -50.62 14.07
N PHE H 359 1.11 -51.63 14.82
CA PHE H 359 2.03 -52.57 15.46
C PHE H 359 2.83 -53.34 14.42
N HIS H 360 2.16 -53.98 13.47
CA HIS H 360 2.84 -54.78 12.46
C HIS H 360 3.68 -53.94 11.50
N ASP H 361 3.25 -52.76 11.03
CA ASP H 361 4.10 -51.94 10.15
C ASP H 361 5.40 -51.51 10.82
N SER H 362 5.38 -51.21 12.12
CA SER H 362 6.60 -50.90 12.87
C SER H 362 7.58 -52.08 12.91
N TRP H 363 7.11 -53.29 13.22
CA TRP H 363 7.97 -54.47 13.32
C TRP H 363 8.36 -55.04 11.95
N ASN H 364 7.51 -54.88 10.96
CA ASN H 364 7.81 -55.07 9.54
C ASN H 364 9.01 -54.21 9.12
N LYS H 365 9.01 -52.90 9.45
CA LYS H 365 10.16 -52.02 9.20
C LYS H 365 11.39 -52.41 10.03
N LEU H 366 11.26 -52.63 11.33
CA LEU H 366 12.43 -52.94 12.16
C LEU H 366 13.13 -54.26 11.77
N SER H 367 12.37 -55.26 11.32
CA SER H 367 12.92 -56.52 10.77
C SER H 367 13.59 -56.36 9.42
N SER H 368 13.12 -55.39 8.63
CA SER H 368 13.62 -55.08 7.29
C SER H 368 14.97 -54.34 7.30
N ALA H 369 15.29 -53.69 8.42
CA ALA H 369 16.43 -52.80 8.57
C ALA H 369 17.79 -53.51 8.51
N ASP H 370 18.71 -53.00 7.68
CA ASP H 370 20.11 -53.40 7.63
C ASP H 370 20.94 -52.78 8.76
N GLY H 371 20.46 -51.69 9.36
CA GLY H 371 21.01 -51.03 10.53
C GLY H 371 19.95 -50.26 11.27
N ILE H 372 20.19 -49.93 12.54
CA ILE H 372 19.27 -49.22 13.42
C ILE H 372 19.96 -47.99 13.98
N LEU H 373 19.26 -46.87 14.00
CA LEU H 373 19.62 -45.67 14.72
C LEU H 373 18.56 -45.36 15.78
N VAL H 374 18.97 -45.20 17.02
CA VAL H 374 18.18 -44.48 18.03
C VAL H 374 18.75 -43.06 18.08
N PRO H 375 17.99 -42.03 17.64
CA PRO H 375 18.53 -40.79 17.09
C PRO H 375 18.91 -39.69 18.07
N GLY H 376 18.58 -39.84 19.36
CA GLY H 376 18.73 -38.76 20.33
C GLY H 376 17.51 -37.83 20.37
N GLY H 377 16.37 -38.38 20.77
CA GLY H 377 15.11 -37.67 20.92
C GLY H 377 14.99 -36.83 22.19
N PHE H 378 13.76 -36.50 22.52
CA PHE H 378 13.35 -35.50 23.52
C PHE H 378 12.05 -35.96 24.21
N GLY H 379 12.00 -35.95 25.54
CA GLY H 379 10.84 -36.40 26.33
C GLY H 379 10.69 -37.92 26.40
N THR H 380 10.71 -38.50 27.59
CA THR H 380 10.91 -39.94 27.86
C THR H 380 9.80 -40.90 27.42
N ARG H 381 8.69 -40.42 26.88
CA ARG H 381 7.44 -41.20 26.66
C ARG H 381 7.57 -42.45 25.76
N GLY H 382 8.61 -42.56 24.92
CA GLY H 382 8.81 -43.67 23.98
C GLY H 382 9.84 -44.73 24.41
N ILE H 383 10.46 -44.60 25.58
CA ILE H 383 11.63 -45.39 25.99
C ILE H 383 11.37 -46.89 26.02
N GLU H 384 10.21 -47.34 26.51
CA GLU H 384 9.90 -48.78 26.60
C GLU H 384 9.81 -49.43 25.22
N GLY H 385 9.45 -48.68 24.18
CA GLY H 385 9.55 -49.09 22.78
C GLY H 385 10.99 -49.16 22.28
N MET H 386 11.81 -48.14 22.55
CA MET H 386 13.21 -48.15 22.14
C MET H 386 14.04 -49.23 22.82
N ILE H 387 13.66 -49.63 24.05
CA ILE H 387 14.28 -50.75 24.75
C ILE H 387 14.11 -52.05 23.98
N LEU H 388 12.95 -52.27 23.35
CA LEU H 388 12.74 -53.40 22.44
C LEU H 388 13.67 -53.28 21.24
N ALA H 389 13.77 -52.11 20.62
CA ALA H 389 14.63 -51.91 19.45
C ALA H 389 16.12 -52.14 19.75
N ALA H 390 16.59 -51.72 20.92
CA ALA H 390 17.93 -52.00 21.39
C ALA H 390 18.13 -53.48 21.72
N LYS H 391 17.13 -54.15 22.32
CA LYS H 391 17.16 -55.60 22.61
C LYS H 391 17.28 -56.38 21.32
N TRP H 392 16.38 -56.13 20.36
CA TRP H 392 16.37 -56.72 19.03
C TRP H 392 17.74 -56.64 18.37
N ALA H 393 18.37 -55.47 18.33
CA ALA H 393 19.67 -55.30 17.72
C ALA H 393 20.80 -56.10 18.41
N ARG H 394 20.75 -56.24 19.74
CA ARG H 394 21.77 -56.95 20.52
C ARG H 394 21.60 -58.47 20.42
N GLU H 395 20.37 -58.95 20.53
CA GLU H 395 20.01 -60.37 20.39
C GLU H 395 20.25 -60.92 18.98
N SER H 396 20.27 -60.06 17.96
CA SER H 396 20.19 -60.45 16.55
C SER H 396 21.43 -60.12 15.70
N GLY H 397 22.38 -59.34 16.22
CA GLY H 397 23.60 -58.95 15.51
C GLY H 397 23.45 -57.81 14.50
N VAL H 398 22.31 -57.13 14.46
CA VAL H 398 22.04 -56.01 13.53
C VAL H 398 22.81 -54.76 13.96
N PRO H 399 23.53 -54.07 13.07
CA PRO H 399 24.25 -52.82 13.36
C PRO H 399 23.42 -51.75 14.06
N PHE H 400 23.98 -51.12 15.08
CA PHE H 400 23.27 -50.18 15.95
C PHE H 400 24.11 -48.93 16.21
N LEU H 401 23.46 -47.77 16.22
CA LEU H 401 24.00 -46.56 16.81
C LEU H 401 23.00 -45.96 17.79
N GLY H 402 23.44 -45.64 18.99
CA GLY H 402 22.65 -44.95 20.00
C GLY H 402 23.18 -43.55 20.31
N VAL H 403 22.43 -42.50 20.02
CA VAL H 403 22.85 -41.11 20.24
C VAL H 403 22.10 -40.49 21.42
N CYS H 404 22.80 -39.89 22.39
CA CYS H 404 22.27 -39.25 23.60
C CYS H 404 21.36 -40.19 24.41
N LEU H 405 20.05 -40.05 24.31
CA LEU H 405 19.08 -41.05 24.76
C LEU H 405 19.38 -42.48 24.24
N GLY H 406 20.04 -42.65 23.10
CA GLY H 406 20.48 -43.93 22.57
C GLY H 406 21.66 -44.57 23.30
N LEU H 407 22.51 -43.84 24.05
CA LEU H 407 23.33 -44.48 25.10
C LEU H 407 22.38 -45.08 26.13
N GLN H 408 21.47 -44.25 26.60
CA GLN H 408 20.75 -44.49 27.82
C GLN H 408 19.79 -45.65 27.68
N VAL H 409 18.92 -45.70 26.66
CA VAL H 409 18.05 -46.85 26.44
C VAL H 409 18.82 -48.15 26.18
N ALA H 410 20.03 -48.09 25.62
CA ALA H 410 20.85 -49.28 25.40
C ALA H 410 21.44 -49.78 26.71
N ALA H 411 21.98 -48.89 27.55
CA ALA H 411 22.46 -49.26 28.88
C ALA H 411 21.31 -49.76 29.78
N ILE H 412 20.13 -49.13 29.72
CA ILE H 412 18.93 -49.61 30.41
C ILE H 412 18.53 -51.01 29.90
N GLU H 413 18.60 -51.27 28.60
CA GLU H 413 18.38 -52.59 28.04
C GLU H 413 19.41 -53.60 28.56
N PHE H 414 20.70 -53.28 28.46
CA PHE H 414 21.79 -54.15 28.88
C PHE H 414 21.72 -54.47 30.39
N ALA H 415 21.37 -53.49 31.21
CA ALA H 415 21.11 -53.69 32.63
C ALA H 415 19.93 -54.65 32.90
N ARG H 416 18.76 -54.42 32.29
CA ARG H 416 17.56 -55.27 32.47
C ARG H 416 17.71 -56.69 31.90
N ASN H 417 18.50 -56.87 30.83
CA ASN H 417 18.50 -58.11 30.05
C ASN H 417 19.83 -58.88 30.04
N VAL H 418 20.97 -58.30 30.43
CA VAL H 418 22.28 -58.98 30.44
C VAL H 418 22.93 -58.99 31.84
N ILE H 419 22.79 -57.93 32.63
CA ILE H 419 23.07 -57.98 34.08
C ILE H 419 21.92 -58.66 34.83
N GLY H 420 20.68 -58.34 34.47
CA GLY H 420 19.48 -58.97 35.02
C GLY H 420 18.88 -58.28 36.25
N ARG H 421 18.79 -56.94 36.25
CA ARG H 421 18.03 -56.14 37.22
C ARG H 421 16.78 -55.53 36.53
N PRO H 422 15.64 -56.27 36.43
CA PRO H 422 14.65 -56.04 35.38
C PRO H 422 13.86 -54.73 35.41
N ASN H 423 13.95 -53.96 36.48
CA ASN H 423 13.26 -52.68 36.68
C ASN H 423 14.19 -51.45 36.47
N SER H 424 15.48 -51.64 36.22
CA SER H 424 16.46 -50.54 36.17
C SER H 424 16.13 -49.51 35.08
N SER H 425 16.30 -48.20 35.36
CA SER H 425 15.55 -47.17 34.64
C SER H 425 16.21 -45.79 34.52
N SER H 426 15.65 -45.01 33.59
CA SER H 426 15.87 -43.59 33.38
C SER H 426 15.22 -42.77 34.49
N THR H 427 16.04 -42.16 35.33
CA THR H 427 15.58 -41.28 36.42
C THR H 427 14.71 -40.13 35.90
N GLU H 428 14.91 -39.63 34.68
CA GLU H 428 14.04 -38.59 34.10
C GLU H 428 12.58 -39.03 33.92
N PHE H 429 12.30 -40.33 33.85
CA PHE H 429 10.96 -40.89 33.64
C PHE H 429 10.21 -41.18 34.94
N LEU H 430 10.93 -41.46 36.03
CA LEU H 430 10.37 -41.99 37.29
C LEU H 430 10.66 -41.15 38.54
N ASP H 431 11.69 -40.31 38.50
CA ASP H 431 12.31 -39.54 39.60
C ASP H 431 11.93 -39.96 41.04
N GLU H 432 10.86 -39.40 41.60
CA GLU H 432 10.42 -39.56 43.00
C GLU H 432 10.12 -41.01 43.42
N THR H 433 10.05 -41.95 42.46
CA THR H 433 9.78 -43.37 42.67
C THR H 433 10.95 -44.11 43.35
N LEU H 434 12.18 -43.58 43.30
CA LEU H 434 13.36 -44.00 44.09
C LEU H 434 13.72 -45.51 44.01
N LEU H 435 13.64 -46.15 42.84
CA LEU H 435 14.24 -47.47 42.61
C LEU H 435 15.75 -47.45 42.92
N ALA H 436 16.32 -48.58 43.35
CA ALA H 436 17.74 -48.68 43.66
C ALA H 436 18.68 -48.75 42.43
N PRO H 437 18.38 -49.50 41.33
CA PRO H 437 19.25 -49.59 40.16
C PRO H 437 18.94 -48.45 39.18
N GLU H 438 19.39 -47.26 39.53
CA GLU H 438 19.34 -46.06 38.68
C GLU H 438 20.43 -46.15 37.61
N ASP H 439 20.04 -46.28 36.33
CA ASP H 439 20.97 -46.27 35.19
C ASP H 439 21.34 -44.85 34.78
N GLN H 440 20.35 -44.00 34.50
CA GLN H 440 20.56 -42.55 34.45
C GLN H 440 20.68 -41.98 35.87
N VAL H 441 21.61 -41.05 36.09
CA VAL H 441 21.63 -40.11 37.24
C VAL H 441 22.04 -38.72 36.76
N VAL H 442 21.57 -37.65 37.42
CA VAL H 442 21.97 -36.26 37.09
C VAL H 442 23.40 -36.00 37.56
N ILE H 443 24.27 -35.42 36.72
CA ILE H 443 25.57 -34.89 37.16
C ILE H 443 25.75 -33.43 36.69
N THR H 444 22.32 -25.75 33.72
CA THR H 444 22.57 -27.11 34.18
C THR H 444 22.55 -28.17 33.07
N MET H 445 22.15 -27.83 31.84
CA MET H 445 22.50 -28.64 30.65
C MET H 445 24.02 -28.64 30.42
N ARG H 446 24.60 -29.80 30.15
CA ARG H 446 25.98 -29.91 29.63
C ARG H 446 25.99 -29.70 28.12
N LEU H 447 26.38 -28.51 27.69
CA LEU H 447 26.04 -27.92 26.39
C LEU H 447 27.26 -27.58 25.54
N GLY H 448 27.12 -27.65 24.22
CA GLY H 448 28.13 -27.21 23.26
C GLY H 448 29.31 -28.15 23.14
N LEU H 449 30.36 -27.72 22.46
CA LEU H 449 31.55 -28.52 22.22
C LEU H 449 32.29 -28.82 23.53
N ARG H 450 32.63 -30.08 23.75
CA ARG H 450 33.44 -30.56 24.87
C ARG H 450 34.47 -31.57 24.36
N PRO H 451 35.58 -31.83 25.08
CA PRO H 451 36.45 -32.95 24.83
C PRO H 451 35.91 -34.24 25.50
N THR H 452 36.00 -35.34 24.79
CA THR H 452 35.82 -36.74 25.20
C THR H 452 37.15 -37.45 25.01
N ILE H 453 37.60 -38.25 25.96
CA ILE H 453 38.91 -38.90 25.92
C ILE H 453 38.71 -40.41 26.01
N PHE H 454 39.43 -41.19 25.19
CA PHE H 454 39.28 -42.64 25.17
C PHE H 454 39.92 -43.28 26.41
N GLN H 455 39.19 -44.13 27.13
CA GLN H 455 39.71 -45.01 28.21
C GLN H 455 40.83 -45.92 27.63
N PRO H 456 41.91 -46.31 28.35
CA PRO H 456 43.09 -46.90 27.69
C PRO H 456 42.88 -48.25 26.98
N ASN H 457 42.07 -49.15 27.53
CA ASN H 457 41.85 -50.50 27.01
C ASN H 457 40.76 -50.56 25.92
N SER H 458 40.91 -49.77 24.85
CA SER H 458 39.84 -49.45 23.90
C SER H 458 40.22 -49.41 22.42
N GLU H 459 41.48 -49.58 22.03
CA GLU H 459 41.84 -49.62 20.61
C GLU H 459 41.25 -50.84 19.87
N TRP H 460 40.75 -51.85 20.58
CA TRP H 460 40.03 -52.97 19.97
C TRP H 460 38.71 -52.55 19.31
N SER H 461 38.08 -51.50 19.81
CA SER H 461 36.74 -51.06 19.44
C SER H 461 36.68 -50.43 18.07
N ASN H 462 35.63 -50.75 17.32
CA ASN H 462 35.31 -50.14 16.05
C ASN H 462 35.16 -48.61 16.18
N ILE H 463 34.56 -48.11 17.26
CA ILE H 463 34.36 -46.67 17.44
C ILE H 463 35.66 -45.89 17.64
N ARG H 464 36.63 -46.38 18.42
CA ARG H 464 37.96 -45.74 18.45
C ARG H 464 38.69 -45.82 17.09
N LYS H 465 38.50 -46.92 16.36
CA LYS H 465 39.07 -47.12 15.03
C LYS H 465 38.53 -46.15 13.98
N LEU H 466 37.21 -45.95 13.96
CA LEU H 466 36.53 -44.98 13.09
C LEU H 466 36.98 -43.53 13.31
N TYR H 467 37.29 -43.15 14.55
CA TYR H 467 37.82 -41.83 14.87
C TYR H 467 39.32 -41.63 14.55
N GLY H 468 39.94 -42.52 13.77
CA GLY H 468 41.35 -42.45 13.39
C GLY H 468 42.32 -42.81 14.52
N GLU H 469 41.84 -43.41 15.61
CA GLU H 469 42.59 -43.71 16.83
C GLU H 469 43.26 -42.48 17.48
N VAL H 470 42.75 -41.28 17.21
CA VAL H 470 43.16 -40.02 17.85
C VAL H 470 42.74 -40.06 19.32
N ASN H 471 43.54 -39.52 20.24
CA ASN H 471 43.34 -39.73 21.69
C ASN H 471 42.08 -39.06 22.27
N GLU H 472 41.72 -37.89 21.74
CA GLU H 472 40.53 -37.12 22.08
C GLU H 472 39.54 -37.07 20.92
N VAL H 473 38.26 -37.04 21.26
CA VAL H 473 37.13 -36.75 20.40
C VAL H 473 36.51 -35.43 20.88
N HIS H 474 36.38 -34.41 20.03
CA HIS H 474 35.68 -33.16 20.40
C HIS H 474 34.36 -33.09 19.66
N GLU H 475 33.25 -33.05 20.40
CA GLU H 475 31.91 -33.16 19.84
C GLU H 475 30.92 -32.35 20.69
N ARG H 476 29.70 -32.11 20.18
CA ARG H 476 28.71 -31.21 20.80
C ARG H 476 27.72 -31.96 21.68
N HIS H 477 27.43 -31.40 22.85
CA HIS H 477 26.60 -31.98 23.91
C HIS H 477 25.33 -31.17 24.15
N ARG H 478 24.25 -31.82 24.57
CA ARG H 478 22.98 -31.19 24.95
C ARG H 478 22.20 -32.09 25.91
N HIS H 479 22.86 -32.54 26.96
CA HIS H 479 22.31 -33.52 27.91
C HIS H 479 22.41 -33.06 29.36
N ARG H 480 21.54 -33.60 30.21
CA ARG H 480 21.42 -33.26 31.64
C ARG H 480 21.81 -34.43 32.56
N TYR H 481 21.59 -35.66 32.11
CA TYR H 481 21.92 -36.91 32.79
C TYR H 481 23.25 -37.51 32.32
N GLU H 482 23.71 -38.52 33.05
CA GLU H 482 24.82 -39.42 32.75
C GLU H 482 24.39 -40.86 33.01
N ILE H 483 25.15 -41.83 32.50
CA ILE H 483 25.15 -43.16 33.11
C ILE H 483 25.80 -43.11 34.50
N ASN H 484 25.19 -43.78 35.46
CA ASN H 484 25.68 -43.96 36.83
C ASN H 484 27.07 -44.66 36.89
N PRO H 485 28.12 -44.04 37.46
CA PRO H 485 29.45 -44.64 37.52
C PRO H 485 29.49 -45.91 38.40
N LYS H 486 28.60 -46.05 39.40
CA LYS H 486 28.51 -47.25 40.26
C LYS H 486 28.12 -48.51 39.48
N ILE H 487 27.35 -48.35 38.41
CA ILE H 487 26.96 -49.44 37.49
C ILE H 487 28.00 -49.66 36.37
N VAL H 488 29.01 -48.80 36.21
CA VAL H 488 30.00 -48.95 35.12
C VAL H 488 30.83 -50.20 35.26
N ASN H 489 31.48 -50.48 36.39
CA ASN H 489 32.33 -51.66 36.49
C ASN H 489 31.52 -52.98 36.52
N ASP H 490 30.28 -52.92 36.98
CA ASP H 490 29.28 -53.99 36.78
C ASP H 490 29.06 -54.28 35.29
N MET H 491 28.70 -53.27 34.48
CA MET H 491 28.57 -53.39 33.04
C MET H 491 29.88 -53.80 32.35
N GLU H 492 31.01 -53.23 32.72
CA GLU H 492 32.28 -53.59 32.10
C GLU H 492 32.68 -55.03 32.42
N SER H 493 32.34 -55.55 33.60
CA SER H 493 32.55 -56.97 33.93
C SER H 493 31.79 -57.91 32.99
N ARG H 494 30.72 -57.42 32.34
CA ARG H 494 29.86 -58.13 31.39
C ARG H 494 30.12 -57.80 29.92
N GLY H 495 31.15 -57.01 29.60
CA GLY H 495 31.61 -56.73 28.22
C GLY H 495 31.10 -55.42 27.58
N PHE H 496 30.30 -54.62 28.28
CA PHE H 496 29.75 -53.34 27.82
C PHE H 496 30.68 -52.17 28.17
N ILE H 497 31.85 -52.12 27.53
CA ILE H 497 32.96 -51.22 27.90
C ILE H 497 32.65 -49.76 27.55
N PHE H 498 32.79 -48.87 28.53
CA PHE H 498 32.70 -47.43 28.32
C PHE H 498 34.02 -46.91 27.79
N VAL H 499 34.19 -47.11 26.49
CA VAL H 499 35.31 -46.78 25.63
C VAL H 499 35.75 -45.30 25.68
N GLY H 500 34.89 -44.35 26.05
CA GLY H 500 35.27 -42.95 26.17
C GLY H 500 34.47 -42.15 27.20
N LYS H 501 35.13 -41.17 27.81
CA LYS H 501 34.68 -40.41 28.99
C LYS H 501 35.14 -38.95 28.95
N ASP H 502 34.53 -38.11 29.77
CA ASP H 502 35.03 -36.78 30.13
C ASP H 502 36.39 -36.87 30.83
N GLU H 503 37.24 -35.84 30.73
CA GLU H 503 38.58 -35.81 31.33
C GLU H 503 38.60 -36.12 32.85
N THR H 504 37.52 -35.83 33.58
CA THR H 504 37.35 -36.14 35.01
C THR H 504 37.03 -37.61 35.30
N GLY H 505 36.61 -38.40 34.30
CA GLY H 505 36.25 -39.81 34.42
C GLY H 505 34.89 -40.12 35.09
N GLN H 506 34.20 -39.12 35.64
CA GLN H 506 32.89 -39.30 36.27
C GLN H 506 31.75 -39.55 35.26
N ARG H 507 31.98 -39.13 34.00
CA ARG H 507 30.96 -38.96 32.94
C ARG H 507 31.21 -39.89 31.73
N CYS H 508 30.27 -40.75 31.41
CA CYS H 508 30.39 -41.81 30.41
C CYS H 508 29.81 -41.39 29.06
N GLU H 509 30.60 -41.44 28.00
CA GLU H 509 30.29 -40.71 26.76
C GLU H 509 30.30 -41.55 25.49
N ILE H 510 31.14 -42.58 25.40
CA ILE H 510 31.14 -43.55 24.31
C ILE H 510 31.18 -44.96 24.88
N PHE H 511 30.39 -45.89 24.35
CA PHE H 511 30.60 -47.33 24.55
C PHE H 511 30.78 -48.08 23.25
N GLU H 512 31.36 -49.27 23.37
CA GLU H 512 31.14 -50.37 22.44
C GLU H 512 30.93 -51.66 23.23
N LEU H 513 29.93 -52.47 22.86
CA LEU H 513 29.78 -53.82 23.41
C LEU H 513 30.72 -54.79 22.69
N LYS H 514 31.51 -55.54 23.47
CA LYS H 514 32.39 -56.61 22.99
C LYS H 514 31.66 -57.64 22.10
N GLY H 515 32.30 -58.06 21.02
CA GLY H 515 31.88 -59.19 20.18
C GLY H 515 30.84 -58.89 19.10
N HIS H 516 29.86 -58.03 19.36
CA HIS H 516 28.84 -57.63 18.36
C HIS H 516 29.47 -56.88 17.17
N PRO H 517 29.04 -57.06 15.90
CA PRO H 517 29.63 -56.38 14.75
C PRO H 517 29.74 -54.86 14.85
N TYR H 518 28.71 -54.19 15.38
CA TYR H 518 28.66 -52.75 15.59
C TYR H 518 27.52 -52.38 16.55
N TYR H 519 27.81 -52.16 17.82
CA TYR H 519 26.83 -51.77 18.83
C TYR H 519 27.47 -50.64 19.63
N VAL H 520 27.33 -49.44 19.10
CA VAL H 520 28.01 -48.24 19.56
C VAL H 520 26.99 -47.26 20.12
N GLY H 521 27.37 -46.52 21.15
CA GLY H 521 26.55 -45.45 21.69
C GLY H 521 27.40 -44.25 22.04
N THR H 522 26.91 -43.05 21.77
CA THR H 522 27.54 -41.76 22.06
C THR H 522 26.58 -40.89 22.86
N GLN H 523 27.03 -40.21 23.91
CA GLN H 523 26.15 -39.26 24.62
C GLN H 523 26.08 -37.88 23.96
N TYR H 524 27.11 -37.49 23.20
CA TYR H 524 27.05 -36.37 22.28
C TYR H 524 26.17 -36.67 21.07
N HIS H 525 25.83 -35.61 20.34
CA HIS H 525 25.14 -35.65 19.06
C HIS H 525 26.16 -35.58 17.93
N PRO H 526 26.51 -36.68 17.23
CA PRO H 526 27.48 -36.63 16.14
C PRO H 526 26.90 -36.00 14.86
N GLU H 527 25.60 -35.72 14.80
CA GLU H 527 24.93 -35.11 13.65
C GLU H 527 25.45 -33.73 13.31
N TYR H 528 25.66 -32.91 14.32
CA TYR H 528 25.91 -31.48 14.20
C TYR H 528 27.29 -31.18 13.63
N THR H 529 28.20 -32.14 13.71
CA THR H 529 29.56 -32.06 13.19
C THR H 529 29.68 -32.74 11.80
N SER H 530 28.61 -33.25 11.19
CA SER H 530 28.63 -33.85 9.85
C SER H 530 28.75 -32.84 8.69
N LYS H 531 29.64 -33.08 7.73
CA LYS H 531 29.86 -32.22 6.54
C LYS H 531 29.59 -33.01 5.25
N VAL H 532 29.16 -32.35 4.18
CA VAL H 532 28.69 -33.05 2.96
C VAL H 532 29.76 -33.95 2.35
N LEU H 533 31.02 -33.54 2.45
CA LEU H 533 32.18 -34.22 1.89
C LEU H 533 33.02 -34.95 2.95
N GLU H 534 32.57 -34.99 4.19
CA GLU H 534 33.24 -35.65 5.33
C GLU H 534 32.18 -36.10 6.36
N PRO H 535 31.52 -37.25 6.18
CA PRO H 535 30.46 -37.68 7.10
C PRO H 535 30.95 -37.88 8.52
N SER H 536 30.03 -37.72 9.47
CA SER H 536 30.31 -37.92 10.88
C SER H 536 30.67 -39.38 11.13
N ARG H 537 31.76 -39.65 11.83
CA ARG H 537 32.33 -41.01 11.92
C ARG H 537 31.38 -42.05 12.52
N PRO H 538 30.55 -41.80 13.53
CA PRO H 538 29.65 -42.83 14.06
C PRO H 538 28.57 -43.25 13.07
N PHE H 539 28.10 -42.34 12.20
CA PHE H 539 27.08 -42.60 11.19
C PHE H 539 27.67 -43.31 9.98
N TRP H 540 28.88 -42.93 9.56
CA TRP H 540 29.62 -43.63 8.52
C TRP H 540 29.93 -45.08 8.95
N GLY H 541 30.31 -45.30 10.21
CA GLY H 541 30.43 -46.63 10.81
C GLY H 541 29.14 -47.43 10.86
N LEU H 542 27.98 -46.83 11.12
CA LEU H 542 26.69 -47.54 11.08
C LEU H 542 26.32 -47.93 9.64
N VAL H 543 26.41 -47.01 8.69
CA VAL H 543 26.02 -47.29 7.31
C VAL H 543 26.99 -48.28 6.66
N ALA H 544 28.27 -48.22 7.01
CA ALA H 544 29.25 -49.23 6.61
C ALA H 544 28.96 -50.58 7.26
N ALA H 545 28.69 -50.65 8.56
CA ALA H 545 28.28 -51.89 9.20
C ALA H 545 27.03 -52.50 8.54
N ALA H 546 26.03 -51.69 8.22
CA ALA H 546 24.80 -52.12 7.55
C ALA H 546 25.03 -52.62 6.10
N SER H 547 26.07 -52.15 5.44
CA SER H 547 26.35 -52.47 4.04
C SER H 547 27.34 -53.64 3.87
N GLY H 548 27.96 -54.10 4.96
CA GLY H 548 29.29 -54.71 4.84
C GLY H 548 30.31 -53.65 4.41
N THR H 549 31.57 -54.02 4.25
CA THR H 549 32.69 -53.09 3.92
C THR H 549 33.07 -52.10 5.01
N LEU H 550 32.61 -52.33 6.24
CA LEU H 550 33.13 -51.69 7.45
C LEU H 550 34.66 -51.80 7.57
N GLY H 551 35.25 -52.95 7.23
CA GLY H 551 36.69 -53.15 7.23
C GLY H 551 37.41 -52.31 6.17
N GLU H 552 36.92 -52.30 4.94
CA GLU H 552 37.45 -51.47 3.86
C GLU H 552 37.34 -49.97 4.17
N VAL H 553 36.26 -49.53 4.82
CA VAL H 553 36.15 -48.15 5.34
C VAL H 553 37.17 -47.87 6.44
N ILE H 554 37.29 -48.71 7.47
CA ILE H 554 38.29 -48.53 8.52
C ILE H 554 39.71 -48.48 7.92
N LYS H 555 40.03 -49.32 6.93
CA LYS H 555 41.31 -49.26 6.21
C LYS H 555 41.56 -47.89 5.56
N ASP H 556 40.60 -47.37 4.81
CA ASP H 556 40.70 -46.05 4.16
C ASP H 556 40.83 -44.89 5.17
N ILE H 557 40.15 -44.99 6.32
CA ILE H 557 40.25 -44.04 7.43
C ILE H 557 41.66 -44.07 8.05
N ASN H 558 42.28 -45.24 8.17
CA ASN H 558 43.59 -45.41 8.80
C ASN H 558 44.79 -44.85 8.02
N LEU H 559 44.69 -44.57 6.71
CA LEU H 559 45.76 -43.89 5.95
C LEU H 559 45.97 -42.44 6.44
N MET I 1 -34.94 95.82 31.61
CA MET I 1 -34.05 95.09 30.69
C MET I 1 -32.74 94.76 31.39
N LYS I 2 -32.27 93.51 31.36
CA LYS I 2 -30.87 93.18 31.73
C LYS I 2 -30.02 93.11 30.47
N TYR I 3 -28.74 93.40 30.58
CA TYR I 3 -27.78 93.35 29.50
C TYR I 3 -26.61 92.46 29.89
N VAL I 4 -26.22 91.53 29.03
CA VAL I 4 -24.92 90.85 29.11
C VAL I 4 -24.12 91.28 27.91
N VAL I 5 -22.94 91.84 28.07
CA VAL I 5 -22.03 92.14 26.97
C VAL I 5 -21.02 91.02 26.90
N VAL I 6 -20.80 90.43 25.75
CA VAL I 6 -19.76 89.44 25.50
C VAL I 6 -18.73 90.11 24.62
N SER I 7 -17.46 90.06 24.99
CA SER I 7 -16.50 91.06 24.53
C SER I 7 -15.11 90.52 24.27
N GLY I 8 -14.45 91.22 23.34
CA GLY I 8 -13.01 91.38 23.24
C GLY I 8 -12.15 90.13 23.20
N GLY I 9 -10.96 90.26 23.76
CA GLY I 9 -10.02 89.17 23.92
C GLY I 9 -8.66 89.45 23.30
N VAL I 10 -7.81 88.44 23.36
CA VAL I 10 -6.42 88.46 22.87
C VAL I 10 -6.38 88.41 21.34
N ILE I 11 -7.33 87.69 20.73
CA ILE I 11 -7.48 87.42 19.29
C ILE I 11 -8.93 87.65 18.87
N SER I 12 -9.15 87.90 17.58
CA SER I 12 -10.45 87.80 16.90
C SER I 12 -10.83 86.34 16.68
N GLY I 13 -12.10 86.02 16.43
CA GLY I 13 -12.50 84.62 16.14
C GLY I 13 -12.26 83.65 17.30
N ILE I 14 -12.36 84.15 18.52
CA ILE I 14 -12.05 83.41 19.74
C ILE I 14 -13.19 82.52 20.25
N GLY I 15 -14.46 82.88 20.04
CA GLY I 15 -15.60 82.14 20.57
C GLY I 15 -16.72 82.96 21.19
N LYS I 16 -16.76 84.28 21.02
CA LYS I 16 -17.79 85.14 21.61
C LYS I 16 -19.19 84.79 21.12
N GLY I 17 -19.38 84.52 19.84
CA GLY I 17 -20.65 84.08 19.28
C GLY I 17 -21.12 82.75 19.86
N VAL I 18 -20.23 81.80 20.13
CA VAL I 18 -20.58 80.57 20.82
C VAL I 18 -20.97 80.80 22.27
N LEU I 19 -20.24 81.63 23.02
CA LEU I 19 -20.57 81.90 24.41
C LEU I 19 -21.78 82.79 24.59
N ALA I 20 -21.96 83.79 23.74
CA ALA I 20 -23.14 84.63 23.68
C ALA I 20 -24.40 83.79 23.41
N SER I 21 -24.34 82.87 22.45
CA SER I 21 -25.47 82.00 22.12
C SER I 21 -25.74 80.99 23.22
N SER I 22 -24.70 80.39 23.81
CA SER I 22 -24.86 79.50 24.95
C SER I 22 -25.44 80.21 26.17
N THR I 23 -24.97 81.42 26.49
CA THR I 23 -25.50 82.24 27.60
C THR I 23 -26.97 82.54 27.37
N GLY I 24 -27.38 82.93 26.17
CA GLY I 24 -28.78 83.21 25.89
C GLY I 24 -29.64 81.95 26.02
N MET I 25 -29.19 80.81 25.50
CA MET I 25 -29.87 79.52 25.59
C MET I 25 -30.01 79.09 27.04
N LEU I 26 -28.95 79.19 27.82
CA LEU I 26 -28.94 78.90 29.24
C LEU I 26 -29.89 79.78 30.02
N LEU I 27 -29.87 81.10 29.85
CA LEU I 27 -30.79 82.01 30.54
C LEU I 27 -32.24 81.70 30.20
N LYS I 28 -32.52 81.31 28.96
CA LYS I 28 -33.84 80.87 28.53
C LYS I 28 -34.35 79.66 29.31
N THR I 29 -33.46 78.82 29.85
CA THR I 29 -33.84 77.72 30.74
C THR I 29 -34.22 78.12 32.17
N LEU I 30 -34.27 79.42 32.48
CA LEU I 30 -34.99 79.98 33.63
C LEU I 30 -36.37 80.57 33.27
N GLY I 31 -36.81 80.42 32.03
CA GLY I 31 -38.09 80.96 31.52
C GLY I 31 -38.01 82.38 30.95
N LEU I 32 -36.87 83.05 31.10
CA LEU I 32 -36.62 84.43 30.65
C LEU I 32 -36.69 84.57 29.14
N LYS I 33 -37.35 85.61 28.63
CA LYS I 33 -37.29 86.00 27.21
C LYS I 33 -35.95 86.67 26.93
N VAL I 34 -35.17 86.17 25.98
CA VAL I 34 -33.82 86.67 25.68
C VAL I 34 -33.77 87.22 24.27
N THR I 35 -33.16 88.38 24.09
CA THR I 35 -32.86 88.96 22.79
C THR I 35 -31.36 89.14 22.63
N SER I 36 -30.93 89.53 21.44
CA SER I 36 -29.53 89.71 21.10
C SER I 36 -29.33 90.88 20.15
N ILE I 37 -28.19 91.53 20.26
CA ILE I 37 -27.69 92.54 19.34
C ILE I 37 -26.27 92.14 18.99
N LYS I 38 -25.91 92.14 17.72
CA LYS I 38 -24.51 92.08 17.31
C LYS I 38 -24.05 93.51 17.05
N ILE I 39 -22.90 93.87 17.58
CA ILE I 39 -22.19 95.06 17.17
C ILE I 39 -21.03 94.58 16.32
N ASP I 40 -20.93 95.08 15.11
CA ASP I 40 -19.76 94.90 14.26
C ASP I 40 -19.05 96.23 14.05
N PRO I 41 -17.79 96.38 14.46
CA PRO I 41 -17.04 97.60 14.22
C PRO I 41 -16.66 97.89 12.76
N TYR I 42 -16.99 97.01 11.81
CA TYR I 42 -16.86 97.30 10.39
C TYR I 42 -17.83 98.39 9.92
N MET I 43 -17.50 99.02 8.81
CA MET I 43 -18.20 100.19 8.29
C MET I 43 -19.35 99.91 7.33
N ASN I 44 -19.41 98.73 6.71
CA ASN I 44 -20.50 98.30 5.83
C ASN I 44 -21.89 98.53 6.45
N ILE I 45 -22.83 99.08 5.68
CA ILE I 45 -24.20 99.23 6.18
C ILE I 45 -24.80 97.86 6.46
N ASP I 46 -24.71 96.93 5.53
CA ASP I 46 -25.12 95.55 5.74
C ASP I 46 -24.33 94.60 4.83
N ALA I 47 -24.37 93.29 5.12
CA ALA I 47 -23.50 92.30 4.49
C ALA I 47 -23.80 92.02 3.02
N GLY I 48 -24.91 92.53 2.48
CA GLY I 48 -25.40 92.17 1.15
C GLY I 48 -24.50 92.52 -0.03
N THR I 49 -23.58 93.48 0.11
CA THR I 49 -22.56 93.76 -0.92
C THR I 49 -21.33 92.85 -0.81
N MET I 50 -20.97 92.38 0.39
CA MET I 50 -19.66 91.77 0.63
C MET I 50 -19.67 90.25 0.45
N SER I 51 -18.62 89.76 -0.20
CA SER I 51 -18.54 88.40 -0.72
C SER I 51 -18.26 87.39 0.40
N PRO I 52 -18.64 86.10 0.24
CA PRO I 52 -18.48 85.08 1.30
C PRO I 52 -17.03 84.76 1.70
N LEU I 53 -16.04 85.27 0.97
CA LEU I 53 -14.61 85.12 1.23
C LEU I 53 -14.11 85.83 2.50
N GLU I 54 -14.87 86.77 3.07
CA GLU I 54 -14.64 87.34 4.41
C GLU I 54 -15.89 87.20 5.29
N HIS I 55 -15.72 86.84 6.57
CA HIS I 55 -16.79 86.66 7.56
C HIS I 55 -17.85 85.59 7.22
N GLY I 56 -17.57 84.68 6.28
CA GLY I 56 -18.46 83.58 5.92
C GLY I 56 -19.71 84.01 5.13
N GLU I 57 -20.75 83.20 5.15
CA GLU I 57 -22.01 83.47 4.44
C GLU I 57 -22.74 84.74 4.92
N CYS I 58 -23.35 85.47 3.97
CA CYS I 58 -24.36 86.46 4.30
C CYS I 58 -25.63 85.75 4.80
N PHE I 59 -26.17 86.17 5.94
CA PHE I 59 -27.41 85.61 6.51
C PHE I 59 -28.62 86.46 6.07
N VAL I 60 -29.76 85.85 5.71
CA VAL I 60 -30.94 86.58 5.24
C VAL I 60 -32.05 86.53 6.28
N LEU I 61 -32.61 87.68 6.65
CA LEU I 61 -33.68 87.84 7.65
C LEU I 61 -35.07 87.87 7.00
N ASP I 62 -36.15 87.77 7.78
CA ASP I 62 -37.53 87.91 7.27
C ASP I 62 -37.78 89.27 6.61
N ASP I 63 -37.21 90.34 7.16
CA ASP I 63 -37.20 91.70 6.61
C ASP I 63 -36.64 91.79 5.19
N GLY I 64 -35.85 90.81 4.75
CA GLY I 64 -34.93 90.95 3.62
C GLY I 64 -33.60 91.58 3.99
N GLY I 65 -33.29 91.71 5.28
CA GLY I 65 -31.98 92.15 5.74
C GLY I 65 -30.90 91.12 5.47
N GLU I 66 -29.91 91.49 4.66
CA GLU I 66 -28.68 90.74 4.39
C GLU I 66 -27.64 91.07 5.46
N THR I 67 -27.50 90.26 6.50
CA THR I 67 -26.85 90.64 7.77
C THR I 67 -25.69 89.73 8.19
N ASP I 68 -25.08 90.08 9.32
CA ASP I 68 -23.95 89.33 9.86
C ASP I 68 -24.28 87.87 10.14
N LEU I 69 -23.34 86.99 9.82
CA LEU I 69 -23.36 85.57 10.16
C LEU I 69 -23.68 85.32 11.64
N ASP I 70 -23.19 86.13 12.60
CA ASP I 70 -23.55 85.95 14.01
C ASP I 70 -25.06 86.06 14.31
N LEU I 71 -25.87 86.82 13.56
CA LEU I 71 -27.32 86.88 13.85
C LEU I 71 -27.99 85.55 13.60
N GLY I 72 -27.52 84.77 12.63
CA GLY I 72 -28.01 83.41 12.40
C GLY I 72 -27.77 82.48 13.57
N ASN I 73 -26.63 82.61 14.25
CA ASN I 73 -26.32 81.81 15.43
C ASN I 73 -27.30 82.09 16.57
N TYR I 74 -27.70 83.35 16.76
CA TYR I 74 -28.68 83.69 17.79
C TYR I 74 -30.07 83.17 17.42
N GLU I 75 -30.49 83.32 16.16
CA GLU I 75 -31.79 82.82 15.70
C GLU I 75 -31.94 81.32 15.97
N ARG I 76 -30.95 80.50 15.61
CA ARG I 76 -31.02 79.04 15.79
C ARG I 76 -30.86 78.56 17.24
N TYR I 77 -30.01 79.17 18.05
CA TYR I 77 -29.85 78.75 19.44
C TYR I 77 -31.02 79.20 20.32
N LEU I 78 -31.56 80.40 20.12
CA LEU I 78 -32.56 80.98 21.02
C LEU I 78 -34.00 80.75 20.60
N GLY I 79 -34.27 80.46 19.33
CA GLY I 79 -35.63 80.35 18.81
C GLY I 79 -36.30 81.71 18.63
N ILE I 80 -35.55 82.68 18.10
CA ILE I 80 -35.96 84.08 17.97
C ILE I 80 -35.83 84.58 16.55
N THR I 81 -36.58 85.62 16.23
CA THR I 81 -36.56 86.31 14.92
C THR I 81 -36.03 87.73 15.08
N LEU I 82 -35.09 88.14 14.24
CA LEU I 82 -34.36 89.41 14.33
C LEU I 82 -34.58 90.30 13.10
N SER I 83 -34.62 91.61 13.31
CA SER I 83 -34.75 92.64 12.26
C SER I 83 -33.37 93.12 11.80
N ARG I 84 -33.27 93.89 10.71
CA ARG I 84 -31.99 94.49 10.32
C ARG I 84 -31.44 95.48 11.34
N ASP I 85 -32.26 96.06 12.19
CA ASP I 85 -31.83 96.90 13.31
C ASP I 85 -31.08 96.18 14.44
N HIS I 86 -31.20 94.86 14.58
CA HIS I 86 -30.48 94.06 15.58
C HIS I 86 -28.99 93.89 15.27
N ASN I 87 -28.54 94.19 14.07
CA ASN I 87 -27.13 94.29 13.75
C ASN I 87 -26.72 95.77 13.72
N ILE I 88 -26.06 96.25 14.75
CA ILE I 88 -25.39 97.54 14.76
C ILE I 88 -24.07 97.44 14.00
N THR I 89 -23.78 98.43 13.15
CA THR I 89 -22.45 98.57 12.54
C THR I 89 -21.99 100.02 12.64
N THR I 90 -20.70 100.26 12.53
CA THR I 90 -20.16 101.61 12.49
C THR I 90 -20.83 102.45 11.42
N GLY I 91 -21.06 101.90 10.23
CA GLY I 91 -21.76 102.57 9.14
C GLY I 91 -23.15 103.00 9.52
N LYS I 92 -23.98 102.12 10.06
CA LYS I 92 -25.36 102.49 10.46
C LYS I 92 -25.37 103.61 11.44
N ILE I 93 -24.52 103.58 12.46
CA ILE I 93 -24.58 104.55 13.52
C ILE I 93 -23.94 105.88 13.15
N TYR I 94 -22.84 105.90 12.40
CA TYR I 94 -22.35 107.16 11.87
C TYR I 94 -23.31 107.74 10.85
N SER I 95 -23.95 106.92 10.02
CA SER I 95 -24.96 107.34 9.05
C SER I 95 -26.18 107.95 9.73
N HIS I 96 -26.64 107.35 10.82
CA HIS I 96 -27.76 107.84 11.59
C HIS I 96 -27.52 109.24 12.11
N VAL I 97 -26.38 109.51 12.77
CA VAL I 97 -26.10 110.86 13.26
C VAL I 97 -25.82 111.85 12.13
N ILE I 98 -25.15 111.48 11.05
CA ILE I 98 -24.92 112.39 9.92
C ILE I 98 -26.25 112.77 9.24
N SER I 99 -27.18 111.85 9.05
CA SER I 99 -28.49 112.16 8.43
C SER I 99 -29.33 113.07 9.31
N ARG I 100 -29.23 112.91 10.62
CA ARG I 100 -29.89 113.69 11.66
C ARG I 100 -29.33 115.11 11.83
N GLU I 101 -28.03 115.29 11.60
CA GLU I 101 -27.38 116.61 11.52
C GLU I 101 -27.82 117.45 10.33
N ARG I 102 -27.79 116.90 9.11
CA ARG I 102 -28.15 117.65 7.88
C ARG I 102 -29.59 118.15 7.89
N ARG I 103 -30.47 117.44 8.61
CA ARG I 103 -31.85 117.81 8.94
C ARG I 103 -31.99 118.82 10.09
N GLY I 104 -30.96 119.01 10.91
CA GLY I 104 -30.92 120.03 11.97
C GLY I 104 -31.42 119.59 13.35
N ASP I 105 -31.56 118.30 13.63
CA ASP I 105 -32.12 117.79 14.90
C ASP I 105 -31.21 117.96 16.12
N TYR I 106 -29.95 118.40 15.95
CA TYR I 106 -29.07 118.82 17.04
C TYR I 106 -29.12 120.32 17.35
N LEU I 107 -30.03 121.05 16.68
CA LEU I 107 -30.43 122.41 16.99
C LEU I 107 -29.24 123.38 17.05
N GLY I 108 -28.31 123.21 16.12
CA GLY I 108 -27.15 124.07 15.99
C GLY I 108 -26.05 123.92 17.05
N LYS I 109 -26.04 122.88 17.88
CA LYS I 109 -24.83 122.49 18.62
C LYS I 109 -23.80 121.80 17.71
N THR I 110 -22.54 121.78 18.15
CA THR I 110 -21.48 120.94 17.59
C THR I 110 -21.70 119.49 18.00
N VAL I 111 -21.74 118.59 17.03
CA VAL I 111 -22.00 117.17 17.24
C VAL I 111 -20.66 116.45 17.40
N GLN I 112 -20.42 115.91 18.58
CA GLN I 112 -19.15 115.31 18.99
C GLN I 112 -19.31 113.79 19.09
N ILE I 113 -18.27 112.99 18.88
CA ILE I 113 -18.38 111.53 19.10
C ILE I 113 -18.80 111.21 20.54
N VAL I 114 -18.21 111.84 21.56
CA VAL I 114 -18.76 111.91 22.92
C VAL I 114 -19.31 113.32 23.16
N PRO I 115 -20.58 113.54 23.56
CA PRO I 115 -21.58 112.52 23.88
C PRO I 115 -22.37 111.98 22.70
N HIS I 116 -22.55 112.72 21.61
CA HIS I 116 -23.64 112.52 20.64
C HIS I 116 -23.66 111.17 19.95
N LEU I 117 -22.56 110.73 19.33
CA LEU I 117 -22.50 109.39 18.74
C LEU I 117 -22.60 108.30 19.81
N THR I 118 -21.92 108.44 20.95
CA THR I 118 -22.09 107.46 22.02
C THR I 118 -23.47 107.45 22.66
N ASN I 119 -24.26 108.51 22.51
CA ASN I 119 -25.66 108.55 22.89
C ASN I 119 -26.55 107.95 21.83
N ALA I 120 -26.23 108.08 20.54
CA ALA I 120 -26.94 107.38 19.50
C ALA I 120 -26.86 105.86 19.69
N ILE I 121 -25.69 105.35 20.07
CA ILE I 121 -25.48 103.94 20.37
C ILE I 121 -26.36 103.47 21.54
N GLN I 122 -26.44 104.24 22.63
CA GLN I 122 -27.27 103.89 23.79
C GLN I 122 -28.77 104.07 23.54
N ASP I 123 -29.17 105.04 22.73
CA ASP I 123 -30.55 105.19 22.24
C ASP I 123 -30.96 104.03 21.35
N TRP I 124 -30.08 103.56 20.46
CA TRP I 124 -30.29 102.39 19.62
C TRP I 124 -30.43 101.12 20.46
N ILE I 125 -29.49 100.82 21.35
CA ILE I 125 -29.53 99.59 22.13
C ILE I 125 -30.80 99.51 22.98
N GLN I 126 -31.30 100.62 23.52
CA GLN I 126 -32.58 100.67 24.24
C GLN I 126 -33.79 100.57 23.30
N ARG I 127 -33.82 101.27 22.16
CA ARG I 127 -34.86 101.12 21.14
C ARG I 127 -35.01 99.66 20.73
N VAL I 128 -33.90 99.03 20.39
CA VAL I 128 -33.86 97.70 19.78
C VAL I 128 -34.03 96.57 20.79
N SER I 129 -33.47 96.66 21.98
CA SER I 129 -33.63 95.58 22.96
C SER I 129 -35.06 95.42 23.48
N LYS I 130 -35.94 96.41 23.34
CA LYS I 130 -37.38 96.28 23.62
C LYS I 130 -38.22 95.69 22.47
N ILE I 131 -37.68 95.44 21.27
CA ILE I 131 -38.42 94.87 20.12
C ILE I 131 -38.86 93.41 20.39
N PRO I 132 -40.10 92.99 20.07
CA PRO I 132 -40.53 91.59 20.23
C PRO I 132 -39.82 90.63 19.26
N VAL I 133 -39.24 89.57 19.80
CA VAL I 133 -38.46 88.59 19.02
C VAL I 133 -38.98 87.14 19.13
N ASP I 134 -39.93 86.89 20.04
CA ASP I 134 -40.63 85.62 20.26
C ASP I 134 -41.92 85.50 19.42
N ASP I 135 -42.61 84.37 19.56
CA ASP I 135 -43.97 84.15 19.04
C ASP I 135 -45.05 84.95 19.78
N THR I 136 -44.71 85.50 20.95
CA THR I 136 -45.59 86.34 21.79
C THR I 136 -45.11 87.79 21.81
N GLY I 137 -46.05 88.73 21.90
CA GLY I 137 -45.82 90.18 21.89
C GLY I 137 -45.28 90.77 23.19
N LEU I 138 -44.58 90.00 24.01
CA LEU I 138 -43.86 90.49 25.18
C LEU I 138 -42.55 91.18 24.78
N GLU I 139 -42.18 92.29 25.43
CA GLU I 139 -40.82 92.81 25.30
C GLU I 139 -39.84 91.87 26.03
N PRO I 140 -38.58 91.71 25.57
CA PRO I 140 -37.62 90.83 26.21
C PRO I 140 -37.29 91.14 27.67
N ASP I 141 -36.66 90.19 28.36
CA ASP I 141 -36.17 90.34 29.73
C ASP I 141 -34.66 90.61 29.78
N VAL I 142 -33.90 90.01 28.86
CA VAL I 142 -32.44 90.12 28.76
C VAL I 142 -32.07 90.42 27.31
N CYS I 143 -31.07 91.28 27.07
CA CYS I 143 -30.38 91.45 25.80
C CYS I 143 -28.95 90.95 25.95
N ILE I 144 -28.46 90.12 25.03
CA ILE I 144 -27.04 89.81 24.91
C ILE I 144 -26.48 90.75 23.87
N ILE I 145 -25.39 91.43 24.13
CA ILE I 145 -24.68 92.22 23.13
C ILE I 145 -23.38 91.48 22.86
N GLU I 146 -23.14 91.04 21.64
CA GLU I 146 -21.81 90.58 21.24
C GLU I 146 -21.08 91.80 20.66
N LEU I 147 -20.02 92.23 21.33
CA LEU I 147 -19.15 93.29 20.87
C LEU I 147 -18.08 92.69 19.96
N GLY I 148 -18.24 92.84 18.65
CA GLY I 148 -17.31 92.35 17.63
C GLY I 148 -15.92 92.96 17.67
N GLY I 149 -14.98 92.35 16.95
CA GLY I 149 -13.56 92.74 16.96
C GLY I 149 -12.86 92.45 18.29
N THR I 150 -11.84 93.22 18.63
CA THR I 150 -11.12 93.13 19.91
C THR I 150 -11.16 94.49 20.61
N VAL I 151 -11.23 94.49 21.94
CA VAL I 151 -11.15 95.69 22.77
C VAL I 151 -9.76 96.29 22.65
N GLY I 152 -9.64 97.62 22.50
CA GLY I 152 -8.35 98.29 22.27
C GLY I 152 -8.03 98.60 20.81
N ASP I 153 -8.88 98.20 19.87
CA ASP I 153 -8.83 98.64 18.47
C ASP I 153 -9.55 99.98 18.26
N ILE I 154 -9.04 100.86 17.39
CA ILE I 154 -9.61 102.18 17.08
C ILE I 154 -11.08 102.08 16.65
N GLU I 155 -11.44 101.12 15.82
CA GLU I 155 -12.82 100.87 15.40
C GLU I 155 -13.77 100.50 16.54
N SER I 156 -13.27 99.90 17.61
CA SER I 156 -14.05 99.54 18.79
C SER I 156 -14.25 100.72 19.75
N ALA I 157 -13.44 101.78 19.66
CA ALA I 157 -13.34 102.85 20.64
C ALA I 157 -14.67 103.55 20.97
N PRO I 158 -15.47 104.03 20.00
CA PRO I 158 -16.81 104.53 20.27
C PRO I 158 -17.77 103.52 20.91
N PHE I 159 -17.70 102.23 20.60
CA PHE I 159 -18.60 101.23 21.17
C PHE I 159 -18.25 100.88 22.61
N VAL I 160 -16.98 100.69 22.96
CA VAL I 160 -16.60 100.52 24.37
C VAL I 160 -16.88 101.78 25.19
N GLU I 161 -16.72 102.98 24.63
CA GLU I 161 -17.07 104.21 25.33
C GLU I 161 -18.58 104.35 25.55
N ALA I 162 -19.40 104.01 24.57
CA ALA I 162 -20.83 103.92 24.79
C ALA I 162 -21.19 102.87 25.83
N LEU I 163 -20.53 101.72 25.89
CA LEU I 163 -20.83 100.68 26.88
C LEU I 163 -20.37 101.07 28.29
N ARG I 164 -19.23 101.76 28.42
CA ARG I 164 -18.79 102.40 29.65
C ARG I 164 -19.85 103.32 30.22
N GLN I 165 -20.46 104.15 29.39
CA GLN I 165 -21.56 105.03 29.79
C GLN I 165 -22.85 104.25 30.03
N PHE I 166 -23.15 103.23 29.22
CA PHE I 166 -24.36 102.46 29.37
C PHE I 166 -24.41 101.68 30.68
N GLN I 167 -23.26 101.26 31.20
CA GLN I 167 -23.14 100.64 32.52
C GLN I 167 -23.67 101.53 33.66
N PHE I 168 -23.78 102.84 33.45
CA PHE I 168 -24.27 103.83 34.42
C PHE I 168 -25.58 104.50 34.02
N GLU I 169 -25.84 104.72 32.73
CA GLU I 169 -27.12 105.24 32.26
C GLU I 169 -28.25 104.24 32.52
N VAL I 170 -27.94 102.96 32.44
CA VAL I 170 -28.71 101.84 33.04
C VAL I 170 -28.07 101.50 34.37
N GLY I 171 -28.81 101.00 35.36
CA GLY I 171 -28.23 100.70 36.67
C GLY I 171 -27.20 99.56 36.63
N ARG I 172 -26.30 99.48 37.61
CA ARG I 172 -25.64 98.21 37.94
C ARG I 172 -26.70 97.15 38.28
N GLU I 173 -26.35 95.87 38.21
CA GLU I 173 -27.31 94.74 38.35
C GLU I 173 -28.39 94.70 37.26
N ASN I 174 -28.39 95.63 36.31
CA ASN I 174 -28.98 95.48 34.98
C ASN I 174 -27.92 95.27 33.88
N PHE I 175 -26.63 95.22 34.20
CA PHE I 175 -25.53 95.11 33.24
C PHE I 175 -24.47 94.17 33.76
N ALA I 176 -23.98 93.24 32.95
CA ALA I 176 -22.80 92.43 33.21
C ALA I 176 -21.94 92.29 31.97
N LEU I 177 -20.62 92.16 32.12
CA LEU I 177 -19.66 91.98 31.05
C LEU I 177 -18.96 90.63 31.20
N ILE I 178 -19.01 89.82 30.15
CA ILE I 178 -18.22 88.61 29.99
C ILE I 178 -17.09 88.94 29.05
N HIS I 179 -15.85 88.68 29.44
CA HIS I 179 -14.71 88.88 28.56
C HIS I 179 -14.16 87.53 28.16
N VAL I 180 -14.07 87.24 26.87
CA VAL I 180 -13.49 85.99 26.39
C VAL I 180 -12.00 86.22 26.15
N SER I 181 -11.14 85.28 26.54
CA SER I 181 -9.69 85.46 26.53
C SER I 181 -8.97 84.18 26.14
N LEU I 182 -7.74 84.26 25.64
CA LEU I 182 -6.92 83.12 25.24
C LEU I 182 -5.87 82.83 26.29
N VAL I 183 -5.78 81.57 26.73
CA VAL I 183 -4.63 81.04 27.46
C VAL I 183 -3.82 80.15 26.51
N PRO I 184 -2.68 80.60 25.97
CA PRO I 184 -1.77 79.73 25.23
C PRO I 184 -1.21 78.65 26.12
N VAL I 185 -0.88 77.50 25.57
CA VAL I 185 -0.11 76.45 26.24
C VAL I 185 1.16 76.17 25.44
N ILE I 186 2.31 76.41 26.06
CA ILE I 186 3.64 76.44 25.43
C ILE I 186 4.59 75.59 26.27
N HIS I 187 5.19 74.55 25.67
CA HIS I 187 6.05 73.57 26.35
C HIS I 187 5.43 72.93 27.59
N GLY I 188 4.13 72.66 27.52
CA GLY I 188 3.35 72.08 28.61
C GLY I 188 2.98 73.04 29.72
N GLU I 189 3.12 74.36 29.53
CA GLU I 189 2.76 75.37 30.53
C GLU I 189 1.70 76.32 29.98
N GLN I 190 0.63 76.52 30.74
CA GLN I 190 -0.48 77.42 30.41
C GLN I 190 -0.12 78.85 30.81
N LYS I 191 -0.07 79.78 29.85
CA LYS I 191 0.50 81.12 30.02
C LYS I 191 -0.58 82.17 30.31
N THR I 192 -0.43 82.92 31.40
CA THR I 192 -1.44 83.91 31.83
C THR I 192 -1.19 85.35 31.37
N LYS I 193 0.02 85.76 30.99
CA LYS I 193 0.28 87.17 30.62
C LYS I 193 -0.52 87.74 29.44
N PRO I 194 -1.04 86.98 28.46
CA PRO I 194 -1.92 87.55 27.44
C PRO I 194 -3.27 87.94 28.01
N THR I 195 -3.84 87.13 28.90
CA THR I 195 -5.10 87.48 29.55
C THR I 195 -4.94 88.64 30.54
N GLN I 196 -3.80 88.78 31.22
CA GLN I 196 -3.52 89.93 32.09
C GLN I 196 -3.44 91.25 31.30
N ALA I 197 -2.75 91.27 30.16
CA ALA I 197 -2.69 92.43 29.30
C ALA I 197 -4.06 92.82 28.71
N ALA I 198 -4.98 91.86 28.53
CA ALA I 198 -6.34 92.14 28.12
C ALA I 198 -7.20 92.74 29.24
N ILE I 199 -6.97 92.38 30.51
CA ILE I 199 -7.68 93.02 31.64
C ILE I 199 -7.19 94.47 31.83
N LYS I 200 -5.90 94.76 31.61
CA LYS I 200 -5.39 96.14 31.58
C LYS I 200 -6.04 97.01 30.51
N ASP I 201 -6.29 96.50 29.31
CA ASP I 201 -7.04 97.26 28.28
C ASP I 201 -8.47 97.57 28.71
N LEU I 202 -9.20 96.63 29.30
CA LEU I 202 -10.51 96.92 29.85
C LEU I 202 -10.47 97.99 30.94
N ARG I 203 -9.54 97.91 31.91
CA ARG I 203 -9.40 98.97 32.94
C ARG I 203 -9.05 100.31 32.32
N SER I 204 -8.10 100.34 31.39
CA SER I 204 -7.75 101.55 30.65
C SER I 204 -8.97 102.20 30.00
N LEU I 205 -9.82 101.40 29.38
CA LEU I 205 -11.07 101.82 28.74
C LEU I 205 -12.26 101.95 29.72
N GLY I 206 -12.07 101.72 31.02
CA GLY I 206 -13.06 101.99 32.05
C GLY I 206 -14.15 100.94 32.22
N LEU I 207 -13.88 99.68 31.87
CA LEU I 207 -14.78 98.54 32.07
C LEU I 207 -14.13 97.50 32.99
N ILE I 208 -14.94 96.85 33.83
CA ILE I 208 -14.55 95.69 34.63
C ILE I 208 -15.36 94.48 34.17
N PRO I 209 -14.75 93.31 33.95
CA PRO I 209 -15.47 92.10 33.59
C PRO I 209 -15.98 91.33 34.81
N ASP I 210 -17.18 90.78 34.71
CA ASP I 210 -17.83 89.99 35.75
C ASP I 210 -17.48 88.51 35.66
N MET I 211 -17.35 87.99 34.44
CA MET I 211 -16.74 86.70 34.12
C MET I 211 -15.49 86.93 33.28
N ILE I 212 -14.48 86.10 33.46
CA ILE I 212 -13.47 85.84 32.43
C ILE I 212 -13.80 84.47 31.85
N ALA I 213 -14.04 84.36 30.56
CA ALA I 213 -14.10 83.08 29.87
C ALA I 213 -12.75 82.79 29.24
N CYS I 214 -12.05 81.75 29.68
CA CYS I 214 -10.73 81.42 29.16
C CYS I 214 -10.81 80.28 28.18
N ARG I 215 -10.37 80.54 26.95
CA ARG I 215 -10.31 79.62 25.83
C ARG I 215 -8.91 79.05 25.78
N CYS I 216 -8.81 77.73 25.72
CA CYS I 216 -7.54 77.02 25.86
C CYS I 216 -7.59 75.67 25.13
N SER I 217 -6.45 75.19 24.61
CA SER I 217 -6.28 73.80 24.20
C SER I 217 -6.28 72.65 25.22
N GLU I 218 -6.47 72.96 26.51
CA GLU I 218 -6.53 72.02 27.63
C GLU I 218 -7.60 72.47 28.61
N GLU I 219 -8.03 71.61 29.53
CA GLU I 219 -8.67 72.09 30.75
C GLU I 219 -7.71 73.04 31.49
N LEU I 220 -8.18 74.16 32.04
CA LEU I 220 -7.32 74.99 32.87
C LEU I 220 -6.89 74.24 34.13
N ASN I 221 -5.60 74.33 34.47
CA ASN I 221 -5.11 73.91 35.78
C ASN I 221 -5.68 74.83 36.86
N ARG I 222 -5.97 74.32 38.07
CA ARG I 222 -6.53 75.17 39.15
C ARG I 222 -5.55 76.24 39.65
N SER I 223 -4.25 76.02 39.51
CA SER I 223 -3.23 77.04 39.72
C SER I 223 -3.28 78.18 38.70
N THR I 224 -3.64 77.89 37.45
CA THR I 224 -3.84 78.90 36.39
C THR I 224 -5.08 79.73 36.67
N ILE I 225 -6.17 79.08 37.10
CA ILE I 225 -7.39 79.76 37.53
C ILE I 225 -7.12 80.66 38.73
N ASP I 226 -6.43 80.17 39.77
CA ASP I 226 -6.04 80.99 40.91
C ASP I 226 -5.25 82.22 40.47
N LYS I 227 -4.30 82.08 39.56
CA LYS I 227 -3.50 83.20 39.06
C LYS I 227 -4.33 84.24 38.32
N ILE I 228 -5.25 83.83 37.45
CA ILE I 228 -6.14 84.76 36.75
C ILE I 228 -7.03 85.50 37.77
N ALA I 229 -7.51 84.78 38.79
CA ALA I 229 -8.30 85.33 39.89
C ALA I 229 -7.49 86.20 40.88
N MET I 230 -6.15 86.21 40.83
CA MET I 230 -5.30 87.15 41.57
C MET I 230 -5.14 88.46 40.81
N PHE I 231 -4.80 88.39 39.53
CA PHE I 231 -4.54 89.60 38.72
C PHE I 231 -5.82 90.38 38.40
N CYS I 232 -6.86 89.71 37.93
CA CYS I 232 -8.20 90.27 37.85
C CYS I 232 -8.86 90.24 39.24
N HIS I 233 -9.56 91.28 39.70
CA HIS I 233 -10.18 91.26 41.03
C HIS I 233 -11.55 90.56 41.03
N VAL I 234 -11.51 89.23 40.89
CA VAL I 234 -12.65 88.31 40.77
C VAL I 234 -12.37 87.01 41.53
N GLY I 235 -13.39 86.32 42.02
CA GLY I 235 -13.20 85.03 42.69
C GLY I 235 -12.86 83.88 41.73
N PRO I 236 -12.44 82.69 42.19
CA PRO I 236 -12.21 81.53 41.32
C PRO I 236 -13.45 81.07 40.55
N GLU I 237 -14.62 81.31 41.13
CA GLU I 237 -15.92 80.93 40.59
C GLU I 237 -16.37 81.78 39.40
N GLN I 238 -15.58 82.81 39.06
CA GLN I 238 -15.82 83.78 37.99
C GLN I 238 -14.85 83.64 36.81
N VAL I 239 -13.90 82.71 36.85
CA VAL I 239 -13.17 82.26 35.66
C VAL I 239 -13.82 80.96 35.21
N VAL I 240 -14.43 80.97 34.03
CA VAL I 240 -14.96 79.77 33.37
C VAL I 240 -13.95 79.25 32.37
N ASN I 241 -13.71 77.96 32.47
CA ASN I 241 -12.79 77.19 31.66
C ASN I 241 -13.53 76.70 30.42
N VAL I 242 -13.30 77.31 29.25
CA VAL I 242 -14.01 77.04 28.00
C VAL I 242 -13.06 76.38 26.99
N HIS I 243 -12.60 75.17 27.29
CA HIS I 243 -11.62 74.47 26.46
C HIS I 243 -12.18 74.09 25.07
N ASP I 244 -11.26 73.72 24.18
CA ASP I 244 -11.61 73.23 22.85
C ASP I 244 -12.37 71.90 22.89
N VAL I 245 -13.62 71.90 22.43
CA VAL I 245 -14.48 70.71 22.36
C VAL I 245 -14.86 70.42 20.90
N ASN I 246 -15.02 69.15 20.54
CA ASN I 246 -15.36 68.73 19.17
C ASN I 246 -16.73 69.23 18.65
N SER I 247 -17.69 69.50 19.54
CA SER I 247 -19.08 69.89 19.25
C SER I 247 -19.48 71.12 20.06
N THR I 248 -20.12 72.13 19.43
CA THR I 248 -20.60 73.33 20.14
C THR I 248 -21.94 73.16 20.83
N TYR I 249 -22.72 72.11 20.53
CA TYR I 249 -23.92 71.77 21.29
C TYR I 249 -23.60 71.37 22.73
N HIS I 250 -22.37 71.01 23.03
CA HIS I 250 -21.91 70.71 24.38
C HIS I 250 -21.58 71.95 25.21
N VAL I 251 -21.22 73.07 24.59
CA VAL I 251 -20.79 74.27 25.32
C VAL I 251 -21.82 74.81 26.30
N PRO I 252 -23.14 74.83 26.06
CA PRO I 252 -24.09 75.17 27.11
C PRO I 252 -24.00 74.27 28.35
N LEU I 253 -23.83 72.98 28.18
CA LEU I 253 -23.73 72.06 29.31
C LEU I 253 -22.38 72.16 30.01
N LEU I 254 -21.32 72.66 29.36
CA LEU I 254 -20.08 73.05 30.06
C LEU I 254 -20.31 74.19 31.04
N LEU I 255 -20.99 75.25 30.59
CA LEU I 255 -21.16 76.44 31.40
C LEU I 255 -22.21 76.22 32.48
N LEU I 256 -23.20 75.35 32.26
CA LEU I 256 -24.12 74.89 33.31
C LEU I 256 -23.38 74.10 34.41
N LYS I 257 -22.47 73.19 34.06
CA LYS I 257 -21.55 72.54 35.02
C LYS I 257 -20.69 73.51 35.82
N GLN I 258 -20.40 74.69 35.27
CA GLN I 258 -19.51 75.71 35.87
C GLN I 258 -20.27 76.85 36.57
N HIS I 259 -21.52 76.64 36.97
CA HIS I 259 -22.28 77.57 37.80
C HIS I 259 -22.54 78.94 37.17
N MET I 260 -22.42 79.10 35.86
CA MET I 260 -22.51 80.43 35.25
C MET I 260 -23.92 81.02 35.27
N ILE I 261 -24.97 80.20 35.13
CA ILE I 261 -26.34 80.63 35.48
C ILE I 261 -26.40 81.05 36.94
N ASP I 262 -25.89 80.24 37.86
CA ASP I 262 -26.01 80.46 39.30
C ASP I 262 -25.30 81.77 39.70
N TYR I 263 -24.18 82.09 39.06
CA TYR I 263 -23.49 83.36 39.26
C TYR I 263 -24.30 84.52 38.71
N LEU I 264 -24.67 84.48 37.43
CA LEU I 264 -25.43 85.54 36.76
C LEU I 264 -26.78 85.79 37.42
N HIS I 265 -27.42 84.79 38.01
CA HIS I 265 -28.67 84.94 38.75
C HIS I 265 -28.52 85.81 40.02
N SER I 266 -27.36 85.77 40.66
CA SER I 266 -26.98 86.60 41.82
C SER I 266 -26.30 87.93 41.44
N ARG I 267 -25.63 88.00 40.28
CA ARG I 267 -25.03 89.22 39.72
C ARG I 267 -26.01 90.15 39.00
N LEU I 268 -27.09 89.60 38.44
CA LEU I 268 -28.09 90.35 37.67
C LEU I 268 -29.48 90.33 38.33
N LYS I 269 -29.62 89.79 39.54
CA LYS I 269 -30.90 89.69 40.29
C LYS I 269 -32.02 89.11 39.43
N LEU I 270 -31.75 88.00 38.74
CA LEU I 270 -32.65 87.47 37.73
C LEU I 270 -33.89 86.80 38.35
N GLY I 271 -33.81 86.39 39.62
CA GLY I 271 -34.95 85.89 40.39
C GLY I 271 -36.00 86.93 40.74
N GLU I 272 -35.68 88.21 40.54
CA GLU I 272 -36.56 89.34 40.79
C GLU I 272 -37.27 89.83 39.53
N VAL I 273 -36.98 89.24 38.36
CA VAL I 273 -37.82 89.43 37.16
C VAL I 273 -39.11 88.63 37.35
N PRO I 274 -40.31 89.21 37.13
CA PRO I 274 -41.57 88.48 37.25
C PRO I 274 -41.66 87.40 36.20
N LEU I 275 -41.94 86.16 36.61
CA LEU I 275 -42.24 85.02 35.74
C LEU I 275 -43.31 84.13 36.40
N THR I 276 -44.11 83.46 35.59
CA THR I 276 -45.09 82.47 36.04
C THR I 276 -44.45 81.08 36.24
N LEU I 277 -45.15 80.13 36.86
CA LEU I 277 -44.75 78.71 36.80
C LEU I 277 -44.81 78.15 35.35
N GLU I 278 -45.68 78.67 34.47
CA GLU I 278 -45.68 78.26 33.06
C GLU I 278 -44.34 78.57 32.40
N ASP I 279 -43.82 79.78 32.60
CA ASP I 279 -42.49 80.18 32.14
C ASP I 279 -41.39 79.29 32.71
N LYS I 280 -41.49 78.88 33.98
CA LYS I 280 -40.50 78.01 34.63
C LYS I 280 -40.61 76.52 34.27
N GLU I 281 -41.72 76.03 33.73
CA GLU I 281 -41.78 74.71 33.08
C GLU I 281 -41.15 74.76 31.70
N ARG I 282 -41.46 75.79 30.91
CA ARG I 282 -40.91 75.94 29.55
C ARG I 282 -39.38 76.02 29.56
N GLY I 283 -38.78 76.66 30.55
CA GLY I 283 -37.33 76.75 30.68
C GLY I 283 -36.66 75.38 30.85
N SER I 284 -37.07 74.56 31.81
CA SER I 284 -36.48 73.22 32.00
C SER I 284 -36.91 72.20 30.92
N GLN I 285 -38.04 72.41 30.25
CA GLN I 285 -38.45 71.66 29.06
C GLN I 285 -37.50 71.92 27.88
N LEU I 286 -37.04 73.15 27.66
CA LEU I 286 -35.91 73.40 26.75
C LEU I 286 -34.61 72.79 27.24
N LEU I 287 -34.30 72.82 28.55
CA LEU I 287 -33.05 72.23 29.05
C LEU I 287 -33.00 70.73 28.81
N THR I 288 -34.05 70.01 29.21
CA THR I 288 -34.13 68.56 29.00
C THR I 288 -34.13 68.19 27.52
N ASN I 289 -34.78 68.96 26.63
CA ASN I 289 -34.61 68.79 25.18
C ASN I 289 -33.16 69.00 24.70
N TRP I 290 -32.37 69.90 25.31
CA TRP I 290 -30.96 70.06 24.99
C TRP I 290 -30.12 68.88 25.47
N GLU I 291 -30.33 68.41 26.70
CA GLU I 291 -29.70 67.22 27.23
C GLU I 291 -30.06 65.97 26.42
N ASN I 292 -31.29 65.87 25.92
CA ASN I 292 -31.67 64.79 25.00
C ASN I 292 -30.85 64.86 23.70
N MET I 293 -30.89 65.97 22.97
CA MET I 293 -30.17 66.01 21.69
C MET I 293 -28.65 65.86 21.84
N THR I 294 -28.06 66.30 22.95
CA THR I 294 -26.62 66.10 23.22
C THR I 294 -26.28 64.67 23.67
N LYS I 295 -27.15 63.99 24.40
CA LYS I 295 -27.02 62.56 24.66
C LYS I 295 -27.13 61.77 23.36
N ASN I 296 -28.15 62.03 22.54
CA ASN I 296 -28.34 61.40 21.21
C ASN I 296 -27.24 61.73 20.20
N LEU I 297 -26.46 62.79 20.42
CA LEU I 297 -25.23 63.10 19.68
C LEU I 297 -24.07 62.20 20.08
N ASP I 298 -23.93 61.89 21.37
CA ASP I 298 -22.80 61.12 21.90
C ASP I 298 -22.93 59.59 21.75
N ASP I 299 -24.13 59.03 21.88
CA ASP I 299 -24.32 57.58 21.79
C ASP I 299 -24.78 57.08 20.41
N SER I 300 -25.09 57.98 19.48
CA SER I 300 -25.25 57.67 18.05
C SER I 300 -23.91 57.22 17.44
N ASP I 301 -23.98 56.33 16.46
CA ASP I 301 -22.85 55.62 15.88
C ASP I 301 -22.98 55.44 14.36
N ASP I 302 -24.16 55.10 13.86
CA ASP I 302 -24.36 54.85 12.43
C ASP I 302 -24.20 56.15 11.62
N VAL I 303 -23.32 56.16 10.62
CA VAL I 303 -22.98 57.34 9.81
C VAL I 303 -23.96 57.54 8.65
N VAL I 304 -24.16 58.79 8.23
CA VAL I 304 -24.69 59.14 6.90
C VAL I 304 -23.79 60.17 6.22
N LYS I 305 -23.50 59.99 4.93
CA LYS I 305 -22.59 60.85 4.17
C LYS I 305 -23.37 61.69 3.17
N ILE I 306 -23.25 63.01 3.24
CA ILE I 306 -23.90 63.95 2.32
C ILE I 306 -22.82 64.68 1.53
N ALA I 307 -22.87 64.63 0.20
CA ALA I 307 -22.04 65.50 -0.62
C ALA I 307 -22.65 66.90 -0.66
N LEU I 308 -21.90 67.90 -0.23
CA LEU I 308 -22.22 69.31 -0.48
C LEU I 308 -21.40 69.75 -1.68
N VAL I 309 -22.07 70.02 -2.79
CA VAL I 309 -21.45 70.30 -4.09
C VAL I 309 -21.48 71.80 -4.36
N GLY I 310 -20.34 72.49 -4.37
CA GLY I 310 -20.32 73.95 -4.46
C GLY I 310 -18.98 74.51 -4.90
N LYS I 311 -18.73 75.82 -4.75
CA LYS I 311 -17.38 76.41 -4.87
C LYS I 311 -16.81 76.81 -3.51
N TYR I 312 -15.51 76.96 -3.42
CA TYR I 312 -14.81 77.44 -2.24
C TYR I 312 -15.12 76.63 -0.98
N THR I 313 -15.20 75.30 -1.13
CA THR I 313 -15.61 74.40 -0.04
C THR I 313 -14.54 74.24 1.03
N ASN I 314 -13.36 74.84 0.84
CA ASN I 314 -12.27 74.97 1.80
C ASN I 314 -12.55 76.02 2.89
N LEU I 315 -13.30 77.08 2.59
CA LEU I 315 -13.83 78.05 3.57
C LEU I 315 -15.19 77.56 4.07
N LYS I 316 -15.21 76.58 4.99
CA LYS I 316 -16.44 75.90 5.45
C LYS I 316 -17.48 76.84 6.08
N ASP I 317 -17.06 78.00 6.55
CA ASP I 317 -17.90 79.11 7.03
C ASP I 317 -18.75 79.77 5.93
N SER I 318 -18.38 79.66 4.66
CA SER I 318 -19.19 80.09 3.50
C SER I 318 -20.50 79.30 3.34
N TYR I 319 -20.70 78.26 4.14
CA TYR I 319 -21.86 77.38 4.14
C TYR I 319 -22.36 77.14 5.55
N LEU I 320 -22.13 78.07 6.48
CA LEU I 320 -22.38 77.82 7.89
C LEU I 320 -23.83 77.42 8.17
N SER I 321 -24.82 78.07 7.60
CA SER I 321 -26.22 77.76 7.84
C SER I 321 -26.65 76.46 7.19
N VAL I 322 -26.13 76.15 6.01
CA VAL I 322 -26.30 74.86 5.35
C VAL I 322 -25.78 73.73 6.22
N THR I 323 -24.58 73.90 6.75
CA THR I 323 -23.91 72.95 7.62
C THR I 323 -24.72 72.69 8.86
N LYS I 324 -25.14 73.74 9.59
CA LYS I 324 -25.98 73.60 10.77
C LYS I 324 -27.30 72.93 10.45
N SER I 325 -27.90 73.24 9.31
CA SER I 325 -29.16 72.63 8.89
C SER I 325 -29.05 71.13 8.54
N LEU I 326 -27.92 70.68 7.98
CA LEU I 326 -27.61 69.26 7.82
C LEU I 326 -27.37 68.59 9.16
N GLU I 327 -26.69 69.24 10.10
CA GLU I 327 -26.52 68.76 11.46
C GLU I 327 -27.85 68.59 12.18
N HIS I 328 -28.76 69.56 12.13
CA HIS I 328 -30.04 69.43 12.83
C HIS I 328 -30.84 68.26 12.27
N ALA I 329 -30.80 68.04 10.96
CA ALA I 329 -31.46 66.91 10.32
C ALA I 329 -30.87 65.56 10.78
N SER I 330 -29.54 65.47 10.76
CA SER I 330 -28.77 64.35 11.29
C SER I 330 -29.11 64.05 12.74
N MET I 331 -29.16 65.05 13.62
CA MET I 331 -29.49 64.85 15.03
C MET I 331 -30.91 64.33 15.24
N LYS I 332 -31.89 64.76 14.44
CA LYS I 332 -33.27 64.24 14.48
C LYS I 332 -33.41 62.82 13.89
N CYS I 333 -32.57 62.44 12.94
CA CYS I 333 -32.47 61.05 12.45
C CYS I 333 -31.62 60.12 13.34
N ARG I 334 -30.86 60.67 14.29
CA ARG I 334 -29.92 59.96 15.18
C ARG I 334 -28.82 59.20 14.44
N ARG I 335 -28.30 59.78 13.37
CA ARG I 335 -27.15 59.29 12.60
C ARG I 335 -26.06 60.33 12.51
N GLN I 336 -24.81 59.93 12.64
CA GLN I 336 -23.65 60.82 12.60
C GLN I 336 -23.44 61.39 11.20
N LEU I 337 -23.44 62.71 11.06
CA LEU I 337 -23.23 63.34 9.78
C LEU I 337 -21.76 63.38 9.43
N GLU I 338 -21.42 62.94 8.23
CA GLU I 338 -20.21 63.39 7.55
C GLU I 338 -20.62 64.22 6.33
N ILE I 339 -20.23 65.49 6.28
CA ILE I 339 -20.28 66.25 5.04
C ILE I 339 -19.04 65.88 4.23
N LEU I 340 -19.27 65.47 3.00
CA LEU I 340 -18.25 65.35 1.98
C LEU I 340 -18.26 66.66 1.20
N TRP I 341 -17.20 67.44 1.29
CA TRP I 341 -17.09 68.74 0.64
C TRP I 341 -16.56 68.55 -0.79
N VAL I 342 -17.39 68.83 -1.79
CA VAL I 342 -17.11 68.55 -3.21
C VAL I 342 -17.02 69.85 -3.98
N GLU I 343 -15.87 70.23 -4.51
CA GLU I 343 -15.80 71.40 -5.41
C GLU I 343 -16.35 71.04 -6.78
N ALA I 344 -17.43 71.68 -7.20
CA ALA I 344 -18.14 71.36 -8.43
C ALA I 344 -17.27 71.49 -9.69
N SER I 345 -16.39 72.49 -9.76
CA SER I 345 -15.47 72.64 -10.89
C SER I 345 -14.55 71.42 -11.05
N ASN I 346 -14.12 70.80 -9.96
CA ASN I 346 -13.27 69.59 -10.01
C ASN I 346 -14.00 68.37 -10.59
N LEU I 347 -15.33 68.32 -10.55
CA LEU I 347 -16.14 67.28 -11.21
C LEU I 347 -16.08 67.39 -12.73
N GLU I 348 -15.76 68.55 -13.31
CA GLU I 348 -15.69 68.72 -14.76
C GLU I 348 -14.49 67.96 -15.36
N PRO I 349 -14.65 67.31 -16.53
CA PRO I 349 -13.60 66.47 -17.12
C PRO I 349 -12.28 67.17 -17.37
N GLU I 350 -12.30 68.47 -17.69
CA GLU I 350 -11.10 69.26 -17.94
C GLU I 350 -10.14 69.27 -16.74
N THR I 351 -10.65 69.09 -15.52
CA THR I 351 -9.81 68.95 -14.32
C THR I 351 -8.87 67.77 -14.44
N GLN I 352 -9.25 66.68 -15.11
CA GLN I 352 -8.40 65.53 -15.36
C GLN I 352 -7.23 65.86 -16.32
N GLU I 353 -7.31 66.94 -17.08
CA GLU I 353 -6.17 67.49 -17.83
C GLU I 353 -5.29 68.40 -16.94
N VAL I 354 -5.91 69.12 -16.00
CA VAL I 354 -5.26 70.10 -15.13
C VAL I 354 -4.54 69.45 -13.94
N ASP I 355 -5.24 68.61 -13.16
CA ASP I 355 -4.72 67.84 -12.02
C ASP I 355 -5.60 66.62 -11.74
N LYS I 356 -5.09 65.42 -12.04
CA LYS I 356 -5.86 64.18 -11.92
C LYS I 356 -6.22 63.84 -10.48
N ASN I 357 -5.40 64.23 -9.51
CA ASN I 357 -5.68 64.05 -8.08
C ASN I 357 -7.01 64.71 -7.66
N LYS I 358 -7.25 65.96 -8.08
CA LYS I 358 -8.49 66.71 -7.80
C LYS I 358 -9.70 66.13 -8.52
N PHE I 359 -9.54 65.66 -9.75
CA PHE I 359 -10.65 65.05 -10.49
C PHE I 359 -11.15 63.79 -9.79
N HIS I 360 -10.26 62.85 -9.51
CA HIS I 360 -10.66 61.60 -8.87
C HIS I 360 -11.14 61.78 -7.44
N ASP I 361 -10.54 62.62 -6.59
CA ASP I 361 -11.06 62.83 -5.23
C ASP I 361 -12.48 63.39 -5.22
N SER I 362 -12.83 64.27 -6.15
CA SER I 362 -14.19 64.76 -6.27
C SER I 362 -15.19 63.66 -6.63
N TRP I 363 -14.89 62.81 -7.60
CA TRP I 363 -15.79 61.73 -8.03
C TRP I 363 -15.79 60.55 -7.07
N ASN I 364 -14.68 60.30 -6.40
CA ASN I 364 -14.56 59.42 -5.24
C ASN I 364 -15.55 59.84 -4.14
N LYS I 365 -15.60 61.12 -3.77
CA LYS I 365 -16.59 61.66 -2.82
C LYS I 365 -18.01 61.58 -3.35
N LEU I 366 -18.28 62.03 -4.57
CA LEU I 366 -19.65 62.04 -5.09
C LEU I 366 -20.26 60.62 -5.23
N SER I 367 -19.45 59.62 -5.55
CA SER I 367 -19.88 58.21 -5.57
C SER I 367 -20.12 57.62 -4.19
N SER I 368 -19.40 58.13 -3.18
CA SER I 368 -19.47 57.70 -1.79
C SER I 368 -20.73 58.21 -1.06
N ALA I 369 -21.33 59.28 -1.59
CA ALA I 369 -22.42 60.00 -0.96
C ALA I 369 -23.74 59.22 -0.88
N ASP I 370 -24.35 59.16 0.30
CA ASP I 370 -25.70 58.64 0.53
C ASP I 370 -26.79 59.64 0.13
N GLY I 371 -26.46 60.92 0.03
CA GLY I 371 -27.30 62.00 -0.46
C GLY I 371 -26.46 63.15 -0.98
N ILE I 372 -27.04 64.01 -1.79
CA ILE I 372 -26.39 65.16 -2.43
C ILE I 372 -27.16 66.42 -2.09
N LEU I 373 -26.44 67.48 -1.75
CA LEU I 373 -26.94 68.83 -1.66
C LEU I 373 -26.22 69.72 -2.68
N VAL I 374 -26.97 70.42 -3.51
CA VAL I 374 -26.48 71.62 -4.21
C VAL I 374 -26.97 72.82 -3.39
N PRO I 375 -26.08 73.58 -2.73
CA PRO I 375 -26.37 74.33 -1.51
C PRO I 375 -26.96 75.72 -1.69
N GLY I 376 -27.04 76.26 -2.91
CA GLY I 376 -27.42 77.65 -3.16
C GLY I 376 -26.22 78.60 -3.05
N GLY I 377 -25.28 78.44 -3.98
CA GLY I 377 -24.07 79.26 -4.09
C GLY I 377 -24.30 80.61 -4.76
N PHE I 378 -23.20 81.18 -5.21
CA PHE I 378 -23.06 82.58 -5.65
C PHE I 378 -22.04 82.65 -6.80
N GLY I 379 -22.37 83.32 -7.91
CA GLY I 379 -21.52 83.42 -9.10
C GLY I 379 -21.47 82.14 -9.95
N THR I 380 -21.85 82.22 -11.23
CA THR I 380 -22.19 81.08 -12.09
C THR I 380 -21.05 80.15 -12.51
N ARG I 381 -19.79 80.42 -12.13
CA ARG I 381 -18.58 79.76 -12.67
C ARG I 381 -18.49 78.23 -12.51
N GLY I 382 -19.24 77.63 -11.58
CA GLY I 382 -19.22 76.18 -11.29
C GLY I 382 -20.37 75.36 -11.89
N ILE I 383 -21.29 75.97 -12.62
CA ILE I 383 -22.57 75.36 -13.02
C ILE I 383 -22.39 74.09 -13.87
N GLU I 384 -21.45 74.07 -14.80
CA GLU I 384 -21.24 72.90 -15.67
C GLU I 384 -20.79 71.66 -14.87
N GLY I 385 -20.10 71.86 -13.74
CA GLY I 385 -19.81 70.81 -12.76
C GLY I 385 -21.05 70.36 -12.00
N MET I 386 -21.86 71.29 -11.48
CA MET I 386 -23.08 70.94 -10.76
C MET I 386 -24.12 70.23 -11.64
N ILE I 387 -24.14 70.51 -12.95
CA ILE I 387 -24.98 69.81 -13.91
C ILE I 387 -24.65 68.33 -13.96
N LEU I 388 -23.38 67.96 -13.87
CA LEU I 388 -22.96 66.56 -13.73
C LEU I 388 -23.49 65.99 -12.42
N ALA I 389 -23.35 66.70 -11.30
CA ALA I 389 -23.82 66.22 -10.00
C ALA I 389 -25.35 66.00 -9.96
N ALA I 390 -26.11 66.89 -10.58
CA ALA I 390 -27.56 66.72 -10.75
C ALA I 390 -27.90 65.57 -11.70
N LYS I 391 -27.15 65.39 -12.80
CA LYS I 391 -27.33 64.27 -13.74
C LYS I 391 -27.10 62.94 -13.02
N TRP I 392 -25.95 62.80 -12.36
CA TRP I 392 -25.58 61.65 -11.55
C TRP I 392 -26.70 61.26 -10.59
N ALA I 393 -27.23 62.19 -9.80
CA ALA I 393 -28.30 61.89 -8.86
C ALA I 393 -29.60 61.41 -9.52
N ARG I 394 -29.96 61.94 -10.69
CA ARG I 394 -31.18 61.58 -11.41
C ARG I 394 -31.06 60.25 -12.13
N GLU I 395 -29.93 60.01 -12.78
CA GLU I 395 -29.62 58.75 -13.48
C GLU I 395 -29.46 57.55 -12.51
N SER I 396 -29.14 57.81 -11.24
CA SER I 396 -28.68 56.79 -10.27
C SER I 396 -29.60 56.55 -9.08
N GLY I 397 -30.62 57.38 -8.86
CA GLY I 397 -31.57 57.24 -7.75
C GLY I 397 -31.09 57.76 -6.39
N VAL I 398 -29.95 58.45 -6.35
CA VAL I 398 -29.37 59.01 -5.11
C VAL I 398 -30.18 60.23 -4.63
N PRO I 399 -30.57 60.32 -3.35
CA PRO I 399 -31.29 61.46 -2.79
C PRO I 399 -30.65 62.83 -3.06
N PHE I 400 -31.46 63.81 -3.44
CA PHE I 400 -30.99 65.12 -3.89
C PHE I 400 -31.81 66.24 -3.27
N LEU I 401 -31.15 67.33 -2.88
CA LEU I 401 -31.78 68.60 -2.62
C LEU I 401 -31.08 69.70 -3.40
N GLY I 402 -31.84 70.52 -4.13
CA GLY I 402 -31.33 71.68 -4.83
C GLY I 402 -31.88 72.99 -4.26
N VAL I 403 -31.03 73.84 -3.71
CA VAL I 403 -31.44 75.11 -3.09
C VAL I 403 -31.04 76.30 -3.97
N CYS I 404 -31.95 77.22 -4.29
CA CYS I 404 -31.77 78.42 -5.11
C CYS I 404 -31.19 78.09 -6.49
N LEU I 405 -29.89 78.30 -6.71
CA LEU I 405 -29.14 77.75 -7.83
C LEU I 405 -29.34 76.23 -8.03
N GLY I 406 -29.64 75.46 -6.98
CA GLY I 406 -29.97 74.04 -7.05
C GLY I 406 -31.34 73.70 -7.65
N LEU I 407 -32.33 74.61 -7.68
CA LEU I 407 -33.45 74.47 -8.63
C LEU I 407 -32.89 74.55 -10.04
N GLN I 408 -32.10 75.60 -10.27
CA GLN I 408 -31.77 76.06 -11.60
C GLN I 408 -30.87 75.08 -12.32
N VAL I 409 -29.76 74.63 -11.73
CA VAL I 409 -28.90 73.62 -12.36
C VAL I 409 -29.63 72.29 -12.57
N ALA I 410 -30.61 71.94 -11.74
CA ALA I 410 -31.38 70.72 -11.93
C ALA I 410 -32.35 70.85 -13.09
N ALA I 411 -33.08 71.97 -13.20
CA ALA I 411 -33.94 72.24 -14.35
C ALA I 411 -33.12 72.36 -15.66
N ILE I 412 -31.95 72.99 -15.63
CA ILE I 412 -31.02 73.03 -16.75
C ILE I 412 -30.55 71.63 -17.13
N GLU I 413 -30.25 70.77 -16.17
CA GLU I 413 -29.94 69.37 -16.41
C GLU I 413 -31.12 68.63 -17.06
N PHE I 414 -32.31 68.72 -16.46
CA PHE I 414 -33.52 68.05 -16.94
C PHE I 414 -33.91 68.51 -18.36
N ALA I 415 -33.76 69.80 -18.66
CA ALA I 415 -33.93 70.34 -20.01
C ALA I 415 -32.93 69.75 -21.01
N ARG I 416 -31.62 69.79 -20.72
CA ARG I 416 -30.56 69.27 -21.61
C ARG I 416 -30.60 67.74 -21.80
N ASN I 417 -31.05 66.98 -20.80
CA ASN I 417 -30.89 65.52 -20.76
C ASN I 417 -32.19 64.70 -20.77
N VAL I 418 -33.36 65.28 -20.49
CA VAL I 418 -34.64 64.55 -20.48
C VAL I 418 -35.67 65.15 -21.44
N ILE I 419 -35.72 66.48 -21.62
CA ILE I 419 -36.41 67.10 -22.77
C ILE I 419 -35.56 66.99 -24.03
N GLY I 420 -34.26 67.22 -23.92
CA GLY I 420 -33.29 67.07 -25.02
C GLY I 420 -33.06 68.32 -25.86
N ARG I 421 -32.91 69.50 -25.22
CA ARG I 421 -32.42 70.75 -25.84
C ARG I 421 -31.00 71.07 -25.32
N PRO I 422 -29.93 70.51 -25.91
CA PRO I 422 -28.66 70.30 -25.19
C PRO I 422 -27.85 71.54 -24.80
N ASN I 423 -28.21 72.72 -25.29
CA ASN I 423 -27.57 74.00 -25.00
C ASN I 423 -28.32 74.87 -23.98
N SER I 424 -29.50 74.46 -23.50
CA SER I 424 -30.37 75.28 -22.64
C SER I 424 -29.70 75.69 -21.33
N SER I 425 -29.89 76.93 -20.87
CA SER I 425 -28.90 77.57 -19.98
C SER I 425 -29.44 78.64 -19.02
N SER I 426 -28.61 78.92 -18.02
CA SER I 426 -28.69 80.04 -17.08
C SER I 426 -28.35 81.36 -17.77
N THR I 427 -29.35 82.21 -17.95
CA THR I 427 -29.19 83.54 -18.53
C THR I 427 -28.16 84.39 -17.78
N GLU I 428 -27.97 84.21 -16.47
CA GLU I 428 -26.92 84.93 -15.73
C GLU I 428 -25.49 84.62 -16.20
N PHE I 429 -25.27 83.47 -16.85
CA PHE I 429 -23.95 83.03 -17.31
C PHE I 429 -23.62 83.49 -18.75
N LEU I 430 -24.65 83.69 -19.59
CA LEU I 430 -24.50 83.89 -21.04
C LEU I 430 -25.10 85.20 -21.58
N ASP I 431 -26.04 85.81 -20.85
CA ASP I 431 -26.91 86.94 -21.21
C ASP I 431 -27.00 87.30 -22.71
N GLU I 432 -26.11 88.18 -23.19
CA GLU I 432 -26.10 88.75 -24.55
C GLU I 432 -26.00 87.73 -25.70
N THR I 433 -25.69 86.47 -25.38
CA THR I 433 -25.57 85.35 -26.33
C THR I 433 -26.91 84.92 -26.93
N LEU I 434 -28.05 85.22 -26.29
CA LEU I 434 -29.42 85.10 -26.83
C LEU I 434 -29.81 83.72 -27.41
N LEU I 435 -29.41 82.61 -26.77
CA LEU I 435 -29.99 81.28 -27.06
C LEU I 435 -31.52 81.28 -26.90
N ALA I 436 -32.23 80.46 -27.66
CA ALA I 436 -33.70 80.37 -27.57
C ALA I 436 -34.23 79.61 -26.33
N PRO I 437 -33.66 78.46 -25.88
CA PRO I 437 -34.15 77.73 -24.71
C PRO I 437 -33.53 78.28 -23.43
N GLU I 438 -34.00 79.44 -23.01
CA GLU I 438 -33.66 80.07 -21.74
C GLU I 438 -34.39 79.36 -20.59
N ASP I 439 -33.66 78.68 -19.70
CA ASP I 439 -34.21 78.04 -18.51
C ASP I 439 -34.39 79.04 -17.36
N GLN I 440 -33.32 79.75 -16.99
CA GLN I 440 -33.44 80.96 -16.18
C GLN I 440 -33.95 82.12 -17.04
N VAL I 441 -34.85 82.94 -16.50
CA VAL I 441 -35.15 84.31 -16.99
C VAL I 441 -35.36 85.25 -15.80
N VAL I 442 -35.06 86.55 -15.93
CA VAL I 442 -35.28 87.55 -14.88
C VAL I 442 -36.77 87.85 -14.74
N ILE I 443 -37.32 87.86 -13.52
CA ILE I 443 -38.68 88.39 -13.27
C ILE I 443 -38.65 89.41 -12.12
N THR I 444 -34.16 95.03 -6.82
CA THR I 444 -34.59 94.04 -7.81
C THR I 444 -34.30 92.59 -7.42
N MET I 445 -33.55 92.32 -6.34
CA MET I 445 -33.57 91.02 -5.67
C MET I 445 -34.96 90.74 -5.05
N ARG I 446 -35.49 89.54 -5.24
CA ARG I 446 -36.66 89.05 -4.50
C ARG I 446 -36.21 88.51 -3.14
N LEU I 447 -36.42 89.30 -2.09
CA LEU I 447 -35.68 89.21 -0.82
C LEU I 447 -36.59 88.97 0.39
N GLY I 448 -36.07 88.28 1.41
CA GLY I 448 -36.74 88.09 2.69
C GLY I 448 -37.87 87.10 2.66
N LEU I 449 -38.66 87.04 3.71
CA LEU I 449 -39.76 86.09 3.84
C LEU I 449 -40.86 86.38 2.83
N ARG I 450 -41.31 85.36 2.10
CA ARG I 450 -42.43 85.40 1.16
C ARG I 450 -43.32 84.16 1.38
N PRO I 451 -44.58 84.18 0.96
CA PRO I 451 -45.41 82.97 0.86
C PRO I 451 -45.14 82.25 -0.48
N THR I 452 -45.07 80.93 -0.41
CA THR I 452 -45.07 79.93 -1.49
C THR I 452 -46.33 79.08 -1.31
N ILE I 453 -47.06 78.79 -2.37
CA ILE I 453 -48.34 78.07 -2.30
C ILE I 453 -48.24 76.82 -3.16
N PHE I 454 -48.72 75.67 -2.67
CA PHE I 454 -48.63 74.41 -3.42
C PHE I 454 -49.65 74.39 -4.58
N GLN I 455 -49.19 74.08 -5.79
CA GLN I 455 -50.04 73.78 -6.97
C GLN I 455 -50.98 72.59 -6.63
N PRO I 456 -52.24 72.47 -7.13
CA PRO I 456 -53.20 71.52 -6.55
C PRO I 456 -52.86 70.03 -6.68
N ASN I 457 -52.28 69.61 -7.81
CA ASN I 457 -51.98 68.19 -8.10
C ASN I 457 -50.62 67.73 -7.52
N SER I 458 -50.42 67.89 -6.21
CA SER I 458 -49.10 67.83 -5.55
C SER I 458 -49.03 67.10 -4.21
N GLU I 459 -50.14 66.64 -3.63
CA GLU I 459 -50.07 65.88 -2.37
C GLU I 459 -49.35 64.53 -2.53
N TRP I 460 -49.12 64.04 -3.74
CA TRP I 460 -48.31 62.85 -3.99
C TRP I 460 -46.84 63.03 -3.60
N SER I 461 -46.32 64.26 -3.67
CA SER I 461 -44.92 64.60 -3.53
C SER I 461 -44.43 64.50 -2.08
N ASN I 462 -43.23 63.97 -1.92
CA ASN I 462 -42.52 63.92 -0.66
C ASN I 462 -42.35 65.32 -0.05
N ILE I 463 -42.07 66.35 -0.86
CA ILE I 463 -41.87 67.71 -0.36
C ILE I 463 -43.13 68.35 0.21
N ARG I 464 -44.31 68.20 -0.40
CA ARG I 464 -45.57 68.62 0.26
C ARG I 464 -45.87 67.82 1.53
N LYS I 465 -45.52 66.53 1.54
CA LYS I 465 -45.69 65.65 2.70
C LYS I 465 -44.83 66.05 3.89
N LEU I 466 -43.55 66.35 3.65
CA LEU I 466 -42.60 66.85 4.66
C LEU I 466 -43.03 68.17 5.31
N TYR I 467 -43.67 69.06 4.57
CA TYR I 467 -44.21 70.31 5.10
C TYR I 467 -45.54 70.17 5.86
N GLY I 468 -45.94 68.96 6.24
CA GLY I 468 -47.18 68.69 6.98
C GLY I 468 -48.46 68.81 6.14
N GLU I 469 -48.34 68.86 4.81
CA GLU I 469 -49.43 69.11 3.86
C GLU I 469 -50.20 70.43 4.10
N VAL I 470 -49.58 71.39 4.79
CA VAL I 470 -50.10 72.75 4.98
C VAL I 470 -50.13 73.47 3.63
N ASN I 471 -51.13 74.30 3.35
CA ASN I 471 -51.38 74.84 2.01
C ASN I 471 -50.31 75.83 1.51
N GLU I 472 -49.76 76.62 2.43
CA GLU I 472 -48.69 77.60 2.20
C GLU I 472 -47.40 77.18 2.91
N VAL I 473 -46.28 77.51 2.30
CA VAL I 473 -44.93 77.47 2.84
C VAL I 473 -44.42 78.91 2.91
N HIS I 474 -44.00 79.40 4.08
CA HIS I 474 -43.39 80.75 4.20
C HIS I 474 -41.91 80.58 4.48
N GLU I 475 -41.07 81.09 3.60
CA GLU I 475 -39.61 80.87 3.63
C GLU I 475 -38.88 82.08 3.05
N ARG I 476 -37.57 82.19 3.25
CA ARG I 476 -36.76 83.37 2.93
C ARG I 476 -36.09 83.25 1.55
N HIS I 477 -36.13 84.33 0.78
CA HIS I 477 -35.68 84.43 -0.61
C HIS I 477 -34.50 85.38 -0.75
N ARG I 478 -33.62 85.13 -1.71
CA ARG I 478 -32.49 86.01 -2.07
C ARG I 478 -32.05 85.76 -3.53
N HIS I 479 -33.01 85.81 -4.44
CA HIS I 479 -32.82 85.47 -5.85
C HIS I 479 -33.31 86.57 -6.79
N ARG I 480 -32.75 86.59 -8.00
CA ARG I 480 -33.02 87.59 -9.05
C ARG I 480 -33.73 86.98 -10.27
N TYR I 481 -33.44 85.72 -10.57
CA TYR I 481 -34.01 84.92 -11.66
C TYR I 481 -35.17 84.03 -11.19
N GLU I 482 -35.85 83.45 -12.17
CA GLU I 482 -36.88 82.41 -12.06
C GLU I 482 -36.60 81.32 -13.10
N ILE I 483 -37.24 80.16 -12.96
CA ILE I 483 -37.46 79.30 -14.11
C ILE I 483 -38.49 79.93 -15.05
N ASN I 484 -38.21 79.89 -16.34
CA ASN I 484 -39.09 80.33 -17.43
C ASN I 484 -40.45 79.60 -17.44
N PRO I 485 -41.60 80.31 -17.33
CA PRO I 485 -42.92 79.69 -17.31
C PRO I 485 -43.28 79.00 -18.64
N LYS I 486 -42.72 79.45 -19.78
CA LYS I 486 -42.93 78.83 -21.10
C LYS I 486 -42.40 77.40 -21.20
N ILE I 487 -41.34 77.09 -20.44
CA ILE I 487 -40.75 75.76 -20.32
C ILE I 487 -41.42 74.92 -19.22
N VAL I 488 -42.30 75.47 -18.39
CA VAL I 488 -42.93 74.73 -17.29
C VAL I 488 -43.84 73.60 -17.79
N ASN I 489 -44.79 73.85 -18.68
CA ASN I 489 -45.69 72.76 -19.11
C ASN I 489 -44.98 71.72 -20.01
N ASP I 490 -43.92 72.13 -20.70
CA ASP I 490 -42.96 71.22 -21.34
C ASP I 490 -42.33 70.26 -20.29
N MET I 491 -41.71 70.79 -19.24
CA MET I 491 -41.18 70.00 -18.14
C MET I 491 -42.23 69.18 -17.42
N GLU I 492 -43.40 69.73 -17.12
CA GLU I 492 -44.45 68.99 -16.44
C GLU I 492 -44.99 67.84 -17.31
N SER I 493 -45.03 68.00 -18.64
CA SER I 493 -45.38 66.89 -19.55
C SER I 493 -44.43 65.71 -19.44
N ARG I 494 -43.20 65.93 -18.96
CA ARG I 494 -42.13 64.94 -18.77
C ARG I 494 -41.93 64.49 -17.31
N GLY I 495 -42.79 64.92 -16.37
CA GLY I 495 -42.82 64.46 -14.97
C GLY I 495 -42.10 65.33 -13.93
N PHE I 496 -41.50 66.46 -14.34
CA PHE I 496 -40.78 67.40 -13.49
C PHE I 496 -41.72 68.49 -12.94
N ILE I 497 -42.64 68.10 -12.07
CA ILE I 497 -43.76 68.94 -11.63
C ILE I 497 -43.31 70.08 -10.70
N PHE I 498 -43.68 71.31 -11.04
CA PHE I 498 -43.47 72.47 -10.18
C PHE I 498 -44.57 72.53 -9.11
N VAL I 499 -44.35 71.71 -8.10
CA VAL I 499 -45.17 71.47 -6.91
C VAL I 499 -45.53 72.72 -6.12
N GLY I 500 -44.77 73.82 -6.19
CA GLY I 500 -45.10 75.06 -5.49
C GLY I 500 -44.61 76.33 -6.17
N LYS I 501 -45.38 77.41 -6.01
CA LYS I 501 -45.25 78.69 -6.74
C LYS I 501 -45.62 79.88 -5.86
N ASP I 502 -45.23 81.08 -6.30
CA ASP I 502 -45.76 82.36 -5.80
C ASP I 502 -47.27 82.47 -6.05
N GLU I 503 -48.00 83.22 -5.22
CA GLU I 503 -49.45 83.40 -5.34
C GLU I 503 -49.93 83.87 -6.74
N THR I 504 -49.09 84.59 -7.49
CA THR I 504 -49.37 85.02 -8.88
C THR I 504 -49.20 83.92 -9.93
N GLY I 505 -48.55 82.79 -9.60
CA GLY I 505 -48.30 81.66 -10.50
C GLY I 505 -47.21 81.87 -11.58
N GLN I 506 -46.66 83.07 -11.73
CA GLN I 506 -45.60 83.36 -12.70
C GLN I 506 -44.24 82.77 -12.30
N ARG I 507 -44.07 82.51 -10.99
CA ARG I 507 -42.78 82.25 -10.30
C ARG I 507 -42.72 80.83 -9.69
N CYS I 508 -41.75 80.03 -10.12
CA CYS I 508 -41.62 78.60 -9.78
C CYS I 508 -40.66 78.38 -8.62
N GLU I 509 -41.11 77.74 -7.54
CA GLU I 509 -40.42 77.82 -6.25
C GLU I 509 -40.09 76.48 -5.61
N ILE I 510 -40.91 75.45 -5.81
CA ILE I 510 -40.64 74.08 -5.38
C ILE I 510 -40.92 73.12 -6.54
N PHE I 511 -40.05 72.14 -6.77
CA PHE I 511 -40.37 70.97 -7.59
C PHE I 511 -40.19 69.66 -6.84
N GLU I 512 -40.84 68.62 -7.36
CA GLU I 512 -40.40 67.25 -7.19
C GLU I 512 -40.48 66.53 -8.54
N LEU I 513 -39.47 65.74 -8.91
CA LEU I 513 -39.54 64.85 -10.07
C LEU I 513 -40.28 63.57 -9.69
N LYS I 514 -41.30 63.21 -10.48
CA LYS I 514 -42.05 61.94 -10.38
C LYS I 514 -41.13 60.71 -10.35
N GLY I 515 -41.45 59.75 -9.48
CA GLY I 515 -40.85 58.41 -9.45
C GLY I 515 -39.52 58.25 -8.71
N HIS I 516 -38.62 59.23 -8.76
CA HIS I 516 -37.35 59.21 -8.02
C HIS I 516 -37.57 59.22 -6.49
N PRO I 517 -36.79 58.50 -5.66
CA PRO I 517 -37.00 58.46 -4.22
C PRO I 517 -37.07 59.84 -3.52
N TYR I 518 -36.19 60.77 -3.91
CA TYR I 518 -36.15 62.15 -3.38
C TYR I 518 -35.32 63.03 -4.31
N TYR I 519 -35.96 63.82 -5.17
CA TYR I 519 -35.31 64.74 -6.08
C TYR I 519 -36.10 66.04 -6.00
N VAL I 520 -35.74 66.84 -5.02
CA VAL I 520 -36.48 68.05 -4.62
C VAL I 520 -35.63 69.27 -4.88
N GLY I 521 -36.26 70.37 -5.28
CA GLY I 521 -35.58 71.65 -5.42
C GLY I 521 -36.45 72.77 -4.88
N THR I 522 -35.84 73.73 -4.20
CA THR I 522 -36.47 74.94 -3.63
C THR I 522 -35.76 76.17 -4.14
N GLN I 523 -36.46 77.23 -4.54
CA GLN I 523 -35.77 78.49 -4.90
C GLN I 523 -35.46 79.37 -3.69
N TYR I 524 -36.20 79.23 -2.60
CA TYR I 524 -35.83 79.77 -1.30
C TYR I 524 -34.65 79.02 -0.69
N HIS I 525 -34.07 79.63 0.34
CA HIS I 525 -33.03 79.04 1.19
C HIS I 525 -33.68 78.45 2.44
N PRO I 526 -33.86 77.13 2.58
CA PRO I 526 -34.46 76.54 3.76
C PRO I 526 -33.52 76.54 4.97
N GLU I 527 -32.24 76.90 4.81
CA GLU I 527 -31.24 76.93 5.88
C GLU I 527 -31.58 77.91 6.98
N TYR I 528 -32.04 79.10 6.60
CA TYR I 528 -32.18 80.24 7.48
C TYR I 528 -33.31 80.09 8.47
N THR I 529 -34.25 79.20 8.18
CA THR I 529 -35.39 78.87 9.01
C THR I 529 -35.15 77.60 9.87
N SER I 530 -33.95 76.98 9.83
CA SER I 530 -33.61 75.80 10.65
C SER I 530 -33.36 76.12 12.13
N LYS I 531 -33.92 75.34 13.06
CA LYS I 531 -33.76 75.49 14.52
C LYS I 531 -33.16 74.23 15.13
N VAL I 532 -32.40 74.32 16.22
CA VAL I 532 -31.63 73.17 16.74
C VAL I 532 -32.52 71.98 17.11
N LEU I 533 -33.73 72.25 17.58
CA LEU I 533 -34.71 71.26 18.02
C LEU I 533 -35.86 71.05 17.02
N GLU I 534 -35.78 71.66 15.83
CA GLU I 534 -36.79 71.56 14.77
C GLU I 534 -36.09 71.79 13.40
N PRO I 535 -35.46 70.78 12.79
CA PRO I 535 -34.73 70.95 11.55
C PRO I 535 -35.62 71.41 10.40
N SER I 536 -35.01 72.11 9.44
CA SER I 536 -35.70 72.58 8.25
C SER I 536 -36.18 71.40 7.42
N ARG I 537 -37.44 71.38 7.01
CA ARG I 537 -38.07 70.19 6.43
C ARG I 537 -37.38 69.66 5.16
N PRO I 538 -36.87 70.46 4.21
CA PRO I 538 -36.21 69.92 3.04
C PRO I 538 -34.90 69.19 3.35
N PHE I 539 -34.17 69.61 4.37
CA PHE I 539 -32.91 69.00 4.81
C PHE I 539 -33.15 67.74 5.62
N TRP I 540 -34.16 67.74 6.49
CA TRP I 540 -34.62 66.54 7.21
C TRP I 540 -35.09 65.47 6.22
N GLY I 541 -35.83 65.85 5.19
CA GLY I 541 -36.19 64.97 4.06
C GLY I 541 -35.00 64.43 3.27
N LEU I 542 -33.94 65.19 3.03
CA LEU I 542 -32.73 64.70 2.38
C LEU I 542 -31.97 63.70 3.26
N VAL I 543 -31.74 64.03 4.53
CA VAL I 543 -30.98 63.17 5.42
C VAL I 543 -31.76 61.89 5.73
N ALA I 544 -33.09 61.97 5.83
CA ALA I 544 -33.95 60.81 5.93
C ALA I 544 -33.93 59.96 4.65
N ALA I 545 -34.03 60.56 3.47
CA ALA I 545 -33.90 59.84 2.22
C ALA I 545 -32.53 59.13 2.12
N ALA I 546 -31.44 59.78 2.51
CA ALA I 546 -30.09 59.22 2.52
C ALA I 546 -29.92 58.05 3.52
N SER I 547 -30.70 58.03 4.59
CA SER I 547 -30.58 57.05 5.66
C SER I 547 -31.52 55.86 5.50
N GLY I 548 -32.46 55.91 4.55
CA GLY I 548 -33.70 55.19 4.71
C GLY I 548 -34.51 55.79 5.87
N THR I 549 -35.70 55.25 6.16
CA THR I 549 -36.62 55.77 7.20
C THR I 549 -37.26 57.13 6.89
N LEU I 550 -37.20 57.57 5.63
CA LEU I 550 -38.02 58.66 5.10
C LEU I 550 -39.52 58.46 5.36
N GLY I 551 -40.02 57.23 5.24
CA GLY I 551 -41.42 56.91 5.53
C GLY I 551 -41.76 57.05 7.02
N GLU I 552 -40.93 56.51 7.91
CA GLU I 552 -41.09 56.66 9.35
C GLU I 552 -41.00 58.12 9.80
N VAL I 553 -40.14 58.93 9.18
CA VAL I 553 -40.13 60.39 9.41
C VAL I 553 -41.41 61.06 8.92
N ILE I 554 -41.86 60.81 7.69
CA ILE I 554 -43.11 61.37 7.18
C ILE I 554 -44.28 60.98 8.09
N LYS I 555 -44.35 59.74 8.58
CA LYS I 555 -45.36 59.30 9.55
C LYS I 555 -45.35 60.15 10.84
N ASP I 556 -44.19 60.35 11.45
CA ASP I 556 -44.03 61.17 12.65
C ASP I 556 -44.40 62.65 12.43
N ILE I 557 -44.09 63.19 11.24
CA ILE I 557 -44.48 64.54 10.82
C ILE I 557 -46.00 64.67 10.69
N ASN I 558 -46.68 63.64 10.18
CA ASN I 558 -48.12 63.66 9.93
C ASN I 558 -49.03 63.64 11.18
N LEU I 559 -48.53 63.26 12.37
CA LEU I 559 -49.29 63.38 13.63
C LEU I 559 -49.57 64.85 14.00
N MET J 1 5.17 117.86 -2.60
CA MET J 1 4.41 118.54 -1.53
C MET J 1 5.12 118.37 -0.20
N LYS J 2 5.38 119.42 0.57
CA LYS J 2 5.77 119.30 2.01
C LYS J 2 4.54 119.47 2.87
N TYR J 3 4.53 118.86 4.04
CA TYR J 3 3.45 118.93 5.00
C TYR J 3 3.99 119.38 6.35
N VAL J 4 3.36 120.37 6.98
CA VAL J 4 3.57 120.67 8.40
C VAL J 4 2.26 120.38 9.09
N VAL J 5 2.23 119.52 10.10
CA VAL J 5 1.06 119.28 10.93
C VAL J 5 1.23 120.10 12.19
N VAL J 6 0.24 120.89 12.57
CA VAL J 6 0.20 121.62 13.83
C VAL J 6 -0.85 120.96 14.69
N SER J 7 -0.52 120.60 15.91
CA SER J 7 -1.27 119.55 16.61
C SER J 7 -1.44 119.76 18.10
N GLY J 8 -2.54 119.18 18.57
CA GLY J 8 -2.74 118.70 19.94
C GLY J 8 -2.50 119.68 21.07
N GLY J 9 -2.03 119.13 22.19
CA GLY J 9 -1.65 119.88 23.37
C GLY J 9 -2.37 119.43 24.63
N VAL J 10 -2.10 120.15 25.70
CA VAL J 10 -2.63 119.91 27.04
C VAL J 10 -4.10 120.33 27.14
N ILE J 11 -4.49 121.39 26.41
CA ILE J 11 -5.81 122.03 26.37
C ILE J 11 -6.22 122.28 24.92
N SER J 12 -7.52 122.41 24.68
CA SER J 12 -8.10 122.99 23.45
C SER J 12 -7.95 124.52 23.44
N GLY J 13 -8.06 125.19 22.30
CA GLY J 13 -7.98 126.66 22.26
C GLY J 13 -6.63 127.23 22.71
N ILE J 14 -5.56 126.49 22.46
CA ILE J 14 -4.21 126.80 22.92
C ILE J 14 -3.46 127.80 22.03
N GLY J 15 -3.70 127.82 20.71
CA GLY J 15 -2.95 128.66 19.78
C GLY J 15 -2.51 128.01 18.47
N LYS J 16 -3.00 126.83 18.11
CA LYS J 16 -2.60 126.13 16.89
C LYS J 16 -2.93 126.93 15.64
N GLY J 17 -4.10 127.53 15.54
CA GLY J 17 -4.47 128.40 14.43
C GLY J 17 -3.58 129.61 14.29
N VAL J 18 -3.12 130.21 15.38
CA VAL J 18 -2.13 131.29 15.35
C VAL J 18 -0.77 130.81 14.87
N LEU J 19 -0.28 129.67 15.35
CA LEU J 19 1.02 129.16 14.94
C LEU J 19 1.02 128.57 13.54
N ALA J 20 -0.04 127.89 13.13
CA ALA J 20 -0.26 127.41 11.79
C ALA J 20 -0.25 128.57 10.78
N SER J 21 -0.96 129.65 11.08
CA SER J 21 -1.03 130.83 10.22
C SER J 21 0.30 131.58 10.17
N SER J 22 0.97 131.73 11.32
CA SER J 22 2.30 132.33 11.36
C SER J 22 3.32 131.50 10.60
N THR J 23 3.33 130.18 10.75
CA THR J 23 4.22 129.27 10.01
C THR J 23 3.99 129.40 8.51
N GLY J 24 2.75 129.42 8.05
CA GLY J 24 2.47 129.58 6.63
C GLY J 24 2.93 130.93 6.10
N MET J 25 2.69 132.02 6.83
CA MET J 25 3.11 133.38 6.49
C MET J 25 4.64 133.46 6.42
N LEU J 26 5.32 132.91 7.42
CA LEU J 26 6.77 132.83 7.45
C LEU J 26 7.34 132.05 6.30
N LEU J 27 6.86 130.84 6.01
CA LEU J 27 7.34 130.04 4.87
C LEU J 27 7.14 130.77 3.54
N LYS J 28 6.05 131.52 3.40
CA LYS J 28 5.79 132.37 2.24
C LYS J 28 6.87 133.43 2.03
N THR J 29 7.56 133.85 3.08
CA THR J 29 8.70 134.77 2.97
C THR J 29 10.00 134.14 2.47
N LEU J 30 9.99 132.85 2.09
CA LEU J 30 11.00 132.21 1.23
C LEU J 30 10.56 132.10 -0.24
N GLY J 31 9.41 132.65 -0.61
CA GLY J 31 8.84 132.58 -1.96
C GLY J 31 7.94 131.36 -2.23
N LEU J 32 7.86 130.42 -1.29
CA LEU J 32 7.09 129.18 -1.38
C LEU J 32 5.60 129.44 -1.45
N LYS J 33 4.86 128.74 -2.33
CA LYS J 33 3.40 128.72 -2.35
C LYS J 33 2.91 127.83 -1.20
N VAL J 34 2.07 128.34 -0.29
CA VAL J 34 1.62 127.61 0.89
C VAL J 34 0.10 127.43 0.83
N THR J 35 -0.37 126.24 1.15
CA THR J 35 -1.79 125.94 1.32
C THR J 35 -2.05 125.46 2.74
N SER J 36 -3.31 125.27 3.08
CA SER J 36 -3.75 124.85 4.39
C SER J 36 -4.94 123.94 4.32
N ILE J 37 -5.05 123.02 5.27
CA ILE J 37 -6.21 122.18 5.52
C ILE J 37 -6.50 122.29 7.00
N LYS J 38 -7.75 122.51 7.38
CA LYS J 38 -8.19 122.33 8.76
C LYS J 38 -8.81 120.94 8.86
N ILE J 39 -8.42 120.19 9.87
CA ILE J 39 -9.15 118.99 10.28
C ILE J 39 -9.90 119.37 11.54
N ASP J 40 -11.20 119.18 11.54
CA ASP J 40 -12.02 119.27 12.73
C ASP J 40 -12.58 117.89 13.09
N PRO J 41 -12.27 117.35 14.26
CA PRO J 41 -12.83 116.07 14.70
C PRO J 41 -14.32 116.07 15.03
N TYR J 42 -15.02 117.21 14.96
CA TYR J 42 -16.47 117.26 15.02
C TYR J 42 -17.15 116.59 13.83
N MET J 43 -18.40 116.20 14.02
CA MET J 43 -19.16 115.40 13.07
C MET J 43 -19.96 116.18 12.05
N ASN J 44 -20.29 117.46 12.30
CA ASN J 44 -20.99 118.34 11.37
C ASN J 44 -20.39 118.30 9.95
N ILE J 45 -21.22 118.22 8.92
CA ILE J 45 -20.73 118.29 7.54
C ILE J 45 -20.10 119.65 7.29
N ASP J 46 -20.78 120.74 7.63
CA ASP J 46 -20.22 122.08 7.57
C ASP J 46 -20.90 123.00 8.60
N ALA J 47 -20.31 124.16 8.88
CA ALA J 47 -20.70 125.03 9.98
C ALA J 47 -22.05 125.73 9.78
N GLY J 48 -22.66 125.65 8.59
CA GLY J 48 -23.83 126.44 8.24
C GLY J 48 -25.10 126.18 9.05
N THR J 49 -25.23 125.02 9.70
CA THR J 49 -26.34 124.76 10.64
C THR J 49 -26.06 125.28 12.05
N MET J 50 -24.81 125.34 12.50
CA MET J 50 -24.46 125.55 13.91
C MET J 50 -24.27 127.00 14.29
N SER J 51 -24.82 127.37 15.43
CA SER J 51 -25.00 128.75 15.86
C SER J 51 -23.68 129.36 16.35
N PRO J 52 -23.50 130.70 16.31
CA PRO J 52 -22.24 131.36 16.70
C PRO J 52 -21.82 131.20 18.17
N LEU J 53 -22.70 130.66 19.02
CA LEU J 53 -22.46 130.39 20.44
C LEU J 53 -21.42 129.28 20.71
N GLU J 54 -21.07 128.45 19.73
CA GLU J 54 -19.92 127.53 19.79
C GLU J 54 -18.98 127.75 18.59
N HIS J 55 -17.67 127.73 18.82
CA HIS J 55 -16.62 127.92 17.79
C HIS J 55 -16.65 129.27 17.04
N GLY J 56 -17.34 130.28 17.56
CA GLY J 56 -17.39 131.63 16.98
C GLY J 56 -18.21 131.72 15.68
N GLU J 57 -17.95 132.73 14.87
CA GLU J 57 -18.65 132.96 13.59
C GLU J 57 -18.47 131.83 12.57
N CYS J 58 -19.54 131.53 11.83
CA CYS J 58 -19.42 130.77 10.59
C CYS J 58 -18.71 131.62 9.52
N PHE J 59 -17.70 131.08 8.86
CA PHE J 59 -16.96 131.76 7.79
C PHE J 59 -17.54 131.38 6.42
N VAL J 60 -17.69 132.31 5.48
CA VAL J 60 -18.28 132.03 4.16
C VAL J 60 -17.23 132.10 3.08
N LEU J 61 -17.12 131.07 2.24
CA LEU J 61 -16.14 130.94 1.14
C LEU J 61 -16.72 131.41 -0.20
N ASP J 62 -15.90 131.56 -1.24
CA ASP J 62 -16.38 131.89 -2.59
C ASP J 62 -17.34 130.85 -3.16
N ASP J 63 -17.09 129.58 -2.88
CA ASP J 63 -17.96 128.43 -3.19
C ASP J 63 -19.38 128.56 -2.65
N GLY J 64 -19.60 129.39 -1.63
CA GLY J 64 -20.77 129.31 -0.75
C GLY J 64 -20.61 128.30 0.38
N GLY J 65 -19.40 127.78 0.61
CA GLY J 65 -19.11 126.93 1.77
C GLY J 65 -19.18 127.71 3.08
N GLU J 66 -20.08 127.31 3.96
CA GLU J 66 -20.21 127.78 5.34
C GLU J 66 -19.30 126.95 6.25
N THR J 67 -18.10 127.43 6.56
CA THR J 67 -16.99 126.60 7.06
C THR J 67 -16.41 127.05 8.40
N ASP J 68 -15.41 126.31 8.89
CA ASP J 68 -14.76 126.60 10.15
C ASP J 68 -14.12 127.98 10.19
N LEU J 69 -14.25 128.66 11.32
CA LEU J 69 -13.58 129.91 11.64
C LEU J 69 -12.07 129.86 11.37
N ASP J 70 -11.36 128.74 11.62
CA ASP J 70 -9.93 128.65 11.28
C ASP J 70 -9.61 128.85 9.79
N LEU J 71 -10.49 128.51 8.82
CA LEU J 71 -10.16 128.74 7.40
C LEU J 71 -10.05 130.22 7.09
N GLY J 72 -10.81 131.07 7.76
CA GLY J 72 -10.69 132.52 7.62
C GLY J 72 -9.34 133.05 8.06
N ASN J 73 -8.76 132.48 9.12
CA ASN J 73 -7.42 132.86 9.58
C ASN J 73 -6.35 132.55 8.55
N TYR J 74 -6.46 131.44 7.83
CA TYR J 74 -5.51 131.10 6.78
C TYR J 74 -5.69 132.01 5.58
N GLU J 75 -6.93 132.29 5.16
CA GLU J 75 -7.20 133.20 4.03
C GLU J 75 -6.56 134.56 4.26
N ARG J 76 -6.76 135.19 5.42
CA ARG J 76 -6.21 136.53 5.71
C ARG J 76 -4.71 136.58 5.95
N TYR J 77 -4.10 135.60 6.61
CA TYR J 77 -2.65 135.61 6.83
C TYR J 77 -1.87 135.25 5.57
N LEU J 78 -2.34 134.31 4.75
CA LEU J 78 -1.56 133.79 3.63
C LEU J 78 -1.86 134.47 2.29
N GLY J 79 -3.01 135.12 2.14
CA GLY J 79 -3.43 135.68 0.86
C GLY J 79 -3.92 134.62 -0.13
N ILE J 80 -4.69 133.65 0.37
CA ILE J 80 -5.14 132.46 -0.37
C ILE J 80 -6.65 132.31 -0.34
N THR J 81 -7.18 131.60 -1.32
CA THR J 81 -8.61 131.28 -1.43
C THR J 81 -8.83 129.78 -1.28
N LEU J 82 -9.78 129.37 -0.45
CA LEU J 82 -10.04 127.98 -0.06
C LEU J 82 -11.43 127.49 -0.46
N SER J 83 -11.56 126.22 -0.84
CA SER J 83 -12.81 125.55 -1.18
C SER J 83 -13.43 124.89 0.04
N ARG J 84 -14.68 124.39 -0.03
CA ARG J 84 -15.25 123.62 1.08
C ARG J 84 -14.52 122.30 1.34
N ASP J 85 -13.81 121.75 0.38
CA ASP J 85 -12.95 120.57 0.58
C ASP J 85 -11.71 120.80 1.45
N HIS J 86 -11.25 122.03 1.65
CA HIS J 86 -10.11 122.35 2.53
C HIS J 86 -10.41 122.23 4.02
N ASN J 87 -11.68 122.14 4.40
CA ASN J 87 -12.08 121.77 5.75
C ASN J 87 -12.48 120.29 5.79
N ILE J 88 -11.62 119.42 6.28
CA ILE J 88 -11.95 118.04 6.61
C ILE J 88 -12.73 118.00 7.93
N THR J 89 -13.79 117.22 7.99
CA THR J 89 -14.47 116.90 9.25
C THR J 89 -14.75 115.41 9.34
N THR J 90 -14.97 114.90 10.53
CA THR J 90 -15.36 113.50 10.72
C THR J 90 -16.57 113.15 9.89
N GLY J 91 -17.57 114.01 9.83
CA GLY J 91 -18.77 113.83 9.02
C GLY J 91 -18.46 113.67 7.55
N LYS J 92 -17.68 114.57 6.95
CA LYS J 92 -17.33 114.46 5.52
C LYS J 92 -16.64 113.16 5.20
N ILE J 93 -15.70 112.75 6.02
CA ILE J 93 -14.90 111.58 5.69
C ILE J 93 -15.61 110.27 6.00
N TYR J 94 -16.39 110.17 7.07
CA TYR J 94 -17.24 108.99 7.25
C TYR J 94 -18.32 108.94 6.20
N SER J 95 -18.90 110.06 5.80
CA SER J 95 -19.90 110.16 4.74
C SER J 95 -19.34 109.72 3.38
N HIS J 96 -18.12 110.12 3.07
CA HIS J 96 -17.44 109.76 1.84
C HIS J 96 -17.29 108.25 1.72
N VAL J 97 -16.77 107.56 2.74
CA VAL J 97 -16.63 106.11 2.67
C VAL J 97 -17.98 105.38 2.71
N ILE J 98 -18.96 105.83 3.49
CA ILE J 98 -20.30 105.20 3.50
C ILE J 98 -21.00 105.33 2.15
N SER J 99 -20.91 106.48 1.47
CA SER J 99 -21.54 106.66 0.14
C SER J 99 -20.87 105.80 -0.93
N ARG J 100 -19.56 105.60 -0.81
CA ARG J 100 -18.71 104.78 -1.67
C ARG J 100 -18.94 103.27 -1.47
N GLU J 101 -19.24 102.82 -0.26
CA GLU J 101 -19.68 101.46 0.04
C GLU J 101 -21.02 101.07 -0.56
N ARG J 102 -22.07 101.87 -0.37
CA ARG J 102 -23.42 101.56 -0.87
C ARG J 102 -23.48 101.45 -2.40
N ARG J 103 -22.57 102.15 -3.09
CA ARG J 103 -22.29 102.06 -4.53
C ARG J 103 -21.41 100.86 -4.93
N GLY J 104 -20.70 100.22 -4.00
CA GLY J 104 -19.93 99.01 -4.23
C GLY J 104 -18.46 99.20 -4.64
N ASP J 105 -17.88 100.38 -4.47
CA ASP J 105 -16.50 100.68 -4.91
C ASP J 105 -15.38 99.98 -4.10
N TYR J 106 -15.71 99.32 -2.99
CA TYR J 106 -14.79 98.44 -2.25
C TYR J 106 -14.86 96.97 -2.69
N LEU J 107 -15.65 96.67 -3.74
CA LEU J 107 -15.67 95.41 -4.47
C LEU J 107 -15.89 94.20 -3.56
N GLY J 108 -16.79 94.36 -2.59
CA GLY J 108 -17.17 93.31 -1.68
C GLY J 108 -16.15 92.91 -0.60
N LYS J 109 -15.09 93.68 -0.34
CA LYS J 109 -14.33 93.57 0.91
C LYS J 109 -15.08 94.18 2.09
N THR J 110 -14.70 93.78 3.30
CA THR J 110 -15.08 94.45 4.55
C THR J 110 -14.33 95.76 4.69
N VAL J 111 -15.05 96.85 4.89
CA VAL J 111 -14.48 98.20 4.99
C VAL J 111 -14.21 98.50 6.46
N GLN J 112 -12.95 98.66 6.81
CA GLN J 112 -12.45 98.82 8.16
C GLN J 112 -11.97 100.26 8.39
N ILE J 113 -12.03 100.80 9.60
CA ILE J 113 -11.44 102.14 9.85
C ILE J 113 -9.96 102.19 9.50
N VAL J 114 -9.15 101.21 9.88
CA VAL J 114 -7.82 100.95 9.29
C VAL J 114 -7.91 99.69 8.41
N PRO J 115 -7.53 99.71 7.13
CA PRO J 115 -6.93 100.82 6.39
C PRO J 115 -7.91 101.82 5.79
N HIS J 116 -9.14 101.43 5.46
CA HIS J 116 -9.98 102.12 4.48
C HIS J 116 -10.32 103.56 4.80
N LEU J 117 -10.86 103.86 6.00
CA LEU J 117 -11.11 105.25 6.39
C LEU J 117 -9.80 106.03 6.55
N THR J 118 -8.76 105.46 7.14
CA THR J 118 -7.47 106.16 7.20
C THR J 118 -6.81 106.34 5.85
N ASN J 119 -7.17 105.58 4.83
CA ASN J 119 -6.76 105.78 3.45
C ASN J 119 -7.60 106.84 2.76
N ALA J 120 -8.90 106.95 3.07
CA ALA J 120 -9.71 108.04 2.57
C ALA J 120 -9.16 109.39 3.02
N ILE J 121 -8.70 109.50 4.27
CA ILE J 121 -8.08 110.69 4.82
C ILE J 121 -6.80 111.05 4.06
N GLN J 122 -5.93 110.09 3.77
CA GLN J 122 -4.68 110.33 3.03
C GLN J 122 -4.90 110.59 1.52
N ASP J 123 -5.92 109.98 0.91
CA ASP J 123 -6.37 110.29 -0.44
C ASP J 123 -6.93 111.70 -0.53
N TRP J 124 -7.71 112.15 0.45
CA TRP J 124 -8.23 113.51 0.55
C TRP J 124 -7.11 114.52 0.73
N ILE J 125 -6.20 114.35 1.68
CA ILE J 125 -5.15 115.32 1.93
C ILE J 125 -4.27 115.50 0.70
N GLN J 126 -3.98 114.45 -0.07
CA GLN J 126 -3.26 114.54 -1.34
C GLN J 126 -4.10 115.16 -2.47
N ARG J 127 -5.36 114.79 -2.63
CA ARG J 127 -6.27 115.45 -3.59
C ARG J 127 -6.31 116.95 -3.37
N VAL J 128 -6.53 117.36 -2.13
CA VAL J 128 -6.80 118.74 -1.74
C VAL J 128 -5.54 119.59 -1.65
N SER J 129 -4.42 119.08 -1.15
CA SER J 129 -3.21 119.89 -1.08
C SER J 129 -2.61 120.26 -2.43
N LYS J 130 -2.95 119.58 -3.52
CA LYS J 130 -2.59 119.99 -4.88
C LYS J 130 -3.53 121.03 -5.53
N ILE J 131 -4.64 121.43 -4.91
CA ILE J 131 -5.60 122.42 -5.47
C ILE J 131 -4.95 123.83 -5.54
N PRO J 132 -5.12 124.61 -6.62
CA PRO J 132 -4.60 125.98 -6.71
C PRO J 132 -5.33 126.95 -5.76
N VAL J 133 -4.58 127.67 -4.94
CA VAL J 133 -5.12 128.60 -3.93
C VAL J 133 -4.64 130.05 -4.07
N ASP J 134 -3.66 130.30 -4.95
CA ASP J 134 -3.11 131.61 -5.33
C ASP J 134 -3.85 132.24 -6.53
N ASP J 135 -3.41 133.44 -6.92
CA ASP J 135 -3.80 134.11 -8.16
C ASP J 135 -3.23 133.44 -9.43
N THR J 136 -2.25 132.55 -9.27
CA THR J 136 -1.61 131.77 -10.34
C THR J 136 -1.96 130.29 -10.23
N GLY J 137 -2.07 129.61 -11.38
CA GLY J 137 -2.44 128.20 -11.51
C GLY J 137 -1.34 127.19 -11.18
N LEU J 138 -0.40 127.54 -10.31
CA LEU J 138 0.60 126.62 -9.76
C LEU J 138 -0.01 125.75 -8.67
N GLU J 139 0.33 124.46 -8.59
CA GLU J 139 0.03 123.66 -7.39
C GLU J 139 0.93 124.12 -6.23
N PRO J 140 0.46 124.08 -4.97
CA PRO J 140 1.26 124.53 -3.83
C PRO J 140 2.59 123.79 -3.62
N ASP J 141 3.47 124.36 -2.79
CA ASP J 141 4.73 123.75 -2.39
C ASP J 141 4.65 123.12 -0.99
N VAL J 142 3.88 123.73 -0.09
CA VAL J 142 3.69 123.28 1.31
C VAL J 142 2.20 123.27 1.63
N CYS J 143 1.72 122.28 2.37
CA CYS J 143 0.43 122.26 3.04
C CYS J 143 0.63 122.34 4.55
N ILE J 144 -0.07 123.23 5.25
CA ILE J 144 -0.16 123.20 6.70
C ILE J 144 -1.43 122.43 7.03
N ILE J 145 -1.38 121.47 7.91
CA ILE J 145 -2.58 120.80 8.43
C ILE J 145 -2.71 121.25 9.88
N GLU J 146 -3.80 121.90 10.25
CA GLU J 146 -4.13 122.10 11.65
C GLU J 146 -5.01 120.92 12.07
N LEU J 147 -4.51 120.10 12.98
CA LEU J 147 -5.24 119.00 13.58
C LEU J 147 -6.03 119.52 14.78
N GLY J 148 -7.33 119.75 14.61
CA GLY J 148 -8.22 120.24 15.66
C GLY J 148 -8.39 119.30 16.86
N GLY J 149 -8.98 119.82 17.93
CA GLY J 149 -9.12 119.11 19.21
C GLY J 149 -7.79 118.88 19.93
N THR J 150 -7.69 117.82 20.73
CA THR J 150 -6.47 117.42 21.41
C THR J 150 -6.11 115.99 21.02
N VAL J 151 -4.82 115.67 20.92
CA VAL J 151 -4.31 114.32 20.69
C VAL J 151 -4.64 113.44 21.89
N GLY J 152 -5.10 112.22 21.68
CA GLY J 152 -5.54 111.32 22.77
C GLY J 152 -7.05 111.31 23.04
N ASP J 153 -7.83 112.13 22.33
CA ASP J 153 -9.30 112.04 22.30
C ASP J 153 -9.78 111.02 21.28
N ILE J 154 -10.87 110.28 21.57
CA ILE J 154 -11.46 109.25 20.69
C ILE J 154 -11.80 109.82 19.30
N GLU J 155 -12.36 111.02 19.22
CA GLU J 155 -12.66 111.69 17.95
C GLU J 155 -11.42 111.99 17.10
N SER J 156 -10.25 112.17 17.71
CA SER J 156 -8.99 112.40 17.01
C SER J 156 -8.34 111.11 16.51
N ALA J 157 -8.72 109.95 17.03
CA ALA J 157 -8.03 108.66 16.84
C ALA J 157 -7.83 108.25 15.37
N PRO J 158 -8.86 108.24 14.51
CA PRO J 158 -8.67 108.03 13.07
C PRO J 158 -7.77 109.06 12.38
N PHE J 159 -7.75 110.33 12.78
CA PHE J 159 -6.91 111.35 12.13
C PHE J 159 -5.45 111.24 12.53
N VAL J 160 -5.11 111.01 13.80
CA VAL J 160 -3.72 110.73 14.17
C VAL J 160 -3.22 109.42 13.58
N GLU J 161 -4.07 108.39 13.44
CA GLU J 161 -3.67 107.15 12.79
C GLU J 161 -3.43 107.33 11.29
N ALA J 162 -4.27 108.10 10.60
CA ALA J 162 -3.98 108.48 9.23
C ALA J 162 -2.70 109.29 9.12
N LEU J 163 -2.39 110.20 10.04
CA LEU J 163 -1.16 111.00 9.98
C LEU J 163 0.08 110.18 10.31
N ARG J 164 0.00 109.23 11.23
CA ARG J 164 1.03 108.21 11.48
C ARG J 164 1.39 107.46 10.21
N GLN J 165 0.40 107.04 9.42
CA GLN J 165 0.63 106.39 8.14
C GLN J 165 1.10 107.38 7.07
N PHE J 166 0.57 108.59 7.05
CA PHE J 166 0.95 109.59 6.07
C PHE J 166 2.42 110.00 6.17
N GLN J 167 2.98 109.99 7.38
CA GLN J 167 4.40 110.22 7.63
C GLN J 167 5.31 109.24 6.87
N PHE J 168 4.79 108.07 6.45
CA PHE J 168 5.51 107.04 5.71
C PHE J 168 5.02 106.82 4.28
N GLU J 169 3.73 107.00 4.00
CA GLU J 169 3.18 106.95 2.64
C GLU J 169 3.74 108.10 1.79
N VAL J 170 3.95 109.24 2.41
CA VAL J 170 4.82 110.33 1.92
C VAL J 170 6.19 110.15 2.60
N GLY J 171 7.29 110.58 1.98
CA GLY J 171 8.61 110.38 2.59
C GLY J 171 8.81 111.22 3.86
N ARG J 172 9.74 110.83 4.73
CA ARG J 172 10.34 111.77 5.69
C ARG J 172 10.99 112.94 4.92
N GLU J 173 11.22 114.08 5.57
CA GLU J 173 11.66 115.33 4.92
C GLU J 173 10.66 115.90 3.90
N ASN J 174 9.51 115.27 3.70
CA ASN J 174 8.28 115.88 3.19
C ASN J 174 7.23 116.09 4.29
N PHE J 175 7.49 115.74 5.54
CA PHE J 175 6.54 115.81 6.65
C PHE J 175 7.24 116.31 7.92
N ALA J 176 6.65 117.26 8.64
CA ALA J 176 7.07 117.66 9.97
C ALA J 176 5.86 117.88 10.87
N LEU J 177 5.99 117.64 12.17
CA LEU J 177 4.96 117.85 13.17
C LEU J 177 5.39 118.91 14.18
N ILE J 178 4.58 119.93 14.36
CA ILE J 178 4.70 120.92 15.43
C ILE J 178 3.66 120.55 16.47
N HIS J 179 4.06 120.40 17.71
CA HIS J 179 3.11 120.15 18.79
C HIS J 179 3.03 121.39 19.67
N VAL J 180 1.83 121.95 19.85
CA VAL J 180 1.66 123.09 20.74
C VAL J 180 1.32 122.57 22.13
N SER J 181 1.88 123.14 23.18
CA SER J 181 1.77 122.63 24.54
C SER J 181 1.68 123.75 25.57
N LEU J 182 1.14 123.49 26.76
CA LEU J 182 0.98 124.48 27.83
C LEU J 182 2.04 124.22 28.90
N VAL J 183 2.76 125.27 29.29
CA VAL J 183 3.55 125.30 30.52
C VAL J 183 2.82 126.18 31.54
N PRO J 184 2.13 125.61 32.54
CA PRO J 184 1.59 126.38 33.66
C PRO J 184 2.71 127.03 34.45
N VAL J 185 2.43 128.18 35.06
CA VAL J 185 3.31 128.80 36.06
C VAL J 185 2.55 128.94 37.38
N ILE J 186 3.04 128.29 38.42
CA ILE J 186 2.37 128.08 39.71
C ILE J 186 3.36 128.44 40.84
N HIS J 187 3.01 129.43 41.67
CA HIS J 187 3.87 129.97 42.74
C HIS J 187 5.26 130.41 42.27
N GLY J 188 5.30 131.01 41.07
CA GLY J 188 6.54 131.47 40.44
C GLY J 188 7.40 130.38 39.82
N GLU J 189 6.88 129.16 39.64
CA GLU J 189 7.61 128.06 39.02
C GLU J 189 6.89 127.55 37.77
N GLN J 190 7.62 127.44 36.66
CA GLN J 190 7.12 126.96 35.37
C GLN J 190 7.14 125.42 35.35
N LYS J 191 5.99 124.78 35.21
CA LYS J 191 5.81 123.33 35.41
C LYS J 191 5.88 122.55 34.11
N THR J 192 6.74 121.54 34.03
CA THR J 192 6.95 120.75 32.81
C THR J 192 6.15 119.46 32.70
N LYS J 193 5.63 118.87 33.78
CA LYS J 193 4.92 117.57 33.69
C LYS J 193 3.67 117.52 32.80
N PRO J 194 2.92 118.60 32.51
CA PRO J 194 1.83 118.54 31.54
C PRO J 194 2.34 118.37 30.12
N THR J 195 3.42 119.05 29.74
CA THR J 195 4.02 118.86 28.42
C THR J 195 4.69 117.50 28.28
N GLN J 196 5.27 116.92 29.32
CA GLN J 196 5.82 115.56 29.30
C GLN J 196 4.73 114.49 29.06
N ALA J 197 3.60 114.59 29.75
CA ALA J 197 2.47 113.70 29.54
C ALA J 197 1.86 113.82 28.13
N ALA J 198 1.96 114.97 27.48
CA ALA J 198 1.55 115.16 26.10
C ALA J 198 2.52 114.53 25.10
N ILE J 199 3.84 114.49 25.38
CA ILE J 199 4.80 113.79 24.52
C ILE J 199 4.61 112.27 24.62
N LYS J 200 4.27 111.73 25.80
CA LYS J 200 3.88 110.32 25.96
C LYS J 200 2.66 109.93 25.13
N ASP J 201 1.62 110.76 25.05
CA ASP J 201 0.49 110.49 24.16
C ASP J 201 0.88 110.44 22.69
N LEU J 202 1.72 111.36 22.20
CA LEU J 202 2.23 111.27 20.83
C LEU J 202 3.02 109.98 20.60
N ARG J 203 3.94 109.59 21.49
CA ARG J 203 4.67 108.32 21.34
C ARG J 203 3.73 107.12 21.36
N SER J 204 2.80 107.09 22.29
CA SER J 204 1.76 106.06 22.36
C SER J 204 1.02 105.90 21.03
N LEU J 205 0.65 107.02 20.41
CA LEU J 205 -0.02 107.09 19.12
C LEU J 205 0.94 107.02 17.91
N GLY J 206 2.24 106.86 18.12
CA GLY J 206 3.22 106.60 17.07
C GLY J 206 3.69 107.81 16.27
N LEU J 207 3.64 109.01 16.85
CA LEU J 207 4.15 110.24 16.27
C LEU J 207 5.26 110.84 17.12
N ILE J 208 6.26 111.44 16.48
CA ILE J 208 7.32 112.23 17.13
C ILE J 208 7.20 113.68 16.65
N PRO J 209 7.24 114.69 17.53
CA PRO J 209 7.22 116.08 17.14
C PRO J 209 8.61 116.63 16.81
N ASP J 210 8.69 117.46 15.79
CA ASP J 210 9.92 118.10 15.34
C ASP J 210 10.19 119.44 16.04
N MET J 211 9.12 120.18 16.32
CA MET J 211 9.11 121.33 17.23
C MET J 211 8.18 121.02 18.41
N ILE J 212 8.52 121.49 19.60
CA ILE J 212 7.55 121.75 20.66
C ILE J 212 7.34 123.26 20.69
N ALA J 213 6.12 123.74 20.52
CA ALA J 213 5.78 125.12 20.79
C ALA J 213 5.17 125.21 22.18
N CYS J 214 5.83 125.90 23.10
CA CYS J 214 5.36 126.02 24.48
C CYS J 214 4.67 127.36 24.71
N ARG J 215 3.41 127.30 25.09
CA ARG J 215 2.55 128.42 25.41
C ARG J 215 2.58 128.63 26.91
N CYS J 216 2.85 129.85 27.33
CA CYS J 216 3.10 130.19 28.73
C CYS J 216 2.72 131.64 29.03
N SER J 217 2.30 131.94 30.27
CA SER J 217 2.23 133.31 30.79
C SER J 217 3.50 134.13 31.05
N GLU J 218 4.67 133.57 30.75
CA GLU J 218 5.99 134.19 30.91
C GLU J 218 6.88 133.78 29.73
N GLU J 219 7.99 134.48 29.50
CA GLU J 219 9.09 133.87 28.74
C GLU J 219 9.52 132.57 29.42
N LEU J 220 9.80 131.49 28.68
CA LEU J 220 10.38 130.30 29.29
C LEU J 220 11.75 130.59 29.86
N ASN J 221 12.02 130.10 31.08
CA ASN J 221 13.36 130.06 31.63
C ASN J 221 14.22 129.06 30.82
N ARG J 222 15.53 129.32 30.64
CA ARG J 222 16.38 128.39 29.88
C ARG J 222 16.58 127.03 30.54
N SER J 223 16.44 126.95 31.85
CA SER J 223 16.36 125.69 32.60
C SER J 223 15.09 124.89 32.28
N THR J 224 13.96 125.56 32.04
CA THR J 224 12.70 124.92 31.62
C THR J 224 12.82 124.38 30.20
N ILE J 225 13.44 125.15 29.30
CA ILE J 225 13.73 124.71 27.94
C ILE J 225 14.65 123.49 27.95
N ASP J 226 15.75 123.53 28.71
CA ASP J 226 16.65 122.39 28.86
C ASP J 226 15.90 121.14 29.33
N LYS J 227 15.01 121.27 30.31
CA LYS J 227 14.22 120.14 30.82
C LYS J 227 13.28 119.56 29.77
N ILE J 228 12.58 120.38 29.01
CA ILE J 228 11.71 119.90 27.92
C ILE J 228 12.55 119.19 26.87
N ALA J 229 13.72 119.71 26.55
CA ALA J 229 14.69 119.11 25.63
C ALA J 229 15.41 117.86 26.17
N MET J 230 15.30 117.54 27.47
CA MET J 230 15.75 116.27 28.04
C MET J 230 14.69 115.19 27.90
N PHE J 231 13.45 115.48 28.27
CA PHE J 231 12.37 114.49 28.23
C PHE J 231 11.91 114.14 26.81
N CYS J 232 11.67 115.15 25.98
CA CYS J 232 11.51 114.96 24.54
C CYS J 232 12.89 114.81 23.88
N HIS J 233 13.11 113.90 22.94
CA HIS J 233 14.43 113.74 22.31
C HIS J 233 14.65 114.73 21.16
N VAL J 234 14.83 115.99 21.54
CA VAL J 234 15.00 117.17 20.65
C VAL J 234 16.02 118.14 21.22
N GLY J 235 16.72 118.92 20.40
CA GLY J 235 17.67 119.91 20.89
C GLY J 235 17.00 121.14 21.53
N PRO J 236 17.73 122.03 22.21
CA PRO J 236 17.16 123.29 22.75
C PRO J 236 16.57 124.22 21.67
N GLU J 237 17.12 124.14 20.47
CA GLU J 237 16.75 124.95 19.32
C GLU J 237 15.40 124.54 18.69
N GLN J 238 14.79 123.48 19.21
CA GLN J 238 13.52 122.88 18.77
C GLN J 238 12.38 123.07 19.77
N VAL J 239 12.61 123.70 20.92
CA VAL J 239 11.54 124.23 21.76
C VAL J 239 11.44 125.71 21.46
N VAL J 240 10.31 126.15 20.89
CA VAL J 240 10.00 127.57 20.70
C VAL J 240 9.12 128.06 21.84
N ASN J 241 9.51 129.20 22.37
CA ASN J 241 8.89 129.89 23.47
C ASN J 241 7.84 130.83 22.90
N VAL J 242 6.54 130.49 23.00
CA VAL J 242 5.42 131.23 22.41
C VAL J 242 4.57 131.85 23.53
N HIS J 243 5.14 132.81 24.25
CA HIS J 243 4.47 133.43 25.40
C HIS J 243 3.24 134.25 24.98
N ASP J 244 2.42 134.61 25.97
CA ASP J 244 1.26 135.48 25.79
C ASP J 244 1.66 136.90 25.38
N VAL J 245 1.27 137.31 24.19
CA VAL J 245 1.52 138.66 23.64
C VAL J 245 0.19 139.39 23.37
N ASN J 246 0.16 140.71 23.55
CA ASN J 246 -1.05 141.52 23.36
C ASN J 246 -1.62 141.51 21.91
N SER J 247 -0.78 141.28 20.89
CA SER J 247 -1.10 141.32 19.47
C SER J 247 -0.62 140.07 18.74
N THR J 248 -1.44 139.44 17.89
CA THR J 248 -1.02 138.25 17.13
C THR J 248 -0.26 138.57 15.85
N TYR J 249 -0.26 139.81 15.36
CA TYR J 249 0.60 140.24 14.26
C TYR J 249 2.09 140.19 14.63
N HIS J 250 2.41 140.14 15.92
CA HIS J 250 3.78 139.98 16.40
C HIS J 250 4.26 138.54 16.40
N VAL J 251 3.37 137.55 16.49
CA VAL J 251 3.77 136.13 16.59
C VAL J 251 4.64 135.65 15.44
N PRO J 252 4.45 136.02 14.15
CA PRO J 252 5.42 135.66 13.13
C PRO J 252 6.84 136.18 13.40
N LEU J 253 6.98 137.40 13.89
CA LEU J 253 8.30 137.96 14.19
C LEU J 253 8.89 137.36 15.47
N LEU J 254 8.10 136.79 16.38
CA LEU J 254 8.63 135.95 17.47
C LEU J 254 9.31 134.69 16.95
N LEU J 255 8.65 133.97 16.03
CA LEU J 255 9.15 132.69 15.55
C LEU J 255 10.30 132.90 14.56
N LEU J 256 10.33 134.00 13.82
CA LEU J 256 11.49 134.41 13.03
C LEU J 256 12.72 134.69 13.92
N LYS J 257 12.57 135.41 15.03
CA LYS J 257 13.63 135.56 16.06
C LYS J 257 14.12 134.24 16.63
N GLN J 258 13.30 133.20 16.65
CA GLN J 258 13.58 131.88 17.23
C GLN J 258 14.03 130.83 16.20
N HIS J 259 14.51 131.24 15.03
CA HIS J 259 15.12 130.33 14.04
C HIS J 259 14.18 129.26 13.47
N MET J 260 12.87 129.41 13.57
CA MET J 260 11.95 128.34 13.18
C MET J 260 11.89 128.13 11.66
N ILE J 261 12.00 129.19 10.85
CA ILE J 261 12.28 129.04 9.41
C ILE J 261 13.60 128.30 9.22
N ASP J 262 14.68 128.71 9.88
CA ASP J 262 16.01 128.17 9.69
C ASP J 262 16.05 126.67 10.04
N TYR J 263 15.31 126.25 11.06
CA TYR J 263 15.16 124.84 11.42
C TYR J 263 14.38 124.09 10.34
N LEU J 264 13.16 124.52 10.03
CA LEU J 264 12.29 123.89 9.05
C LEU J 264 12.92 123.82 7.66
N HIS J 265 13.76 124.78 7.28
CA HIS J 265 14.49 124.76 6.01
C HIS J 265 15.50 123.59 5.91
N SER J 266 16.09 123.19 7.04
CA SER J 266 16.99 122.03 7.17
C SER J 266 16.27 120.71 7.51
N ARG J 267 15.11 120.77 8.18
CA ARG J 267 14.24 119.61 8.46
C ARG J 267 13.36 119.17 7.29
N LEU J 268 12.99 120.07 6.40
CA LEU J 268 12.11 119.82 5.26
C LEU J 268 12.80 120.01 3.90
N LYS J 269 14.12 120.26 3.88
CA LYS J 269 14.92 120.47 2.65
C LYS J 269 14.27 121.51 1.71
N LEU J 270 13.85 122.64 2.28
CA LEU J 270 13.05 123.62 1.55
C LEU J 270 13.85 124.39 0.50
N GLY J 271 15.19 124.44 0.66
CA GLY J 271 16.10 125.01 -0.34
C GLY J 271 16.22 124.19 -1.62
N GLU J 272 15.72 122.96 -1.62
CA GLU J 272 15.73 122.06 -2.76
C GLU J 272 14.40 122.09 -3.55
N VAL J 273 13.40 122.85 -3.10
CA VAL J 273 12.23 123.18 -3.92
C VAL J 273 12.66 124.20 -4.99
N PRO J 274 12.34 124.00 -6.29
CA PRO J 274 12.69 124.95 -7.32
C PRO J 274 11.93 126.27 -7.12
N LEU J 275 12.65 127.39 -7.09
CA LEU J 275 12.10 128.75 -7.08
C LEU J 275 13.00 129.68 -7.91
N THR J 276 12.41 130.71 -8.51
CA THR J 276 13.13 131.77 -9.22
C THR J 276 13.63 132.86 -8.26
N LEU J 277 14.49 133.77 -8.71
CA LEU J 277 14.76 135.02 -7.98
C LEU J 277 13.51 135.91 -7.87
N GLU J 278 12.56 135.87 -8.82
CA GLU J 278 11.30 136.59 -8.69
C GLU J 278 10.52 136.13 -7.45
N ASP J 279 10.40 134.82 -7.25
CA ASP J 279 9.80 134.24 -6.05
C ASP J 279 10.54 134.66 -4.77
N LYS J 280 11.86 134.76 -4.80
CA LYS J 280 12.67 135.17 -3.65
C LYS J 280 12.68 136.68 -3.37
N GLU J 281 12.32 137.55 -4.31
CA GLU J 281 12.03 138.97 -4.02
C GLU J 281 10.64 139.11 -3.40
N ARG J 282 9.64 138.41 -3.93
CA ARG J 282 8.27 138.45 -3.41
C ARG J 282 8.20 138.01 -1.95
N GLY J 283 8.98 137.02 -1.56
CA GLY J 283 9.03 136.56 -0.18
C GLY J 283 9.49 137.63 0.82
N SER J 284 10.64 138.27 0.60
CA SER J 284 11.13 139.33 1.49
C SER J 284 10.35 140.65 1.36
N GLN J 285 9.69 140.90 0.23
CA GLN J 285 8.74 141.99 0.05
C GLN J 285 7.48 141.82 0.92
N LEU J 286 6.96 140.60 1.08
CA LEU J 286 5.98 140.31 2.12
C LEU J 286 6.54 140.45 3.52
N LEU J 287 7.78 140.02 3.78
CA LEU J 287 8.37 140.14 5.13
C LEU J 287 8.51 141.60 5.56
N THR J 288 9.11 142.42 4.71
CA THR J 288 9.26 143.85 4.99
C THR J 288 7.91 144.56 5.11
N ASN J 289 6.89 144.22 4.33
CA ASN J 289 5.52 144.69 4.56
C ASN J 289 4.95 144.26 5.92
N TRP J 290 5.29 143.08 6.44
CA TRP J 290 4.88 142.66 7.79
C TRP J 290 5.61 143.44 8.89
N GLU J 291 6.91 143.63 8.75
CA GLU J 291 7.70 144.47 9.66
C GLU J 291 7.23 145.92 9.63
N ASN J 292 6.82 146.45 8.48
CA ASN J 292 6.21 147.77 8.40
C ASN J 292 4.91 147.82 9.20
N MET J 293 3.92 146.98 8.91
CA MET J 293 2.64 147.08 9.62
C MET J 293 2.77 146.81 11.13
N THR J 294 3.72 145.98 11.57
CA THR J 294 3.97 145.75 13.01
C THR J 294 4.73 146.89 13.69
N LYS J 295 5.65 147.56 12.99
CA LYS J 295 6.24 148.82 13.47
C LYS J 295 5.18 149.90 13.58
N ASN J 296 4.36 150.11 12.55
CA ASN J 296 3.24 151.06 12.54
C ASN J 296 2.13 150.73 13.55
N LEU J 297 2.06 149.50 14.05
CA LEU J 297 1.20 149.09 15.17
C LEU J 297 1.77 149.55 16.52
N ASP J 298 3.09 149.49 16.70
CA ASP J 298 3.75 149.81 17.97
C ASP J 298 3.99 151.31 18.22
N ASP J 299 4.29 152.09 17.19
CA ASP J 299 4.57 153.53 17.38
C ASP J 299 3.36 154.45 17.09
N SER J 300 2.26 153.90 16.58
CA SER J 300 0.96 154.59 16.54
C SER J 300 0.42 154.83 17.96
N ASP J 301 -0.31 155.93 18.13
CA ASP J 301 -0.74 156.45 19.42
C ASP J 301 -2.16 157.03 19.36
N ASP J 302 -2.52 157.77 18.32
CA ASP J 302 -3.83 158.40 18.22
C ASP J 302 -4.95 157.34 18.07
N VAL J 303 -5.95 157.36 18.94
CA VAL J 303 -7.04 156.38 19.01
C VAL J 303 -8.18 156.72 18.03
N VAL J 304 -8.88 155.70 17.54
CA VAL J 304 -10.23 155.81 16.96
C VAL J 304 -11.17 154.80 17.59
N LYS J 305 -12.38 155.22 17.95
CA LYS J 305 -13.37 154.38 18.63
C LYS J 305 -14.51 154.02 17.70
N ILE J 306 -14.77 152.74 17.48
CA ILE J 306 -15.88 152.26 16.65
C ILE J 306 -16.87 151.49 17.52
N ALA J 307 -18.13 151.87 17.52
CA ALA J 307 -19.18 151.06 18.13
C ALA J 307 -19.53 149.92 17.20
N LEU J 308 -19.38 148.68 17.66
CA LEU J 308 -19.95 147.51 17.01
C LEU J 308 -21.26 147.18 17.72
N VAL J 309 -22.38 147.36 17.03
CA VAL J 309 -23.73 147.27 17.59
C VAL J 309 -24.35 145.93 17.19
N GLY J 310 -24.58 145.02 18.12
CA GLY J 310 -25.02 143.66 17.78
C GLY J 310 -25.64 142.91 18.96
N LYS J 311 -25.81 141.60 18.88
CA LYS J 311 -26.13 140.74 20.05
C LYS J 311 -24.94 139.89 20.46
N TYR J 312 -24.94 139.41 21.69
CA TYR J 312 -23.95 138.48 22.22
C TYR J 312 -22.51 139.03 22.09
N THR J 313 -22.33 140.32 22.34
CA THR J 313 -21.04 141.00 22.14
C THR J 313 -20.00 140.62 23.20
N ASN J 314 -20.38 139.81 24.19
CA ASN J 314 -19.52 139.19 25.20
C ASN J 314 -18.71 138.01 24.64
N LEU J 315 -19.23 137.27 23.65
CA LEU J 315 -18.51 136.24 22.89
C LEU J 315 -17.85 136.92 21.68
N LYS J 316 -16.72 137.61 21.88
CA LYS J 316 -16.05 138.45 20.84
C LYS J 316 -15.62 137.67 19.58
N ASP J 317 -15.47 136.34 19.70
CA ASP J 317 -15.25 135.40 18.60
C ASP J 317 -16.44 135.26 17.63
N SER J 318 -17.66 135.59 18.05
CA SER J 318 -18.85 135.67 17.19
C SER J 318 -18.76 136.76 16.11
N TYR J 319 -17.73 137.60 16.16
CA TYR J 319 -17.48 138.71 15.26
C TYR J 319 -16.03 138.70 14.81
N LEU J 320 -15.36 137.54 14.77
CA LEU J 320 -13.92 137.50 14.56
C LEU J 320 -13.48 138.16 13.25
N SER J 321 -14.17 137.93 12.15
CA SER J 321 -13.79 138.51 10.85
C SER J 321 -14.09 139.99 10.78
N VAL J 322 -15.18 140.44 11.40
CA VAL J 322 -15.51 141.86 11.56
C VAL J 322 -14.39 142.57 12.32
N THR J 323 -13.97 141.98 13.43
CA THR J 323 -12.94 142.51 14.29
C THR J 323 -11.63 142.64 13.54
N LYS J 324 -11.17 141.58 12.86
CA LYS J 324 -9.95 141.63 12.07
C LYS J 324 -10.05 142.66 10.95
N SER J 325 -11.20 142.80 10.31
CA SER J 325 -11.41 143.78 9.25
C SER J 325 -11.39 145.24 9.74
N LEU J 326 -11.88 145.52 10.95
CA LEU J 326 -11.68 146.82 11.61
C LEU J 326 -10.22 147.07 11.98
N GLU J 327 -9.52 146.04 12.46
CA GLU J 327 -8.08 146.13 12.70
C GLU J 327 -7.29 146.43 11.44
N HIS J 328 -7.54 145.76 10.32
CA HIS J 328 -6.79 146.02 9.11
C HIS J 328 -7.00 147.45 8.63
N ALA J 329 -8.22 147.98 8.75
CA ALA J 329 -8.54 149.35 8.41
C ALA J 329 -7.79 150.35 9.30
N SER J 330 -7.84 150.13 10.61
CA SER J 330 -7.08 150.86 11.63
C SER J 330 -5.58 150.86 11.35
N MET J 331 -4.98 149.71 11.02
CA MET J 331 -3.55 149.63 10.72
C MET J 331 -3.17 150.43 9.46
N LYS J 332 -4.01 150.46 8.43
CA LYS J 332 -3.79 151.27 7.23
C LYS J 332 -4.00 152.77 7.45
N CYS J 333 -4.86 153.17 8.39
CA CYS J 333 -5.01 154.57 8.84
C CYS J 333 -3.95 155.01 9.86
N ARG J 334 -3.19 154.08 10.44
CA ARG J 334 -2.18 154.30 11.50
C ARG J 334 -2.76 154.92 12.77
N ARG J 335 -3.97 154.51 13.17
CA ARG J 335 -4.64 154.88 14.42
C ARG J 335 -5.03 153.66 15.22
N GLN J 336 -4.86 153.70 16.53
CA GLN J 336 -5.16 152.59 17.43
C GLN J 336 -6.66 152.35 17.52
N LEU J 337 -7.11 151.14 17.21
CA LEU J 337 -8.52 150.82 17.27
C LEU J 337 -8.93 150.51 18.70
N GLU J 338 -10.00 151.12 19.16
CA GLU J 338 -10.81 150.58 20.24
C GLU J 338 -12.18 150.20 19.67
N ILE J 339 -12.55 148.92 19.73
CA ILE J 339 -13.94 148.53 19.52
C ILE J 339 -14.68 148.77 20.82
N LEU J 340 -15.77 149.53 20.73
CA LEU J 340 -16.76 149.64 21.78
C LEU J 340 -17.83 148.60 21.46
N TRP J 341 -17.98 147.59 22.30
CA TRP J 341 -18.94 146.50 22.10
C TRP J 341 -20.31 146.90 22.69
N VAL J 342 -21.31 147.09 21.84
CA VAL J 342 -22.62 147.63 22.22
C VAL J 342 -23.69 146.58 21.98
N GLU J 343 -24.34 146.07 23.02
CA GLU J 343 -25.51 145.19 22.82
C GLU J 343 -26.72 145.99 22.40
N ALA J 344 -27.24 145.75 21.21
CA ALA J 344 -28.32 146.54 20.63
C ALA J 344 -29.61 146.51 21.47
N SER J 345 -29.96 145.38 22.08
CA SER J 345 -31.12 145.28 22.96
C SER J 345 -31.02 146.24 24.16
N ASN J 346 -29.82 146.46 24.71
CA ASN J 346 -29.62 147.38 25.82
C ASN J 346 -29.85 148.86 25.43
N LEU J 347 -29.74 149.22 24.15
CA LEU J 347 -30.10 150.55 23.65
C LEU J 347 -31.61 150.81 23.71
N GLU J 348 -32.46 149.78 23.75
CA GLU J 348 -33.91 149.96 23.81
C GLU J 348 -34.36 150.53 25.16
N PRO J 349 -35.32 151.47 25.20
CA PRO J 349 -35.72 152.15 26.43
C PRO J 349 -36.20 151.23 27.54
N GLU J 350 -36.82 150.09 27.20
CA GLU J 350 -37.30 149.11 28.18
C GLU J 350 -36.18 148.58 29.09
N THR J 351 -34.94 148.57 28.61
CA THR J 351 -33.78 148.21 29.43
C THR J 351 -33.64 149.12 30.64
N GLN J 352 -34.01 150.39 30.55
CA GLN J 352 -34.01 151.32 31.67
C GLN J 352 -35.06 150.97 32.75
N GLU J 353 -36.06 150.15 32.42
CA GLU J 353 -36.97 149.54 33.40
C GLU J 353 -36.35 148.26 34.01
N VAL J 354 -35.60 147.50 33.20
CA VAL J 354 -35.02 146.21 33.57
C VAL J 354 -33.74 146.35 34.41
N ASP J 355 -32.75 147.12 33.92
CA ASP J 355 -31.48 147.42 34.59
C ASP J 355 -30.88 148.72 34.03
N LYS J 356 -30.90 149.79 34.82
CA LYS J 356 -30.43 151.12 34.39
C LYS J 356 -28.95 151.16 34.09
N ASN J 357 -28.13 150.36 34.77
CA ASN J 357 -26.70 150.25 34.50
C ASN J 357 -26.40 149.85 33.04
N LYS J 358 -27.11 148.84 32.51
CA LYS J 358 -26.96 148.38 31.12
C LYS J 358 -27.47 149.39 30.10
N PHE J 359 -28.55 150.10 30.40
CA PHE J 359 -29.08 151.12 29.50
C PHE J 359 -28.07 152.25 29.30
N HIS J 360 -27.61 152.85 30.39
CA HIS J 360 -26.67 153.96 30.31
C HIS J 360 -25.31 153.55 29.76
N ASP J 361 -24.72 152.40 30.12
CA ASP J 361 -23.42 152.02 29.53
C ASP J 361 -23.48 151.83 28.01
N SER J 362 -24.59 151.32 27.49
CA SER J 362 -24.78 151.22 26.04
C SER J 362 -24.81 152.59 25.35
N TRP J 363 -25.56 153.55 25.88
CA TRP J 363 -25.68 154.88 25.28
C TRP J 363 -24.46 155.77 25.55
N ASN J 364 -23.78 155.56 26.67
CA ASN J 364 -22.46 156.07 26.98
C ASN J 364 -21.45 155.65 25.89
N LYS J 365 -21.41 154.36 25.52
CA LYS J 365 -20.58 153.87 24.41
C LYS J 365 -21.02 154.41 23.06
N LEU J 366 -22.30 154.37 22.72
CA LEU J 366 -22.75 154.82 21.39
C LEU J 366 -22.52 156.33 21.16
N SER J 367 -22.62 157.16 22.20
CA SER J 367 -22.27 158.59 22.14
C SER J 367 -20.78 158.86 22.02
N SER J 368 -19.96 157.95 22.56
CA SER J 368 -18.50 158.03 22.57
C SER J 368 -17.87 157.68 21.21
N ALA J 369 -18.62 156.96 20.37
CA ALA J 369 -18.14 156.40 19.12
C ALA J 369 -17.82 157.44 18.04
N ASP J 370 -16.64 157.34 17.44
CA ASP J 370 -16.24 158.11 16.25
C ASP J 370 -16.82 157.53 14.96
N GLY J 371 -17.25 156.28 14.97
CA GLY J 371 -17.95 155.59 13.90
C GLY J 371 -18.77 154.43 14.44
N ILE J 372 -19.74 153.96 13.67
CA ILE J 372 -20.66 152.89 14.04
C ILE J 372 -20.62 151.81 12.98
N LEU J 373 -20.57 150.57 13.40
CA LEU J 373 -20.79 149.39 12.58
C LEU J 373 -22.02 148.63 13.08
N VAL J 374 -22.98 148.36 12.20
CA VAL J 374 -23.97 147.30 12.40
C VAL J 374 -23.44 146.09 11.61
N PRO J 375 -23.02 145.00 12.28
CA PRO J 375 -22.02 144.06 11.77
C PRO J 375 -22.51 142.95 10.85
N GLY J 376 -23.82 142.77 10.68
CA GLY J 376 -24.38 141.61 9.98
C GLY J 376 -24.56 140.40 10.89
N GLY J 377 -25.45 140.56 11.87
CA GLY J 377 -25.81 139.52 12.83
C GLY J 377 -26.78 138.46 12.30
N PHE J 378 -27.41 137.77 13.24
CA PHE J 378 -28.17 136.53 13.03
C PHE J 378 -29.34 136.50 14.03
N GLY J 379 -30.57 136.24 13.56
CA GLY J 379 -31.79 136.21 14.40
C GLY J 379 -32.29 137.61 14.78
N THR J 380 -33.53 137.94 14.42
CA THR J 380 -34.08 139.31 14.39
C THR J 380 -34.31 140.01 15.74
N ARG J 381 -34.05 139.35 16.87
CA ARG J 381 -34.46 139.81 18.22
C ARG J 381 -33.93 141.18 18.68
N GLY J 382 -32.86 141.70 18.09
CA GLY J 382 -32.23 142.99 18.46
C GLY J 382 -32.56 144.18 17.57
N ILE J 383 -33.39 144.02 16.53
CA ILE J 383 -33.57 145.00 15.46
C ILE J 383 -34.09 146.35 15.97
N GLU J 384 -35.03 146.38 16.91
CA GLU J 384 -35.59 147.64 17.41
C GLU J 384 -34.54 148.48 18.14
N GLY J 385 -33.51 147.86 18.73
CA GLY J 385 -32.33 148.53 19.25
C GLY J 385 -31.42 149.06 18.14
N MET J 386 -31.12 148.27 17.12
CA MET J 386 -30.29 148.72 16.01
C MET J 386 -30.92 149.84 15.19
N ILE J 387 -32.25 149.91 15.13
CA ILE J 387 -32.99 151.01 14.51
C ILE J 387 -32.68 152.33 15.19
N LEU J 388 -32.55 152.34 16.53
CA LEU J 388 -32.09 153.51 17.27
C LEU J 388 -30.67 153.87 16.86
N ALA J 389 -29.76 152.90 16.80
CA ALA J 389 -28.37 153.14 16.43
C ALA J 389 -28.21 153.70 15.01
N ALA J 390 -29.00 153.22 14.05
CA ALA J 390 -29.07 153.76 12.71
C ALA J 390 -29.69 155.16 12.68
N LYS J 391 -30.74 155.42 13.49
CA LYS J 391 -31.36 156.75 13.60
C LYS J 391 -30.36 157.75 14.14
N TRP J 392 -29.73 157.44 15.27
CA TRP J 392 -28.68 158.24 15.90
C TRP J 392 -27.61 158.64 14.90
N ALA J 393 -27.05 157.70 14.13
CA ALA J 393 -26.03 158.00 13.14
C ALA J 393 -26.49 158.93 12.01
N ARG J 394 -27.74 158.82 11.57
CA ARG J 394 -28.30 159.63 10.47
C ARG J 394 -28.68 161.03 10.95
N GLU J 395 -29.29 161.15 12.12
CA GLU J 395 -29.67 162.42 12.74
C GLU J 395 -28.46 163.25 13.17
N SER J 396 -27.30 162.63 13.39
CA SER J 396 -26.13 163.24 14.06
C SER J 396 -24.89 163.39 13.21
N GLY J 397 -24.83 162.82 12.01
CA GLY J 397 -23.68 162.89 11.09
C GLY J 397 -22.52 161.96 11.42
N VAL J 398 -22.68 161.01 12.34
CA VAL J 398 -21.64 160.04 12.74
C VAL J 398 -21.45 158.99 11.64
N PRO J 399 -20.21 158.68 11.20
CA PRO J 399 -19.92 157.65 10.21
C PRO J 399 -20.54 156.27 10.50
N PHE J 400 -21.12 155.65 9.49
CA PHE J 400 -21.89 154.42 9.63
C PHE J 400 -21.53 153.41 8.54
N LEU J 401 -21.43 152.14 8.91
CA LEU J 401 -21.49 151.03 7.97
C LEU J 401 -22.54 150.02 8.40
N GLY J 402 -23.40 149.62 7.47
CA GLY J 402 -24.40 148.58 7.69
C GLY J 402 -24.13 147.35 6.83
N VAL J 403 -23.85 146.20 7.42
CA VAL J 403 -23.54 144.96 6.70
C VAL J 403 -24.70 143.97 6.81
N CYS J 404 -25.19 143.40 5.71
CA CYS J 404 -26.29 142.43 5.61
C CYS J 404 -27.57 142.94 6.29
N LEU J 405 -27.88 142.48 7.50
CA LEU J 405 -28.87 143.09 8.39
C LEU J 405 -28.68 144.62 8.57
N GLY J 406 -27.47 145.15 8.44
CA GLY J 406 -27.18 146.58 8.48
C GLY J 406 -27.62 147.37 7.25
N LEU J 407 -27.82 146.77 6.06
CA LEU J 407 -28.67 147.41 5.04
C LEU J 407 -30.07 147.56 5.60
N GLN J 408 -30.59 146.44 6.11
CA GLN J 408 -32.00 146.26 6.33
C GLN J 408 -32.50 147.13 7.47
N VAL J 409 -31.86 147.12 8.65
CA VAL J 409 -32.25 148.03 9.74
C VAL J 409 -32.11 149.49 9.37
N ALA J 410 -31.18 149.86 8.49
CA ALA J 410 -31.02 151.24 8.04
C ALA J 410 -32.15 151.65 7.09
N ALA J 411 -32.50 150.81 6.12
CA ALA J 411 -33.65 151.04 5.25
C ALA J 411 -34.97 151.05 6.04
N ILE J 412 -35.15 150.16 7.01
CA ILE J 412 -36.28 150.17 7.93
C ILE J 412 -36.33 151.46 8.74
N GLU J 413 -35.19 151.96 9.23
CA GLU J 413 -35.10 153.26 9.88
C GLU J 413 -35.50 154.40 8.92
N PHE J 414 -34.90 154.46 7.74
CA PHE J 414 -35.15 155.49 6.75
C PHE J 414 -36.62 155.51 6.29
N ALA J 415 -37.23 154.35 6.12
CA ALA J 415 -38.66 154.21 5.85
C ALA J 415 -39.53 154.76 6.99
N ARG J 416 -39.32 154.34 8.24
CA ARG J 416 -40.09 154.79 9.41
C ARG J 416 -39.90 156.28 9.76
N ASN J 417 -38.73 156.85 9.48
CA ASN J 417 -38.33 158.17 10.01
C ASN J 417 -38.09 159.25 8.94
N VAL J 418 -37.92 158.93 7.66
CA VAL J 418 -37.68 159.94 6.59
C VAL J 418 -38.73 159.86 5.48
N ILE J 419 -39.21 158.68 5.11
CA ILE J 419 -40.44 158.53 4.30
C ILE J 419 -41.68 158.75 5.18
N GLY J 420 -41.68 158.18 6.39
CA GLY J 420 -42.75 158.36 7.38
C GLY J 420 -43.88 157.33 7.33
N ARG J 421 -43.56 156.04 7.16
CA ARG J 421 -44.47 154.89 7.35
C ARG J 421 -44.10 154.12 8.62
N PRO J 422 -44.58 154.52 9.82
CA PRO J 422 -43.89 154.24 11.08
C PRO J 422 -43.83 152.77 11.56
N ASN J 423 -44.58 151.88 10.92
CA ASN J 423 -44.65 150.45 11.22
C ASN J 423 -43.83 149.57 10.25
N SER J 424 -43.22 150.13 9.20
CA SER J 424 -42.56 149.36 8.13
C SER J 424 -41.42 148.49 8.66
N SER J 425 -41.28 147.26 8.16
CA SER J 425 -40.60 146.20 8.93
C SER J 425 -39.91 145.09 8.12
N SER J 426 -39.04 144.38 8.84
CA SER J 426 -38.41 143.11 8.46
C SER J 426 -39.42 141.96 8.48
N THR J 427 -39.75 141.46 7.31
CA THR J 427 -40.65 140.32 7.14
C THR J 427 -40.17 139.07 7.92
N GLU J 428 -38.86 138.87 8.11
CA GLU J 428 -38.36 137.76 8.93
C GLU J 428 -38.78 137.82 10.41
N PHE J 429 -39.15 139.00 10.92
CA PHE J 429 -39.55 139.20 12.32
C PHE J 429 -41.07 139.04 12.56
N LEU J 430 -41.88 139.32 11.53
CA LEU J 430 -43.34 139.45 11.65
C LEU J 430 -44.17 138.51 10.77
N ASP J 431 -43.58 137.99 9.70
CA ASP J 431 -44.16 137.23 8.57
C ASP J 431 -45.70 137.27 8.43
N GLU J 432 -46.41 136.35 9.09
CA GLU J 432 -47.87 136.15 8.97
C GLU J 432 -48.73 137.37 9.35
N THR J 433 -48.13 138.39 9.96
CA THR J 433 -48.79 139.64 10.39
C THR J 433 -49.22 140.53 9.20
N LEU J 434 -48.61 140.36 8.01
CA LEU J 434 -49.06 140.95 6.71
C LEU J 434 -49.27 142.48 6.70
N LEU J 435 -48.39 143.26 7.34
CA LEU J 435 -48.33 144.71 7.12
C LEU J 435 -48.11 145.05 5.63
N ALA J 436 -48.62 146.20 5.16
CA ALA J 436 -48.45 146.62 3.77
C ALA J 436 -47.04 147.15 3.41
N PRO J 437 -46.35 147.98 4.24
CA PRO J 437 -45.02 148.50 3.91
C PRO J 437 -43.93 147.51 4.35
N GLU J 438 -43.79 146.43 3.60
CA GLU J 438 -42.72 145.44 3.74
C GLU J 438 -41.41 146.01 3.18
N ASP J 439 -40.42 146.25 4.04
CA ASP J 439 -39.08 146.69 3.64
C ASP J 439 -38.21 145.51 3.20
N GLN J 440 -38.06 144.50 4.05
CA GLN J 440 -37.56 143.19 3.62
C GLN J 440 -38.66 142.44 2.85
N VAL J 441 -38.30 141.75 1.76
CA VAL J 441 -39.10 140.67 1.14
C VAL J 441 -38.17 139.53 0.69
N VAL J 442 -38.63 138.29 0.67
CA VAL J 442 -37.83 137.13 0.18
C VAL J 442 -37.73 137.20 -1.34
N ILE J 443 -36.53 137.02 -1.91
CA ILE J 443 -36.35 136.79 -3.36
C ILE J 443 -35.49 135.53 -3.61
N THR J 444 -31.91 127.87 -0.78
CA THR J 444 -32.61 129.14 -0.93
C THR J 444 -31.89 130.34 -0.30
N MET J 445 -30.81 130.13 0.48
CA MET J 445 -29.84 131.20 0.76
C MET J 445 -29.12 131.64 -0.52
N ARG J 446 -28.98 132.95 -0.74
CA ARG J 446 -28.10 133.51 -1.76
C ARG J 446 -26.67 133.58 -1.23
N LEU J 447 -25.83 132.62 -1.64
CA LEU J 447 -24.61 132.22 -0.95
C LEU J 447 -23.35 132.37 -1.80
N GLY J 448 -22.21 132.63 -1.14
CA GLY J 448 -20.89 132.66 -1.77
C GLY J 448 -20.64 133.89 -2.63
N LEU J 449 -19.57 133.88 -3.40
CA LEU J 449 -19.16 135.00 -4.23
C LEU J 449 -20.19 135.24 -5.35
N ARG J 450 -20.61 136.49 -5.50
CA ARG J 450 -21.49 136.96 -6.59
C ARG J 450 -20.95 138.28 -7.14
N PRO J 451 -21.31 138.68 -8.37
CA PRO J 451 -21.07 140.04 -8.86
C PRO J 451 -22.21 140.99 -8.39
N THR J 452 -21.81 142.19 -8.00
CA THR J 452 -22.62 143.39 -7.73
C THR J 452 -22.19 144.45 -8.74
N ILE J 453 -23.12 145.16 -9.36
CA ILE J 453 -22.82 146.13 -10.42
C ILE J 453 -23.36 147.50 -10.00
N PHE J 454 -22.58 148.57 -10.19
CA PHE J 454 -23.00 149.91 -9.77
C PHE J 454 -24.08 150.47 -10.72
N GLN J 455 -25.21 150.95 -10.18
CA GLN J 455 -26.23 151.72 -10.89
C GLN J 455 -25.58 152.98 -11.52
N PRO J 456 -25.98 153.52 -12.70
CA PRO J 456 -25.15 154.51 -13.41
C PRO J 456 -24.93 155.86 -12.71
N ASN J 457 -25.94 156.39 -12.01
CA ASN J 457 -25.88 157.71 -11.37
C ASN J 457 -25.27 157.67 -9.95
N SER J 458 -24.04 157.16 -9.83
CA SER J 458 -23.44 156.73 -8.55
C SER J 458 -21.97 157.05 -8.34
N GLU J 459 -21.25 157.62 -9.30
CA GLU J 459 -19.84 158.00 -9.08
C GLU J 459 -19.69 159.14 -8.04
N TRP J 460 -20.76 159.84 -7.67
CA TRP J 460 -20.74 160.82 -6.59
C TRP J 460 -20.47 160.19 -5.21
N SER J 461 -20.86 158.92 -5.02
CA SER J 461 -20.86 158.22 -3.75
C SER J 461 -19.45 157.85 -3.29
N ASN J 462 -19.21 158.01 -1.99
CA ASN J 462 -18.00 157.57 -1.32
C ASN J 462 -17.78 156.07 -1.52
N ILE J 463 -18.82 155.23 -1.48
CA ILE J 463 -18.67 153.78 -1.63
C ILE J 463 -18.22 153.35 -3.02
N ARG J 464 -18.73 153.94 -4.12
CA ARG J 464 -18.16 153.68 -5.46
C ARG J 464 -16.71 154.19 -5.57
N LYS J 465 -16.39 155.31 -4.92
CA LYS J 465 -15.05 155.90 -4.90
C LYS J 465 -14.03 155.01 -4.17
N LEU J 466 -14.37 154.48 -3.01
CA LEU J 466 -13.55 153.54 -2.25
C LEU J 466 -13.24 152.24 -2.99
N TYR J 467 -14.15 151.75 -3.82
CA TYR J 467 -13.92 150.57 -4.66
C TYR J 467 -13.10 150.84 -5.93
N GLY J 468 -12.42 151.99 -6.03
CA GLY J 468 -11.58 152.36 -7.19
C GLY J 468 -12.38 152.76 -8.44
N GLU J 469 -13.68 153.01 -8.30
CA GLU J 469 -14.62 153.29 -9.39
C GLU J 469 -14.67 152.17 -10.47
N VAL J 470 -14.27 150.95 -10.13
CA VAL J 470 -14.40 149.75 -10.97
C VAL J 470 -15.87 149.42 -11.14
N ASN J 471 -16.31 148.96 -12.32
CA ASN J 471 -17.74 148.84 -12.65
C ASN J 471 -18.51 147.78 -11.86
N GLU J 472 -17.83 146.67 -11.54
CA GLU J 472 -18.34 145.55 -10.75
C GLU J 472 -17.59 145.45 -9.41
N VAL J 473 -18.32 145.02 -8.40
CA VAL J 473 -17.83 144.59 -7.07
C VAL J 473 -18.13 143.10 -6.95
N HIS J 474 -17.14 142.24 -6.69
CA HIS J 474 -17.38 140.81 -6.44
C HIS J 474 -17.12 140.53 -4.97
N GLU J 475 -18.13 140.06 -4.25
CA GLU J 475 -18.11 139.91 -2.79
C GLU J 475 -18.99 138.72 -2.36
N ARG J 476 -18.87 138.26 -1.12
CA ARG J 476 -19.52 137.03 -0.63
C ARG J 476 -20.85 137.32 0.08
N HIS J 477 -21.85 136.51 -0.21
CA HIS J 477 -23.24 136.66 0.24
C HIS J 477 -23.65 135.50 1.15
N ARG J 478 -24.56 135.76 2.08
CA ARG J 478 -25.17 134.75 2.97
C ARG J 478 -26.53 135.23 3.48
N HIS J 479 -27.39 135.66 2.56
CA HIS J 479 -28.69 136.26 2.88
C HIS J 479 -29.84 135.59 2.14
N ARG J 480 -31.05 135.72 2.70
CA ARG J 480 -32.29 135.12 2.21
C ARG J 480 -33.30 136.16 1.71
N TYR J 481 -33.29 137.35 2.31
CA TYR J 481 -34.13 138.50 1.98
C TYR J 481 -33.42 139.51 1.07
N GLU J 482 -34.20 140.46 0.56
CA GLU J 482 -33.80 141.66 -0.16
C GLU J 482 -34.55 142.86 0.39
N ILE J 483 -34.09 144.08 0.06
CA ILE J 483 -35.00 145.23 0.08
C ILE J 483 -36.02 145.11 -1.05
N ASN J 484 -37.28 145.41 -0.74
CA ASN J 484 -38.40 145.47 -1.67
C ASN J 484 -38.18 146.49 -2.82
N PRO J 485 -38.19 146.09 -4.11
CA PRO J 485 -37.97 146.99 -5.24
C PRO J 485 -39.09 148.05 -5.37
N LYS J 486 -40.32 147.77 -4.92
CA LYS J 486 -41.44 148.72 -4.95
C LYS J 486 -41.20 149.96 -4.06
N ILE J 487 -40.43 149.80 -2.99
CA ILE J 487 -40.01 150.88 -2.09
C ILE J 487 -38.72 151.56 -2.56
N VAL J 488 -38.01 151.05 -3.57
CA VAL J 488 -36.74 151.64 -4.02
C VAL J 488 -36.92 153.03 -4.60
N ASN J 489 -37.80 153.26 -5.56
CA ASN J 489 -37.92 154.60 -6.17
C ASN J 489 -38.56 155.62 -5.20
N ASP J 490 -39.37 155.16 -4.25
CA ASP J 490 -39.81 155.94 -3.08
C ASP J 490 -38.59 156.42 -2.26
N MET J 491 -37.72 155.52 -1.81
CA MET J 491 -36.48 155.85 -1.13
C MET J 491 -35.54 156.70 -1.96
N GLU J 492 -35.34 156.40 -3.24
CA GLU J 492 -34.47 157.18 -4.10
C GLU J 492 -34.99 158.60 -4.31
N SER J 493 -36.32 158.79 -4.35
CA SER J 493 -36.92 160.13 -4.40
C SER J 493 -36.56 160.99 -3.19
N ARG J 494 -36.21 160.35 -2.07
CA ARG J 494 -35.82 160.98 -0.78
C ARG J 494 -34.31 160.99 -0.52
N GLY J 495 -33.46 160.57 -1.48
CA GLY J 495 -31.99 160.67 -1.42
C GLY J 495 -31.22 159.41 -0.96
N PHE J 496 -31.93 158.31 -0.64
CA PHE J 496 -31.35 157.03 -0.21
C PHE J 496 -31.05 156.11 -1.40
N ILE J 497 -30.07 156.49 -2.21
CA ILE J 497 -29.81 155.87 -3.51
C ILE J 497 -29.22 154.46 -3.37
N PHE J 498 -29.82 153.48 -4.04
CA PHE J 498 -29.29 152.13 -4.14
C PHE J 498 -28.22 152.08 -5.24
N VAL J 499 -27.05 152.56 -4.86
CA VAL J 499 -25.81 152.68 -5.61
C VAL J 499 -25.33 151.40 -6.29
N GLY J 500 -25.69 150.21 -5.83
CA GLY J 500 -25.30 148.94 -6.47
C GLY J 500 -26.30 147.80 -6.29
N LYS J 501 -26.38 146.94 -7.30
CA LYS J 501 -27.40 145.89 -7.48
C LYS J 501 -26.82 144.64 -8.15
N ASP J 502 -27.56 143.54 -8.07
CA ASP J 502 -27.36 142.34 -8.90
C ASP J 502 -27.57 142.67 -10.39
N GLU J 503 -26.92 141.94 -11.30
CA GLU J 503 -27.02 142.16 -12.75
C GLU J 503 -28.47 142.18 -13.29
N THR J 504 -29.41 141.49 -12.64
CA THR J 504 -30.84 141.49 -12.98
C THR J 504 -31.60 142.74 -12.52
N GLY J 505 -31.04 143.55 -11.63
CA GLY J 505 -31.64 144.78 -11.08
C GLY J 505 -32.78 144.59 -10.06
N GLN J 506 -33.24 143.36 -9.82
CA GLN J 506 -34.30 143.07 -8.84
C GLN J 506 -33.83 143.18 -7.38
N ARG J 507 -32.49 143.07 -7.18
CA ARG J 507 -31.81 142.83 -5.89
C ARG J 507 -30.88 143.98 -5.50
N CYS J 508 -31.14 144.61 -4.35
CA CYS J 508 -30.47 145.83 -3.88
C CYS J 508 -29.32 145.51 -2.91
N GLU J 509 -28.11 145.96 -3.21
CA GLU J 509 -26.90 145.40 -2.59
C GLU J 509 -25.96 146.42 -1.96
N ILE J 510 -25.88 147.64 -2.50
CA ILE J 510 -25.14 148.75 -1.91
C ILE J 510 -26.02 150.00 -1.91
N PHE J 511 -26.04 150.76 -0.82
CA PHE J 511 -26.52 152.14 -0.82
C PHE J 511 -25.48 153.14 -0.35
N GLU J 512 -25.71 154.40 -0.70
CA GLU J 512 -25.23 155.54 0.06
C GLU J 512 -26.36 156.57 0.18
N LEU J 513 -26.57 157.14 1.37
CA LEU J 513 -27.47 158.28 1.55
C LEU J 513 -26.76 159.58 1.15
N LYS J 514 -27.39 160.36 0.26
CA LYS J 514 -26.95 161.70 -0.15
C LYS J 514 -26.67 162.63 1.03
N GLY J 515 -25.57 163.39 0.95
CA GLY J 515 -25.24 164.50 1.86
C GLY J 515 -24.54 164.14 3.17
N HIS J 516 -24.87 163.01 3.80
CA HIS J 516 -24.19 162.53 5.02
C HIS J 516 -22.71 162.20 4.77
N PRO J 517 -21.75 162.49 5.68
CA PRO J 517 -20.34 162.21 5.46
C PRO J 517 -20.00 160.77 5.04
N TYR J 518 -20.64 159.77 5.65
CA TYR J 518 -20.46 158.35 5.35
C TYR J 518 -21.61 157.53 5.96
N TYR J 519 -22.62 157.18 5.16
CA TYR J 519 -23.75 156.36 5.59
C TYR J 519 -23.96 155.33 4.50
N VAL J 520 -23.21 154.25 4.62
CA VAL J 520 -23.09 153.20 3.61
C VAL J 520 -23.68 151.90 4.12
N GLY J 521 -24.31 151.13 3.26
CA GLY J 521 -24.78 149.80 3.60
C GLY J 521 -24.50 148.82 2.46
N THR J 522 -24.11 147.60 2.80
CA THR J 522 -23.82 146.50 1.88
C THR J 522 -24.64 145.28 2.28
N GLN J 523 -25.26 144.56 1.36
CA GLN J 523 -25.95 143.30 1.70
C GLN J 523 -25.00 142.10 1.77
N TYR J 524 -23.88 142.15 1.06
CA TYR J 524 -22.77 141.22 1.25
C TYR J 524 -22.04 141.48 2.57
N HIS J 525 -21.20 140.52 2.97
CA HIS J 525 -20.28 140.61 4.09
C HIS J 525 -18.91 141.02 3.59
N PRO J 526 -18.45 142.27 3.74
CA PRO J 526 -17.12 142.67 3.27
C PRO J 526 -15.99 142.14 4.16
N GLU J 527 -16.29 141.54 5.30
CA GLU J 527 -15.31 141.00 6.24
C GLU J 527 -14.46 139.89 5.66
N TYR J 528 -15.10 138.98 4.92
CA TYR J 528 -14.53 137.72 4.48
C TYR J 528 -13.47 137.90 3.40
N THR J 529 -13.50 139.03 2.72
CA THR J 529 -12.56 139.42 1.67
C THR J 529 -11.44 140.34 2.20
N SER J 530 -11.37 140.64 3.52
CA SER J 530 -10.31 141.47 4.12
C SER J 530 -8.95 140.74 4.26
N LYS J 531 -7.85 141.38 3.87
CA LYS J 531 -6.48 140.84 3.97
C LYS J 531 -5.61 141.73 4.84
N VAL J 532 -4.59 141.18 5.53
CA VAL J 532 -3.83 141.94 6.55
C VAL J 532 -3.16 143.18 5.98
N LEU J 533 -2.73 143.11 4.72
CA LEU J 533 -2.01 144.17 4.02
C LEU J 533 -2.89 144.90 2.97
N GLU J 534 -4.18 144.60 2.92
CA GLU J 534 -5.16 145.21 2.00
C GLU J 534 -6.57 145.15 2.65
N PRO J 535 -6.93 146.10 3.53
CA PRO J 535 -8.21 146.07 4.21
C PRO J 535 -9.40 146.13 3.26
N SER J 536 -10.52 145.56 3.70
CA SER J 536 -11.76 145.58 2.95
C SER J 536 -12.26 147.02 2.80
N ARG J 537 -12.60 147.44 1.58
CA ARG J 537 -12.85 148.86 1.29
C ARG J 537 -13.97 149.50 2.11
N PRO J 538 -15.10 148.85 2.42
CA PRO J 538 -16.14 149.49 3.23
C PRO J 538 -15.72 149.77 4.66
N PHE J 539 -14.85 148.94 5.25
CA PHE J 539 -14.33 149.10 6.61
C PHE J 539 -13.23 150.15 6.67
N TRP J 540 -12.34 150.18 5.68
CA TRP J 540 -11.34 151.23 5.51
C TRP J 540 -12.01 152.60 5.34
N GLY J 541 -13.08 152.69 4.55
CA GLY J 541 -13.94 153.87 4.45
C GLY J 541 -14.63 154.29 5.75
N LEU J 542 -15.08 153.36 6.59
CA LEU J 542 -15.65 153.69 7.91
C LEU J 542 -14.58 154.22 8.86
N VAL J 543 -13.44 153.55 8.97
CA VAL J 543 -12.38 153.95 9.92
C VAL J 543 -11.75 155.26 9.46
N ALA J 544 -11.62 155.48 8.15
CA ALA J 544 -11.20 156.77 7.60
C ALA J 544 -12.25 157.86 7.86
N ALA J 545 -13.53 157.62 7.64
CA ALA J 545 -14.57 158.57 7.98
C ALA J 545 -14.54 158.93 9.47
N ALA J 546 -14.37 157.95 10.36
CA ALA J 546 -14.27 158.16 11.81
C ALA J 546 -13.03 158.95 12.25
N SER J 547 -11.96 158.89 11.48
CA SER J 547 -10.68 159.52 11.81
C SER J 547 -10.51 160.92 11.20
N GLY J 548 -11.41 161.33 10.29
CA GLY J 548 -11.03 162.28 9.25
C GLY J 548 -10.02 161.63 8.30
N THR J 549 -9.55 162.34 7.28
CA THR J 549 -8.64 161.82 6.23
C THR J 549 -9.25 160.79 5.29
N LEU J 550 -10.58 160.68 5.27
CA LEU J 550 -11.32 159.99 4.22
C LEU J 550 -10.97 160.47 2.81
N GLY J 551 -10.76 161.78 2.62
CA GLY J 551 -10.34 162.35 1.34
C GLY J 551 -8.93 161.94 0.94
N GLU J 552 -7.97 162.01 1.86
CA GLU J 552 -6.60 161.56 1.64
C GLU J 552 -6.52 160.06 1.35
N VAL J 553 -7.35 159.24 2.00
CA VAL J 553 -7.48 157.82 1.65
C VAL J 553 -8.07 157.62 0.25
N ILE J 554 -9.19 158.27 -0.09
CA ILE J 554 -9.77 158.18 -1.44
C ILE J 554 -8.74 158.61 -2.50
N LYS J 555 -7.96 159.66 -2.26
CA LYS J 555 -6.87 160.08 -3.15
C LYS J 555 -5.84 158.97 -3.39
N ASP J 556 -5.33 158.35 -2.33
CA ASP J 556 -4.37 157.24 -2.41
C ASP J 556 -4.94 156.00 -3.12
N ILE J 557 -6.23 155.71 -2.93
CA ILE J 557 -6.96 154.63 -3.62
C ILE J 557 -7.06 154.93 -5.14
N ASN J 558 -7.27 156.18 -5.53
CA ASN J 558 -7.46 156.58 -6.92
C ASN J 558 -6.22 156.51 -7.82
N LEU J 559 -4.98 156.45 -7.27
CA LEU J 559 -3.76 156.22 -8.07
C LEU J 559 -3.75 154.82 -8.71
N MET K 1 -9.08 100.63 61.01
CA MET K 1 -8.35 101.78 60.44
C MET K 1 -9.06 102.27 59.19
N LYS K 2 -9.36 103.55 59.05
CA LYS K 2 -9.75 104.15 57.74
C LYS K 2 -8.52 104.77 57.08
N TYR K 3 -8.51 104.82 55.77
CA TYR K 3 -7.44 105.40 54.97
C TYR K 3 -8.01 106.45 54.03
N VAL K 4 -7.41 107.64 53.99
CA VAL K 4 -7.64 108.60 52.90
C VAL K 4 -6.33 108.73 52.15
N VAL K 5 -6.30 108.49 50.86
CA VAL K 5 -5.12 108.73 50.04
C VAL K 5 -5.32 110.06 49.35
N VAL K 6 -4.36 110.96 49.42
CA VAL K 6 -4.36 112.23 48.69
C VAL K 6 -3.29 112.11 47.63
N SER K 7 -3.62 112.41 46.38
CA SER K 7 -2.86 111.86 45.26
C SER K 7 -2.69 112.80 44.08
N GLY K 8 -1.59 112.56 43.38
CA GLY K 8 -1.39 112.83 41.96
C GLY K 8 -1.67 114.24 41.46
N GLY K 9 -2.13 114.30 40.22
CA GLY K 9 -2.54 115.53 39.56
C GLY K 9 -1.82 115.79 38.26
N VAL K 10 -2.11 116.95 37.69
CA VAL K 10 -1.58 117.43 36.41
C VAL K 10 -0.13 117.88 36.54
N ILE K 11 0.22 118.44 37.70
CA ILE K 11 1.54 119.02 38.07
C ILE K 11 1.95 118.52 39.46
N SER K 12 3.25 118.54 39.74
CA SER K 12 3.82 118.45 41.09
C SER K 12 3.63 119.77 41.85
N GLY K 13 3.73 119.79 43.18
CA GLY K 13 3.61 121.04 43.95
C GLY K 13 2.25 121.71 43.84
N ILE K 14 1.20 120.92 43.68
CA ILE K 14 -0.16 121.37 43.42
C ILE K 14 -0.94 121.77 44.69
N GLY K 15 -0.69 121.14 45.85
CA GLY K 15 -1.44 121.38 47.07
C GLY K 15 -1.86 120.16 47.88
N LYS K 16 -1.33 118.97 47.60
CA LYS K 16 -1.71 117.74 48.31
C LYS K 16 -1.39 117.81 49.79
N GLY K 17 -0.23 118.32 50.19
CA GLY K 17 0.13 118.53 51.58
C GLY K 17 -0.81 119.49 52.30
N VAL K 18 -1.28 120.54 51.65
CA VAL K 18 -2.30 121.42 52.22
C VAL K 18 -3.65 120.73 52.39
N LEU K 19 -4.11 119.97 51.39
CA LEU K 19 -5.39 119.29 51.48
C LEU K 19 -5.36 118.08 52.40
N ALA K 20 -4.28 117.32 52.42
CA ALA K 20 -4.04 116.24 53.36
C ALA K 20 -4.06 116.73 54.80
N SER K 21 -3.38 117.84 55.09
CA SER K 21 -3.34 118.43 56.42
C SER K 21 -4.69 119.03 56.83
N SER K 22 -5.38 119.71 55.91
CA SER K 22 -6.73 120.21 56.16
C SER K 22 -7.72 119.09 56.41
N THR K 23 -7.69 118.01 55.61
CA THR K 23 -8.55 116.82 55.79
C THR K 23 -8.31 116.20 57.16
N GLY K 24 -7.07 116.02 57.58
CA GLY K 24 -6.78 115.47 58.89
C GLY K 24 -7.27 116.36 60.02
N MET K 25 -7.06 117.67 59.93
CA MET K 25 -7.52 118.66 60.91
C MET K 25 -9.05 118.66 60.99
N LEU K 26 -9.73 118.65 59.85
CA LEU K 26 -11.17 118.57 59.76
C LEU K 26 -11.72 117.29 60.38
N LEU K 27 -11.19 116.12 60.04
CA LEU K 27 -11.65 114.85 60.62
C LEU K 27 -11.46 114.82 62.13
N LYS K 28 -10.38 115.42 62.64
CA LYS K 28 -10.14 115.59 64.07
C LYS K 28 -11.25 116.37 64.77
N THR K 29 -11.95 117.25 64.06
CA THR K 29 -13.13 117.95 64.61
C THR K 29 -14.40 117.12 64.73
N LEU K 30 -14.34 115.82 64.40
CA LEU K 30 -15.33 114.81 64.83
C LEU K 30 -14.87 113.98 66.05
N GLY K 31 -13.73 114.30 66.65
CA GLY K 31 -13.15 113.59 67.79
C GLY K 31 -12.22 112.43 67.42
N LEU K 32 -12.13 112.09 66.14
CA LEU K 32 -11.32 111.00 65.60
C LEU K 32 -9.82 111.22 65.80
N LYS K 33 -9.06 110.19 66.22
CA LYS K 33 -7.59 110.21 66.23
C LYS K 33 -7.09 110.02 64.79
N VAL K 34 -6.29 110.94 64.28
CA VAL K 34 -5.82 110.92 62.88
C VAL K 34 -4.31 110.78 62.85
N THR K 35 -3.79 109.92 61.99
CA THR K 35 -2.37 109.78 61.70
C THR K 35 -2.12 110.08 60.24
N SER K 36 -0.86 110.12 59.85
CA SER K 36 -0.42 110.42 58.51
C SER K 36 0.81 109.62 58.11
N ILE K 37 0.93 109.31 56.84
CA ILE K 37 2.11 108.75 56.21
C ILE K 37 2.38 109.60 54.98
N LYS K 38 3.62 110.01 54.77
CA LYS K 38 4.05 110.54 53.49
C LYS K 38 4.71 109.42 52.72
N ILE K 39 4.34 109.26 51.46
CA ILE K 39 5.09 108.45 50.52
C ILE K 39 5.82 109.42 49.62
N ASP K 40 7.12 109.30 49.53
CA ASP K 40 7.94 109.99 48.54
C ASP K 40 8.53 109.00 47.55
N PRO K 41 8.22 109.10 46.26
CA PRO K 41 8.82 108.23 45.26
C PRO K 41 10.31 108.44 44.98
N TYR K 42 10.97 109.40 45.60
CA TYR K 42 12.42 109.53 45.59
C TYR K 42 13.13 108.36 46.28
N MET K 43 14.40 108.15 45.93
CA MET K 43 15.18 107.00 46.37
C MET K 43 15.97 107.20 47.65
N ASN K 44 16.26 108.44 48.07
CA ASN K 44 16.94 108.76 49.32
C ASN K 44 16.35 108.00 50.53
N ILE K 45 17.20 107.44 51.39
CA ILE K 45 16.71 106.79 52.61
C ILE K 45 16.06 107.84 53.49
N ASP K 46 16.70 108.96 53.75
CA ASP K 46 16.11 110.07 54.47
C ASP K 46 16.75 111.41 54.05
N ALA K 47 16.12 112.53 54.38
CA ALA K 47 16.48 113.84 53.86
C ALA K 47 17.80 114.39 54.39
N GLY K 48 18.42 113.76 55.38
CA GLY K 48 19.58 114.29 56.10
C GLY K 48 20.85 114.51 55.26
N THR K 49 21.01 113.84 54.12
CA THR K 49 22.12 114.11 53.19
C THR K 49 21.81 115.26 52.23
N MET K 50 20.54 115.50 51.86
CA MET K 50 20.19 116.36 50.73
C MET K 50 19.96 117.81 51.14
N SER K 51 20.49 118.72 50.33
CA SER K 51 20.61 120.13 50.65
C SER K 51 19.27 120.87 50.52
N PRO K 52 19.06 122.01 51.22
CA PRO K 52 17.78 122.73 51.20
C PRO K 52 17.36 123.32 49.85
N LEU K 53 18.23 123.29 48.85
CA LEU K 53 18.00 123.77 47.49
C LEU K 53 16.99 122.91 46.68
N GLU K 54 16.67 121.70 47.11
CA GLU K 54 15.54 120.89 46.61
C GLU K 54 14.61 120.46 47.74
N HIS K 55 13.30 120.51 47.54
CA HIS K 55 12.25 120.14 48.51
C HIS K 55 12.25 120.93 49.83
N GLY K 56 12.90 122.09 49.90
CA GLY K 56 12.93 122.96 51.07
C GLY K 56 13.75 122.43 52.24
N GLU K 57 13.47 122.89 53.45
CA GLU K 57 14.18 122.46 54.67
C GLU K 57 14.05 120.97 55.00
N CYS K 58 15.12 120.37 55.50
CA CYS K 58 15.04 119.08 56.19
C CYS K 58 14.31 119.27 57.54
N PHE K 59 13.31 118.44 57.83
CA PHE K 59 12.57 118.48 59.09
C PHE K 59 13.18 117.47 60.09
N VAL K 60 13.30 117.83 61.37
CA VAL K 60 13.92 116.93 62.37
C VAL K 60 12.86 116.43 63.35
N LEU K 61 12.80 115.12 63.55
CA LEU K 61 11.84 114.42 64.44
C LEU K 61 12.41 114.18 65.84
N ASP K 62 11.60 113.77 66.81
CA ASP K 62 12.08 113.39 68.16
C ASP K 62 13.07 112.24 68.13
N ASP K 63 12.86 111.26 67.25
CA ASP K 63 13.76 110.14 66.95
C ASP K 63 15.17 110.56 66.55
N GLY K 64 15.36 111.80 66.09
CA GLY K 64 16.52 112.20 65.30
C GLY K 64 16.38 111.88 63.81
N GLY K 65 15.19 111.52 63.35
CA GLY K 65 14.91 111.36 61.92
C GLY K 65 14.94 112.69 61.17
N GLU K 66 15.85 112.81 60.21
CA GLU K 66 15.95 113.91 59.25
C GLU K 66 15.06 113.62 58.04
N THR K 67 13.84 114.15 58.00
CA THR K 67 12.75 113.65 57.15
C THR K 67 12.15 114.70 56.22
N ASP K 68 11.16 114.27 55.41
CA ASP K 68 10.50 115.12 54.45
C ASP K 68 9.81 116.33 55.12
N LEU K 69 9.92 117.49 54.47
CA LEU K 69 9.20 118.70 54.82
C LEU K 69 7.69 118.48 55.01
N ASP K 70 7.02 117.62 54.24
CA ASP K 70 5.59 117.33 54.48
C ASP K 70 5.28 116.74 55.87
N LEU K 71 6.18 116.00 56.54
CA LEU K 71 5.86 115.48 57.87
C LEU K 71 5.71 116.60 58.89
N GLY K 72 6.45 117.70 58.74
CA GLY K 72 6.29 118.87 59.59
C GLY K 72 4.92 119.51 59.45
N ASN K 73 4.34 119.54 58.26
CA ASN K 73 3.00 120.06 58.03
C ASN K 73 1.94 119.25 58.77
N TYR K 74 2.09 117.92 58.82
CA TYR K 74 1.16 117.09 59.57
C TYR K 74 1.31 117.27 61.07
N GLU K 75 2.56 117.35 61.57
CA GLU K 75 2.81 117.57 63.00
C GLU K 75 2.13 118.85 63.50
N ARG K 76 2.30 119.98 62.80
CA ARG K 76 1.72 121.26 63.21
C ARG K 76 0.20 121.39 63.02
N TYR K 77 -0.37 120.85 61.96
CA TYR K 77 -1.82 120.93 61.76
C TYR K 77 -2.59 119.98 62.68
N LEU K 78 -2.09 118.76 62.92
CA LEU K 78 -2.84 117.72 63.62
C LEU K 78 -2.55 117.65 65.11
N GLY K 79 -1.42 118.17 65.58
CA GLY K 79 -1.00 118.03 66.97
C GLY K 79 -0.48 116.62 67.30
N ILE K 80 0.31 116.07 66.39
CA ILE K 80 0.80 114.67 66.44
C ILE K 80 2.31 114.61 66.35
N THR K 81 2.88 113.52 66.84
CA THR K 81 4.31 113.22 66.79
C THR K 81 4.58 112.00 65.90
N LEU K 82 5.54 112.10 64.99
CA LEU K 82 5.82 111.09 63.97
C LEU K 82 7.24 110.51 64.08
N SER K 83 7.40 109.23 63.77
CA SER K 83 8.68 108.51 63.74
C SER K 83 9.30 108.56 62.35
N ARG K 84 10.56 108.13 62.18
CA ARG K 84 11.15 108.03 60.84
C ARG K 84 10.46 107.01 59.94
N ASP K 85 9.76 106.02 60.49
CA ASP K 85 8.93 105.08 59.73
C ASP K 85 7.68 105.67 59.08
N HIS K 86 7.18 106.83 59.52
CA HIS K 86 6.03 107.51 58.92
C HIS K 86 6.33 108.16 57.57
N ASN K 87 7.59 108.30 57.19
CA ASN K 87 7.99 108.67 55.84
C ASN K 87 8.43 107.42 55.07
N ILE K 88 7.58 106.89 54.21
CA ILE K 88 7.96 105.87 53.23
C ILE K 88 8.72 106.52 52.08
N THR K 89 9.81 105.90 51.63
CA THR K 89 10.49 106.28 50.40
C THR K 89 10.80 105.04 49.58
N THR K 90 11.03 105.19 48.29
CA THR K 90 11.45 104.09 47.43
C THR K 90 12.68 103.40 47.99
N GLY K 91 13.67 104.16 48.47
CA GLY K 91 14.87 103.61 49.09
C GLY K 91 14.57 102.73 50.28
N LYS K 92 13.78 103.20 51.25
CA LYS K 92 13.45 102.39 52.43
C LYS K 92 12.80 101.08 52.05
N ILE K 93 11.85 101.10 51.13
CA ILE K 93 11.08 99.89 50.82
C ILE K 93 11.83 98.94 49.90
N TYR K 94 12.61 99.41 48.93
CA TYR K 94 13.48 98.51 48.19
C TYR K 94 14.58 97.96 49.09
N SER K 95 15.12 98.75 50.00
CA SER K 95 16.14 98.34 50.98
C SER K 95 15.61 97.27 51.92
N HIS K 96 14.38 97.42 52.38
CA HIS K 96 13.72 96.47 53.27
C HIS K 96 13.60 95.10 52.61
N VAL K 97 13.10 95.00 51.39
CA VAL K 97 13.00 93.70 50.71
C VAL K 97 14.37 93.13 50.33
N ILE K 98 15.33 93.93 49.89
CA ILE K 98 16.68 93.44 49.57
C ILE K 98 17.39 92.90 50.82
N SER K 99 17.28 93.54 51.97
CA SER K 99 17.91 93.06 53.21
C SER K 99 17.28 91.75 53.70
N ARG K 100 15.97 91.61 53.50
CA ARG K 100 15.16 90.44 53.83
C ARG K 100 15.41 89.24 52.91
N GLU K 101 15.73 89.47 51.64
CA GLU K 101 16.19 88.44 50.70
C GLU K 101 17.55 87.85 51.04
N ARG K 102 18.58 88.67 51.27
CA ARG K 102 19.94 88.19 51.56
C ARG K 102 20.02 87.33 52.83
N ARG K 103 19.10 87.57 53.77
CA ARG K 103 18.83 86.76 54.97
C ARG K 103 17.99 85.51 54.72
N GLY K 104 17.29 85.40 53.59
CA GLY K 104 16.55 84.20 53.18
C GLY K 104 15.09 84.12 53.62
N ASP K 105 14.46 85.21 54.05
CA ASP K 105 13.09 85.21 54.58
C ASP K 105 11.99 84.98 53.52
N TYR K 106 12.32 84.97 52.23
CA TYR K 106 11.41 84.55 51.14
C TYR K 106 11.53 83.06 50.79
N LEU K 107 12.33 82.30 51.56
CA LEU K 107 12.39 80.85 51.56
C LEU K 107 12.65 80.26 50.16
N GLY K 108 13.52 80.91 49.41
CA GLY K 108 13.93 80.46 48.10
C GLY K 108 12.91 80.63 46.97
N LYS K 109 11.83 81.39 47.12
CA LYS K 109 11.06 81.89 45.97
C LYS K 109 11.78 83.04 45.25
N THR K 110 11.41 83.29 44.01
CA THR K 110 11.76 84.50 43.25
C THR K 110 10.97 85.69 43.78
N VAL K 111 11.65 86.75 44.16
CA VAL K 111 11.05 87.95 44.75
C VAL K 111 10.75 88.93 43.63
N GLN K 112 9.49 89.22 43.40
CA GLN K 112 8.97 90.01 42.29
C GLN K 112 8.46 91.35 42.82
N ILE K 113 8.48 92.44 42.04
CA ILE K 113 7.87 93.70 42.47
C ILE K 113 6.38 93.53 42.81
N VAL K 114 5.59 92.84 41.98
CA VAL K 114 4.27 92.29 42.35
C VAL K 114 4.41 90.77 42.49
N PRO K 115 4.04 90.12 43.60
CA PRO K 115 3.41 90.71 44.79
C PRO K 115 4.38 91.30 45.82
N HIS K 116 5.61 90.83 45.92
CA HIS K 116 6.45 90.96 47.12
C HIS K 116 6.75 92.38 47.56
N LEU K 117 7.26 93.26 46.69
CA LEU K 117 7.48 94.66 47.03
C LEU K 117 6.15 95.37 47.27
N THR K 118 5.11 95.14 46.48
CA THR K 118 3.81 95.75 46.76
C THR K 118 3.14 95.21 48.02
N ASN K 119 3.54 94.05 48.53
CA ASN K 119 3.13 93.52 49.82
C ASN K 119 3.95 94.12 50.95
N ALA K 120 5.23 94.40 50.75
CA ALA K 120 6.03 95.12 51.72
C ALA K 120 5.43 96.50 52.01
N ILE K 121 4.97 97.21 50.98
CA ILE K 121 4.30 98.50 51.09
C ILE K 121 3.01 98.39 51.93
N GLN K 122 2.19 97.38 51.69
CA GLN K 122 0.93 97.20 52.45
C GLN K 122 1.16 96.67 53.88
N ASP K 123 2.20 95.87 54.11
CA ASP K 123 2.65 95.48 55.44
C ASP K 123 3.18 96.68 56.22
N TRP K 124 3.93 97.57 55.60
CA TRP K 124 4.41 98.82 56.20
C TRP K 124 3.27 99.75 56.55
N ILE K 125 2.36 100.05 55.63
CA ILE K 125 1.27 100.99 55.89
C ILE K 125 0.39 100.50 57.04
N GLN K 126 0.15 99.20 57.18
CA GLN K 126 -0.57 98.62 58.32
C GLN K 126 0.25 98.63 59.61
N ARG K 127 1.54 98.26 59.58
CA ARG K 127 2.44 98.37 60.74
C ARG K 127 2.43 99.78 61.30
N VAL K 128 2.63 100.76 60.43
CA VAL K 128 2.86 102.16 60.79
C VAL K 128 1.57 102.90 61.13
N SER K 129 0.47 102.68 60.43
CA SER K 129 -0.77 103.38 60.75
C SER K 129 -1.36 103.02 62.12
N LYS K 130 -0.99 101.88 62.72
CA LYS K 130 -1.36 101.55 64.11
C LYS K 130 -0.44 102.16 65.20
N ILE K 131 0.66 102.85 64.86
CA ILE K 131 1.58 103.45 65.85
C ILE K 131 0.91 104.61 66.60
N PRO K 132 1.05 104.76 67.94
CA PRO K 132 0.51 105.89 68.69
C PRO K 132 1.20 107.21 68.37
N VAL K 133 0.42 108.24 68.01
CA VAL K 133 0.93 109.56 67.59
C VAL K 133 0.40 110.73 68.44
N ASP K 134 -0.57 110.48 69.32
CA ASP K 134 -1.16 111.41 70.29
C ASP K 134 -0.43 111.38 71.65
N ASP K 135 -0.90 112.21 72.59
CA ASP K 135 -0.50 112.17 74.01
C ASP K 135 -1.05 110.94 74.76
N THR K 136 -2.00 110.23 74.18
CA THR K 136 -2.62 109.00 74.71
C THR K 136 -2.22 107.78 73.88
N GLY K 137 -2.09 106.63 74.54
CA GLY K 137 -1.68 105.35 73.96
C GLY K 137 -2.75 104.60 73.15
N LEU K 138 -3.71 105.32 72.57
CA LEU K 138 -4.68 104.77 71.63
C LEU K 138 -4.06 104.57 70.24
N GLU K 139 -4.36 103.48 69.54
CA GLU K 139 -4.06 103.40 68.10
C GLU K 139 -4.98 104.36 67.32
N PRO K 140 -4.52 104.97 66.20
CA PRO K 140 -5.33 105.90 65.43
C PRO K 140 -6.66 105.33 64.88
N ASP K 141 -7.55 106.20 64.44
CA ASP K 141 -8.80 105.85 63.77
C ASP K 141 -8.71 106.00 62.25
N VAL K 142 -7.97 107.00 61.77
CA VAL K 142 -7.78 107.32 60.36
C VAL K 142 -6.30 107.50 60.07
N CYS K 143 -5.79 107.03 58.93
CA CYS K 143 -4.51 107.39 58.36
C CYS K 143 -4.73 108.20 57.09
N ILE K 144 -4.05 109.34 56.94
CA ILE K 144 -3.97 110.05 55.66
C ILE K 144 -2.68 109.59 55.00
N ILE K 145 -2.71 109.18 53.74
CA ILE K 145 -1.51 108.91 52.97
C ILE K 145 -1.40 110.02 51.95
N GLU K 146 -0.34 110.80 51.96
CA GLU K 146 -0.02 111.68 50.84
C GLU K 146 0.88 110.90 49.90
N LEU K 147 0.40 110.62 48.70
CA LEU K 147 1.16 109.98 47.64
C LEU K 147 1.93 111.06 46.87
N GLY K 148 3.22 111.21 47.12
CA GLY K 148 4.09 112.18 46.47
C GLY K 148 4.27 111.98 44.97
N GLY K 149 4.83 112.98 44.30
CA GLY K 149 4.99 113.00 42.84
C GLY K 149 3.66 113.13 42.08
N THR K 150 3.58 112.61 40.87
CA THR K 150 2.36 112.56 40.07
C THR K 150 2.04 111.12 39.68
N VAL K 151 0.77 110.77 39.60
CA VAL K 151 0.29 109.46 39.14
C VAL K 151 0.63 109.30 37.65
N GLY K 152 1.14 108.15 37.23
CA GLY K 152 1.59 107.93 35.84
C GLY K 152 3.09 108.10 35.61
N ASP K 153 3.86 108.48 36.64
CA ASP K 153 5.33 108.44 36.63
C ASP K 153 5.86 107.04 37.00
N ILE K 154 6.95 106.59 36.39
CA ILE K 154 7.59 105.28 36.65
C ILE K 154 7.92 105.09 38.13
N GLU K 155 8.45 106.10 38.81
CA GLU K 155 8.74 106.05 40.24
C GLU K 155 7.50 105.85 41.12
N SER K 156 6.33 106.28 40.67
CA SER K 156 5.07 106.09 41.39
C SER K 156 4.45 104.71 41.18
N ALA K 157 4.87 103.97 40.14
CA ALA K 157 4.21 102.75 39.66
C ALA K 157 4.04 101.65 40.73
N PRO K 158 5.08 101.24 41.48
CA PRO K 158 4.90 100.34 42.62
C PRO K 158 3.97 100.85 43.72
N PHE K 159 3.92 102.15 44.01
CA PHE K 159 3.06 102.69 45.07
C PHE K 159 1.59 102.75 44.66
N VAL K 160 1.25 103.18 43.46
CA VAL K 160 -0.14 103.08 42.98
C VAL K 160 -0.59 101.63 42.84
N GLU K 161 0.28 100.70 42.44
CA GLU K 161 -0.08 99.29 42.39
C GLU K 161 -0.31 98.69 43.78
N ALA K 162 0.51 99.03 44.77
CA ALA K 162 0.23 98.68 46.14
C ALA K 162 -1.07 99.29 46.64
N LEU K 163 -1.42 100.52 46.28
CA LEU K 163 -2.66 101.15 46.73
C LEU K 163 -3.89 100.56 46.02
N ARG K 164 -3.79 100.20 44.75
CA ARG K 164 -4.78 99.42 44.03
C ARG K 164 -5.11 98.11 44.75
N GLN K 165 -4.11 97.39 45.22
CA GLN K 165 -4.31 96.18 46.01
C GLN K 165 -4.79 96.49 47.43
N PHE K 166 -4.31 97.55 48.05
CA PHE K 166 -4.70 97.92 49.40
C PHE K 166 -6.18 98.28 49.50
N GLN K 167 -6.75 98.86 48.45
CA GLN K 167 -8.18 99.14 48.34
C GLN K 167 -9.05 97.89 48.51
N PHE K 168 -8.49 96.68 48.29
CA PHE K 168 -9.19 95.39 48.41
C PHE K 168 -8.67 94.51 49.55
N GLU K 169 -7.39 94.56 49.89
CA GLU K 169 -6.83 93.84 51.04
C GLU K 169 -7.40 94.41 52.34
N VAL K 170 -7.67 95.70 52.38
CA VAL K 170 -8.56 96.37 53.33
C VAL K 170 -9.93 96.53 52.66
N GLY K 171 -11.03 96.55 53.40
CA GLY K 171 -12.35 96.65 52.76
C GLY K 171 -12.58 98.00 52.08
N ARG K 172 -13.51 98.07 51.13
CA ARG K 172 -14.15 99.35 50.77
C ARG K 172 -14.81 99.96 52.01
N GLU K 173 -15.08 101.26 52.01
CA GLU K 173 -15.55 102.01 53.19
C GLU K 173 -14.57 102.02 54.37
N ASN K 174 -13.39 101.41 54.24
CA ASN K 174 -12.18 101.72 54.99
C ASN K 174 -11.14 102.48 54.15
N PHE K 175 -11.40 102.79 52.89
CA PHE K 175 -10.47 103.43 51.97
C PHE K 175 -11.19 104.47 51.12
N ALA K 176 -10.63 105.68 50.97
CA ALA K 176 -11.08 106.68 50.02
C ALA K 176 -9.88 107.36 49.35
N LEU K 177 -10.01 107.80 48.11
CA LEU K 177 -8.99 108.50 47.34
C LEU K 177 -9.48 109.90 47.00
N ILE K 178 -8.70 110.91 47.35
CA ILE K 178 -8.85 112.29 46.93
C ILE K 178 -7.81 112.52 45.86
N HIS K 179 -8.21 113.00 44.69
CA HIS K 179 -7.26 113.35 43.64
C HIS K 179 -7.22 114.86 43.50
N VAL K 180 -6.05 115.47 43.62
CA VAL K 180 -5.91 116.91 43.43
C VAL K 180 -5.56 117.17 41.97
N SER K 181 -6.16 118.17 41.33
CA SER K 181 -6.05 118.41 39.90
C SER K 181 -5.99 119.89 39.57
N LEU K 182 -5.45 120.28 38.42
CA LEU K 182 -5.34 121.66 37.98
C LEU K 182 -6.40 121.96 36.92
N VAL K 183 -7.14 123.03 37.10
CA VAL K 183 -7.95 123.66 36.05
C VAL K 183 -7.25 124.94 35.60
N PRO K 184 -6.56 124.97 34.46
CA PRO K 184 -6.04 126.21 33.88
C PRO K 184 -7.19 127.14 33.52
N VAL K 185 -6.95 128.45 33.55
CA VAL K 185 -7.85 129.46 33.00
C VAL K 185 -7.11 130.26 31.94
N ILE K 186 -7.60 130.20 30.70
CA ILE K 186 -6.93 130.69 29.48
C ILE K 186 -7.94 131.54 28.68
N HIS K 187 -7.62 132.80 28.45
CA HIS K 187 -8.51 133.79 27.79
C HIS K 187 -9.90 133.89 28.41
N GLY K 188 -9.95 133.81 29.73
CA GLY K 188 -11.18 133.86 30.51
C GLY K 188 -12.02 132.59 30.51
N GLU K 189 -11.48 131.46 30.05
CA GLU K 189 -12.16 130.17 30.04
C GLU K 189 -11.42 129.13 30.87
N GLN K 190 -12.13 128.46 31.77
CA GLN K 190 -11.61 127.41 32.65
C GLN K 190 -11.58 126.08 31.90
N LYS K 191 -10.42 125.47 31.71
CA LYS K 191 -10.19 124.33 30.81
C LYS K 191 -10.23 123.00 31.55
N THR K 192 -11.07 122.06 31.11
CA THR K 192 -11.25 120.76 31.77
C THR K 192 -10.40 119.61 31.23
N LYS K 193 -9.87 119.65 30.00
CA LYS K 193 -9.13 118.51 29.44
C LYS K 193 -7.87 118.04 30.19
N PRO K 194 -7.15 118.86 30.99
CA PRO K 194 -6.05 118.36 31.80
C PRO K 194 -6.54 117.48 32.94
N THR K 195 -7.63 117.85 33.60
CA THR K 195 -8.22 117.02 34.65
C THR K 195 -8.86 115.75 34.09
N GLN K 196 -9.43 115.76 32.89
CA GLN K 196 -9.93 114.54 32.23
C GLN K 196 -8.82 113.53 31.91
N ALA K 197 -7.69 113.99 31.36
CA ALA K 197 -6.54 113.15 31.11
C ALA K 197 -5.92 112.56 32.40
N ALA K 198 -6.04 113.24 33.54
CA ALA K 198 -5.62 112.72 34.83
C ALA K 198 -6.58 111.64 35.37
N ILE K 199 -7.89 111.72 35.10
CA ILE K 199 -8.83 110.65 35.49
C ILE K 199 -8.59 109.39 34.64
N LYS K 200 -8.25 109.53 33.35
CA LYS K 200 -7.82 108.39 32.52
C LYS K 200 -6.59 107.68 33.05
N ASP K 201 -5.57 108.38 33.54
CA ASP K 201 -4.42 107.73 34.17
C ASP K 201 -4.80 106.94 35.43
N LEU K 202 -5.65 107.48 36.31
CA LEU K 202 -6.16 106.71 37.44
C LEU K 202 -6.91 105.45 37.00
N ARG K 203 -7.82 105.52 36.03
CA ARG K 203 -8.51 104.33 35.51
C ARG K 203 -7.55 103.33 34.91
N SER K 204 -6.61 103.79 34.09
CA SER K 204 -5.55 102.95 33.52
C SER K 204 -4.80 102.18 34.61
N LEU K 205 -4.45 102.86 35.70
CA LEU K 205 -3.77 102.29 36.85
C LEU K 205 -4.72 101.59 37.86
N GLY K 206 -6.02 101.53 37.59
CA GLY K 206 -6.99 100.75 38.36
C GLY K 206 -7.48 101.39 39.66
N LEU K 207 -7.48 102.72 39.75
CA LEU K 207 -8.01 103.48 40.88
C LEU K 207 -9.15 104.39 40.42
N ILE K 208 -10.16 104.56 41.27
CA ILE K 208 -11.24 105.55 41.10
C ILE K 208 -11.15 106.56 42.23
N PRO K 209 -11.23 107.87 41.97
CA PRO K 209 -11.24 108.89 43.01
C PRO K 209 -12.65 109.15 43.56
N ASP K 210 -12.75 109.36 44.86
CA ASP K 210 -13.99 109.66 45.56
C ASP K 210 -14.29 111.16 45.62
N MET K 211 -13.25 111.98 45.76
CA MET K 211 -13.27 113.41 45.54
C MET K 211 -12.36 113.76 44.37
N ILE K 212 -12.72 114.76 43.58
CA ILE K 212 -11.76 115.54 42.79
C ILE K 212 -11.59 116.87 43.52
N ALA K 213 -10.39 117.23 43.92
CA ALA K 213 -10.08 118.57 44.38
C ALA K 213 -9.50 119.37 43.22
N CYS K 214 -10.17 120.41 42.76
CA CYS K 214 -9.71 121.21 41.63
C CYS K 214 -9.07 122.49 42.10
N ARG K 215 -7.82 122.67 41.75
CA ARG K 215 -6.98 123.83 42.04
C ARG K 215 -7.03 124.76 40.85
N CYS K 216 -7.34 126.03 41.09
CA CYS K 216 -7.62 127.00 40.04
C CYS K 216 -7.28 128.43 40.51
N SER K 217 -6.88 129.31 39.59
CA SER K 217 -6.86 130.76 39.83
C SER K 217 -8.15 131.57 40.00
N GLU K 218 -9.31 130.90 39.97
CA GLU K 218 -10.65 131.48 40.13
C GLU K 218 -11.51 130.51 40.94
N GLU K 219 -12.63 130.96 41.48
CA GLU K 219 -13.71 130.04 41.84
C GLU K 219 -14.11 129.23 40.59
N LEU K 220 -14.36 127.93 40.70
CA LEU K 220 -14.89 127.17 39.57
C LEU K 220 -16.29 127.67 39.20
N ASN K 221 -16.54 127.85 37.91
CA ASN K 221 -17.90 128.05 37.41
C ASN K 221 -18.72 126.76 37.59
N ARG K 222 -20.03 126.85 37.88
CA ARG K 222 -20.86 125.64 38.07
C ARG K 222 -21.02 124.79 36.82
N SER K 223 -20.89 125.39 35.64
CA SER K 223 -20.78 124.66 34.37
C SER K 223 -19.49 123.85 34.24
N THR K 224 -18.37 124.34 34.80
CA THR K 224 -17.09 123.61 34.85
C THR K 224 -17.18 122.43 35.80
N ILE K 225 -17.82 122.63 36.96
CA ILE K 225 -18.09 121.55 37.92
C ILE K 225 -18.97 120.49 37.30
N ASP K 226 -20.09 120.87 36.66
CA ASP K 226 -20.95 119.93 35.95
C ASP K 226 -20.17 119.10 34.92
N LYS K 227 -19.29 119.73 34.14
CA LYS K 227 -18.47 119.04 33.15
C LYS K 227 -17.51 118.02 33.76
N ILE K 228 -16.83 118.37 34.85
CA ILE K 228 -15.93 117.45 35.54
C ILE K 228 -16.75 116.27 36.09
N ALA K 229 -17.93 116.54 36.63
CA ALA K 229 -18.87 115.54 37.13
C ALA K 229 -19.56 114.70 36.02
N MET K 230 -19.45 115.08 34.74
CA MET K 230 -19.87 114.25 33.61
C MET K 230 -18.78 113.26 33.20
N PHE K 231 -17.55 113.74 33.03
CA PHE K 231 -16.44 112.90 32.58
C PHE K 231 -15.97 111.90 33.63
N CYS K 232 -15.74 112.36 34.86
CA CYS K 232 -15.56 111.49 36.01
C CYS K 232 -16.93 110.99 36.51
N HIS K 233 -17.11 109.72 36.86
CA HIS K 233 -18.43 109.23 37.32
C HIS K 233 -18.67 109.51 38.81
N VAL K 234 -18.90 110.79 39.11
CA VAL K 234 -19.08 111.36 40.46
C VAL K 234 -20.14 112.45 40.44
N GLY K 235 -20.85 112.70 41.54
CA GLY K 235 -21.83 113.78 41.60
C GLY K 235 -21.20 115.18 41.67
N PRO K 236 -21.96 116.28 41.52
CA PRO K 236 -21.43 117.64 41.70
C PRO K 236 -20.87 117.93 43.09
N GLU K 237 -21.40 117.24 44.08
CA GLU K 237 -21.04 117.38 45.49
C GLU K 237 -19.67 116.76 45.84
N GLN K 238 -19.03 116.11 44.86
CA GLN K 238 -17.75 115.41 44.96
C GLN K 238 -16.61 116.10 44.20
N VAL K 239 -16.88 117.21 43.51
CA VAL K 239 -15.83 118.12 43.06
C VAL K 239 -15.76 119.26 44.06
N VAL K 240 -14.65 119.40 44.77
CA VAL K 240 -14.37 120.53 45.66
C VAL K 240 -13.51 121.54 44.91
N ASN K 241 -13.95 122.78 45.01
CA ASN K 241 -13.35 123.95 44.41
C ASN K 241 -12.31 124.52 45.39
N VAL K 242 -11.03 124.30 45.13
CA VAL K 242 -9.92 124.68 46.02
C VAL K 242 -9.10 125.80 45.37
N HIS K 243 -9.69 126.97 45.22
CA HIS K 243 -9.04 128.10 44.54
C HIS K 243 -7.84 128.65 45.32
N ASP K 244 -7.04 129.47 44.64
CA ASP K 244 -5.91 130.17 45.24
C ASP K 244 -6.34 131.19 46.30
N VAL K 245 -5.95 130.96 47.55
CA VAL K 245 -6.23 131.85 48.69
C VAL K 245 -4.92 132.38 49.29
N ASN K 246 -4.92 133.61 49.80
CA ASN K 246 -3.74 134.25 50.38
C ASN K 246 -3.16 133.54 51.63
N SER K 247 -3.98 132.81 52.38
CA SER K 247 -3.64 132.14 53.66
C SER K 247 -4.09 130.68 53.65
N THR K 248 -3.25 129.73 54.08
CA THR K 248 -3.62 128.31 54.14
C THR K 248 -4.38 127.92 55.41
N TYR K 249 -4.41 128.76 56.45
CA TYR K 249 -5.28 128.55 57.61
C TYR K 249 -6.76 128.65 57.25
N HIS K 250 -7.09 129.25 56.12
CA HIS K 250 -8.46 129.31 55.61
C HIS K 250 -8.90 128.05 54.89
N VAL K 251 -7.99 127.25 54.32
CA VAL K 251 -8.35 126.07 53.52
C VAL K 251 -9.20 125.05 54.28
N PRO K 252 -9.00 124.73 55.56
CA PRO K 252 -9.96 123.89 56.27
C PRO K 252 -11.39 124.43 56.29
N LEU K 253 -11.57 125.73 56.47
CA LEU K 253 -12.90 126.32 56.48
C LEU K 253 -13.49 126.43 55.07
N LEU K 254 -12.70 126.41 54.01
CA LEU K 254 -13.22 126.21 52.63
C LEU K 254 -13.85 124.84 52.46
N LEU K 255 -13.17 123.78 52.90
CA LEU K 255 -13.62 122.43 52.68
C LEU K 255 -14.76 122.07 53.62
N LEU K 256 -14.82 122.66 54.81
CA LEU K 256 -15.99 122.58 55.70
C LEU K 256 -17.24 123.23 55.06
N LYS K 257 -17.11 124.42 54.45
CA LYS K 257 -18.18 125.03 53.64
C LYS K 257 -18.65 124.16 52.47
N GLN K 258 -17.79 123.28 51.95
CA GLN K 258 -18.05 122.43 50.78
C GLN K 258 -18.45 120.99 51.14
N HIS K 259 -18.94 120.74 52.36
CA HIS K 259 -19.51 119.45 52.76
C HIS K 259 -18.55 118.27 52.73
N MET K 260 -17.23 118.49 52.73
CA MET K 260 -16.28 117.38 52.53
C MET K 260 -16.20 116.45 53.75
N ILE K 261 -16.33 116.96 54.98
CA ILE K 261 -16.59 116.10 56.14
C ILE K 261 -17.89 115.32 55.94
N ASP K 262 -18.99 115.99 55.56
CA ASP K 262 -20.30 115.38 55.45
C ASP K 262 -20.31 114.26 54.40
N TYR K 263 -19.56 114.42 53.30
CA TYR K 263 -19.38 113.39 52.30
C TYR K 263 -18.57 112.22 52.85
N LEU K 264 -17.36 112.48 53.35
CA LEU K 264 -16.46 111.46 53.89
C LEU K 264 -17.07 110.70 55.05
N HIS K 265 -17.94 111.30 55.86
CA HIS K 265 -18.66 110.64 56.94
C HIS K 265 -19.64 109.55 56.44
N SER K 266 -20.23 109.74 55.25
CA SER K 266 -21.09 108.78 54.56
C SER K 266 -20.34 107.83 53.61
N ARG K 267 -19.19 108.24 53.07
CA ARG K 267 -18.29 107.41 52.24
C ARG K 267 -17.38 106.46 53.04
N LEU K 268 -17.03 106.81 54.28
CA LEU K 268 -16.13 106.04 55.14
C LEU K 268 -16.82 105.52 56.40
N LYS K 269 -18.14 105.68 56.54
CA LYS K 269 -18.93 105.23 57.71
C LYS K 269 -18.31 105.68 59.04
N LEU K 270 -17.93 106.96 59.12
CA LEU K 270 -17.14 107.46 60.24
C LEU K 270 -17.97 107.58 61.53
N GLY K 271 -19.30 107.66 61.43
CA GLY K 271 -20.22 107.65 62.56
C GLY K 271 -20.30 106.29 63.26
N GLU K 272 -19.76 105.24 62.65
CA GLU K 272 -19.74 103.88 63.19
C GLU K 272 -18.41 103.56 63.89
N VAL K 273 -17.43 104.47 63.88
CA VAL K 273 -16.26 104.38 64.77
C VAL K 273 -16.72 104.72 66.21
N PRO K 274 -16.39 103.90 67.22
CA PRO K 274 -16.75 104.20 68.60
C PRO K 274 -16.03 105.46 69.09
N LEU K 275 -16.77 106.43 69.62
CA LEU K 275 -16.26 107.62 70.30
C LEU K 275 -17.18 107.98 71.47
N THR K 276 -16.61 108.60 72.50
CA THR K 276 -17.35 109.14 73.65
C THR K 276 -17.90 110.55 73.35
N LEU K 277 -18.78 111.10 74.21
CA LEU K 277 -19.09 112.53 74.19
C LEU K 277 -17.86 113.40 74.54
N GLU K 278 -16.91 112.90 75.34
CA GLU K 278 -15.66 113.64 75.61
C GLU K 278 -14.88 113.88 74.31
N ASP K 279 -14.74 112.84 73.48
CA ASP K 279 -14.13 112.95 72.16
C ASP K 279 -14.88 113.94 71.25
N LYS K 280 -16.21 113.97 71.33
CA LYS K 280 -17.04 114.88 70.52
C LYS K 280 -17.09 116.32 71.03
N GLU K 281 -16.76 116.62 72.29
CA GLU K 281 -16.50 118.00 72.75
C GLU K 281 -15.13 118.47 72.28
N ARG K 282 -14.09 117.63 72.41
CA ARG K 282 -12.74 117.98 71.98
C ARG K 282 -12.66 118.32 70.50
N GLY K 283 -13.42 117.64 69.65
CA GLY K 283 -13.47 117.92 68.22
C GLY K 283 -13.97 119.33 67.89
N SER K 284 -15.14 119.74 68.40
CA SER K 284 -15.66 121.10 68.16
C SER K 284 -14.92 122.19 68.93
N GLN K 285 -14.26 121.87 70.04
CA GLN K 285 -13.33 122.74 70.75
C GLN K 285 -12.09 123.06 69.91
N LEU K 286 -11.53 122.10 69.18
CA LEU K 286 -10.54 122.40 68.13
C LEU K 286 -11.13 123.21 66.98
N LEU K 287 -12.36 122.93 66.53
CA LEU K 287 -12.96 123.69 65.43
C LEU K 287 -13.14 125.16 65.79
N THR K 288 -13.75 125.44 66.93
CA THR K 288 -13.95 126.82 67.39
C THR K 288 -12.63 127.53 67.65
N ASN K 289 -11.58 126.86 68.17
CA ASN K 289 -10.22 127.43 68.21
C ASN K 289 -9.66 127.75 66.81
N TRP K 290 -9.97 126.98 65.77
CA TRP K 290 -9.57 127.30 64.40
C TRP K 290 -10.32 128.51 63.84
N GLU K 291 -11.63 128.56 64.04
CA GLU K 291 -12.45 129.73 63.66
C GLU K 291 -12.02 130.98 64.42
N ASN K 292 -11.62 130.87 65.68
CA ASN K 292 -11.04 131.99 66.42
C ASN K 292 -9.75 132.48 65.76
N MET K 293 -8.72 131.63 65.60
CA MET K 293 -7.47 132.11 65.03
C MET K 293 -7.60 132.61 63.59
N THR K 294 -8.53 132.09 62.79
CA THR K 294 -8.78 132.61 61.43
C THR K 294 -9.58 133.91 61.41
N LYS K 295 -10.51 134.12 62.34
CA LYS K 295 -11.14 135.43 62.55
C LYS K 295 -10.11 136.46 63.00
N ASN K 296 -9.29 136.14 64.00
CA ASN K 296 -8.19 137.00 64.49
C ASN K 296 -7.08 137.24 63.45
N LEU K 297 -6.98 136.43 62.42
CA LEU K 297 -6.13 136.66 61.25
C LEU K 297 -6.73 137.71 60.30
N ASP K 298 -8.04 137.71 60.11
CA ASP K 298 -8.72 138.60 59.16
C ASP K 298 -9.00 140.02 59.68
N ASP K 299 -9.31 140.18 60.97
CA ASP K 299 -9.64 141.50 61.52
C ASP K 299 -8.45 142.20 62.24
N SER K 300 -7.33 141.50 62.42
CA SER K 300 -6.05 142.11 62.80
C SER K 300 -5.53 143.04 61.70
N ASP K 301 -4.84 144.10 62.10
CA ASP K 301 -4.43 145.21 61.24
C ASP K 301 -3.03 145.73 61.59
N ASP K 302 -2.68 145.85 62.87
CA ASP K 302 -1.37 146.38 63.27
C ASP K 302 -0.24 145.42 62.89
N VAL K 303 0.75 145.91 62.15
CA VAL K 303 1.88 145.11 61.61
C VAL K 303 3.01 144.96 62.63
N VAL K 304 3.74 143.84 62.54
CA VAL K 304 5.10 143.70 63.12
C VAL K 304 6.06 143.17 62.07
N LYS K 305 7.26 143.74 61.97
CA LYS K 305 8.27 143.38 60.98
C LYS K 305 9.42 142.64 61.61
N ILE K 306 9.72 141.42 61.16
CA ILE K 306 10.84 140.62 61.65
C ILE K 306 11.84 140.42 60.51
N ALA K 307 13.09 140.79 60.72
CA ALA K 307 14.16 140.42 59.80
C ALA K 307 14.55 138.97 60.03
N LEU K 308 14.44 138.12 59.00
CA LEU K 308 15.04 136.80 58.99
C LEU K 308 16.36 136.91 58.22
N VAL K 309 17.48 136.76 58.91
CA VAL K 309 18.82 136.99 58.39
C VAL K 309 19.49 135.66 58.07
N GLY K 310 19.73 135.33 56.81
CA GLY K 310 20.21 134.01 56.43
C GLY K 310 20.84 133.96 55.04
N LYS K 311 21.06 132.79 54.46
CA LYS K 311 21.38 132.64 53.02
C LYS K 311 20.21 132.07 52.23
N TYR K 312 20.21 132.26 50.92
CA TYR K 312 19.23 131.70 49.99
C TYR K 312 17.80 132.07 50.37
N THR K 313 17.58 133.31 50.79
CA THR K 313 16.28 133.76 51.30
C THR K 313 15.23 133.93 50.18
N ASN K 314 15.62 133.74 48.93
CA ASN K 314 14.78 133.67 47.74
C ASN K 314 14.00 132.35 47.63
N LEU K 315 14.56 131.24 48.12
CA LEU K 315 13.86 129.94 48.27
C LEU K 315 13.20 129.91 49.65
N LYS K 316 12.05 130.58 49.81
CA LYS K 316 11.36 130.76 51.12
C LYS K 316 10.97 129.44 51.81
N ASP K 317 10.86 128.36 51.05
CA ASP K 317 10.66 126.99 51.53
C ASP K 317 11.87 126.41 52.31
N SER K 318 13.08 126.94 52.12
CA SER K 318 14.27 126.62 52.91
C SER K 318 14.16 127.02 54.39
N TYR K 319 13.11 127.74 54.76
CA TYR K 319 12.83 128.25 56.10
C TYR K 319 11.37 127.96 56.47
N LEU K 320 10.75 126.94 55.92
CA LEU K 320 9.31 126.74 56.08
C LEU K 320 8.87 126.65 57.53
N SER K 321 9.57 125.92 58.39
CA SER K 321 9.20 125.77 59.79
C SER K 321 9.45 127.03 60.60
N VAL K 322 10.52 127.75 60.30
CA VAL K 322 10.81 129.07 60.86
C VAL K 322 9.67 130.03 60.56
N THR K 323 9.26 130.07 59.30
CA THR K 323 8.19 130.92 58.80
C THR K 323 6.89 130.62 59.50
N LYS K 324 6.47 129.35 59.57
CA LYS K 324 5.25 128.95 60.27
C LYS K 324 5.34 129.29 61.76
N SER K 325 6.49 129.13 62.38
CA SER K 325 6.69 129.46 63.80
C SER K 325 6.62 130.96 64.10
N LEU K 326 7.08 131.84 63.20
CA LEU K 326 6.84 133.28 63.27
C LEU K 326 5.38 133.64 63.06
N GLU K 327 4.69 132.97 62.13
CA GLU K 327 3.26 133.12 61.96
C GLU K 327 2.46 132.73 63.20
N HIS K 328 2.75 131.60 63.84
CA HIS K 328 1.99 131.19 65.01
C HIS K 328 2.18 132.21 66.15
N ALA K 329 3.38 132.75 66.31
CA ALA K 329 3.67 133.78 67.29
C ALA K 329 2.88 135.07 67.01
N SER K 330 2.92 135.53 65.76
CA SER K 330 2.13 136.65 65.24
C SER K 330 0.64 136.47 65.48
N MET K 331 0.07 135.31 65.19
CA MET K 331 -1.35 135.04 65.40
C MET K 331 -1.75 135.10 66.88
N LYS K 332 -0.91 134.62 67.80
CA LYS K 332 -1.14 134.72 69.24
C LYS K 332 -0.96 136.14 69.81
N CYS K 333 -0.12 136.97 69.19
CA CYS K 333 -0.02 138.41 69.50
C CYS K 333 -1.10 139.28 68.83
N ARG K 334 -1.84 138.74 67.85
CA ARG K 334 -2.86 139.44 67.04
C ARG K 334 -2.30 140.63 66.25
N ARG K 335 -1.10 140.50 65.72
CA ARG K 335 -0.45 141.46 64.82
C ARG K 335 -0.03 140.81 63.52
N GLN K 336 -0.21 141.50 62.40
CA GLN K 336 0.11 141.00 61.07
C GLN K 336 1.61 140.88 60.88
N LEU K 337 2.11 139.70 60.55
CA LEU K 337 3.53 139.48 60.35
C LEU K 337 3.93 139.94 58.96
N GLU K 338 4.97 140.74 58.87
CA GLU K 338 5.79 140.82 57.67
C GLU K 338 7.17 140.25 57.98
N ILE K 339 7.59 139.19 57.30
CA ILE K 339 8.98 138.77 57.29
C ILE K 339 9.71 139.66 56.28
N LEU K 340 10.77 140.29 56.74
CA LEU K 340 11.76 140.94 55.91
C LEU K 340 12.86 139.91 55.67
N TRP K 341 13.03 139.46 54.44
CA TRP K 341 14.02 138.45 54.07
C TRP K 341 15.35 139.12 53.77
N VAL K 342 16.37 138.89 54.60
CA VAL K 342 17.66 139.59 54.56
C VAL K 342 18.76 138.59 54.24
N GLU K 343 19.43 138.69 53.09
CA GLU K 343 20.61 137.86 52.83
C GLU K 343 21.81 138.38 53.60
N ALA K 344 22.35 137.59 54.52
CA ALA K 344 23.41 138.02 55.42
C ALA K 344 24.69 138.45 54.70
N SER K 345 25.07 137.77 53.60
CA SER K 345 26.23 138.16 52.80
C SER K 345 26.09 139.59 52.23
N ASN K 346 24.87 140.02 51.86
CA ASN K 346 24.63 141.37 51.35
C ASN K 346 24.83 142.46 52.43
N LEU K 347 24.73 142.13 53.71
CA LEU K 347 25.05 143.04 54.83
C LEU K 347 26.55 143.35 54.92
N GLU K 348 27.42 142.50 54.37
CA GLU K 348 28.87 142.72 54.41
C GLU K 348 29.29 143.91 53.53
N PRO K 349 30.23 144.77 53.97
CA PRO K 349 30.60 145.99 53.24
C PRO K 349 31.08 145.74 51.82
N GLU K 350 31.75 144.62 51.55
CA GLU K 350 32.24 144.27 50.22
C GLU K 350 31.14 144.22 49.16
N THR K 351 29.89 143.95 49.56
CA THR K 351 28.74 144.01 48.67
C THR K 351 28.55 145.40 48.07
N GLN K 352 28.90 146.46 48.78
CA GLN K 352 28.86 147.83 48.28
C GLN K 352 29.91 148.09 47.18
N GLU K 353 30.95 147.24 47.06
CA GLU K 353 31.85 147.24 45.91
C GLU K 353 31.27 146.42 44.74
N VAL K 354 30.54 145.33 45.06
CA VAL K 354 29.99 144.37 44.09
C VAL K 354 28.71 144.87 43.43
N ASP K 355 27.71 145.27 44.22
CA ASP K 355 26.42 145.83 43.79
C ASP K 355 25.78 146.67 44.92
N LYS K 356 25.77 147.99 44.77
CA LYS K 356 25.28 148.91 45.80
C LYS K 356 23.79 148.75 46.07
N ASN K 357 22.99 148.37 45.08
CA ASN K 357 21.55 148.11 45.24
C ASN K 357 21.29 147.03 46.31
N LYS K 358 22.02 145.91 46.28
CA LYS K 358 21.90 144.80 47.25
C LYS K 358 22.39 145.18 48.63
N PHE K 359 23.45 145.98 48.74
CA PHE K 359 23.96 146.43 50.03
C PHE K 359 22.91 147.28 50.76
N HIS K 360 22.43 148.33 50.11
CA HIS K 360 21.46 149.22 50.74
C HIS K 360 20.11 148.56 50.99
N ASP K 361 19.56 147.73 50.11
CA ASP K 361 18.27 147.06 50.41
C ASP K 361 18.36 146.14 51.63
N SER K 362 19.48 145.47 51.85
CA SER K 362 19.69 144.66 53.05
C SER K 362 19.69 145.51 54.33
N TRP K 363 20.41 146.64 54.36
CA TRP K 363 20.49 147.48 55.55
C TRP K 363 19.24 148.35 55.75
N ASN K 364 18.58 148.72 54.66
CA ASN K 364 17.22 149.27 54.64
C ASN K 364 16.24 148.33 55.37
N LYS K 365 16.23 147.04 55.05
CA LYS K 365 15.44 146.03 55.76
C LYS K 365 15.87 145.85 57.20
N LEU K 366 17.15 145.66 57.49
CA LEU K 366 17.59 145.41 58.86
C LEU K 366 17.33 146.60 59.82
N SER K 367 17.39 147.83 59.33
CA SER K 367 17.02 149.03 60.09
C SER K 367 15.52 149.16 60.32
N SER K 368 14.72 148.62 59.39
CA SER K 368 13.25 148.65 59.42
C SER K 368 12.65 147.66 60.42
N ALA K 369 13.41 146.63 60.79
CA ALA K 369 12.97 145.50 61.58
C ALA K 369 12.63 145.85 63.04
N ASP K 370 11.45 145.45 63.51
CA ASP K 370 11.05 145.50 64.92
C ASP K 370 11.66 144.38 65.75
N GLY K 371 12.11 143.30 65.12
CA GLY K 371 12.85 142.20 65.71
C GLY K 371 13.69 141.49 64.67
N ILE K 372 14.69 140.73 65.11
CA ILE K 372 15.64 140.00 64.26
C ILE K 372 15.63 138.53 64.64
N LEU K 373 15.61 137.67 63.64
CA LEU K 373 15.87 136.25 63.78
C LEU K 373 17.12 135.88 62.97
N VAL K 374 18.09 135.23 63.60
CA VAL K 374 19.10 134.44 62.91
C VAL K 374 18.62 132.98 62.99
N PRO K 375 18.22 132.35 61.86
CA PRO K 375 17.26 131.26 61.82
C PRO K 375 17.78 129.85 62.07
N GLY K 376 19.09 129.65 62.13
CA GLY K 376 19.70 128.31 62.16
C GLY K 376 19.90 127.73 60.77
N GLY K 377 20.77 128.38 60.00
CA GLY K 377 21.16 127.97 58.66
C GLY K 377 22.16 126.81 58.59
N PHE K 378 22.79 126.70 57.45
CA PHE K 378 23.60 125.56 57.01
C PHE K 378 24.76 126.05 56.13
N GLY K 379 26.00 125.63 56.41
CA GLY K 379 27.21 126.06 55.69
C GLY K 379 27.67 127.47 56.06
N THR K 380 28.91 127.62 56.54
CA THR K 380 29.41 128.80 57.26
C THR K 380 29.61 130.09 56.44
N ARG K 381 29.37 130.07 55.12
CA ARG K 381 29.75 131.16 54.18
C ARG K 381 29.18 132.56 54.47
N GLY K 382 28.10 132.69 55.24
CA GLY K 382 27.43 133.96 55.55
C GLY K 382 27.73 134.56 56.93
N ILE K 383 28.58 133.92 57.75
CA ILE K 383 28.75 134.25 59.18
C ILE K 383 29.21 135.68 59.40
N GLU K 384 30.14 136.20 58.60
CA GLU K 384 30.67 137.56 58.81
C GLU K 384 29.59 138.63 58.59
N GLY K 385 28.59 138.35 57.76
CA GLY K 385 27.36 139.15 57.64
C GLY K 385 26.45 139.04 58.86
N MET K 386 26.19 137.84 59.34
CA MET K 386 25.35 137.64 60.53
C MET K 386 25.96 138.24 61.81
N ILE K 387 27.29 138.29 61.89
CA ILE K 387 28.00 138.96 62.99
C ILE K 387 27.65 140.44 63.05
N LEU K 388 27.51 141.12 61.91
CA LEU K 388 27.01 142.48 61.84
C LEU K 388 25.58 142.54 62.35
N ALA K 389 24.70 141.65 61.92
CA ALA K 389 23.31 141.63 62.35
C ALA K 389 23.14 141.40 63.86
N ALA K 390 23.95 140.54 64.45
CA ALA K 390 24.02 140.34 65.90
C ALA K 390 24.60 141.55 66.63
N LYS K 391 25.65 142.20 66.07
CA LYS K 391 26.23 143.43 66.62
C LYS K 391 25.19 144.54 66.66
N TRP K 392 24.56 144.82 65.51
CA TRP K 392 23.48 145.79 65.37
C TRP K 392 22.40 145.60 66.43
N ALA K 393 21.88 144.39 66.62
CA ALA K 393 20.86 144.14 67.62
C ALA K 393 21.31 144.39 69.07
N ARG K 394 22.56 144.11 69.40
CA ARG K 394 23.11 144.28 70.75
C ARG K 394 23.44 145.75 71.05
N GLU K 395 24.05 146.44 70.09
CA GLU K 395 24.38 147.87 70.20
C GLU K 395 23.14 148.77 70.22
N SER K 396 22.00 148.30 69.72
CA SER K 396 20.81 149.13 69.43
C SER K 396 19.57 148.80 70.24
N GLY K 397 19.54 147.70 70.99
CA GLY K 397 18.40 147.29 71.82
C GLY K 397 17.26 146.60 71.08
N VAL K 398 17.43 146.25 69.80
CA VAL K 398 16.42 145.58 68.96
C VAL K 398 16.26 144.10 69.38
N PRO K 399 15.04 143.59 69.60
CA PRO K 399 14.78 142.19 69.94
C PRO K 399 15.44 141.16 69.01
N PHE K 400 16.05 140.14 69.58
CA PHE K 400 16.86 139.17 68.85
C PHE K 400 16.53 137.74 69.28
N LEU K 401 16.47 136.81 68.33
CA LEU K 401 16.56 135.39 68.59
C LEU K 401 17.64 134.76 67.73
N GLY K 402 18.51 133.98 68.33
CA GLY K 402 19.54 133.21 67.62
C GLY K 402 19.31 131.70 67.76
N VAL K 403 19.05 131.00 66.67
CA VAL K 403 18.79 129.56 66.66
C VAL K 403 19.97 128.78 66.08
N CYS K 404 20.49 127.76 66.76
CA CYS K 404 21.63 126.91 66.37
C CYS K 404 22.88 127.71 66.04
N LEU K 405 23.19 127.92 64.77
CA LEU K 405 24.15 128.94 64.31
C LEU K 405 23.92 130.33 64.91
N GLY K 406 22.70 130.70 65.28
CA GLY K 406 22.36 131.95 65.96
C GLY K 406 22.79 132.03 67.43
N LEU K 407 23.03 130.93 68.16
CA LEU K 407 23.87 130.99 69.37
C LEU K 407 25.26 131.44 68.96
N GLN K 408 25.80 130.74 67.97
CA GLN K 408 27.21 130.73 67.70
C GLN K 408 27.67 132.07 67.14
N VAL K 409 27.03 132.63 66.11
CA VAL K 409 27.39 133.97 65.62
C VAL K 409 27.20 135.06 66.68
N ALA K 410 26.28 134.91 67.62
CA ALA K 410 26.09 135.88 68.69
C ALA K 410 27.21 135.78 69.73
N ALA K 411 27.60 134.58 70.14
CA ALA K 411 28.73 134.38 71.03
C ALA K 411 30.06 134.82 70.36
N ILE K 412 30.24 134.55 69.07
CA ILE K 412 31.37 135.04 68.29
C ILE K 412 31.38 136.57 68.24
N GLU K 413 30.22 137.21 68.05
CA GLU K 413 30.09 138.66 68.14
C GLU K 413 30.46 139.18 69.53
N PHE K 414 29.87 138.63 70.59
CA PHE K 414 30.11 139.03 71.96
C PHE K 414 31.58 138.86 72.37
N ALA K 415 32.22 137.79 71.95
CA ALA K 415 33.65 137.57 72.13
C ALA K 415 34.51 138.64 71.42
N ARG K 416 34.28 138.90 70.12
CA ARG K 416 35.04 139.89 69.33
C ARG K 416 34.80 141.34 69.78
N ASN K 417 33.61 141.67 70.29
CA ASN K 417 33.19 143.06 70.50
C ASN K 417 32.93 143.47 71.96
N VAL K 418 32.77 142.54 72.90
CA VAL K 418 32.51 142.87 74.33
C VAL K 418 33.56 142.28 75.26
N ILE K 419 34.09 141.07 75.01
CA ILE K 419 35.33 140.59 75.63
C ILE K 419 36.56 141.25 74.98
N GLY K 420 36.56 141.37 73.66
CA GLY K 420 37.62 142.05 72.89
C GLY K 420 38.77 141.16 72.43
N ARG K 421 38.49 139.95 71.93
CA ARG K 421 39.44 139.07 71.21
C ARG K 421 39.08 139.03 69.71
N PRO K 422 39.53 139.99 68.87
CA PRO K 422 38.84 140.35 67.64
C PRO K 422 38.81 139.32 66.50
N ASN K 423 39.60 138.25 66.60
CA ASN K 423 39.70 137.17 65.63
C ASN K 423 38.92 135.89 66.03
N SER K 424 38.31 135.84 67.21
CA SER K 424 37.68 134.62 67.75
C SER K 424 36.54 134.10 66.85
N SER K 425 36.44 132.77 66.66
CA SER K 425 35.79 132.22 65.46
C SER K 425 35.13 130.83 65.61
N SER K 426 34.28 130.55 64.63
CA SER K 426 33.69 129.25 64.32
C SER K 426 34.73 128.30 63.73
N THR K 427 35.08 127.28 64.50
CA THR K 427 36.02 126.24 64.08
C THR K 427 35.57 125.54 62.79
N GLU K 428 34.26 125.42 62.50
CA GLU K 428 33.78 124.85 61.23
C GLU K 428 34.20 125.66 59.98
N PHE K 429 34.53 126.94 60.14
CA PHE K 429 34.91 127.83 59.03
C PHE K 429 36.42 127.86 58.76
N LEU K 430 37.24 127.60 59.79
CA LEU K 430 38.69 127.81 59.75
C LEU K 430 39.55 126.58 60.06
N ASP K 431 38.98 125.57 60.73
CA ASP K 431 39.60 124.37 61.32
C ASP K 431 41.14 124.39 61.47
N GLU K 432 41.88 123.94 60.46
CA GLU K 432 43.34 123.75 60.45
C GLU K 432 44.16 125.02 60.74
N THR K 433 43.53 126.19 60.72
CA THR K 433 44.15 127.51 60.99
C THR K 433 44.56 127.70 62.46
N LEU K 434 43.98 126.94 63.40
CA LEU K 434 44.40 126.81 64.81
C LEU K 434 44.57 128.14 65.59
N LEU K 435 43.67 129.10 65.43
CA LEU K 435 43.58 130.26 66.34
C LEU K 435 43.36 129.80 67.79
N ALA K 436 43.84 130.56 68.78
CA ALA K 436 43.67 130.23 70.19
C ALA K 436 42.25 130.48 70.78
N PRO K 437 41.53 131.58 70.46
CA PRO K 437 40.19 131.83 70.99
C PRO K 437 39.12 131.18 70.10
N GLU K 438 39.03 129.85 70.22
CA GLU K 438 37.98 129.04 69.60
C GLU K 438 36.65 129.21 70.35
N ASP K 439 35.65 129.82 69.73
CA ASP K 439 34.30 129.97 70.29
C ASP K 439 33.47 128.70 70.07
N GLN K 440 33.34 128.24 68.83
CA GLN K 440 32.89 126.88 68.55
C GLN K 440 34.01 125.88 68.84
N VAL K 441 33.69 124.74 69.44
CA VAL K 441 34.51 123.50 69.44
C VAL K 441 33.62 122.28 69.27
N VAL K 442 34.12 121.19 68.67
CA VAL K 442 33.36 119.93 68.51
C VAL K 442 33.26 119.21 69.86
N ILE K 443 32.07 118.74 70.25
CA ILE K 443 31.92 117.82 71.39
C ILE K 443 31.09 116.59 70.97
N THR K 444 27.70 111.26 64.67
CA THR K 444 28.36 112.31 65.44
C THR K 444 27.60 113.63 65.48
N MET K 445 26.52 113.82 64.71
CA MET K 445 25.52 114.85 64.99
C MET K 445 24.80 114.58 66.32
N ARG K 446 24.63 115.59 67.15
CA ARG K 446 23.74 115.55 68.32
C ARG K 446 22.30 115.83 67.88
N LEU K 447 21.49 114.78 67.77
CA LEU K 447 20.27 114.74 66.94
C LEU K 447 19.02 114.41 67.74
N GLY K 448 17.88 114.92 67.30
CA GLY K 448 16.56 114.60 67.86
C GLY K 448 16.28 115.23 69.20
N LEU K 449 15.22 114.80 69.85
CA LEU K 449 14.79 115.34 71.14
C LEU K 449 15.82 115.03 72.24
N ARG K 450 16.20 116.04 73.00
CA ARG K 450 17.09 115.94 74.18
C ARG K 450 16.50 116.78 75.31
N PRO K 451 16.87 116.54 76.58
CA PRO K 451 16.60 117.45 77.68
C PRO K 451 17.70 118.54 77.75
N THR K 452 17.27 119.77 78.01
CA THR K 452 18.04 120.96 78.39
C THR K 452 17.60 121.37 79.78
N ILE K 453 18.51 121.70 80.68
CA ILE K 453 18.19 122.00 82.09
C ILE K 453 18.68 123.41 82.40
N PHE K 454 17.88 124.22 83.09
CA PHE K 454 18.26 125.60 83.41
C PHE K 454 19.32 125.64 84.52
N GLN K 455 20.43 126.35 84.29
CA GLN K 455 21.44 126.69 85.31
C GLN K 455 20.76 127.46 86.48
N PRO K 456 21.15 127.35 87.77
CA PRO K 456 20.31 127.82 88.88
C PRO K 456 20.04 129.34 88.94
N ASN K 457 21.03 130.18 88.61
CA ASN K 457 20.94 131.64 88.71
C ASN K 457 20.31 132.30 87.45
N SER K 458 19.09 131.88 87.09
CA SER K 458 18.51 132.13 85.76
C SER K 458 17.02 132.48 85.73
N GLU K 459 16.29 132.47 86.85
CA GLU K 459 14.87 132.88 86.83
C GLU K 459 14.68 134.36 86.49
N TRP K 460 15.73 135.19 86.54
CA TRP K 460 15.67 136.58 86.08
C TRP K 460 15.40 136.70 84.58
N SER K 461 15.82 135.72 83.78
CA SER K 461 15.83 135.75 82.33
C SER K 461 14.44 135.62 81.74
N ASN K 462 14.18 136.39 80.69
CA ASN K 462 12.98 136.31 79.88
C ASN K 462 12.79 134.90 79.30
N ILE K 463 13.85 134.23 78.86
CA ILE K 463 13.75 132.90 78.27
C ILE K 463 13.32 131.82 79.25
N ARG K 464 13.83 131.79 80.50
CA ARG K 464 13.27 130.88 81.53
C ARG K 464 11.81 131.22 81.88
N LYS K 465 11.45 132.52 81.86
CA LYS K 465 10.10 133.00 82.12
C LYS K 465 9.10 132.56 81.06
N LEU K 466 9.45 132.69 79.79
CA LEU K 466 8.66 132.23 78.64
C LEU K 466 8.38 130.72 78.64
N TYR K 467 9.32 129.91 79.12
CA TYR K 467 9.12 128.47 79.26
C TYR K 467 8.30 128.05 80.50
N GLY K 468 7.59 128.97 81.15
CA GLY K 468 6.76 128.70 82.33
C GLY K 468 7.55 128.44 83.61
N GLU K 469 8.85 128.76 83.63
CA GLU K 469 9.78 128.48 84.71
C GLU K 469 9.88 126.98 85.10
N VAL K 470 9.50 126.07 84.18
CA VAL K 470 9.67 124.62 84.32
C VAL K 470 11.16 124.28 84.31
N ASN K 471 11.62 123.32 85.11
CA ASN K 471 13.06 123.09 85.34
C ASN K 471 13.84 122.58 84.12
N GLU K 472 13.20 121.77 83.30
CA GLU K 472 13.73 121.21 82.05
C GLU K 472 12.97 121.76 80.84
N VAL K 473 13.70 121.93 79.74
CA VAL K 473 13.22 122.19 78.39
C VAL K 473 13.55 120.98 77.54
N HIS K 474 12.59 120.34 76.88
CA HIS K 474 12.86 119.23 75.94
C HIS K 474 12.60 119.71 74.53
N GLU K 475 13.62 119.70 73.68
CA GLU K 475 13.59 120.29 72.34
C GLU K 475 14.50 119.51 71.38
N ARG K 476 14.38 119.72 70.08
CA ARG K 476 15.06 118.92 69.04
C ARG K 476 16.36 119.55 68.58
N HIS K 477 17.39 118.75 68.42
CA HIS K 477 18.78 119.12 68.13
C HIS K 477 19.21 118.59 66.76
N ARG K 478 20.11 119.31 66.08
CA ARG K 478 20.74 118.90 64.81
C ARG K 478 22.07 119.61 64.62
N HIS K 479 22.93 119.53 65.63
CA HIS K 479 24.21 120.26 65.68
C HIS K 479 25.39 119.34 65.98
N ARG K 480 26.58 119.77 65.57
CA ARG K 480 27.85 119.03 65.70
C ARG K 480 28.83 119.72 66.66
N TYR K 481 28.79 121.04 66.73
CA TYR K 481 29.60 121.90 67.61
C TYR K 481 28.86 122.30 68.89
N GLU K 482 29.62 122.89 69.81
CA GLU K 482 29.20 123.56 71.04
C GLU K 482 29.91 124.90 71.16
N ILE K 483 29.42 125.77 72.05
CA ILE K 483 30.29 126.81 72.61
C ILE K 483 31.34 126.18 73.54
N ASN K 484 32.58 126.61 73.43
CA ASN K 484 33.71 126.24 74.28
C ASN K 484 33.47 126.54 75.77
N PRO K 485 33.50 125.55 76.69
CA PRO K 485 33.27 125.76 78.12
C PRO K 485 34.35 126.65 78.77
N LYS K 486 35.58 126.66 78.25
CA LYS K 486 36.68 127.50 78.75
C LYS K 486 36.40 129.01 78.60
N ILE K 487 35.63 129.39 77.58
CA ILE K 487 35.18 130.76 77.34
C ILE K 487 33.86 131.08 78.08
N VAL K 488 33.18 130.11 78.69
CA VAL K 488 31.89 130.36 79.37
C VAL K 488 32.03 131.29 80.57
N ASN K 489 32.93 131.02 81.53
CA ASN K 489 33.01 131.88 82.72
C ASN K 489 33.62 133.27 82.41
N ASP K 490 34.43 133.37 81.35
CA ASP K 490 34.84 134.63 80.73
C ASP K 490 33.60 135.43 80.25
N MET K 491 32.75 134.85 79.40
CA MET K 491 31.50 135.45 78.97
C MET K 491 30.54 135.73 80.12
N GLU K 492 30.36 134.83 81.07
CA GLU K 492 29.47 135.06 82.19
C GLU K 492 29.96 136.19 83.09
N SER K 493 31.28 136.38 83.24
CA SER K 493 31.84 137.53 83.96
C SER K 493 31.45 138.87 83.32
N ARG K 494 31.10 138.87 82.04
CA ARG K 494 30.68 140.03 81.24
C ARG K 494 29.16 140.13 81.00
N GLY K 495 28.35 139.28 81.62
CA GLY K 495 26.87 139.34 81.61
C GLY K 495 26.14 138.46 80.57
N PHE K 496 26.86 137.68 79.75
CA PHE K 496 26.32 136.79 78.73
C PHE K 496 26.06 135.39 79.31
N ILE K 497 25.08 135.28 80.19
CA ILE K 497 24.84 134.08 81.01
C ILE K 497 24.29 132.91 80.18
N PHE K 498 24.92 131.74 80.27
CA PHE K 498 24.43 130.51 79.68
C PHE K 498 23.37 129.90 80.60
N VAL K 499 22.19 130.46 80.50
CA VAL K 499 20.96 130.16 81.20
C VAL K 499 20.51 128.70 81.16
N GLY K 500 20.91 127.91 80.16
CA GLY K 500 20.56 126.48 80.08
C GLY K 500 21.58 125.61 79.36
N LYS K 501 21.69 124.36 79.81
CA LYS K 501 22.75 123.39 79.45
C LYS K 501 22.21 121.95 79.41
N ASP K 502 22.97 121.06 78.77
CA ASP K 502 22.82 119.61 78.90
C ASP K 502 23.04 119.15 80.35
N GLU K 503 22.41 118.04 80.78
CA GLU K 503 22.52 117.51 82.16
C GLU K 503 23.97 117.30 82.63
N THR K 504 24.92 117.06 81.73
CA THR K 504 26.36 116.93 82.04
C THR K 504 27.08 118.26 82.28
N GLY K 505 26.48 119.40 81.89
CA GLY K 505 27.06 120.74 82.03
C GLY K 505 28.18 121.12 81.06
N GLN K 506 28.67 120.19 80.24
CA GLN K 506 29.74 120.46 79.26
C GLN K 506 29.24 121.28 78.06
N ARG K 507 27.92 121.24 77.81
CA ARG K 507 27.24 121.66 76.57
C ARG K 507 26.27 122.83 76.80
N CYS K 508 26.50 123.96 76.12
CA CYS K 508 25.78 125.22 76.32
C CYS K 508 24.64 125.40 75.32
N GLU K 509 23.41 125.60 75.79
CA GLU K 509 22.22 125.39 74.97
C GLU K 509 21.25 126.56 74.93
N ILE K 510 21.14 127.34 75.99
CA ILE K 510 20.36 128.59 76.04
C ILE K 510 21.20 129.69 76.66
N PHE K 511 21.19 130.89 76.11
CA PHE K 511 21.65 132.11 76.80
C PHE K 511 20.56 133.17 76.87
N GLU K 512 20.77 134.10 77.81
CA GLU K 512 20.24 135.46 77.72
C GLU K 512 21.35 136.44 78.13
N LEU K 513 21.53 137.53 77.39
CA LEU K 513 22.39 138.63 77.81
C LEU K 513 21.66 139.53 78.80
N LYS K 514 22.27 139.79 79.96
CA LYS K 514 21.80 140.73 80.99
C LYS K 514 21.48 142.12 80.42
N GLY K 515 20.37 142.70 80.87
CA GLY K 515 20.00 144.10 80.64
C GLY K 515 19.29 144.42 79.32
N HIS K 516 19.64 143.77 78.21
CA HIS K 516 18.98 143.96 76.90
C HIS K 516 17.50 143.50 76.95
N PRO K 517 16.54 144.18 76.30
CA PRO K 517 15.12 143.78 76.34
C PRO K 517 14.83 142.31 75.98
N TYR K 518 15.49 141.77 74.95
CA TYR K 518 15.36 140.39 74.51
C TYR K 518 16.53 140.02 73.59
N TYR K 519 17.54 139.34 74.10
CA TYR K 519 18.69 138.88 73.33
C TYR K 519 18.95 137.45 73.76
N VAL K 520 18.22 136.54 73.11
CA VAL K 520 18.15 135.13 73.47
C VAL K 520 18.76 134.28 72.37
N GLY K 521 19.41 133.19 72.75
CA GLY K 521 19.92 132.23 71.78
C GLY K 521 19.68 130.82 72.28
N THR K 522 19.31 129.91 71.37
CA THR K 522 19.07 128.49 71.62
C THR K 522 19.92 127.66 70.66
N GLN K 523 20.57 126.59 71.12
CA GLN K 523 21.28 125.69 70.19
C GLN K 523 20.38 124.66 69.52
N TYR K 524 19.26 124.30 70.16
CA TYR K 524 18.17 123.57 69.52
C TYR K 524 17.42 124.44 68.50
N HIS K 525 16.62 123.78 67.68
CA HIS K 525 15.68 124.39 66.74
C HIS K 525 14.30 124.45 67.37
N PRO K 526 13.80 125.60 67.87
CA PRO K 526 12.47 125.68 68.46
C PRO K 526 11.35 125.63 67.42
N GLU K 527 11.65 125.69 66.13
CA GLU K 527 10.68 125.66 65.04
C GLU K 527 9.87 124.38 64.99
N TYR K 528 10.54 123.24 65.17
CA TYR K 528 10.00 121.92 64.92
C TYR K 528 8.96 121.51 65.94
N THR K 529 8.95 122.15 67.10
CA THR K 529 8.02 121.94 68.18
C THR K 529 6.87 122.96 68.18
N SER K 530 6.78 123.87 67.20
CA SER K 530 5.68 124.87 67.07
C SER K 530 4.35 124.27 66.58
N LYS K 531 3.23 124.60 67.24
CA LYS K 531 1.87 124.13 66.86
C LYS K 531 0.97 125.32 66.55
N VAL K 532 -0.03 125.16 65.68
CA VAL K 532 -0.82 126.30 65.17
C VAL K 532 -1.53 127.08 66.29
N LEU K 533 -1.95 126.38 67.33
CA LEU K 533 -2.68 126.92 68.47
C LEU K 533 -1.82 127.05 69.74
N GLU K 534 -0.52 126.80 69.64
CA GLU K 534 0.45 126.89 70.75
C GLU K 534 1.85 127.22 70.18
N PRO K 535 2.18 128.49 69.89
CA PRO K 535 3.46 128.83 69.28
C PRO K 535 4.66 128.45 70.15
N SER K 536 5.78 128.21 69.49
CA SER K 536 7.04 127.88 70.16
C SER K 536 7.49 129.06 71.01
N ARG K 537 7.83 128.84 72.28
CA ARG K 537 8.04 129.92 73.24
C ARG K 537 9.14 130.91 72.85
N PRO K 538 10.29 130.55 72.27
CA PRO K 538 11.30 131.53 71.90
C PRO K 538 10.85 132.49 70.79
N PHE K 539 10.00 132.03 69.87
CA PHE K 539 9.47 132.84 68.76
C PHE K 539 8.34 133.74 69.22
N TRP K 540 7.47 133.25 70.10
CA TRP K 540 6.43 134.05 70.75
C TRP K 540 7.07 135.16 71.59
N GLY K 541 8.15 134.88 72.33
CA GLY K 541 8.97 135.88 73.01
C GLY K 541 9.63 136.90 72.10
N LEU K 542 10.10 136.54 70.90
CA LEU K 542 10.65 137.50 69.94
C LEU K 542 9.56 138.40 69.36
N VAL K 543 8.43 137.84 68.93
CA VAL K 543 7.37 138.63 68.30
C VAL K 543 6.70 139.52 69.35
N ALA K 544 6.57 139.06 70.59
CA ALA K 544 6.12 139.88 71.71
C ALA K 544 7.13 140.98 72.04
N ALA K 545 8.42 140.70 72.12
CA ALA K 545 9.43 141.72 72.31
C ALA K 545 9.39 142.77 71.19
N ALA K 546 9.23 142.37 69.93
CA ALA K 546 9.12 143.27 68.78
C ALA K 546 7.85 144.14 68.78
N SER K 547 6.78 143.68 69.43
CA SER K 547 5.49 144.35 69.44
C SER K 547 5.28 145.24 70.67
N GLY K 548 6.18 145.19 71.65
CA GLY K 548 5.78 145.47 73.03
C GLY K 548 4.80 144.40 73.53
N THR K 549 4.33 144.50 74.76
CA THR K 549 3.43 143.50 75.41
C THR K 549 4.08 142.15 75.71
N LEU K 550 5.41 142.08 75.67
CA LEU K 550 6.19 140.98 76.25
C LEU K 550 5.83 140.68 77.71
N GLY K 551 5.59 141.72 78.53
CA GLY K 551 5.16 141.56 79.92
C GLY K 551 3.76 140.97 80.04
N GLU K 552 2.79 141.47 79.28
CA GLU K 552 1.44 140.93 79.24
C GLU K 552 1.41 139.47 78.74
N VAL K 553 2.25 139.10 77.77
CA VAL K 553 2.43 137.70 77.37
C VAL K 553 3.04 136.86 78.49
N ILE K 554 4.14 137.27 79.11
CA ILE K 554 4.72 136.55 80.24
C ILE K 554 3.71 136.36 81.37
N LYS K 555 2.89 137.36 81.68
CA LYS K 555 1.80 137.25 82.66
C LYS K 555 0.80 136.15 82.29
N ASP K 556 0.30 136.12 81.06
CA ASP K 556 -0.63 135.10 80.57
C ASP K 556 -0.01 133.68 80.57
N ILE K 557 1.28 133.57 80.27
CA ILE K 557 2.03 132.31 80.35
C ILE K 557 2.14 131.80 81.80
N ASN K 558 2.33 132.71 82.76
CA ASN K 558 2.51 132.36 84.18
C ASN K 558 1.27 131.81 84.90
N LEU K 559 0.05 132.00 84.39
CA LEU K 559 -1.16 131.37 84.96
C LEU K 559 -1.13 129.84 84.82
N MET L 1 31.38 99.71 20.65
CA MET L 1 30.51 98.60 21.09
C MET L 1 29.21 98.62 20.30
N LYS L 2 28.77 97.52 19.70
CA LYS L 2 27.38 97.39 19.21
C LYS L 2 26.54 96.67 20.25
N TYR L 3 25.25 96.95 20.28
CA TYR L 3 24.29 96.33 21.20
C TYR L 3 23.15 95.73 20.40
N VAL L 4 22.79 94.48 20.69
CA VAL L 4 21.52 93.90 20.26
C VAL L 4 20.70 93.64 21.51
N VAL L 5 19.50 94.18 21.63
CA VAL L 5 18.60 93.87 22.73
C VAL L 5 17.61 92.83 22.23
N VAL L 6 17.43 91.74 22.93
CA VAL L 6 16.41 90.73 22.64
C VAL L 6 15.36 90.85 23.73
N SER L 7 14.11 90.96 23.37
CA SER L 7 13.12 91.56 24.27
C SER L 7 11.74 90.94 24.21
N GLY L 8 11.07 91.07 25.36
CA GLY L 8 9.62 91.11 25.52
C GLY L 8 8.80 89.99 24.92
N GLY L 9 7.61 90.34 24.48
CA GLY L 9 6.68 89.45 23.79
C GLY L 9 5.33 89.36 24.46
N VAL L 10 4.51 88.48 23.90
CA VAL L 10 3.12 88.22 24.32
C VAL L 10 3.09 87.41 25.62
N ILE L 11 4.06 86.50 25.80
CA ILE L 11 4.23 85.56 26.91
C ILE L 11 5.68 85.58 27.42
N SER L 12 5.89 85.17 28.66
CA SER L 12 7.19 84.78 29.21
C SER L 12 7.63 83.41 28.68
N GLY L 13 8.91 83.04 28.74
CA GLY L 13 9.34 81.70 28.30
C GLY L 13 9.12 81.43 26.82
N ILE L 14 9.20 82.48 25.99
CA ILE L 14 8.91 82.44 24.57
C ILE L 14 10.07 81.95 23.70
N GLY L 15 11.32 82.18 24.07
CA GLY L 15 12.48 81.83 23.25
C GLY L 15 13.58 82.89 23.13
N LYS L 16 13.58 83.95 23.93
CA LYS L 16 14.59 85.01 23.87
C LYS L 16 16.00 84.50 24.13
N GLY L 17 16.20 83.64 25.10
CA GLY L 17 17.49 83.01 25.37
C GLY L 17 17.99 82.17 24.21
N VAL L 18 17.12 81.46 23.50
CA VAL L 18 17.50 80.74 22.29
C VAL L 18 17.87 81.68 21.16
N LEU L 19 17.11 82.74 20.91
CA LEU L 19 17.42 83.68 19.83
C LEU L 19 18.62 84.58 20.15
N ALA L 20 18.77 85.02 21.38
CA ALA L 20 19.94 85.74 21.86
C ALA L 20 21.22 84.92 21.68
N SER L 21 21.20 83.65 22.06
CA SER L 21 22.35 82.76 21.92
C SER L 21 22.64 82.43 20.47
N SER L 22 21.62 82.18 19.65
CA SER L 22 21.78 81.98 18.21
C SER L 22 22.34 83.22 17.52
N THR L 23 21.84 84.42 17.83
CA THR L 23 22.34 85.69 17.29
C THR L 23 23.80 85.88 17.65
N GLY L 24 24.20 85.64 18.89
CA GLY L 24 25.60 85.77 19.27
C GLY L 24 26.50 84.77 18.56
N MET L 25 26.07 83.52 18.43
CA MET L 25 26.80 82.45 17.72
C MET L 25 26.94 82.81 16.24
N LEU L 26 25.87 83.25 15.62
CA LEU L 26 25.86 83.71 14.23
C LEU L 26 26.79 84.89 14.01
N LEU L 27 26.72 85.95 14.81
CA LEU L 27 27.62 87.11 14.67
C LEU L 27 29.07 86.71 14.82
N LYS L 28 29.37 85.76 15.71
CA LYS L 28 30.71 85.19 15.87
C LYS L 28 31.25 84.55 14.60
N THR L 29 30.38 84.07 13.70
CA THR L 29 30.78 83.57 12.38
C THR L 29 31.15 84.64 11.36
N LEU L 30 31.16 85.91 11.73
CA LEU L 30 31.85 87.00 11.01
C LEU L 30 33.22 87.37 11.64
N GLY L 31 33.68 86.63 12.64
CA GLY L 31 34.94 86.88 13.36
C GLY L 31 34.83 87.83 14.56
N LEU L 32 33.66 88.45 14.77
CA LEU L 32 33.37 89.41 15.82
C LEU L 32 33.46 88.79 17.21
N LYS L 33 34.08 89.45 18.18
CA LYS L 33 34.03 89.08 19.61
C LYS L 33 32.66 89.48 20.17
N VAL L 34 31.90 88.55 20.74
CA VAL L 34 30.54 88.81 21.23
C VAL L 34 30.49 88.58 22.74
N THR L 35 29.85 89.48 23.46
CA THR L 35 29.53 89.33 24.88
C THR L 35 28.04 89.36 25.09
N SER L 36 27.60 89.10 26.31
CA SER L 36 26.20 89.04 26.69
C SER L 36 25.98 89.58 28.08
N ILE L 37 24.81 90.17 28.30
CA ILE L 37 24.29 90.56 29.60
C ILE L 37 22.88 90.00 29.69
N LYS L 38 22.53 89.37 30.78
CA LYS L 38 21.14 89.07 31.11
C LYS L 38 20.64 90.16 32.03
N ILE L 39 19.48 90.72 31.75
CA ILE L 39 18.74 91.52 32.69
C ILE L 39 17.60 90.66 33.17
N ASP L 40 17.48 90.48 34.47
CA ASP L 40 16.33 89.87 35.11
C ASP L 40 15.58 90.90 35.95
N PRO L 41 14.33 91.20 35.66
CA PRO L 41 13.53 92.12 36.47
C PRO L 41 13.16 91.64 37.88
N TYR L 42 13.50 90.40 38.26
CA TYR L 42 13.39 89.94 39.64
C TYR L 42 14.32 90.69 40.59
N MET L 43 14.00 90.66 41.88
CA MET L 43 14.66 91.44 42.91
C MET L 43 15.82 90.75 43.60
N ASN L 44 15.91 89.42 43.56
CA ASN L 44 17.02 88.64 44.11
C ASN L 44 18.40 89.19 43.71
N ILE L 45 19.33 89.31 44.65
CA ILE L 45 20.69 89.72 44.32
C ILE L 45 21.32 88.69 43.40
N ASP L 46 21.26 87.42 43.73
CA ASP L 46 21.72 86.33 42.87
C ASP L 46 20.96 85.03 43.17
N ALA L 47 21.03 84.05 42.27
CA ALA L 47 20.19 82.86 42.31
C ALA L 47 20.51 81.89 43.46
N GLY L 48 21.61 82.09 44.20
CA GLY L 48 22.12 81.13 45.17
C GLY L 48 21.21 80.82 46.36
N THR L 49 20.27 81.69 46.70
CA THR L 49 19.25 81.40 47.73
C THR L 49 18.05 80.63 47.18
N MET L 50 17.68 80.81 45.90
CA MET L 50 16.39 80.36 45.37
C MET L 50 16.44 78.96 44.77
N SER L 51 15.41 78.19 45.08
CA SER L 51 15.37 76.75 44.85
C SER L 51 15.12 76.41 43.38
N PRO L 52 15.53 75.23 42.87
CA PRO L 52 15.39 74.86 41.46
C PRO L 52 13.95 74.75 40.93
N LEU L 53 12.95 74.81 41.81
CA LEU L 53 11.53 74.76 41.50
C LEU L 53 10.99 76.00 40.74
N GLU L 54 11.72 77.12 40.73
CA GLU L 54 11.47 78.27 39.83
C GLU L 54 12.72 78.63 39.02
N HIS L 55 12.56 78.95 37.73
CA HIS L 55 13.63 79.31 36.80
C HIS L 55 14.72 78.24 36.57
N GLY L 56 14.48 76.98 36.91
CA GLY L 56 15.39 75.86 36.70
C GLY L 56 16.63 75.88 37.60
N GLU L 57 17.70 75.22 37.18
CA GLU L 57 18.96 75.14 37.95
C GLU L 57 19.64 76.49 38.19
N CYS L 58 20.23 76.67 39.36
CA CYS L 58 21.22 77.71 39.58
C CYS L 58 22.51 77.39 38.81
N PHE L 59 23.03 78.34 38.03
CA PHE L 59 24.27 78.17 37.27
C PHE L 59 25.46 78.71 38.08
N VAL L 60 26.62 78.04 38.10
CA VAL L 60 27.78 78.48 38.89
C VAL L 60 28.89 78.98 37.97
N LEU L 61 29.42 80.17 38.23
CA LEU L 61 30.48 80.83 37.45
C LEU L 61 31.87 80.57 38.03
N ASP L 62 32.95 80.92 37.32
CA ASP L 62 34.32 80.81 37.85
C ASP L 62 34.53 81.66 39.10
N ASP L 63 33.93 82.85 39.15
CA ASP L 63 33.88 83.76 40.30
C ASP L 63 33.33 83.11 41.58
N GLY L 64 32.58 82.02 41.46
CA GLY L 64 31.67 81.57 42.51
C GLY L 64 30.31 82.26 42.49
N GLY L 65 29.99 83.00 41.43
CA GLY L 65 28.67 83.58 41.23
C GLY L 65 27.61 82.51 40.96
N GLU L 66 26.62 82.42 41.83
CA GLU L 66 25.41 81.60 41.67
C GLU L 66 24.35 82.38 40.90
N THR L 67 24.23 82.20 39.59
CA THR L 67 23.57 83.14 38.68
C THR L 67 22.43 82.53 37.85
N ASP L 68 21.81 83.37 37.03
CA ASP L 68 20.69 82.97 36.19
C ASP L 68 21.06 81.85 35.22
N LEU L 69 20.15 80.89 35.05
CA LEU L 69 20.21 79.84 34.05
C LEU L 69 20.52 80.37 32.64
N ASP L 70 20.01 81.53 32.21
CA ASP L 70 20.37 82.10 30.90
C ASP L 70 21.87 82.37 30.72
N LEU L 71 22.66 82.69 31.76
CA LEU L 71 24.10 82.93 31.54
C LEU L 71 24.82 81.66 31.09
N GLY L 72 24.38 80.48 31.55
CA GLY L 72 24.91 79.22 31.08
C GLY L 72 24.68 78.98 29.60
N ASN L 73 23.54 79.40 29.06
CA ASN L 73 23.25 79.29 27.64
C ASN L 73 24.20 80.13 26.80
N TYR L 74 24.57 81.31 27.26
CA TYR L 74 25.54 82.14 26.55
C TYR L 74 26.93 81.56 26.63
N GLU L 75 27.36 81.06 27.79
CA GLU L 75 28.67 80.43 27.95
C GLU L 75 28.87 79.28 26.96
N ARG L 76 27.90 78.36 26.87
CA ARG L 76 28.02 77.19 25.98
C ARG L 76 27.86 77.49 24.49
N TYR L 77 26.99 78.40 24.09
CA TYR L 77 26.84 78.73 22.66
C TYR L 77 27.98 79.59 22.14
N LEU L 78 28.50 80.54 22.92
CA LEU L 78 29.46 81.53 22.43
C LEU L 78 30.92 81.15 22.69
N GLY L 79 31.20 80.27 23.65
CA GLY L 79 32.57 79.96 24.06
C GLY L 79 33.20 81.06 24.91
N ILE L 80 32.43 81.62 25.83
CA ILE L 80 32.79 82.79 26.64
C ILE L 80 32.66 82.50 28.13
N THR L 81 33.39 83.27 28.93
CA THR L 81 33.35 83.21 30.40
C THR L 81 32.79 84.50 30.98
N LEU L 82 31.83 84.42 31.89
CA LEU L 82 31.07 85.54 32.45
C LEU L 82 31.28 85.71 33.95
N SER L 83 31.28 86.95 34.43
CA SER L 83 31.38 87.33 35.85
C SER L 83 30.00 87.47 36.48
N ARG L 84 29.88 87.60 37.80
CA ARG L 84 28.59 87.88 38.43
C ARG L 84 28.00 89.24 38.04
N ASP L 85 28.81 90.19 37.59
CA ASP L 85 28.33 91.47 37.04
C ASP L 85 27.60 91.37 35.70
N HIS L 86 27.77 90.31 34.91
CA HIS L 86 27.05 90.10 33.64
C HIS L 86 25.58 89.75 33.80
N ASN L 87 25.12 89.40 35.00
CA ASN L 87 23.72 89.30 35.32
C ASN L 87 23.27 90.55 36.07
N ILE L 88 22.59 91.46 35.41
CA ILE L 88 21.88 92.57 36.04
C ILE L 88 20.56 92.06 36.65
N THR L 89 20.25 92.49 37.86
CA THR L 89 18.93 92.28 38.46
C THR L 89 18.42 93.56 39.08
N THR L 90 17.12 93.68 39.29
CA THR L 90 16.55 94.83 40.00
C THR L 90 17.21 95.03 41.35
N GLY L 91 17.46 93.96 42.10
CA GLY L 91 18.13 94.02 43.38
C GLY L 91 19.52 94.62 43.29
N LYS L 92 20.37 94.15 42.38
CA LYS L 92 21.72 94.70 42.24
C LYS L 92 21.71 96.18 41.94
N ILE L 93 20.85 96.62 41.04
CA ILE L 93 20.88 98.00 40.59
C ILE L 93 20.19 98.95 41.57
N TYR L 94 19.11 98.57 42.23
CA TYR L 94 18.59 99.38 43.31
C TYR L 94 19.54 99.40 44.50
N SER L 95 20.20 98.30 44.81
CA SER L 95 21.21 98.20 45.87
C SER L 95 22.41 99.10 45.60
N HIS L 96 22.87 99.14 44.36
CA HIS L 96 23.98 99.97 43.93
C HIS L 96 23.69 101.44 44.17
N VAL L 97 22.55 101.97 43.73
CA VAL L 97 22.22 103.38 43.98
C VAL L 97 21.93 103.67 45.45
N ILE L 98 21.26 102.79 46.20
CA ILE L 98 21.02 103.01 47.63
C ILE L 98 22.33 103.04 48.43
N SER L 99 23.31 102.17 48.14
CA SER L 99 24.61 102.16 48.84
C SER L 99 25.42 103.42 48.54
N ARG L 100 25.31 103.93 47.32
CA ARG L 100 25.94 105.14 46.80
C ARG L 100 25.34 106.43 47.36
N GLU L 101 24.05 106.46 47.64
CA GLU L 101 23.36 107.53 48.36
C GLU L 101 23.78 107.67 49.82
N ARG L 102 23.77 106.59 50.61
CA ARG L 102 24.11 106.64 52.04
C ARG L 102 25.54 107.11 52.30
N ARG L 103 26.44 106.88 51.32
CA ARG L 103 27.80 107.40 51.24
C ARG L 103 27.91 108.85 50.74
N GLY L 104 26.86 109.40 50.12
CA GLY L 104 26.79 110.82 49.71
C GLY L 104 27.30 111.14 48.29
N ASP L 105 27.48 110.15 47.41
CA ASP L 105 28.04 110.36 46.06
C ASP L 105 27.12 111.10 45.08
N TYR L 106 25.85 111.35 45.43
CA TYR L 106 24.94 112.24 44.69
C TYR L 106 24.96 113.69 45.18
N LEU L 107 25.85 114.02 46.12
CA LEU L 107 26.21 115.37 46.54
C LEU L 107 25.00 116.20 46.95
N GLY L 108 24.08 115.57 47.66
CA GLY L 108 22.89 116.21 48.20
C GLY L 108 21.80 116.58 47.19
N LYS L 109 21.80 116.09 45.95
CA LYS L 109 20.59 116.10 45.10
C LYS L 109 19.59 115.02 45.54
N THR L 110 18.34 115.19 45.14
CA THR L 110 17.30 114.15 45.19
C THR L 110 17.55 113.10 44.14
N VAL L 111 17.63 111.84 44.52
CA VAL L 111 17.93 110.71 43.63
C VAL L 111 16.61 110.15 43.13
N GLN L 112 16.37 110.25 41.84
CA GLN L 112 15.13 109.90 41.17
C GLN L 112 15.33 108.63 40.32
N ILE L 113 14.30 107.81 40.10
CA ILE L 113 14.44 106.66 39.18
C ILE L 113 14.88 107.11 37.78
N VAL L 114 14.26 108.15 37.21
CA VAL L 114 14.81 108.90 36.05
C VAL L 114 15.32 110.26 36.56
N PRO L 115 16.57 110.67 36.33
CA PRO L 115 17.60 109.99 35.55
C PRO L 115 18.41 108.94 36.32
N HIS L 116 18.58 109.05 37.64
CA HIS L 116 19.68 108.44 38.39
C HIS L 116 19.73 106.92 38.31
N LEU L 117 18.65 106.20 38.61
CA LEU L 117 18.63 104.73 38.47
C LEU L 117 18.75 104.33 37.00
N THR L 118 18.07 105.00 36.07
CA THR L 118 18.25 104.68 34.65
C THR L 118 19.64 105.03 34.12
N ASN L 119 20.40 105.89 34.77
CA ASN L 119 21.79 106.17 34.48
C ASN L 119 22.70 105.14 35.10
N ALA L 120 22.39 104.60 36.28
CA ALA L 120 23.13 103.49 36.85
C ALA L 120 23.09 102.27 35.93
N ILE L 121 21.94 101.98 35.33
CA ILE L 121 21.75 100.90 34.35
C ILE L 121 22.64 101.11 33.13
N GLN L 122 22.70 102.31 32.57
CA GLN L 122 23.53 102.61 31.38
C GLN L 122 25.03 102.69 31.71
N ASP L 123 25.41 103.14 32.90
CA ASP L 123 26.77 103.06 33.41
C ASP L 123 27.22 101.62 33.60
N TRP L 124 26.37 100.75 34.13
CA TRP L 124 26.62 99.32 34.28
C TRP L 124 26.78 98.63 32.93
N ILE L 125 25.85 98.80 31.99
CA ILE L 125 25.92 98.12 30.70
C ILE L 125 27.19 98.50 29.94
N GLN L 126 27.65 99.75 30.03
CA GLN L 126 28.92 100.18 29.45
C GLN L 126 30.14 99.67 30.22
N ARG L 127 30.15 99.71 31.56
CA ARG L 127 31.21 99.10 32.38
C ARG L 127 31.40 97.63 32.01
N VAL L 128 30.31 96.88 31.97
CA VAL L 128 30.32 95.42 31.84
C VAL L 128 30.50 94.96 30.41
N SER L 129 29.93 95.62 29.41
CA SER L 129 30.12 95.17 28.02
C SER L 129 31.55 95.32 27.52
N LYS L 130 32.40 96.15 28.14
CA LYS L 130 33.84 96.21 27.83
C LYS L 130 34.71 95.14 28.55
N ILE L 131 34.18 94.31 29.45
CA ILE L 131 34.94 93.27 30.18
C ILE L 131 35.42 92.15 29.22
N PRO L 132 36.67 91.66 29.30
CA PRO L 132 37.14 90.54 28.47
C PRO L 132 36.48 89.21 28.82
N VAL L 133 35.91 88.54 27.82
CA VAL L 133 35.17 87.28 28.00
C VAL L 133 35.72 86.09 27.19
N ASP L 134 36.67 86.35 26.29
CA ASP L 134 37.41 85.37 25.47
C ASP L 134 38.71 84.89 26.15
N ASP L 135 39.43 84.00 25.47
CA ASP L 135 40.79 83.58 25.83
C ASP L 135 41.85 84.67 25.59
N THR L 136 41.49 85.73 24.85
CA THR L 136 42.34 86.90 24.54
C THR L 136 41.82 88.16 25.25
N GLY L 137 42.73 89.03 25.64
CA GLY L 137 42.46 90.28 26.38
C GLY L 137 41.91 91.44 25.53
N LEU L 138 41.21 91.15 24.43
CA LEU L 138 40.48 92.14 23.66
C LEU L 138 39.15 92.51 24.34
N GLU L 139 38.75 93.78 24.32
CA GLU L 139 37.37 94.13 24.68
C GLU L 139 36.41 93.65 23.57
N PRO L 140 35.16 93.25 23.89
CA PRO L 140 34.22 92.77 22.88
C PRO L 140 33.88 93.76 21.76
N ASP L 141 33.26 93.26 20.68
CA ASP L 141 32.76 94.07 19.58
C ASP L 141 31.25 94.28 19.65
N VAL L 142 30.51 93.28 20.13
CA VAL L 142 29.05 93.29 20.27
C VAL L 142 28.67 92.82 21.68
N CYS L 143 27.66 93.43 22.30
CA CYS L 143 26.97 92.92 23.47
C CYS L 143 25.54 92.52 23.09
N ILE L 144 25.10 91.33 23.47
CA ILE L 144 23.68 90.95 23.40
C ILE L 144 23.11 91.25 24.78
N ILE L 145 21.99 91.94 24.88
CA ILE L 145 21.26 92.10 26.13
C ILE L 145 19.99 91.28 25.98
N GLU L 146 19.77 90.29 26.82
CA GLU L 146 18.45 89.65 26.93
C GLU L 146 17.70 90.40 28.02
N LEU L 147 16.62 91.08 27.65
CA LEU L 147 15.72 91.75 28.57
C LEU L 147 14.67 90.75 29.06
N GLY L 148 14.84 90.23 30.27
CA GLY L 148 13.94 89.27 30.89
C GLY L 148 12.52 89.78 31.15
N GLY L 149 11.61 88.87 31.46
CA GLY L 149 10.18 89.18 31.64
C GLY L 149 9.47 89.57 30.33
N THR L 150 8.43 90.38 30.42
CA THR L 150 7.70 90.91 29.26
C THR L 150 7.70 92.44 29.32
N VAL L 151 7.77 93.10 28.17
CA VAL L 151 7.64 94.56 28.04
C VAL L 151 6.24 94.98 28.44
N GLY L 152 6.09 96.05 29.23
CA GLY L 152 4.78 96.49 29.75
C GLY L 152 4.45 96.01 31.17
N ASP L 153 5.33 95.23 31.80
CA ASP L 153 5.27 94.91 33.23
C ASP L 153 5.95 96.00 34.08
N ILE L 154 5.42 96.31 35.27
CA ILE L 154 5.96 97.33 36.20
C ILE L 154 7.44 97.06 36.53
N GLU L 155 7.83 95.81 36.78
CA GLU L 155 9.21 95.43 37.04
C GLU L 155 10.17 95.70 35.87
N SER L 156 9.68 95.70 34.64
CA SER L 156 10.46 96.00 33.44
C SER L 156 10.62 97.50 33.20
N ALA L 157 9.79 98.35 33.80
CA ALA L 157 9.65 99.78 33.48
C ALA L 157 10.95 100.58 33.56
N PRO L 158 11.74 100.52 34.65
CA PRO L 158 13.07 101.13 34.67
C PRO L 158 14.06 100.60 33.62
N PHE L 159 14.02 99.32 33.25
CA PHE L 159 14.95 98.77 32.26
C PHE L 159 14.61 99.17 30.83
N VAL L 160 13.33 99.15 30.42
CA VAL L 160 12.95 99.70 29.12
C VAL L 160 13.18 101.20 29.04
N GLU L 161 13.00 101.96 30.11
CA GLU L 161 13.31 103.39 30.12
C GLU L 161 14.81 103.66 30.01
N ALA L 162 15.65 102.89 30.70
CA ALA L 162 17.08 102.95 30.48
C ALA L 162 17.46 102.59 29.05
N LEU L 163 16.83 101.59 28.43
CA LEU L 163 17.17 101.20 27.05
C LEU L 163 16.68 102.22 26.02
N ARG L 164 15.52 102.85 26.25
CA ARG L 164 15.04 104.01 25.48
C ARG L 164 16.08 105.13 25.47
N GLN L 165 16.67 105.45 26.61
CA GLN L 165 17.75 106.44 26.70
C GLN L 165 19.07 105.91 26.12
N PHE L 166 19.40 104.64 26.32
CA PHE L 166 20.63 104.07 25.82
C PHE L 166 20.69 104.06 24.29
N GLN L 167 19.55 103.92 23.62
CA GLN L 167 19.44 104.03 22.17
C GLN L 167 19.94 105.38 21.62
N PHE L 168 20.00 106.42 22.47
CA PHE L 168 20.47 107.76 22.12
C PHE L 168 21.76 108.19 22.81
N GLU L 169 22.02 107.75 24.03
CA GLU L 169 23.29 107.99 24.71
C GLU L 169 24.45 107.30 23.99
N VAL L 170 24.18 106.13 23.43
CA VAL L 170 24.96 105.48 22.37
C VAL L 170 24.33 105.84 21.02
N GLY L 171 25.08 105.90 19.93
CA GLY L 171 24.50 106.29 18.65
C GLY L 171 23.51 105.25 18.10
N ARG L 172 22.61 105.64 17.20
CA ARG L 172 21.98 104.69 16.28
C ARG L 172 23.05 103.97 15.45
N GLU L 173 22.75 102.82 14.87
CA GLU L 173 23.74 101.94 14.21
C GLU L 173 24.82 101.39 15.13
N ASN L 174 24.80 101.71 16.43
CA ASN L 174 25.41 100.94 17.51
C ASN L 174 24.36 100.18 18.35
N PHE L 175 23.08 100.26 18.04
CA PHE L 175 21.99 99.66 18.81
C PHE L 175 20.94 99.08 17.87
N ALA L 176 20.48 97.85 18.12
CA ALA L 176 19.33 97.25 17.47
C ALA L 176 18.47 96.49 18.47
N LEU L 177 17.16 96.42 18.27
CA LEU L 177 16.21 95.70 19.10
C LEU L 177 15.55 94.58 18.29
N ILE L 178 15.62 93.36 18.80
CA ILE L 178 14.87 92.21 18.31
C ILE L 178 13.73 92.00 19.29
N HIS L 179 12.51 91.94 18.82
CA HIS L 179 11.36 91.63 19.67
C HIS L 179 10.85 90.25 19.34
N VAL L 180 10.78 89.36 20.31
CA VAL L 180 10.24 88.02 20.10
C VAL L 180 8.74 88.06 20.40
N SER L 181 7.90 87.42 19.59
CA SER L 181 6.46 87.53 19.68
C SER L 181 5.76 86.20 19.37
N LEU L 182 4.54 85.99 19.83
CA LEU L 182 3.76 84.77 19.61
C LEU L 182 2.70 85.03 18.54
N VAL L 183 2.64 84.15 17.54
CA VAL L 183 1.50 84.03 16.63
C VAL L 183 0.74 82.76 17.00
N PRO L 184 -0.42 82.84 17.69
CA PRO L 184 -1.29 81.70 17.90
C PRO L 184 -1.84 81.20 16.56
N VAL L 185 -2.13 79.90 16.47
CA VAL L 185 -2.87 79.31 15.37
C VAL L 185 -4.13 78.65 15.91
N ILE L 186 -5.29 79.13 15.48
CA ILE L 186 -6.61 78.80 16.03
C ILE L 186 -7.56 78.45 14.87
N HIS L 187 -8.11 77.24 14.87
CA HIS L 187 -8.95 76.70 13.78
C HIS L 187 -8.32 76.79 12.39
N GLY L 188 -7.02 76.55 12.33
CA GLY L 188 -6.22 76.61 11.10
C GLY L 188 -5.89 78.01 10.62
N GLU L 189 -6.07 79.05 11.43
CA GLU L 189 -5.74 80.44 11.08
C GLU L 189 -4.70 81.02 12.04
N GLN L 190 -3.65 81.60 11.49
CA GLN L 190 -2.55 82.24 12.23
C GLN L 190 -2.96 83.67 12.60
N LYS L 191 -3.03 84.00 13.89
CA LYS L 191 -3.64 85.23 14.41
C LYS L 191 -2.59 86.31 14.68
N THR L 192 -2.75 87.49 14.11
CA THR L 192 -1.79 88.60 14.25
C THR L 192 -2.07 89.61 15.36
N LYS L 193 -3.29 89.74 15.89
CA LYS L 193 -3.58 90.78 16.90
C LYS L 193 -2.80 90.72 18.21
N PRO L 194 -2.25 89.57 18.70
CA PRO L 194 -1.39 89.58 19.87
C PRO L 194 -0.05 90.24 19.58
N THR L 195 0.54 89.99 18.42
CA THR L 195 1.79 90.67 18.03
C THR L 195 1.58 92.15 17.75
N GLN L 196 0.45 92.58 17.22
CA GLN L 196 0.13 94.00 17.04
C GLN L 196 0.01 94.74 18.37
N ALA L 197 -0.67 94.18 19.36
CA ALA L 197 -0.75 94.75 20.69
C ALA L 197 0.61 94.84 21.40
N ALA L 198 1.55 93.95 21.09
CA ALA L 198 2.92 94.02 21.60
C ALA L 198 3.75 95.12 20.93
N ILE L 199 3.52 95.44 19.65
CA ILE L 199 4.19 96.58 18.99
C ILE L 199 3.67 97.91 19.56
N LYS L 200 2.38 98.01 19.87
CA LYS L 200 1.82 99.18 20.59
C LYS L 200 2.46 99.42 21.95
N ASP L 201 2.73 98.39 22.74
CA ASP L 201 3.46 98.56 24.01
C ASP L 201 4.89 99.08 23.81
N LEU L 202 5.64 98.56 22.83
CA LEU L 202 6.94 99.13 22.50
C LEU L 202 6.85 100.61 22.10
N ARG L 203 5.92 101.00 21.22
CA ARG L 203 5.75 102.41 20.85
C ARG L 203 5.37 103.27 22.05
N SER L 204 4.43 102.81 22.86
CA SER L 204 4.05 103.47 24.10
C SER L 204 5.24 103.75 24.99
N LEU L 205 6.13 102.76 25.15
CA LEU L 205 7.36 102.84 25.91
C LEU L 205 8.55 103.48 25.15
N GLY L 206 8.34 103.92 23.91
CA GLY L 206 9.33 104.69 23.15
C GLY L 206 10.45 103.89 22.49
N LEU L 207 10.21 102.63 22.16
CA LEU L 207 11.14 101.77 21.43
C LEU L 207 10.52 101.30 20.11
N ILE L 208 11.34 101.17 19.08
CA ILE L 208 10.98 100.56 17.79
C ILE L 208 11.82 99.30 17.60
N PRO L 209 11.25 98.15 17.20
CA PRO L 209 12.01 96.95 16.92
C PRO L 209 12.53 96.91 15.48
N ASP L 210 13.74 96.42 15.31
CA ASP L 210 14.40 96.27 14.01
C ASP L 210 14.10 94.93 13.35
N MET L 211 13.99 93.86 14.16
CA MET L 211 13.42 92.58 13.78
C MET L 211 12.17 92.31 14.61
N ILE L 212 11.17 91.67 14.03
CA ILE L 212 10.18 90.90 14.79
C ILE L 212 10.56 89.43 14.61
N ALA L 213 10.80 88.70 15.67
CA ALA L 213 10.91 87.25 15.64
C ALA L 213 9.57 86.64 16.03
N CYS L 214 8.89 85.95 15.13
CA CYS L 214 7.59 85.37 15.39
C CYS L 214 7.70 83.88 15.69
N ARG L 215 7.26 83.50 16.87
CA ARG L 215 7.23 82.14 17.39
C ARG L 215 5.85 81.58 17.14
N CYS L 216 5.79 80.40 16.53
CA CYS L 216 4.54 79.82 16.04
C CYS L 216 4.63 78.28 16.01
N SER L 217 3.51 77.58 16.20
CA SER L 217 3.38 76.17 15.86
C SER L 217 3.41 75.68 14.40
N GLU L 218 3.58 76.59 13.44
CA GLU L 218 3.65 76.34 12.01
C GLU L 218 4.71 77.25 11.39
N GLU L 219 5.16 76.97 10.17
CA GLU L 219 5.78 78.02 9.35
C GLU L 219 4.79 79.18 9.18
N LEU L 220 5.23 80.43 9.26
CA LEU L 220 4.33 81.55 8.95
C LEU L 220 3.91 81.52 7.49
N ASN L 221 2.62 81.73 7.23
CA ASN L 221 2.14 82.00 5.87
C ASN L 221 2.67 83.36 5.39
N ARG L 222 2.98 83.52 4.10
CA ARG L 222 3.49 84.80 3.59
C ARG L 222 2.49 85.95 3.67
N SER L 223 1.21 85.66 3.68
CA SER L 223 0.15 86.62 3.99
C SER L 223 0.18 87.10 5.45
N THR L 224 0.54 86.24 6.39
CA THR L 224 0.73 86.60 7.81
C THR L 224 1.94 87.48 7.99
N ILE L 225 3.04 87.17 7.30
CA ILE L 225 4.24 88.00 7.28
C ILE L 225 3.94 89.38 6.70
N ASP L 226 3.27 89.44 5.54
CA ASP L 226 2.84 90.71 4.95
C ASP L 226 2.03 91.55 5.94
N LYS L 227 1.09 90.95 6.65
CA LYS L 227 0.26 91.64 7.63
C LYS L 227 1.05 92.20 8.80
N ILE L 228 1.99 91.44 9.36
CA ILE L 228 2.87 91.91 10.44
C ILE L 228 3.71 93.08 9.92
N ALA L 229 4.21 92.99 8.70
CA ALA L 229 4.98 94.03 8.02
C ALA L 229 4.15 95.25 7.58
N MET L 230 2.81 95.19 7.63
CA MET L 230 1.93 96.35 7.44
C MET L 230 1.73 97.11 8.75
N PHE L 231 1.41 96.41 9.83
CA PHE L 231 1.12 97.04 11.13
C PHE L 231 2.38 97.60 11.81
N CYS L 232 3.44 96.80 11.89
CA CYS L 232 4.76 97.29 12.25
C CYS L 232 5.41 97.98 11.03
N HIS L 233 6.08 99.13 11.16
CA HIS L 233 6.70 99.79 10.00
C HIS L 233 8.07 99.23 9.66
N VAL L 234 8.08 98.00 9.12
CA VAL L 234 9.25 97.18 8.78
C VAL L 234 9.00 96.41 7.48
N GLY L 235 10.03 96.09 6.71
CA GLY L 235 9.87 95.29 5.48
C GLY L 235 9.57 93.82 5.75
N PRO L 236 9.18 93.00 4.75
CA PRO L 236 8.99 91.55 4.92
C PRO L 236 10.25 90.81 5.37
N GLU L 237 11.41 91.33 5.00
CA GLU L 237 12.73 90.76 5.29
C GLU L 237 13.15 90.93 6.75
N GLN L 238 12.35 91.62 7.55
CA GLN L 238 12.55 91.95 8.96
C GLN L 238 11.60 91.21 9.91
N VAL L 239 10.68 90.40 9.40
CA VAL L 239 9.97 89.40 10.21
C VAL L 239 10.65 88.06 9.96
N VAL L 240 11.27 87.50 11.00
CA VAL L 240 11.83 86.14 10.97
C VAL L 240 10.84 85.17 11.56
N ASN L 241 10.64 84.08 10.83
CA ASN L 241 9.75 82.99 11.13
C ASN L 241 10.52 81.97 11.98
N VAL L 242 10.27 81.92 13.29
CA VAL L 242 11.00 81.07 14.25
C VAL L 242 10.06 79.99 14.79
N HIS L 243 9.65 79.07 13.93
CA HIS L 243 8.69 78.02 14.29
C HIS L 243 9.26 77.02 15.31
N ASP L 244 8.37 76.22 15.88
CA ASP L 244 8.73 75.14 16.81
C ASP L 244 9.53 74.04 16.11
N VAL L 245 10.78 73.84 16.52
CA VAL L 245 11.68 72.79 16.00
C VAL L 245 12.08 71.82 17.12
N ASN L 246 12.27 70.54 16.81
CA ASN L 246 12.62 69.51 17.78
C ASN L 246 13.99 69.73 18.49
N SER L 247 14.94 70.43 17.86
CA SER L 247 16.32 70.67 18.32
C SER L 247 16.68 72.15 18.24
N THR L 248 17.30 72.72 19.29
CA THR L 248 17.73 74.12 19.28
C THR L 248 19.07 74.36 18.61
N TYR L 249 19.88 73.32 18.35
CA TYR L 249 21.10 73.44 17.54
C TYR L 249 20.78 73.80 16.08
N HIS L 250 19.54 73.60 15.64
CA HIS L 250 19.09 74.00 14.31
C HIS L 250 18.72 75.48 14.21
N VAL L 251 18.33 76.13 15.30
CA VAL L 251 17.85 77.53 15.27
C VAL L 251 18.88 78.51 14.67
N PRO L 252 20.19 78.43 14.92
CA PRO L 252 21.12 79.28 14.18
C PRO L 252 21.06 79.13 12.65
N LEU L 253 20.93 77.91 12.16
CA LEU L 253 20.85 77.67 10.73
C LEU L 253 19.49 78.07 10.15
N LEU L 254 18.41 78.16 10.95
CA LEU L 254 17.16 78.81 10.53
C LEU L 254 17.35 80.29 10.26
N LEU L 255 18.00 81.00 11.17
CA LEU L 255 18.15 82.44 11.06
C LEU L 255 19.20 82.83 10.03
N LEU L 256 20.21 81.98 9.81
CA LEU L 256 21.12 82.12 8.67
C LEU L 256 20.40 81.98 7.32
N LYS L 257 19.51 80.98 7.15
CA LYS L 257 18.62 80.88 5.99
C LYS L 257 17.73 82.10 5.78
N GLN L 258 17.40 82.84 6.83
CA GLN L 258 16.48 83.99 6.82
C GLN L 258 17.20 85.35 6.79
N HIS L 259 18.46 85.39 6.34
CA HIS L 259 19.20 86.64 6.09
C HIS L 259 19.41 87.53 7.32
N MET L 260 19.30 87.01 8.53
CA MET L 260 19.35 87.85 9.73
C MET L 260 20.75 88.41 10.01
N ILE L 261 21.82 87.67 9.74
CA ILE L 261 23.18 88.24 9.67
C ILE L 261 23.21 89.34 8.60
N ASP L 262 22.72 89.08 7.39
CA ASP L 262 22.83 90.00 6.27
C ASP L 262 22.08 91.31 6.56
N TYR L 263 20.95 91.25 7.26
CA TYR L 263 20.23 92.42 7.72
C TYR L 263 21.02 93.18 8.78
N LEU L 264 21.39 92.52 9.88
CA LEU L 264 22.12 93.11 10.99
C LEU L 264 23.47 93.69 10.55
N HIS L 265 24.13 93.14 9.55
CA HIS L 265 25.37 93.68 9.00
C HIS L 265 25.19 95.05 8.32
N SER L 266 24.02 95.31 7.74
CA SER L 266 23.61 96.60 7.15
C SER L 266 22.89 97.54 8.13
N ARG L 267 22.22 97.01 9.16
CA ARG L 267 21.59 97.77 10.25
C ARG L 267 22.57 98.24 11.34
N LEU L 268 23.66 97.52 11.57
CA LEU L 268 24.64 97.80 12.61
C LEU L 268 26.02 98.16 12.05
N LYS L 269 26.17 98.29 10.73
CA LYS L 269 27.45 98.62 10.04
C LYS L 269 28.60 97.72 10.51
N LEU L 270 28.35 96.41 10.56
CA LEU L 270 29.29 95.46 11.17
C LEU L 270 30.53 95.23 10.31
N GLY L 271 30.46 95.50 9.00
CA GLY L 271 31.60 95.48 8.10
C GLY L 271 32.62 96.59 8.33
N GLU L 272 32.27 97.59 9.13
CA GLU L 272 33.12 98.72 9.47
C GLU L 272 33.82 98.53 10.83
N VAL L 273 33.56 97.43 11.55
CA VAL L 273 34.39 97.01 12.68
C VAL L 273 35.71 96.46 12.14
N PRO L 274 36.89 96.89 12.63
CA PRO L 274 38.16 96.35 12.17
C PRO L 274 38.29 94.88 12.55
N LEU L 275 38.61 94.03 11.58
CA LEU L 275 38.94 92.61 11.76
C LEU L 275 40.03 92.20 10.76
N THR L 276 40.86 91.24 11.13
CA THR L 276 41.87 90.63 10.25
C THR L 276 41.26 89.51 9.38
N LEU L 277 41.99 89.00 8.38
CA LEU L 277 41.63 87.73 7.73
C LEU L 277 41.71 86.53 8.70
N GLU L 278 42.57 86.57 9.73
CA GLU L 278 42.59 85.51 10.74
C GLU L 278 41.25 85.42 11.46
N ASP L 279 40.69 86.56 11.89
CA ASP L 279 39.35 86.63 12.48
C ASP L 279 38.26 86.12 11.53
N LYS L 280 38.38 86.39 10.22
CA LYS L 280 37.41 85.94 9.22
C LYS L 280 37.56 84.47 8.79
N GLU L 281 38.69 83.80 9.03
CA GLU L 281 38.78 82.34 8.93
C GLU L 281 38.17 81.67 10.15
N ARG L 282 38.45 82.18 11.35
CA ARG L 282 37.90 81.63 12.60
C ARG L 282 36.38 81.65 12.61
N GLY L 283 35.75 82.68 12.07
CA GLY L 283 34.31 82.78 11.98
C GLY L 283 33.66 81.67 11.15
N SER L 284 34.09 81.45 9.91
CA SER L 284 33.54 80.36 9.08
C SER L 284 34.00 78.96 9.51
N GLN L 285 35.13 78.83 10.20
CA GLN L 285 35.57 77.61 10.87
C GLN L 285 34.62 77.21 12.02
N LEU L 286 34.12 78.16 12.81
CA LEU L 286 33.00 77.89 13.72
C LEU L 286 31.71 77.57 12.98
N LEU L 287 31.39 78.25 11.86
CA LEU L 287 30.16 77.94 11.12
C LEU L 287 30.15 76.53 10.57
N THR L 288 31.21 76.12 9.87
CA THR L 288 31.33 74.77 9.35
C THR L 288 31.36 73.71 10.45
N ASN L 289 31.98 73.96 11.61
CA ASN L 289 31.83 73.09 12.77
C ASN L 289 30.38 72.98 13.28
N TRP L 290 29.57 74.05 13.20
CA TRP L 290 28.15 73.99 13.54
C TRP L 290 27.33 73.18 12.52
N GLU L 291 27.56 73.39 11.23
CA GLU L 291 26.95 72.60 10.17
C GLU L 291 27.36 71.13 10.25
N ASN L 292 28.59 70.82 10.65
CA ASN L 292 29.00 69.45 10.91
C ASN L 292 28.20 68.84 12.06
N MET L 293 28.21 69.43 13.26
CA MET L 293 27.49 68.81 14.37
C MET L 293 25.98 68.72 14.16
N THR L 294 25.37 69.64 13.40
CA THR L 294 23.94 69.55 13.06
C THR L 294 23.63 68.53 11.96
N LYS L 295 24.51 68.33 10.99
CA LYS L 295 24.43 67.21 10.06
C LYS L 295 24.56 65.88 10.79
N ASN L 296 25.58 65.73 11.64
CA ASN L 296 25.80 64.54 12.48
C ASN L 296 24.69 64.28 13.52
N LEU L 297 23.88 65.29 13.84
CA LEU L 297 22.65 65.15 14.63
C LEU L 297 21.50 64.54 13.82
N ASP L 298 21.36 64.91 12.55
CA ASP L 298 20.26 64.48 11.68
C ASP L 298 20.44 63.09 11.06
N ASP L 299 21.65 62.69 10.69
CA ASP L 299 21.88 61.39 10.04
C ASP L 299 22.35 60.28 10.99
N SER L 300 22.65 60.61 12.25
CA SER L 300 22.82 59.64 13.33
C SER L 300 21.51 58.91 13.63
N ASP L 301 21.61 57.66 14.04
CA ASP L 301 20.49 56.72 14.18
C ASP L 301 20.64 55.81 15.41
N ASP L 302 21.83 55.29 15.68
CA ASP L 302 22.04 54.38 16.79
C ASP L 302 21.86 55.09 18.15
N VAL L 303 20.99 54.57 19.01
CA VAL L 303 20.61 55.19 20.30
C VAL L 303 21.59 54.81 21.41
N VAL L 304 21.76 55.68 22.40
CA VAL L 304 22.29 55.35 23.73
C VAL L 304 21.37 55.88 24.83
N LYS L 305 21.10 55.06 25.85
CA LYS L 305 20.17 55.41 26.93
C LYS L 305 20.92 55.66 28.22
N ILE L 306 20.77 56.83 28.82
CA ILE L 306 21.39 57.20 30.09
C ILE L 306 20.31 57.42 31.14
N ALA L 307 20.35 56.72 32.25
CA ALA L 307 19.52 57.03 33.40
C ALA L 307 20.08 58.24 34.14
N LEU L 308 19.30 59.32 34.25
CA LEU L 308 19.59 60.41 35.17
C LEU L 308 18.76 60.18 36.42
N VAL L 309 19.43 59.88 37.53
CA VAL L 309 18.81 59.46 38.79
C VAL L 309 18.79 60.63 39.77
N GLY L 310 17.65 61.18 40.11
CA GLY L 310 17.59 62.41 40.92
C GLY L 310 16.23 62.64 41.57
N LYS L 311 15.94 63.83 42.08
CA LYS L 311 14.56 64.25 42.47
C LYS L 311 13.99 65.27 41.49
N TYR L 312 12.67 65.40 41.48
CA TYR L 312 11.96 66.39 40.68
C TYR L 312 12.29 66.32 39.19
N THR L 313 12.40 65.10 38.66
CA THR L 313 12.83 64.86 37.27
C THR L 313 11.76 65.23 36.25
N ASN L 314 10.57 65.63 36.71
CA ASN L 314 9.47 66.19 35.93
C ASN L 314 9.71 67.65 35.50
N LEU L 315 10.44 68.44 36.30
CA LEU L 315 10.93 69.78 35.95
C LEU L 315 12.30 69.64 35.28
N LYS L 316 12.35 69.25 34.00
CA LYS L 316 13.58 68.93 33.26
C LYS L 316 14.61 70.08 33.19
N ASP L 317 14.14 71.32 33.37
CA ASP L 317 14.95 72.53 33.50
C ASP L 317 15.80 72.59 34.79
N SER L 318 15.43 71.84 35.85
CA SER L 318 16.23 71.65 37.06
C SER L 318 17.56 70.95 36.82
N TYR L 319 17.79 70.43 35.61
CA TYR L 319 18.98 69.70 35.19
C TYR L 319 19.46 70.21 33.84
N LEU L 320 19.21 71.48 33.50
CA LEU L 320 19.45 71.96 32.16
C LEU L 320 20.91 71.80 31.72
N SER L 321 21.89 72.10 32.56
CA SER L 321 23.30 72.00 32.20
C SER L 321 23.77 70.55 32.12
N VAL L 322 23.26 69.68 32.98
CA VAL L 322 23.47 68.24 32.92
C VAL L 322 22.98 67.68 31.59
N THR L 323 21.77 68.06 31.21
CA THR L 323 21.13 67.65 29.98
C THR L 323 21.93 68.07 28.78
N LYS L 324 22.31 69.34 28.68
CA LYS L 324 23.15 69.84 27.58
C LYS L 324 24.50 69.13 27.54
N SER L 325 25.10 68.85 28.68
CA SER L 325 26.38 68.15 28.76
C SER L 325 26.30 66.68 28.32
N LEU L 326 25.19 65.98 28.58
CA LEU L 326 24.92 64.66 27.99
C LEU L 326 24.69 64.73 26.49
N GLU L 327 23.99 65.75 26.00
CA GLU L 327 23.83 66.00 24.59
C GLU L 327 25.16 66.25 23.89
N HIS L 328 26.05 67.09 24.42
CA HIS L 328 27.31 67.36 23.77
C HIS L 328 28.16 66.09 23.67
N ALA L 329 28.13 65.25 24.70
CA ALA L 329 28.82 63.96 24.69
C ALA L 329 28.27 63.01 23.63
N SER L 330 26.94 62.88 23.58
CA SER L 330 26.20 62.16 22.55
C SER L 330 26.54 62.63 21.15
N MET L 331 26.56 63.93 20.89
CA MET L 331 26.88 64.48 19.57
C MET L 331 28.32 64.15 19.13
N LYS L 332 29.29 64.17 20.05
CA LYS L 332 30.68 63.77 19.77
C LYS L 332 30.86 62.26 19.58
N CYS L 333 30.04 61.42 20.21
CA CYS L 333 29.98 59.98 19.94
C CYS L 333 29.15 59.59 18.70
N ARG L 334 28.38 60.52 18.14
CA ARG L 334 27.45 60.32 16.99
C ARG L 334 26.38 59.27 17.25
N ARG L 335 25.84 59.22 18.47
CA ARG L 335 24.71 58.37 18.88
C ARG L 335 23.60 59.21 19.48
N GLN L 336 22.35 58.89 19.15
CA GLN L 336 21.17 59.61 19.61
C GLN L 336 20.96 59.40 21.10
N LEU L 337 20.92 60.47 21.88
CA LEU L 337 20.71 60.38 23.32
C LEU L 337 19.23 60.19 23.62
N GLU L 338 18.91 59.21 24.45
CA GLU L 338 17.69 59.23 25.24
C GLU L 338 18.08 59.35 26.72
N ILE L 339 17.65 60.41 27.39
CA ILE L 339 17.69 60.46 28.85
C ILE L 339 16.48 59.71 29.36
N LEU L 340 16.72 58.74 30.22
CA LEU L 340 15.71 58.09 31.03
C LEU L 340 15.70 58.85 32.35
N TRP L 341 14.60 59.53 32.66
CA TRP L 341 14.46 60.33 33.88
C TRP L 341 13.95 59.45 35.02
N VAL L 342 14.77 59.22 36.03
CA VAL L 342 14.51 58.26 37.12
C VAL L 342 14.40 59.01 38.44
N GLU L 343 13.23 59.04 39.08
CA GLU L 343 13.14 59.59 40.43
C GLU L 343 13.71 58.62 41.45
N ALA L 344 14.77 59.00 42.15
CA ALA L 344 15.49 58.12 43.05
C ALA L 344 14.63 57.58 44.21
N SER L 345 13.72 58.39 44.76
CA SER L 345 12.80 57.94 45.80
C SER L 345 11.91 56.77 45.33
N ASN L 346 11.50 56.76 44.05
CA ASN L 346 10.69 55.68 43.50
C ASN L 346 11.45 54.35 43.40
N LEU L 347 12.79 54.36 43.34
CA LEU L 347 13.62 53.15 43.42
C LEU L 347 13.57 52.48 44.79
N GLU L 348 13.21 53.19 45.85
CA GLU L 348 13.15 52.62 47.21
C GLU L 348 11.98 51.63 47.34
N PRO L 349 12.17 50.48 48.03
CA PRO L 349 11.15 49.43 48.11
C PRO L 349 9.81 49.89 48.67
N GLU L 350 9.80 50.85 49.59
CA GLU L 350 8.56 51.39 50.20
C GLU L 350 7.60 51.96 49.14
N THR L 351 8.11 52.43 48.01
CA THR L 351 7.27 52.87 46.89
C THR L 351 6.36 51.77 46.39
N GLN L 352 6.78 50.51 46.44
CA GLN L 352 5.96 49.35 46.07
C GLN L 352 4.79 49.13 47.05
N GLU L 353 4.84 49.70 48.27
CA GLU L 353 3.69 49.76 49.17
C GLU L 353 2.78 50.97 48.84
N VAL L 354 3.38 52.07 48.40
CA VAL L 354 2.69 53.36 48.11
C VAL L 354 1.98 53.36 46.76
N ASP L 355 2.69 53.03 45.67
CA ASP L 355 2.19 52.93 44.30
C ASP L 355 3.11 52.03 43.46
N LYS L 356 2.64 50.83 43.11
CA LYS L 356 3.44 49.83 42.40
C LYS L 356 3.80 50.27 40.98
N ASN L 357 2.96 51.07 40.33
CA ASN L 357 3.24 51.62 39.00
C ASN L 357 4.55 52.44 38.98
N LYS L 358 4.75 53.32 39.97
CA LYS L 358 5.97 54.14 40.10
C LYS L 358 7.20 53.33 40.46
N PHE L 359 7.07 52.29 41.28
CA PHE L 359 8.19 51.43 41.64
C PHE L 359 8.73 50.71 40.40
N HIS L 360 7.86 50.00 39.68
CA HIS L 360 8.29 49.24 38.51
C HIS L 360 8.76 50.13 37.36
N ASP L 361 8.13 51.26 37.05
CA ASP L 361 8.63 52.13 35.97
C ASP L 361 10.04 52.66 36.25
N SER L 362 10.37 52.98 37.50
CA SER L 362 11.71 53.38 37.86
C SER L 362 12.75 52.27 37.63
N TRP L 363 12.47 51.03 38.05
CA TRP L 363 13.41 49.92 37.89
C TRP L 363 13.45 49.36 36.47
N ASN L 364 12.34 49.46 35.75
CA ASN L 364 12.23 49.27 34.31
C ASN L 364 13.21 50.21 33.57
N LYS L 365 13.21 51.51 33.89
CA LYS L 365 14.17 52.46 33.35
C LYS L 365 15.60 52.18 33.78
N LEU L 366 15.88 51.96 35.06
CA LEU L 366 17.24 51.75 35.52
C LEU L 366 17.90 50.47 34.96
N SER L 367 17.11 49.41 34.72
CA SER L 367 17.58 48.19 34.04
C SER L 367 17.83 48.39 32.55
N SER L 368 17.10 49.30 31.93
CA SER L 368 17.17 49.63 30.51
C SER L 368 18.40 50.47 30.14
N ALA L 369 18.98 51.15 31.13
CA ALA L 369 20.05 52.11 30.96
C ALA L 369 21.39 51.51 30.51
N ASP L 370 21.99 52.07 29.46
CA ASP L 370 23.35 51.76 29.01
C ASP L 370 24.41 52.47 29.87
N GLY L 371 24.05 53.51 30.59
CA GLY L 371 24.87 54.23 31.56
C GLY L 371 23.99 54.94 32.58
N ILE L 372 24.56 55.31 33.72
CA ILE L 372 23.88 55.96 34.83
C ILE L 372 24.61 57.25 35.18
N LEU L 373 23.86 58.31 35.40
CA LEU L 373 24.33 59.54 36.00
C LEU L 373 23.58 59.80 37.31
N VAL L 374 24.32 60.00 38.40
CA VAL L 374 23.80 60.67 39.60
C VAL L 374 24.25 62.14 39.48
N PRO L 375 23.33 63.10 39.28
CA PRO L 375 23.60 64.37 38.61
C PRO L 375 24.16 65.50 39.45
N GLY L 376 24.23 65.36 40.78
CA GLY L 376 24.56 66.46 41.69
C GLY L 376 23.34 67.29 42.06
N GLY L 377 22.40 66.66 42.77
CA GLY L 377 21.19 67.28 43.27
C GLY L 377 21.36 68.14 44.53
N PHE L 378 20.26 68.39 45.20
CA PHE L 378 20.08 69.36 46.27
C PHE L 378 19.07 68.83 47.29
N GLY L 379 19.39 68.86 48.59
CA GLY L 379 18.54 68.33 49.67
C GLY L 379 18.53 66.81 49.77
N THR L 380 18.91 66.25 50.91
CA THR L 380 19.30 64.83 51.10
C THR L 380 18.18 63.79 51.00
N ARG L 381 16.91 64.19 50.79
CA ARG L 381 15.73 63.31 50.91
C ARG L 381 15.69 62.06 50.01
N GLY L 382 16.44 62.03 48.92
CA GLY L 382 16.45 60.91 47.94
C GLY L 382 17.63 59.93 48.06
N ILE L 383 18.54 60.12 49.01
CA ILE L 383 19.84 59.42 49.06
C ILE L 383 19.70 57.90 49.16
N GLU L 384 18.76 57.39 49.95
CA GLU L 384 18.60 55.93 50.12
C GLU L 384 18.17 55.24 48.82
N GLY L 385 17.47 55.96 47.93
CA GLY L 385 17.20 55.54 46.55
C GLY L 385 18.46 55.56 45.67
N MET L 386 19.23 56.64 45.70
CA MET L 386 20.46 56.73 44.91
C MET L 386 21.52 55.71 45.34
N ILE L 387 21.54 55.31 46.60
CA ILE L 387 22.41 54.24 47.10
C ILE L 387 22.12 52.91 46.39
N LEU L 388 20.86 52.61 46.12
CA LEU L 388 20.47 51.46 45.30
C LEU L 388 21.02 51.62 43.88
N ALA L 389 20.85 52.79 43.26
CA ALA L 389 21.34 53.04 41.91
C ALA L 389 22.86 52.91 41.78
N ALA L 390 23.61 53.39 42.77
CA ALA L 390 25.05 53.20 42.84
C ALA L 390 25.43 51.74 43.08
N LYS L 391 24.69 51.01 43.95
CA LYS L 391 24.91 49.58 44.20
C LYS L 391 24.72 48.79 42.92
N TRP L 392 23.56 48.96 42.27
CA TRP L 392 23.22 48.35 40.99
C TRP L 392 24.35 48.52 39.96
N ALA L 393 24.84 49.73 39.75
CA ALA L 393 25.91 49.99 38.81
C ALA L 393 27.24 49.27 39.15
N ARG L 394 27.58 49.15 40.42
CA ARG L 394 28.82 48.52 40.88
C ARG L 394 28.74 47.00 40.83
N GLU L 395 27.62 46.43 41.28
CA GLU L 395 27.35 44.99 41.24
C GLU L 395 27.22 44.43 39.82
N SER L 396 26.88 45.28 38.83
CA SER L 396 26.44 44.86 37.50
C SER L 396 27.36 45.27 36.34
N GLY L 397 28.37 46.12 36.58
CA GLY L 397 29.31 46.59 35.55
C GLY L 397 28.80 47.70 34.63
N VAL L 398 27.64 48.30 34.92
CA VAL L 398 27.05 49.38 34.11
C VAL L 398 27.82 50.69 34.32
N PRO L 399 28.20 51.42 33.26
CA PRO L 399 28.89 52.72 33.35
C PRO L 399 28.21 53.75 34.25
N PHE L 400 28.99 54.43 35.09
CA PHE L 400 28.48 55.32 36.13
C PHE L 400 29.27 56.63 36.15
N LEU L 401 28.58 57.74 36.34
CA LEU L 401 29.18 59.00 36.77
C LEU L 401 28.44 59.54 37.98
N GLY L 402 29.19 59.91 39.02
CA GLY L 402 28.65 60.55 40.21
C GLY L 402 29.16 61.98 40.36
N VAL L 403 28.28 62.97 40.31
CA VAL L 403 28.65 64.39 40.41
C VAL L 403 28.23 64.98 41.76
N CYS L 404 29.12 65.65 42.50
CA CYS L 404 28.90 66.26 43.82
C CYS L 404 28.33 65.28 44.84
N LEU L 405 27.04 65.31 45.12
CA LEU L 405 26.31 64.26 45.81
C LEU L 405 26.55 62.84 45.23
N GLY L 406 26.87 62.71 43.94
CA GLY L 406 27.24 61.45 43.30
C GLY L 406 28.62 60.91 43.66
N LEU L 407 29.59 61.70 44.14
CA LEU L 407 30.72 61.14 44.92
C LEU L 407 30.15 60.49 46.17
N GLN L 408 29.34 61.26 46.88
CA GLN L 408 29.02 60.99 48.26
C GLN L 408 28.14 59.76 48.39
N VAL L 409 27.03 59.64 47.65
CA VAL L 409 26.21 58.42 47.68
C VAL L 409 26.97 57.18 47.20
N ALA L 410 27.96 57.31 46.32
CA ALA L 410 28.77 56.19 45.89
C ALA L 410 29.74 55.75 46.97
N ALA L 411 30.43 56.67 47.62
CA ALA L 411 31.29 56.37 48.76
C ALA L 411 30.48 55.80 49.95
N ILE L 412 29.30 56.33 50.22
CA ILE L 412 28.37 55.79 51.22
C ILE L 412 27.94 54.36 50.84
N GLU L 413 27.66 54.09 49.58
CA GLU L 413 27.39 52.74 49.08
C GLU L 413 28.60 51.82 49.28
N PHE L 414 29.78 52.22 48.83
CA PHE L 414 31.00 51.44 48.92
C PHE L 414 31.39 51.14 50.38
N ALA L 415 31.21 52.10 51.28
CA ALA L 415 31.37 51.90 52.72
C ALA L 415 30.39 50.86 53.30
N ARG L 416 29.09 51.00 53.05
CA ARG L 416 28.04 50.08 53.55
C ARG L 416 28.13 48.67 52.95
N ASN L 417 28.60 48.52 51.71
CA ASN L 417 28.47 47.27 50.95
C ASN L 417 29.79 46.59 50.56
N VAL L 418 30.94 47.26 50.62
CA VAL L 418 32.25 46.67 50.25
C VAL L 418 33.27 46.74 51.41
N ILE L 419 33.29 47.80 52.21
CA ILE L 419 33.97 47.78 53.53
C ILE L 419 33.12 47.04 54.56
N GLY L 420 31.82 47.26 54.57
CA GLY L 420 30.86 46.55 55.44
C GLY L 420 30.60 47.21 56.79
N ARG L 421 30.40 48.54 56.82
CA ARG L 421 29.88 49.31 57.97
C ARG L 421 28.46 49.81 57.67
N PRO L 422 27.40 49.01 57.89
CA PRO L 422 26.14 49.14 57.15
C PRO L 422 25.29 50.40 57.41
N ASN L 423 25.62 51.18 58.43
CA ASN L 423 24.94 52.42 58.82
C ASN L 423 25.67 53.70 58.37
N SER L 424 26.86 53.61 57.75
CA SER L 424 27.70 54.76 57.44
C SER L 424 27.01 55.76 56.49
N SER L 425 27.15 57.08 56.72
CA SER L 425 26.15 58.05 56.25
C SER L 425 26.65 59.46 55.96
N SER L 426 25.81 60.18 55.22
CA SER L 426 25.85 61.62 54.98
C SER L 426 25.48 62.41 56.22
N THR L 427 26.46 63.09 56.81
CA THR L 427 26.27 63.95 57.98
C THR L 427 25.20 65.03 57.74
N GLU L 428 25.01 65.53 56.51
CA GLU L 428 23.94 66.50 56.21
C GLU L 428 22.52 65.95 56.45
N PHE L 429 22.33 64.63 56.45
CA PHE L 429 21.03 63.98 56.62
C PHE L 429 20.70 63.64 58.09
N LEU L 430 21.73 63.43 58.92
CA LEU L 430 21.58 62.88 60.29
C LEU L 430 22.14 63.76 61.41
N ASP L 431 23.06 64.67 61.09
CA ASP L 431 23.91 65.50 61.97
C ASP L 431 23.99 65.08 63.46
N GLU L 432 23.07 65.57 64.30
CA GLU L 432 23.06 65.40 65.76
C GLU L 432 23.00 63.92 66.24
N THR L 433 22.71 62.99 65.34
CA THR L 433 22.63 61.54 65.61
C THR L 433 24.00 60.90 65.93
N LEU L 434 25.12 61.51 65.53
CA LEU L 434 26.50 61.18 65.95
C LEU L 434 26.92 59.70 65.77
N LEU L 435 26.56 59.05 64.66
CA LEU L 435 27.17 57.77 64.26
C LEU L 435 28.69 57.89 64.13
N ALA L 436 29.44 56.81 64.38
CA ALA L 436 30.91 56.82 64.27
C ALA L 436 31.46 56.79 62.82
N PRO L 437 30.91 56.01 61.86
CA PRO L 437 31.42 55.97 60.49
C PRO L 437 30.77 57.07 59.63
N GLU L 438 31.21 58.31 59.86
CA GLU L 438 30.84 59.48 59.06
C GLU L 438 31.59 59.44 57.72
N ASP L 439 30.87 59.28 56.61
CA ASP L 439 31.43 59.33 55.26
C ASP L 439 31.57 60.77 54.76
N GLN L 440 30.48 61.55 54.79
CA GLN L 440 30.57 63.00 54.69
C GLN L 440 31.04 63.59 56.02
N VAL L 441 31.92 64.59 55.97
CA VAL L 441 32.19 65.55 57.07
C VAL L 441 32.36 66.96 56.51
N VAL L 442 32.02 68.01 57.27
CA VAL L 442 32.21 69.41 56.85
C VAL L 442 33.69 69.77 56.90
N ILE L 443 34.24 70.40 55.85
CA ILE L 443 35.58 71.04 55.91
C ILE L 443 35.51 72.50 55.43
N THR L 444 30.84 79.87 53.58
CA THR L 444 31.31 78.53 53.94
C THR L 444 31.05 77.46 52.89
N MET L 445 30.30 77.75 51.82
CA MET L 445 30.36 76.97 50.58
C MET L 445 31.74 77.06 49.92
N ARG L 446 32.31 75.95 49.49
CA ARG L 446 33.48 75.92 48.61
C ARG L 446 33.06 76.12 47.16
N LEU L 447 33.22 77.32 46.64
CA LEU L 447 32.48 77.86 45.49
C LEU L 447 33.39 78.28 44.34
N GLY L 448 32.89 78.18 43.10
CA GLY L 448 33.55 78.67 41.91
C GLY L 448 34.71 77.81 41.45
N LEU L 449 35.50 78.31 40.52
CA LEU L 449 36.62 77.59 39.93
C LEU L 449 37.73 77.37 40.97
N ARG L 450 38.20 76.13 41.09
CA ARG L 450 39.33 75.72 41.94
C ARG L 450 40.24 74.78 41.15
N PRO L 451 41.52 74.62 41.53
CA PRO L 451 42.37 73.55 41.02
C PRO L 451 42.13 72.25 41.82
N THR L 452 42.10 71.14 41.10
CA THR L 452 42.14 69.74 41.54
C THR L 452 43.41 69.12 40.97
N ILE L 453 44.16 68.36 41.76
CA ILE L 453 45.46 67.82 41.35
C ILE L 453 45.40 66.29 41.47
N PHE L 454 45.91 65.56 40.48
CA PHE L 454 45.86 64.10 40.50
C PHE L 454 46.88 63.52 41.50
N GLN L 455 46.44 62.63 42.40
CA GLN L 455 47.30 61.81 43.27
C GLN L 455 48.27 60.98 42.40
N PRO L 456 49.53 60.66 42.79
CA PRO L 456 50.52 60.15 41.82
C PRO L 456 50.23 58.78 41.18
N ASN L 457 49.66 57.84 41.94
CA ASN L 457 49.41 56.46 41.49
C ASN L 457 48.05 56.31 40.74
N SER L 458 47.85 57.10 39.69
CA SER L 458 46.52 57.34 39.07
C SER L 458 46.47 57.38 37.55
N GLU L 459 47.59 57.28 36.82
CA GLU L 459 47.52 57.25 35.35
C GLU L 459 46.84 55.98 34.81
N TRP L 460 46.64 54.95 35.61
CA TRP L 460 45.86 53.77 35.23
C TRP L 460 44.38 54.08 34.97
N SER L 461 43.85 55.10 35.64
CA SER L 461 42.42 55.43 35.67
C SER L 461 41.93 56.04 34.37
N ASN L 462 40.74 55.64 33.95
CA ASN L 462 40.02 56.20 32.82
C ASN L 462 39.82 57.72 33.01
N ILE L 463 39.50 58.20 34.20
CA ILE L 463 39.27 59.62 34.45
C ILE L 463 40.51 60.49 34.28
N ARG L 464 41.70 60.09 34.75
CA ARG L 464 42.93 60.82 34.40
C ARG L 464 43.26 60.77 32.90
N LYS L 465 42.93 59.65 32.24
CA LYS L 465 43.13 59.47 30.80
C LYS L 465 42.25 60.38 29.96
N LEU L 466 40.96 60.49 30.30
CA LEU L 466 39.99 61.40 29.66
C LEU L 466 40.38 62.87 29.76
N TYR L 467 40.99 63.29 30.86
CA TYR L 467 41.50 64.66 31.03
C TYR L 467 42.83 64.96 30.31
N GLY L 468 43.26 64.09 29.38
CA GLY L 468 44.51 64.26 28.61
C GLY L 468 45.78 63.99 29.42
N GLU L 469 45.67 63.36 30.59
CA GLU L 469 46.76 63.14 31.55
C GLU L 469 47.49 64.42 31.99
N VAL L 470 46.85 65.59 31.89
CA VAL L 470 47.32 66.88 32.40
C VAL L 470 47.33 66.83 33.93
N ASN L 471 48.32 67.43 34.58
CA ASN L 471 48.56 67.23 36.03
C ASN L 471 47.47 67.82 36.94
N GLU L 472 46.90 68.95 36.53
CA GLU L 472 45.80 69.65 37.21
C GLU L 472 44.52 69.62 36.38
N VAL L 473 43.39 69.56 37.06
CA VAL L 473 42.03 69.76 36.56
C VAL L 473 41.49 71.03 37.20
N HIS L 474 41.05 72.02 36.44
CA HIS L 474 40.40 73.23 36.99
C HIS L 474 38.92 73.19 36.65
N GLU L 475 38.07 73.17 37.67
CA GLU L 475 36.62 72.95 37.52
C GLU L 475 35.86 73.70 38.62
N ARG L 476 34.54 73.86 38.49
CA ARG L 476 33.70 74.70 39.35
C ARG L 476 33.06 73.89 40.48
N HIS L 477 33.06 74.44 41.68
CA HIS L 477 32.62 73.82 42.93
C HIS L 477 31.41 74.55 43.52
N ARG L 478 30.53 73.83 44.22
CA ARG L 478 29.39 74.37 44.96
C ARG L 478 28.97 73.42 46.09
N HIS L 479 29.94 73.04 46.92
CA HIS L 479 29.75 72.04 47.97
C HIS L 479 30.22 72.53 49.34
N ARG L 480 29.67 71.94 50.39
CA ARG L 480 29.93 72.29 51.80
C ARG L 480 30.66 71.17 52.56
N TYR L 481 30.39 69.91 52.19
CA TYR L 481 31.00 68.70 52.75
C TYR L 481 32.18 68.19 51.91
N GLU L 482 32.89 67.22 52.47
CA GLU L 482 33.94 66.40 51.87
C GLU L 482 33.70 64.94 52.23
N ILE L 483 34.37 64.02 51.52
CA ILE L 483 34.62 62.69 52.10
C ILE L 483 35.63 62.81 53.24
N ASN L 484 35.37 62.11 54.34
CA ASN L 484 36.24 61.99 55.51
C ASN L 484 37.62 61.39 55.17
N PRO L 485 38.75 62.09 55.43
CA PRO L 485 40.09 61.59 55.12
C PRO L 485 40.47 60.34 55.94
N LYS L 486 39.91 60.14 57.14
CA LYS L 486 40.14 58.96 57.99
C LYS L 486 39.64 57.66 57.34
N ILE L 487 38.59 57.75 56.53
CA ILE L 487 38.05 56.63 55.75
C ILE L 487 38.73 56.46 54.38
N VAL L 488 39.59 57.39 53.94
CA VAL L 488 40.24 57.29 52.62
C VAL L 488 41.16 56.10 52.51
N ASN L 489 42.12 55.90 53.41
CA ASN L 489 43.06 54.77 53.26
C ASN L 489 42.39 53.41 53.51
N ASP L 490 41.31 53.37 54.30
CA ASP L 490 40.38 52.24 54.40
C ASP L 490 39.77 51.91 53.01
N MET L 491 39.13 52.89 52.35
CA MET L 491 38.61 52.73 50.99
C MET L 491 39.69 52.40 49.97
N GLU L 492 40.84 53.07 50.00
CA GLU L 492 41.91 52.79 49.05
C GLU L 492 42.49 51.38 49.24
N SER L 493 42.53 50.86 50.47
CA SER L 493 42.91 49.45 50.71
C SER L 493 41.99 48.45 50.02
N ARG L 494 40.76 48.86 49.70
CA ARG L 494 39.71 48.07 49.03
C ARG L 494 39.53 48.40 47.54
N GLY L 495 40.36 49.25 46.95
CA GLY L 495 40.39 49.55 45.50
C GLY L 495 39.64 50.81 45.04
N PHE L 496 39.01 51.57 45.94
CA PHE L 496 38.26 52.79 45.67
C PHE L 496 39.17 54.03 45.73
N ILE L 497 40.10 54.15 44.80
CA ILE L 497 41.19 55.13 44.85
C ILE L 497 40.69 56.56 44.61
N PHE L 498 41.04 57.48 45.52
CA PHE L 498 40.79 58.91 45.35
C PHE L 498 41.88 59.51 44.47
N VAL L 499 41.68 59.30 43.18
CA VAL L 499 42.50 59.70 42.03
C VAL L 499 42.83 61.19 41.97
N GLY L 500 42.04 62.09 42.57
CA GLY L 500 42.33 63.52 42.58
C GLY L 500 41.80 64.27 43.81
N LYS L 501 42.54 65.31 44.21
CA LYS L 501 42.38 66.05 45.47
C LYS L 501 42.71 67.54 45.31
N ASP L 502 42.29 68.35 46.28
CA ASP L 502 42.78 69.72 46.48
C ASP L 502 44.28 69.73 46.78
N GLU L 503 44.99 70.81 46.43
CA GLU L 503 46.45 70.95 46.65
C GLU L 503 46.91 70.67 48.09
N THR L 504 46.06 70.89 49.10
CA THR L 504 46.34 70.58 50.51
C THR L 504 46.20 69.10 50.87
N GLY L 505 45.57 68.27 50.03
CA GLY L 505 45.36 66.83 50.25
C GLY L 505 44.29 66.45 51.27
N GLN L 506 43.70 67.40 51.99
CA GLN L 506 42.64 67.13 52.98
C GLN L 506 41.29 66.79 52.32
N ARG L 507 41.12 67.21 51.05
CA ARG L 507 39.83 67.29 50.32
C ARG L 507 39.80 66.37 49.09
N CYS L 508 38.87 65.43 49.05
CA CYS L 508 38.77 64.36 48.04
C CYS L 508 37.81 64.73 46.91
N GLU L 509 38.27 64.72 45.66
CA GLU L 509 37.58 65.42 44.57
C GLU L 509 37.28 64.56 43.35
N ILE L 510 38.13 63.59 43.02
CA ILE L 510 37.90 62.61 41.96
C ILE L 510 38.20 61.21 42.49
N PHE L 511 37.36 60.22 42.20
CA PHE L 511 37.72 58.80 42.32
C PHE L 511 37.58 58.04 41.01
N GLU L 512 38.25 56.90 40.96
CA GLU L 512 37.86 55.78 40.13
C GLU L 512 37.97 54.48 40.94
N LEU L 513 36.97 53.60 40.86
CA LEU L 513 37.07 52.25 41.42
C LEU L 513 37.85 51.34 40.46
N LYS L 514 38.87 50.66 40.97
CA LYS L 514 39.67 49.64 40.26
C LYS L 514 38.79 48.56 39.61
N GLY L 515 39.12 48.16 38.39
CA GLY L 515 38.56 47.00 37.69
C GLY L 515 37.24 47.20 36.96
N HIS L 516 36.31 48.00 37.48
CA HIS L 516 35.02 48.31 36.81
C HIS L 516 35.25 49.09 35.50
N PRO L 517 34.49 48.86 34.41
CA PRO L 517 34.68 49.55 33.14
C PRO L 517 34.70 51.09 33.22
N TYR L 518 33.81 51.69 34.02
CA TYR L 518 33.73 53.13 34.24
C TYR L 518 32.87 53.43 35.48
N TYR L 519 33.50 53.69 36.62
CA TYR L 519 32.82 54.02 37.87
C TYR L 519 33.58 55.21 38.46
N VAL L 520 33.20 56.39 38.00
CA VAL L 520 33.89 57.65 38.26
C VAL L 520 33.01 58.56 39.09
N GLY L 521 33.61 59.33 39.98
CA GLY L 521 32.91 60.35 40.74
C GLY L 521 33.74 61.62 40.83
N THR L 522 33.09 62.77 40.73
CA THR L 522 33.70 64.11 40.83
C THR L 522 32.94 64.91 41.88
N GLN L 523 33.61 65.64 42.76
CA GLN L 523 32.90 66.54 43.70
C GLN L 523 32.55 67.90 43.09
N TYR L 524 33.30 68.34 42.07
CA TYR L 524 32.90 69.45 41.21
C TYR L 524 31.74 69.07 40.30
N HIS L 525 31.13 70.09 39.70
CA HIS L 525 30.11 69.98 38.66
C HIS L 525 30.77 70.11 37.29
N PRO L 526 30.98 69.02 36.52
CA PRO L 526 31.59 69.12 35.20
C PRO L 526 30.64 69.70 34.15
N GLU L 527 29.35 69.89 34.45
CA GLU L 527 28.35 70.43 33.53
C GLU L 527 28.65 71.84 33.07
N TYR L 528 29.08 72.69 34.00
CA TYR L 528 29.18 74.13 33.81
C TYR L 528 30.31 74.52 32.88
N THR L 529 31.27 73.63 32.70
CA THR L 529 32.42 73.79 31.81
C THR L 529 32.21 73.12 30.44
N SER L 530 31.04 72.52 30.15
CA SER L 530 30.72 71.89 28.85
C SER L 530 30.44 72.89 27.73
N LYS L 531 31.04 72.70 26.54
CA LYS L 531 30.86 73.55 25.35
C LYS L 531 30.29 72.74 24.19
N VAL L 532 29.52 73.35 23.28
CA VAL L 532 28.78 72.60 22.24
C VAL L 532 29.70 71.77 21.34
N LEU L 533 30.91 72.26 21.09
CA LEU L 533 31.90 71.66 20.20
C LEU L 533 33.06 71.01 20.99
N GLU L 534 32.98 70.94 22.32
CA GLU L 534 33.99 70.36 23.20
C GLU L 534 33.30 69.85 24.50
N PRO L 535 32.70 68.65 24.51
CA PRO L 535 31.98 68.16 25.67
C PRO L 535 32.86 68.02 26.91
N SER L 536 32.23 68.13 28.08
CA SER L 536 32.92 67.96 29.35
C SER L 536 33.43 66.54 29.48
N ARG L 537 34.70 66.36 29.84
CA ARG L 537 35.36 65.05 29.76
C ARG L 537 34.70 63.94 30.59
N PRO L 538 34.17 64.15 31.81
CA PRO L 538 33.53 63.08 32.55
C PRO L 538 32.24 62.55 31.90
N PHE L 539 31.50 63.42 31.22
CA PHE L 539 30.25 63.08 30.53
C PHE L 539 30.52 62.39 29.20
N TRP L 540 31.53 62.85 28.45
CA TRP L 540 32.00 62.18 27.24
C TRP L 540 32.52 60.77 27.56
N GLY L 541 33.25 60.60 28.66
CA GLY L 541 33.64 59.30 29.19
C GLY L 541 32.47 58.40 29.60
N LEU L 542 31.39 58.92 30.18
CA LEU L 542 30.19 58.12 30.49
C LEU L 542 29.47 57.69 29.22
N VAL L 543 29.22 58.59 28.29
CA VAL L 543 28.47 58.27 27.07
C VAL L 543 29.29 57.34 26.17
N ALA L 544 30.61 57.49 26.14
CA ALA L 544 31.50 56.56 25.48
C ALA L 544 31.52 55.19 26.18
N ALA L 545 31.61 55.12 27.50
CA ALA L 545 31.50 53.86 28.21
C ALA L 545 30.17 53.17 27.95
N ALA L 546 29.05 53.90 27.92
CA ALA L 546 27.72 53.37 27.62
C ALA L 546 27.57 52.86 26.17
N SER L 547 28.34 53.40 25.24
CA SER L 547 28.24 53.07 23.82
C SER L 547 29.21 51.98 23.37
N GLY L 548 30.15 51.58 24.23
CA GLY L 548 31.43 51.07 23.75
C GLY L 548 32.22 52.19 23.05
N THR L 549 33.41 51.90 22.53
CA THR L 549 34.32 52.90 21.90
C THR L 549 34.92 53.94 22.86
N LEU L 550 34.84 53.68 24.16
CA LEU L 550 35.63 54.38 25.18
C LEU L 550 37.13 54.39 24.86
N GLY L 551 37.68 53.27 24.36
CA GLY L 551 39.08 53.18 23.95
C GLY L 551 39.41 54.05 22.74
N GLU L 552 38.59 54.01 21.69
CA GLU L 552 38.74 54.85 20.52
C GLU L 552 38.61 56.34 20.85
N VAL L 553 37.73 56.72 21.78
CA VAL L 553 37.67 58.09 22.31
C VAL L 553 38.94 58.47 23.08
N ILE L 554 39.40 57.65 24.03
CA ILE L 554 40.65 57.91 24.77
C ILE L 554 41.82 58.06 23.79
N LYS L 555 41.91 57.23 22.75
CA LYS L 555 42.93 57.36 21.70
C LYS L 555 42.89 58.74 21.01
N ASP L 556 41.72 59.18 20.56
CA ASP L 556 41.54 60.49 19.92
C ASP L 556 41.86 61.67 20.87
N ILE L 557 41.55 61.54 22.15
CA ILE L 557 41.89 62.51 23.19
C ILE L 557 43.42 62.60 23.39
N ASN L 558 44.12 61.48 23.32
CA ASN L 558 45.57 61.40 23.56
C ASN L 558 46.46 62.04 22.48
N LEU L 559 45.97 62.28 21.26
CA LEU L 559 46.73 63.03 20.23
C LEU L 559 46.97 64.49 20.64
MG MG M . -8.81 -118.07 -47.43
PG ATP N . -4.92 -119.27 -47.33
O1G ATP N . -3.63 -118.51 -47.35
O2G ATP N . -4.70 -120.74 -47.51
O3G ATP N . -5.95 -118.72 -48.27
PB ATP N . -6.53 -119.78 -44.85
O1B ATP N . -7.87 -119.25 -45.08
O2B ATP N . -5.92 -119.64 -43.50
O3B ATP N . -5.53 -119.05 -45.86
PA ATP N . -7.48 -122.40 -45.94
O1A ATP N . -8.85 -122.27 -45.39
O2A ATP N . -7.35 -122.36 -47.43
O3A ATP N . -6.49 -121.31 -45.30
O5' ATP N . -6.82 -123.76 -45.40
C5' ATP N . -5.55 -124.14 -45.95
C4' ATP N . -5.49 -125.66 -46.01
O4' ATP N . -6.02 -126.19 -44.76
C3' ATP N . -6.34 -126.31 -47.12
O3' ATP N . -5.69 -127.42 -47.74
C2' ATP N . -7.59 -126.79 -46.36
O2' ATP N . -8.25 -127.87 -46.98
C1' ATP N . -6.97 -127.18 -45.02
N9 ATP N . -7.92 -127.22 -43.91
C8 ATP N . -8.69 -126.18 -43.47
N7 ATP N . -9.47 -126.51 -42.46
C5 ATP N . -9.18 -127.85 -42.22
C6 ATP N . -9.66 -128.76 -41.27
N6 ATP N . -10.57 -128.47 -40.36
N1 ATP N . -9.15 -130.01 -41.32
C2 ATP N . -8.23 -130.31 -42.24
N3 ATP N . -7.70 -129.53 -43.18
C4 ATP N . -8.22 -128.29 -43.11
H5'1 ATP N . -4.82 -123.78 -45.39
H5'2 ATP N . -5.45 -123.77 -46.87
H4' ATP N . -4.55 -125.95 -46.09
H3' ATP N . -6.57 -125.64 -47.81
HO3' ATP N . -5.49 -127.20 -48.53
H2' ATP N . -8.24 -126.03 -46.23
HO2' ATP N . -7.71 -128.24 -47.53
H1' ATP N . -6.52 -128.06 -45.11
H8 ATP N . -8.69 -125.33 -43.86
HN61 ATP N . -11.42 -128.39 -40.60
HN62 ATP N . -10.33 -128.36 -39.52
H2 ATP N . -7.91 -131.19 -42.22
MG MG O . 0.43 -125.47 -18.29
PA UTP P . 3.00 -122.69 -19.06
O1A UTP P . 3.90 -123.86 -18.74
O2A UTP P . 3.33 -121.40 -19.70
O3A UTP P . 1.52 -123.14 -19.51
O5' UTP P . 2.44 -122.22 -17.64
PB UTP P . 0.05 -122.48 -19.42
O1B UTP P . 0.18 -121.05 -19.77
O2B UTP P . -0.66 -122.84 -18.18
O3B UTP P . -0.63 -123.20 -20.69
PG UTP P . -0.11 -124.02 -21.97
O1G UTP P . -1.33 -124.25 -22.81
O2G UTP P . 0.48 -125.29 -21.46
O3G UTP P . 0.90 -123.17 -22.68
C5' UTP P . 2.94 -122.74 -16.39
C4' UTP P . 3.46 -121.61 -15.54
O4' UTP P . 4.51 -122.12 -14.68
C1' UTP P . 5.64 -121.27 -14.70
C2' UTP P . 5.17 -119.94 -15.30
O2' UTP P . 4.59 -119.11 -14.31
C3' UTP P . 4.09 -120.42 -16.28
O3' UTP P . 3.14 -119.40 -16.57
N1 UTP P . 6.73 -121.94 -15.48
C6 UTP P . 6.49 -122.67 -16.61
C2 UTP P . 8.03 -121.80 -15.01
O2 UTP P . 8.29 -121.15 -14.00
N3 UTP P . 9.00 -122.43 -15.75
C4 UTP P . 8.82 -123.18 -16.89
O4 UTP P . 9.80 -123.67 -17.47
C5 UTP P . 7.46 -123.27 -17.33
H4' UTP P . 2.72 -121.30 -14.96
H1' UTP P . 5.92 -121.14 -13.77
H2' UTP P . 5.91 -119.47 -15.75
H3' UTP P . 4.51 -120.72 -17.14
H6 UTP P . 5.60 -122.76 -16.91
H3 UTP P . 9.84 -122.32 -15.47
H5 UTP P . 7.25 -123.76 -18.11
MG MG Q . 6.78 -80.31 -40.17
PG ATP R . 3.26 -79.66 -38.24
O1G ATP R . 1.97 -80.43 -38.20
O2G ATP R . 3.12 -78.31 -37.59
O3G ATP R . 3.87 -79.59 -39.60
PB ATP R . 5.63 -80.28 -36.50
O1B ATP R . 6.78 -80.52 -37.39
O2B ATP R . 5.49 -81.11 -35.28
O3B ATP R . 4.30 -80.50 -37.35
PA ATP R . 6.40 -77.37 -36.44
O1A ATP R . 7.86 -77.64 -36.49
O2A ATP R . 5.78 -76.71 -37.62
O3A ATP R . 5.59 -78.73 -36.11
O5' ATP R . 6.08 -76.53 -35.13
C5' ATP R . 4.72 -76.03 -34.97
C4' ATP R . 4.79 -74.68 -34.26
O4' ATP R . 5.73 -74.79 -33.17
C3' ATP R . 5.29 -73.50 -35.12
O3' ATP R . 4.57 -72.30 -34.87
C2' ATP R . 6.75 -73.35 -34.69
O2' ATP R . 7.26 -72.05 -34.89
C1' ATP R . 6.64 -73.70 -33.21
N9 ATP R . 7.89 -74.13 -32.60
C8 ATP R . 8.68 -75.18 -32.99
N7 ATP R . 9.76 -75.31 -32.27
C5 ATP R . 9.68 -74.30 -31.34
C6 ATP R . 10.53 -73.91 -30.28
N6 ATP R . 11.67 -74.53 -29.98
N1 ATP R . 10.15 -72.84 -29.54
C2 ATP R . 9.00 -72.22 -29.85
N3 ATP R . 8.13 -72.49 -30.81
C4 ATP R . 8.53 -73.55 -31.53
H5'1 ATP R . 4.19 -76.68 -34.44
H5'2 ATP R . 4.30 -75.92 -35.86
H4' ATP R . 3.90 -74.48 -33.89
H3' ATP R . 5.22 -73.74 -36.09
HO3' ATP R . 4.09 -72.12 -35.55
H2' ATP R . 7.33 -74.02 -35.16
HO2' ATP R . 6.61 -71.51 -34.98
H1' ATP R . 6.26 -72.94 -32.71
H8 ATP R . 8.47 -75.73 -33.72
HN61 ATP R . 12.38 -74.40 -30.49
HN62 ATP R . 11.70 -75.04 -29.27
H2 ATP R . 8.79 -71.48 -29.30
MG MG S . 8.20 -88.78 -9.88
PA UTP T . 5.29 -91.05 -10.99
O1A UTP T . 4.67 -91.90 -12.04
O2A UTP T . 4.66 -90.28 -9.88
O3A UTP T . 6.58 -90.33 -11.63
O5' UTP T . 6.25 -92.11 -10.26
PB UTP T . 7.93 -90.80 -12.36
O1B UTP T . 9.04 -91.03 -11.40
O2B UTP T . 7.57 -91.91 -13.29
O3B UTP T . 8.23 -89.51 -13.26
PG UTP T . 7.38 -88.22 -13.74
O1G UTP T . 8.28 -87.50 -14.71
O2G UTP T . 6.13 -88.71 -14.39
O3G UTP T . 7.11 -87.40 -12.52
C5' UTP T . 6.23 -92.29 -8.83
C4' UTP T . 5.92 -93.75 -8.52
O4' UTP T . 5.26 -93.80 -7.23
C1' UTP T . 4.11 -94.63 -7.28
C2' UTP T . 4.25 -95.46 -8.56
O2' UTP T . 5.04 -96.61 -8.36
C3' UTP T . 4.98 -94.47 -9.48
O3' UTP T . 5.70 -95.14 -10.52
N1 UTP T . 2.89 -93.78 -7.23
C6 UTP T . 2.81 -92.56 -7.88
C2 UTP T . 1.81 -94.25 -6.50
O2 UTP T . 1.84 -95.32 -5.91
N3 UTP T . 0.71 -93.42 -6.48
C4 UTP T . 0.57 -92.19 -7.10
O4 UTP T . -0.50 -91.57 -7.01
C5 UTP T . 1.72 -91.78 -7.85
H4' UTP T . 6.78 -94.23 -8.44
H1' UTP T . 4.14 -95.22 -6.49
H2' UTP T . 3.36 -95.72 -8.92
H3' UTP T . 4.33 -93.84 -9.90
H6 UTP T . 3.56 -92.27 -8.37
H3 UTP T . 0.01 -93.72 -6.02
H5 UTP T . 1.71 -90.97 -8.31
MG MG U . -3.68 -89.97 -5.18
MG MG V . -5.09 -82.07 -35.63
PA UTP W . -2.10 -84.49 -35.78
O1A UTP W . -1.43 -85.72 -35.30
O2A UTP W . -1.50 -83.24 -36.35
O3A UTP W . -3.41 -84.22 -34.88
O5' UTP W . -3.02 -85.06 -36.96
PB UTP W . -4.73 -85.05 -34.50
O1B UTP W . -5.85 -84.80 -35.45
O2B UTP W . -4.33 -86.45 -34.25
O3B UTP W . -5.07 -84.40 -33.09
PG UTP W . -4.26 -83.50 -32.00
O1G UTP W . -5.18 -83.40 -30.82
O2G UTP W . -2.99 -84.21 -31.68
O3G UTP W . -4.02 -82.17 -32.66
C5' UTP W . -3.01 -84.50 -38.30
C4' UTP W . -2.65 -85.58 -39.29
O4' UTP W . -1.99 -84.96 -40.42
C1' UTP W . -0.83 -85.66 -40.78
C2' UTP W . -0.92 -87.04 -40.10
O2' UTP W . -1.67 -87.95 -40.86
C3' UTP W . -1.68 -86.67 -38.80
O3' UTP W . -2.36 -87.79 -38.26
N1 UTP W . 0.36 -84.86 -40.38
C6 UTP W . 0.41 -84.13 -39.20
C2 UTP W . 1.45 -84.86 -41.24
O2 UTP W . 1.45 -85.49 -42.29
N3 UTP W . 2.53 -84.09 -40.83
C4 UTP W . 2.63 -83.34 -39.67
O4 UTP W . 3.67 -82.73 -39.43
C5 UTP W . 1.47 -83.41 -38.83
H4' UTP W . -3.49 -85.99 -39.60
H1' UTP W . -0.84 -85.78 -41.76
H2' UTP W . -0.03 -87.40 -39.91
H3' UTP W . -1.04 -86.30 -38.12
H6 UTP W . -0.35 -84.16 -38.65
H3 UTP W . 3.24 -84.09 -41.37
H5 UTP W . 1.46 -82.93 -38.02
PG ATP X . -0.20 -88.31 -6.49
O1G ATP X . 1.11 -88.91 -6.89
O2G ATP X . -0.11 -86.82 -6.36
O3G ATP X . -0.80 -88.95 -5.28
PB ATP X . -2.57 -88.05 -8.31
O1B ATP X . -3.70 -88.74 -7.67
O2B ATP X . -2.42 -88.15 -9.78
O3B ATP X . -1.22 -88.63 -7.68
PA ATP X . -3.43 -85.54 -6.91
O1A ATP X . -4.88 -85.85 -7.01
O2A ATP X . -2.82 -85.54 -5.55
O3A ATP X . -2.59 -86.51 -7.87
O5' ATP X . -3.15 -84.14 -7.61
C5' ATP X . -1.83 -83.58 -7.49
C4' ATP X . -1.94 -82.06 -7.42
O4' ATP X . -2.90 -81.64 -8.43
C3' ATP X . -2.46 -81.50 -6.09
O3' ATP X . -1.80 -80.30 -5.70
C2' ATP X . -3.94 -81.19 -6.40
O2' ATP X . -4.49 -80.19 -5.57
C1' ATP X . -3.84 -80.75 -7.86
N9 ATP X . -5.09 -80.86 -8.61
C8 ATP X . -5.82 -81.98 -8.80
N7 ATP X . -6.92 -81.77 -9.50
C5 ATP X . -6.88 -80.42 -9.80
C6 ATP X . -7.74 -79.59 -10.51
N6 ATP X . -8.87 -80.01 -11.10
N1 ATP X . -7.41 -78.28 -10.61
C2 ATP X . -6.28 -77.86 -10.03
N3 ATP X . -5.39 -78.55 -9.33
C4 ATP X . -5.75 -79.84 -9.24
H5'1 ATP X . -1.28 -83.85 -8.27
H5'2 ATP X . -1.40 -83.92 -6.66
H4' ATP X . -1.06 -81.67 -7.64
H3' ATP X . -2.37 -82.19 -5.38
HO3' ATP X . -1.32 -80.48 -5.01
H2' ATP X . -4.50 -82.03 -6.33
HO2' ATP X . -3.86 -79.75 -5.22
H1' ATP X . -3.49 -79.83 -7.90
H8 ATP X . -5.59 -82.82 -8.45
HN61 ATP X . -9.58 -80.19 -10.61
HN62 ATP X . -8.89 -80.10 -11.97
H2 ATP X . -6.09 -76.94 -10.13
MG MG Y . 4.01 -117.71 -46.79
PA UTP Z . 1.36 -115.79 -44.76
O1A UTP Z . 0.49 -116.66 -45.63
O2A UTP Z . 0.99 -115.00 -43.55
O3A UTP Z . 2.86 -116.34 -44.58
O5' UTP Z . 1.89 -114.65 -45.74
PB UTP Z . 4.30 -115.68 -44.31
O1B UTP Z . 4.12 -114.62 -43.29
O2B UTP Z . 5.01 -115.36 -45.57
O3B UTP Z . 5.03 -116.92 -43.58
PG UTP Z . 4.54 -118.29 -42.88
O1G UTP Z . 5.78 -118.87 -42.26
O2G UTP Z . 3.99 -119.15 -43.97
O3G UTP Z . 3.51 -117.93 -41.85
C5' UTP Z . 1.39 -114.48 -47.09
C4' UTP Z . 0.82 -113.09 -47.26
O4' UTP Z . -0.22 -113.14 -48.27
C1' UTP Z . -1.37 -112.46 -47.83
C2' UTP Z . -0.94 -111.59 -46.64
O2' UTP Z . -0.40 -110.35 -47.07
C3' UTP Z . 0.16 -112.46 -46.02
O3' UTP Z . 1.08 -111.69 -45.26
N1 UTP Z . -2.43 -113.46 -47.50
C6 UTP Z . -2.15 -114.66 -46.89
C2 UTP Z . -3.75 -113.13 -47.84
O2 UTP Z . -4.03 -112.08 -48.40
N3 UTP Z . -4.68 -114.09 -47.53
C4 UTP Z . -4.47 -115.32 -46.92
O4 UTP Z . -5.42 -116.06 -46.67
C5 UTP Z . -3.10 -115.57 -46.58
H4' UTP Z . 1.55 -112.51 -47.59
H1' UTP Z . -1.67 -111.88 -48.57
H2' UTP Z . -1.69 -111.43 -46.02
H3' UTP Z . -0.24 -113.17 -45.43
H6 UTP Z . -1.26 -114.84 -46.67
H3 UTP Z . -5.53 -113.89 -47.74
H5 UTP Z . -2.87 -116.37 -46.16
PG ATP AA . 9.40 -126.79 -18.53
O1G ATP AA . 8.09 -126.18 -18.13
O2G ATP AA . 9.23 -128.16 -19.12
O3G ATP AA . 10.42 -126.76 -17.42
PB ATP AA . 11.02 -125.93 -20.91
O1B ATP AA . 12.35 -125.54 -20.42
O2B ATP AA . 10.39 -125.14 -22.01
O3B ATP AA . 9.99 -125.84 -19.68
PA ATP AA . 12.06 -128.71 -21.27
O1A ATP AA . 13.43 -128.28 -21.67
O2A ATP AA . 11.93 -129.44 -19.97
O3A ATP AA . 11.04 -127.48 -21.30
O5' ATP AA . 11.45 -129.63 -22.43
C5' ATP AA . 10.19 -130.29 -22.16
C4' ATP AA . 10.18 -131.62 -22.88
O4' ATP AA . 10.71 -131.44 -24.21
C3' ATP AA . 11.07 -132.72 -22.24
O3' ATP AA . 10.46 -134.00 -22.28
C2' ATP AA . 12.32 -132.70 -23.12
O2' ATP AA . 13.02 -133.93 -23.11
C1' ATP AA . 11.71 -132.39 -24.48
N9 ATP AA . 12.65 -131.83 -25.45
C8 ATP AA . 13.38 -130.69 -25.30
N7 ATP AA . 14.16 -130.44 -26.33
C5 ATP AA . 13.91 -131.49 -27.22
C6 ATP AA . 14.42 -131.79 -28.48
N6 ATP AA . 15.32 -131.04 -29.12
N1 ATP AA . 13.96 -132.90 -29.08
C2 ATP AA . 13.04 -133.65 -28.44
N3 ATP AA . 12.50 -133.47 -27.24
C4 ATP AA . 12.98 -132.35 -26.68
H5'1 ATP AA . 9.44 -129.72 -22.48
H5'2 ATP AA . 10.09 -130.43 -21.18
H4' ATP AA . 9.25 -131.94 -22.95
H3' ATP AA . 11.27 -132.47 -21.30
HO3' ATP AA . 10.25 -134.23 -21.48
H2' ATP AA . 12.94 -131.96 -22.84
HO2' ATP AA . 12.51 -134.55 -22.83
H1' ATP AA . 11.28 -133.21 -24.85
H8 ATP AA . 13.35 -130.15 -24.54
HN61 ATP AA . 16.16 -131.06 -28.88
HN62 ATP AA . 15.06 -130.53 -29.79
H2 ATP AA . 12.76 -134.42 -28.90
MG MG BA . 13.25 -125.68 -17.80
MG MG CA . -14.67 -15.72 -16.02
PG ATP DA . -10.84 -16.62 -17.02
O1G ATP DA . -9.67 -15.76 -17.41
O2G ATP DA . -10.55 -18.07 -17.25
O3G ATP DA . -12.13 -16.17 -17.64
PB ATP DA . -11.64 -17.20 -14.19
O1B ATP DA . -13.03 -16.77 -14.03
O2B ATP DA . -10.69 -16.98 -13.07
O3B ATP DA . -11.02 -16.42 -15.44
PA ATP DA . -12.65 -19.91 -14.98
O1A ATP DA . -13.81 -19.86 -14.06
O2A ATP DA . -12.94 -19.89 -16.44
O3A ATP DA . -11.61 -18.74 -14.63
O5' ATP DA . -11.76 -21.19 -14.65
C5' ATP DA . -10.67 -21.50 -15.54
C4' ATP DA . -10.51 -23.00 -15.61
O4' ATP DA . -10.61 -23.54 -14.27
C3' ATP DA . -11.58 -23.74 -16.44
O3' ATP DA . -11.05 -24.81 -17.21
C2' ATP DA . -12.53 -24.29 -15.36
O2' ATP DA . -13.25 -25.43 -15.77
C1' ATP DA . -11.53 -24.61 -14.25
N9 ATP DA . -12.12 -24.70 -12.91
C8 ATP DA . -12.81 -23.72 -12.27
N7 ATP DA . -13.24 -24.08 -11.08
C5 ATP DA . -12.79 -25.38 -10.94
C6 ATP DA . -12.91 -26.31 -9.90
N6 ATP DA . -13.56 -26.08 -8.76
N1 ATP DA . -12.34 -27.53 -10.09
C2 ATP DA . -11.71 -27.77 -11.23
N3 ATP DA . -11.52 -26.97 -12.28
C4 ATP DA . -12.10 -25.77 -12.06
H5'1 ATP DA . -9.84 -21.07 -15.20
H5'2 ATP DA . -10.86 -21.14 -16.44
H4' ATP DA . -9.61 -23.22 -15.96
H3' ATP DA . -12.05 -23.10 -17.03
HO3' ATP DA . -11.09 -24.60 -18.03
H2' ATP DA . -13.18 -23.58 -15.05
HO2' ATP DA . -12.87 -25.77 -16.45
H1' ATP DA . -11.05 -25.45 -14.47
H8 ATP DA . -12.99 -22.87 -12.64
HN61 ATP DA . -14.43 -26.07 -8.75
HN62 ATP DA . -13.10 -25.93 -8.03
H2 ATP DA . -11.32 -28.63 -11.30
MG MG EA . 2.96 -21.81 9.29
PA UTP FA . 4.99 -18.87 7.84
O1A UTP FA . 6.02 -19.95 7.89
O2A UTP FA . 5.01 -17.56 7.13
O3A UTP FA . 3.48 -19.43 7.83
O5' UTP FA . 4.82 -18.41 9.36
PB UTP FA . 2.05 -18.88 8.31
O1B UTP FA . 1.96 -17.45 7.95
O2B UTP FA . 1.74 -19.28 9.72
O3B UTP FA . 1.09 -19.68 7.31
PG UTP FA . 1.29 -20.47 5.92
O1G UTP FA . -0.10 -20.82 5.47
O2G UTP FA . 2.09 -21.70 6.24
O3G UTP FA . 1.99 -19.56 4.97
C5' UTP FA . 5.69 -18.87 10.41
C4' UTP FA . 6.33 -17.68 11.09
O4' UTP FA . 7.62 -18.09 11.61
C1' UTP FA . 8.63 -17.16 11.27
C2' UTP FA . 7.91 -15.88 10.84
O2' UTP FA . 7.56 -15.07 11.95
C3' UTP FA . 6.64 -16.46 10.19
O3' UTP FA . 5.57 -15.51 10.20
N1 UTP FA . 9.51 -17.76 10.21
C6 UTP FA . 9.00 -18.53 9.19
C2 UTP FA . 10.87 -17.50 10.30
O2 UTP FA . 11.34 -16.82 11.20
N3 UTP FA . 11.64 -18.08 9.31
C4 UTP FA . 11.21 -18.87 8.26
O4 UTP FA . 12.01 -19.30 7.43
C5 UTP FA . 9.78 -19.08 8.23
H4' UTP FA . 5.76 -17.41 11.84
H1' UTP FA . 9.15 -16.99 12.09
H2' UTP FA . 8.45 -15.36 10.20
H3' UTP FA . 6.82 -16.75 9.25
H6 UTP FA . 8.09 -18.69 9.17
H3 UTP FA . 12.52 -17.91 9.35
H5 UTP FA . 9.40 -19.59 7.55
PG ATP GA . -3.54 23.67 -10.52
O1G ATP GA . -4.71 22.81 -10.14
O2G ATP GA . -3.61 25.02 -9.87
O3G ATP GA . -3.35 23.76 -12.01
PB ATP GA . -0.74 23.28 -9.54
O1B ATP GA . 0.12 23.11 -10.72
O2B ATP GA . -0.47 22.45 -8.33
O3B ATP GA . -2.24 22.93 -9.98
PA ATP GA . -0.23 26.23 -9.69
O1A ATP GA . 1.18 26.07 -10.16
O2A ATP GA . -1.20 26.82 -10.64
O3A ATP GA . -0.79 24.83 -9.15
O5' ATP GA . -0.23 27.08 -8.34
C5' ATP GA . -1.51 27.47 -7.80
C4' ATP GA . -1.36 28.83 -7.14
O4' ATP GA . -0.14 28.82 -6.36
C3' ATP GA . -1.22 30.03 -8.10
O3' ATP GA . -1.93 31.18 -7.65
C2' ATP GA . 0.30 30.29 -8.10
O2' ATP GA . 0.62 31.63 -8.43
C1' ATP GA . 0.63 29.97 -6.64
N9 ATP GA . 2.04 29.65 -6.42
C8 ATP GA . 2.76 28.66 -7.02
N7 ATP GA . 4.01 28.62 -6.64
C5 ATP GA . 4.11 29.65 -5.72
C6 ATP GA . 5.20 30.12 -4.95
N6 ATP GA . 6.42 29.59 -4.97
N1 ATP GA . 4.96 31.17 -4.12
C2 ATP GA . 3.72 31.69 -4.09
N3 ATP GA . 2.64 31.33 -4.77
C4 ATP GA . 2.91 30.30 -5.57
H5'1 ATP GA . -1.82 26.79 -7.15
H5'2 ATP GA . -2.17 27.53 -8.54
H4' ATP GA . -2.12 28.98 -6.52
H3' ATP GA . -1.54 29.76 -9.00
HO3' ATP GA . -2.59 31.30 -8.18
H2' ATP GA . 0.77 29.67 -8.72
HO2' ATP GA . -0.06 32.12 -8.33
H1' ATP GA . 0.36 30.71 -6.06
H8 ATP GA . 2.40 28.08 -7.67
HN61 ATP GA . 6.95 29.76 -5.66
HN62 ATP GA . 6.68 29.09 -4.32
H2 ATP GA . 3.62 32.42 -3.50
MG MG HA . -0.68 23.25 -13.38
MG MG IA . 9.89 15.52 15.25
PA UTP JA . 6.98 13.01 15.00
O1A UTP JA . 6.15 12.10 14.17
O2A UTP JA . 6.63 13.75 16.24
O3A UTP JA . 7.98 13.82 14.02
O5' UTP JA . 8.19 12.05 15.43
PB UTP JA . 9.09 13.43 12.94
O1B UTP JA . 10.45 13.32 13.54
O2B UTP JA . 8.57 12.29 12.14
O3B UTP JA . 9.03 14.73 12.00
PG UTP JA . 7.98 15.94 11.78
O1G UTP JA . 8.51 16.71 10.60
O2G UTP JA . 6.63 15.34 11.51
O3G UTP JA . 8.00 16.75 13.04
C5' UTP JA . 8.58 11.88 16.80
C4' UTP JA . 8.49 10.43 17.20
O4' UTP JA . 8.22 10.34 18.61
C1' UTP JA . 7.18 9.43 18.88
C2' UTP JA . 7.02 8.58 17.62
O2' UTP JA . 7.93 7.50 17.59
C3' UTP JA . 7.37 9.61 16.53
O3' UTP JA . 7.82 8.97 15.32
N1 UTP JA . 5.96 10.19 19.27
C6 UTP JA . 5.61 11.39 18.68
C2 UTP JA . 5.17 9.66 20.29
O2 UTP JA . 5.46 8.61 20.84
N3 UTP JA . 4.06 10.40 20.62
C4 UTP JA . 3.66 11.60 20.07
O4 UTP JA . 2.61 12.14 20.46
C5 UTP JA . 4.50 12.08 19.02
H4' UTP JA . 9.37 10.01 17.02
H1' UTP JA . 7.48 8.87 19.62
H2' UTP JA . 6.09 8.26 17.52
H3' UTP JA . 6.58 10.18 16.31
H6 UTP JA . 6.16 11.72 18.00
H3 UTP JA . 3.53 10.06 21.26
H5 UTP JA . 4.30 12.89 18.59
MG MG KA . -10.61 20.70 -5.67
PA UTP LA . -7.60 18.50 -6.68
O1A UTP LA . -6.73 17.33 -6.40
O2A UTP LA . -7.29 19.78 -7.38
O3A UTP LA . -8.62 18.69 -5.44
O5' UTP LA . -8.78 17.84 -7.54
PB UTP LA . -9.72 17.77 -4.70
O1B UTP LA . -11.07 17.91 -5.30
O2B UTP LA . -9.14 16.40 -4.57
O3B UTP LA . -9.69 18.43 -3.24
PG UTP LA . -8.69 19.40 -2.43
O1G UTP LA . -9.23 19.45 -1.03
O2G UTP LA . -7.32 18.80 -2.48
O3G UTP LA . -8.75 20.73 -3.12
C5' UTP LA . -9.18 18.37 -8.83
C4' UTP LA . -9.03 17.30 -9.88
O4' UTP LA . -8.78 17.95 -11.15
C1' UTP LA . -7.70 17.32 -11.82
C2' UTP LA . -7.50 15.97 -11.14
O2' UTP LA . -8.36 14.98 -11.66
C3' UTP LA . -7.89 16.30 -9.69
O3' UTP LA . -8.29 15.14 -8.98
N1 UTP LA . -6.52 18.23 -11.78
C6 UTP LA . -6.20 18.98 -10.67
C2 UTP LA . -5.71 18.29 -12.91
O2 UTP LA . -5.97 17.64 -13.91
N3 UTP LA . -4.64 19.15 -12.82
C4 UTP LA . -4.27 19.92 -11.74
O4 UTP LA . -3.26 20.62 -11.79
C5 UTP LA . -5.13 19.79 -10.60
H4' UTP LA . -9.90 16.82 -9.94
H1' UTP LA . -7.99 17.19 -12.76
H2' UTP LA . -6.56 15.67 -11.22
H3' UTP LA . -7.12 16.72 -9.22
H6 UTP LA . -6.76 18.90 -9.91
H3 UTP LA . -4.11 19.18 -13.54
H5 UTP LA . -4.95 20.28 -9.82
PG ATP MA . 2.79 15.43 20.88
O1G ATP MA . 3.98 14.92 20.12
O2G ATP MA . 2.78 16.92 20.98
O3G ATP MA . 2.61 14.76 22.21
PB ATP MA . -0.02 15.46 19.81
O1B ATP MA . -0.86 14.70 20.73
O2B ATP MA . -0.28 15.35 18.34
O3B ATP MA . 1.50 15.00 20.02
PA ATP MA . -0.65 17.93 21.40
O1A ATP MA . -2.03 17.51 21.71
O2A ATP MA . 0.32 18.00 22.52
O3A ATP MA . -0.03 17.00 20.24
O5' ATP MA . -0.69 19.34 20.65
C5' ATP MA . 0.58 20.00 20.39
C4' ATP MA . 0.36 21.49 20.49
O4' ATP MA . -0.86 21.83 19.79
C3' ATP MA . 0.20 22.05 21.92
O3' ATP MA . 0.87 23.30 22.11
C2' ATP MA . -1.32 22.23 22.04
O2' ATP MA . -1.69 23.21 22.99
C1' ATP MA . -1.66 22.65 20.62
N9 ATP MA . -3.06 22.44 20.25
C8 ATP MA . -3.74 21.25 20.27
N7 ATP MA . -5.00 21.37 19.91
C5 ATP MA . -5.14 22.72 19.62
C6 ATP MA . -6.25 23.46 19.17
N6 ATP MA . -7.44 22.96 18.94
N1 ATP MA . -6.05 24.79 18.99
C2 ATP MA . -4.85 25.31 19.23
N3 ATP MA . -3.74 24.70 19.65
C4 ATP MA . -3.97 23.39 19.83
H5'1 ATP MA . 0.91 19.74 19.49
H5'2 ATP MA . 1.25 19.70 21.06
H4' ATP MA . 1.12 21.96 20.04
H3' ATP MA . 0.54 21.38 22.58
HO3' ATP MA . 1.52 23.17 22.63
H2' ATP MA . -1.76 21.36 22.27
HO2' ATP MA . -1.02 23.71 23.15
H1' ATP MA . -1.42 23.60 20.48
H8 ATP MA . -3.36 20.45 20.54
HN61 ATP MA . -7.97 22.74 19.61
HN62 ATP MA . -7.71 22.84 18.11
H2 ATP MA . -4.77 26.24 19.09
MG MG NA . -0.04 13.53 23.13
MG MG OA . -2.27 -14.37 -19.04
PA UTP PA . -4.40 -12.62 -16.33
O1A UTP PA . -5.38 -13.57 -16.92
O2A UTP PA . -4.45 -11.84 -15.06
O3A UTP PA . -2.85 -13.06 -16.59
O5' UTP PA . -4.24 -11.46 -17.42
PB UTP PA . -1.46 -12.29 -16.73
O1B UTP PA . -1.42 -11.22 -15.69
O2B UTP PA . -1.15 -11.92 -18.14
O3B UTP PA . -0.46 -13.44 -16.24
PG UTP PA . -0.61 -14.83 -15.43
O1G UTP PA . 0.79 -15.31 -15.20
O2G UTP PA . -1.39 -15.76 -16.33
O3G UTP PA . -1.34 -14.54 -14.16
C5' UTP PA . -5.11 -11.36 -18.57
C4' UTP PA . -5.81 -10.02 -18.57
O4' UTP PA . -7.09 -10.17 -19.24
C1' UTP PA . -8.13 -9.57 -18.49
C2' UTP PA . -7.44 -8.64 -17.48
O2' UTP PA . -7.15 -7.37 -18.03
C3' UTP PA . -6.15 -9.42 -17.19
O3' UTP PA . -5.11 -8.57 -16.71
N1 UTP PA . -8.97 -10.63 -17.87
C6 UTP PA . -8.44 -11.80 -17.37
C2 UTP PA . -10.34 -10.42 -17.84
O2 UTP PA . -10.85 -9.40 -18.28
N3 UTP PA . -11.08 -11.44 -17.27
C4 UTP PA . -10.60 -12.63 -16.75
O4 UTP PA . -11.39 -13.44 -16.25
C5 UTP PA . -9.17 -12.77 -16.81
H4' UTP PA . -5.26 -9.40 -19.09
H1' UTP PA . -8.66 -9.03 -19.11
H2' UTP PA . -7.99 -8.53 -16.66
H3' UTP PA . -6.31 -10.14 -16.52
H6 UTP PA . -7.50 -11.91 -17.42
H3 UTP PA . -11.95 -11.31 -17.22
H5 UTP PA . -8.78 -13.54 -16.48
PG ATP QA . 11.58 -22.45 6.52
O1G ATP QA . 10.39 -21.94 7.28
O2G ATP QA . 11.35 -23.84 6.00
O3G ATP QA . 12.86 -22.33 7.29
PB ATP QA . 12.37 -21.52 3.79
O1B ATP QA . 13.76 -21.02 3.88
O2B ATP QA . 11.41 -20.81 2.91
O3B ATP QA . 11.74 -21.49 5.26
PA ATP QA . 13.49 -24.23 3.14
O1A ATP QA . 14.64 -23.69 2.37
O2A ATP QA . 13.80 -24.92 4.42
O3A ATP QA . 12.41 -23.07 3.41
O5' ATP QA . 12.65 -25.21 2.20
C5' ATP QA . 11.58 -25.95 2.81
C4' ATP QA . 11.47 -27.30 2.12
O4' ATP QA . 11.59 -27.09 0.69
C3' ATP QA . 12.58 -28.32 2.48
O3' ATP QA . 12.09 -29.64 2.62
C2' ATP QA . 13.54 -28.22 1.29
O2' ATP QA . 14.30 -29.39 1.09
C1' ATP QA . 12.54 -27.99 0.15
N9 ATP QA . 13.12 -27.38 -1.04
C8 ATP QA . 13.77 -26.18 -1.11
N7 ATP QA . 14.20 -25.89 -2.31
C5 ATP QA . 13.80 -26.97 -3.08
C6 ATP QA . 13.95 -27.25 -4.46
N6 ATP QA . 14.57 -26.45 -5.32
N1 ATP QA . 13.43 -28.42 -4.90
C2 ATP QA . 12.80 -29.21 -4.04
N3 ATP QA . 12.60 -29.04 -2.73
C4 ATP QA . 13.13 -27.89 -2.31
H5'1 ATP QA . 10.73 -25.45 2.72
H5'2 ATP QA . 11.77 -26.08 3.78
H4' ATP QA . 10.59 -27.69 2.32
H3' ATP QA . 13.03 -28.03 3.33
HO3' ATP QA . 12.14 -29.86 3.44
H2' ATP QA . 14.15 -27.43 1.38
HO2' ATP QA . 13.93 -30.04 1.50
H1' ATP QA . 12.09 -28.84 -0.09
H8 ATP QA . 13.93 -25.63 -0.37
HN61 ATP QA . 15.45 -26.42 -5.32
HN62 ATP QA . 14.10 -25.98 -5.89
H2 ATP QA . 12.45 -30.01 -4.40
MG MG RA . 15.38 -21.04 6.14
MG MG SA . -19.30 86.55 16.37
PG ATP TA . -15.84 85.93 14.32
O1G ATP TA . -14.90 86.85 13.63
O2G ATP TA . -15.53 84.48 14.01
O3G ATP TA . -17.28 86.27 14.10
PB ATP TA . -15.77 85.33 17.27
O1B ATP TA . -17.09 85.66 17.81
O2B ATP TA . -14.56 85.63 18.08
O3B ATP TA . -15.59 86.13 15.90
PA ATP TA . -16.77 82.54 16.78
O1A ATP TA . -17.62 82.51 17.99
O2A ATP TA . -17.46 82.53 15.46
O3A ATP TA . -15.76 83.79 16.82
O5' ATP TA . -15.73 81.33 16.84
C5' ATP TA . -14.92 81.08 15.67
C4' ATP TA . -14.67 79.60 15.55
O4' ATP TA . -14.37 79.07 16.87
C3' ATP TA . -15.89 78.76 15.06
O3' ATP TA . -15.52 77.73 14.15
C2' ATP TA . -16.45 78.17 16.35
O2' ATP TA . -17.17 76.98 16.16
C1' ATP TA . -15.16 77.94 17.14
N9 ATP TA . -15.33 77.83 18.58
C8 ATP TA . -15.89 78.77 19.40
N7 ATP TA . -15.94 78.39 20.65
C5 ATP TA . -15.38 77.13 20.66
C6 ATP TA . -15.13 76.20 21.68
N6 ATP TA . -15.44 76.41 22.96
N1 ATP TA . -14.55 75.03 21.34
C2 ATP TA . -14.24 74.82 20.06
N3 ATP TA . -14.42 75.61 19.00
C4 ATP TA . -15.00 76.76 19.38
H5'1 ATP TA . -14.06 81.57 15.76
H5'2 ATP TA . -15.39 81.42 14.87
H4' ATP TA . -13.90 79.44 14.95
H3' ATP TA . -16.55 79.38 14.62
HO3' ATP TA . -15.81 77.93 13.38
H2' ATP TA . -17.02 78.84 16.83
HO2' ATP TA . -16.97 76.65 15.39
H1' ATP TA . -14.70 77.13 16.79
H8 ATP TA . -16.22 79.59 19.10
HN61 ATP TA . -16.28 76.36 23.22
HN62 ATP TA . -14.80 76.61 23.53
H2 ATP TA . -13.84 73.99 19.87
MG MG UA . 5.15 82.09 35.64
PA UTP VA . 6.47 85.15 33.70
O1A UTP VA . 7.55 84.15 33.45
O2A UTP VA . 6.20 86.44 33.02
O3A UTP VA . 5.06 84.48 34.11
O5' UTP VA . 6.69 85.62 35.21
PB UTP VA . 3.79 84.93 34.99
O1B UTP VA . 3.51 86.35 34.67
O2B UTP VA . 3.93 84.54 36.41
O3B UTP VA . 2.65 84.06 34.28
PG UTP VA . 2.50 83.26 32.88
O1G UTP VA . 1.07 82.80 32.84
O2G UTP VA . 3.45 82.10 32.96
O3G UTP VA . 2.84 84.20 31.78
C5' UTP VA . 7.86 85.23 35.97
C4' UTP VA . 8.59 86.48 36.44
O4' UTP VA . 9.99 86.16 36.58
C1' UTP VA . 10.80 87.15 35.97
C2' UTP VA . 9.89 88.38 35.77
O2' UTP VA . 9.82 89.18 36.93
C3' UTP VA . 8.54 87.70 35.50
O3' UTP VA . 7.46 88.57 35.82
N1 UTP VA . 11.39 86.61 34.71
C6 UTP VA . 10.67 85.78 33.87
C2 UTP VA . 12.69 86.95 34.41
O2 UTP VA . 13.35 87.68 35.14
N3 UTP VA . 13.19 86.42 33.24
C4 UTP VA . 12.53 85.59 32.35
O4 UTP VA . 13.10 85.20 31.32
C5 UTP VA . 11.18 85.28 32.72
H4' UTP VA . 8.23 86.71 37.33
H1' UTP VA . 11.52 87.37 36.60
H2' UTP VA . 10.19 88.92 35.01
H3' UTP VA . 8.47 87.41 34.54
H6 UTP VA . 9.79 85.57 34.09
H3 UTP VA . 14.02 86.65 33.03
H5 UTP VA . 10.66 84.74 32.17
PG ATP WA . -9.92 126.71 18.75
O1G ATP WA . -10.87 125.78 19.44
O2G ATP WA . -9.89 128.06 19.40
O3G ATP WA . -10.17 126.80 17.27
PB ATP WA . -6.93 126.53 18.90
O1B ATP WA . -6.43 126.41 17.53
O2B ATP WA . -6.27 125.75 19.98
O3B ATP WA . -8.47 126.06 18.91
PA ATP WA . -6.69 129.50 18.63
O1A ATP WA . -5.47 129.44 17.78
O2A ATP WA . -7.93 130.01 18.00
O3A ATP WA . -6.99 128.08 19.30
O5' ATP WA . -6.37 130.38 19.93
C5' ATP WA . -7.47 130.69 20.81
C4' ATP WA . -7.24 132.06 21.41
O4' ATP WA . -5.85 132.15 21.82
C3' ATP WA . -7.46 133.25 20.46
O3' ATP WA . -8.10 134.35 21.09
C2' ATP WA . -6.04 133.63 20.03
O2' ATP WA . -5.91 134.98 19.63
C1' ATP WA . -5.27 133.34 21.33
N9 ATP WA . -3.84 133.12 21.15
C8 ATP WA . -3.25 132.19 20.36
N7 ATP WA . -1.94 132.24 20.38
C5 ATP WA . -1.66 133.28 21.23
C6 ATP WA . -0.45 133.84 21.67
N6 ATP WA . 0.75 133.40 21.30
N1 ATP WA . -0.51 134.88 22.53
C2 ATP WA . -1.72 135.31 22.92
N3 ATP WA . -2.92 134.88 22.57
C4 ATP WA . -2.82 133.84 21.72
H5'1 ATP WA . -7.54 129.99 21.52
H5'2 ATP WA . -8.33 130.69 20.29
H4' ATP WA . -7.81 132.16 22.21
H3' ATP WA . -8.01 132.95 19.67
HO3' ATP WA . -8.88 134.43 20.77
H2' ATP WA . -5.71 133.03 19.30
HO2' ATP WA . -6.57 135.41 19.92
H1' ATP WA . -5.44 134.06 21.97
H8 ATP WA . -3.73 131.57 19.84
HN61 ATP WA . 1.05 133.59 20.50
HN62 ATP WA . 1.23 132.92 21.85
H2 ATP WA . -1.72 136.04 23.52
MG MG XA . -7.95 126.45 15.19
MG MG YA . 10.79 119.90 39.63
PA UTP ZA . 8.11 117.19 40.19
O1A UTP ZA . 7.15 116.20 39.63
O2A UTP ZA . 8.07 117.92 41.50
O3A UTP ZA . 8.73 118.05 38.98
O5' UTP ZA . 9.45 116.32 40.27
PB UTP ZA . 9.52 117.72 37.62
O1B UTP ZA . 10.99 117.71 37.83
O2B UTP ZA . 8.88 116.54 37.01
O3B UTP ZA . 9.10 119.00 36.75
PG UTP ZA . 7.95 120.14 36.85
O1G UTP ZA . 8.07 120.91 35.57
O2G UTP ZA . 6.63 119.44 36.96
O3G UTP ZA . 8.27 120.96 38.05
C5' UTP ZA . 10.23 116.20 41.47
C4' UTP ZA . 10.36 114.74 41.86
O4' UTP ZA . 10.51 114.66 43.30
C1' UTP ZA . 9.66 113.68 43.84
C2' UTP ZA . 9.20 112.81 42.67
O2' UTP ZA . 10.13 111.79 42.38
C3' UTP ZA . 9.16 113.84 41.53
O3' UTP ZA . 9.30 113.22 40.25
N1 UTP ZA . 8.54 114.36 44.58
C6 UTP ZA . 7.95 115.52 44.10
C2 UTP ZA . 8.12 113.79 45.76
O2 UTP ZA . 8.62 112.77 46.21
N3 UTP ZA . 7.08 114.45 46.40
C4 UTP ZA . 6.46 115.62 45.99
O4 UTP ZA . 5.53 116.08 46.66
C5 UTP ZA . 6.95 116.14 44.75
H4' UTP ZA . 11.18 114.39 41.45
H1' UTP ZA . 10.19 113.14 44.47
H2' UTP ZA . 8.31 112.41 42.84
H3' UTP ZA . 8.30 114.36 41.56
H6 UTP ZA . 8.27 115.88 43.29
H3 UTP ZA . 6.80 114.08 47.15
H5 UTP ZA . 6.57 116.92 44.39
MG MG AB . -15.10 123.32 25.38
PA UTP BB . -12.35 121.32 23.56
O1A UTP BB . -11.35 120.21 23.56
O2A UTP BB . -12.34 122.61 22.80
O3A UTP BB . -12.99 121.46 25.03
O5' UTP BB . -13.66 120.57 23.06
PB UTP BB . -13.76 120.47 26.04
O1B UTP BB . -15.23 120.51 25.85
O2B UTP BB . -13.07 119.15 25.99
O3B UTP BB . -13.36 121.14 27.44
PG UTP BB . -12.25 122.20 27.94
O1G UTP BB . -12.39 122.25 29.43
O2G UTP BB . -10.91 121.70 27.49
O3G UTP BB . -12.59 123.52 27.30
C5' UTP BB . -14.45 121.05 21.94
C4' UTP BB . -14.53 119.98 20.88
O4' UTP BB . -14.69 120.63 19.59
C1' UTP BB . -13.81 120.07 18.64
C2' UTP BB . -13.33 118.74 19.22
O2' UTP BB . -14.23 117.69 18.96
C3' UTP BB . -13.31 119.07 20.73
O3' UTP BB . -13.42 117.88 21.51
N1 UTP BB . -12.72 121.06 18.35
C6 UTP BB . -12.16 121.84 19.34
C2 UTP BB . -12.28 121.17 17.04
O2 UTP BB . -12.76 120.48 16.14
N3 UTP BB . -11.29 122.09 16.83
C4 UTP BB . -10.69 122.91 17.77
O4 UTP BB . -9.78 123.68 17.43
C5 UTP BB . -11.18 122.73 19.11
H4' UTP BB . -15.34 119.45 21.06
H1' UTP BB . -14.33 119.91 17.81
H2' UTP BB . -12.43 118.51 18.88
H3' UTP BB . -12.47 119.55 20.97
H6 UTP BB . -12.49 121.75 20.21
H3 UTP BB . -10.99 122.15 15.99
H5 UTP BB . -10.82 123.24 19.80
PG ATP CB . 5.58 119.38 47.04
O1G ATP CB . 6.54 118.94 45.98
O2G ATP CB . 5.50 120.87 47.13
O3G ATP CB . 5.83 118.72 48.36
PB ATP CB . 2.59 119.21 46.79
O1B ATP CB . 2.11 118.40 47.92
O2B ATP CB . 1.95 119.05 45.47
O3B ATP CB . 4.14 118.85 46.57
PA ATP CB . 2.27 121.65 48.52
O1A ATP CB . 1.06 121.13 49.21
O2A ATP CB . 3.51 121.80 49.32
O3A ATP CB . 2.60 120.75 47.23
O5' ATP CB . 1.92 123.04 47.82
C5' ATP CB . 3.01 123.78 47.22
C4' ATP CB . 2.72 125.26 47.38
O4' ATP CB . 1.33 125.51 47.07
C3' ATP CB . 2.92 125.82 48.80
O3' ATP CB . 3.53 127.11 48.81
C2' ATP CB . 1.49 125.90 49.35
O2' ATP CB . 1.34 126.86 50.37
C1' ATP CB . 0.73 126.27 48.08
N9 ATP CB . -0.70 125.96 48.12
C8 ATP CB . -1.24 124.73 48.32
N7 ATP CB . -2.56 124.75 48.34
C5 ATP CB . -2.88 126.08 48.11
C6 ATP CB . -4.11 126.74 48.01
N6 ATP CB . -5.30 126.13 48.11
N1 ATP CB . -4.08 128.08 47.79
C2 ATP CB . -2.89 128.68 47.67
N3 ATP CB . -1.68 128.15 47.76
C4 ATP CB . -1.74 126.84 47.99
H5'1 ATP CB . 3.09 123.54 46.26
H5'2 ATP CB . 3.86 123.54 47.67
H4' ATP CB . 3.28 125.76 46.74
H3' ATP CB . 3.49 125.19 49.34
HO3' ATP CB . 4.32 127.05 49.12
H2' ATP CB . 1.20 125.00 49.69
HO2' ATP CB . 1.99 127.41 50.35
H1' ATP CB . 0.86 127.23 47.89
H8 ATP CB . -0.74 123.95 48.48
HN61 ATP CB . -5.60 125.90 48.90
HN62 ATP CB . -5.77 126.00 47.38
H2 ATP CB . -2.92 129.61 47.52
MG MG DB . 3.65 117.33 49.98
MG MG EB . -8.38 88.72 9.99
PA UTP FB . -9.77 90.37 13.19
O1A UTP FB . -10.82 89.35 12.90
O2A UTP FB . -9.53 91.16 14.43
O3A UTP FB . -8.34 90.04 12.51
O5' UTP FB . -10.02 91.52 12.12
PB UTP FB . -7.09 90.90 11.98
O1B UTP FB . -6.84 91.99 12.97
O2B UTP FB . -7.23 91.27 10.55
O3B UTP FB . -5.92 89.83 12.17
PG UTP FB . -5.75 88.44 12.97
O1G UTP FB . -4.30 88.07 12.80
O2G UTP FB . -6.67 87.45 12.33
O3G UTP FB . -6.10 88.70 14.41
C5' UTP FB . -11.18 91.54 11.26
C4' UTP FB . -11.95 92.83 11.46
O4' UTP FB . -13.35 92.59 11.18
C1' UTP FB . -14.17 93.13 12.20
C2' UTP FB . -13.30 94.11 12.98
O2' UTP FB . -13.25 95.38 12.37
C3' UTP FB . -11.92 93.43 12.89
O3' UTP FB . -10.86 94.36 13.05
N1 UTP FB . -14.73 92.01 13.01
C6 UTP FB . -13.98 90.89 13.34
C2 UTP FB . -16.04 92.13 13.45
O2 UTP FB . -16.73 93.10 13.16
N3 UTP FB . -16.51 91.06 14.18
C4 UTP FB . -15.83 89.92 14.54
O4 UTP FB . -16.38 89.06 15.24
C5 UTP FB . -14.47 89.88 14.08
H4' UTP FB . -11.61 93.49 10.81
H1' UTP FB . -14.90 93.60 11.75
H2' UTP FB . -13.60 94.19 13.92
H3' UTP FB . -11.83 92.70 13.57
H6 UTP FB . -13.10 90.84 13.04
H3 UTP FB . -17.36 91.13 14.48
H5 UTP FB . -13.93 89.14 14.28
PG ATP GB . 12.66 82.02 30.55
O1G ATP GB . 11.70 82.45 31.61
O2G ATP GB . 12.40 80.61 30.11
O3G ATP GB . 14.09 82.24 30.93
PB ATP GB . 12.59 82.96 27.71
O1B ATP GB . 13.90 83.56 27.40
O2B ATP GB . 11.37 83.59 27.14
O3B ATP GB . 12.39 82.98 29.29
PA ATP GB . 13.66 80.34 26.74
O1A ATP GB . 14.51 80.93 25.69
O2A ATP GB . 14.36 79.68 27.89
O3A ATP GB . 12.63 81.41 27.31
O5' ATP GB . 12.66 79.28 26.08
C5' ATP GB . 11.86 78.47 26.97
C4' ATP GB . 11.66 77.11 26.32
O4' ATP GB . 11.35 77.30 24.92
C3' ATP GB . 12.90 76.18 26.35
O3' ATP GB . 12.56 74.82 26.61
C2' ATP GB . 13.46 76.32 24.93
O2' ATP GB . 14.22 75.21 24.52
C1' ATP GB . 12.18 76.48 24.14
N9 ATP GB . 12.35 77.10 22.82
C8 ATP GB . 12.87 78.34 22.59
N7 ATP GB . 12.92 78.64 21.31
C5 ATP GB . 12.40 77.54 20.68
C6 ATP GB . 12.18 77.24 19.32
N6 ATP GB . 12.47 78.06 18.32
N1 ATP GB . 11.63 76.04 19.03
C2 ATP GB . 11.33 75.20 20.03
N3 ATP GB . 11.49 75.37 21.35
C4 ATP GB . 12.04 76.58 21.60
H5'1 ATP GB . 10.99 78.92 27.13
H5'2 ATP GB . 12.32 78.37 27.84
H4' ATP GB . 10.90 76.66 26.76
H3' ATP GB . 13.54 76.51 27.04
HO3' ATP GB . 12.85 74.61 27.39
H2' ATP GB . 14.02 77.16 24.86
HO2' ATP GB . 14.04 74.54 25.01
H1' ATP GB . 11.75 75.59 24.03
H8 ATP GB . 13.18 78.91 23.26
HN61 ATP GB . 13.30 78.17 18.08
HN62 ATP GB . 11.83 78.50 17.91
H2 ATP GB . 10.95 74.38 19.78
MG MG HB . 16.08 83.69 29.12
#